data_4R4N
#
_entry.id   4R4N
#
_cell.length_a   112.967
_cell.length_b   144.178
_cell.length_c   158.351
_cell.angle_alpha   110.58
_cell.angle_beta   92.30
_cell.angle_gamma   99.19
#
_symmetry.space_group_name_H-M   'P 1'
#
loop_
_entity.id
_entity.type
_entity.pdbx_description
1 polymer 'HIV-1 gp120'
2 polymer 'M48U1 peptide'
3 polymer 'Antibody 2.2c LIGHT CHAIN'
4 polymer 'Antibody 2.2c heavy CHAIN'
5 non-polymer 2-acetamido-2-deoxy-beta-D-glucopyranose
#
loop_
_entity_poly.entity_id
_entity_poly.type
_entity_poly.pdbx_seq_one_letter_code
_entity_poly.pdbx_strand_id
1 'polypeptide(L)'
;IWKDANTTLFCASDAKAYDTEVHNVWATHACVPTDPSPQELKMENVTEEFNMWKNNMVEQMHTDIISLWDQSLKPCVQLT
GGSALTQACPKVTFEPIPIHYCAPAGYAILKCNDKEFNGTGLCKNVSTVQCTHGIRPVVSTQLLLNGSLAEGKVMIRSEN
ITNNVKNIIVQLNESVTINCTRPNNGGSGSGGDIRQAHCNVSGSQWNKTLHQVVEQLRKYWNNNTIIFNSSSGGDLEITT
HSFNCGGEFFYCNTSGLFNSTWVNGTASIENGTITLPCRIKQIINMWQRVGQAIYAPPIQGVIRCVSNITGLILTRDGGG
NSNENETFRPGGGDMRDNWRSELYKYKVVKIE
;
A,B,I,E,M,P,S,V
2 'polypeptide(L)' (MPT)NLHFCQLRCKSLGLLGRCA(DPR)T(U2X)CACV(NH2) a,b,e,i,m,p,s,v
3 'polypeptide(L)'
;DIQMTQSPSFVSASVGDRVTITCRASQGISSYLAWYQQKPGKAPKLVIYAASTLQSGVPSRFSGSGSGTEFTLTISSLQP
EDFATYYCQHLIGLRSFGQGTKLEIKRTVAAPSVFIFPPSDEQLKSGTASVVCLLNNFYPREAKVQWKVDNALQSGNSQE
SVTEQDSKDSTYSLSSTLTLSKADYEKHKVYACEVTHQGLSSPVTKSFNR
;
L,D,G,K,O,R,U,X
4 'polypeptide(L)'
;QVQLQQWGAGLLKPSETLSLTCGVYGESL(OAS)GHYWSWVRQPPGKRLEWIGEIKHNGSPNYHPSLKSRVTISLDMSKN
QFSLNLTSVTAADTAVYFCARRSNWPYLPFDPWGQGTLVTVSSASTKGPSVFPLAPSSKSTSGGTAALGCLVKDYFPEPV
TVSWNSGALTSGVHTFPAVLQSSGLYSLSSVVTVPSSSLGTQTYICNVNHKPSNTKVDKKVEPK
;
H,C,F,J,N,Q,T,W
#
loop_
_chem_comp.id
_chem_comp.type
_chem_comp.name
_chem_comp.formula
MPT non-polymer 'BETA-MERCAPTOPROPIONIC ACID' 'C3 H6 O2 S'
NAG D-saccharide, beta linking 2-acetamido-2-deoxy-beta-D-glucopyranose 'C8 H15 N O6'
NH2 non-polymer 'AMINO GROUP' 'H2 N'
#
# COMPACT_ATOMS: atom_id res chain seq x y z
N ASN A 6 -35.20 42.06 35.13
CA ASN A 6 -33.75 42.16 35.23
C ASN A 6 -33.08 42.25 33.87
N THR A 7 -31.77 42.36 33.87
CA THR A 7 -30.98 42.48 32.64
C THR A 7 -29.65 41.75 32.82
N THR A 8 -28.99 41.45 31.71
CA THR A 8 -27.70 40.78 31.72
C THR A 8 -26.55 41.76 31.95
N LEU A 9 -25.57 41.34 32.76
CA LEU A 9 -24.45 42.19 33.14
C LEU A 9 -23.18 41.80 32.39
N PHE A 10 -22.18 42.69 32.43
CA PHE A 10 -20.82 42.31 32.03
C PHE A 10 -20.09 41.83 33.26
N CYS A 11 -18.78 41.65 33.12
CA CYS A 11 -17.92 41.37 34.26
C CYS A 11 -16.63 42.15 34.10
N ALA A 12 -15.66 41.88 34.98
CA ALA A 12 -14.36 42.54 34.89
C ALA A 12 -13.29 41.71 35.57
N SER A 13 -12.05 41.83 35.08
CA SER A 13 -10.95 41.05 35.59
C SER A 13 -9.60 41.62 35.15
N ASP A 14 -8.77 41.95 36.13
CA ASP A 14 -7.42 42.39 35.85
C ASP A 14 -6.53 41.17 35.58
N ALA A 15 -6.87 40.43 34.53
CA ALA A 15 -6.16 39.20 34.18
C ALA A 15 -5.27 39.42 32.95
N LYS A 16 -4.07 38.87 33.01
CA LYS A 16 -3.09 39.05 31.93
C LYS A 16 -3.52 38.32 30.66
N ALA A 17 -3.06 38.83 29.52
CA ALA A 17 -3.42 38.28 28.22
C ALA A 17 -2.49 37.14 27.81
N TYR A 18 -1.22 37.24 28.19
CA TYR A 18 -0.22 36.25 27.80
C TYR A 18 -0.21 35.03 28.71
N ASP A 19 -0.34 35.27 30.02
CA ASP A 19 -0.28 34.20 31.00
C ASP A 19 -1.36 33.16 30.73
N THR A 20 -0.96 32.04 30.14
CA THR A 20 -1.90 30.98 29.78
C THR A 20 -2.29 30.17 31.01
N GLU A 21 -3.39 30.58 31.63
CA GLU A 21 -3.98 29.84 32.73
C GLU A 21 -5.49 29.83 32.56
N VAL A 22 -6.11 28.70 32.86
CA VAL A 22 -7.53 28.47 32.58
C VAL A 22 -8.42 29.65 32.93
N HIS A 23 -8.13 30.34 34.03
CA HIS A 23 -8.93 31.46 34.46
C HIS A 23 -8.61 32.69 33.63
N ASN A 24 -7.31 32.95 33.45
CA ASN A 24 -6.88 34.14 32.73
C ASN A 24 -7.32 34.13 31.27
N VAL A 25 -7.05 33.03 30.58
CA VAL A 25 -7.33 32.94 29.15
C VAL A 25 -8.81 33.14 28.88
N TRP A 26 -9.65 32.56 29.72
CA TRP A 26 -11.09 32.75 29.63
C TRP A 26 -11.45 34.18 30.02
N ALA A 27 -10.81 34.67 31.07
CA ALA A 27 -11.06 36.02 31.57
C ALA A 27 -10.72 37.07 30.53
N THR A 28 -9.66 36.79 29.76
CA THR A 28 -9.19 37.72 28.75
C THR A 28 -10.17 37.80 27.58
N HIS A 29 -10.90 36.72 27.34
CA HIS A 29 -11.85 36.65 26.24
C HIS A 29 -13.31 36.72 26.71
N ALA A 30 -13.56 37.39 27.83
CA ALA A 30 -14.93 37.47 28.37
C ALA A 30 -15.13 38.58 29.40
N CYS A 31 -14.16 39.49 29.53
CA CYS A 31 -14.24 40.55 30.52
C CYS A 31 -13.52 41.82 30.06
N VAL A 32 -13.50 42.82 30.93
CA VAL A 32 -12.82 44.09 30.67
C VAL A 32 -12.05 44.51 31.92
N PRO A 33 -10.91 45.20 31.76
CA PRO A 33 -10.16 45.66 32.93
C PRO A 33 -10.92 46.61 33.87
N THR A 34 -11.46 47.70 33.33
CA THR A 34 -12.26 48.65 34.12
C THR A 34 -11.38 49.35 35.15
N ASP A 35 -11.87 50.36 35.87
CA ASP A 35 -13.26 50.86 35.82
C ASP A 35 -13.30 52.38 35.92
N PRO A 36 -14.47 52.98 35.66
CA PRO A 36 -14.66 54.41 35.95
C PRO A 36 -14.52 54.70 37.43
N SER A 37 -13.49 55.47 37.78
CA SER A 37 -13.27 55.86 39.17
C SER A 37 -14.47 56.67 39.67
N PRO A 38 -14.58 56.91 40.98
CA PRO A 38 -13.74 56.37 42.06
C PRO A 38 -14.47 55.39 42.99
N GLN A 39 -15.48 55.89 43.70
CA GLN A 39 -16.07 55.17 44.83
C GLN A 39 -17.58 54.96 44.66
N GLU A 40 -18.19 54.44 45.72
CA GLU A 40 -19.64 54.25 45.75
C GLU A 40 -20.32 55.52 46.20
N LEU A 41 -21.05 56.17 45.29
CA LEU A 41 -21.76 57.38 45.65
C LEU A 41 -22.84 57.02 46.67
N LYS A 42 -22.62 57.45 47.91
CA LYS A 42 -23.50 57.08 49.02
C LYS A 42 -24.83 57.83 49.01
N MET A 43 -25.85 57.19 49.57
CA MET A 43 -27.14 57.82 49.80
C MET A 43 -27.32 58.02 51.30
N GLU A 44 -28.19 58.96 51.66
CA GLU A 44 -28.47 59.26 53.06
C GLU A 44 -29.96 59.40 53.30
N ASN A 45 -30.42 58.91 54.44
CA ASN A 45 -31.85 58.91 54.78
C ASN A 45 -32.68 58.20 53.71
N VAL A 46 -32.03 57.29 52.98
CA VAL A 46 -32.70 56.46 51.99
C VAL A 46 -32.89 55.06 52.53
N THR A 47 -34.09 54.52 52.35
CA THR A 47 -34.39 53.15 52.73
C THR A 47 -34.73 52.33 51.50
N GLU A 48 -34.12 51.15 51.38
CA GLU A 48 -34.32 50.27 50.25
C GLU A 48 -34.38 48.81 50.72
N GLU A 49 -35.29 48.04 50.12
CA GLU A 49 -35.43 46.62 50.46
C GLU A 49 -34.43 45.75 49.70
N PHE A 50 -33.87 44.76 50.39
CA PHE A 50 -32.95 43.80 49.79
C PHE A 50 -33.42 42.37 50.02
N ASN A 51 -32.94 41.46 49.18
CA ASN A 51 -33.21 40.04 49.35
C ASN A 51 -32.10 39.22 48.71
N MET A 52 -31.17 38.74 49.54
CA MET A 52 -30.03 37.99 49.06
C MET A 52 -30.43 36.66 48.42
N TRP A 53 -31.54 36.10 48.88
CA TRP A 53 -31.97 34.77 48.48
C TRP A 53 -32.70 34.76 47.15
N LYS A 54 -33.13 35.95 46.71
CA LYS A 54 -33.75 36.11 45.40
C LYS A 54 -33.06 37.25 44.66
N ASN A 55 -31.90 36.95 44.08
CA ASN A 55 -31.03 37.95 43.47
C ASN A 55 -30.49 37.45 42.14
N ASN A 56 -31.01 38.00 41.05
CA ASN A 56 -30.75 37.49 39.71
C ASN A 56 -29.26 37.40 39.37
N MET A 57 -28.44 38.22 40.01
CA MET A 57 -27.01 38.21 39.75
C MET A 57 -26.38 36.88 40.18
N VAL A 58 -26.98 36.23 41.18
CA VAL A 58 -26.50 34.93 41.63
C VAL A 58 -26.65 33.89 40.53
N GLU A 59 -27.82 33.85 39.92
CA GLU A 59 -28.11 32.88 38.88
C GLU A 59 -27.20 33.10 37.67
N GLN A 60 -26.93 34.35 37.35
CA GLN A 60 -26.06 34.68 36.23
C GLN A 60 -24.63 34.23 36.50
N MET A 61 -24.16 34.43 37.73
CA MET A 61 -22.83 34.00 38.11
C MET A 61 -22.70 32.49 38.03
N HIS A 62 -23.70 31.78 38.54
CA HIS A 62 -23.68 30.33 38.54
C HIS A 62 -23.43 29.79 37.14
N THR A 63 -24.14 30.35 36.16
CA THR A 63 -24.03 29.89 34.79
C THR A 63 -22.65 30.17 34.19
N ASP A 64 -22.05 31.30 34.55
CA ASP A 64 -20.76 31.68 33.99
C ASP A 64 -19.64 30.78 34.47
N ILE A 65 -19.63 30.44 35.75
CA ILE A 65 -18.58 29.61 36.33
C ILE A 65 -18.67 28.19 35.78
N ILE A 66 -19.89 27.75 35.49
CA ILE A 66 -20.10 26.45 34.88
C ILE A 66 -19.42 26.43 33.50
N SER A 67 -19.60 27.51 32.74
CA SER A 67 -19.01 27.61 31.41
C SER A 67 -17.49 27.60 31.47
N LEU A 68 -16.95 28.25 32.48
CA LEU A 68 -15.51 28.34 32.66
C LEU A 68 -14.94 26.93 32.86
N TRP A 69 -15.45 26.21 33.84
CA TRP A 69 -14.95 24.89 34.16
C TRP A 69 -15.07 23.94 32.98
N ASP A 70 -16.21 23.97 32.31
CA ASP A 70 -16.48 23.07 31.19
C ASP A 70 -15.51 23.30 30.03
N GLN A 71 -15.11 24.56 29.84
CA GLN A 71 -14.19 24.89 28.76
C GLN A 71 -12.74 24.74 29.19
N SER A 72 -12.51 24.75 30.51
CA SER A 72 -11.16 24.78 31.06
C SER A 72 -10.69 23.40 31.55
N LEU A 73 -11.45 22.81 32.46
CA LEU A 73 -11.12 21.50 33.00
C LEU A 73 -11.93 20.40 32.32
N LYS A 74 -11.38 19.88 31.24
CA LYS A 74 -12.05 18.84 30.45
C LYS A 74 -11.86 17.48 31.10
N PRO A 75 -12.97 16.84 31.53
CA PRO A 75 -12.81 15.46 31.98
C PRO A 75 -12.64 14.50 30.80
N CYS A 76 -11.89 13.44 31.00
CA CYS A 76 -11.65 12.48 29.93
C CYS A 76 -12.91 11.71 29.62
N VAL A 77 -13.71 11.49 30.66
CA VAL A 77 -14.96 10.76 30.53
C VAL A 77 -16.04 11.38 31.40
N GLN A 78 -17.26 11.42 30.88
CA GLN A 78 -18.42 11.92 31.60
C GLN A 78 -19.60 10.97 31.46
N LEU A 79 -20.25 10.67 32.58
CA LEU A 79 -21.40 9.77 32.59
C LEU A 79 -22.63 10.46 33.18
N THR A 80 -23.67 10.60 32.34
CA THR A 80 -24.94 11.17 32.77
C THR A 80 -26.10 10.42 32.12
N GLY A 81 -26.98 9.86 32.95
CA GLY A 81 -28.17 9.19 32.48
C GLY A 81 -27.88 8.08 31.48
N GLY A 82 -26.87 7.27 31.77
CA GLY A 82 -26.51 6.15 30.91
C GLY A 82 -25.80 6.56 29.63
N SER A 83 -25.59 7.88 29.47
CA SER A 83 -24.93 8.43 28.29
C SER A 83 -23.48 8.80 28.60
N ALA A 84 -22.58 8.44 27.69
CA ALA A 84 -21.16 8.68 27.87
C ALA A 84 -20.65 9.73 26.89
N LEU A 85 -19.89 10.68 27.41
CA LEU A 85 -19.26 11.72 26.61
C LEU A 85 -17.76 11.68 26.86
N THR A 86 -16.97 11.75 25.79
CA THR A 86 -15.51 11.77 25.91
C THR A 86 -14.85 12.90 25.11
N GLN A 87 -13.71 13.36 25.62
CA GLN A 87 -12.97 14.45 25.00
C GLN A 87 -11.55 14.45 25.54
N ALA A 88 -10.67 15.24 24.93
CA ALA A 88 -9.29 15.37 25.39
C ALA A 88 -9.29 15.98 26.79
N CYS A 89 -8.40 15.51 27.64
CA CYS A 89 -8.31 15.98 29.03
C CYS A 89 -6.87 16.27 29.42
N PRO A 90 -6.25 17.27 28.79
CA PRO A 90 -4.87 17.63 29.15
C PRO A 90 -4.80 18.23 30.55
N LYS A 91 -3.71 17.98 31.26
CA LYS A 91 -3.51 18.59 32.57
C LYS A 91 -3.25 20.08 32.38
N VAL A 92 -3.82 20.89 33.27
CA VAL A 92 -3.73 22.35 33.18
C VAL A 92 -3.30 22.96 34.51
N THR A 93 -2.88 24.22 34.46
CA THR A 93 -2.64 25.00 35.65
C THR A 93 -3.94 25.70 36.04
N PHE A 94 -4.25 25.66 37.33
CA PHE A 94 -5.55 26.11 37.83
C PHE A 94 -5.37 26.91 39.12
N GLU A 95 -5.90 28.13 39.13
CA GLU A 95 -5.73 29.03 40.27
C GLU A 95 -6.72 30.19 40.16
N PRO A 96 -7.39 30.56 41.28
CA PRO A 96 -8.44 31.59 41.23
C PRO A 96 -7.98 32.96 40.75
N ILE A 97 -8.92 33.72 40.18
CA ILE A 97 -8.70 35.10 39.75
C ILE A 97 -9.82 35.99 40.30
N PRO A 98 -9.51 37.24 40.67
CA PRO A 98 -10.60 38.12 41.13
C PRO A 98 -11.58 38.47 40.01
N ILE A 99 -12.84 38.72 40.36
CA ILE A 99 -13.87 39.07 39.38
C ILE A 99 -14.82 40.13 39.93
N HIS A 100 -15.13 41.11 39.08
CA HIS A 100 -16.18 42.09 39.38
C HIS A 100 -17.30 41.99 38.36
N TYR A 101 -18.53 42.26 38.79
CA TYR A 101 -19.69 42.31 37.90
C TYR A 101 -20.25 43.73 37.83
N CYS A 102 -20.44 44.24 36.61
CA CYS A 102 -20.85 45.62 36.42
C CYS A 102 -22.17 45.73 35.63
N ALA A 103 -22.87 46.85 35.81
CA ALA A 103 -24.18 47.05 35.20
C ALA A 103 -24.07 47.78 33.86
N PRO A 104 -25.03 47.54 32.94
CA PRO A 104 -25.04 48.17 31.62
C PRO A 104 -25.70 49.54 31.61
N ALA A 105 -25.75 50.16 30.43
CA ALA A 105 -26.29 51.51 30.28
C ALA A 105 -27.81 51.56 30.45
N GLY A 106 -28.24 51.98 31.64
CA GLY A 106 -29.65 52.05 31.96
C GLY A 106 -29.96 51.39 33.29
N TYR A 107 -28.93 50.90 33.96
CA TYR A 107 -29.09 50.23 35.26
C TYR A 107 -27.92 50.56 36.17
N ALA A 108 -28.05 50.22 37.45
CA ALA A 108 -27.01 50.49 38.43
C ALA A 108 -27.07 49.47 39.55
N ILE A 109 -25.95 49.31 40.25
CA ILE A 109 -25.85 48.33 41.33
C ILE A 109 -25.85 48.99 42.70
N LEU A 110 -26.95 48.84 43.43
CA LEU A 110 -27.04 49.34 44.79
C LEU A 110 -26.23 48.46 45.74
N LYS A 111 -25.65 49.11 46.76
CA LYS A 111 -24.78 48.43 47.71
C LYS A 111 -25.21 48.77 49.14
N CYS A 112 -25.50 47.74 49.91
CA CYS A 112 -25.91 47.93 51.30
C CYS A 112 -24.67 47.99 52.19
N ASN A 113 -24.56 49.06 52.98
CA ASN A 113 -23.36 49.30 53.77
C ASN A 113 -23.57 49.12 55.28
N ASP A 114 -24.79 48.79 55.69
CA ASP A 114 -25.04 48.46 57.09
C ASP A 114 -24.17 47.27 57.47
N LYS A 115 -23.39 47.42 58.54
CA LYS A 115 -22.39 46.41 58.90
C LYS A 115 -23.05 45.08 59.29
N GLU A 116 -24.10 45.15 60.07
CA GLU A 116 -24.80 43.95 60.56
C GLU A 116 -26.06 43.69 59.75
N PHE A 117 -25.89 43.00 58.62
CA PHE A 117 -26.97 42.78 57.67
C PHE A 117 -27.31 41.30 57.54
N ASN A 118 -28.58 40.95 57.74
CA ASN A 118 -29.01 39.56 57.72
C ASN A 118 -29.52 39.11 56.34
N GLY A 119 -29.47 40.02 55.37
CA GLY A 119 -29.79 39.68 53.99
C GLY A 119 -31.20 40.01 53.56
N THR A 120 -32.05 40.33 54.52
CA THR A 120 -33.44 40.67 54.24
C THR A 120 -33.85 41.93 54.97
N GLY A 121 -34.77 42.68 54.38
CA GLY A 121 -35.33 43.86 55.00
C GLY A 121 -34.69 45.17 54.58
N LEU A 122 -34.84 46.19 55.42
CA LEU A 122 -34.46 47.55 55.08
C LEU A 122 -32.98 47.84 55.31
N CYS A 123 -32.39 48.59 54.39
CA CYS A 123 -31.01 49.06 54.51
C CYS A 123 -31.01 50.58 54.54
N LYS A 124 -30.31 51.14 55.52
CA LYS A 124 -30.36 52.58 55.78
C LYS A 124 -29.13 53.32 55.27
N ASN A 125 -28.09 52.58 54.87
CA ASN A 125 -26.90 53.17 54.29
C ASN A 125 -26.66 52.67 52.87
N VAL A 126 -27.47 53.15 51.94
CA VAL A 126 -27.41 52.71 50.55
C VAL A 126 -26.42 53.55 49.75
N SER A 127 -25.90 52.99 48.67
CA SER A 127 -25.02 53.72 47.76
C SER A 127 -25.26 53.21 46.33
N THR A 128 -24.27 53.40 45.45
CA THR A 128 -24.40 52.97 44.06
C THR A 128 -23.06 52.89 43.34
N VAL A 129 -22.48 51.69 43.33
CA VAL A 129 -21.28 51.42 42.55
C VAL A 129 -21.68 51.07 41.12
N GLN A 130 -20.68 50.98 40.24
CA GLN A 130 -20.91 50.57 38.86
C GLN A 130 -20.49 49.11 38.68
N CYS A 131 -19.67 48.61 39.61
CA CYS A 131 -19.27 47.21 39.58
C CYS A 131 -19.00 46.68 40.99
N THR A 132 -19.16 45.37 41.16
CA THR A 132 -19.06 44.74 42.48
C THR A 132 -17.62 44.63 42.97
N HIS A 133 -17.48 44.15 44.20
CA HIS A 133 -16.16 43.86 44.76
C HIS A 133 -15.59 42.62 44.11
N GLY A 134 -14.30 42.38 44.33
CA GLY A 134 -13.63 41.23 43.77
C GLY A 134 -14.18 39.92 44.31
N ILE A 135 -14.62 39.05 43.41
CA ILE A 135 -15.17 37.76 43.78
C ILE A 135 -14.28 36.65 43.23
N ARG A 136 -13.75 35.82 44.12
CA ARG A 136 -12.99 34.63 43.73
C ARG A 136 -13.95 33.48 43.42
N PRO A 137 -14.01 33.02 42.16
CA PRO A 137 -14.94 31.92 41.84
C PRO A 137 -14.50 30.57 42.43
N VAL A 138 -14.43 30.52 43.75
CA VAL A 138 -13.95 29.33 44.45
C VAL A 138 -15.06 28.29 44.58
N VAL A 139 -14.80 27.09 44.05
CA VAL A 139 -15.72 25.97 44.16
C VAL A 139 -15.27 25.07 45.31
N SER A 140 -16.13 24.92 46.32
CA SER A 140 -15.80 24.11 47.49
C SER A 140 -17.05 23.73 48.29
N THR A 141 -16.87 22.82 49.24
CA THR A 141 -17.93 22.41 50.16
C THR A 141 -17.47 22.63 51.60
N GLN A 142 -18.42 22.66 52.52
CA GLN A 142 -18.14 22.88 53.94
C GLN A 142 -17.50 24.24 54.22
N LEU A 143 -16.28 24.45 53.72
CA LEU A 143 -15.52 25.67 54.00
C LEU A 143 -15.48 26.61 52.79
N LEU A 144 -15.69 27.89 53.06
CA LEU A 144 -15.57 28.93 52.04
C LEU A 144 -14.18 29.54 52.09
N LEU A 145 -13.51 29.58 50.94
CA LEU A 145 -12.12 30.00 50.86
C LEU A 145 -11.95 31.23 50.00
N ASN A 146 -11.00 32.09 50.38
CA ASN A 146 -10.65 33.28 49.62
C ASN A 146 -11.82 34.25 49.43
N GLY A 147 -12.75 34.25 50.40
CA GLY A 147 -13.90 35.14 50.35
C GLY A 147 -13.61 36.46 51.02
N SER A 148 -14.65 37.25 51.25
CA SER A 148 -14.53 38.53 51.94
C SER A 148 -14.88 38.38 53.42
N LEU A 149 -14.29 39.23 54.26
CA LEU A 149 -14.46 39.13 55.70
C LEU A 149 -15.61 39.99 56.21
N ALA A 150 -16.19 39.57 57.31
CA ALA A 150 -17.21 40.35 58.00
C ALA A 150 -16.60 41.65 58.50
N GLU A 151 -17.35 42.75 58.41
CA GLU A 151 -16.79 44.06 58.71
C GLU A 151 -16.45 44.21 60.19
N GLY A 152 -17.35 43.72 61.05
CA GLY A 152 -17.14 43.79 62.50
C GLY A 152 -16.96 42.42 63.09
N LYS A 153 -18.04 41.88 63.61
CA LYS A 153 -18.05 40.53 64.18
C LYS A 153 -18.73 39.58 63.21
N VAL A 154 -18.68 38.30 63.53
CA VAL A 154 -19.25 37.26 62.67
C VAL A 154 -20.74 37.51 62.42
N MET A 155 -21.22 37.07 61.26
CA MET A 155 -22.64 37.21 60.92
C MET A 155 -23.18 35.92 60.29
N ILE A 156 -24.41 35.56 60.64
CA ILE A 156 -25.06 34.37 60.11
C ILE A 156 -26.34 34.75 59.36
N ARG A 157 -26.64 33.99 58.30
CA ARG A 157 -27.81 34.27 57.45
C ARG A 157 -28.48 32.99 56.96
N SER A 158 -29.80 33.01 56.91
CA SER A 158 -30.57 31.87 56.41
C SER A 158 -31.93 32.33 55.91
N GLU A 159 -32.51 31.58 54.98
CA GLU A 159 -33.86 31.86 54.49
C GLU A 159 -34.88 31.70 55.61
N ASN A 160 -34.62 30.75 56.50
CA ASN A 160 -35.48 30.50 57.64
C ASN A 160 -34.73 29.66 58.66
N ILE A 161 -34.27 30.31 59.73
CA ILE A 161 -33.46 29.63 60.75
C ILE A 161 -34.22 28.48 61.41
N THR A 162 -35.53 28.64 61.54
CA THR A 162 -36.36 27.64 62.22
C THR A 162 -36.55 26.38 61.36
N ASN A 163 -36.30 26.51 60.05
CA ASN A 163 -36.44 25.39 59.12
C ASN A 163 -35.10 24.70 58.90
N ASN A 164 -35.02 23.42 59.29
CA ASN A 164 -33.76 22.69 59.34
C ASN A 164 -33.19 22.31 57.97
N VAL A 165 -34.01 22.36 56.92
CA VAL A 165 -33.58 21.94 55.60
C VAL A 165 -32.68 23.01 54.96
N LYS A 166 -32.85 24.26 55.39
CA LYS A 166 -32.13 25.37 54.79
C LYS A 166 -30.77 25.61 55.44
N ASN A 167 -29.77 25.84 54.60
CA ASN A 167 -28.39 26.01 55.06
C ASN A 167 -28.17 27.34 55.75
N ILE A 168 -27.30 27.33 56.77
CA ILE A 168 -26.90 28.53 57.50
C ILE A 168 -25.51 28.98 57.03
N ILE A 169 -25.43 30.21 56.56
CA ILE A 169 -24.19 30.75 56.00
C ILE A 169 -23.46 31.64 57.01
N VAL A 170 -22.26 31.24 57.41
CA VAL A 170 -21.46 31.99 58.36
C VAL A 170 -20.42 32.84 57.64
N GLN A 171 -20.24 34.08 58.11
CA GLN A 171 -19.22 34.98 57.57
C GLN A 171 -18.26 35.42 58.68
N LEU A 172 -17.03 34.91 58.62
CA LEU A 172 -16.03 35.21 59.66
C LEU A 172 -15.53 36.63 59.55
N ASN A 173 -14.98 37.14 60.65
CA ASN A 173 -14.32 38.45 60.65
C ASN A 173 -12.81 38.31 60.81
N GLU A 174 -12.35 37.08 60.96
CA GLU A 174 -10.92 36.81 61.06
C GLU A 174 -10.54 35.59 60.22
N SER A 175 -9.60 35.77 59.31
CA SER A 175 -9.18 34.69 58.42
C SER A 175 -8.38 33.63 59.17
N VAL A 176 -8.59 32.37 58.81
CA VAL A 176 -7.77 31.27 59.29
C VAL A 176 -7.03 30.65 58.12
N THR A 177 -5.73 30.87 58.07
CA THR A 177 -4.90 30.37 56.98
C THR A 177 -4.78 28.85 57.04
N ILE A 178 -4.94 28.19 55.90
CA ILE A 178 -4.80 26.74 55.81
C ILE A 178 -3.76 26.37 54.76
N ASN A 179 -2.79 25.56 55.19
CA ASN A 179 -1.74 25.08 54.30
C ASN A 179 -1.88 23.58 54.05
N CYS A 180 -2.15 23.24 52.80
CA CYS A 180 -2.23 21.86 52.37
C CYS A 180 -1.04 21.54 51.47
N THR A 181 -0.40 20.40 51.70
CA THR A 181 0.80 20.02 50.96
C THR A 181 0.85 18.52 50.65
N ARG A 182 1.30 18.20 49.44
CA ARG A 182 1.51 16.82 49.01
C ARG A 182 3.00 16.59 48.72
N PRO A 183 3.73 15.96 49.66
CA PRO A 183 5.18 15.83 49.49
C PRO A 183 5.59 14.96 48.31
N ASN A 184 6.82 15.14 47.83
CA ASN A 184 7.36 14.36 46.71
C ASN A 184 7.58 12.90 47.08
N ASN A 185 6.51 12.11 47.01
CA ASN A 185 6.56 10.69 47.34
C ASN A 185 6.05 9.84 46.19
N SER A 190 11.13 8.53 48.11
CA SER A 190 10.24 8.22 49.21
C SER A 190 9.15 7.24 48.78
N GLY A 191 9.27 5.99 49.22
CA GLY A 191 8.26 4.98 48.94
C GLY A 191 6.95 5.37 49.59
N GLY A 192 6.09 6.07 48.84
CA GLY A 192 4.88 6.63 49.40
C GLY A 192 3.74 6.78 48.41
N ASP A 193 2.54 6.93 48.97
CA ASP A 193 1.32 7.14 48.17
C ASP A 193 1.32 8.56 47.60
N ILE A 194 1.30 8.65 46.27
CA ILE A 194 1.31 9.96 45.60
C ILE A 194 -0.01 10.71 45.76
N ARG A 195 -0.98 10.09 46.41
CA ARG A 195 -2.29 10.70 46.64
C ARG A 195 -2.44 11.14 48.10
N GLN A 196 -1.51 10.73 48.95
CA GLN A 196 -1.54 11.10 50.36
C GLN A 196 -1.05 12.53 50.54
N ALA A 197 -1.93 13.36 51.10
CA ALA A 197 -1.60 14.75 51.40
C ALA A 197 -2.18 15.09 52.77
N HIS A 198 -1.81 16.25 53.30
CA HIS A 198 -2.28 16.69 54.61
C HIS A 198 -2.45 18.20 54.65
N CYS A 199 -3.31 18.66 55.54
CA CYS A 199 -3.54 20.09 55.75
C CYS A 199 -3.22 20.49 57.18
N ASN A 200 -2.51 21.60 57.34
CA ASN A 200 -2.12 22.11 58.65
C ASN A 200 -2.75 23.46 58.93
N VAL A 201 -3.30 23.61 60.13
CA VAL A 201 -3.84 24.88 60.59
C VAL A 201 -3.55 25.04 62.07
N SER A 202 -3.34 26.28 62.51
CA SER A 202 -3.06 26.56 63.91
C SER A 202 -4.23 26.11 64.78
N GLY A 203 -3.95 25.19 65.71
CA GLY A 203 -4.93 24.74 66.66
C GLY A 203 -5.37 25.87 67.58
N SER A 204 -4.40 26.64 68.05
CA SER A 204 -4.66 27.74 68.98
C SER A 204 -5.49 28.86 68.33
N GLN A 205 -5.12 29.23 67.10
CA GLN A 205 -5.85 30.24 66.35
C GLN A 205 -7.29 29.82 66.14
N TRP A 206 -7.48 28.54 65.83
CA TRP A 206 -8.79 28.02 65.48
C TRP A 206 -9.69 27.82 66.69
N ASN A 207 -9.10 27.53 67.85
CA ASN A 207 -9.86 27.35 69.08
C ASN A 207 -10.29 28.69 69.70
N LYS A 208 -10.42 29.71 68.86
CA LYS A 208 -10.93 31.02 69.27
C LYS A 208 -11.99 31.51 68.28
N THR A 209 -11.90 31.03 67.04
CA THR A 209 -12.91 31.35 66.04
C THR A 209 -14.25 30.73 66.42
N LEU A 210 -14.26 29.43 66.75
CA LEU A 210 -15.48 28.79 67.23
C LEU A 210 -16.01 29.48 68.47
N HIS A 211 -15.10 29.88 69.36
CA HIS A 211 -15.47 30.53 70.61
C HIS A 211 -16.25 31.83 70.40
N GLN A 212 -16.29 32.31 69.16
CA GLN A 212 -17.01 33.53 68.80
C GLN A 212 -18.23 33.23 67.91
N VAL A 213 -18.13 32.21 67.07
CA VAL A 213 -19.27 31.78 66.26
C VAL A 213 -20.34 31.17 67.16
N VAL A 214 -19.90 30.31 68.08
CA VAL A 214 -20.80 29.59 68.98
C VAL A 214 -21.65 30.55 69.81
N GLU A 215 -21.04 31.65 70.26
CA GLU A 215 -21.75 32.65 71.06
C GLU A 215 -22.92 33.21 70.26
N GLN A 216 -22.70 33.42 68.97
CA GLN A 216 -23.72 33.97 68.09
C GLN A 216 -24.68 32.90 67.56
N LEU A 217 -24.24 31.64 67.59
CA LEU A 217 -25.13 30.54 67.23
C LEU A 217 -26.18 30.34 68.31
N ARG A 218 -25.78 30.62 69.56
CA ARG A 218 -26.74 30.73 70.65
C ARG A 218 -27.59 31.97 70.40
N LYS A 219 -28.26 32.48 71.44
CA LYS A 219 -29.00 33.74 71.32
C LYS A 219 -30.25 33.56 70.44
N TYR A 220 -30.06 32.99 69.25
CA TYR A 220 -31.16 32.61 68.39
C TYR A 220 -31.89 31.41 68.98
N TRP A 221 -31.12 30.45 69.49
CA TRP A 221 -31.65 29.22 70.04
C TRP A 221 -31.62 29.24 71.56
N ASN A 222 -31.80 30.42 72.13
CA ASN A 222 -31.83 30.59 73.59
C ASN A 222 -30.51 30.14 74.22
N ASN A 223 -30.59 29.52 75.39
CA ASN A 223 -29.40 29.08 76.12
C ASN A 223 -29.14 27.59 75.96
N ASN A 224 -29.37 27.07 74.76
CA ASN A 224 -29.06 25.69 74.45
C ASN A 224 -27.56 25.52 74.24
N THR A 225 -27.03 24.35 74.60
CA THR A 225 -25.61 24.05 74.42
C THR A 225 -25.36 23.42 73.05
N ILE A 226 -24.40 23.96 72.31
CA ILE A 226 -24.14 23.51 70.94
C ILE A 226 -22.99 22.51 70.88
N ILE A 227 -23.18 21.48 70.06
CA ILE A 227 -22.16 20.47 69.81
C ILE A 227 -21.99 20.27 68.31
N PHE A 228 -20.75 20.22 67.86
CA PHE A 228 -20.46 19.99 66.45
C PHE A 228 -20.09 18.53 66.21
N ASN A 229 -20.72 17.94 65.21
CA ASN A 229 -20.40 16.58 64.78
C ASN A 229 -20.16 16.56 63.27
N SER A 230 -19.50 15.50 62.79
CA SER A 230 -19.21 15.37 61.37
C SER A 230 -20.49 15.17 60.56
N SER A 231 -20.35 15.18 59.24
CA SER A 231 -21.49 14.97 58.35
C SER A 231 -22.19 13.66 58.66
N SER A 232 -23.51 13.64 58.50
CA SER A 232 -24.30 12.45 58.80
C SER A 232 -24.19 11.39 57.70
N GLY A 233 -23.67 11.80 56.53
CA GLY A 233 -23.46 10.89 55.42
C GLY A 233 -23.88 11.47 54.09
N GLY A 234 -23.62 10.71 53.03
CA GLY A 234 -23.92 11.12 51.67
C GLY A 234 -22.75 10.83 50.76
N ASP A 235 -22.67 11.56 49.65
CA ASP A 235 -21.54 11.44 48.74
C ASP A 235 -20.27 11.87 49.46
N LEU A 236 -19.14 11.24 49.10
CA LEU A 236 -17.86 11.52 49.75
C LEU A 236 -17.45 12.98 49.62
N GLU A 237 -18.00 13.67 48.62
CA GLU A 237 -17.61 15.04 48.30
C GLU A 237 -18.18 16.07 49.25
N ILE A 238 -19.33 15.77 49.85
CA ILE A 238 -19.95 16.70 50.79
C ILE A 238 -19.78 16.23 52.24
N THR A 239 -19.29 15.02 52.42
CA THR A 239 -18.94 14.53 53.76
C THR A 239 -17.59 15.09 54.19
N THR A 240 -16.72 15.30 53.21
CA THR A 240 -15.39 15.85 53.45
C THR A 240 -15.27 17.27 52.90
N HIS A 241 -14.22 17.98 53.32
CA HIS A 241 -13.93 19.29 52.76
C HIS A 241 -13.21 19.12 51.43
N SER A 242 -13.88 19.50 50.35
CA SER A 242 -13.35 19.34 49.01
C SER A 242 -13.09 20.67 48.32
N PHE A 243 -12.09 20.68 47.45
CA PHE A 243 -11.72 21.89 46.71
C PHE A 243 -10.76 21.54 45.58
N ASN A 244 -10.54 22.48 44.67
CA ASN A 244 -9.65 22.26 43.53
C ASN A 244 -8.35 23.03 43.70
N CYS A 245 -7.23 22.32 43.65
CA CYS A 245 -5.91 22.93 43.80
C CYS A 245 -4.97 22.56 42.66
N GLY A 246 -4.62 23.56 41.85
CA GLY A 246 -3.68 23.37 40.75
C GLY A 246 -4.15 22.35 39.73
N GLY A 247 -5.47 22.19 39.63
CA GLY A 247 -6.06 21.23 38.70
C GLY A 247 -6.29 19.89 39.35
N GLU A 248 -5.81 19.75 40.59
CA GLU A 248 -5.95 18.50 41.35
C GLU A 248 -7.05 18.61 42.39
N PHE A 249 -7.76 17.51 42.61
CA PHE A 249 -8.91 17.49 43.49
C PHE A 249 -8.55 16.92 44.86
N PHE A 250 -8.64 17.77 45.88
CA PHE A 250 -8.32 17.37 47.25
C PHE A 250 -9.58 17.06 48.06
N TYR A 251 -9.49 16.06 48.94
CA TYR A 251 -10.59 15.69 49.83
C TYR A 251 -10.08 15.56 51.26
N CYS A 252 -10.52 16.44 52.15
CA CYS A 252 -10.00 16.49 53.51
C CYS A 252 -11.02 16.11 54.58
N ASN A 253 -10.65 15.12 55.39
CA ASN A 253 -11.45 14.68 56.53
C ASN A 253 -11.38 15.73 57.65
N THR A 254 -12.55 16.23 58.06
CA THR A 254 -12.63 17.33 59.01
C THR A 254 -13.15 16.89 60.39
N SER A 255 -13.03 15.60 60.69
CA SER A 255 -13.53 15.08 61.96
C SER A 255 -12.88 15.77 63.16
N GLY A 256 -11.57 15.95 63.09
CA GLY A 256 -10.84 16.62 64.14
C GLY A 256 -11.23 18.09 64.22
N LEU A 257 -11.74 18.61 63.10
CA LEU A 257 -12.18 19.99 63.02
C LEU A 257 -13.55 20.20 63.65
N PHE A 258 -14.32 19.12 63.73
CA PHE A 258 -15.70 19.19 64.21
C PHE A 258 -15.92 18.20 65.36
N ASN A 259 -14.98 18.19 66.29
CA ASN A 259 -15.09 17.42 67.53
C ASN A 259 -15.07 18.38 68.71
N SER A 260 -16.25 18.69 69.24
CA SER A 260 -16.36 19.65 70.33
C SER A 260 -15.78 19.09 71.62
N ASN A 271 -4.55 24.11 71.63
CA ASN A 271 -3.33 24.91 71.66
C ASN A 271 -2.15 24.16 71.03
N GLY A 272 -2.32 23.79 69.77
CA GLY A 272 -1.27 23.10 69.02
C GLY A 272 -1.54 23.23 67.53
N THR A 273 -1.41 22.13 66.80
CA THR A 273 -1.73 22.13 65.38
C THR A 273 -2.75 21.05 65.06
N ILE A 274 -3.69 21.39 64.19
CA ILE A 274 -4.62 20.41 63.64
C ILE A 274 -4.06 19.89 62.32
N THR A 275 -3.93 18.58 62.20
CA THR A 275 -3.46 17.93 60.97
C THR A 275 -4.59 17.12 60.35
N LEU A 276 -5.03 17.54 59.17
CA LEU A 276 -6.11 16.86 58.46
C LEU A 276 -5.55 15.94 57.38
N PRO A 277 -6.00 14.68 57.33
CA PRO A 277 -5.56 13.77 56.27
C PRO A 277 -6.29 14.04 54.95
N CYS A 278 -5.60 13.88 53.82
CA CYS A 278 -6.18 14.17 52.51
C CYS A 278 -5.95 13.07 51.48
N ARG A 279 -6.81 13.07 50.47
CA ARG A 279 -6.71 12.12 49.35
C ARG A 279 -6.92 12.87 48.04
N ILE A 280 -6.13 12.53 47.03
CA ILE A 280 -6.35 13.02 45.68
C ILE A 280 -7.20 12.01 44.94
N LYS A 281 -8.34 12.45 44.40
CA LYS A 281 -9.21 11.55 43.66
C LYS A 281 -9.28 11.93 42.19
N GLN A 282 -9.41 10.92 41.33
CA GLN A 282 -9.55 11.13 39.89
C GLN A 282 -10.99 11.04 39.44
N ILE A 283 -11.81 10.38 40.24
CA ILE A 283 -13.24 10.19 39.96
C ILE A 283 -14.09 11.11 40.85
N ILE A 284 -14.90 11.97 40.22
CA ILE A 284 -15.67 12.98 40.94
C ILE A 284 -17.12 13.05 40.45
N ASN A 285 -18.06 13.27 41.38
CA ASN A 285 -19.43 13.62 41.02
C ASN A 285 -19.54 15.11 40.68
N MET A 286 -20.04 15.41 39.48
CA MET A 286 -20.04 16.79 38.98
C MET A 286 -20.94 17.71 39.79
N TRP A 287 -20.48 18.94 39.97
CA TRP A 287 -21.30 20.00 40.55
C TRP A 287 -22.04 20.74 39.45
N GLN A 288 -21.49 20.69 38.23
CA GLN A 288 -22.08 21.36 37.08
C GLN A 288 -23.38 20.68 36.68
N ARG A 289 -23.45 19.38 36.92
CA ARG A 289 -24.59 18.56 36.53
C ARG A 289 -24.63 17.30 37.37
N VAL A 290 -25.79 16.66 37.46
CA VAL A 290 -25.87 15.39 38.16
C VAL A 290 -25.21 14.34 37.28
N GLY A 291 -24.09 13.79 37.76
CA GLY A 291 -23.37 12.78 37.00
C GLY A 291 -21.98 12.54 37.56
N GLN A 292 -21.20 11.73 36.85
CA GLN A 292 -19.83 11.41 37.24
C GLN A 292 -18.85 11.77 36.12
N ALA A 293 -17.65 12.17 36.51
CA ALA A 293 -16.62 12.54 35.56
C ALA A 293 -15.26 12.01 36.02
N ILE A 294 -14.39 11.72 35.07
CA ILE A 294 -13.04 11.26 35.38
C ILE A 294 -11.97 12.13 34.76
N TYR A 295 -11.06 12.61 35.60
CA TYR A 295 -9.94 13.43 35.16
C TYR A 295 -8.68 12.57 35.15
N ALA A 296 -7.61 13.09 34.54
CA ALA A 296 -6.37 12.33 34.41
C ALA A 296 -5.66 12.26 35.76
N PRO A 297 -4.68 11.35 35.89
CA PRO A 297 -3.95 11.20 37.15
C PRO A 297 -3.20 12.47 37.55
N PRO A 298 -2.82 12.58 38.83
CA PRO A 298 -2.16 13.79 39.33
C PRO A 298 -0.78 14.03 38.72
N ILE A 299 -0.39 15.29 38.57
CA ILE A 299 0.96 15.63 38.14
C ILE A 299 1.97 15.24 39.21
N GLN A 300 3.25 15.18 38.83
CA GLN A 300 4.32 14.86 39.76
C GLN A 300 4.74 16.13 40.51
N GLY A 301 5.54 15.96 41.55
CA GLY A 301 6.09 17.10 42.27
C GLY A 301 5.21 17.56 43.42
N VAL A 302 5.65 18.61 44.11
CA VAL A 302 4.92 19.14 45.25
C VAL A 302 3.69 19.92 44.78
N ILE A 303 2.56 19.65 45.42
CA ILE A 303 1.34 20.41 45.20
C ILE A 303 0.92 21.04 46.52
N ARG A 304 0.85 22.37 46.53
CA ARG A 304 0.71 23.13 47.77
C ARG A 304 -0.08 24.41 47.54
N CYS A 305 -1.13 24.60 48.34
CA CYS A 305 -1.98 25.77 48.23
C CYS A 305 -2.29 26.39 49.58
N VAL A 306 -2.12 27.71 49.66
CA VAL A 306 -2.42 28.47 50.86
C VAL A 306 -3.67 29.30 50.59
N SER A 307 -4.68 29.13 51.43
CA SER A 307 -5.96 29.83 51.27
C SER A 307 -6.45 30.42 52.59
N ASN A 308 -7.24 31.49 52.48
CA ASN A 308 -7.86 32.10 53.64
C ASN A 308 -9.25 31.55 53.88
N ILE A 309 -9.44 30.90 55.02
CA ILE A 309 -10.77 30.44 55.43
C ILE A 309 -11.55 31.64 55.94
N THR A 310 -12.65 31.98 55.25
CA THR A 310 -13.43 33.16 55.58
C THR A 310 -14.88 32.84 55.90
N GLY A 311 -15.28 31.58 55.75
CA GLY A 311 -16.65 31.20 56.03
C GLY A 311 -16.93 29.71 56.03
N LEU A 312 -18.11 29.35 56.53
CA LEU A 312 -18.58 27.97 56.58
C LEU A 312 -20.03 27.88 56.11
N ILE A 313 -20.44 26.69 55.69
CA ILE A 313 -21.85 26.40 55.39
C ILE A 313 -22.32 25.31 56.34
N LEU A 314 -23.38 25.59 57.09
CA LEU A 314 -23.89 24.66 58.10
C LEU A 314 -25.35 24.27 57.87
N THR A 315 -25.70 23.08 58.33
CA THR A 315 -27.09 22.64 58.44
C THR A 315 -27.33 22.21 59.88
N ARG A 316 -28.55 22.41 60.37
CA ARG A 316 -28.88 22.14 61.76
C ARG A 316 -29.71 20.86 61.91
N ASP A 317 -29.32 20.01 62.84
CA ASP A 317 -30.06 18.79 63.14
C ASP A 317 -31.41 19.13 63.76
N GLY A 318 -32.48 18.78 63.05
CA GLY A 318 -33.83 19.00 63.53
C GLY A 318 -34.40 17.77 64.20
N GLY A 319 -35.71 17.62 64.14
CA GLY A 319 -36.39 16.46 64.71
C GLY A 319 -36.53 16.57 66.22
N GLY A 320 -35.43 16.36 66.93
CA GLY A 320 -35.45 16.36 68.39
C GLY A 320 -35.83 17.71 68.97
N ASN A 321 -36.42 17.68 70.16
CA ASN A 321 -36.82 18.90 70.85
C ASN A 321 -35.62 19.65 71.41
N SER A 322 -35.88 20.63 72.27
CA SER A 322 -34.81 21.39 72.92
C SER A 322 -34.14 20.53 73.99
N ASN A 323 -33.43 19.50 73.56
CA ASN A 323 -32.74 18.60 74.48
C ASN A 323 -31.38 19.16 74.89
N GLU A 324 -31.34 20.47 75.16
CA GLU A 324 -30.10 21.15 75.54
C GLU A 324 -29.07 21.05 74.41
N ASN A 325 -29.56 20.86 73.19
CA ASN A 325 -28.70 20.76 72.02
C ASN A 325 -29.50 20.82 70.73
N GLU A 326 -28.91 21.43 69.71
CA GLU A 326 -29.50 21.50 68.39
C GLU A 326 -28.60 20.78 67.40
N THR A 327 -27.29 20.82 67.67
CA THR A 327 -26.28 20.12 66.87
C THR A 327 -26.18 20.65 65.43
N PHE A 328 -24.96 21.00 65.04
CA PHE A 328 -24.70 21.51 63.70
C PHE A 328 -23.63 20.68 63.00
N ARG A 329 -23.88 20.40 61.71
CA ARG A 329 -22.97 19.61 60.90
C ARG A 329 -22.64 20.36 59.61
N PRO A 330 -21.46 20.12 59.04
CA PRO A 330 -21.10 20.79 57.78
C PRO A 330 -21.99 20.36 56.63
N GLY A 331 -22.28 21.29 55.72
CA GLY A 331 -23.14 21.03 54.57
C GLY A 331 -22.55 21.55 53.28
N GLY A 332 -23.40 22.18 52.48
CA GLY A 332 -23.01 22.71 51.19
C GLY A 332 -23.42 21.76 50.09
N GLY A 333 -22.97 22.03 48.88
CA GLY A 333 -23.30 21.23 47.72
C GLY A 333 -23.81 22.10 46.59
N ASP A 334 -24.83 22.90 46.91
CA ASP A 334 -25.33 23.87 45.96
C ASP A 334 -24.35 25.04 45.93
N MET A 335 -23.56 25.13 44.85
CA MET A 335 -22.51 26.15 44.75
C MET A 335 -23.09 27.57 44.65
N ARG A 336 -24.40 27.67 44.48
CA ARG A 336 -25.08 28.95 44.52
C ARG A 336 -24.89 29.57 45.91
N ASP A 337 -24.83 28.72 46.92
CA ASP A 337 -24.61 29.16 48.29
C ASP A 337 -23.23 29.80 48.44
N ASN A 338 -22.24 29.29 47.73
CA ASN A 338 -20.91 29.89 47.72
C ASN A 338 -20.93 31.28 47.09
N TRP A 339 -21.68 31.41 46.00
CA TRP A 339 -21.81 32.68 45.31
C TRP A 339 -22.68 33.65 46.11
N ARG A 340 -23.74 33.12 46.71
CA ARG A 340 -24.67 33.93 47.48
C ARG A 340 -23.99 34.57 48.70
N SER A 341 -22.99 33.89 49.23
CA SER A 341 -22.30 34.33 50.45
C SER A 341 -21.50 35.62 50.22
N GLU A 342 -21.22 35.93 48.96
CA GLU A 342 -20.42 37.09 48.61
C GLU A 342 -21.26 38.16 47.91
N LEU A 343 -22.33 37.73 47.26
CA LEU A 343 -23.14 38.61 46.42
C LEU A 343 -24.37 39.18 47.14
N TYR A 344 -24.48 38.89 48.44
CA TYR A 344 -25.68 39.21 49.21
C TYR A 344 -25.97 40.71 49.29
N LYS A 345 -24.92 41.53 49.33
CA LYS A 345 -25.08 42.96 49.60
C LYS A 345 -25.28 43.78 48.32
N TYR A 346 -25.61 43.11 47.22
CA TYR A 346 -25.83 43.81 45.95
C TYR A 346 -27.22 43.56 45.37
N LYS A 347 -27.67 44.49 44.55
CA LYS A 347 -28.96 44.39 43.86
C LYS A 347 -28.97 45.28 42.63
N VAL A 348 -29.64 44.82 41.57
CA VAL A 348 -29.73 45.55 40.32
C VAL A 348 -31.03 46.34 40.26
N VAL A 349 -30.95 47.59 39.82
CA VAL A 349 -32.12 48.45 39.72
C VAL A 349 -32.25 49.15 38.38
N LYS A 350 -33.49 49.51 38.05
CA LYS A 350 -33.82 50.23 36.83
C LYS A 350 -34.02 51.71 37.14
N ILE A 351 -33.40 52.58 36.34
CA ILE A 351 -33.54 54.02 36.54
C ILE A 351 -34.88 54.49 36.02
N GLU A 352 -35.70 55.03 36.92
CA GLU A 352 -37.02 55.53 36.58
C GLU A 352 -37.38 56.76 37.41
N TRP B 2 11.57 -35.78 22.24
CA TRP B 2 12.97 -35.38 22.22
C TRP B 2 13.20 -34.22 21.26
N LYS B 3 14.45 -33.98 20.90
CA LYS B 3 14.80 -33.01 19.87
C LYS B 3 14.49 -31.57 20.28
N ASP B 4 13.20 -31.26 20.41
CA ASP B 4 12.76 -29.90 20.73
C ASP B 4 11.26 -29.89 20.91
N ALA B 5 10.65 -28.70 20.89
CA ALA B 5 9.20 -28.59 21.03
C ALA B 5 8.70 -27.15 20.94
N ASN B 6 7.56 -26.98 20.29
CA ASN B 6 6.85 -25.71 20.28
C ASN B 6 5.47 -25.84 19.64
N THR B 7 4.46 -26.05 20.47
CA THR B 7 3.10 -26.27 20.00
C THR B 7 2.12 -25.86 21.10
N THR B 8 0.91 -25.48 20.69
CA THR B 8 -0.10 -25.01 21.63
C THR B 8 -0.71 -26.14 22.45
N LEU B 9 -0.95 -25.87 23.73
CA LEU B 9 -1.50 -26.85 24.67
C LEU B 9 -3.01 -26.70 24.86
N PHE B 10 -3.61 -27.62 25.61
CA PHE B 10 -4.92 -27.41 26.20
C PHE B 10 -4.69 -27.06 27.66
N CYS B 11 -5.79 -26.97 28.41
CA CYS B 11 -5.73 -26.84 29.86
C CYS B 11 -6.85 -27.67 30.47
N ALA B 12 -6.60 -28.22 31.66
CA ALA B 12 -7.57 -29.07 32.33
C ALA B 12 -7.99 -28.49 33.67
N SER B 13 -9.27 -28.68 34.02
CA SER B 13 -9.81 -28.09 35.24
C SER B 13 -11.02 -28.86 35.74
N ASP B 14 -11.04 -29.17 37.04
CA ASP B 14 -12.20 -29.78 37.67
C ASP B 14 -13.23 -28.70 38.01
N ALA B 15 -13.67 -27.98 36.98
CA ALA B 15 -14.61 -26.86 37.16
C ALA B 15 -16.06 -27.32 37.01
N LYS B 16 -16.91 -26.86 37.92
CA LYS B 16 -18.34 -27.14 37.82
C LYS B 16 -18.97 -26.19 36.81
N ALA B 17 -20.00 -26.66 36.11
CA ALA B 17 -20.62 -25.89 35.04
C ALA B 17 -21.59 -24.85 35.57
N TYR B 18 -22.26 -25.15 36.68
CA TYR B 18 -23.24 -24.25 37.26
C TYR B 18 -22.58 -23.09 37.98
N ASP B 19 -21.74 -23.41 38.96
CA ASP B 19 -21.17 -22.43 39.88
C ASP B 19 -20.65 -21.21 39.14
N THR B 20 -21.32 -20.08 39.34
CA THR B 20 -21.05 -18.88 38.58
C THR B 20 -20.04 -17.97 39.28
N GLU B 21 -18.80 -18.46 39.40
CA GLU B 21 -17.69 -17.59 39.74
C GLU B 21 -16.83 -17.44 38.49
N VAL B 22 -16.20 -16.28 38.36
CA VAL B 22 -15.42 -15.93 37.18
C VAL B 22 -14.46 -17.03 36.72
N HIS B 23 -13.93 -17.79 37.67
CA HIS B 23 -12.93 -18.81 37.37
C HIS B 23 -13.55 -20.13 36.93
N ASN B 24 -14.73 -20.45 37.46
CA ASN B 24 -15.37 -21.71 37.14
C ASN B 24 -16.10 -21.65 35.80
N VAL B 25 -16.43 -20.45 35.34
CA VAL B 25 -17.20 -20.29 34.11
C VAL B 25 -16.31 -20.31 32.88
N TRP B 26 -15.29 -19.47 32.87
CA TRP B 26 -14.36 -19.42 31.74
C TRP B 26 -13.73 -20.80 31.53
N ALA B 27 -13.53 -21.53 32.63
CA ALA B 27 -12.89 -22.84 32.58
C ALA B 27 -13.78 -23.86 31.90
N THR B 28 -15.02 -23.99 32.38
CA THR B 28 -15.94 -25.02 31.90
C THR B 28 -16.14 -24.92 30.39
N HIS B 29 -16.16 -23.70 29.87
CA HIS B 29 -16.33 -23.52 28.43
C HIS B 29 -15.07 -23.87 27.65
N ALA B 30 -13.90 -23.69 28.27
CA ALA B 30 -12.64 -23.73 27.54
C ALA B 30 -11.64 -24.80 28.01
N CYS B 31 -12.05 -25.67 28.92
CA CYS B 31 -11.16 -26.71 29.46
C CYS B 31 -11.84 -28.07 29.67
N VAL B 32 -11.01 -29.09 29.84
CA VAL B 32 -11.44 -30.47 29.95
C VAL B 32 -11.15 -31.00 31.36
N PRO B 33 -12.00 -31.88 31.89
CA PRO B 33 -11.86 -32.22 33.32
C PRO B 33 -10.52 -32.83 33.77
N THR B 34 -10.19 -34.03 33.32
CA THR B 34 -9.06 -34.76 33.89
C THR B 34 -8.37 -35.64 32.85
N ASP B 35 -7.15 -36.07 33.16
CA ASP B 35 -6.36 -36.93 32.27
C ASP B 35 -6.28 -38.35 32.82
N PRO B 36 -5.78 -39.29 31.99
CA PRO B 36 -5.71 -40.70 32.40
C PRO B 36 -4.74 -40.99 33.54
N SER B 37 -5.14 -41.90 34.42
CA SER B 37 -4.30 -42.39 35.50
C SER B 37 -3.12 -43.19 34.96
N PRO B 38 -2.18 -43.60 35.83
CA PRO B 38 -2.03 -43.28 37.25
C PRO B 38 -0.72 -42.56 37.59
N GLN B 39 0.39 -43.30 37.55
CA GLN B 39 1.65 -42.84 38.11
C GLN B 39 2.56 -42.19 37.09
N GLU B 40 3.49 -41.37 37.59
CA GLU B 40 4.49 -40.71 36.75
C GLU B 40 5.33 -41.76 36.02
N LEU B 41 5.74 -41.42 34.81
CA LEU B 41 6.54 -42.31 33.99
C LEU B 41 8.02 -41.95 34.16
N LYS B 42 8.77 -42.83 34.80
CA LYS B 42 10.13 -42.53 35.25
C LYS B 42 11.21 -43.04 34.31
N MET B 43 12.29 -42.27 34.19
CA MET B 43 13.44 -42.61 33.34
C MET B 43 14.66 -42.96 34.19
N GLU B 44 15.60 -43.68 33.58
CA GLU B 44 16.82 -44.11 34.28
C GLU B 44 18.08 -43.89 33.44
N ASN B 45 19.14 -43.42 34.10
CA ASN B 45 20.43 -43.22 33.45
C ASN B 45 20.34 -42.26 32.27
N VAL B 46 19.29 -41.45 32.25
CA VAL B 46 19.10 -40.45 31.22
C VAL B 46 19.41 -39.08 31.79
N THR B 47 20.14 -38.28 31.01
CA THR B 47 20.45 -36.91 31.39
C THR B 47 19.85 -35.94 30.38
N GLU B 48 19.18 -34.91 30.88
CA GLU B 48 18.50 -33.94 30.04
C GLU B 48 18.70 -32.52 30.59
N GLU B 49 18.95 -31.57 29.70
CA GLU B 49 19.12 -30.17 30.09
C GLU B 49 17.78 -29.43 30.22
N PHE B 50 17.66 -28.62 31.25
CA PHE B 50 16.48 -27.78 31.44
C PHE B 50 16.91 -26.33 31.54
N ASN B 51 15.97 -25.42 31.30
CA ASN B 51 16.23 -24.00 31.45
C ASN B 51 14.95 -23.23 31.74
N MET B 52 14.69 -23.00 33.02
CA MET B 52 13.41 -22.45 33.47
C MET B 52 13.17 -21.04 32.95
N TRP B 53 14.25 -20.35 32.60
CA TRP B 53 14.16 -18.95 32.20
C TRP B 53 13.86 -18.77 30.71
N LYS B 54 13.87 -19.89 29.99
CA LYS B 54 13.47 -19.90 28.58
C LYS B 54 12.53 -21.07 28.35
N ASN B 55 11.25 -20.84 28.66
CA ASN B 55 10.24 -21.90 28.68
C ASN B 55 8.92 -21.40 28.11
N ASN B 56 8.60 -21.82 26.90
CA ASN B 56 7.45 -21.29 26.17
C ASN B 56 6.12 -21.52 26.89
N MET B 57 6.08 -22.50 27.79
CA MET B 57 4.85 -22.81 28.52
C MET B 57 4.41 -21.65 29.40
N VAL B 58 5.37 -20.86 29.88
CA VAL B 58 5.06 -19.65 30.65
C VAL B 58 4.33 -18.63 29.77
N GLU B 59 4.83 -18.46 28.55
CA GLU B 59 4.26 -17.51 27.60
C GLU B 59 2.81 -17.83 27.27
N GLN B 60 2.54 -19.10 27.02
CA GLN B 60 1.20 -19.55 26.65
C GLN B 60 0.25 -19.44 27.84
N MET B 61 0.77 -19.69 29.04
CA MET B 61 -0.01 -19.51 30.25
C MET B 61 -0.37 -18.04 30.43
N HIS B 62 0.61 -17.18 30.21
CA HIS B 62 0.46 -15.74 30.39
C HIS B 62 -0.74 -15.19 29.62
N THR B 63 -0.81 -15.52 28.33
CA THR B 63 -1.89 -15.04 27.47
C THR B 63 -3.25 -15.56 27.92
N ASP B 64 -3.30 -16.79 28.43
CA ASP B 64 -4.56 -17.40 28.83
C ASP B 64 -5.14 -16.73 30.08
N ILE B 65 -4.30 -16.47 31.07
CA ILE B 65 -4.76 -15.83 32.29
C ILE B 65 -5.19 -14.39 32.03
N ILE B 66 -4.53 -13.74 31.06
CA ILE B 66 -4.90 -12.39 30.65
C ILE B 66 -6.32 -12.40 30.08
N SER B 67 -6.59 -13.34 29.18
CA SER B 67 -7.90 -13.42 28.55
C SER B 67 -8.99 -13.71 29.57
N LEU B 68 -8.65 -14.45 30.62
CA LEU B 68 -9.58 -14.73 31.70
C LEU B 68 -10.02 -13.43 32.37
N TRP B 69 -9.05 -12.62 32.76
CA TRP B 69 -9.31 -11.38 33.48
C TRP B 69 -9.99 -10.32 32.63
N ASP B 70 -9.65 -10.29 31.34
CA ASP B 70 -10.28 -9.37 30.41
C ASP B 70 -11.75 -9.67 30.21
N GLN B 71 -12.09 -10.96 30.21
CA GLN B 71 -13.45 -11.40 29.94
C GLN B 71 -14.30 -11.50 31.22
N SER B 72 -13.63 -11.61 32.36
CA SER B 72 -14.30 -11.89 33.62
C SER B 72 -14.50 -10.64 34.49
N LEU B 73 -13.41 -9.92 34.76
CA LEU B 73 -13.48 -8.70 35.56
C LEU B 73 -13.45 -7.47 34.65
N LYS B 74 -14.63 -6.99 34.30
CA LYS B 74 -14.76 -5.85 33.41
C LYS B 74 -14.71 -4.54 34.20
N PRO B 75 -13.67 -3.73 33.96
CA PRO B 75 -13.67 -2.41 34.62
C PRO B 75 -14.68 -1.46 33.97
N CYS B 76 -15.16 -0.49 34.72
CA CYS B 76 -16.09 0.50 34.18
C CYS B 76 -15.39 1.39 33.16
N VAL B 77 -14.11 1.68 33.42
CA VAL B 77 -13.32 2.56 32.58
C VAL B 77 -11.90 2.04 32.45
N GLN B 78 -11.30 2.23 31.27
CA GLN B 78 -9.95 1.77 30.99
C GLN B 78 -9.21 2.79 30.16
N LEU B 79 -7.99 3.13 30.57
CA LEU B 79 -7.16 4.11 29.86
C LEU B 79 -5.87 3.50 29.34
N THR B 80 -5.68 3.53 28.03
CA THR B 80 -4.43 3.12 27.41
C THR B 80 -4.14 3.99 26.20
N GLY B 81 -2.95 4.59 26.18
CA GLY B 81 -2.49 5.38 25.05
C GLY B 81 -3.48 6.45 24.62
N GLY B 82 -3.99 7.21 25.58
CA GLY B 82 -4.87 8.32 25.27
C GLY B 82 -6.24 7.88 24.76
N SER B 83 -6.47 6.58 24.74
CA SER B 83 -7.75 6.03 24.31
C SER B 83 -8.58 5.58 25.51
N ALA B 84 -9.86 5.93 25.50
CA ALA B 84 -10.75 5.62 26.61
C ALA B 84 -11.76 4.54 26.22
N LEU B 85 -12.00 3.61 27.14
CA LEU B 85 -12.91 2.49 26.92
C LEU B 85 -13.88 2.37 28.09
N THR B 86 -15.17 2.27 27.78
CA THR B 86 -16.22 2.14 28.80
C THR B 86 -17.11 0.92 28.53
N GLN B 87 -17.61 0.34 29.61
CA GLN B 87 -18.44 -0.86 29.51
C GLN B 87 -19.20 -1.12 30.82
N ALA B 88 -20.14 -2.05 30.80
CA ALA B 88 -20.87 -2.46 31.99
C ALA B 88 -19.92 -3.12 32.98
N CYS B 89 -20.13 -2.87 34.27
CA CYS B 89 -19.22 -3.35 35.30
C CYS B 89 -19.95 -3.87 36.53
N PRO B 90 -20.64 -5.01 36.37
CA PRO B 90 -21.29 -5.65 37.53
C PRO B 90 -20.28 -6.31 38.45
N LYS B 91 -20.47 -6.20 39.76
CA LYS B 91 -19.56 -6.85 40.71
C LYS B 91 -19.75 -8.35 40.63
N VAL B 92 -18.66 -9.09 40.81
CA VAL B 92 -18.66 -10.54 40.67
C VAL B 92 -17.97 -11.21 41.86
N THR B 93 -18.15 -12.52 41.95
CA THR B 93 -17.45 -13.32 42.95
C THR B 93 -16.17 -13.89 42.32
N PHE B 94 -15.09 -13.86 43.09
CA PHE B 94 -13.75 -14.16 42.56
C PHE B 94 -12.96 -15.00 43.55
N GLU B 95 -12.36 -16.08 43.06
CA GLU B 95 -11.58 -16.99 43.90
C GLU B 95 -10.74 -17.93 43.02
N PRO B 96 -9.44 -18.10 43.36
CA PRO B 96 -8.55 -18.92 42.53
C PRO B 96 -8.97 -20.39 42.43
N ILE B 97 -8.58 -21.02 41.32
CA ILE B 97 -8.95 -22.41 41.04
C ILE B 97 -7.76 -23.12 40.38
N PRO B 98 -7.45 -24.37 40.82
CA PRO B 98 -6.34 -25.10 40.21
C PRO B 98 -6.49 -25.33 38.70
N ILE B 99 -5.38 -25.29 37.97
CA ILE B 99 -5.36 -25.53 36.54
C ILE B 99 -4.24 -26.52 36.21
N HIS B 100 -4.42 -27.29 35.13
CA HIS B 100 -3.40 -28.24 34.68
C HIS B 100 -3.19 -28.13 33.17
N TYR B 101 -1.92 -28.05 32.76
CA TYR B 101 -1.58 -27.89 31.35
C TYR B 101 -1.10 -29.20 30.74
N CYS B 102 -1.97 -29.81 29.92
CA CYS B 102 -1.65 -31.08 29.27
C CYS B 102 -1.11 -30.83 27.86
N ALA B 103 -0.61 -31.90 27.24
CA ALA B 103 0.00 -31.80 25.92
C ALA B 103 -0.87 -32.42 24.84
N PRO B 104 -0.87 -31.84 23.63
CA PRO B 104 -1.59 -32.46 22.50
C PRO B 104 -1.01 -33.81 22.05
N ALA B 105 -1.80 -34.57 21.30
CA ALA B 105 -1.39 -35.88 20.82
C ALA B 105 -0.26 -35.76 19.79
N GLY B 106 0.96 -35.99 20.25
CA GLY B 106 2.15 -35.84 19.41
C GLY B 106 3.34 -35.28 20.19
N TYR B 107 3.08 -34.88 21.44
CA TYR B 107 4.11 -34.33 22.31
C TYR B 107 3.86 -34.80 23.74
N ALA B 108 4.85 -34.59 24.62
CA ALA B 108 4.73 -34.98 26.02
C ALA B 108 5.34 -33.91 26.90
N ILE B 109 5.50 -34.22 28.19
CA ILE B 109 6.09 -33.29 29.13
C ILE B 109 7.09 -33.97 30.04
N LEU B 110 8.36 -33.59 29.89
CA LEU B 110 9.43 -34.04 30.78
C LEU B 110 9.34 -33.26 32.09
N LYS B 111 9.54 -33.96 33.21
CA LYS B 111 9.45 -33.34 34.52
C LYS B 111 10.74 -33.54 35.31
N CYS B 112 11.34 -32.44 35.72
CA CYS B 112 12.58 -32.48 36.48
C CYS B 112 12.29 -32.67 37.97
N ASN B 113 12.67 -33.83 38.49
CA ASN B 113 12.41 -34.20 39.88
C ASN B 113 13.66 -34.16 40.75
N ASP B 114 14.76 -33.65 40.19
CA ASP B 114 16.00 -33.55 40.95
C ASP B 114 15.82 -32.65 42.16
N LYS B 115 16.45 -33.03 43.27
CA LYS B 115 16.29 -32.33 44.53
C LYS B 115 17.09 -31.03 44.60
N GLU B 116 18.12 -30.92 43.76
CA GLU B 116 19.15 -29.87 43.89
C GLU B 116 18.58 -28.50 44.32
N PHE B 117 17.95 -27.66 43.49
CA PHE B 117 18.00 -27.63 42.03
C PHE B 117 17.65 -26.20 41.61
N ASN B 118 18.54 -25.58 40.84
CA ASN B 118 18.43 -24.17 40.54
C ASN B 118 17.65 -23.86 39.27
N GLY B 119 17.15 -24.89 38.60
CA GLY B 119 16.28 -24.71 37.45
C GLY B 119 16.96 -24.70 36.10
N THR B 120 18.29 -24.77 36.11
CA THR B 120 19.07 -24.85 34.87
C THR B 120 20.09 -25.96 34.95
N GLY B 121 20.43 -26.52 33.80
CA GLY B 121 21.41 -27.59 33.71
C GLY B 121 20.80 -28.97 33.69
N LEU B 122 21.61 -29.96 34.06
CA LEU B 122 21.23 -31.36 33.93
C LEU B 122 20.31 -31.84 35.03
N CYS B 123 19.35 -32.68 34.64
CA CYS B 123 18.44 -33.34 35.57
C CYS B 123 18.62 -34.85 35.42
N LYS B 124 18.90 -35.53 36.51
CA LYS B 124 19.23 -36.96 36.48
C LYS B 124 18.05 -37.87 36.87
N ASN B 125 16.99 -37.29 37.42
CA ASN B 125 15.74 -38.00 37.68
C ASN B 125 14.63 -37.37 36.86
N VAL B 126 14.58 -37.74 35.58
CA VAL B 126 13.65 -37.14 34.63
C VAL B 126 12.46 -38.04 34.36
N SER B 127 11.46 -38.02 35.24
CA SER B 127 10.20 -38.69 34.95
C SER B 127 9.40 -37.81 34.01
N THR B 128 8.40 -38.39 33.34
CA THR B 128 7.60 -37.65 32.38
C THR B 128 6.11 -37.86 32.60
N VAL B 129 5.32 -36.84 32.28
CA VAL B 129 3.88 -36.86 32.45
C VAL B 129 3.18 -36.31 31.21
N GLN B 130 1.85 -36.36 31.23
CA GLN B 130 1.03 -35.85 30.13
C GLN B 130 0.51 -34.45 30.47
N CYS B 131 0.54 -34.12 31.76
CA CYS B 131 0.00 -32.84 32.22
C CYS B 131 0.66 -32.37 33.52
N THR B 132 0.59 -31.06 33.78
CA THR B 132 1.20 -30.46 34.96
C THR B 132 0.33 -30.63 36.20
N HIS B 133 0.82 -30.12 37.33
CA HIS B 133 0.09 -30.17 38.58
C HIS B 133 -0.92 -29.04 38.67
N GLY B 134 -1.62 -28.96 39.80
CA GLY B 134 -2.60 -27.91 40.02
C GLY B 134 -1.96 -26.56 40.24
N ILE B 135 -2.12 -25.67 39.26
CA ILE B 135 -1.55 -24.32 39.30
C ILE B 135 -2.60 -23.29 39.69
N ARG B 136 -2.39 -22.60 40.80
CA ARG B 136 -3.28 -21.53 41.23
C ARG B 136 -2.95 -20.22 40.49
N PRO B 137 -3.86 -19.73 39.63
CA PRO B 137 -3.54 -18.50 38.88
C PRO B 137 -3.62 -17.23 39.74
N VAL B 138 -2.82 -17.18 40.80
CA VAL B 138 -2.81 -16.03 41.69
C VAL B 138 -2.02 -14.86 41.09
N VAL B 139 -2.69 -13.74 40.88
CA VAL B 139 -2.05 -12.52 40.40
C VAL B 139 -1.64 -11.67 41.58
N SER B 140 -0.34 -11.47 41.76
CA SER B 140 0.17 -10.73 42.91
C SER B 140 1.60 -10.24 42.69
N THR B 141 2.03 -9.33 43.56
CA THR B 141 3.39 -8.81 43.55
C THR B 141 4.08 -9.09 44.87
N GLN B 142 5.40 -9.12 44.84
CA GLN B 142 6.24 -9.32 46.02
C GLN B 142 6.04 -10.71 46.65
N LEU B 143 4.81 -11.02 47.06
CA LEU B 143 4.51 -12.30 47.70
C LEU B 143 3.80 -13.28 46.75
N LEU B 144 4.24 -14.54 46.77
CA LEU B 144 3.57 -15.61 46.03
C LEU B 144 2.62 -16.36 46.95
N LEU B 145 1.37 -16.50 46.54
CA LEU B 145 0.33 -17.10 47.38
C LEU B 145 -0.20 -18.41 46.81
N ASN B 146 -0.54 -19.33 47.71
CA ASN B 146 -1.17 -20.59 47.35
C ASN B 146 -0.37 -21.41 46.34
N GLY B 147 0.95 -21.28 46.37
CA GLY B 147 1.81 -22.02 45.46
C GLY B 147 2.21 -23.38 46.01
N SER B 148 3.23 -23.97 45.40
CA SER B 148 3.79 -25.25 45.87
C SER B 148 5.06 -25.01 46.66
N LEU B 149 5.27 -25.85 47.68
CA LEU B 149 6.41 -25.70 48.57
C LEU B 149 7.62 -26.46 48.06
N ALA B 150 8.80 -25.98 48.41
CA ALA B 150 10.03 -26.72 48.15
C ALA B 150 9.98 -28.03 48.94
N GLU B 151 10.42 -29.12 48.32
CA GLU B 151 10.27 -30.44 48.91
C GLU B 151 11.12 -30.62 50.16
N GLY B 152 12.37 -30.16 50.09
CA GLY B 152 13.28 -30.25 51.22
C GLY B 152 13.54 -28.88 51.82
N LYS B 153 14.56 -28.20 51.30
CA LYS B 153 14.93 -26.88 51.79
C LYS B 153 14.36 -25.78 50.89
N VAL B 154 14.25 -24.57 51.45
CA VAL B 154 13.96 -23.40 50.64
C VAL B 154 15.02 -23.32 49.55
N MET B 155 14.59 -22.99 48.34
CA MET B 155 15.51 -22.91 47.20
C MET B 155 15.37 -21.59 46.48
N ILE B 156 16.51 -20.98 46.16
CA ILE B 156 16.55 -19.71 45.44
C ILE B 156 17.15 -19.90 44.06
N ARG B 157 16.58 -19.21 43.08
CA ARG B 157 16.96 -19.39 41.68
C ARG B 157 17.02 -18.06 40.96
N SER B 158 17.99 -17.91 40.07
CA SER B 158 18.14 -16.67 39.31
C SER B 158 18.78 -16.91 37.95
N GLU B 159 18.51 -16.01 37.01
CA GLU B 159 19.10 -16.07 35.68
C GLU B 159 20.61 -15.86 35.75
N ASN B 160 21.03 -14.98 36.65
CA ASN B 160 22.44 -14.64 36.79
C ASN B 160 22.67 -13.97 38.13
N ILE B 161 23.23 -14.71 39.06
CA ILE B 161 23.46 -14.21 40.42
C ILE B 161 24.38 -12.99 40.40
N THR B 162 25.29 -12.95 39.42
CA THR B 162 26.30 -11.90 39.36
C THR B 162 25.73 -10.58 38.85
N ASN B 163 24.56 -10.63 38.23
CA ASN B 163 23.89 -9.43 37.73
C ASN B 163 22.88 -8.92 38.76
N ASN B 164 22.39 -7.69 38.58
CA ASN B 164 21.51 -7.05 39.57
C ASN B 164 20.12 -6.69 39.06
N VAL B 165 19.93 -6.71 37.74
CA VAL B 165 18.64 -6.34 37.16
C VAL B 165 17.65 -7.50 37.21
N LYS B 166 18.16 -8.71 37.39
CA LYS B 166 17.34 -9.91 37.33
C LYS B 166 16.74 -10.29 38.68
N ASN B 167 15.46 -10.65 38.66
CA ASN B 167 14.72 -10.96 39.88
C ASN B 167 15.14 -12.28 40.51
N ILE B 168 15.07 -12.32 41.84
CA ILE B 168 15.34 -13.54 42.60
C ILE B 168 14.03 -14.16 43.06
N ILE B 169 13.80 -15.42 42.69
CA ILE B 169 12.57 -16.13 43.06
C ILE B 169 12.85 -17.11 44.19
N VAL B 170 12.18 -16.91 45.33
CA VAL B 170 12.32 -17.77 46.50
C VAL B 170 11.14 -18.74 46.62
N GLN B 171 11.43 -20.00 46.94
CA GLN B 171 10.41 -21.02 47.15
C GLN B 171 10.53 -21.63 48.55
N LEU B 172 9.54 -21.42 49.40
CA LEU B 172 9.58 -21.85 50.80
C LEU B 172 9.32 -23.35 50.99
N ASN B 173 9.82 -23.95 52.08
CA ASN B 173 9.44 -25.33 52.45
C ASN B 173 8.44 -25.36 53.59
N GLU B 174 7.89 -24.19 53.94
CA GLU B 174 6.78 -24.11 54.88
C GLU B 174 5.86 -22.94 54.53
N SER B 175 4.57 -23.23 54.46
CA SER B 175 3.57 -22.21 54.17
C SER B 175 3.39 -21.27 55.36
N VAL B 176 3.19 -19.99 55.06
CA VAL B 176 2.85 -19.00 56.08
C VAL B 176 1.47 -18.46 55.80
N THR B 177 0.51 -18.79 56.65
CA THR B 177 -0.86 -18.35 56.48
C THR B 177 -1.00 -16.86 56.78
N ILE B 178 -1.64 -16.13 55.86
CA ILE B 178 -1.87 -14.71 56.03
C ILE B 178 -3.37 -14.41 55.91
N ASN B 179 -3.91 -13.68 56.89
CA ASN B 179 -5.32 -13.33 56.92
C ASN B 179 -5.55 -11.83 56.85
N CYS B 180 -6.16 -11.38 55.76
CA CYS B 180 -6.53 -9.98 55.59
C CYS B 180 -8.04 -9.85 55.66
N THR B 181 -8.51 -8.83 56.38
CA THR B 181 -9.94 -8.64 56.61
C THR B 181 -10.34 -7.17 56.55
N ARG B 182 -11.50 -6.92 55.93
CA ARG B 182 -12.08 -5.58 55.87
C ARG B 182 -13.37 -5.53 56.68
N PRO B 183 -13.33 -4.94 57.89
CA PRO B 183 -14.53 -4.96 58.75
C PRO B 183 -15.71 -4.19 58.16
N ASN B 184 -16.89 -4.38 58.75
CA ASN B 184 -18.14 -3.78 58.24
C ASN B 184 -18.32 -2.29 58.58
N ASN B 185 -17.22 -1.59 58.82
CA ASN B 185 -17.29 -0.16 59.14
C ASN B 185 -17.89 0.65 58.00
N SER B 190 -20.31 1.20 63.00
CA SER B 190 -18.95 1.53 63.40
C SER B 190 -18.41 2.70 62.58
N GLY B 191 -18.03 3.76 63.28
CA GLY B 191 -17.47 4.93 62.64
C GLY B 191 -16.10 4.65 62.05
N GLY B 192 -16.09 4.11 60.83
CA GLY B 192 -14.85 3.78 60.15
C GLY B 192 -15.03 3.78 58.64
N ASP B 193 -13.92 3.96 57.93
CA ASP B 193 -13.95 4.03 56.47
C ASP B 193 -14.19 2.64 55.87
N ILE B 194 -14.96 2.58 54.79
CA ILE B 194 -15.30 1.32 54.15
C ILE B 194 -14.11 0.72 53.40
N ARG B 195 -13.00 1.44 53.33
CA ARG B 195 -11.82 0.98 52.60
C ARG B 195 -10.66 0.64 53.53
N GLN B 196 -10.88 0.78 54.84
CA GLN B 196 -9.87 0.44 55.83
C GLN B 196 -9.85 -1.06 56.09
N ALA B 197 -8.66 -1.64 55.94
CA ALA B 197 -8.46 -3.06 56.20
C ALA B 197 -7.09 -3.29 56.83
N HIS B 198 -6.83 -4.53 57.24
CA HIS B 198 -5.56 -4.90 57.84
C HIS B 198 -5.22 -6.34 57.48
N CYS B 199 -3.93 -6.68 57.51
CA CYS B 199 -3.46 -8.03 57.27
C CYS B 199 -2.68 -8.54 58.48
N ASN B 200 -2.95 -9.78 58.89
CA ASN B 200 -2.35 -10.35 60.09
C ASN B 200 -1.57 -11.63 59.83
N VAL B 201 -0.39 -11.73 60.44
CA VAL B 201 0.42 -12.95 60.38
C VAL B 201 1.18 -13.12 61.69
N SER B 202 1.47 -14.36 62.06
CA SER B 202 2.17 -14.67 63.30
C SER B 202 3.60 -14.11 63.29
N GLY B 203 3.93 -13.36 64.34
CA GLY B 203 5.25 -12.78 64.48
C GLY B 203 6.32 -13.83 64.68
N SER B 204 6.02 -14.83 65.51
CA SER B 204 6.98 -15.89 65.82
C SER B 204 7.31 -16.72 64.59
N GLN B 205 6.32 -16.94 63.74
CA GLN B 205 6.51 -17.74 62.53
C GLN B 205 7.47 -17.06 61.56
N TRP B 206 7.37 -15.75 61.45
CA TRP B 206 8.24 -14.99 60.56
C TRP B 206 9.70 -15.04 61.00
N ASN B 207 9.92 -15.03 62.31
CA ASN B 207 11.27 -15.01 62.87
C ASN B 207 12.01 -16.34 62.73
N LYS B 208 11.46 -17.26 61.93
CA LYS B 208 12.09 -18.56 61.68
C LYS B 208 12.17 -18.83 60.18
N THR B 209 11.12 -18.47 59.45
CA THR B 209 11.12 -18.62 58.00
C THR B 209 12.23 -17.76 57.39
N LEU B 210 12.31 -16.52 57.86
CA LEU B 210 13.31 -15.58 57.35
C LEU B 210 14.73 -16.07 57.65
N HIS B 211 14.92 -16.69 58.80
CA HIS B 211 16.24 -17.19 59.21
C HIS B 211 16.83 -18.16 58.20
N GLN B 212 16.00 -19.08 57.71
CA GLN B 212 16.47 -20.15 56.82
C GLN B 212 16.77 -19.63 55.42
N VAL B 213 16.01 -18.64 54.94
CA VAL B 213 16.26 -18.06 53.63
C VAL B 213 17.60 -17.33 53.64
N VAL B 214 17.85 -16.57 54.70
CA VAL B 214 19.08 -15.79 54.85
C VAL B 214 20.31 -16.69 54.83
N GLU B 215 20.20 -17.88 55.44
CA GLU B 215 21.29 -18.84 55.44
C GLU B 215 21.66 -19.24 54.01
N GLN B 216 20.65 -19.37 53.17
CA GLN B 216 20.84 -19.78 51.78
C GLN B 216 21.32 -18.62 50.91
N LEU B 217 20.91 -17.41 51.24
CA LEU B 217 21.36 -16.22 50.53
C LEU B 217 22.87 -16.08 50.70
N ARG B 218 23.35 -16.46 51.89
CA ARG B 218 24.79 -16.54 52.13
C ARG B 218 25.37 -17.71 51.34
N LYS B 219 26.65 -18.00 51.55
CA LYS B 219 27.36 -19.07 50.85
C LYS B 219 27.66 -18.68 49.40
N TYR B 220 26.67 -18.12 48.70
CA TYR B 220 26.87 -17.58 47.37
C TYR B 220 27.63 -16.26 47.46
N TRP B 221 27.25 -15.44 48.44
CA TRP B 221 27.81 -14.11 48.62
C TRP B 221 28.72 -14.04 49.84
N ASN B 222 29.55 -15.07 50.01
CA ASN B 222 30.50 -15.11 51.12
C ASN B 222 29.79 -15.01 52.47
N ASN B 223 30.52 -14.57 53.50
CA ASN B 223 29.96 -14.41 54.84
C ASN B 223 29.51 -12.97 55.10
N ASN B 224 28.94 -12.34 54.09
CA ASN B 224 28.38 -11.00 54.24
C ASN B 224 27.04 -11.06 54.97
N THR B 225 26.75 -10.04 55.77
CA THR B 225 25.50 -9.98 56.51
C THR B 225 24.41 -9.32 55.68
N ILE B 226 23.20 -9.86 55.79
CA ILE B 226 22.08 -9.39 55.00
C ILE B 226 21.16 -8.52 55.84
N ILE B 227 20.75 -7.39 55.26
CA ILE B 227 19.76 -6.52 55.86
C ILE B 227 18.62 -6.29 54.86
N PHE B 228 17.39 -6.33 55.36
CA PHE B 228 16.22 -6.14 54.50
C PHE B 228 15.58 -4.77 54.74
N ASN B 229 15.23 -4.10 53.65
CA ASN B 229 14.54 -2.82 53.69
C ASN B 229 13.35 -2.85 52.75
N SER B 230 12.44 -1.90 52.92
CA SER B 230 11.25 -1.83 52.10
C SER B 230 11.58 -1.43 50.67
N SER B 231 10.59 -1.48 49.80
CA SER B 231 10.75 -1.14 48.39
C SER B 231 11.34 0.27 48.23
N SER B 232 12.12 0.45 47.17
CA SER B 232 12.80 1.73 46.93
C SER B 232 11.87 2.76 46.27
N GLY B 233 10.75 2.29 45.74
CA GLY B 233 9.76 3.18 45.15
C GLY B 233 9.24 2.71 43.81
N GLY B 234 8.30 3.48 43.25
CA GLY B 234 7.67 3.15 41.99
C GLY B 234 6.17 3.29 42.11
N ASP B 235 5.41 2.57 41.28
CA ASP B 235 3.97 2.53 41.42
C ASP B 235 3.61 1.93 42.78
N LEU B 236 2.45 2.31 43.30
CA LEU B 236 2.00 1.83 44.61
C LEU B 236 1.86 0.31 44.58
N GLU B 237 1.70 -0.23 43.38
CA GLU B 237 1.36 -1.64 43.22
C GLU B 237 2.55 -2.59 43.31
N ILE B 238 3.75 -2.07 43.09
CA ILE B 238 4.97 -2.87 43.23
C ILE B 238 5.72 -2.53 44.52
N THR B 239 5.37 -1.40 45.13
CA THR B 239 5.94 -1.04 46.43
C THR B 239 5.23 -1.77 47.57
N THR B 240 3.95 -2.10 47.33
CA THR B 240 3.12 -2.80 48.31
C THR B 240 2.81 -4.23 47.89
N HIS B 241 2.33 -5.04 48.82
CA HIS B 241 1.80 -6.35 48.47
C HIS B 241 0.44 -6.16 47.83
N SER B 242 0.34 -6.43 46.54
CA SER B 242 -0.90 -6.25 45.81
C SER B 242 -1.45 -7.59 45.38
N PHE B 243 -2.76 -7.73 45.42
CA PHE B 243 -3.45 -8.95 45.04
C PHE B 243 -4.96 -8.73 44.94
N ASN B 244 -5.65 -9.69 44.35
CA ASN B 244 -7.10 -9.61 44.19
C ASN B 244 -7.82 -10.52 45.17
N CYS B 245 -8.74 -9.95 45.95
CA CYS B 245 -9.51 -10.70 46.93
C CYS B 245 -11.01 -10.47 46.76
N GLY B 246 -11.72 -11.52 46.36
CA GLY B 246 -13.16 -11.47 46.23
C GLY B 246 -13.66 -10.52 45.17
N GLY B 247 -12.80 -10.22 44.19
CA GLY B 247 -13.17 -9.38 43.07
C GLY B 247 -12.74 -7.94 43.27
N GLU B 248 -12.22 -7.66 44.46
CA GLU B 248 -11.73 -6.32 44.80
C GLU B 248 -10.20 -6.27 44.72
N PHE B 249 -9.59 -5.32 45.41
CA PHE B 249 -8.15 -5.12 45.32
C PHE B 249 -7.56 -4.65 46.65
N PHE B 250 -6.70 -5.47 47.23
CA PHE B 250 -6.06 -5.16 48.50
C PHE B 250 -4.62 -4.66 48.33
N TYR B 251 -4.22 -3.69 49.15
CA TYR B 251 -2.88 -3.12 49.11
C TYR B 251 -2.26 -3.06 50.50
N CYS B 252 -1.34 -3.98 50.79
CA CYS B 252 -0.75 -4.08 52.14
C CYS B 252 0.62 -3.42 52.26
N ASN B 253 0.78 -2.60 53.30
CA ASN B 253 2.04 -1.89 53.58
C ASN B 253 3.11 -2.82 54.15
N THR B 254 4.31 -2.74 53.61
CA THR B 254 5.37 -3.72 53.90
C THR B 254 6.56 -3.18 54.68
N SER B 255 6.45 -1.97 55.24
CA SER B 255 7.57 -1.41 55.98
C SER B 255 7.91 -2.28 57.19
N GLY B 256 6.88 -2.88 57.77
CA GLY B 256 7.05 -3.70 58.96
C GLY B 256 7.48 -5.12 58.66
N LEU B 257 7.26 -5.56 57.41
CA LEU B 257 7.58 -6.94 57.04
C LEU B 257 9.06 -7.10 56.75
N PHE B 258 9.70 -6.02 56.32
CA PHE B 258 11.12 -6.05 55.95
C PHE B 258 11.94 -5.16 56.89
N ASN B 259 11.65 -5.26 58.18
CA ASN B 259 12.37 -4.50 59.19
C ASN B 259 13.81 -4.99 59.30
N GLY B 265 13.69 -15.41 66.79
CA GLY B 265 13.25 -14.20 67.48
C GLY B 265 13.64 -14.20 68.94
N THR B 266 14.01 -13.02 69.45
CA THR B 266 14.37 -12.87 70.86
C THR B 266 13.94 -11.50 71.38
N ALA B 267 14.26 -10.46 70.62
CA ALA B 267 13.95 -9.09 71.02
C ALA B 267 12.45 -8.88 71.14
N SER B 268 12.06 -7.77 71.78
CA SER B 268 10.65 -7.42 71.93
C SER B 268 10.02 -7.15 70.56
N ILE B 269 8.72 -6.91 70.55
CA ILE B 269 7.95 -6.64 69.32
C ILE B 269 7.77 -7.90 68.46
N GLU B 270 8.81 -8.73 68.38
CA GLU B 270 8.76 -9.94 67.57
C GLU B 270 7.92 -11.02 68.25
N ASN B 271 7.85 -10.98 69.58
CA ASN B 271 7.00 -11.91 70.33
C ASN B 271 5.57 -11.37 70.35
N GLY B 272 4.87 -11.57 69.24
CA GLY B 272 3.51 -11.08 69.11
C GLY B 272 2.99 -11.29 67.69
N THR B 273 2.21 -10.34 67.21
CA THR B 273 1.65 -10.42 65.86
C THR B 273 2.11 -9.24 65.01
N ILE B 274 2.40 -9.51 63.74
CA ILE B 274 2.62 -8.45 62.77
C ILE B 274 1.29 -8.09 62.13
N THR B 275 0.90 -6.82 62.27
CA THR B 275 -0.32 -6.32 61.65
C THR B 275 0.03 -5.34 60.52
N LEU B 276 -0.25 -5.76 59.28
CA LEU B 276 0.00 -4.92 58.13
C LEU B 276 -1.28 -4.18 57.74
N PRO B 277 -1.22 -2.84 57.61
CA PRO B 277 -2.41 -2.10 57.21
C PRO B 277 -2.71 -2.25 55.72
N CYS B 278 -3.98 -2.45 55.37
CA CYS B 278 -4.38 -2.64 53.99
C CYS B 278 -5.44 -1.62 53.56
N ARG B 279 -5.44 -1.29 52.28
CA ARG B 279 -6.41 -0.36 51.71
C ARG B 279 -7.05 -0.93 50.46
N ILE B 280 -8.35 -0.72 50.32
CA ILE B 280 -9.07 -1.09 49.10
C ILE B 280 -9.14 0.11 48.18
N LYS B 281 -8.66 -0.06 46.94
CA LYS B 281 -8.65 1.02 45.97
C LYS B 281 -9.57 0.70 44.79
N GLN B 282 -10.10 1.75 44.17
CA GLN B 282 -10.97 1.63 43.02
C GLN B 282 -10.20 1.74 41.71
N ILE B 283 -9.10 2.50 41.75
CA ILE B 283 -8.28 2.76 40.56
C ILE B 283 -6.98 1.97 40.61
N ILE B 284 -6.74 1.18 39.56
CA ILE B 284 -5.57 0.29 39.49
C ILE B 284 -4.85 0.41 38.15
N ASN B 285 -3.53 0.31 38.18
CA ASN B 285 -2.74 0.17 36.95
C ASN B 285 -2.77 -1.28 36.47
N MET B 286 -3.12 -1.49 35.21
CA MET B 286 -3.32 -2.84 34.69
C MET B 286 -2.01 -3.61 34.54
N TRP B 287 -2.06 -4.90 34.85
CA TRP B 287 -0.92 -5.79 34.66
C TRP B 287 -1.00 -6.48 33.29
N GLN B 288 -2.21 -6.56 32.75
CA GLN B 288 -2.44 -7.19 31.46
C GLN B 288 -1.83 -6.35 30.35
N ARG B 289 -1.80 -5.04 30.58
CA ARG B 289 -1.36 -4.09 29.56
C ARG B 289 -1.02 -2.77 30.23
N VAL B 290 -0.17 -1.98 29.61
CA VAL B 290 0.14 -0.66 30.16
C VAL B 290 -1.10 0.21 30.08
N GLY B 291 -1.64 0.56 31.24
CA GLY B 291 -2.83 1.37 31.30
C GLY B 291 -3.44 1.39 32.69
N GLN B 292 -4.55 2.12 32.83
CA GLN B 292 -5.26 2.24 34.10
C GLN B 292 -6.70 1.79 33.95
N ALA B 293 -7.27 1.26 35.02
CA ALA B 293 -8.63 0.73 34.99
C ALA B 293 -9.39 1.12 36.25
N ILE B 294 -10.69 1.33 36.09
CA ILE B 294 -11.56 1.72 37.20
C ILE B 294 -12.67 0.70 37.40
N TYR B 295 -12.81 0.23 38.64
CA TYR B 295 -13.87 -0.69 39.01
C TYR B 295 -14.86 0.03 39.92
N ALA B 296 -16.01 -0.60 40.15
CA ALA B 296 -17.05 -0.01 40.98
C ALA B 296 -16.65 -0.03 42.45
N PRO B 297 -17.32 0.76 43.29
CA PRO B 297 -16.97 0.79 44.71
C PRO B 297 -17.09 -0.58 45.37
N PRO B 298 -16.44 -0.78 46.52
CA PRO B 298 -16.43 -2.08 47.20
C PRO B 298 -17.81 -2.53 47.69
N ILE B 299 -18.03 -3.84 47.69
CA ILE B 299 -19.25 -4.42 48.25
C ILE B 299 -19.30 -4.21 49.76
N GLN B 300 -20.49 -4.34 50.33
CA GLN B 300 -20.66 -4.25 51.78
C GLN B 300 -20.33 -5.58 52.43
N GLY B 301 -20.21 -5.58 53.76
CA GLY B 301 -20.01 -6.79 54.52
C GLY B 301 -18.56 -7.17 54.72
N VAL B 302 -18.33 -8.29 55.39
CA VAL B 302 -16.99 -8.78 55.66
C VAL B 302 -16.34 -9.32 54.39
N ILE B 303 -15.10 -8.91 54.15
CA ILE B 303 -14.32 -9.42 53.03
C ILE B 303 -13.03 -10.03 53.57
N ARG B 304 -12.89 -11.35 53.40
CA ARG B 304 -11.78 -12.08 54.00
C ARG B 304 -11.22 -13.16 53.07
N CYS B 305 -9.90 -13.31 53.09
CA CYS B 305 -9.22 -14.36 52.33
C CYS B 305 -8.03 -14.89 53.13
N VAL B 306 -7.93 -16.21 53.21
CA VAL B 306 -6.81 -16.87 53.88
C VAL B 306 -5.94 -17.56 52.84
N SER B 307 -4.66 -17.17 52.78
CA SER B 307 -3.75 -17.66 51.75
C SER B 307 -2.43 -18.17 52.33
N ASN B 308 -1.84 -19.14 51.64
CA ASN B 308 -0.52 -19.66 51.99
C ASN B 308 0.58 -18.90 51.27
N ILE B 309 1.42 -18.21 52.02
CA ILE B 309 2.62 -17.60 51.44
C ILE B 309 3.62 -18.71 51.18
N THR B 310 3.96 -18.92 49.91
CA THR B 310 4.81 -20.03 49.50
C THR B 310 6.07 -19.57 48.78
N GLY B 311 6.18 -18.27 48.51
CA GLY B 311 7.34 -17.74 47.82
C GLY B 311 7.41 -16.23 47.81
N LEU B 312 8.57 -15.71 47.42
CA LEU B 312 8.81 -14.27 47.35
C LEU B 312 9.59 -13.92 46.08
N ILE B 313 9.49 -12.66 45.66
CA ILE B 313 10.27 -12.12 44.56
C ILE B 313 11.16 -10.99 45.07
N LEU B 314 12.47 -11.11 44.85
CA LEU B 314 13.43 -10.13 45.36
C LEU B 314 14.29 -9.51 44.25
N THR B 315 14.75 -8.30 44.52
CA THR B 315 15.80 -7.66 43.73
C THR B 315 16.92 -7.25 44.69
N ARG B 316 18.16 -7.27 44.22
CA ARG B 316 19.32 -6.97 45.05
C ARG B 316 19.96 -5.64 44.68
N ASP B 317 20.24 -4.82 45.69
CA ASP B 317 20.93 -3.55 45.49
C ASP B 317 22.35 -3.79 44.99
N GLY B 318 22.83 -2.89 44.15
CA GLY B 318 24.16 -3.01 43.55
C GLY B 318 24.92 -1.70 43.59
N GLY B 319 25.77 -1.50 42.58
CA GLY B 319 26.58 -0.31 42.50
C GLY B 319 27.76 -0.38 43.45
N GLY B 320 27.47 -0.43 44.75
CA GLY B 320 28.51 -0.46 45.76
C GLY B 320 29.28 -1.76 45.78
N ASN B 321 30.46 -1.73 46.39
CA ASN B 321 31.33 -2.90 46.47
C ASN B 321 30.88 -3.85 47.57
N SER B 322 31.81 -4.65 48.08
CA SER B 322 31.55 -5.52 49.22
C SER B 322 31.57 -4.72 50.52
N ASN B 323 30.52 -3.94 50.75
CA ASN B 323 30.40 -3.13 51.96
C ASN B 323 29.83 -3.94 53.13
N GLU B 324 30.01 -5.26 53.07
CA GLU B 324 29.50 -6.19 54.08
C GLU B 324 27.98 -6.38 54.01
N ASN B 325 27.31 -5.50 53.26
CA ASN B 325 25.88 -5.60 53.05
C ASN B 325 25.56 -5.60 51.57
N GLU B 326 24.54 -6.35 51.19
CA GLU B 326 24.10 -6.42 49.80
C GLU B 326 22.67 -5.90 49.68
N THR B 327 21.90 -6.08 50.75
CA THR B 327 20.54 -5.54 50.87
C THR B 327 19.56 -6.06 49.81
N PHE B 328 18.43 -6.60 50.28
CA PHE B 328 17.37 -7.09 49.40
C PHE B 328 16.06 -6.35 49.69
N ARG B 329 15.32 -6.07 48.62
CA ARG B 329 13.99 -5.45 48.71
C ARG B 329 13.00 -6.28 47.91
N PRO B 330 11.70 -6.22 48.28
CA PRO B 330 10.69 -6.94 47.51
C PRO B 330 10.50 -6.37 46.11
N GLY B 331 10.27 -7.24 45.13
CA GLY B 331 10.12 -6.82 43.75
C GLY B 331 8.87 -7.41 43.12
N GLY B 332 9.01 -7.87 41.89
CA GLY B 332 7.88 -8.39 41.12
C GLY B 332 7.39 -7.33 40.16
N GLY B 333 6.19 -7.57 39.60
CA GLY B 333 5.61 -6.68 38.61
C GLY B 333 5.37 -7.46 37.33
N ASP B 334 6.38 -8.18 36.88
CA ASP B 334 6.25 -9.10 35.77
C ASP B 334 5.61 -10.39 36.29
N MET B 335 4.34 -10.59 35.95
CA MET B 335 3.60 -11.76 36.44
C MET B 335 4.14 -13.07 35.88
N ARG B 336 5.01 -12.96 34.88
CA ARG B 336 5.69 -14.14 34.35
C ARG B 336 6.55 -14.79 35.43
N ASP B 337 7.09 -13.96 36.33
CA ASP B 337 7.89 -14.47 37.44
C ASP B 337 7.05 -15.25 38.43
N ASN B 338 5.77 -14.89 38.55
CA ASN B 338 4.85 -15.64 39.39
C ASN B 338 4.55 -17.02 38.80
N TRP B 339 4.38 -17.08 37.49
CA TRP B 339 4.07 -18.33 36.80
C TRP B 339 5.29 -19.23 36.77
N ARG B 340 6.45 -18.64 36.57
CA ARG B 340 7.69 -19.38 36.43
C ARG B 340 8.05 -20.17 37.69
N SER B 341 7.64 -19.65 38.84
CA SER B 341 8.02 -20.26 40.13
C SER B 341 7.44 -21.66 40.31
N GLU B 342 6.41 -21.98 39.52
CA GLU B 342 5.75 -23.28 39.59
C GLU B 342 6.06 -24.12 38.37
N LEU B 343 6.29 -23.45 37.24
CA LEU B 343 6.45 -24.10 35.96
C LEU B 343 7.91 -24.36 35.62
N TYR B 344 8.80 -24.09 36.58
CA TYR B 344 10.24 -24.19 36.36
C TYR B 344 10.71 -25.60 36.00
N LYS B 345 10.06 -26.62 36.56
CA LYS B 345 10.57 -27.99 36.48
C LYS B 345 10.00 -28.80 35.32
N TYR B 346 9.32 -28.14 34.38
CA TYR B 346 8.71 -28.83 33.25
C TYR B 346 9.31 -28.39 31.92
N LYS B 347 9.17 -29.24 30.91
CA LYS B 347 9.60 -28.92 29.55
C LYS B 347 8.84 -29.79 28.55
N VAL B 348 8.58 -29.23 27.37
CA VAL B 348 7.84 -29.95 26.33
C VAL B 348 8.81 -30.48 25.28
N VAL B 349 8.51 -31.67 24.74
CA VAL B 349 9.32 -32.30 23.70
C VAL B 349 8.49 -32.80 22.54
N LYS B 350 9.12 -32.96 21.38
CA LYS B 350 8.44 -33.40 20.17
C LYS B 350 8.60 -34.89 19.93
N ILE B 351 7.58 -35.47 19.31
CA ILE B 351 7.59 -36.86 18.83
C ILE B 351 7.51 -37.89 19.97
N GLU B 352 8.66 -38.22 20.56
CA GLU B 352 8.70 -39.29 21.57
C GLU B 352 9.65 -38.94 22.71
CA MPT C 1 -29.06 14.71 42.46
C MPT C 1 -29.89 13.63 41.84
O MPT C 1 -31.04 13.96 41.42
CB MPT C 1 -28.78 14.53 43.91
SG MPT C 1 -30.18 14.22 44.95
N ASN C 2 -29.42 12.33 41.90
CA ASN C 2 -30.47 11.34 41.70
C ASN C 2 -31.17 11.01 42.99
N LEU C 3 -32.31 11.67 43.21
CA LEU C 3 -33.01 11.58 44.49
C LEU C 3 -33.41 10.16 44.88
N HIS C 4 -33.94 9.37 43.94
CA HIS C 4 -34.37 8.01 44.28
C HIS C 4 -33.22 7.17 44.82
N PHE C 5 -32.09 7.17 44.11
CA PHE C 5 -30.96 6.37 44.54
C PHE C 5 -30.33 6.98 45.79
N CYS C 6 -30.38 8.30 45.91
CA CYS C 6 -29.97 8.95 47.13
C CYS C 6 -30.81 8.45 48.29
N GLN C 7 -32.12 8.39 48.08
CA GLN C 7 -33.00 7.86 49.10
C GLN C 7 -32.71 6.38 49.33
N LEU C 8 -32.44 5.66 48.26
CA LEU C 8 -32.15 4.23 48.35
C LEU C 8 -30.86 3.95 49.13
N ARG C 9 -29.96 4.93 49.18
CA ARG C 9 -28.68 4.77 49.87
C ARG C 9 -28.75 5.17 51.34
N CYS C 10 -29.40 6.29 51.62
CA CYS C 10 -29.42 6.84 52.97
C CYS C 10 -30.18 5.98 54.01
N LYS C 11 -31.35 5.46 53.65
CA LYS C 11 -32.09 4.62 54.61
C LYS C 11 -31.30 3.40 55.05
N SER C 12 -30.32 2.98 54.25
CA SER C 12 -29.46 1.89 54.65
C SER C 12 -28.47 2.33 55.74
N LEU C 13 -28.48 3.62 56.05
CA LEU C 13 -27.75 4.16 57.20
C LEU C 13 -28.75 4.53 58.28
N GLY C 14 -30.03 4.29 58.01
CA GLY C 14 -31.10 4.64 58.92
C GLY C 14 -31.69 6.01 58.65
N LEU C 15 -31.38 6.57 57.48
CA LEU C 15 -31.58 7.99 57.23
C LEU C 15 -32.40 8.27 55.96
N LEU C 16 -33.04 9.43 55.90
CA LEU C 16 -33.68 9.88 54.67
C LEU C 16 -32.65 10.60 53.80
N GLY C 17 -32.89 10.60 52.48
CA GLY C 17 -32.02 11.29 51.55
C GLY C 17 -32.69 12.52 50.96
N ARG C 18 -31.88 13.51 50.62
CA ARG C 18 -32.37 14.69 49.91
C ARG C 18 -31.22 15.25 49.11
N CYS C 19 -31.54 16.01 48.07
CA CYS C 19 -30.48 16.63 47.28
C CYS C 19 -29.88 17.82 47.99
N ALA C 20 -28.57 17.96 47.80
CA ALA C 20 -27.81 19.15 48.15
C ALA C 20 -27.21 19.61 46.83
N DPR C 21 -27.95 20.40 46.08
CA DPR C 21 -27.55 20.70 44.71
CB DPR C 21 -28.61 21.71 44.24
CG DPR C 21 -29.79 21.40 45.07
CD DPR C 21 -29.29 20.93 46.39
C DPR C 21 -27.58 19.43 43.89
O DPR C 21 -28.61 18.76 43.83
N THR C 22 -26.44 19.08 43.32
CA THR C 22 -26.31 17.91 42.47
C THR C 22 -25.82 16.69 43.26
N U2X C 23 -25.66 16.86 44.58
C U2X C 23 -26.23 15.18 46.31
O U2X C 23 -27.23 15.81 46.64
CA U2X C 23 -25.20 15.81 45.44
CB U2X C 23 -24.06 16.23 46.31
CG U2X C 23 -22.93 17.01 45.73
CD1 U2X C 23 -22.08 16.41 44.77
CD2 U2X C 23 -22.72 18.31 46.18
CE1 U2X C 23 -20.96 17.17 44.22
CE2 U2X C 23 -21.55 19.09 45.62
CZ U2X C 23 -20.73 18.50 44.69
OH U2X C 23 -19.68 19.21 44.18
C7 U2X C 23 -18.54 18.53 43.79
C1 U2X C 23 -14.98 20.01 43.60
C2 U2X C 23 -16.40 20.02 43.12
C3 U2X C 23 -17.24 19.22 44.17
C4 U2X C 23 -17.18 19.99 45.55
C5 U2X C 23 -15.68 20.09 45.96
C6 U2X C 23 -14.89 20.76 44.88
N CYS C 24 -25.99 13.95 46.70
CA CYS C 24 -26.85 13.25 47.64
C CYS C 24 -26.42 13.56 49.06
N ALA C 25 -27.38 13.98 49.88
CA ALA C 25 -27.16 14.17 51.31
C ALA C 25 -28.11 13.29 52.10
N CYS C 26 -27.61 12.64 53.15
CA CYS C 26 -28.44 11.91 54.09
C CYS C 26 -28.82 12.83 55.25
N VAL C 27 -30.07 12.68 55.78
CA VAL C 27 -30.61 13.64 56.73
C VAL C 27 -30.36 13.32 58.19
N NH2 C 28 -29.38 14.08 58.93
N ASP D 1 -7.82 31.81 19.61
CA ASP D 1 -7.54 33.26 19.37
C ASP D 1 -8.53 33.83 18.35
N ILE D 2 -9.03 35.03 18.65
CA ILE D 2 -10.00 35.69 17.79
C ILE D 2 -9.32 36.49 16.67
N GLN D 3 -9.95 36.45 15.50
CA GLN D 3 -9.37 36.96 14.26
C GLN D 3 -10.36 37.94 13.63
N MET D 4 -9.86 39.10 13.22
CA MET D 4 -10.68 40.10 12.56
C MET D 4 -10.42 40.13 11.06
N THR D 5 -11.49 39.97 10.29
CA THR D 5 -11.43 40.01 8.84
C THR D 5 -12.34 41.09 8.27
N GLN D 6 -11.77 42.00 7.51
CA GLN D 6 -12.50 43.14 6.95
C GLN D 6 -12.79 42.82 5.50
N SER D 7 -13.96 43.24 5.00
CA SER D 7 -14.23 43.11 3.58
C SER D 7 -15.01 44.31 3.05
N PRO D 8 -14.75 44.71 1.79
CA PRO D 8 -13.69 44.10 0.98
C PRO D 8 -12.31 44.58 1.42
N SER D 9 -11.26 44.03 0.83
CA SER D 9 -9.90 44.44 1.15
C SER D 9 -9.56 45.80 0.55
N PHE D 10 -10.29 46.16 -0.50
CA PHE D 10 -9.92 47.32 -1.30
C PHE D 10 -11.15 47.89 -2.02
N VAL D 11 -11.48 49.14 -1.71
CA VAL D 11 -12.62 49.82 -2.32
C VAL D 11 -12.22 51.06 -3.11
N SER D 12 -12.76 51.19 -4.33
CA SER D 12 -12.60 52.39 -5.13
C SER D 12 -13.97 53.06 -5.29
N ALA D 13 -14.12 54.30 -4.84
CA ALA D 13 -15.44 54.95 -4.88
C ALA D 13 -15.39 56.43 -5.26
N SER D 14 -16.41 56.88 -5.97
CA SER D 14 -16.52 58.29 -6.39
C SER D 14 -17.07 59.17 -5.27
N VAL D 15 -16.68 60.45 -5.27
CA VAL D 15 -17.31 61.45 -4.41
C VAL D 15 -18.83 61.54 -4.56
N GLY D 16 -19.54 61.65 -3.43
CA GLY D 16 -20.98 61.72 -3.42
C GLY D 16 -21.71 60.39 -3.27
N ASP D 17 -21.01 59.30 -3.55
CA ASP D 17 -21.60 57.97 -3.47
C ASP D 17 -21.75 57.48 -2.04
N ARG D 18 -22.66 56.54 -1.83
CA ARG D 18 -22.80 55.85 -0.55
C ARG D 18 -21.91 54.62 -0.58
N VAL D 19 -21.30 54.30 0.56
CA VAL D 19 -20.50 53.09 0.69
C VAL D 19 -20.68 52.44 2.06
N THR D 20 -20.75 51.11 2.07
CA THR D 20 -20.83 50.34 3.31
C THR D 20 -19.76 49.23 3.31
N ILE D 21 -18.94 49.22 4.34
CA ILE D 21 -17.90 48.20 4.50
C ILE D 21 -18.15 47.37 5.76
N THR D 22 -17.77 46.09 5.71
CA THR D 22 -18.08 45.14 6.77
C THR D 22 -16.82 44.57 7.41
N CYS D 23 -16.95 44.15 8.67
CA CYS D 23 -15.86 43.51 9.42
C CYS D 23 -16.42 42.25 10.07
N ARG D 24 -15.79 41.11 9.83
CA ARG D 24 -16.25 39.84 10.39
C ARG D 24 -15.24 39.19 11.33
N ALA D 25 -15.70 38.93 12.55
CA ALA D 25 -14.89 38.25 13.56
C ALA D 25 -15.12 36.74 13.50
N SER D 26 -14.07 35.98 13.79
CA SER D 26 -14.11 34.52 13.67
C SER D 26 -14.94 33.90 14.79
N GLN D 27 -15.04 34.60 15.91
CA GLN D 27 -15.98 34.24 16.97
C GLN D 27 -16.75 35.47 17.42
N GLY D 28 -17.86 35.27 18.10
CA GLY D 28 -18.65 36.38 18.60
C GLY D 28 -17.88 37.28 19.55
N ILE D 29 -18.14 38.58 19.45
CA ILE D 29 -17.53 39.58 20.30
C ILE D 29 -18.58 40.62 20.69
N SER D 30 -19.85 40.22 20.64
CA SER D 30 -21.00 41.12 20.85
C SER D 30 -20.77 42.47 20.14
N SER D 31 -20.68 43.56 20.90
CA SER D 31 -20.56 44.89 20.33
C SER D 31 -19.22 45.54 20.73
N TYR D 32 -18.25 44.69 21.04
CA TYR D 32 -16.93 45.17 21.43
C TYR D 32 -16.05 45.39 20.20
N LEU D 33 -16.44 46.36 19.39
CA LEU D 33 -15.75 46.66 18.14
C LEU D 33 -15.71 48.16 17.93
N ALA D 34 -14.59 48.64 17.40
CA ALA D 34 -14.44 50.05 17.05
C ALA D 34 -13.85 50.15 15.65
N TRP D 35 -14.07 51.31 15.03
CA TRP D 35 -13.51 51.63 13.74
C TRP D 35 -12.60 52.83 13.87
N TYR D 36 -11.46 52.78 13.19
CA TYR D 36 -10.56 53.91 13.17
C TYR D 36 -10.31 54.35 11.73
N GLN D 37 -10.05 55.64 11.56
CA GLN D 37 -9.67 56.20 10.27
C GLN D 37 -8.19 56.57 10.31
N GLN D 38 -7.45 56.18 9.28
CA GLN D 38 -6.03 56.49 9.19
C GLN D 38 -5.71 56.88 7.76
N LYS D 39 -5.08 58.04 7.63
CA LYS D 39 -4.63 58.52 6.33
C LYS D 39 -3.13 58.29 6.28
N PRO D 40 -2.56 58.21 5.05
CA PRO D 40 -1.15 57.85 4.98
C PRO D 40 -0.27 58.85 5.73
N GLY D 41 0.74 58.36 6.42
CA GLY D 41 1.64 59.22 7.16
C GLY D 41 1.05 59.79 8.43
N LYS D 42 -0.14 59.33 8.81
CA LYS D 42 -0.86 59.90 9.95
C LYS D 42 -1.34 58.84 10.94
N ALA D 43 -1.73 59.28 12.13
CA ALA D 43 -2.19 58.40 13.20
C ALA D 43 -3.65 58.02 13.01
N PRO D 44 -4.07 56.86 13.53
CA PRO D 44 -5.49 56.54 13.42
C PRO D 44 -6.37 57.55 14.16
N LYS D 45 -7.63 57.67 13.74
CA LYS D 45 -8.60 58.54 14.40
C LYS D 45 -9.85 57.76 14.76
N LEU D 46 -10.36 57.93 15.98
CA LEU D 46 -11.55 57.20 16.41
C LEU D 46 -12.79 57.70 15.69
N VAL D 47 -13.58 56.77 15.14
CA VAL D 47 -14.81 57.14 14.42
C VAL D 47 -16.05 56.66 15.17
N ILE D 48 -16.09 55.37 15.49
CA ILE D 48 -17.25 54.76 16.15
C ILE D 48 -16.79 53.72 17.17
N TYR D 49 -17.50 53.65 18.29
CA TYR D 49 -17.28 52.60 19.28
C TYR D 49 -18.60 51.99 19.69
N ALA D 50 -18.54 50.90 20.45
CA ALA D 50 -19.73 50.14 20.85
C ALA D 50 -20.60 49.83 19.63
N ALA D 51 -19.93 49.59 18.50
CA ALA D 51 -20.54 49.17 17.24
C ALA D 51 -21.26 50.29 16.50
N SER D 52 -21.99 51.14 17.23
CA SER D 52 -22.89 52.09 16.59
C SER D 52 -22.85 53.52 17.16
N THR D 53 -22.02 53.76 18.16
CA THR D 53 -22.02 55.08 18.82
C THR D 53 -20.87 55.95 18.31
N LEU D 54 -21.22 57.12 17.77
CA LEU D 54 -20.24 58.07 17.26
C LEU D 54 -19.48 58.79 18.36
N GLN D 55 -18.18 58.97 18.15
CA GLN D 55 -17.34 59.81 18.98
C GLN D 55 -17.69 61.26 18.71
N SER D 56 -17.65 62.10 19.74
CA SER D 56 -18.01 63.50 19.61
C SER D 56 -17.13 64.15 18.55
N GLY D 57 -17.73 65.00 17.71
CA GLY D 57 -16.99 65.67 16.65
C GLY D 57 -17.07 64.96 15.32
N VAL D 58 -17.45 63.69 15.32
CA VAL D 58 -17.56 62.93 14.07
C VAL D 58 -18.79 63.38 13.29
N PRO D 59 -18.63 63.64 11.97
CA PRO D 59 -19.77 64.16 11.20
C PRO D 59 -20.91 63.16 11.05
N SER D 60 -22.13 63.69 10.91
CA SER D 60 -23.33 62.87 10.92
C SER D 60 -23.44 61.94 9.71
N ARG D 61 -22.66 62.19 8.68
CA ARG D 61 -22.70 61.34 7.49
C ARG D 61 -22.14 59.96 7.78
N PHE D 62 -21.44 59.82 8.91
CA PHE D 62 -20.97 58.53 9.40
C PHE D 62 -22.02 57.85 10.27
N SER D 63 -22.13 56.53 10.11
CA SER D 63 -22.94 55.71 11.02
C SER D 63 -22.40 54.29 11.03
N GLY D 64 -22.78 53.52 12.04
CA GLY D 64 -22.37 52.13 12.15
C GLY D 64 -23.40 51.25 12.83
N SER D 65 -23.46 49.99 12.44
CA SER D 65 -24.36 49.03 13.07
C SER D 65 -23.73 47.64 13.06
N GLY D 66 -24.35 46.71 13.78
CA GLY D 66 -23.88 45.35 13.87
C GLY D 66 -23.70 44.87 15.30
N SER D 67 -23.67 43.54 15.47
CA SER D 67 -23.43 42.94 16.77
C SER D 67 -23.16 41.45 16.62
N GLY D 68 -22.24 40.93 17.43
CA GLY D 68 -21.85 39.53 17.33
C GLY D 68 -20.62 39.30 16.47
N THR D 69 -20.87 38.97 15.20
CA THR D 69 -19.81 38.55 14.28
C THR D 69 -19.84 39.35 12.98
N GLU D 70 -20.94 40.06 12.75
CA GLU D 70 -21.11 40.86 11.54
C GLU D 70 -21.29 42.32 11.96
N PHE D 71 -20.44 43.19 11.45
CA PHE D 71 -20.47 44.60 11.80
C PHE D 71 -20.44 45.50 10.56
N THR D 72 -20.88 46.75 10.72
CA THR D 72 -21.07 47.64 9.58
C THR D 72 -20.64 49.07 9.90
N LEU D 73 -19.90 49.66 8.96
CA LEU D 73 -19.63 51.10 8.95
C LEU D 73 -20.21 51.69 7.66
N THR D 74 -20.97 52.77 7.79
CA THR D 74 -21.63 53.35 6.62
C THR D 74 -21.36 54.85 6.49
N ILE D 75 -21.07 55.28 5.27
CA ILE D 75 -21.00 56.70 4.93
C ILE D 75 -22.04 57.04 3.86
N SER D 76 -22.99 57.88 4.21
CA SER D 76 -24.15 58.11 3.35
C SER D 76 -23.79 58.88 2.08
N SER D 77 -22.76 59.72 2.17
CA SER D 77 -22.32 60.52 1.03
C SER D 77 -20.88 61.00 1.22
N LEU D 78 -19.95 60.42 0.46
CA LEU D 78 -18.52 60.65 0.69
C LEU D 78 -18.09 62.08 0.36
N GLN D 79 -17.24 62.62 1.23
CA GLN D 79 -16.51 63.85 0.97
C GLN D 79 -15.02 63.53 0.87
N PRO D 80 -14.23 64.41 0.23
CA PRO D 80 -12.82 64.15 -0.06
C PRO D 80 -11.98 63.70 1.14
N GLU D 81 -12.29 64.19 2.33
CA GLU D 81 -11.50 63.88 3.52
C GLU D 81 -11.70 62.45 4.03
N ASP D 82 -12.74 61.76 3.54
CA ASP D 82 -13.05 60.42 4.03
C ASP D 82 -12.21 59.31 3.39
N PHE D 83 -11.55 59.60 2.27
CA PHE D 83 -10.76 58.58 1.59
C PHE D 83 -9.49 58.30 2.37
N ALA D 84 -9.33 57.03 2.74
CA ALA D 84 -8.33 56.63 3.74
C ALA D 84 -8.38 55.13 3.94
N THR D 85 -7.49 54.62 4.80
CA THR D 85 -7.54 53.22 5.19
C THR D 85 -8.23 53.11 6.55
N TYR D 86 -9.19 52.20 6.63
CA TYR D 86 -9.99 52.02 7.83
C TYR D 86 -9.68 50.68 8.49
N TYR D 87 -9.46 50.69 9.80
CA TYR D 87 -9.20 49.47 10.54
C TYR D 87 -10.32 49.21 11.54
N CYS D 88 -10.70 47.95 11.72
CA CYS D 88 -11.59 47.57 12.82
C CYS D 88 -10.72 46.98 13.92
N GLN D 89 -11.23 46.98 15.16
CA GLN D 89 -10.45 46.49 16.30
C GLN D 89 -11.33 45.81 17.34
N HIS D 90 -10.89 44.64 17.76
CA HIS D 90 -11.50 43.94 18.88
C HIS D 90 -11.05 44.66 20.14
N LEU D 91 -12.00 45.09 20.95
CA LEU D 91 -11.71 46.02 22.04
C LEU D 91 -11.20 45.32 23.29
N ILE D 92 -11.32 44.00 23.32
CA ILE D 92 -10.78 43.20 24.42
C ILE D 92 -9.99 42.02 23.87
N GLY D 93 -9.61 41.11 24.76
CA GLY D 93 -8.80 39.97 24.39
C GLY D 93 -7.39 40.36 23.99
N LEU D 94 -6.96 39.96 22.79
CA LEU D 94 -5.63 40.30 22.29
C LEU D 94 -5.58 41.66 21.60
N ARG D 95 -6.72 42.35 21.58
CA ARG D 95 -6.83 43.68 20.96
C ARG D 95 -6.27 43.68 19.53
N SER D 96 -6.69 42.67 18.78
CA SER D 96 -6.22 42.47 17.41
C SER D 96 -7.00 43.34 16.43
N PHE D 97 -6.33 43.80 15.38
CA PHE D 97 -6.96 44.61 14.35
C PHE D 97 -7.26 43.80 13.10
N GLY D 98 -8.20 44.30 12.30
CA GLY D 98 -8.43 43.80 10.96
C GLY D 98 -7.26 44.16 10.06
N GLN D 99 -7.26 43.67 8.83
CA GLN D 99 -6.15 43.91 7.92
C GLN D 99 -6.28 45.26 7.24
N GLY D 100 -7.43 45.90 7.43
CA GLY D 100 -7.64 47.26 6.93
C GLY D 100 -8.40 47.27 5.61
N THR D 101 -9.22 48.29 5.42
CA THR D 101 -9.94 48.48 4.16
C THR D 101 -9.56 49.84 3.59
N LYS D 102 -8.88 49.82 2.45
CA LYS D 102 -8.47 51.04 1.77
C LYS D 102 -9.55 51.60 0.86
N LEU D 103 -9.90 52.87 1.08
CA LEU D 103 -10.95 53.52 0.30
C LEU D 103 -10.32 54.55 -0.64
N GLU D 104 -10.32 54.28 -1.94
CA GLU D 104 -9.62 55.16 -2.89
C GLU D 104 -10.61 55.88 -3.79
N ILE D 105 -10.19 57.01 -4.35
CA ILE D 105 -11.07 57.83 -5.17
C ILE D 105 -11.13 57.30 -6.60
N LYS D 106 -12.33 57.08 -7.12
CA LYS D 106 -12.48 56.66 -8.51
C LYS D 106 -12.45 57.87 -9.41
N ARG D 107 -11.86 57.74 -10.61
CA ARG D 107 -11.89 58.81 -11.58
C ARG D 107 -11.64 58.30 -13.00
N THR D 108 -11.67 59.22 -13.98
CA THR D 108 -11.52 58.87 -15.39
C THR D 108 -10.13 58.34 -15.75
N VAL D 109 -10.06 57.47 -16.75
CA VAL D 109 -8.78 56.99 -17.27
C VAL D 109 -7.91 58.15 -17.74
N ALA D 110 -6.62 58.08 -17.43
CA ALA D 110 -5.66 59.11 -17.79
C ALA D 110 -4.33 58.48 -18.20
N ALA D 111 -3.90 58.74 -19.42
CA ALA D 111 -2.68 58.14 -19.93
C ALA D 111 -1.44 58.75 -19.27
N PRO D 112 -0.38 57.95 -19.07
CA PRO D 112 0.86 58.48 -18.50
C PRO D 112 1.68 59.29 -19.49
N SER D 113 2.35 60.33 -19.02
CA SER D 113 3.42 60.98 -19.78
C SER D 113 4.72 60.26 -19.48
N VAL D 114 5.44 59.85 -20.52
CA VAL D 114 6.63 59.03 -20.33
C VAL D 114 7.91 59.80 -20.62
N PHE D 115 8.86 59.71 -19.68
CA PHE D 115 10.16 60.35 -19.80
C PHE D 115 11.24 59.33 -19.45
N ILE D 116 12.36 59.36 -20.18
CA ILE D 116 13.49 58.50 -19.84
C ILE D 116 14.71 59.36 -19.50
N PHE D 117 15.47 58.93 -18.50
CA PHE D 117 16.65 59.67 -18.04
C PHE D 117 17.88 58.76 -18.01
N PRO D 118 18.93 59.11 -18.78
CA PRO D 118 20.15 58.30 -18.66
C PRO D 118 20.90 58.59 -17.36
N PRO D 119 21.83 57.70 -16.97
CA PRO D 119 22.64 57.93 -15.77
C PRO D 119 23.56 59.14 -15.95
N SER D 120 23.86 59.86 -14.88
CA SER D 120 24.80 60.97 -14.95
C SER D 120 26.23 60.45 -15.02
N ASP D 121 27.11 61.24 -15.63
CA ASP D 121 28.54 60.92 -15.69
C ASP D 121 29.16 60.83 -14.29
N GLU D 122 28.66 61.64 -13.36
CA GLU D 122 29.16 61.65 -12.00
C GLU D 122 28.97 60.30 -11.32
N GLN D 123 27.81 59.68 -11.55
CA GLN D 123 27.48 58.39 -10.95
C GLN D 123 28.29 57.25 -11.56
N LEU D 124 28.66 57.40 -12.82
CA LEU D 124 29.43 56.37 -13.53
C LEU D 124 30.84 56.25 -12.95
N LYS D 125 31.37 57.34 -12.41
CA LYS D 125 32.67 57.32 -11.74
C LYS D 125 32.67 56.35 -10.56
N SER D 126 31.50 56.14 -9.96
CA SER D 126 31.39 55.42 -8.69
C SER D 126 31.30 53.90 -8.92
N GLY D 127 30.94 53.49 -10.12
CA GLY D 127 30.89 52.07 -10.46
C GLY D 127 29.48 51.54 -10.71
N THR D 128 28.49 52.43 -10.70
CA THR D 128 27.10 52.05 -10.91
C THR D 128 26.40 53.04 -11.83
N ALA D 129 25.46 52.53 -12.62
CA ALA D 129 24.69 53.35 -13.56
C ALA D 129 23.19 53.16 -13.32
N SER D 130 22.48 54.26 -13.04
CA SER D 130 21.03 54.22 -12.87
C SER D 130 20.27 54.89 -14.02
N VAL D 131 19.41 54.11 -14.66
CA VAL D 131 18.49 54.62 -15.69
C VAL D 131 17.09 54.73 -15.09
N VAL D 132 16.47 55.90 -15.20
CA VAL D 132 15.17 56.13 -14.58
C VAL D 132 14.09 56.37 -15.64
N CYS D 133 12.97 55.69 -15.48
CA CYS D 133 11.81 55.84 -16.36
C CYS D 133 10.66 56.40 -15.52
N LEU D 134 10.10 57.52 -15.93
CA LEU D 134 9.04 58.19 -15.18
C LEU D 134 7.69 58.12 -15.90
N LEU D 135 6.67 57.64 -15.19
CA LEU D 135 5.29 57.73 -15.64
C LEU D 135 4.53 58.75 -14.79
N ASN D 136 4.02 59.80 -15.45
CA ASN D 136 3.44 60.93 -14.75
C ASN D 136 1.93 61.04 -14.93
N ASN D 137 1.22 61.19 -13.80
CA ASN D 137 -0.20 61.51 -13.80
C ASN D 137 -1.07 60.57 -14.63
N PHE D 138 -1.24 59.33 -14.18
CA PHE D 138 -2.06 58.35 -14.89
C PHE D 138 -3.10 57.69 -14.00
N TYR D 139 -4.09 57.07 -14.64
CA TYR D 139 -5.12 56.29 -13.95
C TYR D 139 -5.74 55.29 -14.93
N PRO D 140 -6.02 54.05 -14.47
CA PRO D 140 -5.86 53.50 -13.12
C PRO D 140 -4.40 53.22 -12.73
N ARG D 141 -4.23 52.65 -11.56
CA ARG D 141 -2.90 52.47 -10.97
C ARG D 141 -2.10 51.41 -11.72
N GLU D 142 -2.79 50.43 -12.28
CA GLU D 142 -2.13 49.29 -12.92
C GLU D 142 -1.44 49.70 -14.21
N ALA D 143 -0.15 49.39 -14.30
CA ALA D 143 0.64 49.64 -15.49
C ALA D 143 1.78 48.62 -15.62
N LYS D 144 2.15 48.30 -16.85
CA LYS D 144 3.26 47.39 -17.11
C LYS D 144 4.46 48.15 -17.66
N VAL D 145 5.62 47.97 -17.03
CA VAL D 145 6.86 48.61 -17.46
C VAL D 145 7.93 47.57 -17.77
N GLN D 146 8.44 47.63 -19.00
CA GLN D 146 9.45 46.68 -19.48
C GLN D 146 10.71 47.42 -19.89
N TRP D 147 11.87 46.95 -19.43
CA TRP D 147 13.15 47.52 -19.84
C TRP D 147 13.74 46.74 -21.01
N LYS D 148 14.36 47.48 -21.93
CA LYS D 148 15.02 46.89 -23.10
C LYS D 148 16.39 47.51 -23.33
N VAL D 149 17.42 46.67 -23.40
CA VAL D 149 18.77 47.13 -23.70
C VAL D 149 19.27 46.51 -25.00
N ASP D 150 19.56 47.37 -25.97
CA ASP D 150 19.85 46.94 -27.34
C ASP D 150 18.80 45.94 -27.84
N ASN D 151 17.53 46.26 -27.61
CA ASN D 151 16.41 45.40 -28.03
C ASN D 151 16.52 44.01 -27.40
N ALA D 152 16.38 43.95 -26.09
CA ALA D 152 16.42 42.69 -25.35
C ALA D 152 15.83 42.91 -23.96
N LEU D 153 14.78 42.16 -23.63
CA LEU D 153 14.02 42.41 -22.42
C LEU D 153 14.80 42.08 -21.16
N GLN D 154 14.76 42.98 -20.19
CA GLN D 154 15.48 42.81 -18.93
C GLN D 154 14.55 42.23 -17.87
N SER D 155 15.08 41.41 -16.97
CA SER D 155 14.29 40.87 -15.87
C SER D 155 15.07 40.83 -14.56
N GLY D 156 14.46 41.30 -13.48
CA GLY D 156 15.03 41.11 -12.16
C GLY D 156 16.15 42.06 -11.77
N ASN D 157 16.38 43.07 -12.61
CA ASN D 157 17.43 44.06 -12.33
C ASN D 157 16.87 45.48 -12.39
N SER D 158 15.60 45.61 -12.03
CA SER D 158 14.93 46.90 -11.97
C SER D 158 14.03 46.94 -10.74
N GLN D 159 13.83 48.13 -10.18
CA GLN D 159 12.91 48.29 -9.07
C GLN D 159 11.95 49.43 -9.35
N GLU D 160 10.70 49.26 -8.92
CA GLU D 160 9.65 50.25 -9.11
C GLU D 160 9.21 50.90 -7.79
N SER D 161 8.70 52.12 -7.88
CA SER D 161 8.09 52.79 -6.73
C SER D 161 6.86 53.59 -7.16
N VAL D 162 5.77 53.47 -6.42
CA VAL D 162 4.53 54.15 -6.76
C VAL D 162 4.03 55.05 -5.63
N THR D 163 3.58 56.24 -6.00
CA THR D 163 3.02 57.20 -5.05
C THR D 163 1.58 56.84 -4.65
N GLU D 164 1.15 57.38 -3.52
CA GLU D 164 -0.27 57.34 -3.17
C GLU D 164 -1.02 58.26 -4.12
N GLN D 165 -2.33 58.07 -4.24
CA GLN D 165 -3.14 58.95 -5.08
C GLN D 165 -2.92 60.42 -4.69
N ASP D 166 -2.71 61.24 -5.71
CA ASP D 166 -2.61 62.69 -5.52
C ASP D 166 -3.93 63.19 -4.94
N SER D 167 -3.84 64.08 -3.96
CA SER D 167 -5.03 64.52 -3.24
C SER D 167 -5.96 65.41 -4.07
N LYS D 168 -5.49 65.91 -5.21
CA LYS D 168 -6.31 66.76 -6.06
C LYS D 168 -6.87 66.08 -7.33
N ASP D 169 -6.00 65.51 -8.16
CA ASP D 169 -6.45 64.96 -9.44
C ASP D 169 -6.59 63.43 -9.41
N SER D 170 -6.20 62.82 -8.30
CA SER D 170 -6.47 61.39 -8.08
C SER D 170 -5.72 60.50 -9.06
N THR D 171 -4.59 60.99 -9.56
CA THR D 171 -3.74 60.22 -10.46
C THR D 171 -2.60 59.59 -9.69
N TYR D 172 -1.82 58.74 -10.37
CA TYR D 172 -0.66 58.11 -9.78
C TYR D 172 0.61 58.53 -10.51
N SER D 173 1.74 58.41 -9.84
CA SER D 173 3.05 58.52 -10.50
C SER D 173 3.92 57.33 -10.15
N LEU D 174 4.83 57.01 -11.07
CA LEU D 174 5.66 55.81 -10.94
C LEU D 174 7.06 56.06 -11.49
N SER D 175 8.07 55.59 -10.75
CA SER D 175 9.45 55.62 -11.23
C SER D 175 9.91 54.17 -11.33
N SER D 176 10.65 53.87 -12.39
CA SER D 176 11.33 52.58 -12.53
C SER D 176 12.83 52.77 -12.72
N THR D 177 13.62 52.12 -11.88
CA THR D 177 15.07 52.26 -11.91
C THR D 177 15.73 50.95 -12.31
N LEU D 178 16.43 50.97 -13.43
CA LEU D 178 17.20 49.84 -13.90
C LEU D 178 18.63 50.01 -13.40
N THR D 179 19.15 49.01 -12.68
CA THR D 179 20.50 49.11 -12.13
C THR D 179 21.48 48.14 -12.78
N LEU D 180 22.56 48.70 -13.32
CA LEU D 180 23.64 47.95 -13.94
C LEU D 180 24.99 48.38 -13.34
N SER D 181 26.00 47.54 -13.50
CA SER D 181 27.37 47.92 -13.17
C SER D 181 27.93 48.90 -14.19
N LYS D 182 28.99 49.61 -13.81
CA LYS D 182 29.63 50.59 -14.69
C LYS D 182 30.12 49.91 -15.96
N ALA D 183 30.71 48.73 -15.80
CA ALA D 183 31.26 47.98 -16.93
C ALA D 183 30.15 47.59 -17.90
N ASP D 184 29.05 47.10 -17.34
CA ASP D 184 27.89 46.67 -18.10
C ASP D 184 27.26 47.82 -18.89
N TYR D 185 27.07 48.96 -18.25
CA TYR D 185 26.49 50.12 -18.92
C TYR D 185 27.25 50.59 -20.16
N GLU D 186 28.58 50.64 -20.06
CA GLU D 186 29.39 51.21 -21.14
C GLU D 186 29.65 50.25 -22.31
N LYS D 187 29.17 49.01 -22.23
CA LYS D 187 29.30 48.07 -23.35
C LYS D 187 28.02 47.97 -24.20
N HIS D 188 27.00 48.76 -23.87
CA HIS D 188 25.77 48.74 -24.67
C HIS D 188 25.39 50.16 -25.11
N LYS D 189 24.54 50.23 -26.13
CA LYS D 189 24.23 51.51 -26.77
C LYS D 189 22.79 51.97 -26.51
N VAL D 190 21.82 51.11 -26.79
CA VAL D 190 20.41 51.51 -26.74
C VAL D 190 19.71 51.10 -25.44
N TYR D 191 19.07 52.08 -24.79
CA TYR D 191 18.29 51.87 -23.59
C TYR D 191 16.86 52.36 -23.75
N ALA D 192 15.89 51.49 -23.49
CA ALA D 192 14.48 51.80 -23.74
C ALA D 192 13.60 51.27 -22.62
N CYS D 193 12.59 52.06 -22.23
CA CYS D 193 11.52 51.57 -21.37
C CYS D 193 10.17 51.64 -22.09
N GLU D 194 9.42 50.54 -22.01
CA GLU D 194 8.12 50.44 -22.70
C GLU D 194 6.98 50.37 -21.70
N VAL D 195 6.02 51.28 -21.85
CA VAL D 195 4.92 51.41 -20.91
C VAL D 195 3.61 51.02 -21.56
N THR D 196 2.89 50.09 -20.92
CA THR D 196 1.56 49.68 -21.37
C THR D 196 0.56 50.15 -20.32
N HIS D 197 -0.48 50.86 -20.75
CA HIS D 197 -1.47 51.40 -19.82
C HIS D 197 -2.79 51.64 -20.55
N GLN D 198 -3.90 51.51 -19.80
CA GLN D 198 -5.24 51.58 -20.37
C GLN D 198 -5.60 52.88 -21.08
N GLY D 199 -4.87 53.95 -20.79
CA GLY D 199 -5.19 55.25 -21.37
C GLY D 199 -4.48 55.46 -22.70
N LEU D 200 -3.57 54.55 -23.03
CA LEU D 200 -2.81 54.63 -24.28
C LEU D 200 -3.39 53.69 -25.34
N SER D 201 -3.45 54.17 -26.58
CA SER D 201 -3.95 53.35 -27.67
C SER D 201 -3.01 52.18 -27.93
N SER D 202 -1.73 52.39 -27.66
CA SER D 202 -0.73 51.31 -27.74
C SER D 202 0.49 51.64 -26.87
N PRO D 203 1.33 50.64 -26.59
CA PRO D 203 2.54 50.84 -25.77
C PRO D 203 3.43 51.98 -26.29
N VAL D 204 3.91 52.81 -25.37
CA VAL D 204 4.79 53.93 -25.73
C VAL D 204 6.22 53.64 -25.29
N THR D 205 7.18 53.94 -26.17
CA THR D 205 8.59 53.67 -25.90
C THR D 205 9.44 54.94 -26.00
N LYS D 206 10.18 55.22 -24.93
CA LYS D 206 11.16 56.30 -24.91
C LYS D 206 12.54 55.67 -24.83
N SER D 207 13.49 56.17 -25.62
CA SER D 207 14.83 55.59 -25.62
C SER D 207 15.94 56.59 -25.95
N PHE D 208 17.18 56.16 -25.72
CA PHE D 208 18.37 56.93 -26.08
C PHE D 208 19.58 56.08 -26.41
N ASN D 209 20.55 56.68 -27.10
CA ASN D 209 21.83 56.04 -27.39
C ASN D 209 22.91 56.62 -26.49
N ARG D 210 23.70 55.75 -25.85
CA ARG D 210 24.78 56.22 -24.98
C ARG D 210 25.74 57.13 -25.75
N ASP E 4 3.08 5.77 -52.81
CA ASP E 4 2.34 7.00 -52.55
C ASP E 4 1.75 7.59 -53.82
N ALA E 5 0.58 8.22 -53.70
CA ALA E 5 -0.07 8.88 -54.83
C ALA E 5 -0.83 10.10 -54.35
N ASN E 6 -1.09 11.11 -55.19
CA ASN E 6 -0.78 11.21 -56.64
C ASN E 6 -1.91 10.70 -57.51
N THR E 7 -3.15 10.99 -57.11
CA THR E 7 -4.34 10.69 -57.92
C THR E 7 -5.55 11.40 -57.35
N THR E 8 -6.49 11.75 -58.23
CA THR E 8 -7.72 12.44 -57.82
C THR E 8 -8.77 11.45 -57.28
N LEU E 9 -9.49 11.88 -56.24
CA LEU E 9 -10.51 11.06 -55.59
C LEU E 9 -11.91 11.56 -55.90
N PHE E 10 -12.91 10.85 -55.37
CA PHE E 10 -14.26 11.40 -55.27
C PHE E 10 -14.71 11.23 -53.83
N CYS E 11 -15.95 11.65 -53.53
CA CYS E 11 -16.46 11.67 -52.17
C CYS E 11 -17.75 10.88 -52.02
N ALA E 12 -18.31 10.92 -50.81
CA ALA E 12 -19.57 10.24 -50.52
C ALA E 12 -20.29 10.91 -49.38
N SER E 13 -21.62 10.97 -49.46
CA SER E 13 -22.42 11.71 -48.49
C SER E 13 -23.86 11.23 -48.39
N ASP E 14 -24.41 11.27 -47.19
CA ASP E 14 -25.82 10.97 -46.97
C ASP E 14 -26.66 12.24 -47.03
N ALA E 15 -26.98 12.67 -48.25
CA ALA E 15 -27.69 13.92 -48.46
C ALA E 15 -28.94 13.72 -49.32
N LYS E 16 -30.09 14.09 -48.76
CA LYS E 16 -31.34 13.98 -49.49
C LYS E 16 -31.33 14.90 -50.70
N ALA E 17 -31.88 14.44 -51.81
CA ALA E 17 -31.85 15.20 -53.06
C ALA E 17 -32.78 16.40 -53.02
N TYR E 18 -33.79 16.34 -52.16
CA TYR E 18 -34.84 17.36 -52.14
C TYR E 18 -34.51 18.55 -51.24
N ASP E 19 -34.03 18.28 -50.03
CA ASP E 19 -33.81 19.33 -49.03
C ASP E 19 -32.95 20.45 -49.59
N THR E 20 -33.59 21.59 -49.85
CA THR E 20 -32.92 22.72 -50.46
C THR E 20 -31.96 23.37 -49.46
N GLU E 21 -30.82 22.71 -49.24
CA GLU E 21 -29.75 23.24 -48.39
C GLU E 21 -28.44 23.27 -49.15
N VAL E 22 -27.67 24.33 -48.93
CA VAL E 22 -26.39 24.52 -49.60
C VAL E 22 -25.51 23.28 -49.61
N HIS E 23 -25.62 22.47 -48.56
CA HIS E 23 -24.86 21.22 -48.48
C HIS E 23 -25.59 20.08 -49.16
N ASN E 24 -26.87 19.92 -48.87
CA ASN E 24 -27.66 18.84 -49.45
C ASN E 24 -28.13 19.13 -50.87
N VAL E 25 -27.58 20.19 -51.47
CA VAL E 25 -27.80 20.48 -52.89
C VAL E 25 -26.52 20.20 -53.66
N TRP E 26 -25.39 20.65 -53.11
CA TRP E 26 -24.10 20.43 -53.75
C TRP E 26 -23.59 19.01 -53.51
N ALA E 27 -24.02 18.41 -52.40
CA ALA E 27 -23.65 17.03 -52.08
C ALA E 27 -24.32 16.07 -53.06
N THR E 28 -25.62 16.26 -53.27
CA THR E 28 -26.37 15.45 -54.22
C THR E 28 -26.18 16.04 -55.61
N HIS E 29 -24.93 16.18 -56.03
CA HIS E 29 -24.60 16.67 -57.36
C HIS E 29 -23.12 16.44 -57.69
N ALA E 30 -22.38 15.80 -56.79
CA ALA E 30 -20.96 15.55 -56.97
C ALA E 30 -20.43 14.41 -56.10
N CYS E 31 -21.34 13.70 -55.43
CA CYS E 31 -20.96 12.60 -54.53
C CYS E 31 -21.85 11.38 -54.77
N VAL E 32 -21.61 10.34 -53.98
CA VAL E 32 -22.35 9.08 -54.10
C VAL E 32 -22.64 8.53 -52.71
N PRO E 33 -23.77 7.81 -52.54
CA PRO E 33 -24.08 7.32 -51.20
C PRO E 33 -23.03 6.36 -50.63
N THR E 34 -22.79 5.23 -51.30
CA THR E 34 -21.73 4.30 -50.89
C THR E 34 -22.07 3.63 -49.55
N ASP E 35 -21.35 2.58 -49.13
CA ASP E 35 -20.21 2.01 -49.83
C ASP E 35 -20.26 0.48 -49.80
N PRO E 36 -19.38 -0.18 -50.56
CA PRO E 36 -19.24 -1.63 -50.44
C PRO E 36 -18.75 -2.04 -49.04
N SER E 37 -19.62 -2.71 -48.30
CA SER E 37 -19.32 -3.17 -46.95
C SER E 37 -18.16 -4.17 -46.98
N PRO E 38 -17.64 -4.57 -45.80
CA PRO E 38 -18.00 -4.16 -44.44
C PRO E 38 -17.03 -3.16 -43.79
N GLN E 39 -15.97 -3.67 -43.16
CA GLN E 39 -15.12 -2.87 -42.29
C GLN E 39 -13.70 -2.74 -42.82
N GLU E 40 -12.84 -2.15 -42.01
CA GLU E 40 -11.43 -2.00 -42.34
C GLU E 40 -10.75 -3.36 -42.40
N LEU E 41 -9.75 -3.47 -43.26
CA LEU E 41 -8.95 -4.69 -43.38
C LEU E 41 -7.61 -4.48 -42.70
N LYS E 42 -7.42 -5.13 -41.54
CA LYS E 42 -6.21 -4.96 -40.75
C LYS E 42 -4.98 -5.54 -41.41
N MET E 43 -3.85 -4.87 -41.22
CA MET E 43 -2.54 -5.40 -41.58
C MET E 43 -1.91 -6.00 -40.32
N GLU E 44 -0.85 -6.78 -40.50
CA GLU E 44 -0.16 -7.41 -39.37
C GLU E 44 1.35 -7.40 -39.56
N ASN E 45 2.06 -6.96 -38.53
CA ASN E 45 3.52 -6.88 -38.59
C ASN E 45 3.99 -6.04 -39.77
N VAL E 46 3.14 -5.11 -40.21
CA VAL E 46 3.44 -4.24 -41.34
C VAL E 46 3.96 -2.89 -40.85
N THR E 47 5.16 -2.52 -41.30
CA THR E 47 5.73 -1.21 -41.02
C THR E 47 5.48 -0.30 -42.21
N GLU E 48 5.07 0.94 -41.92
CA GLU E 48 4.79 1.90 -42.98
C GLU E 48 4.81 3.32 -42.41
N GLU E 49 5.47 4.23 -43.12
CA GLU E 49 5.60 5.60 -42.65
C GLU E 49 4.39 6.45 -42.99
N PHE E 50 4.21 7.53 -42.24
CA PHE E 50 3.13 8.49 -42.49
C PHE E 50 3.65 9.92 -42.31
N ASN E 51 2.92 10.88 -42.86
CA ASN E 51 3.28 12.29 -42.73
C ASN E 51 2.09 13.17 -43.04
N MET E 52 1.40 13.60 -41.99
CA MET E 52 0.17 14.37 -42.13
C MET E 52 0.42 15.73 -42.78
N TRP E 53 1.59 16.29 -42.54
CA TRP E 53 1.90 17.65 -42.97
C TRP E 53 2.18 17.72 -44.47
N LYS E 54 2.33 16.56 -45.10
CA LYS E 54 2.41 16.45 -46.55
C LYS E 54 1.39 15.40 -47.00
N ASN E 55 0.20 15.87 -47.34
CA ASN E 55 -0.94 14.99 -47.56
C ASN E 55 -1.87 15.55 -48.64
N ASN E 56 -1.69 15.08 -49.87
CA ASN E 56 -2.38 15.63 -51.03
C ASN E 56 -3.91 15.55 -50.93
N MET E 57 -4.41 14.74 -50.00
CA MET E 57 -5.84 14.67 -49.78
C MET E 57 -6.37 15.97 -49.19
N VAL E 58 -5.59 16.56 -48.28
CA VAL E 58 -5.93 17.84 -47.67
C VAL E 58 -6.07 18.91 -48.74
N GLU E 59 -5.16 18.87 -49.71
CA GLU E 59 -5.18 19.80 -50.83
C GLU E 59 -6.49 19.66 -51.63
N GLN E 60 -6.95 18.44 -51.80
CA GLN E 60 -8.15 18.17 -52.59
C GLN E 60 -9.42 18.61 -51.87
N MET E 61 -9.49 18.34 -50.57
CA MET E 61 -10.63 18.76 -49.76
C MET E 61 -10.73 20.28 -49.73
N HIS E 62 -9.63 20.91 -49.35
CA HIS E 62 -9.50 22.36 -49.27
C HIS E 62 -10.05 23.06 -50.51
N THR E 63 -9.83 22.44 -51.67
CA THR E 63 -10.29 22.99 -52.94
C THR E 63 -11.75 22.66 -53.23
N ASP E 64 -12.28 21.64 -52.55
CA ASP E 64 -13.69 21.26 -52.74
C ASP E 64 -14.61 22.13 -51.88
N ILE E 65 -14.20 22.38 -50.64
CA ILE E 65 -14.97 23.23 -49.74
C ILE E 65 -15.10 24.61 -50.36
N ILE E 66 -14.09 25.00 -51.14
CA ILE E 66 -14.10 26.28 -51.82
C ILE E 66 -15.12 26.28 -52.95
N SER E 67 -15.24 25.15 -53.64
CA SER E 67 -16.26 25.01 -54.68
C SER E 67 -17.65 25.07 -54.08
N LEU E 68 -17.76 24.64 -52.83
CA LEU E 68 -19.03 24.64 -52.12
C LEU E 68 -19.47 26.08 -51.83
N TRP E 69 -18.65 26.80 -51.08
CA TRP E 69 -19.01 28.13 -50.61
C TRP E 69 -19.20 29.13 -51.75
N ASP E 70 -18.31 29.10 -52.73
CA ASP E 70 -18.34 30.07 -53.82
C ASP E 70 -19.44 29.75 -54.84
N GLN E 71 -20.40 28.91 -54.45
CA GLN E 71 -21.56 28.63 -55.27
C GLN E 71 -22.85 28.58 -54.44
N SER E 72 -22.69 28.51 -53.12
CA SER E 72 -23.81 28.41 -52.20
C SER E 72 -24.07 29.72 -51.47
N LEU E 73 -23.11 30.14 -50.66
CA LEU E 73 -23.19 31.42 -49.95
C LEU E 73 -22.71 32.57 -50.84
N LYS E 74 -23.51 32.92 -51.84
CA LYS E 74 -23.19 34.00 -52.76
C LYS E 74 -23.11 35.34 -52.03
N PRO E 75 -21.91 35.96 -51.98
CA PRO E 75 -21.87 37.30 -51.40
C PRO E 75 -22.35 38.38 -52.37
N CYS E 76 -22.94 39.44 -51.85
CA CYS E 76 -23.37 40.56 -52.68
C CYS E 76 -22.20 41.31 -53.26
N VAL E 77 -21.12 41.38 -52.49
CA VAL E 77 -19.96 42.20 -52.83
C VAL E 77 -18.67 41.42 -52.58
N GLN E 78 -17.66 41.68 -53.42
CA GLN E 78 -16.36 41.05 -53.28
C GLN E 78 -15.24 41.98 -53.71
N LEU E 79 -14.42 42.42 -52.75
CA LEU E 79 -13.24 43.20 -53.06
C LEU E 79 -11.99 42.32 -53.10
N THR E 80 -11.35 42.26 -54.27
CA THR E 80 -10.07 41.55 -54.41
C THR E 80 -9.24 42.18 -55.51
N GLY E 81 -8.02 42.58 -55.16
CA GLY E 81 -7.09 43.15 -56.12
C GLY E 81 -7.59 44.44 -56.76
N GLY E 82 -8.27 45.26 -55.98
CA GLY E 82 -8.80 46.52 -56.47
C GLY E 82 -9.91 46.33 -57.49
N SER E 83 -10.47 45.11 -57.52
CA SER E 83 -11.57 44.78 -58.41
C SER E 83 -12.80 44.36 -57.60
N ALA E 84 -13.98 44.69 -58.09
CA ALA E 84 -15.22 44.44 -57.35
C ALA E 84 -16.11 43.45 -58.07
N LEU E 85 -16.56 42.43 -57.33
CA LEU E 85 -17.51 41.44 -57.84
C LEU E 85 -18.90 41.64 -57.24
N THR E 86 -19.93 41.57 -58.08
CA THR E 86 -21.31 41.77 -57.63
C THR E 86 -22.23 40.68 -58.16
N GLN E 87 -23.27 40.37 -57.38
CA GLN E 87 -24.22 39.32 -57.71
C GLN E 87 -25.36 39.30 -56.72
N ALA E 88 -26.30 38.37 -56.92
CA ALA E 88 -27.38 38.13 -55.96
C ALA E 88 -26.82 37.40 -54.74
N CYS E 89 -27.49 37.52 -53.60
CA CYS E 89 -26.99 36.96 -52.36
C CYS E 89 -28.10 36.47 -51.43
N PRO E 90 -29.12 35.79 -51.99
CA PRO E 90 -30.28 35.41 -51.19
C PRO E 90 -29.90 34.56 -49.98
N LYS E 91 -30.57 34.79 -48.85
CA LYS E 91 -30.29 34.04 -47.64
C LYS E 91 -30.66 32.58 -47.81
N VAL E 92 -29.78 31.69 -47.36
CA VAL E 92 -29.98 30.25 -47.48
C VAL E 92 -29.69 29.56 -46.16
N THR E 93 -30.39 28.46 -45.90
CA THR E 93 -30.15 27.67 -44.70
C THR E 93 -28.79 26.97 -44.81
N PHE E 94 -28.17 26.71 -43.65
CA PHE E 94 -26.77 26.29 -43.60
C PHE E 94 -26.52 25.38 -42.40
N GLU E 95 -25.92 24.22 -42.66
CA GLU E 95 -25.63 23.26 -41.60
C GLU E 95 -24.63 22.20 -42.08
N PRO E 96 -23.63 21.87 -41.25
CA PRO E 96 -22.61 20.89 -41.67
C PRO E 96 -23.19 19.50 -41.99
N ILE E 97 -22.50 18.78 -42.87
CA ILE E 97 -22.90 17.44 -43.29
C ILE E 97 -21.68 16.53 -43.36
N PRO E 98 -21.78 15.30 -42.84
CA PRO E 98 -20.63 14.38 -42.92
C PRO E 98 -20.20 14.11 -44.36
N ILE E 99 -18.89 13.94 -44.58
CA ILE E 99 -18.34 13.66 -45.89
C ILE E 99 -17.29 12.55 -45.82
N HIS E 100 -17.45 11.54 -46.67
CA HIS E 100 -16.43 10.50 -46.84
C HIS E 100 -15.68 10.73 -48.15
N TYR E 101 -14.38 10.44 -48.16
CA TYR E 101 -13.56 10.56 -49.36
C TYR E 101 -13.04 9.20 -49.81
N CYS E 102 -13.58 8.71 -50.92
CA CYS E 102 -13.26 7.38 -51.41
C CYS E 102 -12.17 7.42 -52.48
N ALA E 103 -11.44 6.32 -52.63
CA ALA E 103 -10.38 6.20 -53.63
C ALA E 103 -10.87 5.41 -54.84
N PRO E 104 -10.33 5.73 -56.03
CA PRO E 104 -10.78 5.09 -57.28
C PRO E 104 -10.24 3.67 -57.44
N ALA E 105 -10.61 3.03 -58.54
CA ALA E 105 -10.11 1.69 -58.84
C ALA E 105 -8.64 1.75 -59.24
N GLY E 106 -7.76 1.41 -58.32
CA GLY E 106 -6.33 1.42 -58.57
C GLY E 106 -5.53 1.94 -57.39
N TYR E 107 -6.23 2.46 -56.39
CA TYR E 107 -5.58 3.03 -55.22
C TYR E 107 -6.36 2.75 -53.93
N ALA E 108 -5.70 2.06 -53.01
CA ALA E 108 -6.28 1.80 -51.69
C ALA E 108 -5.88 2.91 -50.74
N ILE E 109 -6.60 3.02 -49.63
CA ILE E 109 -6.29 3.99 -48.59
C ILE E 109 -5.79 3.28 -47.34
N LEU E 110 -4.64 3.70 -46.84
CA LEU E 110 -4.09 3.16 -45.61
C LEU E 110 -4.63 3.93 -44.42
N LYS E 111 -4.63 3.30 -43.26
CA LYS E 111 -5.27 3.87 -42.08
C LYS E 111 -4.48 3.53 -40.82
N CYS E 112 -3.76 4.51 -40.29
CA CYS E 112 -2.97 4.30 -39.10
C CYS E 112 -3.87 4.17 -37.87
N ASN E 113 -3.86 2.99 -37.26
CA ASN E 113 -4.65 2.73 -36.06
C ASN E 113 -3.81 2.81 -34.79
N ASP E 114 -2.52 3.11 -34.95
CA ASP E 114 -1.62 3.21 -33.81
C ASP E 114 -2.11 4.27 -32.84
N LYS E 115 -2.03 3.96 -31.55
CA LYS E 115 -2.54 4.83 -30.50
C LYS E 115 -1.50 5.86 -30.04
N GLU E 116 -0.45 6.04 -30.82
CA GLU E 116 0.72 6.79 -30.36
C GLU E 116 0.37 8.28 -30.13
N PHE E 117 0.31 9.17 -31.12
CA PHE E 117 0.72 9.03 -32.52
C PHE E 117 0.94 10.42 -33.09
N ASN E 118 2.22 10.75 -33.31
CA ASN E 118 2.63 12.11 -33.66
C ASN E 118 2.32 12.51 -35.10
N GLY E 119 1.66 11.63 -35.84
CA GLY E 119 1.27 11.94 -37.21
C GLY E 119 2.42 11.87 -38.19
N THR E 120 3.63 11.65 -37.68
CA THR E 120 4.81 11.53 -38.51
C THR E 120 5.76 10.49 -37.93
N GLY E 121 6.09 9.49 -38.75
CA GLY E 121 6.94 8.40 -38.33
C GLY E 121 6.38 7.05 -38.74
N LEU E 122 6.85 5.99 -38.10
CA LEU E 122 6.41 4.65 -38.43
C LEU E 122 4.97 4.41 -37.97
N CYS E 123 4.46 3.22 -38.29
CA CYS E 123 3.12 2.81 -37.89
C CYS E 123 3.06 1.29 -37.96
N LYS E 124 2.37 0.68 -37.00
CA LYS E 124 2.41 -0.78 -36.84
C LYS E 124 1.06 -1.47 -37.08
N ASN E 125 -0.01 -0.90 -36.53
CA ASN E 125 -1.35 -1.45 -36.72
C ASN E 125 -2.06 -0.81 -37.90
N VAL E 126 -1.50 -1.00 -39.10
CA VAL E 126 -2.09 -0.46 -40.32
C VAL E 126 -3.33 -1.25 -40.68
N SER E 127 -4.28 -0.57 -41.31
CA SER E 127 -5.43 -1.22 -41.93
C SER E 127 -5.81 -0.43 -43.17
N THR E 128 -6.62 -1.02 -44.05
CA THR E 128 -7.00 -0.35 -45.29
C THR E 128 -8.51 -0.23 -45.45
N VAL E 129 -8.96 1.00 -45.57
CA VAL E 129 -10.33 1.32 -45.96
C VAL E 129 -10.31 1.73 -47.43
N GLN E 130 -11.49 1.92 -48.00
CA GLN E 130 -11.60 2.41 -49.37
C GLN E 130 -12.30 3.78 -49.36
N CYS E 131 -12.63 4.27 -48.17
CA CYS E 131 -13.22 5.59 -48.01
C CYS E 131 -13.04 6.07 -46.56
N THR E 132 -12.91 7.38 -46.41
CA THR E 132 -12.56 7.99 -45.12
C THR E 132 -13.73 8.12 -44.17
N HIS E 133 -13.43 8.56 -42.95
CA HIS E 133 -14.46 8.83 -41.95
C HIS E 133 -15.40 9.94 -42.41
N GLY E 134 -16.52 10.10 -41.72
CA GLY E 134 -17.46 11.15 -42.02
C GLY E 134 -16.98 12.50 -41.53
N ILE E 135 -16.31 13.24 -42.42
CA ILE E 135 -15.72 14.52 -42.06
C ILE E 135 -16.75 15.65 -42.16
N ARG E 136 -16.65 16.61 -41.24
CA ARG E 136 -17.53 17.77 -41.22
C ARG E 136 -16.84 18.98 -41.85
N PRO E 137 -17.42 19.53 -42.93
CA PRO E 137 -16.84 20.74 -43.55
C PRO E 137 -16.95 22.01 -42.69
N VAL E 138 -16.60 21.92 -41.41
CA VAL E 138 -16.68 23.06 -40.51
C VAL E 138 -15.58 24.08 -40.82
N VAL E 139 -15.98 25.22 -41.39
CA VAL E 139 -15.07 26.34 -41.62
C VAL E 139 -15.06 27.23 -40.39
N SER E 140 -14.03 27.11 -39.57
CA SER E 140 -13.97 27.84 -38.32
C SER E 140 -12.53 28.16 -37.92
N THR E 141 -12.34 29.29 -37.23
CA THR E 141 -11.03 29.72 -36.77
C THR E 141 -10.86 29.45 -35.28
N GLN E 142 -9.62 29.38 -34.83
CA GLN E 142 -9.27 29.02 -33.46
C GLN E 142 -9.85 27.66 -33.06
N LEU E 143 -11.14 27.62 -32.77
CA LEU E 143 -11.77 26.40 -32.25
C LEU E 143 -12.26 25.47 -33.37
N LEU E 144 -12.08 24.16 -33.16
CA LEU E 144 -12.51 23.12 -34.10
C LEU E 144 -13.81 22.47 -33.63
N LEU E 145 -14.87 22.63 -34.43
CA LEU E 145 -16.20 22.23 -34.00
C LEU E 145 -16.70 20.97 -34.70
N ASN E 146 -17.47 20.17 -33.95
CA ASN E 146 -18.12 18.96 -34.48
C ASN E 146 -17.13 17.94 -35.07
N GLY E 147 -15.85 18.05 -34.72
CA GLY E 147 -14.82 17.16 -35.24
C GLY E 147 -14.77 15.82 -34.53
N SER E 148 -13.58 15.21 -34.52
CA SER E 148 -13.36 13.89 -33.93
C SER E 148 -12.53 13.96 -32.66
N LEU E 149 -12.92 13.19 -31.65
CA LEU E 149 -12.21 13.13 -30.39
C LEU E 149 -11.11 12.06 -30.44
N ALA E 150 -10.10 12.23 -29.60
CA ALA E 150 -9.00 11.27 -29.54
C ALA E 150 -9.48 9.94 -28.99
N GLU E 151 -8.71 8.89 -29.25
CA GLU E 151 -9.06 7.55 -28.80
C GLU E 151 -8.93 7.42 -27.29
N GLY E 152 -7.73 7.69 -26.78
CA GLY E 152 -7.47 7.63 -25.36
C GLY E 152 -7.48 9.02 -24.74
N LYS E 153 -6.30 9.52 -24.40
CA LYS E 153 -6.16 10.86 -23.82
C LYS E 153 -5.96 11.90 -24.92
N VAL E 154 -5.81 13.16 -24.52
CA VAL E 154 -5.60 14.26 -25.46
C VAL E 154 -4.31 14.05 -26.26
N MET E 155 -4.22 14.70 -27.41
CA MET E 155 -3.02 14.64 -28.25
C MET E 155 -2.67 16.01 -28.83
N ILE E 156 -1.39 16.33 -28.83
CA ILE E 156 -0.88 17.58 -29.42
C ILE E 156 0.09 17.24 -30.55
N ARG E 157 -0.03 17.97 -31.66
CA ARG E 157 0.68 17.62 -32.89
C ARG E 157 1.12 18.86 -33.66
N SER E 158 2.37 18.86 -34.10
CA SER E 158 2.93 19.97 -34.86
C SER E 158 4.15 19.50 -35.66
N GLU E 159 4.53 20.27 -36.67
CA GLU E 159 5.69 19.95 -37.50
C GLU E 159 6.98 20.01 -36.69
N ASN E 160 7.32 21.20 -36.21
CA ASN E 160 8.50 21.41 -35.39
C ASN E 160 8.12 22.19 -34.13
N ILE E 161 8.06 21.49 -33.00
CA ILE E 161 7.63 22.08 -31.74
C ILE E 161 8.56 23.19 -31.29
N THR E 162 9.85 23.02 -31.54
CA THR E 162 10.84 24.03 -31.17
C THR E 162 10.57 25.34 -31.90
N ASN E 163 9.87 25.26 -33.02
CA ASN E 163 9.53 26.44 -33.81
C ASN E 163 8.35 27.20 -33.21
N ASN E 164 8.16 28.44 -33.64
CA ASN E 164 7.09 29.30 -33.14
C ASN E 164 6.10 29.66 -34.25
N VAL E 165 6.59 29.69 -35.49
CA VAL E 165 5.77 30.06 -36.63
C VAL E 165 4.72 28.98 -36.92
N LYS E 166 5.11 27.72 -36.75
CA LYS E 166 4.24 26.59 -37.06
C LYS E 166 3.21 26.35 -35.97
N ASN E 167 1.94 26.28 -36.37
CA ASN E 167 0.84 26.11 -35.42
C ASN E 167 0.90 24.78 -34.69
N ILE E 168 0.18 24.71 -33.58
CA ILE E 168 0.04 23.48 -32.80
C ILE E 168 -1.42 23.02 -32.81
N ILE E 169 -1.67 21.85 -33.39
CA ILE E 169 -3.02 21.29 -33.44
C ILE E 169 -3.24 20.40 -32.22
N VAL E 170 -4.45 20.48 -31.66
CA VAL E 170 -4.80 19.76 -30.44
C VAL E 170 -6.13 19.04 -30.62
N GLN E 171 -6.26 17.87 -29.98
CA GLN E 171 -7.46 17.04 -30.10
C GLN E 171 -7.89 16.48 -28.74
N LEU E 172 -8.98 17.03 -28.21
CA LEU E 172 -9.50 16.61 -26.92
C LEU E 172 -10.09 15.20 -26.99
N ASN E 173 -10.15 14.52 -25.85
CA ASN E 173 -10.90 13.27 -25.73
C ASN E 173 -12.18 13.53 -24.93
N GLU E 174 -12.57 14.80 -24.88
CA GLU E 174 -13.84 15.22 -24.26
C GLU E 174 -14.39 16.44 -24.98
N SER E 175 -15.50 16.26 -25.69
CA SER E 175 -16.11 17.34 -26.45
C SER E 175 -16.87 18.31 -25.54
N VAL E 176 -16.52 19.59 -25.64
CA VAL E 176 -17.19 20.64 -24.86
C VAL E 176 -18.33 21.25 -25.68
N THR E 177 -19.56 20.95 -25.28
CA THR E 177 -20.73 21.45 -25.99
C THR E 177 -20.87 22.96 -25.82
N ILE E 178 -21.26 23.65 -26.89
CA ILE E 178 -21.37 25.11 -26.88
C ILE E 178 -22.51 25.60 -27.77
N ASN E 179 -23.50 26.24 -27.15
CA ASN E 179 -24.61 26.84 -27.90
C ASN E 179 -24.47 28.35 -27.94
N CYS E 180 -24.17 28.87 -29.13
CA CYS E 180 -24.28 30.31 -29.37
C CYS E 180 -25.75 30.61 -29.61
N THR E 181 -26.15 31.85 -29.33
CA THR E 181 -27.56 32.20 -29.46
C THR E 181 -27.77 33.71 -29.53
N ARG E 182 -28.43 34.14 -30.60
CA ARG E 182 -28.84 35.53 -30.77
C ARG E 182 -30.31 35.70 -30.42
N PRO E 183 -30.62 36.40 -29.30
CA PRO E 183 -32.03 36.60 -28.95
C PRO E 183 -32.83 37.32 -30.03
N ASN E 184 -34.16 37.29 -29.90
CA ASN E 184 -35.05 37.94 -30.86
C ASN E 184 -35.29 39.40 -30.53
N ASN E 185 -34.21 40.14 -30.37
CA ASN E 185 -34.28 41.58 -30.13
C ASN E 185 -34.35 42.34 -31.45
N SER E 190 -39.18 44.60 -26.65
CA SER E 190 -37.79 44.21 -26.45
C SER E 190 -36.87 44.92 -27.43
N GLY E 191 -36.61 46.19 -27.18
CA GLY E 191 -35.68 46.96 -28.00
C GLY E 191 -34.27 46.45 -27.81
N GLY E 192 -33.58 46.16 -28.91
CA GLY E 192 -32.24 45.62 -28.86
C GLY E 192 -31.64 45.37 -30.23
N ASP E 193 -30.33 45.10 -30.24
CA ASP E 193 -29.60 44.91 -31.48
C ASP E 193 -29.85 43.52 -32.07
N ILE E 194 -29.93 43.46 -33.39
CA ILE E 194 -30.11 42.18 -34.10
C ILE E 194 -28.75 41.55 -34.43
N ARG E 195 -27.72 41.95 -33.69
CA ARG E 195 -26.38 41.41 -33.88
C ARG E 195 -25.81 40.89 -32.56
N GLN E 196 -26.23 41.49 -31.46
CA GLN E 196 -25.81 41.02 -30.13
C GLN E 196 -26.24 39.58 -29.88
N ALA E 197 -25.29 38.66 -29.96
CA ALA E 197 -25.50 37.26 -29.59
C ALA E 197 -24.60 36.93 -28.40
N HIS E 198 -24.82 35.78 -27.78
CA HIS E 198 -24.02 35.37 -26.62
C HIS E 198 -23.86 33.86 -26.55
N CYS E 199 -22.61 33.40 -26.44
CA CYS E 199 -22.28 31.99 -26.45
C CYS E 199 -22.12 31.44 -25.04
N ASN E 200 -22.97 30.49 -24.68
CA ASN E 200 -22.98 29.91 -23.33
C ASN E 200 -22.31 28.55 -23.29
N VAL E 201 -21.39 28.38 -22.33
CA VAL E 201 -20.73 27.10 -22.10
C VAL E 201 -20.46 26.92 -20.62
N SER E 202 -20.59 25.68 -20.14
CA SER E 202 -20.34 25.37 -18.74
C SER E 202 -18.89 25.64 -18.37
N GLY E 203 -18.68 26.24 -17.21
CA GLY E 203 -17.35 26.59 -16.76
C GLY E 203 -16.59 25.43 -16.13
N SER E 204 -17.31 24.59 -15.40
CA SER E 204 -16.70 23.46 -14.70
C SER E 204 -16.02 22.50 -15.68
N GLN E 205 -16.47 22.52 -16.93
CA GLN E 205 -15.89 21.66 -17.96
C GLN E 205 -14.61 22.25 -18.52
N TRP E 206 -14.48 23.57 -18.44
CA TRP E 206 -13.27 24.24 -18.90
C TRP E 206 -12.14 24.16 -17.88
N ASN E 207 -12.50 24.08 -16.60
CA ASN E 207 -11.52 23.91 -15.54
C ASN E 207 -11.15 22.44 -15.35
N LYS E 208 -11.33 21.65 -16.40
CA LYS E 208 -11.01 20.23 -16.37
C LYS E 208 -10.42 19.78 -17.71
N THR E 209 -10.95 20.32 -18.81
CA THR E 209 -10.42 20.04 -20.13
C THR E 209 -9.10 20.77 -20.35
N LEU E 210 -8.98 21.96 -19.77
CA LEU E 210 -7.73 22.73 -19.84
C LEU E 210 -6.66 22.07 -18.97
N HIS E 211 -7.09 21.44 -17.88
CA HIS E 211 -6.16 20.78 -16.98
C HIS E 211 -5.45 19.60 -17.65
N GLN E 212 -6.04 19.12 -18.74
CA GLN E 212 -5.51 17.95 -19.45
C GLN E 212 -4.50 18.36 -20.52
N VAL E 213 -4.76 19.47 -21.21
CA VAL E 213 -3.91 19.91 -22.31
C VAL E 213 -2.58 20.45 -21.78
N VAL E 214 -2.62 21.16 -20.66
CA VAL E 214 -1.41 21.72 -20.07
C VAL E 214 -0.48 20.61 -19.59
N GLU E 215 -1.07 19.52 -19.10
CA GLU E 215 -0.30 18.37 -18.63
C GLU E 215 0.62 17.84 -19.73
N GLN E 216 0.10 17.82 -20.95
CA GLN E 216 0.84 17.29 -22.09
C GLN E 216 1.59 18.40 -22.85
N LEU E 217 1.23 19.65 -22.58
CA LEU E 217 1.98 20.78 -23.13
C LEU E 217 3.30 20.92 -22.38
N ARG E 218 3.28 20.51 -21.11
CA ARG E 218 4.53 20.30 -20.37
C ARG E 218 5.15 19.03 -20.91
N LYS E 219 6.20 18.52 -20.24
CA LYS E 219 6.96 17.38 -20.76
C LYS E 219 7.65 17.77 -22.06
N TYR E 220 6.87 18.15 -23.06
CA TYR E 220 7.39 18.68 -24.32
C TYR E 220 8.13 20.00 -24.10
N TRP E 221 7.81 20.69 -23.01
CA TRP E 221 8.47 21.94 -22.64
C TRP E 221 8.84 21.97 -21.17
N ASN E 222 9.45 20.88 -20.71
CA ASN E 222 9.94 20.78 -19.34
C ASN E 222 8.83 20.99 -18.32
N ASN E 223 9.20 21.43 -17.12
CA ASN E 223 8.23 21.71 -16.06
C ASN E 223 7.98 23.21 -15.92
N ASN E 224 8.20 23.95 -17.00
CA ASN E 224 7.87 25.37 -17.04
C ASN E 224 6.36 25.56 -16.94
N THR E 225 5.92 26.61 -16.26
CA THR E 225 4.50 26.86 -16.07
C THR E 225 3.88 27.55 -17.29
N ILE E 226 2.98 26.83 -17.95
CA ILE E 226 2.28 27.36 -19.11
C ILE E 226 1.25 28.40 -18.66
N ILE E 227 1.05 29.41 -19.50
CA ILE E 227 0.01 30.41 -19.29
C ILE E 227 -0.59 30.81 -20.62
N PHE E 228 -1.90 31.06 -20.62
CA PHE E 228 -2.62 31.43 -21.83
C PHE E 228 -3.11 32.88 -21.78
N ASN E 229 -2.88 33.59 -22.88
CA ASN E 229 -3.41 34.94 -23.06
C ASN E 229 -4.26 34.98 -24.32
N SER E 230 -4.98 36.09 -24.52
CA SER E 230 -5.80 36.27 -25.71
C SER E 230 -4.89 36.38 -26.93
N SER E 231 -5.50 36.42 -28.11
CA SER E 231 -4.75 36.55 -29.36
C SER E 231 -3.87 37.79 -29.34
N SER E 232 -2.68 37.69 -29.93
CA SER E 232 -1.72 38.77 -29.95
C SER E 232 -2.26 39.99 -30.70
N GLY E 233 -2.84 39.73 -31.87
CA GLY E 233 -3.38 40.79 -32.70
C GLY E 233 -3.48 40.38 -34.15
N GLY E 234 -4.21 41.17 -34.94
CA GLY E 234 -4.39 40.91 -36.35
C GLY E 234 -5.77 41.32 -36.81
N ASP E 235 -6.21 40.76 -37.93
CA ASP E 235 -7.56 41.00 -38.43
C ASP E 235 -8.58 40.29 -37.56
N LEU E 236 -9.83 40.74 -37.62
CA LEU E 236 -10.88 40.28 -36.72
C LEU E 236 -11.06 38.76 -36.76
N GLU E 237 -10.69 38.14 -37.86
CA GLU E 237 -11.02 36.73 -38.10
C GLU E 237 -9.89 35.76 -37.76
N ILE E 238 -8.98 36.20 -36.88
CA ILE E 238 -8.00 35.28 -36.29
C ILE E 238 -7.87 35.56 -34.80
N THR E 239 -8.50 36.64 -34.33
CA THR E 239 -8.48 37.02 -32.93
C THR E 239 -9.72 36.54 -32.18
N THR E 240 -10.75 36.16 -32.93
CA THR E 240 -12.03 35.74 -32.37
C THR E 240 -12.46 34.37 -32.86
N HIS E 241 -13.51 33.84 -32.24
CA HIS E 241 -14.03 32.52 -32.60
C HIS E 241 -14.99 32.62 -33.79
N SER E 242 -14.42 32.87 -34.96
CA SER E 242 -15.22 33.06 -36.18
C SER E 242 -15.72 31.75 -36.74
N PHE E 243 -17.04 31.68 -36.98
CA PHE E 243 -17.63 30.53 -37.65
C PHE E 243 -19.06 30.79 -38.12
N ASN E 244 -19.39 30.29 -39.31
CA ASN E 244 -20.73 30.41 -39.86
C ASN E 244 -21.72 29.63 -39.03
N CYS E 245 -22.99 30.00 -39.11
CA CYS E 245 -24.02 29.33 -38.33
C CYS E 245 -25.41 29.68 -38.84
N GLY E 246 -25.84 28.98 -39.90
CA GLY E 246 -27.15 29.21 -40.49
C GLY E 246 -27.14 30.32 -41.53
N GLY E 247 -26.10 30.34 -42.34
CA GLY E 247 -25.99 31.33 -43.40
C GLY E 247 -25.64 32.70 -42.86
N GLU E 248 -24.87 32.71 -41.78
CA GLU E 248 -24.46 33.95 -41.13
C GLU E 248 -23.00 33.90 -40.71
N PHE E 249 -22.59 34.85 -39.87
CA PHE E 249 -21.20 34.93 -39.41
C PHE E 249 -21.12 35.46 -37.98
N PHE E 250 -20.58 34.65 -37.07
CA PHE E 250 -20.42 35.03 -35.68
C PHE E 250 -18.98 35.41 -35.36
N TYR E 251 -18.81 36.22 -34.32
CA TYR E 251 -17.48 36.59 -33.82
C TYR E 251 -17.57 36.73 -32.31
N CYS E 252 -16.64 36.09 -31.59
CA CYS E 252 -16.72 36.05 -30.13
C CYS E 252 -15.41 36.43 -29.44
N ASN E 253 -15.52 37.24 -28.40
CA ASN E 253 -14.37 37.69 -27.62
C ASN E 253 -13.77 36.52 -26.83
N THR E 254 -12.48 36.27 -27.06
CA THR E 254 -11.82 35.08 -26.54
C THR E 254 -11.08 35.33 -25.22
N SER E 255 -10.91 36.60 -24.88
CA SER E 255 -10.12 36.98 -23.71
C SER E 255 -10.59 36.29 -22.44
N GLY E 256 -11.91 36.26 -22.24
CA GLY E 256 -12.49 35.64 -21.05
C GLY E 256 -12.33 34.13 -21.07
N LEU E 257 -12.12 33.57 -22.26
CA LEU E 257 -11.99 32.12 -22.41
C LEU E 257 -10.57 31.64 -22.13
N PHE E 258 -9.59 32.50 -22.42
CA PHE E 258 -8.19 32.14 -22.27
C PHE E 258 -7.54 32.89 -21.12
N ASN E 259 -8.19 32.85 -19.95
CA ASN E 259 -7.61 33.38 -18.73
C ASN E 259 -6.73 32.32 -18.06
N SER E 260 -5.45 32.62 -17.90
CA SER E 260 -4.51 31.66 -17.32
C SER E 260 -4.79 31.46 -15.84
N GLY E 265 -10.38 23.39 -11.13
CA GLY E 265 -11.01 24.64 -10.74
C GLY E 265 -11.15 24.75 -9.23
N THR E 266 -11.15 25.98 -8.72
CA THR E 266 -11.28 26.21 -7.28
C THR E 266 -11.61 27.68 -6.97
N ALA E 267 -10.93 28.62 -7.64
CA ALA E 267 -11.16 30.02 -7.36
C ALA E 267 -12.57 30.44 -7.77
N SER E 268 -13.07 31.51 -7.17
CA SER E 268 -14.40 32.02 -7.48
C SER E 268 -14.49 32.47 -8.93
N ILE E 269 -15.70 32.75 -9.40
CA ILE E 269 -15.97 33.17 -10.78
C ILE E 269 -15.84 32.02 -11.79
N GLU E 270 -14.92 31.07 -11.53
CA GLU E 270 -14.78 29.89 -12.37
C GLU E 270 -16.08 29.08 -12.38
N ASN E 271 -16.73 29.01 -11.22
CA ASN E 271 -18.03 28.36 -11.10
C ASN E 271 -19.12 29.22 -11.72
N GLY E 272 -19.57 28.84 -12.92
CA GLY E 272 -20.59 29.57 -13.63
C GLY E 272 -20.43 29.44 -15.13
N THR E 273 -21.29 30.15 -15.86
CA THR E 273 -21.28 30.12 -17.32
C THR E 273 -20.40 31.22 -17.87
N ILE E 274 -19.33 30.84 -18.56
CA ILE E 274 -18.49 31.81 -19.27
C ILE E 274 -19.26 32.32 -20.49
N THR E 275 -19.82 33.51 -20.37
CA THR E 275 -20.61 34.10 -21.44
C THR E 275 -19.71 34.91 -22.38
N LEU E 276 -19.36 34.31 -23.51
CA LEU E 276 -18.57 35.00 -24.51
C LEU E 276 -19.49 35.83 -25.39
N PRO E 277 -19.22 37.15 -25.50
CA PRO E 277 -20.11 37.99 -26.30
C PRO E 277 -20.00 37.66 -27.79
N CYS E 278 -21.12 37.52 -28.48
CA CYS E 278 -21.12 37.17 -29.90
C CYS E 278 -21.81 38.27 -30.72
N ARG E 279 -21.24 38.57 -31.87
CA ARG E 279 -21.76 39.63 -32.74
C ARG E 279 -21.86 39.14 -34.18
N ILE E 280 -22.85 39.66 -34.91
CA ILE E 280 -23.06 39.24 -36.29
C ILE E 280 -22.64 40.36 -37.24
N LYS E 281 -21.77 40.02 -38.19
CA LYS E 281 -21.23 40.98 -39.13
C LYS E 281 -21.54 40.56 -40.56
N GLN E 282 -21.98 41.52 -41.37
CA GLN E 282 -22.26 41.28 -42.78
C GLN E 282 -20.99 41.35 -43.60
N ILE E 283 -20.01 42.09 -43.09
CA ILE E 283 -18.72 42.27 -43.75
C ILE E 283 -17.67 41.30 -43.20
N ILE E 284 -17.08 40.51 -44.10
CA ILE E 284 -16.06 39.55 -43.73
C ILE E 284 -14.93 39.56 -44.76
N ASN E 285 -13.69 39.46 -44.28
CA ASN E 285 -12.55 39.27 -45.18
C ASN E 285 -12.50 37.83 -45.66
N MET E 286 -12.72 37.62 -46.95
CA MET E 286 -12.85 36.27 -47.49
C MET E 286 -11.60 35.45 -47.23
N TRP E 287 -11.81 34.15 -47.07
CA TRP E 287 -10.73 33.23 -46.79
C TRP E 287 -10.28 32.45 -48.03
N GLN E 288 -11.25 32.06 -48.87
CA GLN E 288 -10.97 31.31 -50.08
C GLN E 288 -9.90 32.01 -50.92
N ARG E 289 -9.87 33.33 -50.83
CA ARG E 289 -8.96 34.15 -51.60
C ARG E 289 -8.65 35.41 -50.79
N VAL E 290 -7.53 36.06 -51.09
CA VAL E 290 -7.19 37.29 -50.40
C VAL E 290 -8.13 38.41 -50.85
N GLY E 291 -8.90 38.95 -49.92
CA GLY E 291 -9.83 40.02 -50.23
C GLY E 291 -10.87 40.29 -49.16
N GLN E 292 -12.02 40.82 -49.59
CA GLN E 292 -13.14 41.12 -48.70
C GLN E 292 -14.48 40.80 -49.36
N ALA E 293 -15.51 40.65 -48.55
CA ALA E 293 -16.85 40.39 -49.08
C ALA E 293 -17.94 40.88 -48.13
N ILE E 294 -19.15 41.01 -48.68
CA ILE E 294 -20.28 41.50 -47.90
C ILE E 294 -21.56 40.76 -48.28
N TYR E 295 -22.26 40.26 -47.26
CA TYR E 295 -23.50 39.51 -47.46
C TYR E 295 -24.70 40.33 -47.01
N ALA E 296 -25.89 39.79 -47.24
CA ALA E 296 -27.13 40.47 -46.86
C ALA E 296 -27.30 40.48 -45.34
N PRO E 297 -28.22 41.31 -44.84
CA PRO E 297 -28.43 41.40 -43.38
C PRO E 297 -28.83 40.08 -42.74
N PRO E 298 -28.69 39.98 -41.41
CA PRO E 298 -29.08 38.75 -40.68
C PRO E 298 -30.58 38.55 -40.64
N ILE E 299 -31.01 37.29 -40.70
CA ILE E 299 -32.44 36.97 -40.72
C ILE E 299 -33.08 37.15 -39.34
N GLN E 300 -34.41 37.08 -39.32
CA GLN E 300 -35.17 37.19 -38.08
C GLN E 300 -35.14 35.88 -37.31
N GLY E 301 -35.95 35.80 -36.25
CA GLY E 301 -36.09 34.60 -35.46
C GLY E 301 -34.86 34.29 -34.63
N VAL E 302 -34.98 33.30 -33.76
CA VAL E 302 -33.85 32.84 -32.94
C VAL E 302 -32.77 32.27 -33.85
N ILE E 303 -31.51 32.54 -33.51
CA ILE E 303 -30.37 32.04 -34.26
C ILE E 303 -29.44 31.33 -33.28
N ARG E 304 -29.57 30.00 -33.24
CA ARG E 304 -28.97 29.19 -32.18
C ARG E 304 -28.27 27.95 -32.76
N CYS E 305 -27.08 27.65 -32.27
CA CYS E 305 -26.31 26.52 -32.77
C CYS E 305 -25.42 25.87 -31.70
N VAL E 306 -25.89 24.76 -31.15
CA VAL E 306 -25.09 23.94 -30.25
C VAL E 306 -23.99 23.27 -31.06
N SER E 307 -22.78 23.23 -30.52
CA SER E 307 -21.64 22.69 -31.26
C SER E 307 -20.65 21.96 -30.35
N ASN E 308 -19.80 21.14 -30.95
CA ASN E 308 -18.82 20.33 -30.23
C ASN E 308 -17.39 20.84 -30.34
N ILE E 309 -16.91 21.54 -29.32
CA ILE E 309 -15.51 21.94 -29.29
C ILE E 309 -14.64 20.70 -29.05
N THR E 310 -14.01 20.22 -30.12
CA THR E 310 -13.22 19.00 -30.06
C THR E 310 -11.72 19.28 -30.10
N GLY E 311 -11.34 20.40 -30.73
CA GLY E 311 -9.94 20.73 -30.88
C GLY E 311 -9.70 22.23 -30.98
N LEU E 312 -8.42 22.61 -30.91
CA LEU E 312 -8.03 24.02 -30.93
C LEU E 312 -6.72 24.18 -31.69
N ILE E 313 -6.43 25.41 -32.10
CA ILE E 313 -5.19 25.73 -32.81
C ILE E 313 -4.41 26.79 -32.04
N LEU E 314 -3.25 26.42 -31.54
CA LEU E 314 -2.42 27.32 -30.74
C LEU E 314 -1.28 27.92 -31.56
N THR E 315 -0.63 28.94 -30.98
CA THR E 315 0.54 29.56 -31.59
C THR E 315 1.53 29.95 -30.49
N ARG E 316 2.55 29.13 -30.30
CA ARG E 316 3.52 29.36 -29.25
C ARG E 316 4.34 30.62 -29.54
N ASP E 317 4.60 31.40 -28.49
CA ASP E 317 5.42 32.60 -28.61
C ASP E 317 6.86 32.30 -28.22
N GLY E 318 7.81 32.78 -29.03
CA GLY E 318 9.21 32.52 -28.81
C GLY E 318 10.02 33.81 -28.69
N GLY E 319 11.33 33.68 -28.80
CA GLY E 319 12.24 34.80 -28.64
C GLY E 319 12.75 34.88 -27.22
N GLY E 320 11.84 34.80 -26.27
CA GLY E 320 12.20 34.77 -24.86
C GLY E 320 12.82 33.43 -24.51
N ASN E 321 13.76 33.45 -23.56
CA ASN E 321 14.44 32.24 -23.14
C ASN E 321 13.53 31.33 -22.33
N SER E 322 14.13 30.40 -21.58
CA SER E 322 13.38 29.56 -20.66
C SER E 322 12.91 30.39 -19.47
N ASN E 323 12.00 31.32 -19.71
CA ASN E 323 11.51 32.22 -18.67
C ASN E 323 10.46 31.57 -17.78
N GLU E 324 10.71 30.33 -17.38
CA GLU E 324 9.79 29.58 -16.51
C GLU E 324 8.43 29.39 -17.18
N ASN E 325 8.38 29.59 -18.49
CA ASN E 325 7.14 29.46 -19.25
C ASN E 325 7.41 29.48 -20.74
N GLU E 326 6.35 29.51 -21.54
CA GLU E 326 6.47 29.59 -22.98
C GLU E 326 5.37 30.47 -23.58
N THR E 327 4.20 30.45 -22.95
CA THR E 327 3.04 31.24 -23.39
C THR E 327 2.44 30.70 -24.69
N PHE E 328 1.11 30.67 -24.75
CA PHE E 328 0.40 30.18 -25.93
C PHE E 328 -0.84 31.02 -26.20
N ARG E 329 -1.04 31.35 -27.48
CA ARG E 329 -2.22 32.10 -27.91
C ARG E 329 -2.87 31.39 -29.08
N PRO E 330 -4.20 31.54 -29.22
CA PRO E 330 -4.89 30.89 -30.34
C PRO E 330 -4.54 31.53 -31.68
N GLY E 331 -4.94 30.89 -32.77
CA GLY E 331 -4.66 31.39 -34.10
C GLY E 331 -5.45 30.67 -35.18
N GLY E 332 -4.74 29.95 -36.04
CA GLY E 332 -5.36 29.25 -37.15
C GLY E 332 -5.48 30.16 -38.36
N GLY E 333 -6.71 30.52 -38.72
CA GLY E 333 -6.96 31.35 -39.88
C GLY E 333 -6.93 30.55 -41.16
N ASP E 334 -5.87 29.75 -41.32
CA ASP E 334 -5.76 28.81 -42.42
C ASP E 334 -6.52 27.53 -42.08
N MET E 335 -7.58 27.25 -42.84
CA MET E 335 -8.42 26.09 -42.55
C MET E 335 -7.85 24.80 -43.12
N ARG E 336 -6.64 24.86 -43.67
CA ARG E 336 -5.93 23.64 -44.03
C ARG E 336 -5.64 22.87 -42.76
N ASP E 337 -5.39 23.61 -41.68
CA ASP E 337 -5.15 23.03 -40.36
C ASP E 337 -6.41 22.38 -39.81
N ASN E 338 -7.56 22.87 -40.25
CA ASN E 338 -8.85 22.29 -39.86
C ASN E 338 -9.07 20.95 -40.56
N TRP E 339 -8.74 20.89 -41.85
CA TRP E 339 -8.91 19.66 -42.61
C TRP E 339 -7.91 18.58 -42.19
N ARG E 340 -6.83 18.99 -41.51
CA ARG E 340 -5.71 18.09 -41.25
C ARG E 340 -5.83 17.37 -39.91
N SER E 341 -6.50 17.99 -38.95
CA SER E 341 -6.64 17.40 -37.62
C SER E 341 -7.49 16.13 -37.69
N GLU E 342 -8.24 15.99 -38.78
CA GLU E 342 -9.09 14.82 -39.00
C GLU E 342 -8.43 13.84 -39.96
N LEU E 343 -7.72 14.39 -40.94
CA LEU E 343 -7.22 13.64 -42.07
C LEU E 343 -5.76 13.22 -41.87
N TYR E 344 -5.33 13.13 -40.62
CA TYR E 344 -3.94 12.80 -40.28
C TYR E 344 -3.63 11.33 -40.48
N LYS E 345 -4.59 10.47 -40.13
CA LYS E 345 -4.36 9.02 -40.12
C LYS E 345 -4.80 8.34 -41.42
N TYR E 346 -4.63 9.04 -42.54
CA TYR E 346 -4.96 8.49 -43.84
C TYR E 346 -3.82 8.70 -44.83
N LYS E 347 -3.76 7.85 -45.85
CA LYS E 347 -2.65 7.85 -46.81
C LYS E 347 -2.99 7.08 -48.08
N VAL E 348 -2.92 7.77 -49.22
CA VAL E 348 -3.15 7.14 -50.51
C VAL E 348 -1.90 6.39 -50.96
N VAL E 349 -2.10 5.20 -51.55
CA VAL E 349 -1.00 4.40 -52.07
C VAL E 349 -1.34 3.82 -53.44
N LYS E 350 -0.31 3.51 -54.21
CA LYS E 350 -0.46 2.91 -55.52
C LYS E 350 -0.27 1.39 -55.43
N ILE E 351 -1.28 0.64 -55.89
CA ILE E 351 -1.19 -0.82 -55.88
C ILE E 351 -0.11 -1.27 -56.86
N GLU E 352 0.73 -2.20 -56.42
CA GLU E 352 1.87 -2.64 -57.21
C GLU E 352 2.53 -3.86 -56.58
N GLN F 1 -8.72 70.24 25.62
CA GLN F 1 -8.18 69.26 24.64
C GLN F 1 -6.92 68.56 25.15
N VAL F 2 -6.60 67.42 24.55
CA VAL F 2 -5.56 66.53 25.07
C VAL F 2 -4.62 66.25 23.91
N GLN F 3 -3.31 66.35 24.15
CA GLN F 3 -2.31 66.06 23.12
C GLN F 3 -1.32 64.98 23.56
N LEU F 4 -1.09 63.99 22.70
CA LEU F 4 0.02 63.05 22.91
C LEU F 4 1.22 63.36 22.02
N GLN F 5 2.36 63.67 22.64
CA GLN F 5 3.60 63.93 21.92
C GLN F 5 4.64 62.84 22.22
N GLN F 6 5.34 62.35 21.19
CA GLN F 6 6.34 61.29 21.38
C GLN F 6 7.77 61.77 21.10
N TRP F 7 8.72 61.16 21.81
CA TRP F 7 10.14 61.36 21.56
C TRP F 7 10.93 60.11 21.94
N GLY F 8 12.22 60.09 21.62
CA GLY F 8 13.06 58.91 21.77
C GLY F 8 13.88 58.60 20.54
N ALA F 9 14.98 57.87 20.71
CA ALA F 9 15.90 57.58 19.62
C ALA F 9 15.32 56.50 18.71
N GLY F 10 15.32 56.78 17.40
CA GLY F 10 14.70 55.90 16.42
C GLY F 10 15.64 55.11 15.53
N LEU F 11 16.93 55.39 15.59
CA LEU F 11 17.92 54.62 14.82
C LEU F 11 18.75 53.69 15.69
N LEU F 12 18.55 52.39 15.49
CA LEU F 12 19.17 51.37 16.33
C LEU F 12 19.90 50.32 15.50
N LYS F 13 20.87 49.67 16.11
CA LYS F 13 21.53 48.50 15.54
C LYS F 13 20.98 47.26 16.24
N PRO F 14 21.07 46.09 15.59
CA PRO F 14 20.56 44.85 16.18
C PRO F 14 21.14 44.52 17.56
N SER F 15 20.27 44.01 18.44
CA SER F 15 20.61 43.59 19.80
C SER F 15 20.58 44.74 20.83
N GLU F 16 20.40 45.97 20.37
CA GLU F 16 20.27 47.11 21.29
C GLU F 16 18.83 47.19 21.82
N THR F 17 18.55 48.18 22.68
CA THR F 17 17.21 48.34 23.24
C THR F 17 16.52 49.61 22.73
N LEU F 18 15.30 49.45 22.20
CA LEU F 18 14.43 50.58 21.84
C LEU F 18 13.73 51.20 23.06
N SER F 19 13.86 52.50 23.25
CA SER F 19 13.27 53.19 24.39
C SER F 19 12.58 54.50 23.99
N LEU F 20 11.25 54.47 23.86
CA LEU F 20 10.50 55.65 23.45
C LEU F 20 9.65 56.16 24.61
N THR F 21 9.36 57.46 24.62
CA THR F 21 8.53 58.06 25.66
C THR F 21 7.44 58.96 25.08
N CYS F 22 6.29 58.98 25.74
CA CYS F 22 5.12 59.75 25.31
C CYS F 22 4.63 60.63 26.46
N GLY F 23 4.66 61.95 26.25
CA GLY F 23 4.16 62.88 27.26
C GLY F 23 2.74 63.35 27.03
N VAL F 24 1.98 63.44 28.13
CA VAL F 24 0.59 63.86 28.11
C VAL F 24 0.41 65.26 28.72
N TYR F 25 -0.22 66.14 27.95
CA TYR F 25 -0.44 67.53 28.33
C TYR F 25 -1.91 67.91 28.19
N GLY F 26 -2.50 68.31 29.30
CA GLY F 26 -3.91 68.67 29.37
C GLY F 26 -4.72 67.70 30.21
N GLU F 27 -4.07 66.63 30.68
CA GLU F 27 -4.74 65.61 31.48
C GLU F 27 -3.72 64.83 32.31
N SER F 28 -4.16 64.29 33.44
CA SER F 28 -3.29 63.48 34.30
C SER F 28 -3.36 62.00 33.92
N LEU F 29 -2.34 61.24 34.27
CA LEU F 29 -2.34 59.80 34.01
C LEU F 29 -3.36 59.02 34.83
N OAS F 30 -3.82 59.61 35.93
CA OAS F 30 -4.71 58.92 36.85
CB OAS F 30 -5.10 59.62 38.17
OG OAS F 30 -4.49 58.81 39.20
C OAS F 30 -5.98 58.43 36.18
O OAS F 30 -6.61 59.07 35.33
C2A OAS F 30 -4.03 56.50 38.80
C1A OAS F 30 -3.52 57.91 38.82
OAC OAS F 30 -2.36 58.30 38.72
N GLY F 31 -6.41 57.24 36.60
CA GLY F 31 -7.68 56.68 36.18
C GLY F 31 -7.85 56.54 34.68
N HIS F 32 -6.75 56.30 33.98
CA HIS F 32 -6.77 56.05 32.55
C HIS F 32 -5.73 55.00 32.19
N TYR F 33 -6.09 54.08 31.30
CA TYR F 33 -5.11 53.14 30.78
C TYR F 33 -4.34 53.81 29.63
N TRP F 34 -3.05 53.50 29.52
CA TRP F 34 -2.17 54.13 28.54
C TRP F 34 -1.41 53.05 27.77
N SER F 35 -1.45 53.13 26.45
CA SER F 35 -1.20 51.98 25.59
C SER F 35 -0.20 52.28 24.48
N TRP F 36 0.41 51.24 23.94
CA TRP F 36 1.29 51.34 22.78
C TRP F 36 0.83 50.44 21.63
N VAL F 37 0.97 50.97 20.43
CA VAL F 37 0.55 50.30 19.20
C VAL F 37 1.57 50.60 18.13
N ARG F 38 1.94 49.58 17.36
CA ARG F 38 2.95 49.73 16.32
C ARG F 38 2.37 49.27 14.98
N GLN F 39 3.00 49.70 13.91
CA GLN F 39 2.50 49.46 12.56
C GLN F 39 3.67 49.17 11.62
N PRO F 40 3.94 47.88 11.35
CA PRO F 40 5.01 47.64 10.38
C PRO F 40 4.68 48.23 9.02
N PRO F 41 5.71 48.51 8.19
CA PRO F 41 5.47 49.11 6.88
C PRO F 41 4.48 48.32 6.01
N GLY F 42 3.39 48.97 5.62
CA GLY F 42 2.41 48.37 4.74
C GLY F 42 1.54 47.31 5.39
N LYS F 43 1.56 47.23 6.72
CA LYS F 43 0.77 46.25 7.45
C LYS F 43 -0.16 46.89 8.48
N ARG F 44 -0.89 46.05 9.20
CA ARG F 44 -1.92 46.48 10.12
C ARG F 44 -1.35 46.86 11.47
N LEU F 45 -2.17 47.51 12.29
CA LEU F 45 -1.80 47.88 13.64
C LEU F 45 -1.70 46.66 14.55
N GLU F 46 -0.76 46.70 15.48
CA GLU F 46 -0.55 45.60 16.41
C GLU F 46 -0.36 46.15 17.82
N TRP F 47 -1.24 45.72 18.72
CA TRP F 47 -1.17 46.07 20.13
C TRP F 47 0.04 45.51 20.85
N ILE F 48 0.73 46.37 21.58
CA ILE F 48 1.93 45.99 22.34
C ILE F 48 1.61 45.81 23.81
N GLY F 49 0.82 46.72 24.36
CA GLY F 49 0.44 46.64 25.76
C GLY F 49 -0.18 47.91 26.32
N GLU F 50 -0.71 47.83 27.53
CA GLU F 50 -1.39 48.96 28.16
C GLU F 50 -1.15 48.97 29.68
N ILE F 51 -1.49 50.09 30.32
CA ILE F 51 -1.27 50.25 31.76
C ILE F 51 -1.89 51.54 32.30
N LYS F 52 -2.35 51.50 33.56
CA LYS F 52 -2.95 52.66 34.23
C LYS F 52 -2.21 53.03 35.51
N HIS F 53 -2.25 52.12 36.48
CA HIS F 53 -1.60 52.31 37.77
C HIS F 53 -0.43 51.35 37.92
N ASN F 54 0.71 51.88 38.34
CA ASN F 54 1.93 51.08 38.49
C ASN F 54 1.69 49.85 39.36
N GLY F 55 2.02 48.68 38.81
CA GLY F 55 1.87 47.42 39.50
C GLY F 55 0.93 46.45 38.78
N SER F 56 0.68 46.70 37.50
CA SER F 56 -0.18 45.83 36.70
C SER F 56 -0.27 46.28 35.25
N PRO F 57 0.79 46.05 34.47
CA PRO F 57 0.73 46.26 33.02
C PRO F 57 0.17 45.03 32.32
N ASN F 58 -0.11 45.17 31.02
CA ASN F 58 -0.65 44.07 30.22
C ASN F 58 -0.01 44.10 28.84
N TYR F 59 0.66 43.00 28.47
CA TYR F 59 1.45 42.95 27.24
C TYR F 59 0.96 41.89 26.25
N HIS F 60 1.33 42.09 24.99
CA HIS F 60 1.02 41.14 23.93
C HIS F 60 1.74 39.82 24.18
N PRO F 61 1.21 38.71 23.65
CA PRO F 61 1.91 37.44 23.88
C PRO F 61 3.29 37.36 23.21
N SER F 62 3.38 37.80 21.97
CA SER F 62 4.59 37.62 21.15
C SER F 62 5.76 38.49 21.59
N LEU F 63 5.54 39.37 22.56
CA LEU F 63 6.51 40.39 22.91
C LEU F 63 6.86 40.40 24.40
N LYS F 64 6.08 39.69 25.21
CA LYS F 64 6.20 39.79 26.66
C LYS F 64 7.51 39.18 27.18
N SER F 65 8.28 38.58 26.28
CA SER F 65 9.60 38.07 26.64
C SER F 65 10.67 39.15 26.45
N ARG F 66 10.23 40.39 26.24
CA ARG F 66 11.12 41.44 25.74
C ARG F 66 10.68 42.87 26.05
N VAL F 67 9.40 43.04 26.39
CA VAL F 67 8.82 44.38 26.53
C VAL F 67 8.64 44.80 27.98
N THR F 68 8.97 46.06 28.25
CA THR F 68 8.61 46.72 29.51
C THR F 68 7.97 48.07 29.23
N ILE F 69 6.80 48.29 29.82
CA ILE F 69 6.11 49.57 29.79
C ILE F 69 6.00 50.12 31.22
N SER F 70 6.29 51.40 31.40
CA SER F 70 6.35 51.99 32.74
C SER F 70 5.84 53.43 32.73
N LEU F 71 5.33 53.88 33.87
CA LEU F 71 4.83 55.25 34.03
C LEU F 71 5.76 56.15 34.83
N ASP F 72 6.00 57.36 34.33
CA ASP F 72 6.64 58.44 35.10
C ASP F 72 5.57 59.46 35.53
N MET F 73 4.96 59.23 36.69
CA MET F 73 3.77 59.98 37.09
C MET F 73 4.00 61.46 37.43
N SER F 74 5.19 61.81 37.90
CA SER F 74 5.50 63.19 38.26
C SER F 74 5.58 64.13 37.06
N LYS F 75 5.85 63.58 35.88
CA LYS F 75 5.97 64.39 34.66
C LYS F 75 4.81 64.12 33.71
N ASN F 76 3.93 63.20 34.09
CA ASN F 76 2.83 62.77 33.22
C ASN F 76 3.34 62.26 31.88
N GLN F 77 4.30 61.34 31.94
CA GLN F 77 4.87 60.72 30.77
C GLN F 77 4.89 59.22 31.00
N PHE F 78 4.93 58.44 29.92
CA PHE F 78 5.13 57.01 30.03
C PHE F 78 6.02 56.51 28.90
N SER F 79 6.61 55.34 29.11
CA SER F 79 7.69 54.86 28.27
C SER F 79 7.50 53.41 27.88
N LEU F 80 8.16 53.03 26.79
CA LEU F 80 8.16 51.67 26.27
C LEU F 80 9.61 51.23 26.14
N ASN F 81 9.93 50.06 26.69
CA ASN F 81 11.24 49.44 26.53
C ASN F 81 11.10 48.13 25.74
N LEU F 82 12.00 47.94 24.78
CA LEU F 82 12.06 46.72 24.00
C LEU F 82 13.47 46.16 23.81
N THR F 83 13.74 45.04 24.46
CA THR F 83 15.08 44.47 24.50
C THR F 83 15.31 43.56 23.30
N SER F 84 16.57 43.29 22.98
CA SER F 84 16.94 42.37 21.90
C SER F 84 16.14 42.61 20.62
N VAL F 85 16.23 43.81 20.06
CA VAL F 85 15.48 44.13 18.85
C VAL F 85 16.09 43.46 17.64
N THR F 86 15.24 43.07 16.70
CA THR F 86 15.70 42.56 15.42
C THR F 86 15.11 43.41 14.30
N ALA F 87 15.44 43.07 13.06
CA ALA F 87 14.91 43.79 11.89
C ALA F 87 13.38 43.79 11.88
N ALA F 88 12.79 42.76 12.47
CA ALA F 88 11.35 42.55 12.47
C ALA F 88 10.59 43.53 13.36
N ASP F 89 11.32 44.29 14.17
CA ASP F 89 10.71 45.31 15.02
C ASP F 89 10.69 46.67 14.33
N THR F 90 11.10 46.70 13.06
CA THR F 90 11.05 47.92 12.27
C THR F 90 9.59 48.28 12.03
N ALA F 91 9.21 49.49 12.42
CA ALA F 91 7.81 49.91 12.40
C ALA F 91 7.69 51.35 12.85
N VAL F 92 6.51 51.93 12.62
CA VAL F 92 6.13 53.18 13.25
C VAL F 92 5.47 52.84 14.58
N TYR F 93 5.96 53.44 15.66
CA TYR F 93 5.42 53.20 16.99
C TYR F 93 4.55 54.35 17.46
N PHE F 94 3.33 54.04 17.88
CA PHE F 94 2.38 55.03 18.37
C PHE F 94 2.11 54.82 19.86
N CYS F 95 1.87 55.91 20.59
CA CYS F 95 1.29 55.82 21.92
C CYS F 95 -0.16 56.25 21.81
N ALA F 96 -0.98 55.85 22.77
CA ALA F 96 -2.40 56.17 22.72
C ALA F 96 -3.05 56.02 24.09
N ARG F 97 -4.04 56.85 24.36
CA ARG F 97 -4.77 56.79 25.61
C ARG F 97 -5.84 55.70 25.53
N ARG F 98 -6.19 55.16 26.69
CA ARG F 98 -7.27 54.18 26.79
C ARG F 98 -8.05 54.44 28.07
N SER F 99 -9.19 55.11 27.94
CA SER F 99 -9.93 55.53 29.11
C SER F 99 -10.62 54.34 29.78
N ASN F 100 -11.22 54.59 30.95
CA ASN F 100 -11.91 53.56 31.71
C ASN F 100 -13.14 53.01 30.98
N TRP F 101 -13.58 51.83 31.40
CA TRP F 101 -14.72 51.15 30.77
C TRP F 101 -15.94 52.07 30.66
N PRO F 102 -16.71 51.94 29.56
CA PRO F 102 -16.52 51.12 28.37
C PRO F 102 -15.86 51.88 27.24
N TYR F 103 -15.36 53.08 27.53
CA TYR F 103 -14.59 53.85 26.56
C TYR F 103 -13.25 53.13 26.31
N LEU F 104 -13.33 51.99 25.63
CA LEU F 104 -12.16 51.16 25.38
C LEU F 104 -11.39 51.48 24.10
N PRO F 105 -11.98 52.23 23.15
CA PRO F 105 -11.17 52.45 21.95
C PRO F 105 -10.01 53.41 22.16
N PHE F 106 -8.93 53.21 21.40
CA PHE F 106 -7.73 54.02 21.56
C PHE F 106 -7.95 55.41 20.96
N ASP F 107 -7.80 56.43 21.79
CA ASP F 107 -8.11 57.80 21.39
C ASP F 107 -7.78 58.77 22.52
N PRO F 108 -6.96 59.81 22.26
CA PRO F 108 -6.29 60.21 21.01
C PRO F 108 -5.01 59.44 20.74
N TRP F 109 -4.32 59.82 19.67
CA TRP F 109 -3.08 59.19 19.24
C TRP F 109 -1.96 60.22 19.10
N GLY F 110 -0.73 59.79 19.39
CA GLY F 110 0.45 60.56 19.06
C GLY F 110 0.72 60.55 17.57
N GLN F 111 1.74 61.30 17.14
CA GLN F 111 2.02 61.44 15.72
C GLN F 111 2.87 60.29 15.23
N GLY F 112 3.37 59.49 16.16
CA GLY F 112 4.17 58.33 15.83
C GLY F 112 5.66 58.64 15.74
N THR F 113 6.48 57.65 16.07
CA THR F 113 7.93 57.77 15.92
C THR F 113 8.42 56.63 15.03
N LEU F 114 9.12 57.01 13.97
CA LEU F 114 9.73 56.04 13.05
C LEU F 114 10.96 55.38 13.67
N VAL F 115 10.93 54.05 13.75
CA VAL F 115 12.03 53.27 14.29
C VAL F 115 12.58 52.34 13.20
N THR F 116 13.86 52.48 12.91
CA THR F 116 14.52 51.67 11.88
C THR F 116 15.63 50.86 12.54
N VAL F 117 15.55 49.54 12.40
CA VAL F 117 16.56 48.63 12.92
C VAL F 117 17.37 48.02 11.78
N SER F 118 18.65 48.37 11.73
CA SER F 118 19.56 47.84 10.74
C SER F 118 20.99 47.93 11.25
N SER F 119 21.89 47.10 10.71
CA SER F 119 23.30 47.17 11.07
C SER F 119 24.00 48.21 10.20
N ALA F 120 23.30 48.67 9.17
CA ALA F 120 23.84 49.63 8.21
C ALA F 120 24.36 50.86 8.94
N SER F 121 25.47 51.41 8.48
CA SER F 121 26.04 52.62 9.07
C SER F 121 25.47 53.87 8.41
N THR F 122 25.39 54.94 9.19
CA THR F 122 24.91 56.24 8.71
C THR F 122 25.75 56.77 7.56
N LYS F 123 25.07 57.21 6.51
CA LYS F 123 25.73 57.76 5.33
C LYS F 123 24.87 58.86 4.70
N GLY F 124 25.53 59.93 4.28
CA GLY F 124 24.84 61.03 3.62
C GLY F 124 24.56 60.68 2.18
N PRO F 125 23.53 61.31 1.58
CA PRO F 125 23.17 60.96 0.21
C PRO F 125 24.08 61.55 -0.86
N SER F 126 24.28 60.79 -1.93
CA SER F 126 24.84 61.31 -3.16
C SER F 126 23.69 61.83 -4.02
N VAL F 127 23.88 63.02 -4.57
CA VAL F 127 22.88 63.63 -5.44
C VAL F 127 23.38 63.69 -6.88
N PHE F 128 22.62 63.09 -7.78
CA PHE F 128 22.98 63.05 -9.19
C PHE F 128 21.90 63.79 -9.98
N PRO F 129 22.30 64.45 -11.09
CA PRO F 129 21.28 65.15 -11.87
C PRO F 129 20.45 64.26 -12.80
N LEU F 130 19.17 64.58 -12.93
CA LEU F 130 18.30 64.03 -13.98
C LEU F 130 18.01 65.12 -15.00
N ALA F 131 18.84 65.20 -16.04
CA ALA F 131 18.87 66.35 -16.94
C ALA F 131 17.70 66.36 -17.93
N PRO F 132 17.13 67.55 -18.20
CA PRO F 132 16.08 67.63 -19.22
C PRO F 132 16.67 67.49 -20.62
N SER F 133 15.91 66.89 -21.53
CA SER F 133 16.34 66.72 -22.91
C SER F 133 15.24 66.82 -23.96
N SER F 134 15.65 66.96 -25.22
CA SER F 134 14.75 67.18 -26.34
C SER F 134 13.99 65.92 -26.78
N LYS F 135 14.40 64.74 -26.31
CA LYS F 135 13.51 63.58 -26.30
C LYS F 135 12.70 63.43 -25.01
N SER F 136 12.57 64.55 -24.29
CA SER F 136 12.01 64.58 -22.93
C SER F 136 11.07 65.79 -22.85
N THR F 137 10.89 66.46 -23.98
CA THR F 137 9.90 67.52 -24.15
C THR F 137 8.57 66.94 -24.64
N SER F 138 7.80 66.39 -23.71
CA SER F 138 6.49 65.83 -23.99
C SER F 138 5.47 66.91 -24.32
N GLY F 139 5.35 67.26 -25.60
CA GLY F 139 4.39 68.24 -26.06
C GLY F 139 4.46 69.59 -25.38
N GLY F 140 5.66 70.16 -25.33
CA GLY F 140 5.87 71.47 -24.75
C GLY F 140 6.01 71.43 -23.23
N THR F 141 6.13 70.22 -22.70
CA THR F 141 6.40 70.01 -21.28
C THR F 141 7.70 69.23 -21.16
N ALA F 142 8.69 69.81 -20.48
CA ALA F 142 9.94 69.12 -20.22
C ALA F 142 9.90 68.52 -18.82
N ALA F 143 10.68 67.47 -18.60
CA ALA F 143 10.82 66.89 -17.27
C ALA F 143 12.27 66.86 -16.81
N LEU F 144 12.47 67.10 -15.52
CA LEU F 144 13.80 67.06 -14.91
C LEU F 144 13.64 66.62 -13.45
N GLY F 145 14.75 66.34 -12.80
CA GLY F 145 14.69 65.86 -11.43
C GLY F 145 16.05 65.69 -10.76
N CYS F 146 16.04 65.02 -9.61
CA CYS F 146 17.26 64.70 -8.88
C CYS F 146 17.17 63.29 -8.32
N LEU F 147 18.21 62.50 -8.53
CA LEU F 147 18.29 61.17 -7.94
C LEU F 147 19.09 61.22 -6.64
N VAL F 148 18.44 60.89 -5.54
CA VAL F 148 19.07 60.91 -4.23
C VAL F 148 19.31 59.48 -3.79
N LYS F 149 20.56 59.05 -3.85
CA LYS F 149 20.88 57.63 -3.81
C LYS F 149 21.85 57.30 -2.66
N ASP F 150 21.68 56.11 -2.09
CA ASP F 150 22.64 55.57 -1.12
C ASP F 150 22.78 56.42 0.15
N TYR F 151 21.68 56.58 0.88
CA TYR F 151 21.67 57.28 2.15
C TYR F 151 21.02 56.39 3.23
N PHE F 152 21.30 56.70 4.49
CA PHE F 152 20.74 55.91 5.60
C PHE F 152 20.83 56.64 6.95
N PRO F 153 19.75 56.59 7.75
CA PRO F 153 18.45 55.97 7.47
C PRO F 153 17.47 56.95 6.84
N GLU F 154 16.19 56.58 6.78
CA GLU F 154 15.17 57.52 6.38
C GLU F 154 14.95 58.59 7.45
N PRO F 155 14.33 59.73 7.09
CA PRO F 155 13.93 60.08 5.73
C PRO F 155 14.79 61.19 5.18
N VAL F 156 14.57 61.55 3.92
CA VAL F 156 15.09 62.79 3.36
C VAL F 156 13.92 63.66 2.91
N THR F 157 14.17 64.97 2.87
CA THR F 157 13.22 65.92 2.32
C THR F 157 13.76 66.48 1.02
N VAL F 158 12.86 66.76 0.09
CA VAL F 158 13.24 67.34 -1.19
C VAL F 158 12.30 68.48 -1.52
N SER F 159 12.89 69.62 -1.84
CA SER F 159 12.15 70.77 -2.34
C SER F 159 12.78 71.24 -3.64
N TRP F 160 12.13 72.21 -4.28
CA TRP F 160 12.60 72.76 -5.54
C TRP F 160 12.60 74.29 -5.46
N ASN F 161 13.75 74.87 -5.80
CA ASN F 161 13.99 76.31 -5.68
C ASN F 161 13.64 76.76 -4.27
N SER F 162 14.13 76.00 -3.29
CA SER F 162 13.99 76.34 -1.88
C SER F 162 12.53 76.48 -1.47
N GLY F 163 11.64 75.81 -2.20
CA GLY F 163 10.23 75.80 -1.87
C GLY F 163 9.43 76.77 -2.72
N ALA F 164 10.11 77.44 -3.66
CA ALA F 164 9.43 78.38 -4.55
C ALA F 164 8.78 77.62 -5.68
N LEU F 165 9.39 76.51 -6.07
CA LEU F 165 8.87 75.65 -7.13
C LEU F 165 8.10 74.53 -6.45
N THR F 166 6.80 74.50 -6.66
CA THR F 166 5.92 73.61 -5.91
C THR F 166 4.93 72.90 -6.83
N SER F 167 4.47 73.60 -7.87
CA SER F 167 3.57 73.00 -8.82
C SER F 167 4.33 71.98 -9.67
N GLY F 168 3.72 70.82 -9.89
CA GLY F 168 4.29 69.80 -10.74
C GLY F 168 5.44 69.01 -10.11
N VAL F 169 5.68 69.18 -8.82
CA VAL F 169 6.75 68.45 -8.15
C VAL F 169 6.20 67.12 -7.65
N HIS F 170 6.94 66.05 -7.91
CA HIS F 170 6.64 64.74 -7.33
C HIS F 170 7.88 64.11 -6.70
N THR F 171 7.85 63.96 -5.37
CA THR F 171 8.94 63.29 -4.66
C THR F 171 8.48 61.89 -4.28
N PHE F 172 9.03 60.89 -4.95
CA PHE F 172 8.59 59.51 -4.79
C PHE F 172 8.98 58.96 -3.42
N PRO F 173 8.21 58.00 -2.90
CA PRO F 173 8.64 57.32 -1.68
C PRO F 173 9.98 56.63 -1.85
N ALA F 174 10.83 56.67 -0.83
CA ALA F 174 12.12 56.00 -0.88
C ALA F 174 11.94 54.49 -1.01
N VAL F 175 12.87 53.84 -1.71
CA VAL F 175 12.95 52.39 -1.75
C VAL F 175 14.26 51.89 -1.16
N LEU F 176 14.19 50.76 -0.45
CA LEU F 176 15.39 50.13 0.11
C LEU F 176 16.07 49.19 -0.89
N GLN F 177 17.30 49.51 -1.27
CA GLN F 177 18.04 48.69 -2.22
C GLN F 177 18.62 47.47 -1.53
N SER F 178 19.11 46.52 -2.34
CA SER F 178 19.68 45.28 -1.81
C SER F 178 21.01 45.52 -1.10
N SER F 179 21.53 46.74 -1.19
CA SER F 179 22.77 47.12 -0.50
C SER F 179 22.52 47.48 0.96
N GLY F 180 21.25 47.74 1.29
CA GLY F 180 20.87 48.17 2.62
C GLY F 180 20.82 49.69 2.77
N LEU F 181 21.04 50.39 1.67
CA LEU F 181 20.99 51.85 1.65
C LEU F 181 19.71 52.26 0.92
N TYR F 182 19.15 53.41 1.30
CA TYR F 182 17.93 53.89 0.68
C TYR F 182 18.21 54.70 -0.58
N SER F 183 17.20 54.79 -1.42
CA SER F 183 17.29 55.56 -2.66
C SER F 183 15.91 56.09 -3.02
N LEU F 184 15.91 57.19 -3.76
CA LEU F 184 14.70 57.97 -3.98
C LEU F 184 14.93 58.90 -5.15
N SER F 185 13.87 59.20 -5.89
CA SER F 185 13.96 60.19 -6.95
C SER F 185 12.90 61.25 -6.77
N SER F 186 13.26 62.49 -7.12
CA SER F 186 12.32 63.60 -7.17
C SER F 186 12.35 64.20 -8.56
N VAL F 187 11.18 64.35 -9.17
CA VAL F 187 11.09 64.86 -10.53
C VAL F 187 10.15 66.06 -10.56
N VAL F 188 10.22 66.83 -11.65
CA VAL F 188 9.35 67.97 -11.84
C VAL F 188 9.17 68.21 -13.33
N THR F 189 7.95 68.54 -13.73
CA THR F 189 7.68 68.91 -15.12
C THR F 189 7.53 70.42 -15.27
N VAL F 190 8.23 70.99 -16.25
CA VAL F 190 8.21 72.43 -16.47
C VAL F 190 8.02 72.77 -17.95
N PRO F 191 7.65 74.03 -18.25
CA PRO F 191 7.55 74.48 -19.65
C PRO F 191 8.91 74.43 -20.34
N SER F 192 8.95 73.99 -21.60
CA SER F 192 10.23 73.93 -22.30
C SER F 192 10.82 75.33 -22.42
N SER F 193 9.96 76.30 -22.71
CA SER F 193 10.40 77.68 -22.94
C SER F 193 11.12 78.24 -21.71
N SER F 194 10.77 77.70 -20.54
CA SER F 194 11.31 78.20 -19.28
C SER F 194 12.70 77.62 -18.99
N LEU F 195 13.09 76.61 -19.76
CA LEU F 195 14.34 75.88 -19.50
C LEU F 195 15.54 76.83 -19.61
N GLY F 196 15.46 77.75 -20.57
CA GLY F 196 16.55 78.67 -20.84
C GLY F 196 16.57 79.92 -19.98
N THR F 197 15.54 80.13 -19.17
CA THR F 197 15.40 81.39 -18.45
C THR F 197 15.04 81.21 -16.98
N GLN F 198 15.00 79.96 -16.52
CA GLN F 198 14.62 79.66 -15.15
C GLN F 198 15.56 78.59 -14.59
N THR F 199 16.07 78.82 -13.39
CA THR F 199 16.99 77.88 -12.77
C THR F 199 16.19 76.86 -11.95
N TYR F 200 16.60 75.59 -12.00
CA TYR F 200 15.92 74.57 -11.21
C TYR F 200 16.92 73.81 -10.36
N ILE F 201 16.75 73.92 -9.04
CA ILE F 201 17.63 73.26 -8.08
C ILE F 201 16.80 72.46 -7.08
N CYS F 202 17.12 71.18 -6.91
CA CYS F 202 16.48 70.40 -5.85
C CYS F 202 17.35 70.52 -4.60
N ASN F 203 16.72 70.80 -3.46
CA ASN F 203 17.43 70.89 -2.18
C ASN F 203 17.18 69.68 -1.28
N VAL F 204 18.26 69.03 -0.87
CA VAL F 204 18.18 67.77 -0.13
C VAL F 204 18.97 67.90 1.16
N ASN F 205 18.34 67.58 2.29
CA ASN F 205 19.00 67.63 3.59
C ASN F 205 18.86 66.34 4.37
N HIS F 206 19.99 65.81 4.84
CA HIS F 206 20.00 64.64 5.70
C HIS F 206 20.76 64.99 6.98
N LYS F 207 20.01 65.46 7.98
CA LYS F 207 20.57 65.99 9.22
C LYS F 207 21.45 65.01 10.02
N PRO F 208 21.08 63.72 10.08
CA PRO F 208 21.88 62.73 10.82
C PRO F 208 23.36 62.70 10.43
N SER F 209 23.72 63.20 9.25
CA SER F 209 25.12 63.27 8.82
C SER F 209 25.48 64.69 8.41
N ASN F 210 24.66 65.65 8.83
CA ASN F 210 24.81 67.06 8.46
C ASN F 210 25.23 67.24 7.00
N THR F 211 24.37 66.77 6.10
CA THR F 211 24.62 66.88 4.67
C THR F 211 23.61 67.82 4.04
N LYS F 212 24.11 68.85 3.35
CA LYS F 212 23.26 69.78 2.63
C LYS F 212 23.71 69.89 1.18
N VAL F 213 22.83 69.54 0.24
CA VAL F 213 23.19 69.57 -1.18
C VAL F 213 22.16 70.39 -1.96
N ASP F 214 22.64 71.30 -2.80
CA ASP F 214 21.82 71.98 -3.79
C ASP F 214 22.30 71.69 -5.21
N LYS F 215 22.04 70.49 -5.72
CA LYS F 215 22.47 70.15 -7.07
C LYS F 215 21.60 70.79 -8.16
N LYS F 216 22.21 71.72 -8.89
CA LYS F 216 21.56 72.35 -10.04
C LYS F 216 21.44 71.34 -11.19
N VAL F 217 20.30 71.36 -11.86
CA VAL F 217 20.03 70.41 -12.94
C VAL F 217 19.93 71.15 -14.26
N GLU F 218 20.92 70.96 -15.12
CA GLU F 218 21.01 71.67 -16.39
C GLU F 218 20.77 70.75 -17.59
N PRO F 219 20.21 71.29 -18.69
CA PRO F 219 19.96 70.49 -19.90
C PRO F 219 21.24 69.91 -20.49
N LYS F 220 21.10 68.99 -21.44
CA LYS F 220 22.23 68.48 -22.20
C LYS F 220 21.83 68.17 -23.63
CA MPT G 1 5.19 0.79 31.81
C MPT G 1 5.27 2.01 30.94
O MPT G 1 5.81 1.87 29.81
CB MPT G 1 5.99 0.82 33.05
SG MPT G 1 7.69 1.28 32.87
N ASN G 2 4.90 3.21 31.50
CA ASN G 2 5.44 4.37 30.79
C ASN G 2 6.82 4.72 31.27
N LEU G 3 7.82 4.23 30.55
CA LEU G 3 9.21 4.35 30.98
C LEU G 3 9.68 5.77 31.20
N HIS G 4 9.35 6.69 30.28
CA HIS G 4 9.79 8.07 30.42
C HIS G 4 9.30 8.70 31.72
N PHE G 5 8.01 8.57 32.00
CA PHE G 5 7.45 9.17 33.20
C PHE G 5 7.92 8.41 34.43
N CYS G 6 8.12 7.10 34.28
CA CYS G 6 8.73 6.32 35.34
C CYS G 6 10.11 6.87 35.66
N GLN G 7 10.89 7.13 34.62
CA GLN G 7 12.20 7.73 34.82
C GLN G 7 12.06 9.13 35.40
N LEU G 8 11.06 9.87 34.93
CA LEU G 8 10.82 11.23 35.40
C LEU G 8 10.44 11.26 36.88
N ARG G 9 9.90 10.16 37.40
CA ARG G 9 9.46 10.08 38.79
C ARG G 9 10.57 9.61 39.73
N CYS G 10 11.31 8.59 39.31
CA CYS G 10 12.30 7.96 40.18
C CYS G 10 13.51 8.87 40.52
N LYS G 11 14.06 9.58 39.54
CA LYS G 11 15.21 10.46 39.83
C LYS G 11 14.86 11.52 40.87
N SER G 12 13.59 11.84 41.03
CA SER G 12 13.19 12.77 42.08
C SER G 12 13.27 12.11 43.47
N LEU G 13 13.58 10.82 43.49
CA LEU G 13 13.90 10.11 44.73
C LEU G 13 15.40 9.82 44.75
N GLY G 14 16.10 10.28 43.72
CA GLY G 14 17.52 10.04 43.58
C GLY G 14 17.84 8.79 42.77
N LEU G 15 16.84 8.26 42.08
CA LEU G 15 16.89 6.91 41.55
C LEU G 15 16.60 6.82 40.04
N LEU G 16 17.09 5.78 39.39
CA LEU G 16 16.71 5.50 38.00
C LEU G 16 15.42 4.70 37.99
N GLY G 17 14.66 4.80 36.89
CA GLY G 17 13.44 4.04 36.72
C GLY G 17 13.58 2.98 35.65
N ARG G 18 12.83 1.89 35.83
CA ARG G 18 12.76 0.85 34.83
C ARG G 18 11.41 0.18 34.95
N CYS G 19 10.96 -0.47 33.88
CA CYS G 19 9.70 -1.19 33.95
C CYS G 19 9.84 -2.51 34.71
N ALA G 20 8.80 -2.82 35.45
CA ALA G 20 8.57 -4.13 36.04
C ALA G 20 7.25 -4.60 35.44
N DPR G 21 7.31 -5.22 34.29
CA DPR G 21 6.08 -5.50 33.55
CB DPR G 21 6.57 -6.30 32.34
CG DPR G 21 7.97 -5.86 32.16
CD DPR G 21 8.51 -5.56 33.51
C DPR G 21 5.44 -4.19 33.13
O DPR G 21 6.08 -3.37 32.49
N THR G 22 4.21 -3.98 33.57
CA THR G 22 3.45 -2.79 33.23
C THR G 22 3.58 -1.70 34.30
N U2X G 23 4.41 -1.98 35.33
C U2X G 23 5.91 -0.35 36.41
O U2X G 23 6.89 -0.83 35.87
CA U2X G 23 4.61 -1.08 36.41
CB U2X G 23 4.44 -1.70 37.75
CG U2X G 23 3.28 -2.61 38.00
CD1 U2X G 23 1.96 -2.08 37.99
CD2 U2X G 23 3.53 -3.95 38.28
CE1 U2X G 23 0.83 -2.97 38.27
CE2 U2X G 23 2.36 -4.86 38.57
CZ U2X G 23 1.09 -4.34 38.55
OH U2X G 23 0.03 -5.18 38.81
C7 U2X G 23 -1.10 -4.65 39.42
C1 U2X G 23 -3.67 -6.63 41.51
C2 U2X G 23 -2.99 -6.40 40.19
C3 U2X G 23 -1.71 -5.55 40.47
C4 U2X G 23 -0.74 -6.40 41.39
C5 U2X G 23 -1.50 -6.74 42.69
C6 U2X G 23 -2.78 -7.46 42.36
N CYS G 24 5.93 0.81 37.04
CA CYS G 24 7.15 1.58 37.22
C CYS G 24 7.87 1.12 38.47
N ALA G 25 9.16 0.81 38.34
CA ALA G 25 10.01 0.48 39.48
C ALA G 25 11.18 1.46 39.50
N CYS G 26 11.51 1.96 40.69
CA CYS G 26 12.72 2.75 40.90
C CYS G 26 13.86 1.83 41.34
N VAL G 27 15.10 2.13 40.86
CA VAL G 27 16.23 1.21 41.03
C VAL G 27 17.05 1.39 42.29
N NH2 G 28 16.93 0.46 43.37
N ASP H 1 -24.47 -18.75 27.16
CA ASP H 1 -24.61 -20.19 26.77
C ASP H 1 -24.51 -20.33 25.24
N ILE H 2 -23.76 -21.34 24.81
CA ILE H 2 -23.55 -21.62 23.39
C ILE H 2 -24.67 -22.47 22.79
N GLN H 3 -24.99 -22.18 21.54
CA GLN H 3 -26.16 -22.71 20.83
C GLN H 3 -25.78 -23.41 19.53
N MET H 4 -26.35 -24.59 19.37
CA MET H 4 -26.17 -25.44 18.21
C MET H 4 -27.37 -25.41 17.28
N THR H 5 -27.11 -25.07 16.01
CA THR H 5 -28.16 -25.05 15.00
C THR H 5 -27.79 -25.99 13.85
N GLN H 6 -28.66 -26.95 13.57
CA GLN H 6 -28.39 -27.95 12.53
C GLN H 6 -29.19 -27.58 11.30
N SER H 7 -28.62 -27.79 10.11
CA SER H 7 -29.39 -27.60 8.89
C SER H 7 -29.06 -28.63 7.79
N PRO H 8 -30.07 -29.02 6.98
CA PRO H 8 -31.45 -28.57 7.19
C PRO H 8 -32.08 -29.31 8.36
N SER H 9 -33.29 -28.94 8.74
CA SER H 9 -34.00 -29.63 9.82
C SER H 9 -34.54 -30.99 9.42
N PHE H 10 -34.77 -31.18 8.12
CA PHE H 10 -35.50 -32.35 7.66
C PHE H 10 -35.07 -32.59 6.21
N VAL H 11 -34.47 -33.76 5.98
CA VAL H 11 -33.97 -34.16 4.66
C VAL H 11 -34.63 -35.41 4.11
N SER H 12 -35.02 -35.38 2.84
CA SER H 12 -35.51 -36.57 2.15
C SER H 12 -34.53 -36.98 1.04
N ALA H 13 -33.99 -38.19 1.12
CA ALA H 13 -32.99 -38.62 0.13
C ALA H 13 -33.15 -40.09 -0.27
N SER H 14 -32.85 -40.39 -1.53
CA SER H 14 -32.93 -41.74 -2.06
C SER H 14 -31.71 -42.58 -1.69
N VAL H 15 -31.89 -43.90 -1.59
CA VAL H 15 -30.76 -44.82 -1.50
C VAL H 15 -29.76 -44.68 -2.65
N GLY H 16 -28.46 -44.70 -2.31
CA GLY H 16 -27.41 -44.56 -3.30
C GLY H 16 -26.96 -43.13 -3.51
N ASP H 17 -27.80 -42.19 -3.09
CA ASP H 17 -27.49 -40.78 -3.27
C ASP H 17 -26.45 -40.34 -2.25
N ARG H 18 -25.75 -39.26 -2.58
CA ARG H 18 -24.83 -38.61 -1.65
C ARG H 18 -25.59 -37.53 -0.86
N VAL H 19 -25.23 -37.38 0.41
CA VAL H 19 -25.82 -36.32 1.23
C VAL H 19 -24.80 -35.67 2.13
N THR H 20 -24.91 -34.34 2.25
CA THR H 20 -24.06 -33.59 3.15
C THR H 20 -24.90 -32.66 4.03
N ILE H 21 -24.80 -32.81 5.35
CA ILE H 21 -25.50 -31.92 6.29
C ILE H 21 -24.53 -31.15 7.18
N THR H 22 -24.89 -29.93 7.55
CA THR H 22 -23.97 -29.05 8.27
C THR H 22 -24.51 -28.67 9.66
N CYS H 23 -23.60 -28.38 10.58
CA CYS H 23 -23.93 -27.91 11.92
C CYS H 23 -23.11 -26.68 12.29
N ARG H 24 -23.79 -25.61 12.68
CA ARG H 24 -23.13 -24.36 13.05
C ARG H 24 -23.39 -23.98 14.52
N ALA H 25 -22.30 -23.78 15.24
CA ALA H 25 -22.36 -23.36 16.64
C ALA H 25 -22.35 -21.83 16.68
N SER H 26 -23.03 -21.26 17.68
CA SER H 26 -23.23 -19.82 17.77
C SER H 26 -21.95 -19.10 18.16
N GLN H 27 -21.05 -19.79 18.84
CA GLN H 27 -19.71 -19.26 19.04
C GLN H 27 -18.70 -20.37 18.73
N GLY H 28 -17.45 -19.98 18.49
CA GLY H 28 -16.41 -20.95 18.21
C GLY H 28 -16.17 -21.97 19.30
N ILE H 29 -15.91 -23.21 18.88
CA ILE H 29 -15.61 -24.30 19.79
C ILE H 29 -14.47 -25.20 19.25
N SER H 30 -13.62 -24.66 18.38
CA SER H 30 -12.58 -25.43 17.67
C SER H 30 -13.10 -26.80 17.20
N SER H 31 -12.55 -27.88 17.74
CA SER H 31 -12.92 -29.22 17.27
C SER H 31 -13.59 -30.08 18.35
N TYR H 32 -14.21 -29.44 19.33
CA TYR H 32 -14.90 -30.14 20.40
C TYR H 32 -16.32 -30.43 19.96
N LEU H 33 -16.43 -31.31 18.96
CA LEU H 33 -17.70 -31.67 18.37
C LEU H 33 -17.74 -33.16 18.06
N ALA H 34 -18.90 -33.76 18.27
CA ALA H 34 -19.16 -35.15 17.94
C ALA H 34 -20.50 -35.24 17.21
N TRP H 35 -20.70 -36.32 16.46
CA TRP H 35 -21.96 -36.57 15.78
C TRP H 35 -22.59 -37.84 16.27
N TYR H 36 -23.90 -37.82 16.48
CA TYR H 36 -24.58 -39.05 16.82
C TYR H 36 -25.71 -39.34 15.84
N GLN H 37 -25.97 -40.62 15.62
CA GLN H 37 -27.11 -41.08 14.83
C GLN H 37 -28.09 -41.77 15.79
N GLN H 38 -29.38 -41.50 15.65
CA GLN H 38 -30.36 -42.14 16.51
C GLN H 38 -31.49 -42.53 15.57
N LYS H 39 -31.85 -43.80 15.66
CA LYS H 39 -32.92 -44.37 14.87
C LYS H 39 -34.12 -44.46 15.77
N PRO H 40 -35.33 -44.53 15.18
CA PRO H 40 -36.52 -44.44 16.03
C PRO H 40 -36.59 -45.53 17.09
N GLY H 41 -37.02 -45.16 18.29
CA GLY H 41 -37.16 -46.12 19.38
C GLY H 41 -35.85 -46.57 19.98
N LYS H 42 -34.74 -45.96 19.57
CA LYS H 42 -33.40 -46.42 19.98
C LYS H 42 -32.45 -45.36 20.55
N ALA H 43 -31.36 -45.86 21.14
CA ALA H 43 -30.33 -45.04 21.80
C ALA H 43 -29.36 -44.47 20.77
N PRO H 44 -28.73 -43.33 21.09
CA PRO H 44 -27.75 -42.79 20.14
C PRO H 44 -26.55 -43.68 19.89
N LYS H 45 -25.93 -43.52 18.71
CA LYS H 45 -24.72 -44.23 18.38
C LYS H 45 -23.64 -43.26 17.89
N LEU H 46 -22.42 -43.39 18.41
CA LEU H 46 -21.32 -42.50 18.03
C LEU H 46 -20.80 -42.76 16.59
N VAL H 47 -20.68 -41.71 15.79
CA VAL H 47 -20.20 -41.87 14.42
C VAL H 47 -18.82 -41.22 14.31
N ILE H 48 -18.72 -39.96 14.74
CA ILE H 48 -17.48 -39.19 14.63
C ILE H 48 -17.29 -38.32 15.88
N TYR H 49 -16.05 -38.17 16.33
CA TYR H 49 -15.75 -37.21 17.41
C TYR H 49 -14.55 -36.40 16.94
N ALA H 50 -14.21 -35.35 17.68
CA ALA H 50 -13.14 -34.42 17.31
C ALA H 50 -13.25 -33.93 15.86
N ALA H 51 -14.48 -33.75 15.41
CA ALA H 51 -14.83 -33.17 14.10
C ALA H 51 -14.59 -34.08 12.91
N SER H 52 -13.48 -34.82 12.89
CA SER H 52 -13.11 -35.54 11.67
C SER H 52 -12.62 -36.98 11.91
N THR H 53 -12.57 -37.42 13.16
CA THR H 53 -12.03 -38.74 13.46
C THR H 53 -13.17 -39.74 13.65
N LEU H 54 -13.17 -40.79 12.83
CA LEU H 54 -14.19 -41.83 12.92
C LEU H 54 -13.99 -42.72 14.14
N GLN H 55 -15.08 -43.06 14.79
CA GLN H 55 -15.06 -44.06 15.85
C GLN H 55 -14.86 -45.42 15.18
N SER H 56 -14.13 -46.32 15.85
CA SER H 56 -13.81 -47.63 15.28
C SER H 56 -15.09 -48.38 14.92
N GLY H 57 -15.05 -49.06 13.77
CA GLY H 57 -16.19 -49.81 13.28
C GLY H 57 -17.07 -49.04 12.30
N VAL H 58 -16.93 -47.71 12.29
CA VAL H 58 -17.73 -46.87 11.39
C VAL H 58 -17.28 -47.00 9.93
N PRO H 59 -18.23 -47.20 8.99
CA PRO H 59 -17.94 -47.43 7.57
C PRO H 59 -17.32 -46.25 6.81
N SER H 60 -16.55 -46.58 5.78
CA SER H 60 -15.76 -45.59 5.03
C SER H 60 -16.65 -44.61 4.28
N ARG H 61 -17.93 -44.94 4.13
CA ARG H 61 -18.85 -44.05 3.42
C ARG H 61 -19.13 -42.78 4.21
N PHE H 62 -18.77 -42.79 5.50
CA PHE H 62 -18.83 -41.58 6.31
C PHE H 62 -17.54 -40.77 6.24
N SER H 63 -17.69 -39.45 6.20
CA SER H 63 -16.59 -38.52 6.32
C SER H 63 -17.12 -37.22 6.88
N GLY H 64 -16.52 -36.76 7.98
CA GLY H 64 -16.92 -35.51 8.58
C GLY H 64 -15.79 -34.51 8.52
N SER H 65 -16.16 -33.24 8.39
CA SER H 65 -15.20 -32.16 8.40
C SER H 65 -15.79 -30.89 9.03
N GLY H 66 -14.90 -29.93 9.25
CA GLY H 66 -15.24 -28.64 9.83
C GLY H 66 -14.38 -28.35 11.04
N SER H 67 -14.29 -27.06 11.37
CA SER H 67 -13.56 -26.59 12.54
C SER H 67 -13.91 -25.11 12.74
N GLY H 68 -14.00 -24.65 13.99
CA GLY H 68 -14.42 -23.28 14.26
C GLY H 68 -15.91 -23.09 14.57
N THR H 69 -16.76 -22.74 13.61
CA THR H 69 -18.14 -22.38 13.96
C THR H 69 -19.19 -23.17 13.18
N GLU H 70 -18.71 -23.76 12.09
CA GLU H 70 -19.45 -24.60 11.14
C GLU H 70 -18.84 -25.99 11.01
N PHE H 71 -19.61 -27.06 11.16
CA PHE H 71 -19.05 -28.39 11.11
C PHE H 71 -19.90 -29.04 10.03
N THR H 72 -19.37 -30.11 9.46
CA THR H 72 -19.94 -30.73 8.28
C THR H 72 -19.86 -32.23 8.40
N LEU H 73 -20.97 -32.86 8.02
CA LEU H 73 -21.06 -34.29 7.82
C LEU H 73 -21.38 -34.73 6.40
N THR H 74 -20.61 -35.67 5.88
CA THR H 74 -20.80 -36.11 4.50
C THR H 74 -20.93 -37.62 4.51
N ILE H 75 -21.91 -38.12 3.75
CA ILE H 75 -22.05 -39.54 3.46
C ILE H 75 -21.98 -39.81 1.96
N SER H 76 -20.97 -40.54 1.50
CA SER H 76 -20.75 -40.64 0.05
C SER H 76 -21.84 -41.49 -0.64
N SER H 77 -22.42 -42.45 0.08
CA SER H 77 -23.45 -43.30 -0.52
C SER H 77 -24.34 -44.04 0.49
N LEU H 78 -25.57 -43.57 0.63
CA LEU H 78 -26.47 -44.04 1.68
C LEU H 78 -26.94 -45.48 1.43
N GLN H 79 -26.97 -46.27 2.49
CA GLN H 79 -27.66 -47.57 2.51
C GLN H 79 -28.83 -47.48 3.49
N PRO H 80 -29.82 -48.38 3.37
CA PRO H 80 -31.03 -48.31 4.18
C PRO H 80 -30.77 -48.18 5.70
N GLU H 81 -29.69 -48.78 6.19
CA GLU H 81 -29.42 -48.77 7.62
C GLU H 81 -28.95 -47.40 8.16
N ASP H 82 -28.58 -46.49 7.27
CA ASP H 82 -28.05 -45.16 7.65
C ASP H 82 -29.16 -44.14 7.95
N PHE H 83 -30.38 -44.44 7.55
CA PHE H 83 -31.51 -43.53 7.73
C PHE H 83 -31.95 -43.40 9.18
N ALA H 84 -31.95 -42.17 9.67
CA ALA H 84 -32.05 -41.88 11.09
C ALA H 84 -32.05 -40.38 11.32
N THR H 85 -32.17 -39.99 12.58
CA THR H 85 -32.03 -38.59 12.98
C THR H 85 -30.62 -38.40 13.52
N TYR H 86 -29.95 -37.34 13.04
CA TYR H 86 -28.56 -37.05 13.40
C TYR H 86 -28.46 -35.81 14.27
N TYR H 87 -27.71 -35.92 15.37
CA TYR H 87 -27.46 -34.80 16.29
C TYR H 87 -25.98 -34.43 16.31
N CYS H 88 -25.65 -33.15 16.40
CA CYS H 88 -24.28 -32.74 16.71
C CYS H 88 -24.21 -32.38 18.21
N GLN H 89 -23.02 -32.41 18.79
CA GLN H 89 -22.87 -32.12 20.22
C GLN H 89 -21.53 -31.46 20.57
N HIS H 90 -21.60 -30.38 21.34
CA HIS H 90 -20.43 -29.73 21.91
C HIS H 90 -19.85 -30.56 23.08
N LEU H 91 -18.56 -30.90 23.03
CA LEU H 91 -18.00 -31.90 23.94
C LEU H 91 -17.62 -31.32 25.30
N ILE H 92 -17.61 -29.99 25.38
CA ILE H 92 -17.35 -29.29 26.63
C ILE H 92 -18.40 -28.19 26.83
N GLY H 93 -18.18 -27.35 27.84
CA GLY H 93 -19.13 -26.30 28.18
C GLY H 93 -20.40 -26.89 28.74
N LEU H 94 -21.55 -26.55 28.18
CA LEU H 94 -22.83 -27.11 28.67
C LEU H 94 -23.18 -28.46 28.04
N ARG H 95 -22.30 -28.93 27.17
CA ARG H 95 -22.44 -30.21 26.47
C ARG H 95 -23.82 -30.29 25.80
N SER H 96 -24.17 -29.19 25.15
CA SER H 96 -25.47 -28.98 24.48
C SER H 96 -25.55 -29.60 23.07
N PHE H 97 -26.75 -30.08 22.69
CA PHE H 97 -26.97 -30.64 21.35
C PHE H 97 -27.72 -29.71 20.38
N GLY H 98 -27.55 -29.98 19.08
CA GLY H 98 -28.36 -29.39 18.04
C GLY H 98 -29.77 -29.97 18.11
N GLN H 99 -30.69 -29.45 17.29
CA GLN H 99 -32.08 -29.91 17.34
C GLN H 99 -32.40 -31.20 16.55
N GLY H 100 -31.45 -31.68 15.77
CA GLY H 100 -31.60 -32.95 15.06
C GLY H 100 -32.04 -32.76 13.62
N THR H 101 -31.53 -33.63 12.74
CA THR H 101 -31.91 -33.67 11.32
C THR H 101 -32.51 -35.00 10.86
N LYS H 102 -33.78 -35.00 10.47
CA LYS H 102 -34.39 -36.23 9.98
C LYS H 102 -34.10 -36.53 8.52
N LEU H 103 -33.54 -37.72 8.30
CA LEU H 103 -33.17 -38.17 6.97
C LEU H 103 -34.11 -39.29 6.55
N GLU H 104 -35.03 -39.01 5.62
CA GLU H 104 -36.05 -40.00 5.26
C GLU H 104 -35.89 -40.56 3.86
N ILE H 105 -36.45 -41.75 3.61
CA ILE H 105 -36.28 -42.40 2.32
C ILE H 105 -37.31 -41.81 1.37
N LYS H 106 -36.87 -41.36 0.20
CA LYS H 106 -37.80 -40.83 -0.79
C LYS H 106 -38.38 -41.98 -1.61
N ARG H 107 -39.65 -41.89 -2.00
CA ARG H 107 -40.22 -42.90 -2.88
C ARG H 107 -41.47 -42.40 -3.63
N THR H 108 -42.03 -43.24 -4.50
CA THR H 108 -43.18 -42.82 -5.31
C THR H 108 -44.45 -42.60 -4.50
N VAL H 109 -45.27 -41.67 -4.99
CA VAL H 109 -46.59 -41.39 -4.43
C VAL H 109 -47.52 -42.63 -4.45
N ALA H 110 -47.58 -43.31 -3.31
CA ALA H 110 -48.39 -44.52 -3.11
C ALA H 110 -49.77 -44.12 -2.56
N ALA H 111 -50.85 -44.47 -3.24
CA ALA H 111 -52.15 -44.03 -2.77
C ALA H 111 -52.56 -44.73 -1.47
N PRO H 112 -53.26 -44.00 -0.58
CA PRO H 112 -53.74 -44.59 0.67
C PRO H 112 -54.97 -45.48 0.52
N SER H 113 -55.05 -46.55 1.29
CA SER H 113 -56.31 -47.25 1.48
C SER H 113 -57.09 -46.72 2.68
N VAL H 114 -58.35 -46.35 2.48
CA VAL H 114 -59.11 -45.73 3.57
C VAL H 114 -60.17 -46.75 3.99
N PHE H 115 -60.28 -47.00 5.29
CA PHE H 115 -61.25 -47.93 5.84
C PHE H 115 -61.93 -47.15 6.95
N ILE H 116 -63.23 -47.34 7.09
CA ILE H 116 -63.95 -46.73 8.20
C ILE H 116 -64.51 -47.88 9.03
N PHE H 117 -64.48 -47.69 10.34
CA PHE H 117 -64.89 -48.69 11.31
C PHE H 117 -65.95 -48.20 12.29
N PRO H 118 -67.12 -48.84 12.33
CA PRO H 118 -68.02 -48.33 13.37
C PRO H 118 -67.58 -48.73 14.78
N PRO H 119 -68.10 -48.02 15.80
CA PRO H 119 -67.84 -48.32 17.21
C PRO H 119 -68.45 -49.67 17.61
N SER H 120 -67.85 -50.37 18.56
CA SER H 120 -68.45 -51.62 19.03
C SER H 120 -69.61 -51.33 19.94
N ASP H 121 -70.56 -52.26 19.99
CA ASP H 121 -71.67 -52.16 20.91
C ASP H 121 -71.12 -52.19 22.33
N GLU H 122 -70.02 -52.91 22.49
CA GLU H 122 -69.34 -53.05 23.77
C GLU H 122 -68.85 -51.74 24.38
N GLN H 123 -68.27 -50.89 23.54
CA GLN H 123 -67.74 -49.60 23.99
C GLN H 123 -68.84 -48.59 24.31
N LEU H 124 -69.97 -48.72 23.63
CA LEU H 124 -71.09 -47.81 23.82
C LEU H 124 -71.74 -47.94 25.18
N LYS H 125 -71.66 -49.13 25.76
CA LYS H 125 -72.15 -49.36 27.12
C LYS H 125 -71.46 -48.48 28.16
N SER H 126 -70.22 -48.10 27.86
CA SER H 126 -69.35 -47.43 28.82
C SER H 126 -69.59 -45.93 28.84
N GLY H 127 -70.22 -45.41 27.78
CA GLY H 127 -70.55 -44.00 27.73
C GLY H 127 -69.78 -43.25 26.67
N THR H 128 -68.99 -43.99 25.88
CA THR H 128 -68.17 -43.41 24.83
C THR H 128 -68.24 -44.25 23.55
N ALA H 129 -68.17 -43.56 22.42
CA ALA H 129 -68.22 -44.15 21.08
C ALA H 129 -67.00 -43.69 20.27
N SER H 130 -66.19 -44.62 19.77
CA SER H 130 -65.05 -44.24 18.92
C SER H 130 -65.19 -44.62 17.45
N VAL H 131 -65.15 -43.62 16.56
CA VAL H 131 -65.09 -43.86 15.13
C VAL H 131 -63.66 -43.57 14.67
N VAL H 132 -63.02 -44.55 14.04
CA VAL H 132 -61.62 -44.50 13.61
C VAL H 132 -61.49 -44.59 12.10
N CYS H 133 -60.63 -43.76 11.52
CA CYS H 133 -60.35 -43.76 10.10
C CYS H 133 -58.89 -44.13 9.90
N LEU H 134 -58.67 -45.18 9.11
CA LEU H 134 -57.33 -45.71 8.87
C LEU H 134 -56.97 -45.38 7.46
N LEU H 135 -55.82 -44.75 7.34
CA LEU H 135 -55.14 -44.53 6.09
C LEU H 135 -53.92 -45.45 6.06
N ASN H 136 -53.89 -46.36 5.09
CA ASN H 136 -52.89 -47.42 5.06
C ASN H 136 -51.91 -47.21 3.91
N ASN H 137 -50.62 -47.29 4.22
CA ASN H 137 -49.58 -47.32 3.19
C ASN H 137 -49.63 -46.17 2.18
N PHE H 138 -49.29 -44.96 2.61
CA PHE H 138 -49.30 -43.82 1.70
C PHE H 138 -47.98 -43.04 1.74
N TYR H 139 -47.77 -42.24 0.71
CA TYR H 139 -46.61 -41.35 0.63
C TYR H 139 -46.87 -40.18 -0.33
N PRO H 140 -46.42 -38.96 -0.01
CA PRO H 140 -45.64 -38.48 1.14
C PRO H 140 -46.46 -38.39 2.44
N ARG H 141 -45.82 -37.90 3.51
CA ARG H 141 -46.42 -37.92 4.85
C ARG H 141 -47.60 -36.92 5.05
N GLU H 142 -48.16 -36.37 3.98
CA GLU H 142 -49.20 -35.33 4.12
C GLU H 142 -50.59 -35.87 3.80
N ALA H 143 -51.53 -35.71 4.74
CA ALA H 143 -52.91 -36.11 4.50
C ALA H 143 -53.89 -35.26 5.31
N LYS H 144 -55.06 -35.02 4.74
CA LYS H 144 -56.15 -34.32 5.43
C LYS H 144 -57.30 -35.25 5.76
N VAL H 145 -57.74 -35.30 7.01
CA VAL H 145 -58.88 -36.13 7.36
C VAL H 145 -59.93 -35.23 8.00
N GLN H 146 -61.12 -35.21 7.43
CA GLN H 146 -62.23 -34.40 7.92
C GLN H 146 -63.35 -35.35 8.26
N TRP H 147 -63.94 -35.16 9.43
CA TRP H 147 -65.08 -35.95 9.87
C TRP H 147 -66.37 -35.24 9.53
N LYS H 148 -67.37 -36.01 9.12
CA LYS H 148 -68.69 -35.49 8.80
C LYS H 148 -69.75 -36.37 9.44
N VAL H 149 -70.63 -35.79 10.24
CA VAL H 149 -71.73 -36.53 10.87
C VAL H 149 -73.06 -35.99 10.38
N ASP H 150 -73.84 -36.84 9.72
CA ASP H 150 -75.05 -36.41 9.01
C ASP H 150 -74.74 -35.18 8.15
N ASN H 151 -73.57 -35.21 7.50
CA ASN H 151 -73.15 -34.16 6.59
C ASN H 151 -72.87 -32.85 7.30
N ALA H 152 -71.82 -32.84 8.13
CA ALA H 152 -71.45 -31.64 8.89
C ALA H 152 -70.05 -31.77 9.48
N LEU H 153 -69.17 -30.84 9.11
CA LEU H 153 -67.76 -30.92 9.46
C LEU H 153 -67.48 -30.74 10.95
N GLN H 154 -66.61 -31.62 11.45
CA GLN H 154 -66.19 -31.67 12.84
C GLN H 154 -64.88 -30.91 13.01
N SER H 155 -64.67 -30.31 14.18
CA SER H 155 -63.42 -29.60 14.46
C SER H 155 -62.90 -29.85 15.88
N GLY H 156 -61.61 -30.16 15.97
CA GLY H 156 -60.91 -30.22 17.24
C GLY H 156 -61.14 -31.54 17.98
N ASN H 157 -62.32 -32.12 17.77
CA ASN H 157 -62.73 -33.40 18.38
C ASN H 157 -62.19 -34.64 17.69
N SER H 158 -61.02 -34.55 17.09
CA SER H 158 -60.42 -35.69 16.44
C SER H 158 -58.97 -35.62 16.84
N GLN H 159 -58.32 -36.76 16.91
CA GLN H 159 -56.91 -36.79 17.19
C GLN H 159 -56.22 -37.67 16.16
N GLU H 160 -55.04 -37.27 15.72
CA GLU H 160 -54.30 -38.06 14.75
C GLU H 160 -53.00 -38.64 15.32
N SER H 161 -52.56 -39.76 14.73
CA SER H 161 -51.27 -40.36 15.01
C SER H 161 -50.66 -40.92 13.73
N VAL H 162 -49.37 -40.69 13.49
CA VAL H 162 -48.75 -41.14 12.26
C VAL H 162 -47.60 -42.08 12.60
N THR H 163 -47.51 -43.18 11.85
CA THR H 163 -46.43 -44.14 12.03
C THR H 163 -45.13 -43.64 11.42
N GLU H 164 -44.01 -44.18 11.87
CA GLU H 164 -42.74 -43.98 11.17
C GLU H 164 -42.72 -44.72 9.84
N GLN H 165 -41.85 -44.27 8.94
CA GLN H 165 -41.67 -44.94 7.66
C GLN H 165 -41.35 -46.44 7.79
N ASP H 166 -42.05 -47.27 7.02
CA ASP H 166 -41.70 -48.69 6.98
C ASP H 166 -40.27 -48.86 6.42
N SER H 167 -39.48 -49.73 7.04
CA SER H 167 -38.06 -49.90 6.70
C SER H 167 -37.87 -50.59 5.34
N LYS H 168 -38.94 -51.19 4.82
CA LYS H 168 -38.82 -51.90 3.56
C LYS H 168 -39.40 -51.05 2.42
N ASP H 169 -40.68 -50.66 2.50
CA ASP H 169 -41.32 -49.95 1.38
C ASP H 169 -41.43 -48.42 1.61
N SER H 170 -41.08 -47.94 2.80
CA SER H 170 -40.97 -46.50 3.06
C SER H 170 -42.30 -45.70 2.99
N THR H 171 -43.43 -46.36 3.29
CA THR H 171 -44.73 -45.68 3.30
C THR H 171 -45.16 -45.29 4.72
N TYR H 172 -46.26 -44.54 4.84
CA TYR H 172 -46.79 -44.14 6.14
C TYR H 172 -48.19 -44.69 6.40
N SER H 173 -48.57 -44.78 7.68
CA SER H 173 -49.95 -45.05 8.09
C SER H 173 -50.47 -44.06 9.14
N LEU H 174 -51.79 -43.86 9.17
CA LEU H 174 -52.42 -42.87 10.05
C LEU H 174 -53.79 -43.33 10.55
N SER H 175 -54.02 -43.14 11.85
CA SER H 175 -55.33 -43.39 12.48
C SER H 175 -55.92 -42.09 13.05
N SER H 176 -56.89 -41.49 12.35
CA SER H 176 -57.64 -40.37 12.92
C SER H 176 -58.82 -40.90 13.74
N THR H 177 -58.90 -40.47 15.00
CA THR H 177 -59.95 -40.98 15.90
C THR H 177 -60.92 -39.90 16.38
N LEU H 178 -62.19 -40.04 16.03
CA LEU H 178 -63.24 -39.14 16.51
C LEU H 178 -63.91 -39.73 17.76
N THR H 179 -63.92 -38.99 18.87
CA THR H 179 -64.54 -39.49 20.11
C THR H 179 -65.78 -38.68 20.50
N LEU H 180 -66.91 -39.35 20.66
CA LEU H 180 -68.16 -38.72 21.11
C LEU H 180 -68.76 -39.49 22.29
N SER H 181 -69.67 -38.83 23.02
CA SER H 181 -70.45 -39.51 24.05
C SER H 181 -71.50 -40.45 23.46
N LYS H 182 -71.97 -41.37 24.28
CA LYS H 182 -72.98 -42.34 23.85
C LYS H 182 -74.26 -41.65 23.41
N ALA H 183 -74.70 -40.64 24.15
CA ALA H 183 -75.94 -39.93 23.81
C ALA H 183 -75.81 -39.22 22.47
N ASP H 184 -74.69 -38.52 22.29
CA ASP H 184 -74.39 -37.79 21.07
C ASP H 184 -74.31 -38.75 19.89
N TYR H 185 -73.55 -39.83 20.07
CA TYR H 185 -73.41 -40.84 19.03
C TYR H 185 -74.72 -41.43 18.52
N GLU H 186 -75.60 -41.77 19.45
CA GLU H 186 -76.85 -42.48 19.14
C GLU H 186 -77.97 -41.59 18.59
N LYS H 187 -77.74 -40.28 18.52
CA LYS H 187 -78.72 -39.36 17.96
C LYS H 187 -78.43 -39.01 16.50
N HIS H 188 -77.40 -39.60 15.91
CA HIS H 188 -77.10 -39.33 14.53
C HIS H 188 -77.03 -40.66 13.82
N LYS H 189 -77.18 -40.62 12.50
CA LYS H 189 -77.32 -41.84 11.73
C LYS H 189 -76.07 -42.00 10.86
N VAL H 190 -75.74 -40.94 10.12
CA VAL H 190 -74.67 -41.00 9.12
C VAL H 190 -73.35 -40.44 9.62
N TYR H 191 -72.29 -41.23 9.47
CA TYR H 191 -70.94 -40.83 9.82
C TYR H 191 -70.02 -40.96 8.61
N ALA H 192 -69.32 -39.90 8.25
CA ALA H 192 -68.52 -39.94 7.05
C ALA H 192 -67.22 -39.24 7.40
N CYS H 193 -66.13 -39.82 6.92
CA CYS H 193 -64.80 -39.22 6.91
C CYS H 193 -64.23 -39.05 5.51
N GLU H 194 -63.67 -37.88 5.23
CA GLU H 194 -63.14 -37.59 3.91
C GLU H 194 -61.64 -37.46 3.97
N VAL H 195 -60.95 -38.26 3.14
CA VAL H 195 -59.50 -38.32 3.17
C VAL H 195 -59.04 -37.72 1.85
N THR H 196 -58.17 -36.74 1.96
CA THR H 196 -57.54 -36.09 0.81
C THR H 196 -56.05 -36.39 0.81
N HIS H 197 -55.54 -36.86 -0.33
CA HIS H 197 -54.13 -37.23 -0.42
C HIS H 197 -53.65 -37.15 -1.88
N GLN H 198 -52.37 -36.85 -2.05
CA GLN H 198 -51.80 -36.60 -3.38
C GLN H 198 -51.92 -37.77 -4.34
N GLY H 199 -52.06 -38.97 -3.79
CA GLY H 199 -52.12 -40.19 -4.58
C GLY H 199 -53.51 -40.56 -5.02
N LEU H 200 -54.51 -39.86 -4.53
CA LEU H 200 -55.89 -40.15 -4.89
C LEU H 200 -56.34 -39.15 -5.94
N SER H 201 -57.05 -39.61 -6.98
CA SER H 201 -57.53 -38.71 -8.03
C SER H 201 -58.58 -37.71 -7.53
N SER H 202 -59.34 -38.11 -6.52
CA SER H 202 -60.30 -37.22 -5.88
C SER H 202 -60.58 -37.72 -4.46
N PRO H 203 -61.18 -36.87 -3.61
CA PRO H 203 -61.47 -37.27 -2.23
C PRO H 203 -62.25 -38.57 -2.10
N VAL H 204 -61.83 -39.45 -1.21
CA VAL H 204 -62.54 -40.70 -1.00
C VAL H 204 -63.27 -40.63 0.34
N THR H 205 -64.53 -41.05 0.36
CA THR H 205 -65.33 -41.00 1.57
C THR H 205 -65.87 -42.41 1.84
N LYS H 206 -65.62 -42.93 3.03
CA LYS H 206 -66.18 -44.19 3.46
C LYS H 206 -67.16 -43.84 4.56
N SER H 207 -68.33 -44.45 4.55
CA SER H 207 -69.34 -44.13 5.54
C SER H 207 -70.22 -45.31 5.88
N PHE H 208 -70.99 -45.12 6.94
CA PHE H 208 -71.96 -46.08 7.39
C PHE H 208 -73.16 -45.45 8.10
N ASN H 209 -74.26 -46.19 8.16
CA ASN H 209 -75.45 -45.82 8.91
C ASN H 209 -75.64 -46.64 10.19
N ARG H 210 -75.89 -45.94 11.30
CA ARG H 210 -76.09 -46.61 12.58
C ARG H 210 -77.24 -47.62 12.45
N GLN I 1 -15.35 -55.88 25.24
CA GLN I 1 -16.62 -55.13 25.03
C GLN I 1 -17.30 -54.65 26.32
N VAL I 2 -18.16 -53.64 26.18
CA VAL I 2 -18.73 -52.93 27.32
C VAL I 2 -20.25 -52.85 27.17
N GLN I 3 -21.01 -53.15 28.22
CA GLN I 3 -22.48 -53.03 28.15
C GLN I 3 -23.03 -52.11 29.24
N LEU I 4 -23.86 -51.15 28.85
CA LEU I 4 -24.65 -50.40 29.82
C LEU I 4 -26.13 -50.82 29.88
N GLN I 5 -26.60 -51.32 31.03
CA GLN I 5 -28.01 -51.67 31.22
C GLN I 5 -28.63 -50.76 32.29
N GLN I 6 -29.83 -50.25 32.05
CA GLN I 6 -30.45 -49.35 33.04
C GLN I 6 -31.68 -50.01 33.65
N TRP I 7 -31.93 -49.67 34.91
CA TRP I 7 -33.16 -50.07 35.60
C TRP I 7 -33.47 -48.98 36.63
N GLY I 8 -34.63 -49.07 37.28
CA GLY I 8 -35.11 -48.02 38.16
C GLY I 8 -36.56 -47.67 37.86
N ALA I 9 -37.26 -47.11 38.85
CA ALA I 9 -38.69 -46.83 38.70
C ALA I 9 -38.90 -45.60 37.82
N GLY I 10 -39.76 -45.75 36.81
CA GLY I 10 -40.02 -44.74 35.80
C GLY I 10 -41.37 -44.03 35.85
N LEU I 11 -42.29 -44.50 36.69
CA LEU I 11 -43.58 -43.83 36.84
C LEU I 11 -43.78 -43.07 38.14
N LEU I 12 -43.86 -41.75 38.02
CA LEU I 12 -43.90 -40.85 39.15
C LEU I 12 -45.06 -39.89 39.05
N LYS I 13 -45.49 -39.41 40.21
CA LYS I 13 -46.45 -38.33 40.32
C LYS I 13 -45.71 -37.05 40.65
N PRO I 14 -46.34 -35.90 40.35
CA PRO I 14 -45.68 -34.62 40.63
C PRO I 14 -45.26 -34.50 42.10
N SER I 15 -44.07 -33.93 42.31
CA SER I 15 -43.48 -33.70 43.63
C SER I 15 -42.68 -34.87 44.20
N GLU I 16 -42.72 -36.05 43.56
CA GLU I 16 -41.90 -37.18 44.01
C GLU I 16 -40.47 -37.07 43.50
N THR I 17 -39.62 -38.03 43.86
CA THR I 17 -38.22 -38.02 43.42
C THR I 17 -37.97 -39.19 42.45
N LEU I 18 -37.41 -38.86 41.29
CA LEU I 18 -36.93 -39.85 40.30
C LEU I 18 -35.56 -40.43 40.67
N SER I 19 -35.48 -41.77 40.68
CA SER I 19 -34.26 -42.51 41.04
C SER I 19 -33.94 -43.64 40.05
N LEU I 20 -32.98 -43.38 39.17
CA LEU I 20 -32.58 -44.31 38.12
C LEU I 20 -31.17 -44.85 38.40
N THR I 21 -30.89 -46.07 37.92
CA THR I 21 -29.58 -46.70 38.10
C THR I 21 -29.00 -47.24 36.79
N CYS I 22 -27.67 -47.16 36.68
CA CYS I 22 -26.93 -47.61 35.49
C CYS I 22 -25.80 -48.57 35.89
N GLY I 23 -25.87 -49.80 35.41
CA GLY I 23 -24.83 -50.80 35.65
C GLY I 23 -23.85 -50.90 34.50
N VAL I 24 -22.55 -51.02 34.82
CA VAL I 24 -21.50 -51.14 33.82
C VAL I 24 -20.93 -52.55 33.80
N TYR I 25 -20.92 -53.15 32.61
CA TYR I 25 -20.47 -54.53 32.44
C TYR I 25 -19.45 -54.70 31.32
N GLY I 26 -18.26 -55.18 31.68
CA GLY I 26 -17.17 -55.36 30.73
C GLY I 26 -16.02 -54.41 30.98
N GLU I 27 -16.22 -53.52 31.95
CA GLU I 27 -15.23 -52.50 32.29
C GLU I 27 -15.49 -52.02 33.70
N SER I 28 -14.43 -51.52 34.36
CA SER I 28 -14.54 -50.99 35.71
C SER I 28 -14.86 -49.51 35.62
N LEU I 29 -15.42 -48.95 36.70
CA LEU I 29 -15.71 -47.53 36.74
C LEU I 29 -14.42 -46.72 36.74
N OAS I 30 -13.31 -47.36 37.09
CA OAS I 30 -12.04 -46.68 37.24
CB OAS I 30 -10.82 -47.55 37.61
OG OAS I 30 -10.13 -46.86 38.66
C OAS I 30 -11.65 -45.96 35.94
O OAS I 30 -11.84 -46.43 34.82
C2A OAS I 30 -11.16 -48.54 40.01
C1A OAS I 30 -10.43 -47.24 39.95
OAC OAS I 30 -9.93 -46.58 40.87
N GLY I 31 -11.10 -44.77 36.12
CA GLY I 31 -10.53 -44.01 35.03
C GLY I 31 -11.45 -43.70 33.86
N HIS I 32 -12.71 -43.38 34.16
CA HIS I 32 -13.64 -42.95 33.11
C HIS I 32 -14.70 -41.99 33.67
N TYR I 33 -15.35 -41.28 32.76
CA TYR I 33 -16.45 -40.38 33.12
C TYR I 33 -17.78 -41.00 32.71
N TRP I 34 -18.75 -40.93 33.62
CA TRP I 34 -20.01 -41.62 33.44
C TRP I 34 -21.15 -40.61 33.55
N SER I 35 -22.06 -40.60 32.58
CA SER I 35 -22.90 -39.42 32.33
C SER I 35 -24.38 -39.82 32.20
N TRP I 36 -25.27 -38.85 32.43
CA TRP I 36 -26.70 -39.00 32.23
C TRP I 36 -27.20 -37.92 31.26
N VAL I 37 -28.15 -38.32 30.41
CA VAL I 37 -28.70 -37.46 29.35
C VAL I 37 -30.19 -37.72 29.21
N ARG I 38 -30.99 -36.67 29.05
CA ARG I 38 -32.43 -36.89 28.91
C ARG I 38 -32.94 -36.29 27.62
N GLN I 39 -34.10 -36.77 27.19
CA GLN I 39 -34.69 -36.40 25.89
C GLN I 39 -36.20 -36.26 25.93
N PRO I 40 -36.70 -35.02 26.07
CA PRO I 40 -38.14 -34.78 26.02
C PRO I 40 -38.78 -35.13 24.66
N PRO I 41 -40.09 -35.42 24.64
CA PRO I 41 -40.81 -35.78 23.40
C PRO I 41 -40.68 -34.77 22.26
N GLY I 42 -40.13 -35.21 21.12
CA GLY I 42 -40.02 -34.36 19.95
C GLY I 42 -38.95 -33.30 20.10
N LYS I 43 -38.09 -33.45 21.10
CA LYS I 43 -37.03 -32.48 21.32
C LYS I 43 -35.64 -33.10 21.37
N ARG I 44 -34.66 -32.22 21.56
CA ARG I 44 -33.27 -32.58 21.50
C ARG I 44 -32.78 -33.13 22.85
N LEU I 45 -31.61 -33.76 22.83
CA LEU I 45 -30.93 -34.29 24.01
C LEU I 45 -30.39 -33.15 24.90
N GLU I 46 -30.43 -33.32 26.22
CA GLU I 46 -29.93 -32.28 27.12
C GLU I 46 -29.07 -32.92 28.21
N TRP I 47 -27.81 -32.48 28.27
CA TRP I 47 -26.87 -32.93 29.30
C TRP I 47 -27.25 -32.50 30.71
N ILE I 48 -27.23 -33.47 31.63
CA ILE I 48 -27.55 -33.23 33.03
C ILE I 48 -26.27 -33.18 33.85
N GLY I 49 -25.35 -34.11 33.57
CA GLY I 49 -24.09 -34.16 34.30
C GLY I 49 -23.29 -35.44 34.16
N GLU I 50 -22.04 -35.37 34.61
CA GLU I 50 -21.07 -36.47 34.47
C GLU I 50 -20.38 -36.69 35.81
N ILE I 51 -19.49 -37.69 35.89
CA ILE I 51 -18.81 -37.98 37.15
C ILE I 51 -17.73 -39.06 37.02
N LYS I 52 -16.68 -38.93 37.84
CA LYS I 52 -15.59 -39.90 37.90
C LYS I 52 -15.37 -40.39 39.33
N HIS I 53 -15.32 -39.44 40.27
CA HIS I 53 -15.11 -39.74 41.68
C HIS I 53 -16.30 -39.27 42.51
N ASN I 54 -16.39 -39.74 43.75
CA ASN I 54 -17.33 -39.19 44.71
C ASN I 54 -16.77 -37.90 45.29
N GLY I 55 -17.56 -36.83 45.26
CA GLY I 55 -17.15 -35.52 45.74
C GLY I 55 -16.82 -34.57 44.60
N SER I 56 -17.14 -34.98 43.37
CA SER I 56 -16.84 -34.17 42.20
C SER I 56 -17.76 -34.49 41.02
N PRO I 57 -19.01 -33.98 41.06
CA PRO I 57 -19.95 -34.06 39.94
C PRO I 57 -19.96 -32.79 39.09
N ASN I 58 -20.77 -32.78 38.03
CA ASN I 58 -20.85 -31.63 37.13
C ASN I 58 -22.28 -31.47 36.62
N TYR I 59 -23.12 -30.82 37.42
CA TYR I 59 -24.54 -30.64 37.11
C TYR I 59 -24.80 -29.52 36.12
N HIS I 60 -25.73 -29.74 35.20
CA HIS I 60 -26.15 -28.68 34.28
C HIS I 60 -26.90 -27.59 35.07
N PRO I 61 -26.78 -26.31 34.65
CA PRO I 61 -27.28 -25.19 35.46
C PRO I 61 -28.76 -25.19 35.86
N SER I 62 -29.66 -25.46 34.93
CA SER I 62 -31.10 -25.30 35.18
C SER I 62 -31.68 -26.31 36.17
N LEU I 63 -30.86 -27.26 36.62
CA LEU I 63 -31.35 -28.37 37.46
C LEU I 63 -30.44 -28.71 38.64
N LYS I 64 -29.39 -27.93 38.85
CA LYS I 64 -28.40 -28.25 39.88
C LYS I 64 -29.02 -28.29 41.28
N SER I 65 -29.99 -27.43 41.51
CA SER I 65 -30.67 -27.42 42.80
C SER I 65 -31.44 -28.73 43.03
N ARG I 66 -31.60 -29.51 41.96
CA ARG I 66 -32.43 -30.72 42.00
C ARG I 66 -31.67 -32.01 41.70
N VAL I 67 -30.49 -31.93 41.08
CA VAL I 67 -29.85 -33.15 40.62
C VAL I 67 -28.73 -33.55 41.56
N THR I 68 -28.70 -34.85 41.86
CA THR I 68 -27.57 -35.50 42.52
C THR I 68 -27.20 -36.78 41.78
N ILE I 69 -25.92 -36.92 41.44
CA ILE I 69 -25.37 -38.15 40.85
C ILE I 69 -24.32 -38.75 41.79
N SER I 70 -24.34 -40.06 42.00
CA SER I 70 -23.46 -40.67 43.00
C SER I 70 -22.90 -42.01 42.53
N LEU I 71 -21.72 -42.37 43.03
CA LEU I 71 -21.07 -43.63 42.70
C LEU I 71 -21.06 -44.75 43.74
N ASP I 72 -21.43 -45.97 43.35
CA ASP I 72 -21.16 -47.18 44.12
C ASP I 72 -20.00 -48.05 43.56
N MET I 73 -18.73 -47.88 43.89
CA MET I 73 -17.66 -48.56 43.10
C MET I 73 -17.59 -50.10 43.25
N SER I 74 -18.03 -50.64 44.38
CA SER I 74 -17.96 -52.08 44.63
C SER I 74 -18.83 -52.93 43.73
N LYS I 75 -19.88 -52.34 43.16
CA LYS I 75 -20.79 -53.07 42.27
C LYS I 75 -20.67 -52.61 40.82
N ASN I 76 -19.80 -51.64 40.59
CA ASN I 76 -19.67 -51.02 39.27
C ASN I 76 -21.03 -50.47 38.84
N GLN I 77 -21.62 -49.67 39.73
CA GLN I 77 -22.89 -49.02 39.44
C GLN I 77 -22.78 -47.54 39.82
N PHE I 78 -23.61 -46.71 39.19
CA PHE I 78 -23.77 -45.31 39.57
C PHE I 78 -25.23 -44.89 39.38
N SER I 79 -25.67 -43.82 40.03
CA SER I 79 -27.10 -43.54 40.13
C SER I 79 -27.36 -42.06 39.85
N LEU I 80 -28.58 -41.74 39.44
CA LEU I 80 -29.02 -40.36 39.20
C LEU I 80 -30.29 -40.09 39.98
N ASN I 81 -30.30 -39.00 40.74
CA ASN I 81 -31.50 -38.55 41.45
C ASN I 81 -32.03 -37.19 40.97
N LEU I 82 -33.34 -37.07 40.80
CA LEU I 82 -34.03 -35.83 40.45
C LEU I 82 -35.28 -35.64 41.30
N THR I 83 -35.23 -34.64 42.18
CA THR I 83 -36.24 -34.41 43.20
C THR I 83 -37.43 -33.57 42.76
N SER I 84 -38.56 -33.66 43.47
CA SER I 84 -39.71 -32.79 43.19
C SER I 84 -40.05 -32.65 41.70
N VAL I 85 -40.39 -33.75 41.04
CA VAL I 85 -40.66 -33.69 39.60
C VAL I 85 -41.94 -32.97 39.28
N THR I 86 -41.93 -32.28 38.14
CA THR I 86 -43.10 -31.64 37.59
C THR I 86 -43.34 -32.21 36.20
N ALA I 87 -44.40 -31.74 35.54
CA ALA I 87 -44.69 -32.24 34.19
C ALA I 87 -43.55 -32.03 33.19
N ALA I 88 -42.75 -30.99 33.41
CA ALA I 88 -41.67 -30.64 32.50
C ALA I 88 -40.48 -31.60 32.56
N ASP I 89 -40.46 -32.48 33.57
CA ASP I 89 -39.37 -33.47 33.69
C ASP I 89 -39.69 -34.81 33.03
N THR I 90 -40.82 -34.88 32.33
CA THR I 90 -41.20 -36.05 31.57
C THR I 90 -40.23 -36.18 30.39
N ALA I 91 -39.58 -37.32 30.26
CA ALA I 91 -38.52 -37.50 29.27
C ALA I 91 -37.97 -38.93 29.27
N VAL I 92 -37.21 -39.25 28.23
CA VAL I 92 -36.39 -40.46 28.19
C VAL I 92 -35.00 -40.22 28.78
N TYR I 93 -34.62 -41.06 29.75
CA TYR I 93 -33.31 -40.94 30.40
C TYR I 93 -32.28 -41.98 29.95
N PHE I 94 -31.11 -41.52 29.52
CA PHE I 94 -30.00 -42.39 29.10
C PHE I 94 -28.83 -42.26 30.06
N CYS I 95 -28.08 -43.35 30.28
CA CYS I 95 -26.76 -43.24 30.91
C CYS I 95 -25.72 -43.44 29.79
N ALA I 96 -24.49 -42.96 30.00
CA ALA I 96 -23.48 -43.06 28.96
C ALA I 96 -22.04 -42.89 29.47
N ARG I 97 -21.18 -43.78 28.99
CA ARG I 97 -19.76 -43.74 29.33
C ARG I 97 -19.05 -42.71 28.47
N ARG I 98 -18.31 -41.81 29.10
CA ARG I 98 -17.49 -40.86 28.37
C ARG I 98 -16.16 -41.50 27.99
N SER I 99 -15.84 -41.51 26.71
CA SER I 99 -14.54 -41.97 26.24
C SER I 99 -13.49 -40.94 26.64
N ASN I 100 -12.23 -41.19 26.29
CA ASN I 100 -11.18 -40.30 26.76
C ASN I 100 -10.12 -39.98 25.71
N TRP I 101 -9.31 -38.95 25.98
CA TRP I 101 -8.22 -38.53 25.11
C TRP I 101 -7.33 -37.38 25.66
N PRO I 102 -7.84 -36.54 26.57
CA PRO I 102 -9.13 -36.50 27.25
C PRO I 102 -10.26 -35.94 26.39
N TYR I 103 -10.13 -36.00 25.07
CA TYR I 103 -11.28 -35.85 24.19
C TYR I 103 -12.38 -36.78 24.67
N LEU I 104 -13.64 -36.39 24.52
CA LEU I 104 -14.70 -37.31 24.88
C LEU I 104 -15.08 -38.13 23.63
N PRO I 105 -16.36 -38.41 23.36
CA PRO I 105 -17.67 -38.13 23.93
C PRO I 105 -18.39 -39.36 24.50
N PHE I 106 -19.72 -39.36 24.31
CA PHE I 106 -20.57 -40.41 24.81
C PHE I 106 -20.56 -41.63 23.91
N ASP I 107 -20.18 -42.77 24.49
CA ASP I 107 -20.13 -44.05 23.80
C ASP I 107 -19.55 -45.09 24.75
N PRO I 108 -20.25 -46.21 24.99
CA PRO I 108 -21.56 -46.62 24.47
C PRO I 108 -22.71 -45.97 25.24
N TRP I 109 -23.95 -46.33 24.90
CA TRP I 109 -25.13 -45.77 25.56
C TRP I 109 -25.98 -46.88 26.12
N GLY I 110 -26.83 -46.53 27.07
CA GLY I 110 -27.87 -47.43 27.54
C GLY I 110 -29.04 -47.39 26.59
N GLN I 111 -29.99 -48.30 26.76
CA GLN I 111 -31.13 -48.34 25.86
C GLN I 111 -32.12 -47.24 26.22
N GLY I 112 -32.02 -46.75 27.46
CA GLY I 112 -32.86 -45.65 27.91
C GLY I 112 -34.00 -46.09 28.80
N THR I 113 -34.40 -45.22 29.73
CA THR I 113 -35.56 -45.51 30.57
C THR I 113 -36.55 -44.37 30.38
N LEU I 114 -37.77 -44.75 29.99
CA LEU I 114 -38.88 -43.81 29.83
C LEU I 114 -39.48 -43.38 31.16
N VAL I 115 -39.51 -42.07 31.42
CA VAL I 115 -40.09 -41.56 32.66
C VAL I 115 -41.27 -40.68 32.30
N THR I 116 -42.44 -41.04 32.84
CA THR I 116 -43.68 -40.32 32.59
C THR I 116 -44.20 -39.76 33.90
N VAL I 117 -44.36 -38.45 33.94
CA VAL I 117 -44.89 -37.74 35.11
C VAL I 117 -46.28 -37.18 34.89
N SER I 118 -47.24 -37.70 35.65
CA SER I 118 -48.63 -37.25 35.60
C SER I 118 -49.28 -37.63 36.92
N SER I 119 -50.36 -36.93 37.30
CA SER I 119 -51.07 -37.30 38.51
C SER I 119 -52.09 -38.41 38.25
N ALA I 120 -52.33 -38.69 36.97
CA ALA I 120 -53.29 -39.73 36.58
C ALA I 120 -52.85 -41.02 37.27
N SER I 121 -53.80 -41.84 37.73
CA SER I 121 -53.45 -43.12 38.35
C SER I 121 -53.37 -44.20 37.26
N THR I 122 -52.52 -45.19 37.49
CA THR I 122 -52.35 -46.31 36.57
C THR I 122 -53.62 -47.11 36.26
N LYS I 123 -53.85 -47.33 34.96
CA LYS I 123 -55.01 -48.09 34.51
C LYS I 123 -54.76 -48.89 33.25
N GLY I 124 -55.25 -50.14 33.22
CA GLY I 124 -55.13 -50.94 32.03
C GLY I 124 -56.21 -50.59 31.00
N PRO I 125 -55.93 -50.79 29.71
CA PRO I 125 -56.85 -50.47 28.63
C PRO I 125 -57.97 -51.49 28.41
N SER I 126 -59.11 -50.96 28.00
CA SER I 126 -60.18 -51.75 27.42
C SER I 126 -59.81 -51.81 25.94
N VAL I 127 -59.94 -52.99 25.35
CA VAL I 127 -59.61 -53.22 23.96
C VAL I 127 -60.96 -53.40 23.28
N PHE I 128 -61.21 -52.58 22.26
CA PHE I 128 -62.48 -52.63 21.56
C PHE I 128 -62.26 -53.03 20.10
N PRO I 129 -63.23 -53.76 19.52
CA PRO I 129 -63.09 -54.16 18.11
C PRO I 129 -63.42 -53.10 17.07
N LEU I 130 -62.65 -53.10 15.98
CA LEU I 130 -62.98 -52.38 14.76
C LEU I 130 -63.32 -53.41 13.68
N ALA I 131 -64.59 -53.77 13.52
CA ALA I 131 -64.92 -54.95 12.71
C ALA I 131 -64.79 -54.73 11.21
N PRO I 132 -64.27 -55.75 10.46
CA PRO I 132 -64.23 -55.62 9.00
C PRO I 132 -65.62 -55.80 8.42
N SER I 133 -65.83 -55.07 7.34
CA SER I 133 -67.08 -55.04 6.57
C SER I 133 -66.93 -54.84 5.06
N SER I 134 -68.03 -55.07 4.34
CA SER I 134 -68.07 -55.04 2.89
C SER I 134 -68.00 -53.59 2.35
N LYS I 135 -68.15 -52.58 3.21
CA LYS I 135 -67.64 -51.23 2.86
C LYS I 135 -66.20 -50.99 3.31
N SER I 136 -65.50 -52.09 3.59
CA SER I 136 -64.17 -52.09 4.22
C SER I 136 -63.33 -53.13 3.46
N THR I 137 -63.92 -53.66 2.39
CA THR I 137 -63.21 -54.52 1.45
C THR I 137 -62.57 -53.66 0.37
N SER I 138 -61.41 -53.11 0.74
CA SER I 138 -60.63 -52.28 -0.16
C SER I 138 -60.00 -53.16 -1.23
N GLY I 139 -60.72 -53.36 -2.33
CA GLY I 139 -60.23 -54.14 -3.45
C GLY I 139 -59.78 -55.54 -3.08
N GLY I 140 -60.60 -56.30 -2.37
CA GLY I 140 -60.27 -57.68 -2.04
C GLY I 140 -59.33 -57.79 -0.85
N THR I 141 -59.13 -56.67 -0.17
CA THR I 141 -58.36 -56.62 1.07
C THR I 141 -59.23 -56.10 2.19
N ALA I 142 -59.37 -56.88 3.24
CA ALA I 142 -60.11 -56.41 4.39
C ALA I 142 -59.12 -55.89 5.41
N ALA I 143 -59.58 -54.98 6.26
CA ALA I 143 -58.81 -54.47 7.37
C ALA I 143 -59.59 -54.71 8.64
N LEU I 144 -58.87 -55.07 9.70
CA LEU I 144 -59.49 -55.30 10.99
C LEU I 144 -58.49 -54.91 12.05
N GLY I 145 -58.77 -53.84 12.79
CA GLY I 145 -57.82 -53.38 13.78
C GLY I 145 -58.34 -53.60 15.19
N CYS I 146 -57.65 -52.97 16.14
CA CYS I 146 -58.05 -52.99 17.54
C CYS I 146 -57.82 -51.61 18.13
N LEU I 147 -58.83 -51.07 18.81
CA LEU I 147 -58.66 -49.81 19.53
C LEU I 147 -58.38 -50.09 21.01
N VAL I 148 -57.21 -49.66 21.49
CA VAL I 148 -56.82 -49.87 22.89
C VAL I 148 -56.88 -48.54 23.65
N LYS I 149 -57.89 -48.37 24.49
CA LYS I 149 -58.22 -47.02 24.95
C LYS I 149 -58.23 -46.81 26.48
N ASP I 150 -57.84 -45.59 26.84
CA ASP I 150 -57.91 -45.08 28.20
C ASP I 150 -57.05 -45.92 29.17
N TYR I 151 -55.73 -45.93 28.92
CA TYR I 151 -54.76 -46.58 29.80
C TYR I 151 -53.63 -45.66 30.20
N PHE I 152 -52.95 -46.01 31.28
CA PHE I 152 -51.84 -45.22 31.78
C PHE I 152 -50.95 -46.03 32.75
N PRO I 153 -49.61 -45.90 32.63
CA PRO I 153 -48.94 -45.11 31.59
C PRO I 153 -48.58 -45.89 30.34
N GLU I 154 -47.78 -45.28 29.46
CA GLU I 154 -47.17 -45.98 28.34
C GLU I 154 -46.06 -46.94 28.79
N PRO I 155 -45.66 -47.89 27.92
CA PRO I 155 -46.26 -48.15 26.62
C PRO I 155 -47.02 -49.45 26.59
N VAL I 156 -47.66 -49.73 25.47
CA VAL I 156 -48.14 -51.07 25.18
C VAL I 156 -47.48 -51.61 23.93
N THR I 157 -47.42 -52.93 23.86
CA THR I 157 -46.97 -53.67 22.70
C THR I 157 -48.22 -54.37 22.18
N VAL I 158 -48.29 -54.56 20.87
CA VAL I 158 -49.43 -55.24 20.26
C VAL I 158 -48.89 -56.26 19.28
N SER I 159 -49.39 -57.48 19.41
CA SER I 159 -49.07 -58.53 18.45
C SER I 159 -50.38 -59.12 17.91
N TRP I 160 -50.22 -60.00 16.93
CA TRP I 160 -51.35 -60.64 16.28
C TRP I 160 -51.18 -62.14 16.17
N ASN I 161 -52.19 -62.89 16.61
CA ASN I 161 -52.09 -64.35 16.64
C ASN I 161 -50.82 -64.80 17.35
N SER I 162 -50.59 -64.21 18.52
CA SER I 162 -49.47 -64.60 19.39
C SER I 162 -48.13 -64.40 18.69
N GLY I 163 -48.09 -63.50 17.71
CA GLY I 163 -46.84 -63.19 17.04
C GLY I 163 -46.76 -63.89 15.70
N ALA I 164 -47.80 -64.62 15.33
CA ALA I 164 -47.82 -65.34 14.07
C ALA I 164 -48.14 -64.47 12.86
N LEU I 165 -48.99 -63.46 13.04
CA LEU I 165 -49.31 -62.58 11.93
C LEU I 165 -48.30 -61.46 12.21
N THR I 166 -47.41 -61.35 11.24
CA THR I 166 -46.22 -60.51 11.26
C THR I 166 -46.04 -59.78 9.93
N SER I 167 -46.98 -60.01 9.02
CA SER I 167 -46.99 -59.39 7.71
C SER I 167 -48.25 -58.55 7.67
N GLY I 168 -48.10 -57.34 7.15
CA GLY I 168 -49.23 -56.44 6.96
C GLY I 168 -49.71 -55.76 8.23
N VAL I 169 -48.97 -55.92 9.32
CA VAL I 169 -49.30 -55.31 10.63
C VAL I 169 -48.70 -53.90 10.73
N HIS I 170 -49.51 -52.96 11.21
CA HIS I 170 -49.08 -51.59 11.53
C HIS I 170 -49.45 -51.15 12.96
N THR I 171 -48.45 -50.91 13.81
CA THR I 171 -48.72 -50.42 15.17
C THR I 171 -48.47 -48.93 15.46
N PHE I 172 -49.57 -48.19 15.57
CA PHE I 172 -49.52 -46.74 15.69
C PHE I 172 -48.98 -46.30 17.07
N PRO I 173 -48.30 -45.13 17.15
CA PRO I 173 -47.96 -44.53 18.45
C PRO I 173 -49.16 -44.11 19.31
N ALA I 174 -49.12 -44.32 20.63
CA ALA I 174 -50.20 -43.85 21.51
C ALA I 174 -50.30 -42.32 21.47
N VAL I 175 -51.51 -41.78 21.62
CA VAL I 175 -51.70 -40.34 21.82
C VAL I 175 -52.33 -40.10 23.18
N LEU I 176 -51.92 -39.00 23.82
CA LEU I 176 -52.44 -38.57 25.11
C LEU I 176 -53.73 -37.81 24.87
N GLN I 177 -54.83 -38.35 25.40
CA GLN I 177 -56.16 -37.77 25.24
C GLN I 177 -56.39 -36.57 26.14
N SER I 178 -57.49 -35.87 25.86
CA SER I 178 -57.84 -34.67 26.59
C SER I 178 -58.22 -34.98 28.04
N SER I 179 -58.37 -36.28 28.36
CA SER I 179 -58.65 -36.67 29.73
C SER I 179 -57.35 -36.78 30.53
N GLY I 180 -56.31 -37.23 29.83
CA GLY I 180 -55.02 -37.50 30.42
C GLY I 180 -54.62 -38.96 30.33
N LEU I 181 -55.46 -39.77 29.66
CA LEU I 181 -55.18 -41.20 29.46
C LEU I 181 -54.82 -41.43 28.01
N TYR I 182 -54.00 -42.45 27.77
CA TYR I 182 -53.55 -42.76 26.43
C TYR I 182 -54.51 -43.65 25.65
N SER I 183 -54.37 -43.59 24.33
CA SER I 183 -55.15 -44.37 23.39
C SER I 183 -54.27 -44.63 22.19
N LEU I 184 -54.56 -45.73 21.48
CA LEU I 184 -53.65 -46.25 20.48
C LEU I 184 -54.43 -47.21 19.60
N SER I 185 -54.05 -47.32 18.35
CA SER I 185 -54.67 -48.30 17.47
C SER I 185 -53.63 -49.23 16.83
N SER I 186 -54.04 -50.48 16.66
CA SER I 186 -53.29 -51.48 15.91
C SER I 186 -54.14 -52.05 14.78
N VAL I 187 -53.61 -52.03 13.56
CA VAL I 187 -54.37 -52.51 12.42
C VAL I 187 -53.61 -53.60 11.67
N VAL I 188 -54.34 -54.32 10.84
CA VAL I 188 -53.74 -55.35 10.00
C VAL I 188 -54.62 -55.49 8.76
N THR I 189 -54.01 -55.64 7.59
CA THR I 189 -54.76 -55.90 6.37
C THR I 189 -54.69 -57.35 5.90
N VAL I 190 -55.84 -57.95 5.60
CA VAL I 190 -55.85 -59.34 5.15
C VAL I 190 -56.79 -59.49 3.95
N PRO I 191 -56.67 -60.59 3.19
CA PRO I 191 -57.58 -60.92 2.09
C PRO I 191 -59.01 -61.17 2.56
N SER I 192 -60.01 -60.70 1.82
CA SER I 192 -61.40 -60.90 2.22
C SER I 192 -61.78 -62.37 2.31
N SER I 193 -61.29 -63.18 1.36
CA SER I 193 -61.67 -64.59 1.32
C SER I 193 -61.30 -65.31 2.61
N SER I 194 -60.26 -64.82 3.29
CA SER I 194 -59.75 -65.46 4.50
C SER I 194 -60.56 -65.12 5.77
N LEU I 195 -61.41 -64.10 5.68
CA LEU I 195 -62.14 -63.58 6.84
C LEU I 195 -63.03 -64.62 7.51
N GLY I 196 -63.65 -65.45 6.68
CA GLY I 196 -64.60 -66.45 7.13
C GLY I 196 -63.95 -67.75 7.55
N THR I 197 -62.64 -67.85 7.35
CA THR I 197 -61.92 -69.11 7.53
C THR I 197 -60.64 -69.01 8.36
N GLN I 198 -60.37 -67.84 8.90
CA GLN I 198 -59.13 -67.62 9.66
C GLN I 198 -59.41 -66.85 10.95
N THR I 199 -58.82 -67.31 12.04
CA THR I 199 -59.04 -66.64 13.32
C THR I 199 -57.98 -65.55 13.46
N TYR I 200 -58.41 -64.39 13.96
CA TYR I 200 -57.50 -63.27 14.20
C TYR I 200 -57.67 -62.72 15.61
N ILE I 201 -56.64 -62.78 16.45
CA ILE I 201 -56.77 -62.26 17.80
C ILE I 201 -55.60 -61.29 18.02
N CYS I 202 -55.88 -60.05 18.43
CA CYS I 202 -54.79 -59.16 18.80
C CYS I 202 -54.48 -59.22 20.28
N ASN I 203 -53.20 -59.37 20.57
CA ASN I 203 -52.63 -59.41 21.92
C ASN I 203 -51.90 -58.13 22.29
N VAL I 204 -52.29 -57.56 23.42
CA VAL I 204 -51.84 -56.25 23.85
C VAL I 204 -51.23 -56.43 25.23
N ASN I 205 -50.01 -55.93 25.41
CA ASN I 205 -49.34 -56.05 26.70
C ASN I 205 -48.88 -54.74 27.29
N HIS I 206 -49.32 -54.55 28.53
CA HIS I 206 -48.94 -53.43 29.38
C HIS I 206 -48.42 -53.83 30.76
N LYS I 207 -47.14 -54.09 30.90
CA LYS I 207 -46.60 -54.59 32.19
C LYS I 207 -46.81 -53.64 33.40
N PRO I 208 -46.67 -52.32 33.20
CA PRO I 208 -46.85 -51.36 34.31
C PRO I 208 -48.16 -51.48 35.13
N SER I 209 -49.22 -52.09 34.61
CA SER I 209 -50.46 -52.31 35.38
C SER I 209 -50.72 -53.80 35.29
N ASN I 210 -49.66 -54.49 34.90
CA ASN I 210 -49.62 -55.91 34.63
C ASN I 210 -50.90 -56.33 33.89
N THR I 211 -51.11 -55.75 32.71
CA THR I 211 -52.29 -56.10 31.91
C THR I 211 -51.96 -56.77 30.55
N LYS I 212 -52.52 -57.94 30.30
CA LYS I 212 -52.37 -58.59 29.00
C LYS I 212 -53.78 -58.91 28.52
N VAL I 213 -54.16 -58.35 27.36
CA VAL I 213 -55.52 -58.51 26.79
C VAL I 213 -55.42 -59.04 25.36
N ASP I 214 -56.29 -60.02 25.08
CA ASP I 214 -56.55 -60.59 23.74
C ASP I 214 -57.96 -60.40 23.15
N LYS I 215 -58.03 -59.83 21.94
CA LYS I 215 -59.29 -59.57 21.21
C LYS I 215 -59.47 -60.11 19.80
N LYS I 216 -60.36 -61.10 19.68
CA LYS I 216 -60.75 -61.62 18.37
C LYS I 216 -61.64 -60.59 17.68
N VAL I 217 -61.42 -60.37 16.40
CA VAL I 217 -62.17 -59.38 15.62
C VAL I 217 -62.94 -60.18 14.57
N GLU I 218 -64.27 -60.21 14.68
CA GLU I 218 -65.10 -61.02 13.80
C GLU I 218 -65.83 -60.08 12.87
N PRO I 219 -66.14 -60.52 11.64
CA PRO I 219 -66.83 -59.60 10.75
C PRO I 219 -68.18 -59.19 11.30
N LYS I 220 -68.78 -58.16 10.71
CA LYS I 220 -70.13 -57.74 11.04
C LYS I 220 -70.86 -57.20 9.82
N ASN J 6 84.30 14.64 -0.25
CA ASN J 6 84.70 13.36 -0.86
C ASN J 6 84.60 12.21 0.13
N THR J 7 83.36 11.80 0.42
CA THR J 7 83.11 10.71 1.37
C THR J 7 83.35 9.36 0.71
N THR J 8 83.62 8.34 1.51
CA THR J 8 83.84 6.98 1.01
C THR J 8 82.59 6.41 0.35
N LEU J 9 82.75 5.94 -0.88
CA LEU J 9 81.66 5.29 -1.62
C LEU J 9 81.64 3.78 -1.34
N PHE J 10 80.47 3.16 -1.46
CA PHE J 10 80.39 1.70 -1.59
C PHE J 10 80.01 1.36 -3.02
N CYS J 11 80.53 0.23 -3.50
CA CYS J 11 80.39 -0.14 -4.91
C CYS J 11 79.10 -0.92 -5.15
N ALA J 12 79.00 -1.53 -6.32
CA ALA J 12 77.85 -2.34 -6.68
C ALA J 12 78.23 -3.30 -7.80
N SER J 13 77.58 -4.47 -7.84
CA SER J 13 77.89 -5.49 -8.82
C SER J 13 76.79 -6.54 -8.93
N ASP J 14 76.75 -7.22 -10.08
CA ASP J 14 75.76 -8.27 -10.32
C ASP J 14 76.43 -9.64 -10.39
N ALA J 15 77.24 -9.94 -9.37
CA ALA J 15 77.97 -11.21 -9.32
C ALA J 15 77.14 -12.30 -8.64
N LYS J 16 77.11 -13.47 -9.26
CA LYS J 16 76.46 -14.63 -8.65
C LYS J 16 77.30 -15.08 -7.46
N ALA J 17 76.65 -15.41 -6.36
CA ALA J 17 77.36 -15.84 -5.16
C ALA J 17 78.05 -17.18 -5.36
N TYR J 18 77.59 -17.95 -6.34
CA TYR J 18 78.14 -19.27 -6.64
C TYR J 18 79.43 -19.18 -7.46
N ASP J 19 79.35 -18.49 -8.59
CA ASP J 19 80.42 -18.47 -9.59
C ASP J 19 81.78 -18.24 -8.94
N THR J 20 82.53 -19.33 -8.76
CA THR J 20 83.80 -19.28 -8.06
C THR J 20 84.91 -18.82 -8.99
N GLU J 21 84.94 -17.52 -9.26
CA GLU J 21 86.10 -16.90 -9.88
C GLU J 21 86.60 -15.79 -8.95
N VAL J 22 87.83 -15.35 -9.18
CA VAL J 22 88.44 -14.33 -8.33
C VAL J 22 87.60 -13.07 -8.20
N HIS J 23 87.03 -12.62 -9.30
CA HIS J 23 86.29 -11.36 -9.30
C HIS J 23 84.96 -11.47 -8.57
N ASN J 24 84.21 -12.51 -8.87
CA ASN J 24 82.87 -12.69 -8.30
C ASN J 24 82.90 -13.02 -6.82
N VAL J 25 83.87 -13.84 -6.40
CA VAL J 25 83.99 -14.22 -4.99
C VAL J 25 84.20 -12.98 -4.12
N TRP J 26 85.18 -12.16 -4.48
CA TRP J 26 85.47 -10.94 -3.75
C TRP J 26 84.37 -9.91 -3.93
N ALA J 27 83.73 -9.92 -5.10
CA ALA J 27 82.64 -9.00 -5.38
C ALA J 27 81.45 -9.31 -4.49
N THR J 28 80.97 -10.55 -4.55
CA THR J 28 79.86 -10.97 -3.71
C THR J 28 80.36 -11.08 -2.27
N HIS J 29 80.67 -9.94 -1.68
CA HIS J 29 81.23 -9.89 -0.35
C HIS J 29 81.38 -8.44 0.13
N ALA J 30 81.44 -7.50 -0.81
CA ALA J 30 81.59 -6.08 -0.49
C ALA J 30 80.86 -5.19 -1.51
N CYS J 31 79.81 -5.73 -2.13
CA CYS J 31 79.02 -4.97 -3.10
C CYS J 31 77.53 -5.28 -2.99
N VAL J 32 76.74 -4.62 -3.83
CA VAL J 32 75.29 -4.73 -3.79
C VAL J 32 74.73 -4.76 -5.22
N PRO J 33 73.61 -5.48 -5.45
CA PRO J 33 73.04 -5.53 -6.80
C PRO J 33 72.65 -4.17 -7.39
N THR J 34 71.78 -3.43 -6.71
CA THR J 34 71.30 -2.13 -7.19
C THR J 34 70.39 -2.32 -8.42
N ASP J 35 69.64 -1.30 -8.85
CA ASP J 35 69.66 0.06 -8.31
C ASP J 35 68.25 0.63 -8.19
N PRO J 36 68.13 1.82 -7.58
CA PRO J 36 66.86 2.55 -7.62
C PRO J 36 66.56 3.09 -9.02
N SER J 37 65.54 2.53 -9.66
CA SER J 37 65.12 2.99 -10.99
C SER J 37 64.57 4.41 -10.92
N PRO J 38 64.38 5.05 -12.09
CA PRO J 38 64.68 4.60 -13.45
C PRO J 38 65.83 5.35 -14.12
N GLN J 39 65.60 6.62 -14.43
CA GLN J 39 66.49 7.39 -15.29
C GLN J 39 67.26 8.47 -14.54
N GLU J 40 68.17 9.14 -15.25
CA GLU J 40 68.93 10.24 -14.67
C GLU J 40 68.04 11.47 -14.47
N LEU J 41 68.20 12.11 -13.32
CA LEU J 41 67.45 13.32 -13.00
C LEU J 41 68.10 14.53 -13.66
N LYS J 42 67.70 14.83 -14.89
CA LYS J 42 68.32 15.91 -15.67
C LYS J 42 68.04 17.28 -15.07
N MET J 43 68.97 18.21 -15.32
CA MET J 43 68.85 19.58 -14.84
C MET J 43 68.83 20.56 -16.01
N GLU J 44 68.68 21.84 -15.70
CA GLU J 44 68.60 22.88 -16.72
C GLU J 44 69.18 24.19 -16.21
N ASN J 45 69.91 24.89 -17.08
CA ASN J 45 70.47 26.20 -16.78
C ASN J 45 71.45 26.17 -15.62
N VAL J 46 71.98 24.99 -15.33
CA VAL J 46 73.01 24.83 -14.31
C VAL J 46 74.37 24.66 -14.99
N THR J 47 75.34 25.46 -14.54
CA THR J 47 76.71 25.33 -15.02
C THR J 47 77.61 24.93 -13.85
N GLU J 48 78.44 23.92 -14.07
CA GLU J 48 79.30 23.37 -13.03
C GLU J 48 80.69 23.05 -13.58
N GLU J 49 81.71 23.37 -12.80
CA GLU J 49 83.09 23.06 -13.18
C GLU J 49 83.44 21.62 -12.87
N PHE J 50 84.20 20.98 -13.76
CA PHE J 50 84.68 19.62 -13.54
C PHE J 50 86.19 19.56 -13.74
N ASN J 51 86.81 18.52 -13.18
CA ASN J 51 88.24 18.29 -13.36
C ASN J 51 88.54 16.80 -13.16
N MET J 52 88.69 16.09 -14.28
CA MET J 52 88.86 14.63 -14.25
C MET J 52 90.19 14.20 -13.64
N TRP J 53 91.15 15.12 -13.60
CA TRP J 53 92.51 14.79 -13.17
C TRP J 53 92.68 14.87 -11.64
N LYS J 54 91.69 15.46 -10.98
CA LYS J 54 91.65 15.48 -9.52
C LYS J 54 90.27 15.07 -9.04
N ASN J 55 90.06 13.77 -8.97
CA ASN J 55 88.77 13.20 -8.61
C ASN J 55 88.96 12.00 -7.69
N ASN J 56 88.64 12.20 -6.41
CA ASN J 56 88.99 11.24 -5.36
C ASN J 56 88.44 9.83 -5.60
N MET J 57 87.38 9.73 -6.40
CA MET J 57 86.78 8.42 -6.69
C MET J 57 87.77 7.51 -7.43
N VAL J 58 88.68 8.11 -8.19
CA VAL J 58 89.75 7.35 -8.85
C VAL J 58 90.67 6.72 -7.81
N GLU J 59 91.05 7.50 -6.82
CA GLU J 59 91.91 7.03 -5.74
C GLU J 59 91.29 5.87 -4.99
N GLN J 60 90.01 6.00 -4.68
CA GLN J 60 89.29 4.95 -3.95
C GLN J 60 89.12 3.71 -4.80
N MET J 61 88.89 3.92 -6.09
CA MET J 61 88.80 2.81 -7.04
C MET J 61 90.13 2.07 -7.13
N HIS J 62 91.22 2.83 -7.08
CA HIS J 62 92.54 2.26 -7.18
C HIS J 62 92.83 1.27 -6.06
N THR J 63 92.53 1.67 -4.83
CA THR J 63 92.79 0.84 -3.67
C THR J 63 91.99 -0.46 -3.69
N ASP J 64 90.80 -0.41 -4.29
CA ASP J 64 89.91 -1.56 -4.34
C ASP J 64 90.46 -2.68 -5.23
N ILE J 65 90.97 -2.31 -6.41
CA ILE J 65 91.48 -3.30 -7.36
C ILE J 65 92.76 -3.94 -6.84
N ILE J 66 93.57 -3.17 -6.14
CA ILE J 66 94.78 -3.69 -5.52
C ILE J 66 94.42 -4.76 -4.51
N SER J 67 93.42 -4.47 -3.69
CA SER J 67 92.97 -5.42 -2.66
C SER J 67 92.45 -6.70 -3.30
N LEU J 68 91.78 -6.56 -4.43
CA LEU J 68 91.28 -7.71 -5.17
C LEU J 68 92.44 -8.60 -5.59
N TRP J 69 93.41 -8.01 -6.27
CA TRP J 69 94.53 -8.76 -6.83
C TRP J 69 95.44 -9.37 -5.75
N ASP J 70 95.64 -8.65 -4.66
CA ASP J 70 96.46 -9.15 -3.55
C ASP J 70 95.81 -10.34 -2.88
N GLN J 71 94.47 -10.34 -2.85
CA GLN J 71 93.71 -11.40 -2.20
C GLN J 71 93.38 -12.55 -3.15
N SER J 72 93.39 -12.26 -4.44
CA SER J 72 92.91 -13.20 -5.45
C SER J 72 94.05 -13.92 -6.16
N LEU J 73 94.96 -13.16 -6.77
CA LEU J 73 96.10 -13.73 -7.48
C LEU J 73 97.34 -13.75 -6.60
N LYS J 74 97.53 -14.86 -5.88
CA LYS J 74 98.67 -15.02 -5.00
C LYS J 74 99.89 -15.51 -5.77
N PRO J 75 100.97 -14.71 -5.82
CA PRO J 75 102.21 -15.20 -6.40
C PRO J 75 102.99 -16.10 -5.43
N CYS J 76 103.78 -17.01 -5.96
CA CYS J 76 104.56 -17.92 -5.14
C CYS J 76 105.64 -17.18 -4.37
N VAL J 77 106.22 -16.17 -5.02
CA VAL J 77 107.30 -15.39 -4.44
C VAL J 77 107.11 -13.91 -4.76
N GLN J 78 107.46 -13.06 -3.80
CA GLN J 78 107.36 -11.61 -3.98
C GLN J 78 108.61 -10.94 -3.43
N LEU J 79 109.16 -9.99 -4.18
CA LEU J 79 110.31 -9.22 -3.73
C LEU J 79 109.98 -7.73 -3.74
N THR J 80 109.91 -7.12 -2.56
CA THR J 80 109.70 -5.69 -2.44
C THR J 80 110.61 -5.12 -1.36
N GLY J 81 111.32 -4.05 -1.70
CA GLY J 81 112.19 -3.36 -0.76
C GLY J 81 113.10 -4.28 0.02
N GLY J 82 113.72 -5.23 -0.68
CA GLY J 82 114.63 -6.15 -0.04
C GLY J 82 113.94 -7.20 0.81
N SER J 83 112.61 -7.15 0.86
CA SER J 83 111.83 -8.10 1.65
C SER J 83 111.21 -9.15 0.75
N ALA J 84 111.28 -10.40 1.19
CA ALA J 84 110.76 -11.52 0.42
C ALA J 84 109.51 -12.11 1.08
N LEU J 85 108.50 -12.37 0.26
CA LEU J 85 107.23 -12.94 0.71
C LEU J 85 106.85 -14.16 -0.12
N THR J 86 106.51 -15.25 0.55
CA THR J 86 106.07 -16.48 -0.11
C THR J 86 104.71 -16.91 0.43
N GLN J 87 103.93 -17.57 -0.43
CA GLN J 87 102.59 -18.01 -0.06
C GLN J 87 102.06 -19.03 -1.07
N ALA J 88 100.92 -19.65 -0.74
CA ALA J 88 100.27 -20.58 -1.65
C ALA J 88 99.78 -19.84 -2.90
N CYS J 89 99.85 -20.51 -4.05
CA CYS J 89 99.52 -19.87 -5.33
C CYS J 89 98.79 -20.81 -6.28
N PRO J 90 97.54 -21.16 -5.93
CA PRO J 90 96.75 -21.99 -6.85
C PRO J 90 96.32 -21.20 -8.08
N LYS J 91 96.36 -21.82 -9.25
CA LYS J 91 95.88 -21.17 -10.46
C LYS J 91 94.37 -21.00 -10.36
N VAL J 92 93.87 -19.90 -10.93
CA VAL J 92 92.46 -19.55 -10.81
C VAL J 92 91.84 -19.18 -12.15
N THR J 93 90.52 -19.09 -12.16
CA THR J 93 89.78 -18.60 -13.32
C THR J 93 89.58 -17.09 -13.17
N PHE J 94 89.84 -16.36 -14.24
CA PHE J 94 89.92 -14.90 -14.20
C PHE J 94 89.17 -14.28 -15.37
N GLU J 95 88.35 -13.28 -15.08
CA GLU J 95 87.56 -12.60 -16.11
C GLU J 95 86.94 -11.31 -15.55
N PRO J 96 86.98 -10.21 -16.33
CA PRO J 96 86.48 -8.92 -15.82
C PRO J 96 85.00 -8.92 -15.49
N ILE J 97 84.60 -8.00 -14.60
CA ILE J 97 83.21 -7.85 -14.16
C ILE J 97 82.88 -6.37 -14.04
N PRO J 98 81.81 -5.90 -14.70
CA PRO J 98 81.43 -4.49 -14.57
C PRO J 98 81.10 -4.08 -13.13
N ILE J 99 81.39 -2.83 -12.78
CA ILE J 99 81.19 -2.31 -11.42
C ILE J 99 80.54 -0.92 -11.46
N HIS J 100 79.74 -0.62 -10.45
CA HIS J 100 79.20 0.72 -10.24
C HIS J 100 79.62 1.23 -8.86
N TYR J 101 79.76 2.55 -8.74
CA TYR J 101 80.11 3.18 -7.47
C TYR J 101 78.99 4.10 -6.99
N CYS J 102 78.17 3.60 -6.08
CA CYS J 102 77.04 4.37 -5.55
C CYS J 102 77.48 5.22 -4.36
N ALA J 103 76.76 6.31 -4.13
CA ALA J 103 77.11 7.24 -3.06
C ALA J 103 76.35 6.91 -1.77
N PRO J 104 76.94 7.27 -0.61
CA PRO J 104 76.26 7.06 0.67
C PRO J 104 75.21 8.13 0.94
N ALA J 105 74.42 7.94 2.00
CA ALA J 105 73.36 8.88 2.37
C ALA J 105 73.92 10.27 2.65
N GLY J 106 73.50 11.24 1.85
CA GLY J 106 73.90 12.63 2.03
C GLY J 106 74.76 13.18 0.91
N TYR J 107 75.00 12.35 -0.11
CA TYR J 107 75.86 12.73 -1.23
C TYR J 107 75.35 12.14 -2.55
N ALA J 108 75.22 12.99 -3.56
CA ALA J 108 74.78 12.58 -4.89
C ALA J 108 75.93 12.68 -5.87
N ILE J 109 75.79 12.03 -7.02
CA ILE J 109 76.83 12.03 -8.04
C ILE J 109 76.39 12.83 -9.26
N LEU J 110 77.12 13.90 -9.54
CA LEU J 110 76.90 14.69 -10.74
C LEU J 110 77.47 13.96 -11.94
N LYS J 111 76.76 14.02 -13.07
CA LYS J 111 77.19 13.34 -14.29
C LYS J 111 77.22 14.34 -15.45
N CYS J 112 78.38 14.46 -16.08
CA CYS J 112 78.55 15.38 -17.20
C CYS J 112 78.15 14.73 -18.52
N ASN J 113 77.09 15.25 -19.13
CA ASN J 113 76.57 14.70 -20.39
C ASN J 113 76.96 15.55 -21.59
N ASP J 114 77.80 16.56 -21.37
CA ASP J 114 78.24 17.44 -22.43
C ASP J 114 79.00 16.66 -23.51
N LYS J 115 78.77 17.04 -24.76
CA LYS J 115 79.32 16.32 -25.89
C LYS J 115 80.82 16.62 -26.11
N GLU J 116 81.26 17.76 -25.60
CA GLU J 116 82.56 18.37 -25.96
C GLU J 116 83.70 17.35 -26.22
N PHE J 117 84.47 16.84 -25.25
CA PHE J 117 84.59 17.23 -23.85
C PHE J 117 85.98 16.81 -23.35
N ASN J 118 86.77 17.79 -22.92
CA ASN J 118 88.18 17.57 -22.62
C ASN J 118 88.46 17.18 -21.18
N GLY J 119 87.41 17.13 -20.36
CA GLY J 119 87.55 16.66 -18.99
C GLY J 119 87.79 17.75 -17.96
N THR J 120 87.97 18.98 -18.42
CA THR J 120 88.19 20.11 -17.53
C THR J 120 87.32 21.29 -17.94
N GLY J 121 86.92 22.09 -16.96
CA GLY J 121 86.14 23.30 -17.21
C GLY J 121 84.66 23.12 -16.98
N LEU J 122 83.87 24.03 -17.54
CA LEU J 122 82.43 24.08 -17.30
C LEU J 122 81.67 22.98 -18.04
N CYS J 123 80.69 22.40 -17.35
CA CYS J 123 79.78 21.43 -17.95
C CYS J 123 78.35 21.98 -17.85
N LYS J 124 77.65 22.00 -18.98
CA LYS J 124 76.34 22.65 -19.05
C LYS J 124 75.15 21.69 -18.93
N ASN J 125 75.39 20.40 -19.18
CA ASN J 125 74.32 19.40 -19.12
C ASN J 125 74.52 18.42 -17.96
N VAL J 126 74.43 18.92 -16.74
CA VAL J 126 74.71 18.12 -15.55
C VAL J 126 73.43 17.56 -14.93
N SER J 127 73.12 16.32 -15.24
CA SER J 127 72.03 15.60 -14.57
C SER J 127 72.54 15.14 -13.21
N THR J 128 72.07 14.00 -12.73
CA THR J 128 72.63 13.41 -11.52
C THR J 128 72.21 11.95 -11.37
N VAL J 129 73.21 11.10 -11.17
CA VAL J 129 72.99 9.68 -10.88
C VAL J 129 73.32 9.42 -9.42
N GLN J 130 72.96 8.23 -8.95
CA GLN J 130 73.32 7.80 -7.60
C GLN J 130 74.29 6.62 -7.68
N CYS J 131 74.81 6.38 -8.88
CA CYS J 131 75.80 5.33 -9.10
C CYS J 131 76.42 5.50 -10.48
N THR J 132 77.72 5.23 -10.58
CA THR J 132 78.44 5.36 -11.85
C THR J 132 78.09 4.21 -12.78
N HIS J 133 78.44 4.36 -14.05
CA HIS J 133 78.17 3.32 -15.04
C HIS J 133 79.11 2.12 -14.87
N GLY J 134 78.91 1.11 -15.70
CA GLY J 134 79.70 -0.11 -15.62
C GLY J 134 81.16 0.12 -15.97
N ILE J 135 82.04 -0.27 -15.06
CA ILE J 135 83.48 -0.10 -15.24
C ILE J 135 84.19 -1.46 -15.22
N ARG J 136 84.88 -1.78 -16.31
CA ARG J 136 85.68 -3.00 -16.38
C ARG J 136 87.03 -2.77 -15.69
N PRO J 137 87.33 -3.52 -14.62
CA PRO J 137 88.61 -3.29 -13.92
C PRO J 137 89.81 -3.89 -14.68
N VAL J 138 90.03 -3.40 -15.90
CA VAL J 138 91.11 -3.92 -16.73
C VAL J 138 92.46 -3.34 -16.34
N VAL J 139 93.36 -4.20 -15.90
CA VAL J 139 94.72 -3.80 -15.61
C VAL J 139 95.55 -4.00 -16.86
N SER J 140 96.00 -2.90 -17.45
CA SER J 140 96.74 -2.95 -18.71
C SER J 140 97.53 -1.67 -18.96
N THR J 141 98.54 -1.76 -19.82
CA THR J 141 99.32 -0.59 -20.23
C THR J 141 99.13 -0.35 -21.72
N GLN J 142 99.40 0.87 -22.16
CA GLN J 142 99.32 1.26 -23.57
C GLN J 142 97.90 1.25 -24.13
N LEU J 143 97.25 0.08 -24.15
CA LEU J 143 95.89 -0.02 -24.71
C LEU J 143 94.84 -0.24 -23.63
N LEU J 144 93.70 0.43 -23.81
CA LEU J 144 92.54 0.25 -22.94
C LEU J 144 91.60 -0.77 -23.57
N LEU J 145 91.14 -1.73 -22.77
CA LEU J 145 90.30 -2.82 -23.26
C LEU J 145 88.93 -2.82 -22.61
N ASN J 146 87.92 -3.20 -23.38
CA ASN J 146 86.54 -3.31 -22.91
C ASN J 146 86.01 -2.04 -22.24
N GLY J 147 86.53 -0.88 -22.65
CA GLY J 147 86.13 0.38 -22.06
C GLY J 147 84.89 0.97 -22.71
N SER J 148 84.64 2.24 -22.43
CA SER J 148 83.53 2.97 -23.01
C SER J 148 83.98 3.81 -24.20
N LEU J 149 83.13 3.89 -25.22
CA LEU J 149 83.46 4.61 -26.44
C LEU J 149 82.97 6.06 -26.39
N ALA J 150 83.66 6.92 -27.13
CA ALA J 150 83.21 8.30 -27.30
C ALA J 150 81.87 8.29 -28.04
N GLU J 151 80.97 9.17 -27.63
CA GLU J 151 79.62 9.19 -28.17
C GLU J 151 79.59 9.56 -29.65
N GLY J 152 80.37 10.57 -30.02
CA GLY J 152 80.44 11.04 -31.38
C GLY J 152 81.74 10.64 -32.05
N LYS J 153 82.70 11.57 -32.07
CA LYS J 153 84.02 11.30 -32.62
C LYS J 153 85.01 10.99 -31.50
N VAL J 154 86.18 10.50 -31.88
CA VAL J 154 87.24 10.22 -30.92
C VAL J 154 87.53 11.50 -30.12
N MET J 155 87.94 11.33 -28.87
CA MET J 155 88.30 12.46 -28.01
C MET J 155 89.62 12.21 -27.28
N ILE J 156 90.47 13.23 -27.25
CA ILE J 156 91.76 13.17 -26.57
C ILE J 156 91.79 14.17 -25.42
N ARG J 157 92.44 13.80 -24.33
CA ARG J 157 92.42 14.58 -23.10
C ARG J 157 93.77 14.53 -22.39
N SER J 158 94.22 15.66 -21.87
CA SER J 158 95.49 15.74 -21.17
C SER J 158 95.50 16.86 -20.14
N GLU J 159 96.35 16.70 -19.12
CA GLU J 159 96.50 17.71 -18.07
C GLU J 159 97.13 18.98 -18.62
N ASN J 160 98.04 18.81 -19.58
CA ASN J 160 98.75 19.94 -20.17
C ASN J 160 99.37 19.51 -21.49
N ILE J 161 98.74 19.92 -22.58
CA ILE J 161 99.20 19.59 -23.93
C ILE J 161 100.58 20.20 -24.18
N THR J 162 100.84 21.35 -23.57
CA THR J 162 102.10 22.07 -23.78
C THR J 162 103.27 21.42 -23.05
N ASN J 163 102.96 20.55 -22.10
CA ASN J 163 103.97 19.78 -21.37
C ASN J 163 104.18 18.42 -22.02
N ASN J 164 105.24 17.71 -21.61
CA ASN J 164 105.61 16.43 -22.25
C ASN J 164 105.70 15.25 -21.29
N VAL J 165 105.73 15.52 -19.99
CA VAL J 165 105.83 14.46 -19.00
C VAL J 165 104.46 13.81 -18.77
N LYS J 166 103.41 14.52 -19.16
CA LYS J 166 102.04 14.08 -18.90
C LYS J 166 101.47 13.22 -20.01
N ASN J 167 100.74 12.16 -19.63
CA ASN J 167 100.20 11.21 -20.57
C ASN J 167 98.97 11.71 -21.34
N ILE J 168 98.82 11.24 -22.57
CA ILE J 168 97.66 11.53 -23.40
C ILE J 168 96.72 10.33 -23.41
N ILE J 169 95.46 10.55 -23.03
CA ILE J 169 94.47 9.48 -23.00
C ILE J 169 93.54 9.59 -24.21
N VAL J 170 93.55 8.54 -25.04
CA VAL J 170 92.72 8.48 -26.23
C VAL J 170 91.49 7.60 -25.99
N GLN J 171 90.32 8.09 -26.37
CA GLN J 171 89.07 7.34 -26.28
C GLN J 171 88.47 7.12 -27.65
N LEU J 172 88.50 5.88 -28.13
CA LEU J 172 88.00 5.55 -29.46
C LEU J 172 86.48 5.62 -29.52
N ASN J 173 85.95 5.78 -30.74
CA ASN J 173 84.50 5.74 -30.97
C ASN J 173 84.09 4.44 -31.66
N GLU J 174 85.09 3.64 -32.04
CA GLU J 174 84.85 2.32 -32.62
C GLU J 174 85.77 1.28 -31.97
N SER J 175 85.19 0.21 -31.46
CA SER J 175 85.95 -0.87 -30.85
C SER J 175 86.74 -1.62 -31.92
N VAL J 176 87.97 -2.00 -31.58
CA VAL J 176 88.77 -2.87 -32.43
C VAL J 176 88.99 -4.20 -31.71
N THR J 177 88.31 -5.24 -32.19
CA THR J 177 88.39 -6.55 -31.56
C THR J 177 89.76 -7.17 -31.76
N ILE J 178 90.33 -7.68 -30.67
CA ILE J 178 91.61 -8.37 -30.71
C ILE J 178 91.46 -9.75 -30.08
N ASN J 179 91.81 -10.79 -30.85
CA ASN J 179 91.76 -12.17 -30.35
C ASN J 179 93.16 -12.76 -30.19
N CYS J 180 93.51 -13.06 -28.94
CA CYS J 180 94.82 -13.61 -28.62
C CYS J 180 94.67 -15.07 -28.23
N THR J 181 95.54 -15.91 -28.77
CA THR J 181 95.45 -17.35 -28.56
C THR J 181 96.81 -18.02 -28.39
N ARG J 182 96.88 -18.92 -27.43
CA ARG J 182 98.06 -19.77 -27.23
C ARG J 182 97.73 -21.20 -27.65
N PRO J 183 98.20 -21.64 -28.82
CA PRO J 183 97.83 -22.99 -29.28
C PRO J 183 98.38 -24.09 -28.38
N ASN J 184 97.77 -25.28 -28.46
CA ASN J 184 98.18 -26.42 -27.64
C ASN J 184 99.55 -26.95 -28.03
N ASN J 185 100.57 -26.11 -27.89
CA ASN J 185 101.95 -26.47 -28.21
C ASN J 185 102.68 -27.00 -26.99
N SER J 190 102.53 -31.31 -31.13
CA SER J 190 102.95 -30.16 -31.91
C SER J 190 104.23 -29.54 -31.34
N GLY J 191 105.28 -29.51 -32.15
CA GLY J 191 106.54 -28.94 -31.73
C GLY J 191 106.46 -27.44 -31.55
N GLY J 192 106.50 -27.00 -30.30
CA GLY J 192 106.42 -25.59 -29.98
C GLY J 192 106.63 -25.33 -28.50
N ASP J 193 106.67 -24.07 -28.11
CA ASP J 193 106.87 -23.67 -26.72
C ASP J 193 105.54 -23.38 -26.05
N ILE J 194 105.45 -23.75 -24.77
CA ILE J 194 104.23 -23.54 -23.99
C ILE J 194 104.01 -22.08 -23.63
N ARG J 195 104.93 -21.21 -24.05
CA ARG J 195 104.85 -19.79 -23.75
C ARG J 195 104.68 -18.95 -25.01
N GLN J 196 104.55 -19.61 -26.15
CA GLN J 196 104.34 -18.91 -27.42
C GLN J 196 102.86 -18.65 -27.69
N ALA J 197 102.55 -17.40 -28.01
CA ALA J 197 101.18 -17.01 -28.34
C ALA J 197 101.17 -15.92 -29.41
N HIS J 198 99.99 -15.63 -29.94
CA HIS J 198 99.83 -14.63 -30.99
C HIS J 198 98.51 -13.89 -30.88
N CYS J 199 98.42 -12.73 -31.53
CA CYS J 199 97.21 -11.94 -31.58
C CYS J 199 96.91 -11.53 -33.02
N ASN J 200 95.64 -11.59 -33.41
CA ASN J 200 95.22 -11.21 -34.75
C ASN J 200 94.20 -10.08 -34.73
N VAL J 201 94.34 -9.15 -35.66
CA VAL J 201 93.38 -8.06 -35.82
C VAL J 201 93.28 -7.67 -37.29
N SER J 202 92.12 -7.14 -37.68
CA SER J 202 91.91 -6.72 -39.06
C SER J 202 92.85 -5.59 -39.44
N GLY J 203 93.58 -5.79 -40.54
CA GLY J 203 94.51 -4.78 -41.03
C GLY J 203 93.81 -3.54 -41.52
N SER J 204 92.70 -3.74 -42.25
CA SER J 204 91.98 -2.61 -42.83
C SER J 204 91.36 -1.71 -41.77
N GLN J 205 90.90 -2.30 -40.67
CA GLN J 205 90.27 -1.54 -39.60
C GLN J 205 91.26 -0.58 -38.96
N TRP J 206 92.48 -1.06 -38.69
CA TRP J 206 93.52 -0.22 -38.10
C TRP J 206 93.90 0.92 -39.05
N ASN J 207 93.85 0.64 -40.35
CA ASN J 207 94.15 1.64 -41.37
C ASN J 207 93.03 2.65 -41.57
N LYS J 208 92.14 2.75 -40.59
CA LYS J 208 91.06 3.73 -40.60
C LYS J 208 90.91 4.37 -39.22
N THR J 209 91.05 3.56 -38.17
CA THR J 209 91.01 4.07 -36.80
C THR J 209 92.17 5.03 -36.57
N LEU J 210 93.37 4.62 -36.96
CA LEU J 210 94.55 5.45 -36.80
C LEU J 210 94.40 6.75 -37.57
N HIS J 211 93.80 6.68 -38.76
CA HIS J 211 93.60 7.86 -39.60
C HIS J 211 92.80 8.94 -38.88
N GLN J 212 91.74 8.52 -38.19
CA GLN J 212 90.84 9.46 -37.53
C GLN J 212 91.47 10.06 -36.27
N VAL J 213 92.27 9.27 -35.57
CA VAL J 213 92.96 9.77 -34.38
C VAL J 213 94.00 10.82 -34.79
N VAL J 214 94.76 10.51 -35.84
CA VAL J 214 95.80 11.41 -36.33
C VAL J 214 95.23 12.78 -36.71
N GLU J 215 94.04 12.77 -37.31
CA GLU J 215 93.37 14.01 -37.69
C GLU J 215 93.11 14.87 -36.45
N GLN J 216 92.72 14.21 -35.36
CA GLN J 216 92.44 14.91 -34.11
C GLN J 216 93.70 15.29 -33.37
N LEU J 217 94.77 14.51 -33.55
CA LEU J 217 96.05 14.85 -32.96
C LEU J 217 96.59 16.12 -33.60
N ARG J 218 96.30 16.31 -34.89
CA ARG J 218 96.58 17.57 -35.56
C ARG J 218 95.62 18.64 -35.02
N LYS J 219 95.63 19.81 -35.65
CA LYS J 219 94.79 20.95 -35.23
C LYS J 219 95.31 21.57 -33.93
N TYR J 220 95.64 20.73 -32.95
CA TYR J 220 96.28 21.20 -31.72
C TYR J 220 97.72 21.62 -32.00
N TRP J 221 98.43 20.79 -32.76
CA TRP J 221 99.84 21.02 -33.07
C TRP J 221 100.03 21.54 -34.49
N ASN J 222 99.13 22.42 -34.92
CA ASN J 222 99.21 23.02 -36.26
C ASN J 222 99.14 21.95 -37.35
N ASN J 223 99.63 22.27 -38.53
CA ASN J 223 99.59 21.35 -39.66
C ASN J 223 100.84 20.45 -39.73
N ASN J 224 101.29 19.99 -38.56
CA ASN J 224 102.40 19.06 -38.49
C ASN J 224 101.96 17.65 -38.83
N THR J 225 102.84 16.88 -39.48
CA THR J 225 102.57 15.49 -39.80
C THR J 225 103.00 14.60 -38.65
N ILE J 226 102.17 13.61 -38.33
CA ILE J 226 102.40 12.75 -37.17
C ILE J 226 102.96 11.41 -37.60
N ILE J 227 103.98 10.96 -36.88
CA ILE J 227 104.56 9.65 -37.06
C ILE J 227 104.57 8.91 -35.73
N PHE J 228 104.20 7.64 -35.77
CA PHE J 228 104.22 6.81 -34.57
C PHE J 228 105.42 5.88 -34.56
N ASN J 229 106.03 5.75 -33.39
CA ASN J 229 107.14 4.83 -33.18
C ASN J 229 106.91 4.02 -31.91
N SER J 230 107.60 2.90 -31.79
CA SER J 230 107.47 2.05 -30.60
C SER J 230 108.03 2.76 -29.37
N SER J 231 107.85 2.15 -28.21
CA SER J 231 108.38 2.68 -26.96
C SER J 231 109.89 2.89 -27.06
N SER J 232 110.39 3.93 -26.40
CA SER J 232 111.80 4.26 -26.45
C SER J 232 112.62 3.34 -25.56
N GLY J 233 111.95 2.64 -24.65
CA GLY J 233 112.61 1.66 -23.79
C GLY J 233 112.17 1.73 -22.35
N GLY J 234 112.74 0.83 -21.54
CA GLY J 234 112.40 0.72 -20.13
C GLY J 234 112.14 -0.74 -19.79
N ASP J 235 111.38 -0.96 -18.71
CA ASP J 235 110.97 -2.31 -18.35
C ASP J 235 110.04 -2.86 -19.43
N LEU J 236 110.04 -4.18 -19.58
CA LEU J 236 109.28 -4.86 -20.63
C LEU J 236 107.78 -4.56 -20.53
N GLU J 237 107.33 -4.24 -19.32
CA GLU J 237 105.91 -4.17 -19.03
C GLU J 237 105.22 -2.91 -19.51
N ILE J 238 106.00 -1.86 -19.81
CA ILE J 238 105.44 -0.64 -20.38
C ILE J 238 105.83 -0.45 -21.84
N THR J 239 106.87 -1.18 -22.26
CA THR J 239 107.27 -1.16 -23.66
C THR J 239 106.37 -2.07 -24.47
N THR J 240 106.13 -3.26 -23.93
CA THR J 240 105.40 -4.29 -24.64
C THR J 240 103.90 -4.01 -24.73
N HIS J 241 103.33 -3.55 -23.62
CA HIS J 241 101.92 -3.72 -23.29
C HIS J 241 101.84 -4.96 -22.42
N SER J 242 100.88 -5.00 -21.51
CA SER J 242 100.75 -6.12 -20.60
C SER J 242 99.34 -6.25 -20.10
N PHE J 243 98.93 -7.47 -19.78
CA PHE J 243 97.59 -7.71 -19.24
C PHE J 243 97.47 -9.13 -18.73
N ASN J 244 96.39 -9.37 -17.99
CA ASN J 244 96.10 -10.70 -17.44
C ASN J 244 94.98 -11.38 -18.21
N CYS J 245 95.28 -12.56 -18.75
CA CYS J 245 94.28 -13.36 -19.47
C CYS J 245 94.17 -14.75 -18.86
N GLY J 246 93.01 -15.02 -18.25
CA GLY J 246 92.76 -16.32 -17.65
C GLY J 246 93.65 -16.61 -16.46
N GLY J 247 94.18 -15.55 -15.84
CA GLY J 247 95.01 -15.69 -14.65
C GLY J 247 96.50 -15.67 -14.93
N GLU J 248 96.86 -15.64 -16.22
CA GLU J 248 98.26 -15.64 -16.62
C GLU J 248 98.70 -14.24 -17.03
N PHE J 249 99.79 -14.13 -17.79
CA PHE J 249 100.36 -12.82 -18.15
C PHE J 249 100.90 -12.81 -19.57
N PHE J 250 100.31 -11.98 -20.41
CA PHE J 250 100.70 -11.86 -21.82
C PHE J 250 101.59 -10.63 -22.06
N TYR J 251 102.59 -10.79 -22.93
CA TYR J 251 103.49 -9.71 -23.30
C TYR J 251 103.59 -9.61 -24.82
N CYS J 252 102.97 -8.58 -25.41
CA CYS J 252 102.86 -8.48 -26.86
C CYS J 252 103.71 -7.38 -27.48
N ASN J 253 104.65 -7.76 -28.36
CA ASN J 253 105.45 -6.78 -29.10
C ASN J 253 104.57 -5.93 -30.02
N THR J 254 104.69 -4.60 -29.91
CA THR J 254 103.82 -3.68 -30.64
C THR J 254 104.51 -2.92 -31.75
N SER J 255 105.70 -3.35 -32.14
CA SER J 255 106.46 -2.68 -33.19
C SER J 255 105.63 -2.59 -34.48
N GLY J 256 104.88 -3.65 -34.75
CA GLY J 256 104.08 -3.73 -35.96
C GLY J 256 102.82 -2.88 -35.89
N LEU J 257 102.42 -2.51 -34.68
CA LEU J 257 101.19 -1.76 -34.49
C LEU J 257 101.38 -0.26 -34.72
N PHE J 258 102.61 0.21 -34.50
CA PHE J 258 102.92 1.63 -34.61
C PHE J 258 103.94 1.94 -35.71
N ASN J 259 103.80 1.27 -36.85
CA ASN J 259 104.60 1.61 -38.03
C ASN J 259 103.88 2.70 -38.82
N SER J 260 104.37 3.93 -38.70
CA SER J 260 103.70 5.09 -39.30
C SER J 260 103.61 4.96 -40.82
N THR J 275 99.74 -9.23 -37.20
CA THR J 275 99.83 -10.26 -36.16
C THR J 275 100.94 -9.93 -35.17
N LEU J 276 100.57 -9.76 -33.90
CA LEU J 276 101.53 -9.40 -32.86
C LEU J 276 101.99 -10.65 -32.09
N PRO J 277 103.32 -10.86 -31.98
CA PRO J 277 103.81 -12.01 -31.22
C PRO J 277 103.73 -11.77 -29.71
N CYS J 278 103.41 -12.81 -28.95
CA CYS J 278 103.27 -12.68 -27.50
C CYS J 278 104.00 -13.79 -26.75
N ARG J 279 104.31 -13.51 -25.49
CA ARG J 279 104.98 -14.47 -24.61
C ARG J 279 104.30 -14.52 -23.26
N ILE J 280 104.15 -15.73 -22.73
CA ILE J 280 103.61 -15.94 -21.38
C ILE J 280 104.76 -16.03 -20.40
N LYS J 281 104.76 -15.15 -19.39
CA LYS J 281 105.85 -15.07 -18.43
C LYS J 281 105.40 -15.48 -17.04
N GLN J 282 106.35 -15.99 -16.26
CA GLN J 282 106.11 -16.40 -14.88
C GLN J 282 106.48 -15.30 -13.88
N ILE J 283 107.47 -14.49 -14.25
CA ILE J 283 107.96 -13.42 -13.39
C ILE J 283 107.48 -12.05 -13.87
N ILE J 284 106.88 -11.28 -12.96
CA ILE J 284 106.33 -9.98 -13.29
C ILE J 284 106.71 -8.94 -12.24
N ASN J 285 106.96 -7.71 -12.68
CA ASN J 285 107.08 -6.57 -11.77
C ASN J 285 105.70 -6.14 -11.29
N MET J 286 105.50 -6.16 -9.97
CA MET J 286 104.18 -5.90 -9.41
C MET J 286 103.73 -4.47 -9.72
N TRP J 287 102.43 -4.33 -10.01
CA TRP J 287 101.83 -3.01 -10.15
C TRP J 287 101.38 -2.50 -8.79
N GLN J 288 100.88 -3.40 -7.95
CA GLN J 288 100.34 -3.05 -6.65
C GLN J 288 101.38 -2.33 -5.79
N ARG J 289 102.66 -2.60 -6.08
CA ARG J 289 103.75 -2.07 -5.29
C ARG J 289 105.05 -2.25 -6.06
N VAL J 290 106.04 -1.40 -5.78
CA VAL J 290 107.33 -1.53 -6.44
C VAL J 290 107.98 -2.84 -5.99
N GLY J 291 108.09 -3.79 -6.92
CA GLY J 291 108.67 -5.08 -6.60
C GLY J 291 108.46 -6.08 -7.72
N GLN J 292 108.93 -7.31 -7.49
CA GLN J 292 108.81 -8.39 -8.46
C GLN J 292 108.03 -9.55 -7.85
N ALA J 293 107.29 -10.26 -8.70
CA ALA J 293 106.46 -11.36 -8.25
C ALA J 293 106.56 -12.56 -9.17
N ILE J 294 106.41 -13.75 -8.61
CA ILE J 294 106.55 -15.00 -9.35
C ILE J 294 105.31 -15.87 -9.22
N TYR J 295 104.79 -16.32 -10.36
CA TYR J 295 103.62 -17.18 -10.40
C TYR J 295 104.02 -18.54 -10.95
N ALA J 296 103.12 -19.51 -10.82
CA ALA J 296 103.40 -20.89 -11.24
C ALA J 296 103.34 -21.00 -12.77
N PRO J 297 103.91 -22.08 -13.32
CA PRO J 297 103.91 -22.28 -14.78
C PRO J 297 102.50 -22.32 -15.37
N PRO J 298 102.37 -22.04 -16.67
CA PRO J 298 101.06 -21.94 -17.33
C PRO J 298 100.24 -23.22 -17.36
N ILE J 299 98.92 -23.08 -17.36
CA ILE J 299 98.01 -24.21 -17.49
C ILE J 299 98.09 -24.80 -18.88
N GLN J 300 97.47 -25.96 -19.06
CA GLN J 300 97.42 -26.62 -20.37
C GLN J 300 96.19 -26.17 -21.14
N GLY J 301 96.13 -26.52 -22.42
CA GLY J 301 94.97 -26.27 -23.25
C GLY J 301 94.99 -24.93 -23.94
N VAL J 302 93.96 -24.67 -24.75
CA VAL J 302 93.83 -23.39 -25.45
C VAL J 302 93.49 -22.30 -24.44
N ILE J 303 94.26 -21.20 -24.50
CA ILE J 303 93.98 -20.02 -23.70
C ILE J 303 93.66 -18.87 -24.64
N ARG J 304 92.41 -18.43 -24.64
CA ARG J 304 91.96 -17.40 -25.58
C ARG J 304 90.99 -16.42 -24.94
N CYS J 305 91.17 -15.14 -25.27
CA CYS J 305 90.29 -14.08 -24.80
C CYS J 305 90.04 -13.09 -25.93
N VAL J 306 88.77 -12.72 -26.12
CA VAL J 306 88.39 -11.73 -27.12
C VAL J 306 87.98 -10.44 -26.41
N SER J 307 88.67 -9.35 -26.73
CA SER J 307 88.45 -8.06 -26.06
C SER J 307 88.28 -6.92 -27.06
N ASN J 308 87.58 -5.88 -26.63
CA ASN J 308 87.41 -4.67 -27.42
C ASN J 308 88.46 -3.62 -27.07
N ILE J 309 89.29 -3.25 -28.05
CA ILE J 309 90.21 -2.13 -27.87
C ILE J 309 89.44 -0.83 -28.03
N THR J 310 89.37 -0.06 -26.94
CA THR J 310 88.52 1.13 -26.91
C THR J 310 89.31 2.42 -26.67
N GLY J 311 90.61 2.29 -26.40
CA GLY J 311 91.45 3.44 -26.13
C GLY J 311 92.92 3.15 -26.13
N LEU J 312 93.72 4.22 -26.14
CA LEU J 312 95.18 4.11 -26.12
C LEU J 312 95.77 5.10 -25.12
N ILE J 313 96.98 4.79 -24.64
CA ILE J 313 97.75 5.71 -23.79
C ILE J 313 99.04 6.08 -24.52
N LEU J 314 99.24 7.39 -24.71
CA LEU J 314 100.38 7.90 -25.45
C LEU J 314 101.22 8.89 -24.66
N THR J 315 102.50 8.96 -25.01
CA THR J 315 103.39 10.02 -24.56
C THR J 315 103.99 10.68 -25.79
N ARG J 316 104.25 11.98 -25.69
CA ARG J 316 104.82 12.73 -26.81
C ARG J 316 106.28 13.08 -26.54
N ASP J 317 107.13 12.86 -27.53
CA ASP J 317 108.54 13.20 -27.43
C ASP J 317 108.73 14.69 -27.20
N GLY J 318 109.84 15.06 -26.57
CA GLY J 318 110.11 16.44 -26.25
C GLY J 318 111.58 16.78 -26.32
N GLY J 319 111.89 17.95 -26.86
CA GLY J 319 113.26 18.42 -26.99
C GLY J 319 113.47 19.20 -28.27
N GLY J 320 113.10 18.60 -29.40
CA GLY J 320 113.27 19.24 -30.68
C GLY J 320 112.24 20.32 -30.94
N ASN J 321 112.62 21.32 -31.74
CA ASN J 321 111.73 22.41 -32.11
C ASN J 321 110.66 21.94 -33.09
N SER J 322 110.04 22.89 -33.79
CA SER J 322 109.06 22.56 -34.82
C SER J 322 109.74 21.87 -36.00
N ASN J 323 110.16 20.62 -35.79
CA ASN J 323 110.85 19.85 -36.82
C ASN J 323 109.88 19.21 -37.81
N GLU J 324 108.64 19.71 -37.84
CA GLU J 324 107.56 19.16 -38.66
C GLU J 324 107.05 17.84 -38.08
N ASN J 325 107.81 17.27 -37.15
CA ASN J 325 107.43 16.04 -36.48
C ASN J 325 107.35 16.28 -34.98
N GLU J 326 106.47 15.54 -34.33
CA GLU J 326 106.35 15.58 -32.87
C GLU J 326 106.61 14.20 -32.31
N THR J 327 106.20 13.18 -33.07
CA THR J 327 106.43 11.76 -32.73
C THR J 327 105.72 11.35 -31.43
N PHE J 328 104.91 10.31 -31.54
CA PHE J 328 104.19 9.77 -30.39
C PHE J 328 104.51 8.32 -30.18
N ARG J 329 104.77 7.95 -28.92
CA ARG J 329 105.09 6.58 -28.56
C ARG J 329 104.12 6.09 -27.48
N PRO J 330 103.92 4.77 -27.39
CA PRO J 330 103.04 4.25 -26.33
C PRO J 330 103.64 4.44 -24.94
N GLY J 331 102.82 4.83 -23.97
CA GLY J 331 103.29 5.04 -22.62
C GLY J 331 102.50 4.20 -21.64
N GLY J 332 102.11 4.82 -20.53
CA GLY J 332 101.36 4.13 -19.50
C GLY J 332 102.27 3.63 -18.39
N GLY J 333 101.74 2.73 -17.57
CA GLY J 333 102.44 2.24 -16.41
C GLY J 333 101.61 2.55 -15.18
N ASP J 334 101.15 3.80 -15.11
CA ASP J 334 100.23 4.21 -14.06
C ASP J 334 98.80 3.83 -14.46
N MET J 335 98.26 2.81 -13.81
CA MET J 335 96.93 2.30 -14.12
C MET J 335 95.83 3.27 -13.75
N ARG J 336 96.18 4.36 -13.06
CA ARG J 336 95.20 5.38 -12.70
C ARG J 336 94.60 6.03 -13.94
N ASP J 337 95.39 6.10 -15.01
CA ASP J 337 94.92 6.66 -16.27
C ASP J 337 93.83 5.79 -16.90
N ASN J 338 93.91 4.48 -16.65
CA ASN J 338 92.89 3.56 -17.14
C ASN J 338 91.55 3.80 -16.46
N TRP J 339 91.59 4.01 -15.15
CA TRP J 339 90.38 4.29 -14.38
C TRP J 339 89.83 5.65 -14.75
N ARG J 340 90.73 6.62 -14.89
CA ARG J 340 90.36 7.99 -15.20
C ARG J 340 89.66 8.10 -16.56
N SER J 341 90.01 7.21 -17.47
CA SER J 341 89.46 7.23 -18.82
C SER J 341 87.97 6.90 -18.84
N GLU J 342 87.48 6.30 -17.74
CA GLU J 342 86.09 5.90 -17.63
C GLU J 342 85.33 6.77 -16.62
N LEU J 343 86.04 7.27 -15.62
CA LEU J 343 85.43 7.96 -14.49
C LEU J 343 85.46 9.48 -14.66
N TYR J 344 85.90 9.93 -15.84
CA TYR J 344 86.11 11.36 -16.08
C TYR J 344 84.85 12.20 -15.92
N LYS J 345 83.69 11.61 -16.20
CA LYS J 345 82.45 12.38 -16.28
C LYS J 345 81.65 12.43 -14.97
N TYR J 346 82.27 11.99 -13.87
CA TYR J 346 81.59 11.95 -12.57
C TYR J 346 82.29 12.78 -11.51
N LYS J 347 81.51 13.24 -10.53
CA LYS J 347 82.03 14.00 -9.40
C LYS J 347 81.12 13.84 -8.18
N VAL J 348 81.72 13.89 -7.00
CA VAL J 348 80.99 13.77 -5.74
C VAL J 348 80.74 15.16 -5.14
N VAL J 349 79.51 15.39 -4.68
CA VAL J 349 79.14 16.64 -4.03
C VAL J 349 78.43 16.40 -2.70
N LYS J 350 78.48 17.41 -1.84
CA LYS J 350 77.77 17.39 -0.56
C LYS J 350 76.47 18.18 -0.68
N ILE J 351 75.36 17.56 -0.30
CA ILE J 351 74.07 18.22 -0.35
C ILE J 351 73.95 19.16 0.85
N GLU J 352 73.74 20.44 0.56
CA GLU J 352 73.57 21.46 1.60
C GLU J 352 72.60 22.54 1.15
CA MPT K 1 109.89 2.53 -9.20
C MPT K 1 111.09 2.60 -8.32
O MPT K 1 111.12 3.53 -7.47
CB MPT K 1 110.13 2.77 -10.65
SG MPT K 1 111.02 4.25 -11.03
N ASN K 2 112.14 1.76 -8.59
CA ASN K 2 113.40 2.21 -8.02
C ASN K 2 114.11 3.20 -8.93
N LEU K 3 113.91 4.49 -8.66
CA LEU K 3 114.40 5.53 -9.55
C LEU K 3 115.90 5.51 -9.79
N HIS K 4 116.69 5.32 -8.73
CA HIS K 4 118.15 5.32 -8.89
C HIS K 4 118.61 4.24 -9.86
N PHE K 5 118.14 3.02 -9.67
CA PHE K 5 118.55 1.93 -10.54
C PHE K 5 117.93 2.09 -11.92
N CYS K 6 116.73 2.65 -11.97
CA CYS K 6 116.13 3.00 -13.25
C CYS K 6 117.03 3.97 -13.98
N GLN K 7 117.50 4.99 -13.27
CA GLN K 7 118.42 5.94 -13.86
C GLN K 7 119.73 5.26 -14.23
N LEU K 8 120.19 4.35 -13.37
CA LEU K 8 121.42 3.62 -13.60
C LEU K 8 121.35 2.72 -14.84
N ARG K 9 120.13 2.32 -15.22
CA ARG K 9 119.94 1.43 -16.37
C ARG K 9 119.76 2.20 -17.68
N CYS K 10 118.99 3.27 -17.65
CA CYS K 10 118.65 4.00 -18.87
C CYS K 10 119.83 4.73 -19.53
N LYS K 11 120.67 5.40 -18.75
CA LYS K 11 121.82 6.09 -19.35
C LYS K 11 122.75 5.14 -20.11
N SER K 12 122.71 3.86 -19.77
CA SER K 12 123.49 2.88 -20.51
C SER K 12 122.87 2.62 -21.89
N LEU K 13 121.71 3.21 -22.14
CA LEU K 13 121.10 3.22 -23.47
C LEU K 13 121.23 4.62 -24.05
N GLY K 14 121.86 5.52 -23.29
CA GLY K 14 122.01 6.90 -23.70
C GLY K 14 120.90 7.79 -23.18
N LEU K 15 120.12 7.28 -22.22
CA LEU K 15 118.83 7.88 -21.87
C LEU K 15 118.69 8.18 -20.38
N LEU K 16 117.81 9.13 -20.03
CA LEU K 16 117.46 9.37 -18.64
C LEU K 16 116.34 8.42 -18.24
N GLY K 17 116.25 8.12 -16.95
CA GLY K 17 115.19 7.28 -16.43
C GLY K 17 114.21 8.06 -15.58
N ARG K 18 112.96 7.61 -15.57
CA ARG K 18 111.94 8.17 -14.71
C ARG K 18 110.94 7.09 -14.41
N CYS K 19 110.20 7.24 -13.31
CA CYS K 19 109.17 6.26 -12.99
C CYS K 19 107.93 6.45 -13.86
N ALA K 20 107.34 5.31 -14.21
CA ALA K 20 106.02 5.22 -14.80
C ALA K 20 105.22 4.38 -13.82
N DPR K 21 104.65 5.02 -12.82
CA DPR K 21 104.05 4.26 -11.72
CB DPR K 21 103.42 5.34 -10.85
CG DPR K 21 104.21 6.55 -11.13
CD DPR K 21 104.65 6.47 -12.55
C DPR K 21 105.15 3.51 -10.98
O DPR K 21 106.11 4.12 -10.53
N THR K 22 105.02 2.20 -10.93
CA THR K 22 105.97 1.34 -10.23
C THR K 22 107.04 0.78 -11.18
N U2X K 23 106.98 1.22 -12.44
C U2X K 23 108.95 1.76 -13.84
O U2X K 23 108.75 2.95 -13.73
CA U2X K 23 107.91 0.77 -13.45
CB U2X K 23 107.25 0.29 -14.68
CG U2X K 23 106.06 -0.61 -14.59
CD1 U2X K 23 106.21 -1.93 -14.06
CD2 U2X K 23 104.84 -0.16 -15.06
CE1 U2X K 23 105.06 -2.82 -14.00
CE2 U2X K 23 103.64 -1.09 -14.99
CZ U2X K 23 103.79 -2.35 -14.48
OH U2X K 23 102.71 -3.18 -14.42
C7 U2X K 23 102.90 -4.55 -14.53
C1 U2X K 23 100.30 -7.12 -15.74
C2 U2X K 23 100.71 -6.08 -14.73
C3 U2X K 23 101.87 -5.26 -15.38
C4 U2X K 23 101.31 -4.51 -16.65
C5 U2X K 23 100.76 -5.59 -17.62
C6 U2X K 23 99.73 -6.43 -16.93
N CYS K 24 110.07 1.25 -14.32
CA CYS K 24 111.13 2.09 -14.86
C CYS K 24 110.88 2.39 -16.33
N ALA K 25 110.92 3.66 -16.69
CA ALA K 25 110.83 4.08 -18.08
C ALA K 25 112.08 4.87 -18.44
N CYS K 26 112.64 4.62 -19.62
CA CYS K 26 113.72 5.42 -20.17
C CYS K 26 113.14 6.51 -21.06
N VAL K 27 113.76 7.72 -21.04
CA VAL K 27 113.18 8.89 -21.68
C VAL K 27 113.57 9.12 -23.13
N NH2 K 28 112.62 8.85 -24.17
N ASP L 1 84.38 -17.35 3.91
CA ASP L 1 82.89 -17.30 4.05
C ASP L 1 82.51 -16.62 5.37
N ILE L 2 81.52 -15.73 5.32
CA ILE L 2 81.08 -15.02 6.51
C ILE L 2 80.07 -15.79 7.35
N GLN L 3 80.25 -15.67 8.66
CA GLN L 3 79.54 -16.47 9.66
C GLN L 3 78.89 -15.53 10.67
N MET L 4 77.61 -15.75 10.99
CA MET L 4 76.95 -14.94 12.00
C MET L 4 76.83 -15.71 13.30
N THR L 5 77.36 -15.14 14.38
CA THR L 5 77.28 -15.75 15.70
C THR L 5 76.60 -14.79 16.68
N GLN L 6 75.50 -15.24 17.28
CA GLN L 6 74.72 -14.42 18.20
C GLN L 6 75.02 -14.84 19.62
N SER L 7 75.05 -13.88 20.54
CA SER L 7 75.19 -14.21 21.96
C SER L 7 74.33 -13.29 22.82
N PRO L 8 73.79 -13.82 23.94
CA PRO L 8 73.93 -15.24 24.29
C PRO L 8 73.00 -16.09 23.43
N SER L 9 73.08 -17.41 23.56
CA SER L 9 72.21 -18.29 22.80
C SER L 9 70.78 -18.28 23.32
N PHE L 10 70.63 -17.92 24.59
CA PHE L 10 69.34 -18.08 25.25
C PHE L 10 69.29 -17.08 26.40
N VAL L 11 68.32 -16.18 26.35
CA VAL L 11 68.14 -15.14 27.37
C VAL L 11 66.81 -15.23 28.10
N SER L 12 66.85 -15.13 29.43
CA SER L 12 65.65 -15.03 30.24
C SER L 12 65.53 -13.65 30.90
N ALA L 13 64.46 -12.93 30.62
CA ALA L 13 64.30 -11.56 31.13
C ALA L 13 62.86 -11.26 31.54
N SER L 14 62.71 -10.43 32.57
CA SER L 14 61.39 -10.05 33.08
C SER L 14 60.77 -8.91 32.25
N VAL L 15 59.44 -8.87 32.19
CA VAL L 15 58.72 -7.71 31.65
C VAL L 15 59.13 -6.41 32.35
N GLY L 16 59.35 -5.35 31.58
CA GLY L 16 59.77 -4.07 32.12
C GLY L 16 61.26 -3.84 32.17
N ASP L 17 62.03 -4.94 32.10
CA ASP L 17 63.48 -4.88 32.17
C ASP L 17 64.09 -4.36 30.87
N ARG L 18 65.31 -3.82 30.97
CA ARG L 18 66.05 -3.46 29.78
C ARG L 18 66.86 -4.69 29.40
N VAL L 19 67.01 -4.93 28.10
CA VAL L 19 67.84 -6.03 27.61
C VAL L 19 68.61 -5.66 26.35
N THR L 20 69.86 -6.12 26.27
CA THR L 20 70.69 -5.91 25.09
C THR L 20 71.32 -7.21 24.60
N ILE L 21 71.08 -7.56 23.33
CA ILE L 21 71.68 -8.74 22.73
C ILE L 21 72.59 -8.33 21.58
N THR L 22 73.66 -9.09 21.35
CA THR L 22 74.68 -8.72 20.39
C THR L 22 74.82 -9.76 19.28
N CYS L 23 75.30 -9.31 18.11
CA CYS L 23 75.58 -10.19 16.98
C CYS L 23 76.97 -9.85 16.48
N ARG L 24 77.83 -10.85 16.41
CA ARG L 24 79.20 -10.64 15.96
C ARG L 24 79.51 -11.45 14.69
N ALA L 25 79.95 -10.74 13.66
CA ALA L 25 80.36 -11.33 12.39
C ALA L 25 81.86 -11.65 12.35
N SER L 26 82.22 -12.71 11.64
CA SER L 26 83.59 -13.21 11.63
C SER L 26 84.53 -12.33 10.81
N GLN L 27 83.98 -11.59 9.84
CA GLN L 27 84.73 -10.55 9.16
C GLN L 27 83.89 -9.28 9.09
N GLY L 28 84.54 -8.15 8.82
CA GLY L 28 83.83 -6.89 8.72
C GLY L 28 82.77 -6.86 7.63
N ILE L 29 81.66 -6.20 7.93
CA ILE L 29 80.57 -6.03 6.99
C ILE L 29 80.01 -4.60 7.07
N SER L 30 80.83 -3.66 7.53
CA SER L 30 80.40 -2.29 7.80
C SER L 30 79.02 -2.26 8.49
N SER L 31 78.01 -1.69 7.83
CA SER L 31 76.68 -1.53 8.42
C SER L 31 75.64 -2.33 7.65
N TYR L 32 76.09 -3.39 7.00
CA TYR L 32 75.23 -4.26 6.20
C TYR L 32 74.63 -5.37 7.09
N LEU L 33 73.79 -4.98 8.03
CA LEU L 33 73.17 -5.91 8.97
C LEU L 33 71.71 -5.54 9.26
N ALA L 34 70.86 -6.56 9.40
CA ALA L 34 69.46 -6.34 9.79
C ALA L 34 69.07 -7.31 10.90
N TRP L 35 68.02 -6.94 11.63
CA TRP L 35 67.45 -7.77 12.68
C TRP L 35 65.98 -8.15 12.42
N TYR L 36 65.64 -9.40 12.70
CA TYR L 36 64.25 -9.86 12.59
C TYR L 36 63.75 -10.43 13.90
N GLN L 37 62.43 -10.29 14.09
CA GLN L 37 61.70 -10.88 15.22
C GLN L 37 60.83 -12.03 14.70
N GLN L 38 60.86 -13.17 15.38
CA GLN L 38 60.05 -14.30 14.98
C GLN L 38 59.44 -14.97 16.20
N LYS L 39 58.13 -15.13 16.15
CA LYS L 39 57.35 -15.82 17.17
C LYS L 39 57.00 -17.19 16.64
N PRO L 40 56.71 -18.15 17.54
CA PRO L 40 56.50 -19.53 17.08
C PRO L 40 55.35 -19.61 16.06
N GLY L 41 55.50 -20.43 15.02
CA GLY L 41 54.44 -20.59 14.05
C GLY L 41 54.28 -19.40 13.12
N LYS L 42 55.18 -18.43 13.18
CA LYS L 42 55.03 -17.20 12.42
C LYS L 42 56.25 -16.84 11.59
N ALA L 43 56.06 -15.91 10.66
CA ALA L 43 57.12 -15.46 9.77
C ALA L 43 57.99 -14.42 10.45
N PRO L 44 59.26 -14.31 10.04
CA PRO L 44 60.05 -13.24 10.66
C PRO L 44 59.47 -11.86 10.35
N LYS L 45 59.75 -10.89 11.21
CA LYS L 45 59.30 -9.51 11.00
C LYS L 45 60.48 -8.55 11.06
N LEU L 46 60.57 -7.62 10.11
CA LEU L 46 61.69 -6.67 10.08
C LEU L 46 61.60 -5.66 11.21
N VAL L 47 62.70 -5.49 11.94
CA VAL L 47 62.76 -4.56 13.06
C VAL L 47 63.72 -3.41 12.71
N ILE L 48 64.93 -3.76 12.31
CA ILE L 48 65.97 -2.79 12.02
C ILE L 48 66.79 -3.25 10.81
N TYR L 49 67.21 -2.30 9.96
CA TYR L 49 68.13 -2.61 8.88
C TYR L 49 69.23 -1.56 8.90
N ALA L 50 70.28 -1.77 8.10
CA ALA L 50 71.45 -0.90 8.08
C ALA L 50 72.01 -0.63 9.48
N ALA L 51 71.94 -1.64 10.34
CA ALA L 51 72.52 -1.65 11.69
C ALA L 51 71.78 -0.82 12.74
N SER L 52 71.29 0.37 12.39
CA SER L 52 70.78 1.29 13.41
C SER L 52 69.46 1.99 13.06
N THR L 53 68.91 1.70 11.88
CA THR L 53 67.71 2.40 11.42
C THR L 53 66.45 1.56 11.66
N LEU L 54 65.49 2.10 12.41
CA LEU L 54 64.24 1.39 12.66
C LEU L 54 63.36 1.37 11.42
N GLN L 55 62.74 0.23 11.17
CA GLN L 55 61.72 0.14 10.15
C GLN L 55 60.49 0.86 10.65
N SER L 56 59.77 1.52 9.75
CA SER L 56 58.59 2.30 10.11
C SER L 56 57.56 1.43 10.82
N GLY L 57 56.92 1.97 11.85
CA GLY L 57 55.94 1.23 12.62
C GLY L 57 56.50 0.54 13.86
N VAL L 58 57.82 0.38 13.91
CA VAL L 58 58.47 -0.25 15.06
C VAL L 58 58.45 0.69 16.27
N PRO L 59 58.05 0.19 17.45
CA PRO L 59 57.92 1.08 18.62
C PRO L 59 59.25 1.66 19.10
N SER L 60 59.15 2.80 19.78
CA SER L 60 60.30 3.66 20.08
C SER L 60 61.38 3.00 20.92
N ARG L 61 60.97 2.14 21.85
CA ARG L 61 61.90 1.56 22.81
C ARG L 61 63.00 0.79 22.11
N PHE L 62 62.61 0.05 21.07
CA PHE L 62 63.59 -0.73 20.29
C PHE L 62 64.58 0.20 19.60
N SER L 63 65.85 -0.19 19.61
CA SER L 63 66.91 0.60 18.99
C SER L 63 68.09 -0.31 18.63
N GLY L 64 68.97 0.14 17.75
CA GLY L 64 70.12 -0.66 17.39
C GLY L 64 71.36 0.16 17.08
N SER L 65 72.53 -0.41 17.36
CA SER L 65 73.78 0.24 17.03
C SER L 65 74.84 -0.81 16.68
N GLY L 66 75.98 -0.34 16.17
CA GLY L 66 77.08 -1.20 15.79
C GLY L 66 77.54 -0.98 14.36
N SER L 67 78.77 -1.39 14.06
CA SER L 67 79.31 -1.30 12.70
C SER L 67 80.60 -2.11 12.57
N GLY L 68 80.79 -2.77 11.43
CA GLY L 68 81.94 -3.62 11.22
C GLY L 68 81.69 -5.09 11.55
N THR L 69 82.06 -5.47 12.78
CA THR L 69 82.04 -6.86 13.21
C THR L 69 81.27 -7.04 14.51
N GLU L 70 80.99 -5.93 15.19
CA GLU L 70 80.28 -5.96 16.46
C GLU L 70 78.98 -5.17 16.34
N PHE L 71 77.86 -5.83 16.63
CA PHE L 71 76.54 -5.19 16.52
C PHE L 71 75.71 -5.42 17.78
N THR L 72 74.72 -4.56 17.99
CA THR L 72 73.95 -4.55 19.22
C THR L 72 72.49 -4.29 18.91
N LEU L 73 71.62 -5.08 19.53
CA LEU L 73 70.18 -4.81 19.58
C LEU L 73 69.78 -4.61 21.03
N THR L 74 69.06 -3.53 21.33
CA THR L 74 68.69 -3.20 22.70
C THR L 74 67.20 -2.95 22.85
N ILE L 75 66.60 -3.48 23.91
CA ILE L 75 65.24 -3.11 24.30
C ILE L 75 65.21 -2.49 25.70
N SER L 76 64.87 -1.22 25.81
CA SER L 76 65.01 -0.48 27.08
C SER L 76 63.96 -0.97 28.09
N SER L 77 62.82 -1.44 27.59
CA SER L 77 61.74 -1.93 28.47
C SER L 77 60.75 -2.86 27.77
N LEU L 78 60.86 -4.13 28.12
CA LEU L 78 60.16 -5.23 27.45
C LEU L 78 58.66 -5.21 27.72
N GLN L 79 57.88 -5.47 26.67
CA GLN L 79 56.47 -5.76 26.83
C GLN L 79 56.22 -7.22 26.45
N PRO L 80 55.12 -7.81 26.93
CA PRO L 80 54.88 -9.26 26.71
C PRO L 80 54.99 -9.67 25.24
N GLU L 81 54.59 -8.79 24.34
CA GLU L 81 54.57 -9.09 22.91
C GLU L 81 55.96 -9.12 22.28
N ASP L 82 56.96 -8.60 23.00
CA ASP L 82 58.32 -8.51 22.48
C ASP L 82 59.08 -9.83 22.61
N PHE L 83 58.58 -10.73 23.44
CA PHE L 83 59.23 -12.01 23.69
C PHE L 83 59.12 -12.97 22.51
N ALA L 84 60.29 -13.42 22.03
CA ALA L 84 60.40 -14.11 20.75
C ALA L 84 61.85 -14.51 20.51
N THR L 85 62.11 -15.18 19.40
CA THR L 85 63.48 -15.49 18.98
C THR L 85 63.90 -14.49 17.92
N TYR L 86 65.09 -13.92 18.11
CA TYR L 86 65.61 -12.88 17.21
C TYR L 86 66.81 -13.36 16.39
N TYR L 87 66.75 -13.10 15.08
CA TYR L 87 67.84 -13.44 14.18
C TYR L 87 68.44 -12.17 13.59
N CYS L 88 69.76 -12.17 13.43
CA CYS L 88 70.45 -11.14 12.65
C CYS L 88 70.75 -11.67 11.25
N GLN L 89 70.97 -10.76 10.30
CA GLN L 89 71.24 -11.15 8.92
C GLN L 89 72.20 -10.20 8.19
N HIS L 90 73.20 -10.82 7.55
CA HIS L 90 74.12 -10.14 6.65
C HIS L 90 73.44 -9.83 5.32
N LEU L 91 73.46 -8.56 4.91
CA LEU L 91 72.62 -8.11 3.82
C LEU L 91 73.22 -8.40 2.44
N ILE L 92 74.50 -8.76 2.41
CA ILE L 92 75.14 -9.15 1.16
C ILE L 92 75.94 -10.44 1.32
N GLY L 93 76.71 -10.78 0.29
CA GLY L 93 77.49 -12.01 0.28
C GLY L 93 76.60 -13.23 0.21
N LEU L 94 76.77 -14.15 1.15
CA LEU L 94 75.95 -15.36 1.19
C LEU L 94 74.62 -15.16 1.92
N ARG L 95 74.37 -13.94 2.39
CA ARG L 95 73.14 -13.61 3.09
C ARG L 95 72.84 -14.59 4.23
N SER L 96 73.87 -14.87 5.03
CA SER L 96 73.77 -15.84 6.11
C SER L 96 73.12 -15.24 7.36
N PHE L 97 72.37 -16.06 8.09
CA PHE L 97 71.72 -15.65 9.34
C PHE L 97 72.48 -16.17 10.56
N GLY L 98 72.26 -15.55 11.71
CA GLY L 98 72.71 -16.08 12.98
C GLY L 98 71.95 -17.32 13.41
N GLN L 99 72.39 -17.94 14.51
CA GLN L 99 71.77 -19.18 14.99
C GLN L 99 70.53 -18.90 15.84
N GLY L 100 70.31 -17.63 16.17
CA GLY L 100 69.12 -17.20 16.88
C GLY L 100 69.36 -17.04 18.37
N THR L 101 68.70 -16.05 18.95
CA THR L 101 68.73 -15.80 20.39
C THR L 101 67.32 -15.89 20.95
N LYS L 102 67.06 -16.88 21.79
CA LYS L 102 65.73 -17.02 22.39
C LYS L 102 65.55 -16.17 23.66
N LEU L 103 64.50 -15.34 23.64
CA LEU L 103 64.21 -14.45 24.75
C LEU L 103 62.96 -14.93 25.48
N GLU L 104 63.11 -15.47 26.69
CA GLU L 104 61.99 -16.08 27.39
C GLU L 104 61.58 -15.26 28.62
N ILE L 105 60.33 -15.42 29.04
CA ILE L 105 59.79 -14.65 30.16
C ILE L 105 60.18 -15.29 31.48
N LYS L 106 60.74 -14.50 32.40
CA LYS L 106 61.08 -15.03 33.72
C LYS L 106 59.85 -14.99 34.60
N ARG L 107 59.68 -15.99 35.46
CA ARG L 107 58.60 -15.98 36.43
C ARG L 107 58.90 -16.91 37.62
N THR L 108 57.98 -16.96 38.57
CA THR L 108 58.14 -17.74 39.80
C THR L 108 58.16 -19.25 39.57
N VAL L 109 58.88 -19.97 40.42
CA VAL L 109 58.88 -21.43 40.40
C VAL L 109 57.46 -21.96 40.58
N ALA L 110 57.13 -22.99 39.80
CA ALA L 110 55.81 -23.60 39.84
C ALA L 110 55.94 -25.11 39.68
N ALA L 111 55.45 -25.84 40.69
CA ALA L 111 55.57 -27.29 40.69
C ALA L 111 54.65 -27.89 39.64
N PRO L 112 55.07 -29.01 39.03
CA PRO L 112 54.18 -29.65 38.05
C PRO L 112 53.06 -30.42 38.73
N SER L 113 51.89 -30.44 38.09
CA SER L 113 50.85 -31.38 38.44
C SER L 113 51.09 -32.65 37.66
N VAL L 114 51.11 -33.79 38.34
CA VAL L 114 51.48 -35.04 37.70
C VAL L 114 50.26 -35.93 37.55
N PHE L 115 50.10 -36.45 36.34
CA PHE L 115 49.02 -37.35 36.00
C PHE L 115 49.58 -38.55 35.26
N ILE L 116 49.05 -39.74 35.54
CA ILE L 116 49.46 -40.92 34.77
C ILE L 116 48.24 -41.47 34.06
N PHE L 117 48.45 -41.94 32.83
CA PHE L 117 47.39 -42.46 32.00
C PHE L 117 47.72 -43.85 31.46
N PRO L 118 46.91 -44.87 31.79
CA PRO L 118 47.20 -46.16 31.18
C PRO L 118 46.82 -46.20 29.70
N PRO L 119 47.33 -47.18 28.94
CA PRO L 119 46.96 -47.34 27.54
C PRO L 119 45.48 -47.71 27.44
N SER L 120 44.80 -47.31 26.37
CA SER L 120 43.41 -47.72 26.19
C SER L 120 43.29 -49.17 25.75
N ASP L 121 42.16 -49.80 26.10
CA ASP L 121 41.88 -51.16 25.65
C ASP L 121 41.77 -51.25 24.13
N GLU L 122 41.28 -50.18 23.53
CA GLU L 122 41.11 -50.09 22.07
C GLU L 122 42.46 -50.24 21.37
N GLN L 123 43.46 -49.60 21.96
CA GLN L 123 44.83 -49.58 21.44
C GLN L 123 45.58 -50.91 21.58
N LEU L 124 45.22 -51.69 22.59
CA LEU L 124 45.87 -52.99 22.83
C LEU L 124 45.61 -54.08 21.79
N LYS L 125 44.46 -54.05 21.10
CA LYS L 125 44.21 -55.00 20.02
C LYS L 125 45.23 -54.89 18.90
N SER L 126 45.82 -53.70 18.75
CA SER L 126 46.64 -53.39 17.60
C SER L 126 48.08 -53.85 17.81
N GLY L 127 48.45 -54.07 19.07
CA GLY L 127 49.77 -54.59 19.38
C GLY L 127 50.70 -53.66 20.10
N THR L 128 50.22 -52.48 20.49
CA THR L 128 51.05 -51.51 21.19
C THR L 128 50.32 -50.86 22.36
N ALA L 129 51.09 -50.55 23.40
CA ALA L 129 50.58 -49.90 24.60
C ALA L 129 51.39 -48.64 24.89
N SER L 130 50.71 -47.50 24.95
CA SER L 130 51.37 -46.24 25.30
C SER L 130 50.94 -45.75 26.68
N VAL L 131 51.93 -45.58 27.56
CA VAL L 131 51.68 -44.99 28.88
C VAL L 131 52.17 -43.54 28.87
N VAL L 132 51.29 -42.62 29.26
CA VAL L 132 51.60 -41.19 29.21
C VAL L 132 51.67 -40.58 30.60
N CYS L 133 52.72 -39.79 30.84
CA CYS L 133 52.91 -39.08 32.09
C CYS L 133 52.88 -37.58 31.76
N LEU L 134 51.98 -36.85 32.39
CA LEU L 134 51.79 -35.43 32.11
C LEU L 134 52.25 -34.54 33.26
N LEU L 135 53.10 -33.57 32.94
CA LEU L 135 53.45 -32.49 33.86
C LEU L 135 52.82 -31.19 33.38
N ASN L 136 51.95 -30.61 34.20
CA ASN L 136 51.14 -29.47 33.80
C ASN L 136 51.55 -28.19 34.50
N ASN L 137 51.75 -27.14 33.71
CA ASN L 137 51.95 -25.79 34.23
C ASN L 137 53.07 -25.70 35.27
N PHE L 138 54.31 -25.87 34.82
CA PHE L 138 55.46 -25.80 35.72
C PHE L 138 56.52 -24.83 35.22
N TYR L 139 57.42 -24.45 36.13
CA TYR L 139 58.57 -23.61 35.81
C TYR L 139 59.67 -23.78 36.86
N PRO L 140 60.94 -23.87 36.46
CA PRO L 140 61.53 -23.70 35.11
C PRO L 140 61.31 -24.94 34.22
N ARG L 141 61.90 -24.90 33.02
CA ARG L 141 61.64 -25.90 32.00
C ARG L 141 62.27 -27.26 32.34
N GLU L 142 63.39 -27.23 33.06
CA GLU L 142 64.13 -28.46 33.34
C GLU L 142 63.40 -29.37 34.32
N ALA L 143 63.21 -30.62 33.89
CA ALA L 143 62.59 -31.64 34.73
C ALA L 143 63.11 -33.02 34.34
N LYS L 144 63.20 -33.92 35.31
CA LYS L 144 63.60 -35.29 35.07
C LYS L 144 62.41 -36.24 35.20
N VAL L 145 62.19 -37.05 34.18
CA VAL L 145 61.09 -38.02 34.18
C VAL L 145 61.64 -39.43 34.00
N GLN L 146 61.31 -40.29 34.96
CA GLN L 146 61.77 -41.67 34.98
C GLN L 146 60.56 -42.61 34.95
N TRP L 147 60.59 -43.60 34.08
CA TRP L 147 59.54 -44.62 34.04
C TRP L 147 59.95 -45.85 34.84
N LYS L 148 58.98 -46.43 35.54
CA LYS L 148 59.22 -47.63 36.33
C LYS L 148 58.14 -48.69 36.12
N VAL L 149 58.57 -49.90 35.75
CA VAL L 149 57.64 -51.02 35.57
C VAL L 149 57.97 -52.16 36.54
N ASP L 150 57.03 -52.49 37.42
CA ASP L 150 57.25 -53.42 38.53
C ASP L 150 58.55 -53.10 39.29
N ASN L 151 58.74 -51.83 39.61
CA ASN L 151 59.93 -51.39 40.35
C ASN L 151 61.24 -51.76 39.65
N ALA L 152 61.47 -51.11 38.51
CA ALA L 152 62.72 -51.21 37.76
C ALA L 152 62.80 -49.91 36.98
N LEU L 153 63.98 -49.50 36.54
CA LEU L 153 64.06 -48.32 35.67
C LEU L 153 64.22 -48.65 34.20
N GLN L 154 63.31 -48.14 33.39
CA GLN L 154 63.33 -48.31 31.95
C GLN L 154 64.55 -47.62 31.33
N SER L 155 64.59 -47.58 30.00
CA SER L 155 65.72 -46.96 29.28
C SER L 155 65.52 -47.05 27.77
N GLY L 156 65.76 -45.93 27.07
CA GLY L 156 65.82 -45.95 25.62
C GLY L 156 64.51 -46.27 24.93
N ASN L 157 63.43 -46.35 25.70
CA ASN L 157 62.11 -46.65 25.16
C ASN L 157 61.06 -45.61 25.53
N SER L 158 61.49 -44.36 25.70
CA SER L 158 60.57 -43.27 26.01
C SER L 158 60.96 -42.00 25.24
N GLN L 159 59.96 -41.20 24.92
CA GLN L 159 60.16 -39.89 24.28
C GLN L 159 59.39 -38.81 25.01
N GLU L 160 59.97 -37.62 25.07
CA GLU L 160 59.35 -36.47 25.74
C GLU L 160 58.94 -35.41 24.72
N SER L 161 57.93 -34.62 25.07
CA SER L 161 57.54 -33.46 24.27
C SER L 161 57.14 -32.31 25.20
N VAL L 162 57.63 -31.12 24.90
CA VAL L 162 57.37 -29.94 25.73
C VAL L 162 56.72 -28.82 24.92
N THR L 163 55.72 -28.17 25.51
CA THR L 163 55.04 -27.05 24.87
C THR L 163 55.91 -25.80 24.97
N GLU L 164 55.65 -24.83 24.11
CA GLU L 164 56.23 -23.51 24.27
C GLU L 164 55.62 -22.84 25.50
N GLN L 165 56.30 -21.84 26.04
CA GLN L 165 55.75 -21.08 27.17
C GLN L 165 54.36 -20.55 26.86
N ASP L 166 53.45 -20.75 27.81
CA ASP L 166 52.11 -20.19 27.70
C ASP L 166 52.22 -18.67 27.64
N SER L 167 51.47 -18.05 26.75
CA SER L 167 51.59 -16.62 26.52
C SER L 167 51.05 -15.77 27.67
N LYS L 168 50.30 -16.38 28.58
CA LYS L 168 49.73 -15.65 29.71
C LYS L 168 50.43 -15.88 31.05
N ASP L 169 50.55 -17.14 31.49
CA ASP L 169 51.10 -17.44 32.81
C ASP L 169 52.55 -17.88 32.74
N SER L 170 53.07 -18.05 31.53
CA SER L 170 54.51 -18.28 31.34
C SER L 170 54.99 -19.61 31.90
N THR L 171 54.10 -20.59 31.99
CA THR L 171 54.46 -21.93 32.46
C THR L 171 54.69 -22.88 31.29
N TYR L 172 55.17 -24.08 31.60
CA TYR L 172 55.40 -25.12 30.60
C TYR L 172 54.52 -26.33 30.88
N SER L 173 54.29 -27.13 29.83
CA SER L 173 53.68 -28.44 30.00
C SER L 173 54.53 -29.50 29.30
N LEU L 174 54.47 -30.74 29.79
CA LEU L 174 55.33 -31.81 29.30
C LEU L 174 54.60 -33.15 29.31
N SER L 175 54.76 -33.90 28.22
CA SER L 175 54.25 -35.27 28.14
C SER L 175 55.43 -36.21 27.97
N SER L 176 55.38 -37.35 28.65
CA SER L 176 56.34 -38.43 28.44
C SER L 176 55.63 -39.72 28.04
N THR L 177 56.05 -40.31 26.93
CA THR L 177 55.39 -41.51 26.42
C THR L 177 56.32 -42.73 26.41
N LEU L 178 55.94 -43.74 27.18
CA LEU L 178 56.64 -45.02 27.23
C LEU L 178 56.00 -46.00 26.25
N THR L 179 56.79 -46.56 25.33
CA THR L 179 56.24 -47.50 24.35
C THR L 179 56.72 -48.94 24.54
N LEU L 180 55.76 -49.84 24.70
CA LEU L 180 56.01 -51.27 24.84
C LEU L 180 55.17 -52.07 23.85
N SER L 181 55.56 -53.31 23.59
CA SER L 181 54.72 -54.24 22.83
C SER L 181 53.53 -54.71 23.67
N LYS L 182 52.51 -55.24 23.00
CA LYS L 182 51.31 -55.74 23.69
C LYS L 182 51.69 -56.86 24.66
N ALA L 183 52.57 -57.74 24.22
CA ALA L 183 53.00 -58.87 25.04
C ALA L 183 53.70 -58.34 26.29
N ASP L 184 54.58 -57.38 26.08
CA ASP L 184 55.34 -56.77 27.16
C ASP L 184 54.45 -56.07 28.19
N TYR L 185 53.49 -55.27 27.72
CA TYR L 185 52.59 -54.59 28.63
C TYR L 185 51.82 -55.54 29.54
N GLU L 186 51.30 -56.63 28.96
CA GLU L 186 50.43 -57.56 29.68
C GLU L 186 51.16 -58.56 30.58
N LYS L 187 52.49 -58.54 30.58
CA LYS L 187 53.27 -59.41 31.46
C LYS L 187 53.74 -58.69 32.73
N HIS L 188 53.37 -57.43 32.90
CA HIS L 188 53.75 -56.68 34.09
C HIS L 188 52.51 -56.06 34.74
N LYS L 189 52.65 -55.69 36.01
CA LYS L 189 51.51 -55.24 36.80
C LYS L 189 51.57 -53.74 37.12
N VAL L 190 52.70 -53.30 37.67
CA VAL L 190 52.83 -51.93 38.18
C VAL L 190 53.55 -51.01 37.18
N TYR L 191 52.91 -49.89 36.87
CA TYR L 191 53.48 -48.86 36.00
C TYR L 191 53.56 -47.51 36.70
N ALA L 192 54.76 -46.92 36.74
CA ALA L 192 54.98 -45.70 37.51
C ALA L 192 55.88 -44.73 36.74
N CYS L 193 55.56 -43.44 36.82
CA CYS L 193 56.46 -42.38 36.39
C CYS L 193 56.84 -41.48 37.56
N GLU L 194 58.14 -41.21 37.70
CA GLU L 194 58.67 -40.41 38.79
C GLU L 194 59.21 -39.09 38.28
N VAL L 195 58.71 -38.00 38.84
CA VAL L 195 59.03 -36.66 38.37
C VAL L 195 59.86 -35.89 39.40
N THR L 196 61.01 -35.38 38.98
CA THR L 196 61.85 -34.53 39.82
C THR L 196 61.84 -33.13 39.24
N HIS L 197 61.55 -32.15 40.09
CA HIS L 197 61.45 -30.76 39.63
C HIS L 197 61.69 -29.82 40.82
N GLN L 198 62.25 -28.65 40.53
CA GLN L 198 62.66 -27.70 41.57
C GLN L 198 61.52 -27.23 42.47
N GLY L 199 60.29 -27.35 42.00
CA GLY L 199 59.15 -26.86 42.74
C GLY L 199 58.58 -27.90 43.69
N LEU L 200 59.09 -29.12 43.60
CA LEU L 200 58.64 -30.22 44.46
C LEU L 200 59.63 -30.44 45.59
N SER L 201 59.12 -30.67 46.80
CA SER L 201 59.97 -30.94 47.95
C SER L 201 60.70 -32.26 47.78
N SER L 202 60.07 -33.18 47.06
CA SER L 202 60.70 -34.46 46.71
C SER L 202 60.01 -35.05 45.48
N PRO L 203 60.66 -36.04 44.83
CA PRO L 203 60.07 -36.67 43.64
C PRO L 203 58.64 -37.18 43.87
N VAL L 204 57.75 -36.92 42.92
CA VAL L 204 56.37 -37.38 43.01
C VAL L 204 56.16 -38.54 42.05
N THR L 205 55.46 -39.56 42.52
CA THR L 205 55.22 -40.77 41.73
C THR L 205 53.73 -41.06 41.59
N LYS L 206 53.29 -41.20 40.35
CA LYS L 206 51.92 -41.63 40.04
C LYS L 206 52.01 -43.01 39.41
N SER L 207 51.14 -43.92 39.84
CA SER L 207 51.20 -45.29 39.30
C SER L 207 49.84 -45.98 39.28
N PHE L 208 49.79 -47.12 38.60
CA PHE L 208 48.61 -47.97 38.54
C PHE L 208 48.94 -49.45 38.36
N ASN L 209 47.96 -50.30 38.67
CA ASN L 209 48.09 -51.73 38.44
C ASN L 209 47.26 -52.10 37.23
N ARG L 210 47.86 -52.83 36.29
CA ARG L 210 47.15 -53.25 35.07
C ARG L 210 45.89 -54.04 35.43
N GLN M 1 49.45 -0.93 1.04
CA GLN M 1 50.11 -2.05 1.74
C GLN M 1 50.22 -3.29 0.84
N VAL M 2 51.12 -4.19 1.20
CA VAL M 2 51.52 -5.30 0.34
C VAL M 2 51.39 -6.63 1.08
N GLN M 3 50.80 -7.62 0.42
CA GLN M 3 50.66 -8.96 0.99
C GLN M 3 51.32 -10.00 0.10
N LEU M 4 52.15 -10.85 0.70
CA LEU M 4 52.67 -12.04 0.03
C LEU M 4 51.97 -13.33 0.45
N GLN M 5 51.34 -13.98 -0.52
CA GLN M 5 50.67 -15.26 -0.29
C GLN M 5 51.39 -16.40 -1.03
N GLN M 6 51.58 -17.54 -0.35
CA GLN M 6 52.26 -18.68 -0.95
C GLN M 6 51.34 -19.87 -1.15
N TRP M 7 51.61 -20.66 -2.19
CA TRP M 7 50.92 -21.93 -2.42
C TRP M 7 51.87 -22.88 -3.14
N GLY M 8 51.44 -24.14 -3.30
CA GLY M 8 52.32 -25.17 -3.83
C GLY M 8 52.34 -26.44 -3.00
N ALA M 9 52.70 -27.55 -3.63
CA ALA M 9 52.66 -28.85 -2.97
C ALA M 9 53.84 -28.97 -2.00
N GLY M 10 53.53 -29.37 -0.76
CA GLY M 10 54.51 -29.43 0.31
C GLY M 10 54.93 -30.82 0.74
N LEU M 11 54.28 -31.86 0.22
CA LEU M 11 54.67 -33.23 0.51
C LEU M 11 55.35 -33.93 -0.66
N LEU M 12 56.64 -34.23 -0.47
CA LEU M 12 57.46 -34.77 -1.56
C LEU M 12 58.18 -36.04 -1.12
N LYS M 13 58.51 -36.87 -2.10
CA LYS M 13 59.37 -38.04 -1.90
C LYS M 13 60.77 -37.75 -2.44
N PRO M 14 61.77 -38.50 -1.94
CA PRO M 14 63.14 -38.28 -2.41
C PRO M 14 63.29 -38.40 -3.93
N SER M 15 64.09 -37.49 -4.50
CA SER M 15 64.39 -37.45 -5.93
C SER M 15 63.35 -36.69 -6.74
N GLU M 16 62.24 -36.30 -6.10
CA GLU M 16 61.22 -35.50 -6.76
C GLU M 16 61.59 -34.02 -6.78
N THR M 17 60.74 -33.19 -7.37
CA THR M 17 60.99 -31.74 -7.45
C THR M 17 60.02 -30.92 -6.60
N LEU M 18 60.57 -30.07 -5.74
CA LEU M 18 59.77 -29.09 -5.01
C LEU M 18 59.44 -27.90 -5.90
N SER M 19 58.16 -27.55 -5.99
CA SER M 19 57.71 -26.46 -6.84
C SER M 19 56.72 -25.56 -6.09
N LEU M 20 57.22 -24.43 -5.61
CA LEU M 20 56.43 -23.47 -4.83
C LEU M 20 56.23 -22.17 -5.60
N THR M 21 55.12 -21.49 -5.32
CA THR M 21 54.82 -20.21 -5.96
C THR M 21 54.42 -19.17 -4.91
N CYS M 22 54.79 -17.92 -5.19
CA CYS M 22 54.52 -16.79 -4.30
C CYS M 22 53.83 -15.70 -5.11
N GLY M 23 52.60 -15.35 -4.74
CA GLY M 23 51.89 -14.27 -5.41
C GLY M 23 52.02 -12.95 -4.67
N VAL M 24 52.22 -11.89 -5.44
CA VAL M 24 52.39 -10.53 -4.90
C VAL M 24 51.16 -9.69 -5.20
N TYR M 25 50.58 -9.11 -4.14
CA TYR M 25 49.36 -8.32 -4.25
C TYR M 25 49.52 -6.96 -3.57
N GLY M 26 49.37 -5.89 -4.35
CA GLY M 26 49.53 -4.54 -3.84
C GLY M 26 50.76 -3.84 -4.41
N GLU M 27 51.55 -4.57 -5.19
CA GLU M 27 52.78 -4.03 -5.76
C GLU M 27 53.19 -4.85 -6.99
N SER M 28 53.93 -4.20 -7.90
CA SER M 28 54.45 -4.86 -9.09
C SER M 28 55.82 -5.45 -8.84
N LEU M 29 56.21 -6.44 -9.64
CA LEU M 29 57.53 -7.04 -9.55
C LEU M 29 58.62 -6.06 -9.96
N OAS M 30 58.24 -5.01 -10.67
CA OAS M 30 59.16 -4.05 -11.23
CB OAS M 30 58.51 -2.89 -12.02
OG OAS M 30 57.92 -2.03 -11.04
C OAS M 30 60.05 -3.40 -10.18
O OAS M 30 59.68 -3.08 -9.05
H OAS M 30 57.29 -4.76 -10.89
HA OAS M 30 59.83 -4.62 -11.95
HB2 OAS M 30 59.29 -2.32 -12.59
HB3 OAS M 30 57.72 -3.25 -12.72
N GLY M 31 61.30 -3.18 -10.59
CA GLY M 31 62.23 -2.36 -9.84
C GLY M 31 62.58 -2.83 -8.44
N HIS M 32 62.34 -4.10 -8.14
CA HIS M 32 62.70 -4.67 -6.85
C HIS M 32 63.14 -6.12 -7.01
N TYR M 33 63.75 -6.66 -5.96
CA TYR M 33 64.23 -8.03 -5.96
C TYR M 33 63.31 -8.95 -5.15
N TRP M 34 63.08 -10.15 -5.69
CA TRP M 34 62.17 -11.11 -5.07
C TRP M 34 62.89 -12.43 -4.77
N SER M 35 62.75 -12.89 -3.54
CA SER M 35 63.70 -13.82 -2.94
C SER M 35 63.00 -15.00 -2.27
N TRP M 36 63.75 -16.09 -2.11
CA TRP M 36 63.29 -17.25 -1.36
C TRP M 36 64.28 -17.56 -0.24
N VAL M 37 63.73 -17.98 0.90
CA VAL M 37 64.52 -18.27 2.10
C VAL M 37 63.89 -19.49 2.81
N ARG M 38 64.72 -20.42 3.27
CA ARG M 38 64.19 -21.62 3.93
C ARG M 38 64.79 -21.78 5.32
N GLN M 39 64.12 -22.59 6.14
CA GLN M 39 64.46 -22.76 7.54
C GLN M 39 64.28 -24.22 7.95
N PRO M 40 65.38 -25.00 7.99
CA PRO M 40 65.21 -26.37 8.45
C PRO M 40 64.73 -26.42 9.90
N PRO M 41 64.08 -27.53 10.31
CA PRO M 41 63.55 -27.65 11.67
C PRO M 41 64.57 -27.41 12.78
N GLY M 42 64.28 -26.42 13.63
CA GLY M 42 65.12 -26.12 14.77
C GLY M 42 66.44 -25.48 14.40
N LYS M 43 66.54 -25.02 13.15
CA LYS M 43 67.75 -24.37 12.66
C LYS M 43 67.49 -23.00 12.10
N ARG M 44 68.56 -22.36 11.62
CA ARG M 44 68.52 -20.97 11.19
C ARG M 44 68.01 -20.84 9.75
N LEU M 45 67.69 -19.61 9.37
CA LEU M 45 67.26 -19.29 8.02
C LEU M 45 68.40 -19.44 7.03
N GLU M 46 68.07 -19.89 5.83
CA GLU M 46 69.06 -20.08 4.78
C GLU M 46 68.57 -19.51 3.46
N TRP M 47 69.34 -18.57 2.93
CA TRP M 47 69.09 -17.96 1.64
C TRP M 47 69.24 -18.93 0.48
N ILE M 48 68.24 -18.96 -0.39
CA ILE M 48 68.24 -19.83 -1.57
C ILE M 48 68.63 -19.02 -2.79
N GLY M 49 68.06 -17.82 -2.90
CA GLY M 49 68.33 -16.95 -4.03
C GLY M 49 67.36 -15.80 -4.16
N GLU M 50 67.70 -14.85 -5.03
CA GLU M 50 66.84 -13.71 -5.35
C GLU M 50 66.80 -13.53 -6.86
N ILE M 51 65.97 -12.59 -7.33
CA ILE M 51 65.82 -12.38 -8.76
C ILE M 51 65.42 -10.95 -9.10
N LYS M 52 65.66 -10.56 -10.36
CA LYS M 52 65.40 -9.21 -10.82
C LYS M 52 64.53 -9.23 -12.08
N HIS M 53 63.98 -8.08 -12.44
CA HIS M 53 63.24 -7.93 -13.69
C HIS M 53 64.14 -8.30 -14.86
N ASN M 54 65.43 -8.03 -14.72
CA ASN M 54 66.41 -8.31 -15.76
C ASN M 54 66.45 -9.79 -16.11
N GLY M 55 66.60 -10.64 -15.10
CA GLY M 55 66.65 -12.08 -15.31
C GLY M 55 67.86 -12.73 -14.69
N SER M 56 68.81 -11.91 -14.23
CA SER M 56 70.04 -12.40 -13.60
C SER M 56 69.73 -13.25 -12.37
N PRO M 57 70.01 -14.57 -12.46
CA PRO M 57 69.76 -15.51 -11.38
C PRO M 57 70.84 -15.47 -10.30
N ASN M 58 70.44 -15.19 -9.06
CA ASN M 58 71.38 -15.15 -7.94
C ASN M 58 71.02 -16.23 -6.92
N TYR M 59 71.90 -17.20 -6.73
CA TYR M 59 71.60 -18.38 -5.93
C TYR M 59 72.63 -18.64 -4.83
N HIS M 60 72.37 -19.67 -4.04
CA HIS M 60 73.29 -20.10 -2.99
C HIS M 60 74.31 -21.07 -3.56
N PRO M 61 75.55 -21.10 -3.01
CA PRO M 61 76.59 -21.99 -3.55
C PRO M 61 76.24 -23.48 -3.59
N SER M 62 75.78 -24.03 -2.48
CA SER M 62 75.55 -25.47 -2.39
C SER M 62 74.25 -25.91 -3.08
N LEU M 63 73.58 -24.99 -3.76
CA LEU M 63 72.25 -25.24 -4.31
C LEU M 63 72.13 -24.96 -5.82
N LYS M 64 73.03 -24.14 -6.36
CA LYS M 64 72.90 -23.66 -7.74
C LYS M 64 72.80 -24.80 -8.75
N SER M 65 73.38 -25.95 -8.41
CA SER M 65 73.30 -27.12 -9.28
C SER M 65 71.92 -27.75 -9.23
N ARG M 66 70.99 -27.12 -8.51
CA ARG M 66 69.67 -27.70 -8.27
C ARG M 66 68.53 -26.66 -8.30
N VAL M 67 68.87 -25.39 -8.15
CA VAL M 67 67.86 -24.33 -7.97
C VAL M 67 67.63 -23.51 -9.24
N THR M 68 66.36 -23.23 -9.52
CA THR M 68 65.96 -22.24 -10.52
C THR M 68 64.92 -21.28 -9.93
N ILE M 69 65.17 -19.98 -10.06
CA ILE M 69 64.19 -18.96 -9.68
C ILE M 69 63.74 -18.16 -10.91
N SER M 70 62.43 -17.95 -11.02
CA SER M 70 61.85 -17.32 -12.21
C SER M 70 60.66 -16.41 -11.87
N LEU M 71 60.42 -15.42 -12.73
CA LEU M 71 59.31 -14.49 -12.59
C LEU M 71 58.18 -14.75 -13.58
N ASP M 72 56.94 -14.76 -13.08
CA ASP M 72 55.76 -14.72 -13.96
C ASP M 72 55.19 -13.30 -13.94
N MET M 73 55.69 -12.46 -14.85
CA MET M 73 55.44 -11.03 -14.78
C MET M 73 54.01 -10.59 -15.10
N SER M 74 53.32 -11.36 -15.94
CA SER M 74 51.94 -11.04 -16.32
C SER M 74 50.95 -11.22 -15.17
N LYS M 75 51.32 -12.06 -14.21
CA LYS M 75 50.47 -12.39 -13.06
C LYS M 75 51.01 -11.81 -11.74
N ASN M 76 52.16 -11.14 -11.82
CA ASN M 76 52.85 -10.64 -10.63
C ASN M 76 53.13 -11.78 -9.66
N GLN M 77 53.73 -12.84 -10.17
CA GLN M 77 54.12 -14.01 -9.39
C GLN M 77 55.56 -14.41 -9.69
N PHE M 78 56.17 -15.12 -8.75
CA PHE M 78 57.49 -15.73 -8.96
C PHE M 78 57.55 -17.10 -8.32
N SER M 79 58.49 -17.93 -8.78
CA SER M 79 58.48 -19.36 -8.47
C SER M 79 59.84 -19.90 -8.06
N LEU M 80 59.81 -21.04 -7.37
CA LEU M 80 61.01 -21.74 -6.94
C LEU M 80 60.96 -23.19 -7.41
N ASN M 81 62.03 -23.64 -8.06
CA ASN M 81 62.18 -25.03 -8.42
C ASN M 81 63.36 -25.66 -7.69
N LEU M 82 63.17 -26.86 -7.14
CA LEU M 82 64.26 -27.59 -6.50
C LEU M 82 64.23 -29.06 -6.89
N THR M 83 65.20 -29.49 -7.68
CA THR M 83 65.19 -30.84 -8.23
C THR M 83 65.90 -31.83 -7.30
N SER M 84 65.61 -33.12 -7.47
CA SER M 84 66.26 -34.18 -6.71
C SER M 84 66.34 -33.90 -5.21
N VAL M 85 65.19 -33.72 -4.55
CA VAL M 85 65.20 -33.42 -3.13
C VAL M 85 65.58 -34.65 -2.30
N THR M 86 66.28 -34.41 -1.19
CA THR M 86 66.58 -35.43 -0.20
C THR M 86 66.03 -35.02 1.15
N ALA M 87 66.25 -35.85 2.16
CA ALA M 87 65.77 -35.56 3.51
C ALA M 87 66.31 -34.22 4.03
N ALA M 88 67.48 -33.83 3.53
CA ALA M 88 68.14 -32.61 3.98
C ALA M 88 67.44 -31.34 3.51
N ASP M 89 66.47 -31.49 2.60
CA ASP M 89 65.70 -30.35 2.10
C ASP M 89 64.40 -30.13 2.87
N THR M 90 64.19 -30.87 3.95
CA THR M 90 63.03 -30.67 4.80
C THR M 90 63.16 -29.33 5.50
N ALA M 91 62.16 -28.46 5.33
CA ALA M 91 62.22 -27.08 5.81
C ALA M 91 60.93 -26.34 5.52
N VAL M 92 60.78 -25.18 6.17
CA VAL M 92 59.78 -24.19 5.82
C VAL M 92 60.32 -23.23 4.77
N TYR M 93 59.58 -23.07 3.67
CA TYR M 93 59.98 -22.19 2.59
C TYR M 93 59.18 -20.89 2.63
N PHE M 94 59.91 -19.78 2.64
CA PHE M 94 59.35 -18.44 2.69
C PHE M 94 59.61 -17.66 1.40
N CYS M 95 58.68 -16.78 1.01
CA CYS M 95 58.98 -15.76 0.00
C CYS M 95 59.13 -14.42 0.70
N ALA M 96 59.81 -13.47 0.07
CA ALA M 96 60.07 -12.17 0.66
C ALA M 96 60.45 -11.13 -0.38
N ARG M 97 60.09 -9.87 -0.12
CA ARG M 97 60.46 -8.76 -1.00
C ARG M 97 61.77 -8.10 -0.54
N ARG M 98 62.50 -7.51 -1.47
CA ARG M 98 63.71 -6.78 -1.15
C ARG M 98 63.51 -5.29 -1.29
N SER M 99 63.48 -4.58 -0.16
CA SER M 99 63.41 -3.12 -0.16
C SER M 99 64.71 -2.54 -0.72
N ASN M 100 64.62 -1.38 -1.36
CA ASN M 100 65.78 -0.81 -2.03
C ASN M 100 66.30 0.48 -1.39
N TRP M 101 67.46 0.93 -1.87
CA TRP M 101 68.06 2.18 -1.41
C TRP M 101 69.34 2.58 -2.18
N PRO M 102 70.08 1.63 -2.75
CA PRO M 102 69.88 0.18 -2.94
C PRO M 102 70.23 -0.69 -1.74
N TYR M 103 69.84 -0.28 -0.53
CA TYR M 103 70.01 -1.13 0.64
C TYR M 103 69.03 -2.31 0.59
N LEU M 104 68.75 -2.87 1.77
CA LEU M 104 67.91 -4.07 1.88
C LEU M 104 67.15 -4.06 3.21
N PRO M 105 66.68 -5.23 3.71
CA PRO M 105 66.69 -6.61 3.21
C PRO M 105 65.31 -7.16 2.86
N PHE M 106 64.99 -8.30 3.46
CA PHE M 106 63.73 -8.99 3.20
C PHE M 106 62.59 -8.37 4.00
N ASP M 107 61.64 -7.78 3.27
CA ASP M 107 60.46 -7.18 3.87
C ASP M 107 59.50 -6.75 2.75
N PRO M 108 58.23 -7.20 2.79
CA PRO M 108 57.55 -8.09 3.75
C PRO M 108 57.85 -9.57 3.53
N TRP M 109 57.19 -10.42 4.31
CA TRP M 109 57.37 -11.87 4.22
C TRP M 109 56.04 -12.60 4.01
N GLY M 110 56.09 -13.71 3.27
CA GLY M 110 54.98 -14.64 3.19
C GLY M 110 54.80 -15.44 4.47
N GLN M 111 53.74 -16.25 4.53
CA GLN M 111 53.42 -16.98 5.75
C GLN M 111 54.19 -18.30 5.85
N GLY M 112 54.84 -18.67 4.76
CA GLY M 112 55.64 -19.89 4.71
C GLY M 112 54.86 -21.13 4.31
N THR M 113 55.53 -22.06 3.64
CA THR M 113 54.95 -23.36 3.28
C THR M 113 55.84 -24.46 3.86
N LEU M 114 55.24 -25.36 4.63
CA LEU M 114 55.95 -26.52 5.17
C LEU M 114 56.20 -27.58 4.10
N VAL M 115 57.47 -27.94 3.91
CA VAL M 115 57.88 -28.95 2.94
C VAL M 115 58.56 -30.12 3.65
N THR M 116 58.01 -31.32 3.46
CA THR M 116 58.54 -32.53 4.09
C THR M 116 58.98 -33.53 3.02
N VAL M 117 60.26 -33.90 3.08
CA VAL M 117 60.82 -34.89 2.17
C VAL M 117 61.10 -36.18 2.94
N SER M 118 60.37 -37.22 2.58
CA SER M 118 60.52 -38.53 3.16
C SER M 118 59.98 -39.54 2.16
N SER M 119 60.42 -40.78 2.24
CA SER M 119 59.88 -41.79 1.35
C SER M 119 58.58 -42.35 1.94
N ALA M 120 58.32 -42.01 3.20
CA ALA M 120 57.14 -42.48 3.91
C ALA M 120 55.89 -42.13 3.11
N SER M 121 54.90 -43.02 3.07
CA SER M 121 53.64 -42.74 2.38
C SER M 121 52.65 -42.07 3.35
N THR M 122 51.79 -41.23 2.79
CA THR M 122 50.75 -40.53 3.57
C THR M 122 49.81 -41.47 4.31
N LYS M 123 49.59 -41.18 5.59
CA LYS M 123 48.71 -41.98 6.44
C LYS M 123 47.99 -41.13 7.48
N GLY M 124 46.70 -41.40 7.67
CA GLY M 124 45.90 -40.70 8.67
C GLY M 124 46.14 -41.22 10.08
N PRO M 125 45.90 -40.38 11.10
CA PRO M 125 46.14 -40.76 12.50
C PRO M 125 45.10 -41.67 13.13
N SER M 126 45.59 -42.56 14.00
CA SER M 126 44.74 -43.28 14.94
C SER M 126 44.62 -42.44 16.21
N VAL M 127 43.40 -42.32 16.72
CA VAL M 127 43.13 -41.57 17.94
C VAL M 127 42.72 -42.48 19.09
N PHE M 128 43.48 -42.41 20.18
CA PHE M 128 43.22 -43.23 21.36
C PHE M 128 42.89 -42.30 22.53
N PRO M 129 42.03 -42.75 23.45
CA PRO M 129 41.67 -41.91 24.61
C PRO M 129 42.70 -41.89 25.75
N LEU M 130 42.82 -40.73 26.38
CA LEU M 130 43.53 -40.58 27.65
C LEU M 130 42.50 -40.33 28.75
N ALA M 131 42.05 -41.42 29.38
CA ALA M 131 40.88 -41.39 30.24
C ALA M 131 41.19 -40.76 31.60
N PRO M 132 40.24 -39.96 32.13
CA PRO M 132 40.48 -39.43 33.48
C PRO M 132 40.30 -40.53 34.52
N SER M 133 41.07 -40.46 35.59
CA SER M 133 40.99 -41.43 36.68
C SER M 133 41.25 -40.86 38.08
N SER M 134 40.89 -41.64 39.09
CA SER M 134 40.96 -41.21 40.48
C SER M 134 42.39 -41.19 41.04
N LYS M 135 43.35 -41.80 40.32
CA LYS M 135 44.77 -41.47 40.50
C LYS M 135 45.25 -40.35 39.57
N SER M 136 44.34 -39.48 39.18
CA SER M 136 44.55 -38.47 38.15
C SER M 136 43.72 -37.22 38.47
N THR M 137 43.08 -37.24 39.63
CA THR M 137 42.39 -36.08 40.20
C THR M 137 43.33 -35.28 41.10
N SER M 138 44.16 -34.45 40.47
CA SER M 138 45.09 -33.59 41.19
C SER M 138 44.38 -32.46 41.92
N GLY M 139 44.01 -32.71 43.18
CA GLY M 139 43.37 -31.71 44.01
C GLY M 139 42.10 -31.10 43.45
N GLY M 140 41.18 -31.94 43.00
CA GLY M 140 39.90 -31.50 42.46
C GLY M 140 39.99 -31.08 41.01
N THR M 141 41.12 -31.37 40.39
CA THR M 141 41.31 -31.16 38.96
C THR M 141 41.66 -32.49 38.31
N ALA M 142 40.83 -32.93 37.36
CA ALA M 142 41.13 -34.14 36.62
C ALA M 142 41.77 -33.76 35.30
N ALA M 143 42.54 -34.68 34.73
CA ALA M 143 43.11 -34.49 33.41
C ALA M 143 42.72 -35.62 32.45
N LEU M 144 42.48 -35.25 31.21
CA LEU M 144 42.16 -36.22 30.17
C LEU M 144 42.67 -35.69 28.84
N GLY M 145 42.64 -36.53 27.81
CA GLY M 145 43.17 -36.13 26.52
C GLY M 145 42.96 -37.13 25.41
N CYS M 146 43.65 -36.91 24.30
CA CYS M 146 43.62 -37.81 23.16
C CYS M 146 45.04 -37.95 22.60
N LEU M 147 45.46 -39.19 22.39
CA LEU M 147 46.74 -39.47 21.75
C LEU M 147 46.47 -39.66 20.26
N VAL M 148 47.05 -38.81 19.44
CA VAL M 148 46.87 -38.87 17.99
C VAL M 148 48.16 -39.40 17.41
N LYS M 149 48.12 -40.66 16.99
CA LYS M 149 49.32 -41.45 16.74
C LYS M 149 49.41 -41.99 15.30
N ASP M 150 50.64 -42.09 14.81
CA ASP M 150 50.95 -42.76 13.55
C ASP M 150 50.28 -42.11 12.34
N TYR M 151 50.60 -40.85 12.09
CA TYR M 151 50.12 -40.11 10.93
C TYR M 151 51.27 -39.48 10.16
N PHE M 152 51.02 -39.15 8.90
CA PHE M 152 52.04 -38.53 8.06
C PHE M 152 51.45 -37.87 6.81
N PRO M 153 51.92 -36.65 6.47
CA PRO M 153 52.90 -35.82 7.19
C PRO M 153 52.23 -34.86 8.17
N GLU M 154 52.99 -33.90 8.70
CA GLU M 154 52.42 -32.81 9.48
C GLU M 154 51.61 -31.82 8.63
N PRO M 155 50.76 -30.99 9.27
CA PRO M 155 50.45 -30.96 10.71
C PRO M 155 49.04 -31.45 11.02
N VAL M 156 48.72 -31.53 12.31
CA VAL M 156 47.34 -31.67 12.76
C VAL M 156 46.92 -30.49 13.63
N THR M 157 45.61 -30.25 13.65
CA THR M 157 45.01 -29.28 14.55
C THR M 157 44.17 -30.05 15.58
N VAL M 158 44.11 -29.54 16.80
CA VAL M 158 43.32 -30.18 17.84
C VAL M 158 42.50 -29.13 18.58
N SER M 159 41.20 -29.41 18.69
CA SER M 159 40.29 -28.61 19.50
C SER M 159 39.52 -29.51 20.46
N TRP M 160 38.75 -28.88 21.34
CA TRP M 160 37.95 -29.58 22.33
C TRP M 160 36.52 -29.07 22.32
N ASN M 161 35.56 -29.99 22.21
CA ASN M 161 34.15 -29.63 22.08
C ASN M 161 33.94 -28.61 20.96
N SER M 162 34.55 -28.90 19.81
CA SER M 162 34.37 -28.09 18.60
C SER M 162 34.80 -26.64 18.78
N GLY M 163 35.70 -26.40 19.73
CA GLY M 163 36.25 -25.07 19.94
C GLY M 163 35.65 -24.31 21.11
N ALA M 164 34.71 -24.94 21.82
CA ALA M 164 34.09 -24.30 22.97
C ALA M 164 34.96 -24.41 24.21
N LEU M 165 35.71 -25.51 24.30
CA LEU M 165 36.62 -25.75 25.42
C LEU M 165 38.04 -25.32 25.03
N THR M 166 38.56 -24.31 25.73
CA THR M 166 39.80 -23.65 25.33
C THR M 166 40.72 -23.44 26.52
N SER M 167 40.14 -23.12 27.68
CA SER M 167 40.94 -22.92 28.88
C SER M 167 41.52 -24.25 29.37
N GLY M 168 42.79 -24.22 29.75
CA GLY M 168 43.45 -25.39 30.30
C GLY M 168 43.83 -26.41 29.25
N VAL M 169 43.70 -26.04 27.98
CA VAL M 169 44.05 -26.95 26.87
C VAL M 169 45.52 -26.77 26.53
N HIS M 170 46.23 -27.88 26.40
CA HIS M 170 47.59 -27.90 25.89
C HIS M 170 47.79 -28.91 24.77
N THR M 171 48.06 -28.44 23.56
CA THR M 171 48.35 -29.32 22.44
C THR M 171 49.84 -29.33 22.18
N PHE M 172 50.47 -30.46 22.52
CA PHE M 172 51.92 -30.58 22.47
C PHE M 172 52.43 -30.58 21.02
N PRO M 173 53.67 -30.12 20.79
CA PRO M 173 54.27 -30.29 19.46
C PRO M 173 54.37 -31.75 19.05
N ALA M 174 54.11 -32.04 17.77
CA ALA M 174 54.25 -33.40 17.26
C ALA M 174 55.69 -33.87 17.37
N VAL M 175 55.88 -35.17 17.59
CA VAL M 175 57.20 -35.78 17.50
C VAL M 175 57.24 -36.85 16.41
N LEU M 176 58.37 -36.93 15.72
CA LEU M 176 58.57 -37.94 14.69
C LEU M 176 59.12 -39.24 15.29
N GLN M 177 58.34 -40.32 15.18
CA GLN M 177 58.74 -41.61 15.73
C GLN M 177 59.76 -42.29 14.82
N SER M 178 60.39 -43.35 15.33
CA SER M 178 61.41 -44.09 14.60
C SER M 178 60.82 -44.85 13.40
N SER M 179 59.50 -44.88 13.32
CA SER M 179 58.81 -45.51 12.21
C SER M 179 58.75 -44.58 11.00
N GLY M 180 59.00 -43.28 11.24
CA GLY M 180 58.88 -42.28 10.21
C GLY M 180 57.49 -41.67 10.23
N LEU M 181 56.70 -42.08 11.21
CA LEU M 181 55.35 -41.57 11.40
C LEU M 181 55.32 -40.63 12.60
N TYR M 182 54.44 -39.65 12.55
CA TYR M 182 54.32 -38.67 13.62
C TYR M 182 53.38 -39.09 14.76
N SER M 183 53.59 -38.46 15.91
CA SER M 183 52.79 -38.71 17.10
C SER M 183 52.74 -37.44 17.93
N LEU M 184 51.67 -37.29 18.71
CA LEU M 184 51.35 -36.03 19.36
C LEU M 184 50.34 -36.29 20.45
N SER M 185 50.37 -35.50 21.52
CA SER M 185 49.34 -35.61 22.54
C SER M 185 48.69 -34.26 22.81
N SER M 186 47.39 -34.31 23.08
CA SER M 186 46.62 -33.16 23.53
C SER M 186 45.93 -33.45 24.86
N VAL M 187 46.11 -32.59 25.85
CA VAL M 187 45.54 -32.81 27.17
C VAL M 187 44.71 -31.62 27.60
N VAL M 188 43.87 -31.80 28.61
CA VAL M 188 43.06 -30.72 29.15
C VAL M 188 42.77 -31.00 30.63
N THR M 189 42.83 -29.96 31.45
CA THR M 189 42.44 -30.08 32.86
C THR M 189 41.06 -29.50 33.13
N VAL M 190 40.22 -30.27 33.82
CA VAL M 190 38.86 -29.84 34.13
C VAL M 190 38.51 -30.13 35.58
N PRO M 191 37.42 -29.51 36.09
CA PRO M 191 36.95 -29.81 37.44
C PRO M 191 36.51 -31.28 37.55
N SER M 192 36.83 -31.95 38.65
CA SER M 192 36.43 -33.34 38.81
C SER M 192 34.91 -33.50 38.79
N SER M 193 34.22 -32.57 39.45
CA SER M 193 32.77 -32.64 39.58
C SER M 193 32.08 -32.66 38.23
N SER M 194 32.73 -32.09 37.21
CA SER M 194 32.14 -31.96 35.89
C SER M 194 32.24 -33.25 35.07
N LEU M 195 33.05 -34.20 35.54
CA LEU M 195 33.31 -35.41 34.77
C LEU M 195 32.02 -36.17 34.53
N GLY M 196 31.16 -36.17 35.55
CA GLY M 196 29.91 -36.89 35.52
C GLY M 196 28.79 -36.09 34.85
N THR M 197 29.08 -34.83 34.53
CA THR M 197 28.04 -33.91 34.06
C THR M 197 28.43 -33.11 32.81
N GLN M 198 29.60 -33.37 32.25
CA GLN M 198 30.06 -32.61 31.10
C GLN M 198 30.68 -33.56 30.08
N THR M 199 30.31 -33.40 28.81
CA THR M 199 30.83 -34.27 27.76
C THR M 199 32.12 -33.63 27.24
N TYR M 200 33.13 -34.46 26.97
CA TYR M 200 34.38 -33.96 26.42
C TYR M 200 34.79 -34.72 25.16
N ILE M 201 34.87 -33.99 24.04
CA ILE M 201 35.25 -34.59 22.76
C ILE M 201 36.40 -33.77 22.18
N CYS M 202 37.49 -34.45 21.83
CA CYS M 202 38.57 -33.77 21.12
C CYS M 202 38.35 -33.92 19.61
N ASN M 203 38.46 -32.82 18.89
CA ASN M 203 38.33 -32.82 17.44
C ASN M 203 39.68 -32.68 16.76
N VAL M 204 40.00 -33.63 15.88
CA VAL M 204 41.32 -33.72 15.27
C VAL M 204 41.18 -33.74 13.76
N ASN M 205 41.91 -32.85 13.08
CA ASN M 205 41.88 -32.79 11.62
C ASN M 205 43.28 -32.84 11.02
N HIS M 206 43.45 -33.75 10.07
CA HIS M 206 44.71 -33.86 9.31
C HIS M 206 44.43 -33.78 7.81
N LYS M 207 44.45 -32.57 7.29
CA LYS M 207 44.08 -32.29 5.90
C LYS M 207 44.94 -33.02 4.84
N PRO M 208 46.26 -33.11 5.06
CA PRO M 208 47.09 -33.82 4.07
C PRO M 208 46.62 -35.22 3.70
N SER M 209 45.83 -35.88 4.55
CA SER M 209 45.27 -37.18 4.22
C SER M 209 43.77 -37.09 4.44
N ASN M 210 43.29 -35.85 4.53
CA ASN M 210 41.89 -35.53 4.80
C ASN M 210 41.25 -36.44 5.86
N THR M 211 41.81 -36.41 7.07
CA THR M 211 41.32 -37.20 8.19
C THR M 211 40.74 -36.26 9.25
N LYS M 212 39.50 -36.51 9.63
CA LYS M 212 38.84 -35.74 10.69
C LYS M 212 38.29 -36.71 11.74
N VAL M 213 38.75 -36.57 12.98
CA VAL M 213 38.33 -37.48 14.04
C VAL M 213 37.77 -36.73 15.26
N ASP M 214 36.63 -37.20 15.75
CA ASP M 214 36.06 -36.77 17.03
C ASP M 214 35.95 -37.94 18.02
N LYS M 215 36.59 -37.80 19.18
CA LYS M 215 36.55 -38.85 20.22
C LYS M 215 36.12 -38.39 21.60
N LYS M 216 34.96 -38.88 22.03
CA LYS M 216 34.46 -38.63 23.38
C LYS M 216 35.32 -39.36 24.40
N VAL M 217 35.60 -38.69 25.51
CA VAL M 217 36.47 -39.22 26.55
C VAL M 217 35.68 -39.46 27.84
N GLU M 218 35.50 -40.73 28.19
CA GLU M 218 34.70 -41.13 29.35
C GLU M 218 35.58 -41.69 30.46
N PRO M 219 35.18 -41.51 31.73
CA PRO M 219 35.95 -42.02 32.87
C PRO M 219 36.13 -43.53 32.88
N LYS M 220 37.01 -44.00 33.76
CA LYS M 220 37.21 -45.43 33.99
C LYS M 220 37.53 -45.71 35.45
CA MPT N 1 -2.55 37.82 -47.22
C MPT N 1 -1.91 38.87 -48.05
O MPT N 1 -0.95 38.52 -48.79
CB MPT N 1 -2.39 37.94 -45.75
SG MPT N 1 -0.73 38.16 -45.18
N ASN N 2 -2.28 40.18 -47.81
CA ASN N 2 -1.30 41.16 -48.29
C ASN N 2 -0.23 41.41 -47.25
N LEU N 3 0.89 40.71 -47.41
CA LEU N 3 1.94 40.72 -46.39
C LEU N 3 2.50 42.12 -46.10
N HIS N 4 2.77 42.91 -47.13
CA HIS N 4 3.33 44.26 -46.91
C HIS N 4 2.43 45.12 -46.04
N PHE N 5 1.14 45.17 -46.38
CA PHE N 5 0.22 46.00 -45.60
C PHE N 5 -0.03 45.36 -44.24
N CYS N 6 -0.01 44.03 -44.18
CA CYS N 6 -0.07 43.35 -42.89
C CYS N 6 1.10 43.79 -42.04
N GLN N 7 2.29 43.81 -42.62
CA GLN N 7 3.46 44.27 -41.90
C GLN N 7 3.31 45.76 -41.56
N LEU N 8 2.77 46.53 -42.48
CA LEU N 8 2.58 47.96 -42.28
C LEU N 8 1.59 48.24 -41.14
N ARG N 9 0.70 47.30 -40.85
CA ARG N 9 -0.31 47.49 -39.81
C ARG N 9 0.18 47.02 -38.44
N CYS N 10 0.84 45.88 -38.39
CA CYS N 10 1.23 45.28 -37.11
C CYS N 10 2.29 46.08 -36.34
N LYS N 11 3.34 46.57 -37.01
CA LYS N 11 4.36 47.36 -36.29
C LYS N 11 3.78 48.59 -35.60
N SER N 12 2.63 49.06 -36.08
CA SER N 12 1.98 50.18 -35.40
C SER N 12 1.33 49.72 -34.09
N LEU N 13 1.38 48.41 -33.82
CA LEU N 13 1.01 47.86 -32.52
C LEU N 13 2.27 47.42 -31.79
N GLY N 14 3.41 47.63 -32.43
CA GLY N 14 4.69 47.22 -31.89
C GLY N 14 5.11 45.84 -32.35
N LEU N 15 4.44 45.33 -33.38
CA LEU N 15 4.50 43.90 -33.73
C LEU N 15 4.90 43.64 -35.19
N LEU N 16 5.44 42.46 -35.46
CA LEU N 16 5.67 42.03 -36.84
C LEU N 16 4.40 41.39 -37.37
N GLY N 17 4.23 41.43 -38.70
CA GLY N 17 3.10 40.79 -39.35
C GLY N 17 3.51 39.57 -40.15
N ARG N 18 2.60 38.62 -40.25
CA ARG N 18 2.80 37.45 -41.10
C ARG N 18 1.45 36.96 -41.55
N CYS N 19 1.42 36.22 -42.65
CA CYS N 19 0.14 35.67 -43.10
C CYS N 19 -0.27 34.47 -42.27
N ALA N 20 -1.59 34.38 -42.06
CA ALA N 20 -2.26 33.21 -41.54
C ALA N 20 -3.24 32.83 -42.63
N DPR N 21 -2.79 32.03 -43.58
CA DPR N 21 -3.59 31.79 -44.78
CB DPR N 21 -2.76 30.76 -45.56
CG DPR N 21 -1.37 31.01 -45.12
CD DPR N 21 -1.44 31.45 -43.70
C DPR N 21 -3.75 33.08 -45.54
O DPR N 21 -2.75 33.72 -45.89
N THR N 22 -4.99 33.49 -45.73
CA THR N 22 -5.31 34.70 -46.47
C THR N 22 -5.49 35.91 -45.55
N U2X N 23 -5.26 35.69 -44.25
C U2X N 23 -4.13 37.29 -42.73
O U2X N 23 -3.12 36.62 -42.72
CA U2X N 23 -5.40 36.72 -43.27
CB U2X N 23 -6.26 36.32 -42.11
CG U2X N 23 -7.54 35.59 -42.35
CD1 U2X N 23 -8.61 36.26 -42.99
CD2 U2X N 23 -7.67 34.29 -41.88
CE1 U2X N 23 -9.87 35.56 -43.20
CE2 U2X N 23 -8.97 33.57 -42.08
CZ U2X N 23 -10.00 34.21 -42.72
OH U2X N 23 -11.19 33.56 -42.90
C7 U2X N 23 -12.37 34.29 -42.92
C1 U2X N 23 -15.89 32.93 -42.09
C2 U2X N 23 -14.67 32.90 -42.97
C3 U2X N 23 -13.52 33.63 -42.20
C4 U2X N 23 -13.21 32.82 -40.87
C5 U2X N 23 -14.51 32.75 -40.03
C6 U2X N 23 -15.62 32.15 -40.86
N CYS N 24 -4.20 38.51 -42.25
CA CYS N 24 -3.08 39.15 -41.59
C CYS N 24 -3.07 38.81 -40.11
N ALA N 25 -1.93 38.33 -39.62
CA ALA N 25 -1.73 38.08 -38.20
C ALA N 25 -0.54 38.91 -37.72
N CYS N 26 -0.70 39.54 -36.55
CA CYS N 26 0.42 40.21 -35.87
C CYS N 26 1.07 39.24 -34.90
N VAL N 27 2.43 39.31 -34.77
CA VAL N 27 3.20 38.32 -34.04
C VAL N 27 3.39 38.59 -32.56
N NH2 N 28 2.66 37.84 -31.59
N ASP O 1 -30.02 22.48 -62.75
CA ASP O 1 -30.41 21.06 -62.88
C ASP O 1 -29.89 20.48 -64.18
N ILE O 2 -29.36 19.26 -64.12
CA ILE O 2 -28.81 18.59 -65.29
C ILE O 2 -29.84 17.81 -66.13
N GLN O 3 -29.61 17.90 -67.44
CA GLN O 3 -30.50 17.41 -68.51
C GLN O 3 -29.78 16.50 -69.46
N MET O 4 -30.45 15.39 -69.73
CA MET O 4 -29.95 14.43 -70.67
C MET O 4 -30.74 14.54 -71.95
N THR O 5 -30.02 14.77 -73.05
CA THR O 5 -30.64 14.85 -74.36
C THR O 5 -29.98 13.83 -75.28
N GLN O 6 -30.76 12.91 -75.83
CA GLN O 6 -30.22 11.86 -76.69
C GLN O 6 -30.52 12.24 -78.12
N SER O 7 -29.61 11.92 -79.04
CA SER O 7 -29.93 12.12 -80.43
C SER O 7 -29.37 10.96 -81.26
N PRO O 8 -30.08 10.56 -82.32
CA PRO O 8 -31.40 11.14 -82.62
C PRO O 8 -32.47 10.62 -81.67
N SER O 9 -33.69 11.16 -81.78
CA SER O 9 -34.81 10.72 -80.97
C SER O 9 -35.37 9.37 -81.39
N PHE O 10 -35.14 9.00 -82.64
CA PHE O 10 -35.80 7.85 -83.24
C PHE O 10 -34.92 7.32 -84.37
N VAL O 11 -34.49 6.06 -84.24
CA VAL O 11 -33.64 5.42 -85.24
C VAL O 11 -34.28 4.18 -85.87
N SER O 12 -34.21 4.07 -87.20
CA SER O 12 -34.63 2.87 -87.92
C SER O 12 -33.43 2.16 -88.60
N ALA O 13 -33.16 0.91 -88.25
CA ALA O 13 -31.99 0.22 -88.80
C ALA O 13 -32.22 -1.26 -89.11
N SER O 14 -31.55 -1.76 -90.15
CA SER O 14 -31.66 -3.17 -90.54
C SER O 14 -30.76 -4.06 -89.67
N VAL O 15 -31.15 -5.32 -89.52
CA VAL O 15 -30.28 -6.35 -88.93
C VAL O 15 -28.90 -6.51 -89.59
N GLY O 16 -27.85 -6.65 -88.78
CA GLY O 16 -26.49 -6.79 -89.29
C GLY O 16 -25.71 -5.49 -89.42
N ASP O 17 -26.43 -4.38 -89.44
CA ASP O 17 -25.84 -3.05 -89.61
C ASP O 17 -25.14 -2.55 -88.34
N ARG O 18 -24.20 -1.62 -88.54
CA ARG O 18 -23.57 -0.92 -87.43
C ARG O 18 -24.40 0.31 -87.12
N VAL O 19 -24.50 0.63 -85.83
CA VAL O 19 -25.20 1.83 -85.36
C VAL O 19 -24.53 2.53 -84.18
N THR O 20 -24.53 3.86 -84.21
CA THR O 20 -24.00 4.64 -83.10
C THR O 20 -25.02 5.70 -82.66
N ILE O 21 -25.41 5.68 -81.40
CA ILE O 21 -26.33 6.68 -80.83
C ILE O 21 -25.63 7.47 -79.73
N THR O 22 -25.99 8.73 -79.57
CA THR O 22 -25.28 9.61 -78.66
C THR O 22 -26.20 10.12 -77.55
N CYS O 23 -25.61 10.44 -76.40
CA CYS O 23 -26.33 11.04 -75.28
C CYS O 23 -25.48 12.21 -74.84
N ARG O 24 -26.07 13.40 -74.79
CA ARG O 24 -25.35 14.60 -74.40
C ARG O 24 -25.94 15.21 -73.12
N ALA O 25 -25.11 15.40 -72.12
CA ALA O 25 -25.54 16.04 -70.86
C ALA O 25 -25.33 17.55 -70.91
N SER O 26 -26.23 18.28 -70.24
CA SER O 26 -26.24 19.75 -70.28
C SER O 26 -25.10 20.37 -69.48
N GLN O 27 -24.60 19.65 -68.48
CA GLN O 27 -23.37 20.04 -67.79
C GLN O 27 -22.47 18.81 -67.66
N GLY O 28 -21.18 19.03 -67.40
CA GLY O 28 -20.27 17.91 -67.25
C GLY O 28 -20.62 16.93 -66.14
N ILE O 29 -20.40 15.65 -66.42
CA ILE O 29 -20.64 14.59 -65.44
C ILE O 29 -19.55 13.52 -65.49
N SER O 30 -18.36 13.90 -65.97
CA SER O 30 -17.26 12.96 -66.21
C SER O 30 -17.72 11.62 -66.85
N SER O 31 -17.56 10.49 -66.13
CA SER O 31 -17.87 9.17 -66.69
C SER O 31 -19.00 8.44 -65.96
N TYR O 32 -19.86 9.24 -65.35
CA TYR O 32 -21.03 8.82 -64.58
C TYR O 32 -22.31 8.60 -65.41
N LEU O 33 -22.29 7.59 -66.27
CA LEU O 33 -23.42 7.30 -67.15
C LEU O 33 -23.65 5.79 -67.30
N ALA O 34 -24.93 5.38 -67.34
CA ALA O 34 -25.31 3.98 -67.59
C ALA O 34 -26.43 3.86 -68.63
N TRP O 35 -26.17 3.14 -69.70
CA TRP O 35 -27.19 2.86 -70.72
C TRP O 35 -28.06 1.65 -70.42
N TYR O 36 -29.36 1.79 -70.68
CA TYR O 36 -30.30 0.68 -70.56
C TYR O 36 -31.03 0.40 -71.83
N GLN O 37 -31.37 -0.88 -71.96
CA GLN O 37 -32.19 -1.39 -73.03
C GLN O 37 -33.54 -1.76 -72.42
N GLN O 38 -34.63 -1.35 -73.04
CA GLN O 38 -35.96 -1.68 -72.54
C GLN O 38 -36.74 -2.06 -73.77
N LYS O 39 -37.35 -3.24 -73.69
CA LYS O 39 -38.20 -3.74 -74.75
C LYS O 39 -39.66 -3.60 -74.37
N PRO O 40 -40.55 -3.58 -75.36
CA PRO O 40 -41.95 -3.30 -75.02
C PRO O 40 -42.45 -4.34 -74.04
N GLY O 41 -43.23 -3.92 -73.06
CA GLY O 41 -43.79 -4.82 -72.08
C GLY O 41 -42.76 -5.33 -71.08
N LYS O 42 -41.53 -4.79 -71.14
CA LYS O 42 -40.43 -5.28 -70.31
C LYS O 42 -39.68 -4.17 -69.55
N ALA O 43 -38.87 -4.60 -68.58
CA ALA O 43 -38.07 -3.74 -67.71
C ALA O 43 -36.76 -3.32 -68.42
N PRO O 44 -36.17 -2.17 -68.04
CA PRO O 44 -34.88 -1.82 -68.67
C PRO O 44 -33.82 -2.88 -68.38
N LYS O 45 -32.78 -2.98 -69.22
CA LYS O 45 -31.76 -3.97 -68.95
C LYS O 45 -30.37 -3.31 -68.93
N LEU O 46 -29.48 -3.58 -67.96
CA LEU O 46 -28.17 -2.88 -67.97
C LEU O 46 -27.24 -3.34 -69.11
N VAL O 47 -26.68 -2.39 -69.86
CA VAL O 47 -25.77 -2.69 -70.98
C VAL O 47 -24.33 -2.25 -70.66
N ILE O 48 -24.16 -0.99 -70.26
CA ILE O 48 -22.84 -0.42 -70.00
C ILE O 48 -22.89 0.51 -68.77
N TYR O 49 -21.84 0.52 -67.96
CA TYR O 49 -21.75 1.50 -66.88
C TYR O 49 -20.35 2.13 -66.94
N ALA O 50 -20.13 3.17 -66.15
CA ALA O 50 -18.87 3.92 -66.18
C ALA O 50 -18.46 4.33 -67.60
N ALA O 51 -19.46 4.64 -68.41
CA ALA O 51 -19.30 5.15 -69.77
C ALA O 51 -18.86 4.08 -70.76
N SER O 52 -17.94 3.20 -70.36
CA SER O 52 -17.31 2.28 -71.30
C SER O 52 -17.18 0.86 -70.77
N THR O 53 -17.65 0.60 -69.54
CA THR O 53 -17.45 -0.72 -68.98
C THR O 53 -18.73 -1.55 -69.12
N LEU O 54 -18.62 -2.68 -69.80
CA LEU O 54 -19.75 -3.58 -70.00
C LEU O 54 -20.09 -4.38 -68.74
N GLN O 55 -21.38 -4.54 -68.48
CA GLN O 55 -21.84 -5.46 -67.44
C GLN O 55 -21.66 -6.89 -67.91
N SER O 56 -21.32 -7.79 -66.99
CA SER O 56 -21.06 -9.20 -67.31
C SER O 56 -22.26 -9.83 -68.00
N GLY O 57 -22.01 -10.65 -69.02
CA GLY O 57 -23.07 -11.29 -69.77
C GLY O 57 -23.45 -10.56 -71.05
N VAL O 58 -23.08 -9.29 -71.14
CA VAL O 58 -23.39 -8.47 -72.31
C VAL O 58 -22.52 -8.89 -73.51
N PRO O 59 -23.12 -9.06 -74.69
CA PRO O 59 -22.40 -9.57 -75.88
C PRO O 59 -21.32 -8.62 -76.37
N SER O 60 -20.28 -9.16 -77.00
CA SER O 60 -19.11 -8.38 -77.37
C SER O 60 -19.40 -7.32 -78.44
N ARG O 61 -20.53 -7.46 -79.12
CA ARG O 61 -20.92 -6.51 -80.16
C ARG O 61 -21.30 -5.14 -79.58
N PHE O 62 -21.53 -5.08 -78.27
CA PHE O 62 -21.75 -3.80 -77.59
C PHE O 62 -20.44 -3.16 -77.14
N SER O 63 -20.37 -1.84 -77.27
CA SER O 63 -19.27 -1.06 -76.71
C SER O 63 -19.71 0.38 -76.44
N GLY O 64 -18.94 1.09 -75.60
CA GLY O 64 -19.24 2.47 -75.30
C GLY O 64 -18.03 3.35 -75.00
N SER O 65 -18.14 4.63 -75.35
CA SER O 65 -17.08 5.60 -75.06
C SER O 65 -17.66 6.98 -74.78
N GLY O 66 -16.82 7.91 -74.31
CA GLY O 66 -17.28 9.26 -74.03
C GLY O 66 -16.97 9.66 -72.60
N SER O 67 -16.94 10.96 -72.34
CA SER O 67 -16.73 11.49 -70.99
C SER O 67 -17.03 13.00 -70.93
N GLY O 68 -17.59 13.47 -69.82
CA GLY O 68 -17.98 14.87 -69.68
C GLY O 68 -19.43 15.14 -70.05
N THR O 69 -19.63 15.57 -71.29
CA THR O 69 -20.92 16.04 -71.77
C THR O 69 -21.31 15.29 -73.04
N GLU O 70 -20.34 14.58 -73.64
CA GLU O 70 -20.57 13.83 -74.87
C GLU O 70 -20.30 12.35 -74.61
N PHE O 71 -21.30 11.50 -74.88
CA PHE O 71 -21.17 10.06 -74.66
C PHE O 71 -21.62 9.26 -75.88
N THR O 72 -21.19 8.00 -75.96
CA THR O 72 -21.42 7.19 -77.16
C THR O 72 -21.72 5.72 -76.82
N LEU O 73 -22.74 5.18 -77.47
CA LEU O 73 -23.02 3.74 -77.48
C LEU O 73 -22.95 3.18 -78.90
N THR O 74 -22.19 2.09 -79.09
CA THR O 74 -21.98 1.52 -80.43
C THR O 74 -22.28 0.02 -80.46
N ILE O 75 -22.98 -0.42 -81.51
CA ILE O 75 -23.17 -1.84 -81.83
C ILE O 75 -22.57 -2.26 -83.17
N SER O 76 -21.60 -3.15 -83.13
CA SER O 76 -20.81 -3.47 -84.32
C SER O 76 -21.65 -4.23 -85.34
N SER O 77 -22.64 -4.98 -84.87
CA SER O 77 -23.51 -5.75 -85.77
C SER O 77 -24.83 -6.13 -85.11
N LEU O 78 -25.92 -5.48 -85.51
CA LEU O 78 -27.20 -5.61 -84.84
C LEU O 78 -27.83 -6.99 -85.04
N GLN O 79 -28.38 -7.56 -83.98
CA GLN O 79 -29.25 -8.74 -84.05
C GLN O 79 -30.68 -8.38 -83.65
N PRO O 80 -31.67 -9.19 -84.06
CA PRO O 80 -33.08 -8.85 -83.83
C PRO O 80 -33.41 -8.53 -82.36
N GLU O 81 -32.73 -9.19 -81.43
CA GLU O 81 -33.00 -9.01 -80.01
C GLU O 81 -32.48 -7.68 -79.46
N ASP O 82 -31.64 -6.99 -80.23
CA ASP O 82 -31.02 -5.74 -79.79
C ASP O 82 -31.93 -4.52 -79.99
N PHE O 83 -32.98 -4.68 -80.79
CA PHE O 83 -33.91 -3.61 -81.11
C PHE O 83 -34.83 -3.23 -79.95
N ALA O 84 -34.81 -1.95 -79.58
CA ALA O 84 -35.40 -1.48 -78.33
C ALA O 84 -35.24 0.03 -78.19
N THR O 85 -35.78 0.57 -77.09
CA THR O 85 -35.59 1.97 -76.75
C THR O 85 -34.49 2.02 -75.72
N TYR O 86 -33.54 2.92 -75.93
CA TYR O 86 -32.40 3.00 -75.03
C TYR O 86 -32.48 4.30 -74.26
N TYR O 87 -32.31 4.21 -72.94
CA TYR O 87 -32.32 5.38 -72.09
C TYR O 87 -30.92 5.49 -71.51
N CYS O 88 -30.42 6.71 -71.38
CA CYS O 88 -29.22 6.97 -70.61
C CYS O 88 -29.61 7.48 -69.25
N GLN O 89 -28.70 7.35 -68.29
CA GLN O 89 -28.98 7.76 -66.92
C GLN O 89 -27.75 8.30 -66.23
N HIS O 90 -27.94 9.46 -65.63
CA HIS O 90 -26.97 10.09 -64.76
C HIS O 90 -26.96 9.34 -63.43
N LEU O 91 -25.80 8.87 -63.00
CA LEU O 91 -25.71 7.92 -61.89
C LEU O 91 -25.77 8.66 -60.56
N ILE O 92 -25.64 9.98 -60.61
CA ILE O 92 -25.76 10.82 -59.43
C ILE O 92 -26.68 12.00 -59.70
N GLY O 93 -26.74 12.92 -58.74
CA GLY O 93 -27.63 14.07 -58.82
C GLY O 93 -29.09 13.69 -58.72
N LEU O 94 -29.89 14.13 -59.70
CA LEU O 94 -31.32 13.82 -59.75
C LEU O 94 -31.63 12.47 -60.40
N ARG O 95 -30.58 11.77 -60.83
CA ARG O 95 -30.71 10.47 -61.48
C ARG O 95 -31.72 10.56 -62.62
N SER O 96 -31.54 11.61 -63.42
CA SER O 96 -32.42 11.95 -64.53
C SER O 96 -32.06 11.12 -65.76
N PHE O 97 -33.07 10.76 -66.54
CA PHE O 97 -32.89 10.00 -67.77
C PHE O 97 -32.98 10.85 -69.04
N GLY O 98 -32.41 10.33 -70.11
CA GLY O 98 -32.61 10.88 -71.46
C GLY O 98 -34.04 10.61 -71.89
N GLN O 99 -34.43 11.15 -73.05
CA GLN O 99 -35.81 10.99 -73.53
C GLN O 99 -36.01 9.66 -74.25
N GLY O 100 -34.91 8.95 -74.48
CA GLY O 100 -34.95 7.62 -75.05
C GLY O 100 -34.69 7.66 -76.54
N THR O 101 -34.01 6.63 -77.05
CA THR O 101 -33.78 6.50 -78.49
C THR O 101 -34.38 5.19 -78.97
N LYS O 102 -35.41 5.27 -79.81
CA LYS O 102 -36.03 4.07 -80.36
C LYS O 102 -35.33 3.53 -81.59
N LEU O 103 -34.93 2.26 -81.52
CA LEU O 103 -34.22 1.62 -82.62
C LEU O 103 -35.17 0.59 -83.26
N GLU O 104 -35.65 0.85 -84.47
CA GLU O 104 -36.68 -0.03 -85.07
C GLU O 104 -36.16 -0.83 -86.27
N ILE O 105 -36.81 -1.95 -86.58
CA ILE O 105 -36.33 -2.80 -87.66
C ILE O 105 -36.82 -2.28 -88.99
N LYS O 106 -35.89 -2.10 -89.93
CA LYS O 106 -36.24 -1.65 -91.27
C LYS O 106 -36.66 -2.85 -92.13
N ARG O 107 -37.64 -2.68 -93.01
CA ARG O 107 -38.00 -3.72 -93.95
C ARG O 107 -38.75 -3.20 -95.18
N THR O 108 -39.09 -4.12 -96.10
CA THR O 108 -39.73 -3.75 -97.35
C THR O 108 -41.14 -3.21 -97.14
N VAL O 109 -41.56 -2.31 -98.03
CA VAL O 109 -42.92 -1.80 -98.03
C VAL O 109 -43.90 -2.96 -98.17
N ALA O 110 -44.98 -2.91 -97.39
CA ALA O 110 -45.99 -3.94 -97.40
C ALA O 110 -47.38 -3.31 -97.26
N ALA O 111 -48.23 -3.57 -98.25
CA ALA O 111 -49.56 -2.98 -98.25
C ALA O 111 -50.43 -3.62 -97.17
N PRO O 112 -51.34 -2.84 -96.58
CA PRO O 112 -52.26 -3.39 -95.56
C PRO O 112 -53.36 -4.21 -96.20
N SER O 113 -53.81 -5.25 -95.50
CA SER O 113 -55.05 -5.92 -95.85
C SER O 113 -56.19 -5.21 -95.14
N VAL O 114 -57.22 -4.82 -95.88
CA VAL O 114 -58.28 -4.01 -95.30
C VAL O 114 -59.56 -4.79 -95.11
N PHE O 115 -60.10 -4.68 -93.90
CA PHE O 115 -61.34 -5.33 -93.53
C PHE O 115 -62.23 -4.31 -92.81
N ILE O 116 -63.53 -4.35 -93.07
CA ILE O 116 -64.48 -3.51 -92.35
C ILE O 116 -65.43 -4.43 -91.61
N PHE O 117 -65.80 -4.04 -90.40
CA PHE O 117 -66.67 -4.87 -89.58
C PHE O 117 -67.86 -4.03 -89.11
N PRO O 118 -69.08 -4.43 -89.48
CA PRO O 118 -70.22 -3.68 -88.94
C PRO O 118 -70.51 -3.98 -87.47
N PRO O 119 -71.27 -3.11 -86.81
CA PRO O 119 -71.69 -3.32 -85.41
C PRO O 119 -72.63 -4.52 -85.28
N SER O 120 -72.59 -5.19 -84.14
CA SER O 120 -73.49 -6.30 -83.85
C SER O 120 -74.87 -5.78 -83.48
N ASP O 121 -75.89 -6.60 -83.71
CA ASP O 121 -77.25 -6.26 -83.29
C ASP O 121 -77.30 -6.11 -81.77
N GLU O 122 -76.46 -6.89 -81.08
CA GLU O 122 -76.37 -6.87 -79.63
C GLU O 122 -75.94 -5.52 -79.05
N GLN O 123 -74.98 -4.87 -79.69
CA GLN O 123 -74.46 -3.60 -79.21
C GLN O 123 -75.49 -2.50 -79.42
N LEU O 124 -76.31 -2.67 -80.45
CA LEU O 124 -77.34 -1.69 -80.76
C LEU O 124 -78.44 -1.66 -79.69
N LYS O 125 -78.70 -2.77 -79.01
CA LYS O 125 -79.65 -2.77 -77.90
C LYS O 125 -79.26 -1.79 -76.80
N SER O 126 -77.95 -1.58 -76.67
CA SER O 126 -77.38 -0.85 -75.54
C SER O 126 -77.35 0.66 -75.79
N GLY O 127 -77.44 1.05 -77.05
CA GLY O 127 -77.47 2.48 -77.37
C GLY O 127 -76.25 2.94 -78.14
N THR O 128 -75.37 2.02 -78.53
CA THR O 128 -74.15 2.38 -79.25
C THR O 128 -73.81 1.46 -80.44
N ALA O 129 -73.21 2.05 -81.47
CA ALA O 129 -72.80 1.31 -82.66
C ALA O 129 -71.32 1.55 -82.99
N SER O 130 -70.52 0.49 -83.02
CA SER O 130 -69.11 0.56 -83.41
C SER O 130 -68.76 -0.11 -84.74
N VAL O 131 -68.19 0.65 -85.68
CA VAL O 131 -67.69 0.07 -86.93
C VAL O 131 -66.17 0.01 -86.83
N VAL O 132 -65.60 -1.17 -87.08
CA VAL O 132 -64.17 -1.36 -86.93
C VAL O 132 -63.58 -1.62 -88.31
N CYS O 133 -62.49 -0.92 -88.57
CA CYS O 133 -61.73 -1.02 -89.80
C CYS O 133 -60.35 -1.55 -89.45
N LEU O 134 -59.97 -2.64 -90.08
CA LEU O 134 -58.70 -3.31 -89.78
C LEU O 134 -57.69 -3.17 -90.90
N LEU O 135 -56.51 -2.68 -90.54
CA LEU O 135 -55.35 -2.71 -91.40
C LEU O 135 -54.35 -3.74 -90.86
N ASN O 136 -54.07 -4.77 -91.64
CA ASN O 136 -53.28 -5.89 -91.16
C ASN O 136 -51.91 -5.96 -91.85
N ASN O 137 -50.84 -6.06 -91.05
CA ASN O 137 -49.52 -6.36 -91.60
C ASN O 137 -49.03 -5.41 -92.71
N PHE O 138 -48.72 -4.16 -92.36
CA PHE O 138 -48.25 -3.20 -93.37
C PHE O 138 -46.95 -2.54 -92.92
N TYR O 139 -46.25 -1.92 -93.86
CA TYR O 139 -45.06 -1.14 -93.54
C TYR O 139 -44.82 -0.12 -94.66
N PRO O 140 -44.41 1.11 -94.31
CA PRO O 140 -44.10 1.64 -92.98
C PRO O 140 -45.35 1.87 -92.12
N ARG O 141 -45.14 2.43 -90.93
CA ARG O 141 -46.21 2.55 -89.94
C ARG O 141 -47.24 3.60 -90.31
N GLU O 142 -46.84 4.63 -91.05
CA GLU O 142 -47.75 5.73 -91.35
C GLU O 142 -48.82 5.28 -92.35
N ALA O 143 -50.08 5.48 -91.97
CA ALA O 143 -51.21 5.18 -92.82
C ALA O 143 -52.36 6.12 -92.48
N LYS O 144 -53.16 6.46 -93.47
CA LYS O 144 -54.34 7.29 -93.26
C LYS O 144 -55.65 6.53 -93.39
N VAL O 145 -56.50 6.66 -92.38
CA VAL O 145 -57.81 6.00 -92.40
C VAL O 145 -58.88 7.08 -92.25
N GLN O 146 -59.77 7.13 -93.24
CA GLN O 146 -60.85 8.11 -93.28
C GLN O 146 -62.18 7.37 -93.29
N TRP O 147 -63.10 7.81 -92.45
CA TRP O 147 -64.44 7.27 -92.40
C TRP O 147 -65.40 8.06 -93.25
N LYS O 148 -66.30 7.34 -93.92
CA LYS O 148 -67.31 7.96 -94.77
C LYS O 148 -68.68 7.34 -94.48
N VAL O 149 -69.65 8.19 -94.14
CA VAL O 149 -71.01 7.74 -93.91
C VAL O 149 -71.95 8.39 -94.92
N ASP O 150 -72.60 7.56 -95.74
CA ASP O 150 -73.36 8.05 -96.88
C ASP O 150 -72.55 9.06 -97.69
N ASN O 151 -71.28 8.74 -97.93
CA ASN O 151 -70.37 9.61 -98.67
C ASN O 151 -70.22 10.98 -97.99
N ALA O 152 -69.51 10.98 -96.86
CA ALA O 152 -69.29 12.21 -96.10
C ALA O 152 -68.20 11.98 -95.05
N LEU O 153 -67.11 12.73 -95.17
CA LEU O 153 -65.94 12.52 -94.32
C LEU O 153 -66.21 12.86 -92.85
N GLN O 154 -66.00 11.87 -91.98
CA GLN O 154 -66.14 12.05 -90.55
C GLN O 154 -64.87 12.66 -89.96
N SER O 155 -64.94 13.07 -88.69
CA SER O 155 -63.78 13.64 -88.01
C SER O 155 -64.01 13.79 -86.52
N GLY O 156 -62.99 13.47 -85.74
CA GLY O 156 -63.02 13.66 -84.30
C GLY O 156 -63.96 12.75 -83.55
N ASN O 157 -64.54 11.78 -84.24
CA ASN O 157 -65.46 10.82 -83.62
C ASN O 157 -65.02 9.39 -83.90
N SER O 158 -63.72 9.22 -84.06
CA SER O 158 -63.12 7.91 -84.27
C SER O 158 -61.81 7.82 -83.49
N GLN O 159 -61.45 6.62 -83.05
CA GLN O 159 -60.17 6.43 -82.40
C GLN O 159 -59.40 5.25 -83.00
N GLU O 160 -58.09 5.42 -83.09
CA GLU O 160 -57.18 4.40 -83.63
C GLU O 160 -56.28 3.79 -82.56
N SER O 161 -55.83 2.56 -82.79
CA SER O 161 -54.83 1.95 -81.93
C SER O 161 -53.85 1.13 -82.78
N VAL O 162 -52.56 1.29 -82.51
CA VAL O 162 -51.53 0.61 -83.30
C VAL O 162 -50.60 -0.26 -82.44
N THR O 163 -50.33 -1.46 -82.94
CA THR O 163 -49.40 -2.39 -82.30
C THR O 163 -47.92 -2.04 -82.55
N GLU O 164 -47.03 -2.54 -81.71
CA GLU O 164 -45.56 -2.51 -81.98
C GLU O 164 -45.23 -3.46 -83.11
N GLN O 165 -44.07 -3.24 -83.73
CA GLN O 165 -43.59 -4.14 -84.78
C GLN O 165 -43.56 -5.60 -84.32
N ASP O 166 -44.09 -6.46 -85.16
CA ASP O 166 -44.05 -7.91 -84.97
C ASP O 166 -42.61 -8.41 -84.95
N SER O 167 -42.30 -9.33 -84.03
CA SER O 167 -40.93 -9.76 -83.83
C SER O 167 -40.38 -10.58 -85.00
N LYS O 168 -41.23 -11.03 -85.91
CA LYS O 168 -40.77 -11.82 -87.05
C LYS O 168 -40.73 -11.00 -88.34
N ASP O 169 -41.86 -10.43 -88.74
CA ASP O 169 -41.95 -9.73 -90.02
C ASP O 169 -41.86 -8.21 -89.92
N SER O 170 -41.85 -7.66 -88.71
CA SER O 170 -41.58 -6.23 -88.54
C SER O 170 -42.66 -5.34 -89.16
N THR O 171 -43.89 -5.84 -89.25
CA THR O 171 -45.02 -5.08 -89.78
C THR O 171 -45.87 -4.46 -88.68
N TYR O 172 -46.85 -3.63 -89.07
CA TYR O 172 -47.75 -3.00 -88.12
C TYR O 172 -49.22 -3.41 -88.33
N SER O 173 -50.02 -3.26 -87.28
CA SER O 173 -51.48 -3.37 -87.39
C SER O 173 -52.20 -2.17 -86.76
N LEU O 174 -53.40 -1.87 -87.25
CA LEU O 174 -54.12 -0.68 -86.81
C LEU O 174 -55.62 -0.96 -86.76
N SER O 175 -56.27 -0.55 -85.67
CA SER O 175 -57.72 -0.60 -85.53
C SER O 175 -58.32 0.79 -85.37
N SER O 176 -58.99 1.30 -86.41
CA SER O 176 -59.75 2.53 -86.27
C SER O 176 -61.20 2.23 -85.87
N THR O 177 -61.66 2.85 -84.79
CA THR O 177 -63.01 2.58 -84.30
C THR O 177 -63.86 3.83 -84.40
N LEU O 178 -64.91 3.76 -85.21
CA LEU O 178 -65.86 4.86 -85.34
C LEU O 178 -67.01 4.57 -84.38
N THR O 179 -67.30 5.49 -83.46
CA THR O 179 -68.38 5.28 -82.50
C THR O 179 -69.54 6.24 -82.71
N LEU O 180 -70.74 5.69 -82.90
CA LEU O 180 -71.96 6.47 -83.05
C LEU O 180 -73.01 5.96 -82.06
N SER O 181 -74.02 6.80 -81.80
CA SER O 181 -75.19 6.40 -81.02
C SER O 181 -76.11 5.47 -81.82
N LYS O 182 -76.98 4.77 -81.09
CA LYS O 182 -77.92 3.85 -81.71
C LYS O 182 -78.80 4.62 -82.68
N ALA O 183 -79.27 5.80 -82.25
CA ALA O 183 -80.13 6.61 -83.10
C ALA O 183 -79.41 7.06 -84.37
N ASP O 184 -78.20 7.56 -84.19
CA ASP O 184 -77.37 8.06 -85.30
C ASP O 184 -76.99 6.97 -86.31
N TYR O 185 -76.53 5.84 -85.82
CA TYR O 185 -76.15 4.72 -86.67
C TYR O 185 -77.27 4.21 -87.57
N GLU O 186 -78.46 4.08 -86.99
CA GLU O 186 -79.62 3.48 -87.64
C GLU O 186 -80.36 4.38 -88.63
N LYS O 187 -79.93 5.64 -88.74
CA LYS O 187 -80.50 6.58 -89.71
C LYS O 187 -79.67 6.70 -91.00
N HIS O 188 -78.60 5.91 -91.11
CA HIS O 188 -77.75 5.93 -92.30
C HIS O 188 -77.60 4.53 -92.88
N LYS O 189 -77.18 4.47 -94.14
CA LYS O 189 -77.14 3.21 -94.87
C LYS O 189 -75.71 2.76 -95.16
N VAL O 190 -74.91 3.63 -95.76
CA VAL O 190 -73.57 3.24 -96.21
C VAL O 190 -72.47 3.64 -95.22
N TYR O 191 -71.65 2.66 -94.85
CA TYR O 191 -70.51 2.87 -93.98
C TYR O 191 -69.23 2.39 -94.66
N ALA O 192 -68.24 3.27 -94.76
CA ALA O 192 -67.03 2.98 -95.51
C ALA O 192 -65.82 3.51 -94.79
N CYS O 193 -64.73 2.74 -94.82
CA CYS O 193 -63.42 3.23 -94.41
C CYS O 193 -62.46 3.18 -95.60
N GLU O 194 -61.75 4.28 -95.82
CA GLU O 194 -60.84 4.41 -96.95
C GLU O 194 -59.42 4.49 -96.41
N VAL O 195 -58.55 3.60 -96.89
CA VAL O 195 -57.20 3.49 -96.36
C VAL O 195 -56.20 3.92 -97.43
N THR O 196 -55.34 4.88 -97.06
CA THR O 196 -54.25 5.34 -97.92
C THR O 196 -52.93 4.93 -97.31
N HIS O 197 -52.07 4.28 -98.10
CA HIS O 197 -50.79 3.79 -97.62
C HIS O 197 -49.77 3.61 -98.74
N GLN O 198 -48.49 3.77 -98.42
CA GLN O 198 -47.43 3.78 -99.42
C GLN O 198 -47.33 2.49 -100.23
N GLY O 199 -47.86 1.40 -99.69
CA GLY O 199 -47.77 0.11 -100.35
C GLY O 199 -48.91 -0.10 -101.31
N LEU O 200 -49.89 0.79 -101.27
CA LEU O 200 -51.05 0.70 -102.15
C LEU O 200 -50.90 1.67 -103.32
N SER O 201 -51.26 1.20 -104.50
CA SER O 201 -51.21 2.03 -105.70
C SER O 201 -52.24 3.15 -105.59
N SER O 202 -53.33 2.85 -104.88
CA SER O 202 -54.36 3.85 -104.59
C SER O 202 -55.17 3.47 -103.35
N PRO O 203 -55.92 4.43 -102.79
CA PRO O 203 -56.74 4.18 -101.60
C PRO O 203 -57.67 2.99 -101.74
N VAL O 204 -57.76 2.13 -100.73
CA VAL O 204 -58.66 0.99 -100.79
C VAL O 204 -59.84 1.28 -99.88
N THR O 205 -61.04 0.99 -100.36
CA THR O 205 -62.25 1.27 -99.60
C THR O 205 -63.07 0.00 -99.43
N LYS O 206 -63.37 -0.33 -98.18
CA LYS O 206 -64.27 -1.43 -97.83
C LYS O 206 -65.53 -0.82 -97.23
N SER O 207 -66.69 -1.31 -97.63
CA SER O 207 -67.93 -0.75 -97.11
C SER O 207 -69.06 -1.75 -97.05
N PHE O 208 -70.14 -1.35 -96.38
CA PHE O 208 -71.35 -2.14 -96.27
C PHE O 208 -72.63 -1.31 -96.14
N ASN O 209 -73.77 -1.93 -96.42
CA ASN O 209 -75.06 -1.29 -96.21
C ASN O 209 -75.77 -1.89 -95.00
N ARG O 210 -76.24 -1.05 -94.09
CA ARG O 210 -76.94 -1.53 -92.90
C ARG O 210 -78.14 -2.40 -93.27
N GLN P 1 -28.65 -16.69 -58.46
CA GLN P 1 -29.57 -15.71 -59.11
C GLN P 1 -30.49 -14.92 -58.20
N VAL P 2 -30.98 -13.80 -58.71
CA VAL P 2 -31.70 -12.83 -57.91
C VAL P 2 -33.00 -12.59 -58.69
N GLN P 3 -34.16 -12.63 -58.04
CA GLN P 3 -35.42 -12.36 -58.74
C GLN P 3 -36.23 -11.25 -58.06
N LEU P 4 -36.70 -10.25 -58.82
CA LEU P 4 -37.67 -9.29 -58.26
C LEU P 4 -39.14 -9.47 -58.67
N GLN P 5 -40.01 -9.74 -57.69
CA GLN P 5 -41.47 -9.85 -57.91
C GLN P 5 -42.26 -8.74 -57.20
N GLN P 6 -43.24 -8.17 -57.89
CA GLN P 6 -44.05 -7.08 -57.31
C GLN P 6 -45.50 -7.52 -57.09
N TRP P 7 -46.13 -6.96 -56.07
CA TRP P 7 -47.56 -7.14 -55.81
C TRP P 7 -48.14 -5.91 -55.14
N GLY P 8 -49.47 -5.87 -54.97
CA GLY P 8 -50.12 -4.67 -54.49
C GLY P 8 -51.31 -4.29 -55.34
N ALA P 9 -52.23 -3.52 -54.77
CA ALA P 9 -53.47 -3.17 -55.44
C ALA P 9 -53.16 -2.14 -56.51
N GLY P 10 -53.66 -2.38 -57.71
CA GLY P 10 -53.35 -1.55 -58.86
C GLY P 10 -54.43 -0.62 -59.38
N LEU P 11 -55.64 -0.74 -58.84
CA LEU P 11 -56.74 0.15 -59.21
C LEU P 11 -57.09 1.20 -58.15
N LEU P 12 -56.86 2.47 -58.49
CA LEU P 12 -57.03 3.55 -57.52
C LEU P 12 -57.92 4.67 -58.06
N LYS P 13 -58.54 5.39 -57.13
CA LYS P 13 -59.28 6.62 -57.40
C LYS P 13 -58.50 7.86 -56.95
N PRO P 14 -58.79 9.03 -57.55
CA PRO P 14 -58.08 10.24 -57.15
C PRO P 14 -58.18 10.53 -55.65
N SER P 15 -57.07 10.97 -55.05
CA SER P 15 -56.99 11.34 -53.63
C SER P 15 -56.75 10.15 -52.69
N GLU P 16 -56.80 8.94 -53.23
CA GLU P 16 -56.52 7.73 -52.47
C GLU P 16 -55.02 7.49 -52.37
N THR P 17 -54.61 6.42 -51.68
CA THR P 17 -53.19 6.11 -51.53
C THR P 17 -52.77 4.85 -52.28
N LEU P 18 -51.74 4.99 -53.13
CA LEU P 18 -51.09 3.85 -53.79
C LEU P 18 -50.09 3.13 -52.88
N SER P 19 -50.24 1.81 -52.73
CA SER P 19 -49.34 1.05 -51.88
C SER P 19 -48.87 -0.25 -52.55
N LEU P 20 -47.66 -0.25 -53.09
CA LEU P 20 -47.12 -1.41 -53.80
C LEU P 20 -45.96 -2.00 -52.99
N THR P 21 -45.73 -3.30 -53.14
CA THR P 21 -44.61 -3.95 -52.46
C THR P 21 -43.82 -4.84 -53.44
N CYS P 22 -42.51 -4.89 -53.21
CA CYS P 22 -41.60 -5.66 -54.04
C CYS P 22 -40.77 -6.56 -53.14
N GLY P 23 -40.90 -7.87 -53.32
CA GLY P 23 -40.13 -8.84 -52.57
C GLY P 23 -38.89 -9.30 -53.32
N VAL P 24 -37.79 -9.45 -52.58
CA VAL P 24 -36.52 -9.87 -53.15
C VAL P 24 -36.23 -11.29 -52.70
N TYR P 25 -35.98 -12.15 -53.68
CA TYR P 25 -35.74 -13.58 -53.46
C TYR P 25 -34.45 -13.98 -54.15
N GLY P 26 -33.49 -14.47 -53.35
CA GLY P 26 -32.18 -14.84 -53.85
C GLY P 26 -31.07 -13.94 -53.34
N GLU P 27 -31.44 -12.89 -52.62
CA GLU P 27 -30.49 -11.92 -52.10
C GLU P 27 -31.08 -11.17 -50.90
N SER P 28 -30.22 -10.67 -50.02
CA SER P 28 -30.66 -9.90 -48.85
C SER P 28 -30.71 -8.41 -49.19
N LEU P 29 -31.49 -7.66 -48.43
CA LEU P 29 -31.55 -6.21 -48.64
C LEU P 29 -30.24 -5.54 -48.27
N OAS P 30 -29.42 -6.22 -47.48
CA OAS P 30 -28.18 -5.67 -46.98
CB OAS P 30 -27.35 -6.54 -46.00
OG OAS P 30 -27.16 -7.79 -46.67
C OAS P 30 -27.28 -5.24 -48.12
O OAS P 30 -27.19 -5.84 -49.20
H OAS P 30 -29.56 -7.16 -47.16
HA OAS P 30 -28.47 -4.74 -46.40
HB2 OAS P 30 -26.36 -6.07 -45.79
HB3 OAS P 30 -27.90 -6.72 -45.04
N GLY P 31 -26.53 -4.16 -47.88
CA GLY P 31 -25.46 -3.75 -48.77
C GLY P 31 -25.86 -3.42 -50.19
N HIS P 32 -27.12 -3.05 -50.38
CA HIS P 32 -27.60 -2.64 -51.71
C HIS P 32 -28.69 -1.60 -51.60
N TYR P 33 -28.76 -0.73 -52.60
CA TYR P 33 -29.83 0.25 -52.69
C TYR P 33 -30.96 -0.31 -53.55
N TRP P 34 -32.18 0.07 -53.20
CA TRP P 34 -33.37 -0.54 -53.77
C TRP P 34 -34.33 0.58 -54.14
N SER P 35 -34.84 0.57 -55.36
CA SER P 35 -35.35 1.77 -55.99
C SER P 35 -36.72 1.54 -56.59
N TRP P 36 -37.45 2.64 -56.77
CA TRP P 36 -38.73 2.65 -57.46
C TRP P 36 -38.55 3.65 -58.59
N VAL P 37 -39.17 3.31 -59.72
CA VAL P 37 -39.08 4.04 -60.96
C VAL P 37 -40.44 4.03 -61.62
N ARG P 38 -40.85 5.17 -62.19
CA ARG P 38 -42.17 5.21 -62.80
C ARG P 38 -42.03 5.58 -64.25
N GLN P 39 -43.09 5.24 -64.97
CA GLN P 39 -43.13 5.39 -66.41
C GLN P 39 -44.53 5.80 -66.82
N PRO P 40 -44.76 7.11 -67.04
CA PRO P 40 -46.11 7.38 -67.52
C PRO P 40 -46.34 6.67 -68.86
N PRO P 41 -47.60 6.38 -69.22
CA PRO P 41 -47.89 5.69 -70.47
C PRO P 41 -47.30 6.38 -71.71
N GLY P 42 -46.45 5.66 -72.46
CA GLY P 42 -45.89 6.22 -73.68
C GLY P 42 -44.83 7.28 -73.49
N LYS P 43 -44.31 7.38 -72.26
CA LYS P 43 -43.27 8.35 -71.93
C LYS P 43 -42.05 7.68 -71.35
N ARG P 44 -41.05 8.49 -70.98
CA ARG P 44 -39.76 7.96 -70.56
C ARG P 44 -39.79 7.53 -69.11
N LEU P 45 -38.76 6.79 -68.71
CA LEU P 45 -38.63 6.38 -67.32
C LEU P 45 -38.27 7.58 -66.47
N GLU P 46 -38.81 7.62 -65.26
CA GLU P 46 -38.55 8.71 -64.33
C GLU P 46 -38.27 8.16 -62.93
N TRP P 47 -37.10 8.48 -62.41
CA TRP P 47 -36.71 8.08 -61.06
C TRP P 47 -37.58 8.71 -59.97
N ILE P 48 -38.03 7.85 -59.06
CA ILE P 48 -38.88 8.24 -57.95
C ILE P 48 -38.04 8.35 -56.68
N GLY P 49 -37.17 7.38 -56.48
CA GLY P 49 -36.31 7.36 -55.31
C GLY P 49 -35.62 6.04 -55.06
N GLU P 50 -35.02 5.92 -53.88
CA GLU P 50 -34.34 4.71 -53.46
C GLU P 50 -34.22 4.67 -51.94
N ILE P 51 -33.70 3.58 -51.40
CA ILE P 51 -33.60 3.43 -49.96
C ILE P 51 -32.45 2.52 -49.54
N LYS P 52 -31.98 2.68 -48.31
CA LYS P 52 -30.79 2.00 -47.83
C LYS P 52 -31.05 1.30 -46.49
N HIS P 53 -30.17 0.39 -46.11
CA HIS P 53 -30.23 -0.25 -44.79
C HIS P 53 -30.18 0.79 -43.68
N ASN P 54 -29.49 1.89 -43.94
CA ASN P 54 -29.36 2.98 -42.98
C ASN P 54 -30.70 3.55 -42.52
N GLY P 55 -31.62 3.67 -43.48
CA GLY P 55 -32.92 4.25 -43.20
C GLY P 55 -33.11 5.54 -43.97
N SER P 56 -32.00 6.06 -44.50
CA SER P 56 -32.03 7.28 -45.28
C SER P 56 -32.66 7.06 -46.64
N PRO P 57 -33.86 7.64 -46.85
CA PRO P 57 -34.56 7.52 -48.13
C PRO P 57 -34.24 8.68 -49.06
N ASN P 58 -34.01 8.38 -50.33
CA ASN P 58 -33.79 9.41 -51.33
C ASN P 58 -34.96 9.47 -52.29
N TYR P 59 -35.59 10.64 -52.40
CA TYR P 59 -36.80 10.80 -53.20
C TYR P 59 -36.64 11.85 -54.29
N HIS P 60 -37.51 11.80 -55.29
CA HIS P 60 -37.53 12.79 -56.36
C HIS P 60 -38.08 14.10 -55.82
N PRO P 61 -37.62 15.23 -56.37
CA PRO P 61 -38.13 16.52 -55.86
C PRO P 61 -39.64 16.73 -56.07
N SER P 62 -40.13 16.40 -57.25
CA SER P 62 -41.50 16.72 -57.63
C SER P 62 -42.55 15.84 -56.96
N LEU P 63 -42.14 15.01 -56.01
CA LEU P 63 -43.03 14.00 -55.43
C LEU P 63 -42.88 13.83 -53.92
N LYS P 64 -41.76 14.29 -53.36
CA LYS P 64 -41.42 14.00 -51.97
C LYS P 64 -42.50 14.41 -50.98
N SER P 65 -43.38 15.31 -51.40
CA SER P 65 -44.47 15.75 -50.54
C SER P 65 -45.49 14.64 -50.32
N ARG P 66 -45.35 13.52 -51.04
CA ARG P 66 -46.32 12.44 -51.00
C ARG P 66 -45.69 11.05 -50.98
N VAL P 67 -44.46 10.93 -51.46
CA VAL P 67 -43.86 9.61 -51.61
C VAL P 67 -43.31 9.12 -50.28
N THR P 68 -43.54 7.85 -49.97
CA THR P 68 -42.84 7.18 -48.89
C THR P 68 -42.31 5.84 -49.39
N ILE P 69 -41.02 5.60 -49.20
CA ILE P 69 -40.41 4.30 -49.48
C ILE P 69 -39.88 3.72 -48.19
N SER P 70 -40.13 2.44 -47.92
CA SER P 70 -39.78 1.85 -46.64
C SER P 70 -39.33 0.39 -46.80
N LEU P 71 -38.49 -0.06 -45.88
CA LEU P 71 -38.00 -1.44 -45.88
C LEU P 71 -38.65 -2.32 -44.81
N ASP P 72 -39.09 -3.52 -45.19
CA ASP P 72 -39.45 -4.55 -44.22
C ASP P 72 -38.36 -5.64 -44.16
N MET P 73 -37.36 -5.46 -43.31
CA MET P 73 -36.16 -6.30 -43.37
C MET P 73 -36.35 -7.76 -42.94
N SER P 74 -37.30 -8.02 -42.04
CA SER P 74 -37.53 -9.39 -41.56
C SER P 74 -38.09 -10.33 -42.64
N LYS P 75 -38.73 -9.76 -43.65
CA LYS P 75 -39.32 -10.52 -44.75
C LYS P 75 -38.59 -10.34 -46.09
N ASN P 76 -37.55 -9.51 -46.08
CA ASN P 76 -36.82 -9.13 -47.31
C ASN P 76 -37.73 -8.51 -48.36
N GLN P 77 -38.49 -7.51 -47.94
CA GLN P 77 -39.37 -6.76 -48.81
C GLN P 77 -39.20 -5.26 -48.62
N PHE P 78 -39.59 -4.49 -49.64
CA PHE P 78 -39.64 -3.04 -49.52
C PHE P 78 -40.88 -2.53 -50.25
N SER P 79 -41.31 -1.33 -49.91
CA SER P 79 -42.64 -0.85 -50.29
C SER P 79 -42.61 0.58 -50.81
N LEU P 80 -43.66 0.93 -51.56
CA LEU P 80 -43.83 2.27 -52.07
C LEU P 80 -45.20 2.75 -51.64
N ASN P 81 -45.24 3.93 -51.01
CA ASN P 81 -46.49 4.59 -50.69
C ASN P 81 -46.59 5.92 -51.42
N LEU P 82 -47.75 6.20 -52.02
CA LEU P 82 -47.96 7.50 -52.64
C LEU P 82 -49.35 8.02 -52.29
N THR P 83 -49.42 9.07 -51.48
CA THR P 83 -50.71 9.53 -50.97
C THR P 83 -51.29 10.52 -51.98
N SER P 84 -52.60 10.76 -51.89
CA SER P 84 -53.28 11.73 -52.74
C SER P 84 -52.90 11.61 -54.22
N VAL P 85 -53.13 10.45 -54.82
CA VAL P 85 -52.80 10.23 -56.22
C VAL P 85 -53.78 10.97 -57.13
N THR P 86 -53.30 11.46 -58.28
CA THR P 86 -54.18 12.03 -59.29
C THR P 86 -54.02 11.29 -60.61
N ALA P 87 -54.77 11.69 -61.63
CA ALA P 87 -54.64 11.05 -62.93
C ALA P 87 -53.21 11.15 -63.47
N ALA P 88 -52.52 12.22 -63.07
CA ALA P 88 -51.17 12.47 -63.56
C ALA P 88 -50.12 11.53 -62.96
N ASP P 89 -50.52 10.78 -61.94
CA ASP P 89 -49.64 9.80 -61.31
C ASP P 89 -49.85 8.42 -61.93
N THR P 90 -50.65 8.38 -62.98
CA THR P 90 -50.90 7.16 -63.75
C THR P 90 -49.63 6.76 -64.48
N ALA P 91 -49.19 5.53 -64.25
CA ALA P 91 -47.91 5.05 -64.76
C ALA P 91 -47.74 3.59 -64.41
N VAL P 92 -46.76 2.96 -65.03
CA VAL P 92 -46.26 1.66 -64.63
C VAL P 92 -45.16 1.83 -63.60
N TYR P 93 -45.31 1.16 -62.46
CA TYR P 93 -44.30 1.26 -61.41
C TYR P 93 -43.42 0.03 -61.35
N PHE P 94 -42.11 0.27 -61.40
CA PHE P 94 -41.08 -0.77 -61.34
C PHE P 94 -40.27 -0.68 -60.07
N CYS P 95 -39.84 -1.83 -59.55
CA CYS P 95 -38.80 -1.85 -58.53
C CYS P 95 -37.50 -2.30 -59.16
N ALA P 96 -36.37 -1.98 -58.53
CA ALA P 96 -35.07 -2.31 -59.07
C ALA P 96 -33.99 -2.23 -58.00
N ARG P 97 -32.94 -3.04 -58.16
CA ARG P 97 -31.79 -2.99 -57.27
C ARG P 97 -30.68 -2.14 -57.87
N ARG P 98 -29.88 -1.51 -57.01
CA ARG P 98 -28.73 -0.75 -57.45
C ARG P 98 -27.45 -1.55 -57.25
N SER P 99 -26.79 -1.90 -58.35
CA SER P 99 -25.55 -2.65 -58.29
C SER P 99 -24.46 -1.83 -57.62
N ASN P 100 -23.56 -2.50 -56.91
CA ASN P 100 -22.53 -1.84 -56.11
C ASN P 100 -21.21 -1.64 -56.85
N TRP P 101 -20.42 -0.69 -56.38
CA TRP P 101 -19.08 -0.47 -56.93
C TRP P 101 -18.25 0.63 -56.24
N PRO P 102 -18.90 1.71 -55.73
CA PRO P 102 -20.32 2.06 -55.64
C PRO P 102 -20.90 2.66 -56.91
N TYR P 103 -20.22 2.47 -58.04
CA TYR P 103 -20.85 2.68 -59.33
C TYR P 103 -22.16 1.91 -59.37
N LEU P 104 -23.22 2.58 -59.81
CA LEU P 104 -24.55 1.97 -59.88
C LEU P 104 -24.65 0.98 -61.06
N PRO P 105 -25.86 0.77 -61.64
CA PRO P 105 -27.19 1.25 -61.32
C PRO P 105 -28.26 0.15 -61.20
N PHE P 106 -29.39 0.35 -61.88
CA PHE P 106 -30.58 -0.49 -61.73
C PHE P 106 -30.45 -1.87 -62.37
N ASP P 107 -30.52 -2.92 -61.55
CA ASP P 107 -30.41 -4.31 -62.00
C ASP P 107 -30.37 -5.24 -60.79
N PRO P 108 -31.27 -6.26 -60.74
CA PRO P 108 -32.32 -6.64 -61.69
C PRO P 108 -33.61 -5.83 -61.58
N TRP P 109 -34.61 -6.19 -62.37
CA TRP P 109 -35.90 -5.50 -62.38
C TRP P 109 -37.11 -6.41 -62.15
N GLY P 110 -38.13 -5.85 -61.50
CA GLY P 110 -39.45 -6.45 -61.41
C GLY P 110 -40.23 -6.36 -62.71
N GLN P 111 -41.42 -6.96 -62.73
CA GLN P 111 -42.21 -7.03 -63.96
C GLN P 111 -43.03 -5.76 -64.10
N GLY P 112 -43.06 -4.95 -63.05
CA GLY P 112 -43.79 -3.69 -63.06
C GLY P 112 -45.23 -3.91 -62.62
N THR P 113 -45.83 -2.91 -61.99
CA THR P 113 -47.25 -3.01 -61.64
C THR P 113 -47.96 -1.84 -62.29
N LEU P 114 -48.99 -2.17 -63.07
CA LEU P 114 -49.83 -1.17 -63.71
C LEU P 114 -50.78 -0.51 -62.72
N VAL P 115 -50.69 0.83 -62.64
CA VAL P 115 -51.55 1.61 -61.76
C VAL P 115 -52.38 2.55 -62.62
N THR P 116 -53.70 2.44 -62.49
CA THR P 116 -54.62 3.27 -63.25
C THR P 116 -55.40 4.09 -62.24
N VAL P 117 -55.32 5.41 -62.39
CA VAL P 117 -56.04 6.34 -61.54
C VAL P 117 -57.18 7.03 -62.29
N SER P 118 -58.39 6.76 -61.85
CA SER P 118 -59.60 7.35 -62.42
C SER P 118 -60.72 7.30 -61.39
N SER P 119 -61.70 8.18 -61.54
CA SER P 119 -62.86 8.20 -60.66
C SER P 119 -63.90 7.19 -61.18
N ALA P 120 -63.65 6.68 -62.38
CA ALA P 120 -64.55 5.74 -63.04
C ALA P 120 -64.82 4.55 -62.11
N SER P 121 -66.05 4.05 -62.12
CA SER P 121 -66.42 2.88 -61.32
C SER P 121 -66.17 1.59 -62.11
N THR P 122 -65.85 0.52 -61.39
CA THR P 122 -65.64 -0.78 -62.01
C THR P 122 -66.85 -1.26 -62.78
N LYS P 123 -66.61 -1.70 -64.01
CA LYS P 123 -67.66 -2.19 -64.88
C LYS P 123 -67.07 -3.29 -65.75
N GLY P 124 -67.83 -4.37 -65.96
CA GLY P 124 -67.38 -5.46 -66.81
C GLY P 124 -67.57 -5.14 -68.27
N PRO P 125 -66.78 -5.78 -69.16
CA PRO P 125 -66.89 -5.45 -70.57
C PRO P 125 -68.10 -6.07 -71.24
N SER P 126 -68.67 -5.35 -72.19
CA SER P 126 -69.61 -5.94 -73.13
C SER P 126 -68.78 -6.47 -74.28
N VAL P 127 -69.09 -7.70 -74.68
CA VAL P 127 -68.43 -8.39 -75.78
C VAL P 127 -69.44 -8.50 -76.90
N PHE P 128 -69.10 -7.98 -78.06
CA PHE P 128 -70.00 -8.01 -79.21
C PHE P 128 -69.37 -8.82 -80.34
N PRO P 129 -70.20 -9.52 -81.14
CA PRO P 129 -69.62 -10.28 -82.25
C PRO P 129 -69.29 -9.42 -83.46
N LEU P 130 -68.18 -9.73 -84.13
CA LEU P 130 -67.91 -9.18 -85.45
C LEU P 130 -68.08 -10.28 -86.50
N ALA P 131 -69.28 -10.38 -87.05
CA ALA P 131 -69.71 -11.53 -87.84
C ALA P 131 -69.09 -11.55 -89.24
N PRO P 132 -68.69 -12.74 -89.73
CA PRO P 132 -68.19 -12.81 -91.10
C PRO P 132 -69.33 -12.67 -92.09
N SER P 133 -69.01 -12.08 -93.24
CA SER P 133 -69.98 -11.86 -94.30
C SER P 133 -69.39 -11.96 -95.71
N SER P 134 -70.25 -12.05 -96.71
CA SER P 134 -69.80 -12.26 -98.09
C SER P 134 -69.22 -10.99 -98.68
N LYS P 135 -69.43 -9.85 -98.02
CA LYS P 135 -68.58 -8.66 -98.16
C LYS P 135 -67.39 -8.57 -97.19
N SER P 136 -66.72 -9.70 -96.98
CA SER P 136 -65.70 -9.84 -95.93
C SER P 136 -64.83 -11.09 -96.16
N THR P 137 -65.07 -11.77 -97.28
CA THR P 137 -64.23 -12.88 -97.77
C THR P 137 -63.13 -12.38 -98.71
N SER P 138 -62.04 -11.88 -98.13
CA SER P 138 -60.91 -11.39 -98.90
C SER P 138 -60.16 -12.53 -99.58
N GLY P 139 -60.57 -12.84 -100.80
CA GLY P 139 -59.95 -13.87 -101.61
C GLY P 139 -59.89 -15.24 -100.95
N GLY P 140 -61.03 -15.68 -100.44
CA GLY P 140 -61.16 -16.99 -99.81
C GLY P 140 -60.71 -16.97 -98.37
N THR P 141 -60.48 -15.76 -97.85
CA THR P 141 -60.17 -15.56 -96.44
C THR P 141 -61.22 -14.64 -95.86
N ALA P 142 -61.95 -15.12 -94.86
CA ALA P 142 -62.93 -14.30 -94.17
C ALA P 142 -62.31 -13.75 -92.90
N ALA P 143 -62.84 -12.63 -92.41
CA ALA P 143 -62.42 -12.07 -91.13
C ALA P 143 -63.61 -11.92 -90.19
N LEU P 144 -63.34 -12.19 -88.92
CA LEU P 144 -64.34 -12.05 -87.87
C LEU P 144 -63.62 -11.68 -86.58
N GLY P 145 -64.39 -11.34 -85.55
CA GLY P 145 -63.80 -10.91 -84.31
C GLY P 145 -64.80 -10.68 -83.20
N CYS P 146 -64.34 -10.04 -82.14
CA CYS P 146 -65.17 -9.67 -81.01
C CYS P 146 -64.77 -8.27 -80.58
N LEU P 147 -65.76 -7.41 -80.41
CA LEU P 147 -65.52 -6.08 -79.87
C LEU P 147 -65.77 -6.16 -78.38
N VAL P 148 -64.74 -5.90 -77.58
CA VAL P 148 -64.87 -5.97 -76.13
C VAL P 148 -64.88 -4.53 -75.60
N LYS P 149 -66.05 -4.08 -75.20
CA LYS P 149 -66.30 -2.65 -75.03
C LYS P 149 -66.79 -2.25 -73.63
N ASP P 150 -66.40 -1.05 -73.21
CA ASP P 150 -66.93 -0.41 -72.00
C ASP P 150 -66.68 -1.18 -70.69
N TYR P 151 -65.42 -1.38 -70.37
CA TYR P 151 -64.98 -2.00 -69.12
C TYR P 151 -63.96 -1.15 -68.39
N PHE P 152 -63.78 -1.41 -67.11
CA PHE P 152 -62.83 -0.66 -66.30
C PHE P 152 -62.44 -1.37 -65.00
N PRO P 153 -61.12 -1.38 -64.68
CA PRO P 153 -60.03 -0.83 -65.50
C PRO P 153 -59.43 -1.86 -66.45
N GLU P 154 -58.28 -1.56 -67.06
CA GLU P 154 -57.55 -2.57 -67.82
C GLU P 154 -56.90 -3.62 -66.91
N PRO P 155 -56.51 -4.78 -67.48
CA PRO P 155 -56.74 -5.17 -68.87
C PRO P 155 -57.77 -6.28 -68.96
N VAL P 156 -58.10 -6.66 -70.20
CA VAL P 156 -58.81 -7.89 -70.47
C VAL P 156 -57.92 -8.76 -71.33
N THR P 157 -58.15 -10.08 -71.27
CA THR P 157 -57.47 -11.02 -72.14
C THR P 157 -58.51 -11.56 -73.11
N VAL P 158 -58.06 -11.84 -74.33
CA VAL P 158 -58.94 -12.39 -75.33
C VAL P 158 -58.22 -13.55 -76.00
N SER P 159 -58.90 -14.69 -76.05
CA SER P 159 -58.43 -15.86 -76.78
C SER P 159 -59.51 -16.35 -77.74
N TRP P 160 -59.16 -17.34 -78.55
CA TRP P 160 -60.07 -17.91 -79.54
C TRP P 160 -60.12 -19.43 -79.47
N ASN P 161 -61.33 -19.97 -79.38
CA ASN P 161 -61.54 -21.40 -79.21
C ASN P 161 -60.72 -21.94 -78.04
N SER P 162 -60.80 -21.24 -76.92
CA SER P 162 -60.15 -21.67 -75.68
C SER P 162 -58.65 -21.83 -75.88
N GLY P 163 -58.12 -21.09 -76.86
CA GLY P 163 -56.69 -21.09 -77.11
C GLY P 163 -56.28 -21.98 -78.26
N ALA P 164 -57.25 -22.62 -78.91
CA ALA P 164 -56.93 -23.50 -80.04
C ALA P 164 -56.74 -22.71 -81.32
N LEU P 165 -57.47 -21.61 -81.46
CA LEU P 165 -57.32 -20.77 -82.64
C LEU P 165 -56.38 -19.64 -82.26
N THR P 166 -55.23 -19.64 -82.91
CA THR P 166 -54.10 -18.82 -82.56
C THR P 166 -53.60 -18.19 -83.84
N SER P 167 -53.66 -18.92 -84.93
CA SER P 167 -53.25 -18.37 -86.20
C SER P 167 -54.25 -17.32 -86.64
N GLY P 168 -53.73 -16.19 -87.11
CA GLY P 168 -54.53 -15.13 -87.64
C GLY P 168 -55.23 -14.29 -86.58
N VAL P 169 -54.92 -14.51 -85.30
CA VAL P 169 -55.56 -13.71 -84.26
C VAL P 169 -54.76 -12.43 -84.01
N HIS P 170 -55.48 -11.32 -83.95
CA HIS P 170 -54.94 -10.03 -83.54
C HIS P 170 -55.79 -9.38 -82.47
N THR P 171 -55.25 -9.24 -81.27
CA THR P 171 -55.95 -8.54 -80.20
C THR P 171 -55.39 -7.15 -80.00
N PHE P 172 -56.15 -6.15 -80.41
CA PHE P 172 -55.68 -4.77 -80.39
C PHE P 172 -55.56 -4.22 -78.98
N PRO P 173 -54.65 -3.26 -78.77
CA PRO P 173 -54.61 -2.57 -77.48
C PRO P 173 -55.93 -1.90 -77.18
N ALA P 174 -56.35 -1.95 -75.92
CA ALA P 174 -57.56 -1.27 -75.50
C ALA P 174 -57.37 0.21 -75.74
N VAL P 175 -58.45 0.91 -76.07
CA VAL P 175 -58.42 2.36 -76.13
C VAL P 175 -59.36 2.94 -75.09
N LEU P 176 -58.93 4.05 -74.50
CA LEU P 176 -59.75 4.76 -73.54
C LEU P 176 -60.66 5.73 -74.27
N GLN P 177 -61.97 5.50 -74.18
CA GLN P 177 -62.94 6.37 -74.85
C GLN P 177 -63.09 7.64 -73.99
N SER P 178 -63.75 8.65 -74.55
CA SER P 178 -63.93 9.92 -73.84
C SER P 178 -64.89 9.83 -72.64
N SER P 179 -65.56 8.68 -72.51
CA SER P 179 -66.47 8.40 -71.39
C SER P 179 -65.72 7.89 -70.13
N GLY P 180 -64.47 7.46 -70.32
CA GLY P 180 -63.64 6.86 -69.29
C GLY P 180 -63.65 5.36 -69.16
N LEU P 181 -64.37 4.70 -70.07
CA LEU P 181 -64.40 3.23 -70.10
C LEU P 181 -63.56 2.80 -71.29
N TYR P 182 -62.95 1.63 -71.18
CA TYR P 182 -62.08 1.10 -72.22
C TYR P 182 -62.85 0.33 -73.28
N SER P 183 -62.22 0.20 -74.44
CA SER P 183 -62.78 -0.53 -75.57
C SER P 183 -61.62 -1.13 -76.35
N LEU P 184 -61.90 -2.22 -77.04
CA LEU P 184 -60.87 -3.07 -77.60
C LEU P 184 -61.48 -3.98 -78.65
N SER P 185 -60.70 -4.33 -79.67
CA SER P 185 -61.17 -5.32 -80.63
C SER P 185 -60.18 -6.45 -80.75
N SER P 186 -60.74 -7.64 -80.94
CA SER P 186 -59.98 -8.84 -81.27
C SER P 186 -60.52 -9.41 -82.55
N VAL P 187 -59.65 -9.64 -83.53
CA VAL P 187 -60.10 -10.14 -84.82
C VAL P 187 -59.32 -11.40 -85.15
N VAL P 188 -59.83 -12.16 -86.12
CA VAL P 188 -59.14 -13.34 -86.56
C VAL P 188 -59.53 -13.59 -88.02
N THR P 189 -58.56 -13.97 -88.84
CA THR P 189 -58.84 -14.37 -90.22
C THR P 189 -58.82 -15.89 -90.42
N VAL P 190 -59.85 -16.41 -91.06
CA VAL P 190 -59.98 -17.85 -91.29
C VAL P 190 -60.40 -18.12 -92.73
N PRO P 191 -60.25 -19.37 -93.19
CA PRO P 191 -60.73 -19.74 -94.54
C PRO P 191 -62.25 -19.61 -94.65
N SER P 192 -62.74 -19.11 -95.78
CA SER P 192 -64.18 -18.97 -95.95
C SER P 192 -64.87 -20.33 -95.88
N SER P 193 -64.25 -21.34 -96.50
CA SER P 193 -64.86 -22.66 -96.58
C SER P 193 -65.10 -23.25 -95.18
N SER P 194 -64.30 -22.81 -94.22
CA SER P 194 -64.35 -23.35 -92.86
C SER P 194 -65.48 -22.71 -92.05
N LEU P 195 -66.04 -21.63 -92.58
CA LEU P 195 -67.03 -20.84 -91.86
C LEU P 195 -68.23 -21.70 -91.53
N GLY P 196 -68.57 -22.57 -92.47
CA GLY P 196 -69.73 -23.43 -92.35
C GLY P 196 -69.46 -24.71 -91.57
N THR P 197 -68.21 -24.96 -91.20
CA THR P 197 -67.83 -26.25 -90.62
C THR P 197 -66.95 -26.14 -89.36
N GLN P 198 -66.70 -24.92 -88.90
CA GLN P 198 -65.84 -24.69 -87.75
C GLN P 198 -66.48 -23.63 -86.84
N THR P 199 -66.50 -23.90 -85.54
CA THR P 199 -67.09 -22.97 -84.59
C THR P 199 -66.01 -22.01 -84.13
N TYR P 200 -66.36 -20.74 -83.97
CA TYR P 200 -65.39 -19.76 -83.48
C TYR P 200 -65.95 -19.00 -82.29
N ILE P 201 -65.29 -19.14 -81.15
CA ILE P 201 -65.72 -18.48 -79.93
C ILE P 201 -64.55 -17.70 -79.34
N CYS P 202 -64.76 -16.41 -79.07
CA CYS P 202 -63.76 -15.63 -78.35
C CYS P 202 -64.06 -15.66 -76.84
N ASN P 203 -63.01 -15.93 -76.06
CA ASN P 203 -63.10 -15.94 -74.60
C ASN P 203 -62.48 -14.69 -73.99
N VAL P 204 -63.27 -14.00 -73.18
CA VAL P 204 -62.92 -12.70 -72.62
C VAL P 204 -63.03 -12.75 -71.10
N ASN P 205 -61.99 -12.32 -70.41
CA ASN P 205 -61.97 -12.30 -68.95
C ASN P 205 -61.64 -10.95 -68.34
N HIS P 206 -62.51 -10.52 -67.43
CA HIS P 206 -62.30 -9.29 -66.67
C HIS P 206 -62.38 -9.51 -65.15
N LYS P 207 -61.24 -9.79 -64.56
CA LYS P 207 -61.14 -10.15 -63.14
C LYS P 207 -61.68 -9.16 -62.10
N PRO P 208 -61.41 -7.84 -62.28
CA PRO P 208 -61.93 -6.86 -61.30
C PRO P 208 -63.42 -6.90 -60.99
N SER P 209 -64.22 -7.41 -61.92
CA SER P 209 -65.67 -7.57 -61.71
C SER P 209 -66.06 -9.00 -62.04
N ASN P 210 -65.05 -9.88 -62.07
CA ASN P 210 -65.25 -11.27 -62.45
C ASN P 210 -66.23 -11.45 -63.61
N THR P 211 -65.89 -10.88 -64.76
CA THR P 211 -66.74 -11.00 -65.94
C THR P 211 -65.93 -11.88 -66.87
N LYS P 212 -66.55 -12.99 -67.26
CA LYS P 212 -65.99 -13.93 -68.20
C LYS P 212 -67.00 -14.19 -69.31
N VAL P 213 -66.63 -13.92 -70.56
CA VAL P 213 -67.56 -14.07 -71.68
C VAL P 213 -66.99 -14.98 -72.75
N ASP P 214 -67.85 -15.89 -73.19
CA ASP P 214 -67.63 -16.71 -74.37
C ASP P 214 -68.70 -16.38 -75.39
N LYS P 215 -68.27 -15.95 -76.56
CA LYS P 215 -69.16 -15.59 -77.66
C LYS P 215 -68.92 -16.26 -78.99
N LYS P 216 -69.86 -17.10 -79.39
CA LYS P 216 -69.80 -17.71 -80.70
C LYS P 216 -70.09 -16.59 -81.69
N VAL P 217 -69.33 -16.59 -82.78
CA VAL P 217 -69.41 -15.56 -83.80
C VAL P 217 -69.93 -16.28 -85.01
N GLU P 218 -71.17 -15.98 -85.41
CA GLU P 218 -71.80 -16.70 -86.50
C GLU P 218 -71.90 -15.79 -87.70
N PRO P 219 -71.82 -16.37 -88.91
CA PRO P 219 -71.91 -15.52 -90.11
C PRO P 219 -73.23 -14.78 -90.25
N LYS P 220 -73.26 -13.83 -91.17
CA LYS P 220 -74.50 -13.15 -91.53
C LYS P 220 -74.50 -12.79 -93.01
CA ASN Q 6 -42.45 38.71 26.54
C ASN Q 6 -42.30 37.58 27.56
N THR Q 7 -43.44 37.10 28.06
CA THR Q 7 -43.48 36.07 29.09
C THR Q 7 -43.48 34.68 28.46
N THR Q 8 -43.05 33.68 29.23
CA THR Q 8 -43.01 32.30 28.76
C THR Q 8 -44.41 31.70 28.61
N LEU Q 9 -44.61 30.95 27.53
CA LEU Q 9 -45.90 30.34 27.22
C LEU Q 9 -45.95 28.86 27.59
N PHE Q 10 -47.15 28.33 27.80
CA PHE Q 10 -47.39 26.89 27.79
C PHE Q 10 -47.95 26.51 26.42
N CYS Q 11 -48.28 25.24 26.25
CA CYS Q 11 -48.87 24.76 25.01
C CYS Q 11 -50.12 23.93 25.29
N ALA Q 12 -50.72 23.42 24.21
CA ALA Q 12 -51.91 22.58 24.32
C ALA Q 12 -51.95 21.61 23.15
N SER Q 13 -52.49 20.41 23.39
CA SER Q 13 -52.48 19.37 22.37
C SER Q 13 -53.49 18.26 22.62
N ASP Q 14 -53.97 17.66 21.54
CA ASP Q 14 -54.78 16.45 21.62
C ASP Q 14 -53.86 15.24 21.53
N ALA Q 15 -53.65 14.57 22.66
CA ALA Q 15 -52.73 13.45 22.72
C ALA Q 15 -53.14 12.44 23.79
N LYS Q 16 -53.33 11.20 23.37
CA LYS Q 16 -53.73 10.13 24.28
C LYS Q 16 -52.59 9.77 25.22
N ALA Q 17 -52.94 9.33 26.42
CA ALA Q 17 -51.96 8.99 27.44
C ALA Q 17 -51.36 7.61 27.21
N TYR Q 18 -52.03 6.80 26.37
CA TYR Q 18 -51.57 5.45 26.08
C TYR Q 18 -50.73 5.37 24.82
N ASP Q 19 -51.25 5.94 23.74
CA ASP Q 19 -50.60 5.87 22.43
C ASP Q 19 -49.12 6.21 22.53
N THR Q 20 -48.29 5.18 22.60
CA THR Q 20 -46.86 5.37 22.83
C THR Q 20 -46.10 5.61 21.53
N GLU Q 21 -46.33 6.76 20.92
CA GLU Q 21 -45.42 7.27 19.90
C GLU Q 21 -44.61 8.37 20.54
N VAL Q 22 -43.57 8.82 19.86
CA VAL Q 22 -42.69 9.85 20.40
C VAL Q 22 -43.46 11.09 20.84
N HIS Q 23 -44.50 11.45 20.11
CA HIS Q 23 -45.21 12.70 20.35
C HIS Q 23 -46.24 12.58 21.47
N ASN Q 24 -47.14 11.61 21.37
CA ASN Q 24 -48.22 11.49 22.33
C ASN Q 24 -47.75 11.14 23.74
N VAL Q 25 -46.48 10.79 23.89
CA VAL Q 25 -45.90 10.55 25.21
C VAL Q 25 -45.50 11.89 25.83
N TRP Q 26 -44.64 12.61 25.13
CA TRP Q 26 -44.16 13.90 25.62
C TRP Q 26 -45.25 14.96 25.58
N ALA Q 27 -46.15 14.85 24.61
CA ALA Q 27 -47.27 15.78 24.49
C ALA Q 27 -48.20 15.64 25.68
N THR Q 28 -48.21 14.45 26.28
CA THR Q 28 -49.00 14.19 27.47
C THR Q 28 -48.11 14.26 28.70
N HIS Q 29 -47.14 15.18 28.66
CA HIS Q 29 -46.29 15.44 29.82
C HIS Q 29 -45.70 16.85 29.75
N ALA Q 30 -46.34 17.72 28.98
CA ALA Q 30 -45.89 19.10 28.82
C ALA Q 30 -46.96 20.01 28.22
N CYS Q 31 -48.19 19.50 28.10
CA CYS Q 31 -49.28 20.26 27.49
C CYS Q 31 -50.63 19.94 28.15
N VAL Q 32 -51.70 20.51 27.60
CA VAL Q 32 -53.03 20.42 28.18
C VAL Q 32 -54.08 20.36 27.06
N PRO Q 33 -55.23 19.69 27.30
CA PRO Q 33 -56.24 19.59 26.25
C PRO Q 33 -56.77 20.93 25.71
N THR Q 34 -57.45 21.72 26.54
CA THR Q 34 -58.03 23.01 26.12
C THR Q 34 -59.20 22.76 25.16
N ASP Q 35 -60.03 23.76 24.85
CA ASP Q 35 -59.88 25.17 25.26
C ASP Q 35 -61.23 25.77 25.63
N PRO Q 36 -61.24 27.05 26.08
CA PRO Q 36 -62.51 27.76 26.30
C PRO Q 36 -63.20 28.09 24.99
N SER Q 37 -64.37 27.51 24.79
CA SER Q 37 -65.16 27.84 23.60
C SER Q 37 -65.59 29.30 23.71
N PRO Q 38 -66.04 29.90 22.58
CA PRO Q 38 -66.08 29.34 21.22
C PRO Q 38 -65.12 30.02 20.24
N GLN Q 39 -65.42 31.26 19.87
CA GLN Q 39 -64.81 31.91 18.72
C GLN Q 39 -63.77 32.97 19.11
N GLU Q 40 -63.23 33.63 18.09
CA GLU Q 40 -62.27 34.71 18.30
C GLU Q 40 -62.98 36.03 18.59
N LEU Q 41 -62.56 36.71 19.65
CA LEU Q 41 -63.13 38.00 20.01
C LEU Q 41 -62.64 39.08 19.05
N LYS Q 42 -63.51 39.51 18.15
CA LYS Q 42 -63.14 40.47 17.11
C LYS Q 42 -63.23 41.91 17.60
N MET Q 43 -62.34 42.76 17.10
CA MET Q 43 -62.32 44.17 17.44
C MET Q 43 -62.79 45.01 16.26
N GLU Q 44 -62.99 46.30 16.50
CA GLU Q 44 -63.47 47.22 15.47
C GLU Q 44 -62.72 48.54 15.53
N ASN Q 45 -62.35 49.05 14.35
CA ASN Q 45 -61.66 50.33 14.24
C ASN Q 45 -60.34 50.37 14.99
N VAL Q 46 -59.77 49.19 15.22
CA VAL Q 46 -58.46 49.05 15.88
C VAL Q 46 -57.38 48.72 14.85
N THR Q 47 -56.27 49.45 14.91
CA THR Q 47 -55.11 49.19 14.07
C THR Q 47 -53.92 48.80 14.93
N GLU Q 48 -53.24 47.73 14.53
CA GLU Q 48 -52.09 47.22 15.26
C GLU Q 48 -50.98 46.81 14.30
N GLU Q 49 -49.75 47.16 14.64
CA GLU Q 49 -48.58 46.79 13.84
C GLU Q 49 -48.12 45.37 14.15
N PHE Q 50 -47.73 44.64 13.11
CA PHE Q 50 -47.19 43.30 13.26
C PHE Q 50 -45.84 43.17 12.57
N ASN Q 51 -45.04 42.22 13.04
CA ASN Q 51 -43.77 41.89 12.41
C ASN Q 51 -43.46 40.42 12.66
N MET Q 52 -43.80 39.57 11.69
CA MET Q 52 -43.64 38.13 11.82
C MET Q 52 -42.19 37.72 12.03
N TRP Q 53 -41.27 38.61 11.65
CA TRP Q 53 -39.84 38.31 11.68
C TRP Q 53 -39.21 38.62 13.03
N LYS Q 54 -39.96 39.29 13.90
CA LYS Q 54 -39.54 39.50 15.29
C LYS Q 54 -40.70 39.12 16.20
N ASN Q 55 -40.79 37.83 16.50
CA ASN Q 55 -41.90 37.28 17.25
C ASN Q 55 -41.39 36.24 18.23
N ASN Q 56 -41.40 36.59 19.52
CA ASN Q 56 -40.76 35.77 20.55
C ASN Q 56 -41.29 34.34 20.62
N MET Q 57 -42.53 34.13 20.19
CA MET Q 57 -43.14 32.80 20.20
C MET Q 57 -42.36 31.85 19.27
N VAL Q 58 -41.73 32.40 18.25
CA VAL Q 58 -40.92 31.62 17.32
C VAL Q 58 -39.69 31.05 18.02
N GLU Q 59 -39.02 31.90 18.80
CA GLU Q 59 -37.81 31.48 19.50
C GLU Q 59 -38.11 30.35 20.49
N GLN Q 60 -39.25 30.46 21.17
CA GLN Q 60 -39.63 29.47 22.17
C GLN Q 60 -39.99 28.13 21.53
N MET Q 61 -40.65 28.19 20.38
CA MET Q 61 -41.02 26.98 19.65
C MET Q 61 -39.79 26.19 19.24
N HIS Q 62 -38.79 26.89 18.75
CA HIS Q 62 -37.55 26.27 18.30
C HIS Q 62 -36.94 25.41 19.40
N THR Q 63 -36.95 25.92 20.62
CA THR Q 63 -36.39 25.21 21.75
C THR Q 63 -37.23 24.00 22.16
N ASP Q 64 -38.53 24.09 21.97
CA ASP Q 64 -39.43 23.02 22.39
C ASP Q 64 -39.32 21.78 21.50
N ILE Q 65 -39.23 21.98 20.19
CA ILE Q 65 -39.10 20.87 19.25
C ILE Q 65 -37.76 20.17 19.45
N ILE Q 66 -36.74 20.94 19.82
CA ILE Q 66 -35.42 20.40 20.14
C ILE Q 66 -35.51 19.47 21.34
N SER Q 67 -36.26 19.88 22.35
CA SER Q 67 -36.44 19.08 23.56
C SER Q 67 -37.12 17.76 23.21
N LEU Q 68 -38.13 17.85 22.34
CA LEU Q 68 -38.88 16.69 21.89
C LEU Q 68 -37.94 15.70 21.21
N TRP Q 69 -37.23 16.16 20.19
CA TRP Q 69 -36.34 15.30 19.41
C TRP Q 69 -35.24 14.70 20.26
N ASP Q 70 -34.66 15.51 21.14
CA ASP Q 70 -33.55 15.07 21.98
C ASP Q 70 -33.97 13.99 22.96
N GLN Q 71 -35.21 14.08 23.43
CA GLN Q 71 -35.72 13.13 24.42
C GLN Q 71 -36.39 11.91 23.80
N SER Q 72 -36.80 12.04 22.54
CA SER Q 72 -37.61 11.02 21.87
C SER Q 72 -36.79 10.18 20.89
N LEU Q 73 -36.09 10.84 19.98
CA LEU Q 73 -35.28 10.16 18.97
C LEU Q 73 -33.80 10.17 19.34
N LYS Q 74 -33.36 9.13 20.04
CA LYS Q 74 -31.98 9.04 20.51
C LYS Q 74 -31.08 8.42 19.46
N PRO Q 75 -30.05 9.16 19.02
CA PRO Q 75 -29.09 8.59 18.08
C PRO Q 75 -28.03 7.75 18.80
N CYS Q 76 -27.43 6.78 18.11
CA CYS Q 76 -26.42 5.91 18.72
C CYS Q 76 -25.13 6.66 19.01
N VAL Q 77 -24.79 7.59 18.13
CA VAL Q 77 -23.54 8.33 18.22
C VAL Q 77 -23.74 9.80 17.83
N GLN Q 78 -23.05 10.69 18.52
CA GLN Q 78 -23.07 12.12 18.21
C GLN Q 78 -21.65 12.67 18.17
N LEU Q 79 -21.38 13.55 17.20
CA LEU Q 79 -20.09 14.23 17.10
C LEU Q 79 -20.29 15.75 17.11
N THR Q 80 -19.73 16.41 18.12
CA THR Q 80 -19.75 17.87 18.20
C THR Q 80 -18.44 18.40 18.75
N GLY Q 81 -17.80 19.29 17.98
CA GLY Q 81 -16.55 19.92 18.39
C GLY Q 81 -15.47 18.94 18.76
N GLY Q 82 -15.34 17.88 17.97
CA GLY Q 82 -14.31 16.88 18.22
C GLY Q 82 -14.63 15.96 19.38
N SER Q 83 -15.77 16.18 20.03
CA SER Q 83 -16.19 15.36 21.16
C SER Q 83 -17.27 14.37 20.74
N ALA Q 84 -17.16 13.13 21.22
CA ALA Q 84 -18.09 12.07 20.85
C ALA Q 84 -19.00 11.68 22.01
N LEU Q 85 -20.29 11.49 21.70
CA LEU Q 85 -21.31 11.13 22.68
C LEU Q 85 -22.07 9.90 22.20
N THR Q 86 -22.21 8.91 23.08
CA THR Q 86 -22.92 7.68 22.75
C THR Q 86 -24.05 7.38 23.75
N GLN Q 87 -25.05 6.64 23.28
CA GLN Q 87 -26.22 6.31 24.08
C GLN Q 87 -27.00 5.17 23.42
N ALA Q 88 -28.00 4.65 24.12
CA ALA Q 88 -28.89 3.63 23.56
C ALA Q 88 -29.71 4.26 22.45
N CYS Q 89 -30.07 3.47 21.45
CA CYS Q 89 -30.78 3.98 20.28
C CYS Q 89 -31.84 3.01 19.76
N PRO Q 90 -32.95 2.89 20.50
CA PRO Q 90 -34.07 2.05 20.04
C PRO Q 90 -34.87 2.71 18.91
N LYS Q 91 -35.39 1.91 17.99
CA LYS Q 91 -36.25 2.42 16.93
C LYS Q 91 -37.63 2.77 17.51
N VAL Q 92 -38.27 3.78 16.93
CA VAL Q 92 -39.55 4.27 17.44
C VAL Q 92 -40.54 4.53 16.32
N THR Q 93 -41.80 4.72 16.71
CA THR Q 93 -42.84 5.14 15.78
C THR Q 93 -42.96 6.67 15.87
N PHE Q 94 -43.11 7.31 14.71
CA PHE Q 94 -42.95 8.76 14.60
C PHE Q 94 -44.01 9.38 13.69
N GLU Q 95 -44.67 10.44 14.17
CA GLU Q 95 -45.75 11.08 13.42
C GLU Q 95 -46.14 12.43 14.05
N PRO Q 96 -46.37 13.46 13.22
CA PRO Q 96 -46.75 14.80 13.74
C PRO Q 96 -48.09 14.86 14.47
N ILE Q 97 -48.30 15.95 15.22
CA ILE Q 97 -49.51 16.13 16.04
C ILE Q 97 -49.90 17.62 16.09
N PRO Q 98 -51.20 17.93 16.04
CA PRO Q 98 -51.60 19.35 16.17
C PRO Q 98 -51.31 19.95 17.55
N ILE Q 99 -50.49 21.00 17.59
CA ILE Q 99 -50.17 21.70 18.83
C ILE Q 99 -50.82 23.09 18.85
N HIS Q 100 -51.26 23.50 20.03
CA HIS Q 100 -51.81 24.83 20.22
C HIS Q 100 -51.07 25.55 21.35
N TYR Q 101 -50.42 26.65 21.02
CA TYR Q 101 -49.74 27.47 22.02
C TYR Q 101 -50.70 28.50 22.58
N CYS Q 102 -50.54 28.81 23.87
CA CYS Q 102 -51.53 29.59 24.59
C CYS Q 102 -50.89 30.61 25.53
N ALA Q 103 -51.61 31.70 25.78
CA ALA Q 103 -51.12 32.78 26.64
C ALA Q 103 -51.44 32.50 28.11
N PRO Q 104 -50.46 32.70 29.01
CA PRO Q 104 -50.69 32.49 30.43
C PRO Q 104 -51.59 33.56 31.06
N ALA Q 105 -51.80 33.47 32.37
CA ALA Q 105 -52.59 34.46 33.10
C ALA Q 105 -51.89 35.81 33.11
N GLY Q 106 -52.49 36.79 32.43
CA GLY Q 106 -51.95 38.14 32.37
C GLY Q 106 -51.61 38.56 30.94
N TYR Q 107 -51.76 37.64 30.00
CA TYR Q 107 -51.43 37.92 28.59
C TYR Q 107 -52.49 37.38 27.64
N ALA Q 108 -52.69 38.10 26.54
CA ALA Q 108 -53.61 37.70 25.49
C ALA Q 108 -52.85 37.57 24.18
N ILE Q 109 -53.54 37.18 23.12
CA ILE Q 109 -52.91 36.95 21.82
C ILE Q 109 -53.73 37.60 20.71
N LEU Q 110 -53.21 38.70 20.17
CA LEU Q 110 -53.83 39.35 19.03
C LEU Q 110 -53.66 38.46 17.79
N LYS Q 111 -54.70 38.43 16.96
CA LYS Q 111 -54.70 37.61 15.76
C LYS Q 111 -55.02 38.45 14.53
N CYS Q 112 -54.09 38.45 13.57
CA CYS Q 112 -54.27 39.23 12.34
C CYS Q 112 -55.09 38.45 11.32
N ASN Q 113 -56.30 38.93 11.07
CA ASN Q 113 -57.22 38.28 10.14
C ASN Q 113 -57.29 39.01 8.79
N ASP Q 114 -56.45 40.02 8.62
CA ASP Q 114 -56.40 40.76 7.37
C ASP Q 114 -56.02 39.84 6.21
N LYS Q 115 -56.68 40.01 5.08
CA LYS Q 115 -56.47 39.15 3.92
C LYS Q 115 -55.13 39.42 3.24
N GLU Q 116 -54.64 40.65 3.39
CA GLU Q 116 -53.52 41.20 2.61
C GLU Q 116 -52.54 40.14 2.05
N PHE Q 117 -51.50 39.63 2.74
CA PHE Q 117 -50.84 40.14 3.94
C PHE Q 117 -49.38 39.70 3.87
N ASN Q 118 -48.47 40.66 3.88
CA ASN Q 118 -47.06 40.39 3.62
C ASN Q 118 -46.24 40.14 4.89
N GLY Q 119 -46.91 40.16 6.04
CA GLY Q 119 -46.28 39.83 7.30
C GLY Q 119 -45.73 41.03 8.07
N THR Q 120 -45.78 42.20 7.44
CA THR Q 120 -45.31 43.43 8.07
C THR Q 120 -46.32 44.56 7.89
N GLY Q 121 -46.34 45.48 8.84
CA GLY Q 121 -47.19 46.66 8.75
C GLY Q 121 -48.48 46.53 9.52
N LEU Q 122 -49.42 47.40 9.18
CA LEU Q 122 -50.67 47.54 9.94
C LEU Q 122 -51.65 46.40 9.67
N CYS Q 123 -52.33 45.96 10.72
CA CYS Q 123 -53.42 45.00 10.63
C CYS Q 123 -54.69 45.65 11.17
N LYS Q 124 -55.74 45.68 10.35
CA LYS Q 124 -56.94 46.44 10.66
C LYS Q 124 -58.12 45.59 11.15
N ASN Q 125 -57.98 44.27 11.07
CA ASN Q 125 -58.99 43.36 11.60
C ASN Q 125 -58.39 42.46 12.69
N VAL Q 126 -58.11 43.06 13.84
CA VAL Q 126 -57.40 42.37 14.91
C VAL Q 126 -58.36 41.78 15.94
N SER Q 127 -58.57 40.46 15.86
CA SER Q 127 -59.30 39.75 16.90
C SER Q 127 -58.30 39.27 17.94
N THR Q 128 -58.80 38.59 18.98
CA THR Q 128 -57.92 38.05 20.02
C THR Q 128 -58.37 36.66 20.46
N VAL Q 129 -57.42 35.72 20.37
CA VAL Q 129 -57.62 34.36 20.87
C VAL Q 129 -56.85 34.19 22.17
N GLN Q 130 -57.09 33.07 22.85
CA GLN Q 130 -56.34 32.72 24.05
C GLN Q 130 -55.32 31.62 23.72
N CYS Q 131 -55.53 30.94 22.59
CA CYS Q 131 -54.62 29.91 22.12
C CYS Q 131 -54.64 29.82 20.58
N THR Q 132 -53.47 29.54 20.01
CA THR Q 132 -53.31 29.58 18.56
C THR Q 132 -53.88 28.33 17.87
N HIS Q 133 -53.60 28.20 16.57
CA HIS Q 133 -54.11 27.10 15.78
C HIS Q 133 -53.23 25.85 15.86
N GLY Q 134 -53.69 24.76 15.25
CA GLY Q 134 -52.98 23.51 15.26
C GLY Q 134 -51.74 23.54 14.38
N ILE Q 135 -50.59 23.64 15.02
CA ILE Q 135 -49.30 23.70 14.33
C ILE Q 135 -48.63 22.33 14.28
N ARG Q 136 -48.40 21.82 13.08
CA ARG Q 136 -47.71 20.55 12.91
C ARG Q 136 -46.20 20.75 13.09
N PRO Q 137 -45.58 20.09 14.08
CA PRO Q 137 -44.15 20.28 14.30
C PRO Q 137 -43.28 19.57 13.26
N VAL Q 138 -43.43 19.94 12.00
CA VAL Q 138 -42.68 19.32 10.92
C VAL Q 138 -41.29 19.92 10.79
N VAL Q 139 -40.28 19.08 11.01
CA VAL Q 139 -38.89 19.46 10.78
C VAL Q 139 -38.49 19.04 9.37
N SER Q 140 -38.24 20.03 8.51
CA SER Q 140 -37.95 19.74 7.11
C SER Q 140 -37.19 20.89 6.44
N THR Q 141 -36.71 20.63 5.23
CA THR Q 141 -36.03 21.64 4.44
C THR Q 141 -36.72 21.81 3.09
N GLN Q 142 -36.51 22.98 2.49
CA GLN Q 142 -37.03 23.29 1.15
C GLN Q 142 -38.56 23.32 1.11
N LEU Q 143 -39.19 22.17 1.33
CA LEU Q 143 -40.64 22.07 1.27
C LEU Q 143 -41.28 22.08 2.66
N LEU Q 144 -42.35 22.84 2.80
CA LEU Q 144 -43.14 22.88 4.03
C LEU Q 144 -44.32 21.93 3.92
N LEU Q 145 -44.42 21.02 4.87
CA LEU Q 145 -45.41 19.95 4.81
C LEU Q 145 -46.47 20.08 5.90
N ASN Q 146 -47.69 19.68 5.57
CA ASN Q 146 -48.79 19.65 6.53
C ASN Q 146 -49.05 21.00 7.19
N GLY Q 147 -48.77 22.09 6.48
CA GLY Q 147 -48.98 23.42 7.01
C GLY Q 147 -50.39 23.92 6.78
N SER Q 148 -50.56 25.24 6.92
CA SER Q 148 -51.85 25.88 6.69
C SER Q 148 -51.84 26.58 5.33
N LEU Q 149 -52.99 26.55 4.65
CA LEU Q 149 -53.10 27.13 3.31
C LEU Q 149 -53.52 28.58 3.35
N ALA Q 150 -53.13 29.33 2.32
CA ALA Q 150 -53.57 30.71 2.16
C ALA Q 150 -55.06 30.73 1.92
N GLU Q 151 -55.74 31.75 2.44
CA GLU Q 151 -57.19 31.81 2.41
C GLU Q 151 -57.75 32.09 1.02
N GLY Q 152 -57.09 32.97 0.28
CA GLY Q 152 -57.53 33.35 -1.05
C GLY Q 152 -56.62 32.84 -2.14
N LYS Q 153 -55.39 33.34 -2.15
CA LYS Q 153 -54.40 32.93 -3.14
C LYS Q 153 -53.03 32.86 -2.49
N VAL Q 154 -52.06 32.33 -3.23
CA VAL Q 154 -50.69 32.15 -2.74
C VAL Q 154 -50.12 33.48 -2.22
N MET Q 155 -49.27 33.39 -1.21
CA MET Q 155 -48.61 34.56 -0.64
C MET Q 155 -47.12 34.33 -0.47
N ILE Q 156 -46.34 35.34 -0.82
CA ILE Q 156 -44.89 35.34 -0.59
C ILE Q 156 -44.55 36.41 0.45
N ARG Q 157 -43.56 36.11 1.29
CA ARG Q 157 -43.24 36.98 2.42
C ARG Q 157 -41.73 37.04 2.67
N SER Q 158 -41.21 38.23 2.95
CA SER Q 158 -39.78 38.41 3.16
C SER Q 158 -39.44 39.61 4.05
N GLU Q 159 -38.32 39.53 4.75
CA GLU Q 159 -37.81 40.65 5.54
C GLU Q 159 -37.44 41.82 4.65
N ASN Q 160 -36.87 41.49 3.49
CA ASN Q 160 -36.39 42.50 2.56
C ASN Q 160 -36.25 41.87 1.17
N ILE Q 161 -37.19 42.17 0.29
CA ILE Q 161 -37.20 41.62 -1.06
C ILE Q 161 -35.95 42.04 -1.82
N THR Q 162 -35.41 43.20 -1.49
CA THR Q 162 -34.27 43.76 -2.23
C THR Q 162 -32.95 43.07 -1.88
N ASN Q 163 -32.93 42.32 -0.78
CA ASN Q 163 -31.74 41.59 -0.36
C ASN Q 163 -31.78 40.13 -0.84
N ASN Q 164 -30.60 39.52 -0.98
CA ASN Q 164 -30.47 38.19 -1.55
C ASN Q 164 -30.14 37.10 -0.53
N VAL Q 165 -29.70 37.51 0.65
CA VAL Q 165 -29.31 36.56 1.69
C VAL Q 165 -30.54 36.01 2.42
N LYS Q 166 -31.66 36.73 2.31
CA LYS Q 166 -32.86 36.40 3.08
C LYS Q 166 -33.75 35.39 2.37
N ASN Q 167 -34.24 34.41 3.12
CA ASN Q 167 -35.11 33.37 2.59
C ASN Q 167 -36.50 33.87 2.24
N ILE Q 168 -37.08 33.29 1.18
CA ILE Q 168 -38.44 33.59 0.75
C ILE Q 168 -39.38 32.46 1.18
N ILE Q 169 -40.39 32.81 1.96
CA ILE Q 169 -41.38 31.83 2.42
C ILE Q 169 -42.64 31.91 1.58
N VAL Q 170 -42.95 30.82 0.88
CA VAL Q 170 -44.14 30.73 0.05
C VAL Q 170 -45.26 29.98 0.78
N GLN Q 171 -46.45 30.56 0.77
CA GLN Q 171 -47.64 29.92 1.34
C GLN Q 171 -48.64 29.59 0.25
N LEU Q 172 -48.83 28.30 -0.02
CA LEU Q 172 -49.74 27.86 -1.07
C LEU Q 172 -51.20 27.99 -0.65
N ASN Q 173 -52.08 28.12 -1.63
CA ASN Q 173 -53.53 28.13 -1.40
C ASN Q 173 -54.14 26.79 -1.76
N GLU Q 174 -53.33 25.91 -2.34
CA GLU Q 174 -53.75 24.56 -2.68
C GLU Q 174 -52.70 23.55 -2.24
N SER Q 175 -53.14 22.56 -1.45
CA SER Q 175 -52.26 21.49 -1.01
C SER Q 175 -51.90 20.57 -2.18
N VAL Q 176 -50.65 20.15 -2.23
CA VAL Q 176 -50.22 19.13 -3.18
C VAL Q 176 -49.83 17.87 -2.42
N THR Q 177 -50.67 16.85 -2.51
CA THR Q 177 -50.43 15.60 -1.80
C THR Q 177 -49.23 14.87 -2.39
N ILE Q 178 -48.31 14.48 -1.51
CA ILE Q 178 -47.13 13.72 -1.92
C ILE Q 178 -47.08 12.41 -1.13
N ASN Q 179 -47.04 11.29 -1.87
CA ASN Q 179 -46.91 9.98 -1.26
C ASN Q 179 -45.55 9.37 -1.54
N CYS Q 180 -44.76 9.21 -0.48
CA CYS Q 180 -43.42 8.63 -0.57
C CYS Q 180 -43.43 7.24 0.03
N THR Q 181 -42.84 6.27 -0.67
CA THR Q 181 -42.91 4.88 -0.26
C THR Q 181 -41.60 4.11 -0.49
N ARG Q 182 -41.27 3.26 0.48
CA ARG Q 182 -40.13 2.35 0.37
C ARG Q 182 -40.62 0.91 0.26
N PRO Q 183 -40.57 0.32 -0.95
CA PRO Q 183 -41.12 -1.03 -1.11
C PRO Q 183 -40.34 -2.10 -0.33
N ASN Q 184 -40.98 -3.25 -0.13
CA ASN Q 184 -40.37 -4.37 0.60
C ASN Q 184 -39.23 -5.03 -0.17
N ASN Q 185 -38.09 -4.35 -0.25
CA ASN Q 185 -36.91 -4.89 -0.90
C ASN Q 185 -35.83 -5.22 0.11
N SER Q 190 -37.50 -10.10 -4.14
CA SER Q 190 -37.23 -8.83 -4.81
C SER Q 190 -35.84 -8.31 -4.49
N GLY Q 191 -34.88 -8.61 -5.36
CA GLY Q 191 -33.52 -8.12 -5.20
C GLY Q 191 -33.49 -6.61 -5.32
N GLY Q 192 -33.04 -5.94 -4.27
CA GLY Q 192 -33.08 -4.48 -4.25
C GLY Q 192 -32.20 -3.83 -3.20
N ASP Q 193 -32.68 -2.69 -2.71
CA ASP Q 193 -31.92 -1.83 -1.82
C ASP Q 193 -32.82 -1.33 -0.70
N ILE Q 194 -32.49 -1.69 0.53
CA ILE Q 194 -33.31 -1.35 1.68
C ILE Q 194 -33.30 0.14 1.99
N ARG Q 195 -32.48 0.90 1.26
CA ARG Q 195 -32.40 2.34 1.45
C ARG Q 195 -32.96 3.10 0.23
N GLN Q 196 -33.44 2.36 -0.77
CA GLN Q 196 -34.05 2.97 -1.94
C GLN Q 196 -35.53 3.24 -1.71
N ALA Q 197 -35.95 4.47 -2.03
CA ALA Q 197 -37.35 4.87 -1.90
C ALA Q 197 -37.72 5.82 -3.03
N HIS Q 198 -39.01 6.12 -3.14
CA HIS Q 198 -39.51 7.01 -4.20
C HIS Q 198 -40.71 7.82 -3.71
N CYS Q 199 -40.96 8.93 -4.39
CA CYS Q 199 -42.12 9.77 -4.13
C CYS Q 199 -42.87 10.05 -5.43
N ASN Q 200 -44.19 9.95 -5.38
CA ASN Q 200 -45.03 10.17 -6.55
C ASN Q 200 -46.00 11.33 -6.35
N VAL Q 201 -46.07 12.20 -7.35
CA VAL Q 201 -47.02 13.31 -7.35
C VAL Q 201 -47.51 13.57 -8.77
N SER Q 202 -48.73 14.07 -8.90
CA SER Q 202 -49.30 14.36 -10.21
C SER Q 202 -48.49 15.45 -10.90
N GLY Q 203 -48.07 15.16 -12.14
CA GLY Q 203 -47.32 16.12 -12.92
C GLY Q 203 -48.17 17.31 -13.30
N SER Q 204 -49.41 17.04 -13.69
CA SER Q 204 -50.32 18.10 -14.14
C SER Q 204 -50.65 19.11 -13.05
N GLN Q 205 -50.79 18.63 -11.81
CA GLN Q 205 -51.10 19.51 -10.69
C GLN Q 205 -49.98 20.52 -10.45
N TRP Q 206 -48.74 20.05 -10.55
CA TRP Q 206 -47.58 20.92 -10.38
C TRP Q 206 -47.51 21.97 -11.49
N ASN Q 207 -48.02 21.61 -12.67
CA ASN Q 207 -48.04 22.53 -13.80
C ASN Q 207 -49.18 23.56 -13.68
N LYS Q 208 -49.60 23.83 -12.47
CA LYS Q 208 -50.64 24.83 -12.19
C LYS Q 208 -50.33 25.58 -10.90
N THR Q 209 -49.85 24.87 -9.89
CA THR Q 209 -49.40 25.50 -8.65
C THR Q 209 -48.24 26.44 -8.93
N LEU Q 210 -47.26 25.94 -9.68
CA LEU Q 210 -46.09 26.74 -10.04
C LEU Q 210 -46.50 27.95 -10.87
N HIS Q 211 -47.50 27.78 -11.74
CA HIS Q 211 -47.99 28.87 -12.57
C HIS Q 211 -48.47 30.05 -11.73
N GLN Q 212 -49.18 29.74 -10.65
CA GLN Q 212 -49.76 30.77 -9.80
C GLN Q 212 -48.70 31.48 -8.96
N VAL Q 213 -47.67 30.74 -8.56
CA VAL Q 213 -46.58 31.31 -7.76
C VAL Q 213 -45.77 32.30 -8.62
N VAL Q 214 -45.45 31.90 -9.84
CA VAL Q 214 -44.63 32.71 -10.73
C VAL Q 214 -45.27 34.07 -11.02
N GLU Q 215 -46.59 34.09 -11.17
CA GLU Q 215 -47.32 35.33 -11.41
C GLU Q 215 -47.09 36.32 -10.28
N GLN Q 216 -47.13 35.82 -9.05
CA GLN Q 216 -46.96 36.65 -7.87
C GLN Q 216 -45.50 37.03 -7.66
N LEU Q 217 -44.58 36.20 -8.16
CA LEU Q 217 -43.16 36.52 -8.10
C LEU Q 217 -42.86 37.73 -8.98
N ARG Q 218 -43.55 37.81 -10.11
CA ARG Q 218 -43.52 39.00 -10.95
C ARG Q 218 -44.21 40.15 -10.22
N LYS Q 219 -44.39 41.28 -10.89
CA LYS Q 219 -45.01 42.47 -10.31
C LYS Q 219 -44.07 43.14 -9.30
N TYR Q 220 -43.47 42.35 -8.41
CA TYR Q 220 -42.44 42.84 -7.50
C TYR Q 220 -41.14 43.11 -8.28
N TRP Q 221 -40.79 42.17 -9.15
CA TRP Q 221 -39.56 42.24 -9.92
C TRP Q 221 -39.84 42.62 -11.37
N ASN Q 222 -40.84 43.46 -11.58
CA ASN Q 222 -41.23 43.91 -12.92
C ASN Q 222 -41.65 42.73 -13.79
N ASN Q 223 -41.66 42.93 -15.11
CA ASN Q 223 -42.05 41.88 -16.05
C ASN Q 223 -40.88 40.96 -16.40
N ASN Q 224 -40.05 40.64 -15.41
CA ASN Q 224 -38.93 39.73 -15.61
C ASN Q 224 -39.43 38.28 -15.65
N THR Q 225 -38.75 37.45 -16.44
CA THR Q 225 -39.09 36.03 -16.52
C THR Q 225 -38.31 35.24 -15.48
N ILE Q 226 -39.00 34.34 -14.80
CA ILE Q 226 -38.41 33.57 -13.72
C ILE Q 226 -38.06 32.16 -14.20
N ILE Q 227 -36.86 31.72 -13.84
CA ILE Q 227 -36.41 30.36 -14.13
C ILE Q 227 -35.97 29.69 -12.84
N PHE Q 228 -36.36 28.43 -12.66
CA PHE Q 228 -35.96 27.66 -11.49
C PHE Q 228 -34.87 26.66 -11.83
N ASN Q 229 -33.90 26.54 -10.92
CA ASN Q 229 -32.85 25.53 -11.02
C ASN Q 229 -32.66 24.89 -9.67
N SER Q 230 -32.01 23.73 -9.64
CA SER Q 230 -31.78 23.01 -8.40
C SER Q 230 -30.80 23.76 -7.50
N SER Q 231 -30.61 23.26 -6.29
CA SER Q 231 -29.65 23.85 -5.35
C SER Q 231 -28.25 23.90 -5.97
N SER Q 232 -27.49 24.94 -5.60
CA SER Q 232 -26.16 25.13 -6.15
C SER Q 232 -25.12 24.23 -5.48
N GLY Q 233 -25.48 23.70 -4.31
CA GLY Q 233 -24.61 22.80 -3.58
C GLY Q 233 -24.55 23.10 -2.10
N GLY Q 234 -23.80 22.27 -1.37
CA GLY Q 234 -23.69 22.38 0.07
C GLY Q 234 -23.89 21.03 0.73
N ASP Q 235 -24.33 21.02 1.97
CA ASP Q 235 -24.68 19.79 2.65
C ASP Q 235 -25.85 19.14 1.94
N LEU Q 236 -25.92 17.80 1.98
CA LEU Q 236 -26.97 17.07 1.30
C LEU Q 236 -28.35 17.51 1.78
N GLU Q 237 -28.41 18.01 3.00
CA GLU Q 237 -29.67 18.25 3.67
C GLU Q 237 -30.43 19.48 3.16
N ILE Q 238 -29.70 20.42 2.58
CA ILE Q 238 -30.32 21.62 2.03
C ILE Q 238 -30.33 21.59 0.50
N THR Q 239 -29.57 20.68 -0.08
CA THR Q 239 -29.61 20.48 -1.53
C THR Q 239 -30.80 19.60 -1.91
N THR Q 240 -31.20 18.73 -0.98
CA THR Q 240 -32.31 17.80 -1.19
C THR Q 240 -33.49 18.15 -0.28
N HIS Q 241 -34.65 17.57 -0.56
CA HIS Q 241 -35.79 17.64 0.36
C HIS Q 241 -35.53 16.67 1.51
N SER Q 242 -35.32 17.19 2.70
CA SER Q 242 -35.04 16.37 3.87
C SER Q 242 -36.18 16.45 4.88
N PHE Q 243 -36.52 15.31 5.44
CA PHE Q 243 -37.58 15.23 6.44
C PHE Q 243 -37.56 13.87 7.12
N ASN Q 244 -38.30 13.76 8.22
CA ASN Q 244 -38.38 12.51 8.98
C ASN Q 244 -39.73 11.83 8.76
N CYS Q 245 -39.68 10.59 8.29
CA CYS Q 245 -40.88 9.79 8.06
C CYS Q 245 -40.79 8.46 8.81
N GLY Q 246 -41.64 8.30 9.81
CA GLY Q 246 -41.70 7.07 10.58
C GLY Q 246 -40.45 6.80 11.39
N GLY Q 247 -39.69 7.86 11.67
CA GLY Q 247 -38.51 7.74 12.52
C GLY Q 247 -37.20 7.66 11.74
N GLU Q 248 -37.31 7.60 10.41
CA GLU Q 248 -36.13 7.54 9.56
C GLU Q 248 -35.81 8.90 8.94
N PHE Q 249 -35.01 8.90 7.87
CA PHE Q 249 -34.59 10.14 7.24
C PHE Q 249 -34.50 10.00 5.72
N PHE Q 250 -35.37 10.74 5.02
CA PHE Q 250 -35.44 10.68 3.57
C PHE Q 250 -34.72 11.85 2.93
N TYR Q 251 -34.04 11.58 1.81
CA TYR Q 251 -33.33 12.60 1.05
C TYR Q 251 -33.76 12.55 -0.42
N CYS Q 252 -34.54 13.54 -0.85
CA CYS Q 252 -35.16 13.49 -2.17
C CYS Q 252 -34.55 14.46 -3.18
N ASN Q 253 -34.31 13.93 -4.38
CA ASN Q 253 -33.71 14.68 -5.48
C ASN Q 253 -34.69 15.67 -6.11
N THR Q 254 -34.27 16.94 -6.23
CA THR Q 254 -35.17 18.02 -6.61
C THR Q 254 -34.87 18.65 -7.98
N SER Q 255 -33.92 18.10 -8.71
CA SER Q 255 -33.56 18.65 -10.02
C SER Q 255 -34.75 18.60 -10.96
N GLY Q 256 -35.52 17.52 -10.86
CA GLY Q 256 -36.69 17.34 -11.72
C GLY Q 256 -37.85 18.21 -11.28
N LEU Q 257 -37.85 18.62 -10.01
CA LEU Q 257 -38.93 19.43 -9.47
C LEU Q 257 -38.78 20.90 -9.89
N PHE Q 258 -37.55 21.31 -10.13
CA PHE Q 258 -37.23 22.70 -10.46
C PHE Q 258 -36.57 22.82 -11.84
N ASN Q 259 -37.09 22.09 -12.81
CA ASN Q 259 -36.66 22.24 -14.20
C ASN Q 259 -37.53 23.27 -14.89
N SER Q 260 -36.98 24.48 -15.07
CA SER Q 260 -37.74 25.60 -15.60
C SER Q 260 -38.29 25.31 -16.99
N GLY Q 265 -49.97 23.22 -18.01
CA GLY Q 265 -49.06 22.39 -18.78
C GLY Q 265 -49.59 22.13 -20.18
N THR Q 266 -48.77 21.48 -21.01
CA THR Q 266 -49.14 21.18 -22.39
C THR Q 266 -48.20 20.16 -23.01
N ALA Q 267 -46.90 20.41 -22.87
CA ALA Q 267 -45.88 19.57 -23.49
C ALA Q 267 -45.89 18.15 -22.96
N SER Q 268 -45.18 17.25 -23.64
CA SER Q 268 -45.06 15.86 -23.20
C SER Q 268 -44.28 15.78 -21.89
N ILE Q 269 -44.24 14.61 -21.29
CA ILE Q 269 -43.59 14.38 -19.99
C ILE Q 269 -44.35 15.05 -18.85
N GLU Q 270 -44.74 16.32 -19.04
CA GLU Q 270 -45.51 17.05 -18.04
C GLU Q 270 -46.87 16.39 -17.77
N ASN Q 271 -47.53 15.95 -18.84
CA ASN Q 271 -48.80 15.26 -18.70
C ASN Q 271 -48.60 13.85 -18.17
N GLY Q 272 -48.48 13.74 -16.85
CA GLY Q 272 -48.23 12.47 -16.20
C GLY Q 272 -47.88 12.67 -14.74
N THR Q 273 -46.93 11.86 -14.26
CA THR Q 273 -46.48 11.93 -12.87
C THR Q 273 -44.99 12.21 -12.78
N ILE Q 274 -44.60 12.99 -11.79
CA ILE Q 274 -43.20 13.16 -11.44
C ILE Q 274 -42.84 12.17 -10.33
N THR Q 275 -41.80 11.38 -10.57
CA THR Q 275 -41.31 10.43 -9.58
C THR Q 275 -39.92 10.85 -9.10
N LEU Q 276 -39.82 11.18 -7.82
CA LEU Q 276 -38.56 11.63 -7.22
C LEU Q 276 -37.84 10.48 -6.53
N PRO Q 277 -36.55 10.26 -6.86
CA PRO Q 277 -35.78 9.21 -6.17
C PRO Q 277 -35.29 9.68 -4.80
N CYS Q 278 -35.27 8.77 -3.83
CA CYS Q 278 -34.82 9.09 -2.47
C CYS Q 278 -33.85 8.06 -1.91
N ARG Q 279 -33.18 8.44 -0.83
CA ARG Q 279 -32.23 7.58 -0.14
C ARG Q 279 -32.45 7.65 1.37
N ILE Q 280 -32.46 6.50 2.02
CA ILE Q 280 -32.54 6.44 3.47
C ILE Q 280 -31.12 6.42 4.03
N LYS Q 281 -30.82 7.40 4.90
CA LYS Q 281 -29.48 7.53 5.45
C LYS Q 281 -29.46 7.30 6.95
N GLN Q 282 -28.34 6.77 7.45
CA GLN Q 282 -28.14 6.55 8.88
C GLN Q 282 -27.43 7.73 9.52
N ILE Q 283 -26.60 8.42 8.73
CA ILE Q 283 -25.80 9.54 9.21
C ILE Q 283 -26.41 10.87 8.77
N ILE Q 284 -26.68 11.74 9.74
CA ILE Q 284 -27.29 13.05 9.48
C ILE Q 284 -26.55 14.13 10.25
N ASN Q 285 -26.39 15.30 9.63
CA ASN Q 285 -25.93 16.49 10.33
C ASN Q 285 -27.08 17.10 11.12
N MET Q 286 -26.89 17.25 12.43
CA MET Q 286 -27.97 17.64 13.32
C MET Q 286 -28.45 19.07 13.08
N TRP Q 287 -29.76 19.28 13.18
CA TRP Q 287 -30.34 20.61 13.07
C TRP Q 287 -30.39 21.26 14.44
N GLN Q 288 -30.50 20.44 15.48
CA GLN Q 288 -30.60 20.93 16.85
C GLN Q 288 -29.32 21.65 17.26
N ARG Q 289 -28.22 21.31 16.59
CA ARG Q 289 -26.90 21.74 17.01
C ARG Q 289 -25.89 21.38 15.94
N VAL Q 290 -24.80 22.14 15.85
CA VAL Q 290 -23.76 21.85 14.88
C VAL Q 290 -23.09 20.53 15.27
N GLY Q 291 -23.24 19.53 14.40
CA GLY Q 291 -22.65 18.23 14.65
C GLY Q 291 -23.26 17.16 13.76
N GLN Q 292 -22.79 15.94 13.94
CA GLN Q 292 -23.32 14.79 13.20
C GLN Q 292 -23.97 13.82 14.17
N ALA Q 293 -24.94 13.06 13.68
CA ALA Q 293 -25.61 12.06 14.49
C ALA Q 293 -25.82 10.79 13.69
N ILE Q 294 -25.71 9.66 14.37
CA ILE Q 294 -25.85 8.35 13.75
C ILE Q 294 -26.96 7.54 14.38
N TYR Q 295 -27.91 7.11 13.54
CA TYR Q 295 -29.04 6.29 13.99
C TYR Q 295 -28.87 4.87 13.49
N ALA Q 296 -29.67 3.96 14.04
CA ALA Q 296 -29.59 2.54 13.67
C ALA Q 296 -30.15 2.33 12.27
N PRO Q 297 -29.86 1.18 11.65
CA PRO Q 297 -30.36 0.91 10.29
C PRO Q 297 -31.88 0.92 10.21
N PRO Q 298 -32.43 1.11 9.01
CA PRO Q 298 -33.88 1.23 8.81
C PRO Q 298 -34.67 -0.03 9.15
N ILE Q 299 -35.92 0.17 9.58
CA ILE Q 299 -36.83 -0.93 9.86
C ILE Q 299 -37.21 -1.68 8.58
N GLN Q 300 -37.83 -2.84 8.74
CA GLN Q 300 -38.30 -3.63 7.61
C GLN Q 300 -39.72 -3.20 7.23
N GLY Q 301 -40.19 -3.73 6.10
CA GLY Q 301 -41.56 -3.50 5.67
C GLY Q 301 -41.74 -2.22 4.87
N VAL Q 302 -42.98 -1.98 4.44
CA VAL Q 302 -43.30 -0.77 3.70
C VAL Q 302 -43.25 0.45 4.61
N ILE Q 303 -42.47 1.45 4.22
CA ILE Q 303 -42.44 2.73 4.92
C ILE Q 303 -43.03 3.78 4.00
N ARG Q 304 -44.21 4.29 4.37
CA ARG Q 304 -44.94 5.21 3.51
C ARG Q 304 -45.64 6.30 4.29
N CYS Q 305 -45.47 7.54 3.83
CA CYS Q 305 -46.12 8.71 4.43
C CYS Q 305 -46.71 9.61 3.36
N VAL Q 306 -47.99 9.95 3.53
CA VAL Q 306 -48.66 10.87 2.62
C VAL Q 306 -48.80 12.21 3.33
N SER Q 307 -48.28 13.27 2.71
CA SER Q 307 -48.27 14.59 3.32
C SER Q 307 -48.77 15.67 2.37
N ASN Q 308 -49.29 16.76 2.95
CA ASN Q 308 -49.72 17.92 2.18
C ASN Q 308 -48.61 18.95 2.04
N ILE Q 309 -48.18 19.21 0.81
CA ILE Q 309 -47.25 20.31 0.55
C ILE Q 309 -48.04 21.61 0.57
N THR Q 310 -47.72 22.48 1.53
CA THR Q 310 -48.47 23.70 1.76
C THR Q 310 -47.61 24.96 1.62
N GLY Q 311 -46.30 24.79 1.44
CA GLY Q 311 -45.42 25.92 1.31
C GLY Q 311 -44.03 25.55 0.82
N LEU Q 312 -43.26 26.57 0.43
CA LEU Q 312 -41.89 26.38 -0.05
C LEU Q 312 -40.95 27.40 0.58
N ILE Q 313 -39.66 27.07 0.61
CA ILE Q 313 -38.62 28.01 1.00
C ILE Q 313 -37.67 28.23 -0.17
N LEU Q 314 -37.55 29.47 -0.61
CA LEU Q 314 -36.72 29.82 -1.76
C LEU Q 314 -35.65 30.85 -1.42
N THR Q 315 -34.59 30.86 -2.21
CA THR Q 315 -33.60 31.92 -2.17
C THR Q 315 -33.44 32.47 -3.58
N ARG Q 316 -33.11 33.75 -3.69
CA ARG Q 316 -32.93 34.39 -4.99
C ARG Q 316 -31.46 34.67 -5.27
N ASP Q 317 -31.02 34.35 -6.49
CA ASP Q 317 -29.65 34.59 -6.91
C ASP Q 317 -29.31 36.07 -6.87
N GLY Q 318 -28.03 36.38 -6.71
CA GLY Q 318 -27.56 37.75 -6.64
C GLY Q 318 -26.18 37.92 -7.24
N GLY Q 319 -26.01 38.98 -8.02
CA GLY Q 319 -24.74 39.26 -8.66
C GLY Q 319 -24.92 39.99 -9.98
N GLY Q 320 -25.49 39.29 -10.95
CA GLY Q 320 -25.71 39.85 -12.27
C GLY Q 320 -26.78 40.92 -12.27
N ASN Q 321 -26.70 41.83 -13.25
CA ASN Q 321 -27.67 42.91 -13.37
C ASN Q 321 -29.02 42.39 -13.90
N SER Q 322 -29.87 43.30 -14.35
CA SER Q 322 -31.17 42.94 -14.90
C SER Q 322 -31.00 42.08 -16.16
N ASN Q 323 -30.58 40.83 -15.95
CA ASN Q 323 -30.33 39.91 -17.06
C ASN Q 323 -31.58 39.11 -17.42
N GLU Q 324 -32.74 39.73 -17.24
CA GLU Q 324 -34.03 39.13 -17.60
C GLU Q 324 -34.42 37.97 -16.70
N ASN Q 325 -33.50 37.50 -15.87
CA ASN Q 325 -33.73 36.37 -14.99
C ASN Q 325 -33.41 36.69 -13.53
N GLU Q 326 -34.26 36.21 -12.63
CA GLU Q 326 -34.06 36.39 -11.20
C GLU Q 326 -34.01 35.02 -10.53
N THR Q 327 -33.38 34.07 -11.22
CA THR Q 327 -33.26 32.66 -10.81
C THR Q 327 -33.45 32.36 -9.33
N PHE Q 328 -34.35 31.42 -9.04
CA PHE Q 328 -34.64 30.99 -7.68
C PHE Q 328 -34.26 29.53 -7.47
N ARG Q 329 -33.73 29.22 -6.29
CA ARG Q 329 -33.35 27.86 -5.93
C ARG Q 329 -33.89 27.51 -4.55
N PRO Q 330 -34.09 26.21 -4.27
CA PRO Q 330 -34.60 25.81 -2.95
C PRO Q 330 -33.60 26.09 -1.83
N GLY Q 331 -34.12 26.48 -0.67
CA GLY Q 331 -33.28 26.79 0.48
C GLY Q 331 -33.76 26.10 1.74
N GLY Q 332 -33.71 26.83 2.86
CA GLY Q 332 -34.06 26.28 4.14
C GLY Q 332 -32.83 25.90 4.92
N GLY Q 333 -33.02 25.20 6.04
CA GLY Q 333 -31.93 24.82 6.92
C GLY Q 333 -32.18 25.33 8.32
N ASP Q 334 -32.52 26.61 8.42
CA ASP Q 334 -32.95 27.20 9.68
C ASP Q 334 -34.41 26.86 9.90
N MET Q 335 -34.68 25.98 10.86
CA MET Q 335 -36.03 25.50 11.10
C MET Q 335 -36.96 26.58 11.64
N ARG Q 336 -36.38 27.73 12.00
CA ARG Q 336 -37.19 28.87 12.41
C ARG Q 336 -38.07 29.32 11.24
N ASP Q 337 -37.56 29.15 10.02
CA ASP Q 337 -38.32 29.50 8.83
C ASP Q 337 -39.55 28.60 8.68
N ASN Q 338 -39.42 27.35 9.11
CA ASN Q 338 -40.55 26.43 9.08
C ASN Q 338 -41.64 26.85 10.06
N TRP Q 339 -41.23 27.27 11.25
CA TRP Q 339 -42.18 27.67 12.29
C TRP Q 339 -42.83 29.01 11.95
N ARG Q 340 -42.03 29.93 11.41
CA ARG Q 340 -42.47 31.29 11.12
C ARG Q 340 -43.59 31.34 10.08
N SER Q 341 -43.58 30.37 9.16
CA SER Q 341 -44.55 30.33 8.08
C SER Q 341 -45.97 30.09 8.58
N GLU Q 342 -46.07 29.57 9.80
CA GLU Q 342 -47.37 29.25 10.39
C GLU Q 342 -47.71 30.20 11.53
N LEU Q 343 -46.68 30.71 12.19
CA LEU Q 343 -46.87 31.51 13.39
C LEU Q 343 -46.88 33.01 13.11
N TYR Q 344 -46.92 33.36 11.82
CA TYR Q 344 -46.74 34.75 11.38
C TYR Q 344 -47.84 35.71 11.85
N LYS Q 345 -49.08 35.23 11.94
CA LYS Q 345 -50.23 36.11 12.17
C LYS Q 345 -50.51 36.35 13.66
N TYR Q 346 -49.58 35.96 14.53
CA TYR Q 346 -49.78 36.10 15.97
C TYR Q 346 -48.69 36.94 16.64
N LYS Q 347 -49.06 37.53 17.78
CA LYS Q 347 -48.14 38.31 18.60
C LYS Q 347 -48.64 38.35 20.04
N VAL Q 348 -47.72 38.35 20.99
CA VAL Q 348 -48.06 38.36 22.41
C VAL Q 348 -48.02 39.79 22.96
N VAL Q 349 -49.04 40.14 23.75
CA VAL Q 349 -49.11 41.45 24.37
C VAL Q 349 -49.40 41.35 25.86
N LYS Q 350 -48.98 42.38 26.59
CA LYS Q 350 -49.28 42.52 28.01
C LYS Q 350 -50.52 43.38 28.20
N ILE Q 351 -51.50 42.88 28.96
CA ILE Q 351 -52.75 43.59 29.17
C ILE Q 351 -52.55 44.74 30.15
N GLU Q 352 -52.95 45.93 29.72
CA GLU Q 352 -52.80 47.13 30.53
C GLU Q 352 -53.91 48.13 30.22
CA MPT R 1 -22.43 25.85 11.14
C MPT R 1 -21.01 25.98 11.54
O MPT R 1 -20.67 27.00 12.19
CB MPT R 1 -22.71 25.90 9.68
SG MPT R 1 -21.99 27.25 8.80
N ASN R 2 -20.12 25.04 11.05
CA ASN R 2 -18.73 25.50 11.09
C ASN R 2 -18.37 26.32 9.85
N LEU R 3 -18.46 27.63 9.99
CA LEU R 3 -18.31 28.54 8.86
C LEU R 3 -16.98 28.40 8.13
N HIS R 4 -15.87 28.30 8.86
CA HIS R 4 -14.56 28.20 8.21
C HIS R 4 -14.47 26.98 7.30
N PHE R 5 -14.86 25.81 7.81
CA PHE R 5 -14.77 24.61 7.01
C PHE R 5 -15.84 24.62 5.93
N CYS R 6 -16.98 25.24 6.21
CA CYS R 6 -17.98 25.46 5.17
C CYS R 6 -17.39 26.28 4.05
N GLN R 7 -16.68 27.34 4.41
CA GLN R 7 -16.02 28.17 3.41
C GLN R 7 -14.93 27.37 2.72
N LEU R 8 -14.21 26.55 3.49
CA LEU R 8 -13.13 25.73 2.95
C LEU R 8 -13.64 24.69 1.95
N ARG R 9 -14.91 24.31 2.07
CA ARG R 9 -15.50 23.30 1.19
C ARG R 9 -16.10 23.90 -0.07
N CYS R 10 -16.82 25.01 0.07
CA CYS R 10 -17.56 25.59 -1.04
C CYS R 10 -16.67 26.16 -2.16
N LYS R 11 -15.61 26.88 -1.82
CA LYS R 11 -14.73 27.42 -2.88
C LYS R 11 -14.13 26.34 -3.76
N SER R 12 -14.06 25.11 -3.25
CA SER R 12 -13.60 24.01 -4.07
C SER R 12 -14.65 23.60 -5.10
N LEU R 13 -15.84 24.22 -5.02
CA LEU R 13 -16.87 24.10 -6.05
C LEU R 13 -16.94 25.40 -6.83
N GLY R 14 -16.07 26.35 -6.48
CA GLY R 14 -16.06 27.66 -7.08
C GLY R 14 -16.91 28.67 -6.35
N LEU R 15 -17.31 28.33 -5.12
CA LEU R 15 -18.40 29.03 -4.44
C LEU R 15 -18.00 29.54 -3.05
N LEU R 16 -18.71 30.56 -2.57
CA LEU R 16 -18.56 31.00 -1.18
C LEU R 16 -19.47 30.17 -0.29
N GLY R 17 -19.11 30.05 0.99
CA GLY R 17 -19.93 29.34 1.95
C GLY R 17 -20.56 30.28 2.97
N ARG R 18 -21.72 29.90 3.47
CA ARG R 18 -22.38 30.62 4.54
C ARG R 18 -23.22 29.64 5.32
N CYS R 19 -23.53 29.98 6.57
CA CYS R 19 -24.40 29.10 7.34
C CYS R 19 -25.86 29.25 6.93
N ALA R 20 -26.54 28.11 6.96
CA ALA R 20 -27.98 28.02 6.89
C ALA R 20 -28.40 27.35 8.19
N DPR R 21 -28.59 28.14 9.22
CA DPR R 21 -28.77 27.56 10.56
CB DPR R 21 -29.05 28.79 11.44
CG DPR R 21 -28.39 29.90 10.74
CD DPR R 21 -28.48 29.61 9.27
C DPR R 21 -27.49 26.85 10.97
O DPR R 21 -26.43 27.46 10.98
N THR R 22 -27.61 25.58 11.24
CA THR R 22 -26.48 24.76 11.69
C THR R 22 -25.81 24.03 10.52
N U2X R 23 -26.30 24.30 9.31
C U2X R 23 -24.93 24.54 7.25
O U2X R 23 -25.07 25.76 7.25
CA U2X R 23 -25.78 23.68 8.11
CB U2X R 23 -26.84 23.07 7.27
CG U2X R 23 -27.92 22.27 7.89
CD1 U2X R 23 -27.61 21.02 8.50
CD2 U2X R 23 -29.23 22.72 7.80
CE1 U2X R 23 -28.66 20.21 9.08
CE2 U2X R 23 -30.34 21.88 8.40
CZ U2X R 23 -30.02 20.69 9.00
OH U2X R 23 -31.03 19.92 9.54
C7 U2X R 23 -30.88 18.55 9.56
C1 U2X R 23 -33.78 15.99 9.69
C2 U2X R 23 -33.02 17.12 10.34
C3 U2X R 23 -32.15 17.80 9.23
C4 U2X R 23 -33.13 18.41 8.13
C5 U2X R 23 -33.98 17.24 7.56
C6 U2X R 23 -34.71 16.56 8.67
N CYS R 24 -24.06 23.92 6.49
CA CYS R 24 -23.24 24.62 5.51
C CYS R 24 -23.98 24.74 4.20
N ALA R 25 -24.06 25.96 3.67
CA ALA R 25 -24.62 26.21 2.35
C ALA R 25 -23.56 26.88 1.48
N CYS R 26 -23.46 26.43 0.23
CA CYS R 26 -22.62 27.11 -0.77
C CYS R 26 -23.47 28.10 -1.55
N VAL R 27 -22.87 29.27 -1.91
CA VAL R 27 -23.62 30.39 -2.47
C VAL R 27 -23.76 30.39 -3.97
N NH2 R 28 -25.01 30.05 -4.58
N ASP S 1 -42.93 5.34 35.37
CA ASP S 1 -44.14 5.97 35.94
C ASP S 1 -43.78 6.94 37.06
N ILE S 2 -44.41 8.11 37.06
CA ILE S 2 -44.14 9.12 38.07
C ILE S 2 -44.97 8.86 39.32
N GLN S 3 -44.35 9.09 40.48
CA GLN S 3 -44.91 8.71 41.76
C GLN S 3 -44.94 9.91 42.71
N MET S 4 -46.07 10.11 43.38
CA MET S 4 -46.24 11.18 44.35
C MET S 4 -46.17 10.61 45.75
N THR S 5 -45.25 11.16 46.55
CA THR S 5 -45.07 10.74 47.93
C THR S 5 -45.24 11.92 48.90
N GLN S 6 -46.18 11.78 49.83
CA GLN S 6 -46.49 12.83 50.79
C GLN S 6 -45.87 12.49 52.12
N SER S 7 -45.38 13.48 52.85
CA SER S 7 -44.90 13.25 54.20
C SER S 7 -45.26 14.42 55.10
N PRO S 8 -45.58 14.14 56.39
CA PRO S 8 -45.68 12.78 56.92
C PRO S 8 -46.99 12.13 56.45
N SER S 9 -47.21 10.86 56.78
CA SER S 9 -48.44 10.18 56.42
C SER S 9 -49.62 10.63 57.26
N PHE S 10 -49.33 11.15 58.45
CA PHE S 10 -50.37 11.42 59.43
C PHE S 10 -49.86 12.52 60.36
N VAL S 11 -50.60 13.63 60.40
CA VAL S 11 -50.26 14.79 61.22
C VAL S 11 -51.31 15.11 62.27
N SER S 12 -50.88 15.35 63.50
CA SER S 12 -51.76 15.82 64.56
C SER S 12 -51.42 17.25 64.98
N ALA S 13 -52.39 18.15 64.85
CA ALA S 13 -52.18 19.56 65.13
C ALA S 13 -53.40 20.16 65.83
N SER S 14 -53.16 21.12 66.72
CA SER S 14 -54.24 21.78 67.44
C SER S 14 -54.91 22.86 66.58
N VAL S 15 -56.18 23.12 66.83
CA VAL S 15 -56.83 24.29 66.25
C VAL S 15 -56.05 25.55 66.59
N GLY S 16 -55.88 26.44 65.61
CA GLY S 16 -55.12 27.66 65.78
C GLY S 16 -53.66 27.55 65.43
N ASP S 17 -53.15 26.33 65.38
CA ASP S 17 -51.74 26.08 65.08
C ASP S 17 -51.48 26.27 63.59
N ARG S 18 -50.22 26.55 63.26
CA ARG S 18 -49.80 26.57 61.86
C ARG S 18 -49.34 25.16 61.51
N VAL S 19 -49.62 24.73 60.29
CA VAL S 19 -49.17 23.44 59.81
C VAL S 19 -48.74 23.48 58.34
N THR S 20 -47.67 22.77 58.02
CA THR S 20 -47.20 22.65 56.64
C THR S 20 -46.97 21.18 56.29
N ILE S 21 -47.64 20.74 55.22
CA ILE S 21 -47.50 19.38 54.72
C ILE S 21 -46.90 19.42 53.31
N THR S 22 -46.12 18.40 52.97
CA THR S 22 -45.37 18.39 51.72
C THR S 22 -45.78 17.25 50.80
N CYS S 23 -45.56 17.45 49.51
CA CYS S 23 -45.82 16.44 48.49
C CYS S 23 -44.57 16.36 47.61
N ARG S 24 -44.04 15.15 47.46
CA ARG S 24 -42.83 14.93 46.68
C ARG S 24 -43.06 14.02 45.49
N ALA S 25 -42.73 14.52 44.30
CA ALA S 25 -42.82 13.76 43.06
C ALA S 25 -41.52 13.04 42.76
N SER S 26 -41.64 11.87 42.15
CA SER S 26 -40.48 11.02 41.88
C SER S 26 -39.67 11.61 40.73
N GLN S 27 -40.32 12.45 39.92
CA GLN S 27 -39.67 13.19 38.84
C GLN S 27 -40.26 14.58 38.75
N GLY S 28 -39.58 15.47 38.03
CA GLY S 28 -40.02 16.85 37.90
C GLY S 28 -41.34 16.98 37.16
N ILE S 29 -42.20 17.89 37.63
CA ILE S 29 -43.51 18.13 37.02
C ILE S 29 -43.86 19.62 37.01
N SER S 30 -42.83 20.47 37.06
CA SER S 30 -42.95 21.93 37.20
C SER S 30 -44.03 22.35 38.20
N SER S 31 -45.08 23.05 37.74
CA SER S 31 -46.12 23.57 38.63
C SER S 31 -47.47 22.95 38.32
N TYR S 32 -47.45 21.75 37.72
CA TYR S 32 -48.66 21.04 37.37
C TYR S 32 -49.10 20.19 38.55
N LEU S 33 -49.51 20.87 39.62
CA LEU S 33 -49.91 20.20 40.85
C LEU S 33 -51.10 20.93 41.46
N ALA S 34 -52.02 20.14 42.02
CA ALA S 34 -53.16 20.67 42.74
C ALA S 34 -53.31 19.92 44.06
N TRP S 35 -54.00 20.56 45.00
CA TRP S 35 -54.32 19.96 46.28
C TRP S 35 -55.82 19.85 46.45
N TYR S 36 -56.28 18.73 46.98
CA TYR S 36 -57.69 18.55 47.29
C TYR S 36 -57.88 18.23 48.75
N GLN S 37 -59.03 18.64 49.26
CA GLN S 37 -59.46 18.32 50.61
C GLN S 37 -60.59 17.30 50.52
N GLN S 38 -60.50 16.25 51.32
CA GLN S 38 -61.54 15.23 51.34
C GLN S 38 -61.79 14.83 52.77
N LYS S 39 -63.07 14.88 53.15
CA LYS S 39 -63.50 14.48 54.48
C LYS S 39 -64.15 13.11 54.36
N PRO S 40 -64.20 12.35 55.47
CA PRO S 40 -64.68 10.98 55.37
C PRO S 40 -66.11 10.91 54.83
N GLY S 41 -66.39 9.94 53.99
CA GLY S 41 -67.72 9.78 53.43
C GLY S 41 -68.05 10.81 52.37
N LYS S 42 -67.06 11.62 51.99
CA LYS S 42 -67.28 12.74 51.06
C LYS S 42 -66.29 12.75 49.92
N ALA S 43 -66.62 13.55 48.91
CA ALA S 43 -65.83 13.71 47.69
C ALA S 43 -64.68 14.68 47.94
N PRO S 44 -63.58 14.56 47.18
CA PRO S 44 -62.53 15.55 47.37
C PRO S 44 -63.02 16.97 47.05
N LYS S 45 -62.36 17.97 47.61
CA LYS S 45 -62.67 19.37 47.36
C LYS S 45 -61.44 20.15 46.92
N LEU S 46 -61.56 20.96 45.88
CA LEU S 46 -60.42 21.71 45.37
C LEU S 46 -59.98 22.83 46.32
N VAL S 47 -58.69 22.86 46.61
CA VAL S 47 -58.13 23.88 47.50
C VAL S 47 -57.23 24.82 46.70
N ILE S 48 -56.27 24.23 45.98
CA ILE S 48 -55.28 24.97 45.22
C ILE S 48 -54.98 24.28 43.90
N TYR S 49 -54.76 25.06 42.85
CA TYR S 49 -54.30 24.51 41.57
C TYR S 49 -53.12 25.34 41.06
N ALA S 50 -52.47 24.86 40.01
CA ALA S 50 -51.26 25.49 39.47
C ALA S 50 -50.24 25.76 40.58
N ALA S 51 -50.20 24.85 41.54
CA ALA S 51 -49.24 24.81 42.65
C ALA S 51 -49.51 25.86 43.74
N SER S 52 -49.89 27.08 43.35
CA SER S 52 -49.94 28.19 44.31
C SER S 52 -51.18 29.07 44.18
N THR S 53 -52.07 28.75 43.25
CA THR S 53 -53.24 29.60 42.99
C THR S 53 -54.47 29.03 43.68
N LEU S 54 -55.08 29.83 44.56
CA LEU S 54 -56.29 29.41 45.26
C LEU S 54 -57.54 29.38 44.39
N GLN S 55 -58.36 28.35 44.59
CA GLN S 55 -59.69 28.26 43.99
C GLN S 55 -60.66 29.23 44.65
N SER S 56 -61.57 29.80 43.87
CA SER S 56 -62.52 30.78 44.39
C SER S 56 -63.34 30.17 45.53
N GLY S 57 -63.55 30.95 46.58
CA GLY S 57 -64.31 30.49 47.73
C GLY S 57 -63.42 29.92 48.82
N VAL S 58 -62.19 29.57 48.47
CA VAL S 58 -61.25 29.03 49.44
C VAL S 58 -60.74 30.13 50.38
N PRO S 59 -60.74 29.88 51.70
CA PRO S 59 -60.35 30.93 52.66
C PRO S 59 -58.88 31.33 52.57
N SER S 60 -58.58 32.58 52.93
CA SER S 60 -57.25 33.14 52.74
C SER S 60 -56.18 32.50 53.62
N ARG S 61 -56.60 31.76 54.64
CA ARG S 61 -55.66 31.09 55.54
C ARG S 61 -54.91 29.95 54.84
N PHE S 62 -55.41 29.54 53.69
CA PHE S 62 -54.72 28.57 52.83
C PHE S 62 -53.74 29.24 51.87
N SER S 63 -52.60 28.60 51.67
CA SER S 63 -51.65 29.00 50.63
C SER S 63 -50.83 27.78 50.20
N GLY S 64 -50.19 27.89 49.04
CA GLY S 64 -49.34 26.84 48.54
C GLY S 64 -48.17 27.33 47.71
N SER S 65 -47.07 26.59 47.75
CA SER S 65 -45.89 26.92 46.95
C SER S 65 -45.14 25.65 46.53
N GLY S 66 -44.17 25.83 45.63
CA GLY S 66 -43.37 24.73 45.13
C GLY S 66 -43.33 24.63 43.62
N SER S 67 -42.32 23.94 43.11
CA SER S 67 -42.19 23.68 41.68
C SER S 67 -41.12 22.64 41.42
N GLY S 68 -41.35 21.77 40.44
CA GLY S 68 -40.44 20.68 40.14
C GLY S 68 -40.81 19.38 40.85
N THR S 69 -40.18 19.15 41.99
CA THR S 69 -40.29 17.87 42.71
C THR S 69 -40.70 18.10 44.17
N GLU S 70 -40.59 19.34 44.64
CA GLU S 70 -40.93 19.68 46.01
C GLU S 70 -42.07 20.69 46.05
N PHE S 71 -43.15 20.33 46.75
CA PHE S 71 -44.34 21.18 46.83
C PHE S 71 -44.79 21.34 48.29
N THR S 72 -45.56 22.40 48.55
CA THR S 72 -45.92 22.76 49.92
C THR S 72 -47.36 23.25 50.00
N LEU S 73 -48.10 22.76 50.98
CA LEU S 73 -49.38 23.32 51.35
C LEU S 73 -49.32 23.84 52.79
N THR S 74 -49.74 25.08 53.00
CA THR S 74 -49.64 25.70 54.32
C THR S 74 -50.98 26.27 54.76
N ILE S 75 -51.31 26.03 56.02
CA ILE S 75 -52.45 26.67 56.67
C ILE S 75 -51.95 27.49 57.86
N SER S 76 -52.14 28.81 57.79
CA SER S 76 -51.53 29.72 58.74
C SER S 76 -52.14 29.56 60.13
N SER S 77 -53.40 29.14 60.17
CA SER S 77 -54.10 28.95 61.43
C SER S 77 -55.31 28.03 61.23
N LEU S 78 -55.21 26.80 61.71
CA LEU S 78 -56.21 25.78 61.40
C LEU S 78 -57.54 26.07 62.06
N GLN S 79 -58.62 25.86 61.30
CA GLN S 79 -59.96 25.84 61.85
C GLN S 79 -60.53 24.42 61.74
N PRO S 80 -61.56 24.10 62.54
CA PRO S 80 -62.09 22.73 62.61
C PRO S 80 -62.46 22.15 61.25
N GLU S 81 -62.92 22.98 60.32
CA GLU S 81 -63.36 22.50 59.02
C GLU S 81 -62.20 22.10 58.12
N ASP S 82 -60.99 22.50 58.50
CA ASP S 82 -59.80 22.22 57.68
C ASP S 82 -59.27 20.81 57.93
N PHE S 83 -59.70 20.22 59.03
CA PHE S 83 -59.25 18.89 59.40
C PHE S 83 -59.87 17.84 58.50
N ALA S 84 -59.02 17.06 57.85
CA ALA S 84 -59.44 16.19 56.75
C ALA S 84 -58.25 15.41 56.21
N THR S 85 -58.49 14.57 55.21
CA THR S 85 -57.40 13.88 54.51
C THR S 85 -57.16 14.64 53.21
N TYR S 86 -55.89 14.94 52.94
CA TYR S 86 -55.51 15.71 51.76
C TYR S 86 -54.74 14.89 50.74
N TYR S 87 -55.15 15.00 49.48
CA TYR S 87 -54.45 14.32 48.39
C TYR S 87 -53.89 15.41 47.49
N CYS S 88 -52.69 15.19 46.98
CA CYS S 88 -52.12 16.00 45.91
C CYS S 88 -52.30 15.29 44.58
N GLN S 89 -52.25 16.04 43.49
CA GLN S 89 -52.46 15.47 42.17
C GLN S 89 -51.63 16.13 41.08
N HIS S 90 -50.97 15.28 40.30
CA HIS S 90 -50.27 15.70 39.09
C HIS S 90 -51.32 15.97 38.02
N LEU S 91 -51.28 17.15 37.42
CA LEU S 91 -52.40 17.62 36.58
C LEU S 91 -52.29 17.06 35.17
N ILE S 92 -51.13 16.50 34.84
CA ILE S 92 -50.92 15.84 33.55
C ILE S 92 -50.26 14.48 33.74
N GLY S 93 -49.85 13.86 32.63
CA GLY S 93 -49.26 12.54 32.66
C GLY S 93 -50.23 11.44 33.07
N LEU S 94 -49.85 10.67 34.09
CA LEU S 94 -50.71 9.60 34.59
C LEU S 94 -51.72 10.13 35.59
N ARG S 95 -51.66 11.43 35.85
CA ARG S 95 -52.57 12.10 36.78
C ARG S 95 -52.57 11.35 38.11
N SER S 96 -51.39 11.03 38.60
CA SER S 96 -51.23 10.25 39.83
C SER S 96 -51.37 11.10 41.09
N PHE S 97 -51.93 10.49 42.12
CA PHE S 97 -52.09 11.12 43.42
C PHE S 97 -51.06 10.65 44.45
N GLY S 98 -50.86 11.45 45.49
CA GLY S 98 -50.13 11.01 46.66
C GLY S 98 -50.95 9.99 47.42
N GLN S 99 -50.38 9.38 48.46
CA GLN S 99 -51.10 8.34 49.21
C GLN S 99 -52.02 8.97 50.26
N GLY S 100 -51.89 10.28 50.43
CA GLY S 100 -52.76 11.06 51.30
C GLY S 100 -52.15 11.32 52.67
N THR S 101 -52.45 12.50 53.21
CA THR S 101 -52.02 12.87 54.57
C THR S 101 -53.24 13.22 55.44
N LYS S 102 -53.50 12.41 56.47
CA LYS S 102 -54.63 12.69 57.37
C LYS S 102 -54.27 13.67 58.49
N LEU S 103 -55.04 14.75 58.59
CA LEU S 103 -54.80 15.79 59.59
C LEU S 103 -55.91 15.74 60.66
N GLU S 104 -55.58 15.27 61.87
CA GLU S 104 -56.60 15.07 62.91
C GLU S 104 -56.44 16.05 64.07
N ILE S 105 -57.51 16.29 64.82
CA ILE S 105 -57.51 17.27 65.90
C ILE S 105 -56.93 16.70 67.20
N LYS S 106 -55.98 17.42 67.79
CA LYS S 106 -55.38 17.03 69.06
C LYS S 106 -56.25 17.51 70.22
N ARG S 107 -56.34 16.72 71.29
CA ARG S 107 -57.05 17.15 72.49
C ARG S 107 -56.60 16.35 73.72
N THR S 108 -57.16 16.67 74.88
CA THR S 108 -56.78 16.06 76.15
C THR S 108 -57.15 14.58 76.23
N VAL S 109 -56.38 13.81 77.00
CA VAL S 109 -56.71 12.41 77.24
C VAL S 109 -58.10 12.30 77.86
N ALA S 110 -58.86 11.32 77.38
CA ALA S 110 -60.22 11.08 77.84
C ALA S 110 -60.49 9.58 77.94
N ALA S 111 -60.83 9.12 79.12
CA ALA S 111 -61.05 7.69 79.35
C ALA S 111 -62.34 7.21 78.69
N PRO S 112 -62.35 5.96 78.21
CA PRO S 112 -63.56 5.42 77.61
C PRO S 112 -64.59 5.04 78.67
N SER S 113 -65.87 5.21 78.33
CA SER S 113 -66.96 4.61 79.09
C SER S 113 -67.20 3.21 78.55
N VAL S 114 -67.21 2.23 79.44
CA VAL S 114 -67.29 0.83 79.03
C VAL S 114 -68.66 0.27 79.35
N PHE S 115 -69.24 -0.39 78.35
CA PHE S 115 -70.54 -1.02 78.48
C PHE S 115 -70.47 -2.43 77.95
N ILE S 116 -71.14 -3.37 78.62
CA ILE S 116 -71.21 -4.72 78.09
C ILE S 116 -72.68 -5.03 77.84
N PHE S 117 -72.94 -5.73 76.74
CA PHE S 117 -74.30 -6.07 76.33
C PHE S 117 -74.43 -7.56 76.08
N PRO S 118 -75.32 -8.25 76.81
CA PRO S 118 -75.49 -9.66 76.46
C PRO S 118 -76.27 -9.82 75.16
N PRO S 119 -76.22 -11.01 74.56
CA PRO S 119 -77.01 -11.26 73.35
C PRO S 119 -78.50 -11.23 73.68
N SER S 120 -79.34 -10.81 72.75
CA SER S 120 -80.78 -10.84 73.00
C SER S 120 -81.31 -12.27 72.89
N ASP S 121 -82.40 -12.55 73.60
CA ASP S 121 -83.05 -13.86 73.51
C ASP S 121 -83.54 -14.09 72.09
N GLU S 122 -83.94 -13.01 71.42
CA GLU S 122 -84.41 -13.09 70.05
C GLU S 122 -83.34 -13.63 69.12
N GLN S 123 -82.11 -13.16 69.34
CA GLN S 123 -80.98 -13.56 68.51
C GLN S 123 -80.55 -15.01 68.80
N LEU S 124 -80.76 -15.48 70.01
CA LEU S 124 -80.38 -16.85 70.38
C LEU S 124 -81.24 -17.89 69.67
N LYS S 125 -82.48 -17.53 69.37
CA LYS S 125 -83.37 -18.39 68.59
C LYS S 125 -82.79 -18.68 67.21
N SER S 126 -81.98 -17.78 66.70
CA SER S 126 -81.53 -17.82 65.32
C SER S 126 -80.28 -18.70 65.18
N GLY S 127 -79.59 -18.93 66.29
CA GLY S 127 -78.44 -19.82 66.29
C GLY S 127 -77.11 -19.12 66.55
N THR S 128 -77.17 -17.82 66.84
CA THR S 128 -75.96 -17.04 67.07
C THR S 128 -76.13 -16.09 68.26
N ALA S 129 -75.04 -15.87 68.99
CA ALA S 129 -75.03 -14.99 70.15
C ALA S 129 -73.94 -13.94 69.96
N SER S 130 -74.33 -12.66 69.99
CA SER S 130 -73.37 -11.57 69.89
C SER S 130 -73.24 -10.81 71.21
N VAL S 131 -72.02 -10.77 71.73
CA VAL S 131 -71.72 -9.96 72.91
C VAL S 131 -70.99 -8.71 72.45
N VAL S 132 -71.49 -7.54 72.84
CA VAL S 132 -70.92 -6.28 72.38
C VAL S 132 -70.31 -5.49 73.53
N CYS S 133 -69.10 -4.99 73.30
CA CYS S 133 -68.40 -4.16 74.27
C CYS S 133 -68.24 -2.79 73.61
N LEU S 134 -68.73 -1.75 74.27
CA LEU S 134 -68.71 -0.40 73.73
C LEU S 134 -67.76 0.49 74.51
N LEU S 135 -66.85 1.13 73.79
CA LEU S 135 -66.04 2.21 74.35
C LEU S 135 -66.53 3.52 73.75
N ASN S 136 -67.01 4.42 74.61
CA ASN S 136 -67.66 5.63 74.14
C ASN S 136 -66.85 6.87 74.43
N ASN S 137 -66.65 7.70 73.42
CA ASN S 137 -66.06 9.03 73.59
C ASN S 137 -64.72 9.00 74.33
N PHE S 138 -63.68 8.48 73.67
CA PHE S 138 -62.36 8.41 74.28
C PHE S 138 -61.29 9.02 73.37
N TYR S 139 -60.14 9.30 73.97
CA TYR S 139 -58.97 9.79 73.24
C TYR S 139 -57.71 9.48 74.06
N PRO S 140 -56.62 9.08 73.41
CA PRO S 140 -56.43 8.88 71.96
C PRO S 140 -57.16 7.67 71.39
N ARG S 141 -56.96 7.42 70.10
CA ARG S 141 -57.70 6.40 69.37
C ARG S 141 -57.31 4.99 69.80
N GLU S 142 -56.06 4.82 70.21
CA GLU S 142 -55.54 3.50 70.53
C GLU S 142 -56.14 2.96 71.82
N ALA S 143 -56.71 1.76 71.73
CA ALA S 143 -57.27 1.07 72.89
C ALA S 143 -57.19 -0.44 72.67
N LYS S 144 -57.01 -1.17 73.77
CA LYS S 144 -57.00 -2.62 73.73
C LYS S 144 -58.26 -3.18 74.36
N VAL S 145 -58.94 -4.07 73.63
CA VAL S 145 -60.15 -4.69 74.14
C VAL S 145 -59.93 -6.20 74.13
N GLN S 146 -60.07 -6.80 75.29
CA GLN S 146 -59.86 -8.23 75.47
C GLN S 146 -61.15 -8.86 75.98
N TRP S 147 -61.54 -9.96 75.36
CA TRP S 147 -62.70 -10.71 75.82
C TRP S 147 -62.27 -11.85 76.73
N LYS S 148 -63.07 -12.08 77.77
CA LYS S 148 -62.82 -13.16 78.71
C LYS S 148 -64.13 -13.91 78.99
N VAL S 149 -64.09 -15.22 78.79
CA VAL S 149 -65.23 -16.07 79.06
C VAL S 149 -64.86 -17.07 80.14
N ASP S 150 -65.57 -17.01 81.27
CA ASP S 150 -65.19 -17.73 82.48
C ASP S 150 -63.70 -17.56 82.76
N ASN S 151 -63.24 -16.30 82.68
CA ASN S 151 -61.84 -15.96 82.90
C ASN S 151 -60.93 -16.71 81.92
N ALA S 152 -60.97 -16.30 80.66
CA ALA S 152 -60.17 -16.94 79.61
C ALA S 152 -60.10 -16.06 78.37
N LEU S 153 -58.91 -15.53 78.10
CA LEU S 153 -58.72 -14.59 76.99
C LEU S 153 -59.07 -15.23 75.65
N GLN S 154 -60.06 -14.65 74.97
CA GLN S 154 -60.46 -15.10 73.64
C GLN S 154 -59.49 -14.56 72.61
N SER S 155 -59.54 -15.12 71.40
CA SER S 155 -58.66 -14.68 70.32
C SER S 155 -59.15 -15.15 68.95
N GLY S 156 -59.26 -14.21 68.02
CA GLY S 156 -59.61 -14.51 66.65
C GLY S 156 -61.09 -14.73 66.40
N ASN S 157 -61.91 -14.49 67.41
CA ASN S 157 -63.36 -14.66 67.27
C ASN S 157 -64.07 -13.38 67.70
N SER S 158 -63.38 -12.25 67.52
CA SER S 158 -63.92 -10.94 67.81
C SER S 158 -63.48 -9.97 66.73
N GLN S 159 -64.28 -8.96 66.46
CA GLN S 159 -63.90 -7.91 65.51
C GLN S 159 -64.14 -6.53 66.10
N GLU S 160 -63.25 -5.60 65.80
CA GLU S 160 -63.40 -4.23 66.30
C GLU S 160 -63.71 -3.31 65.13
N SER S 161 -64.39 -2.21 65.41
CA SER S 161 -64.60 -1.16 64.43
C SER S 161 -64.51 0.20 65.11
N VAL S 162 -63.80 1.14 64.52
CA VAL S 162 -63.64 2.46 65.16
C VAL S 162 -64.11 3.59 64.25
N THR S 163 -64.83 4.52 64.84
CA THR S 163 -65.32 5.72 64.16
C THR S 163 -64.25 6.79 63.98
N GLU S 164 -64.49 7.70 63.04
CA GLU S 164 -63.69 8.91 62.92
C GLU S 164 -63.97 9.81 64.12
N GLN S 165 -63.06 10.72 64.39
CA GLN S 165 -63.26 11.71 65.46
C GLN S 165 -64.56 12.47 65.35
N ASP S 166 -65.27 12.55 66.47
CA ASP S 166 -66.48 13.36 66.56
C ASP S 166 -66.09 14.80 66.25
N SER S 167 -66.92 15.47 65.45
CA SER S 167 -66.59 16.82 64.97
C SER S 167 -66.63 17.90 66.06
N LYS S 168 -67.21 17.59 67.22
CA LYS S 168 -67.30 18.56 68.30
C LYS S 168 -66.29 18.35 69.44
N ASP S 169 -66.29 17.16 70.04
CA ASP S 169 -65.46 16.92 71.22
C ASP S 169 -64.18 16.16 70.84
N SER S 170 -64.08 15.74 69.58
CA SER S 170 -62.83 15.19 69.04
C SER S 170 -62.46 13.85 69.69
N THR S 171 -63.47 13.13 70.18
CA THR S 171 -63.26 11.82 70.77
C THR S 171 -63.58 10.69 69.78
N TYR S 172 -63.28 9.48 70.20
CA TYR S 172 -63.57 8.28 69.41
C TYR S 172 -64.56 7.39 70.13
N SER S 173 -65.22 6.53 69.37
CA SER S 173 -66.00 5.44 69.94
C SER S 173 -65.58 4.15 69.26
N LEU S 174 -65.73 3.05 69.99
CA LEU S 174 -65.26 1.75 69.53
C LEU S 174 -66.21 0.67 70.00
N SER S 175 -66.53 -0.26 69.09
CA SER S 175 -67.32 -1.43 69.43
C SER S 175 -66.48 -2.68 69.23
N SER S 176 -66.62 -3.63 70.13
CA SER S 176 -66.04 -4.95 69.97
C SER S 176 -67.14 -5.98 70.05
N THR S 177 -67.24 -6.84 69.04
CA THR S 177 -68.31 -7.83 68.98
C THR S 177 -67.74 -9.24 69.04
N LEU S 178 -68.12 -9.97 70.08
CA LEU S 178 -67.73 -11.37 70.22
C LEU S 178 -68.84 -12.25 69.63
N THR S 179 -68.49 -13.10 68.68
CA THR S 179 -69.48 -13.97 68.05
C THR S 179 -69.24 -15.43 68.40
N LEU S 180 -70.25 -16.06 68.98
CA LEU S 180 -70.23 -17.47 69.33
C LEU S 180 -71.46 -18.17 68.75
N SER S 181 -71.41 -19.50 68.65
CA SER S 181 -72.58 -20.29 68.32
C SER S 181 -73.54 -20.35 69.52
N LYS S 182 -74.79 -20.69 69.26
CA LYS S 182 -75.80 -20.80 70.32
C LYS S 182 -75.39 -21.84 71.35
N ALA S 183 -74.87 -22.98 70.88
CA ALA S 183 -74.46 -24.06 71.75
C ALA S 183 -73.33 -23.61 72.67
N ASP S 184 -72.35 -22.94 72.08
CA ASP S 184 -71.18 -22.44 72.80
C ASP S 184 -71.57 -21.42 73.88
N TYR S 185 -72.40 -20.46 73.52
CA TYR S 185 -72.83 -19.44 74.47
C TYR S 185 -73.51 -20.04 75.72
N GLU S 186 -74.40 -21.00 75.51
CA GLU S 186 -75.20 -21.54 76.61
C GLU S 186 -74.48 -22.57 77.49
N LYS S 187 -73.24 -22.92 77.15
CA LYS S 187 -72.45 -23.82 77.98
C LYS S 187 -71.46 -23.09 78.89
N HIS S 188 -71.49 -21.75 78.85
CA HIS S 188 -70.61 -20.95 79.70
C HIS S 188 -71.42 -19.93 80.50
N LYS S 189 -70.83 -19.40 81.57
CA LYS S 189 -71.55 -18.55 82.51
C LYS S 189 -71.12 -17.08 82.50
N VAL S 190 -69.81 -16.84 82.64
CA VAL S 190 -69.29 -15.48 82.80
C VAL S 190 -68.76 -14.90 81.49
N TYR S 191 -69.23 -13.71 81.15
CA TYR S 191 -68.77 -12.98 79.97
C TYR S 191 -68.24 -11.60 80.33
N ALA S 192 -67.01 -11.31 79.93
CA ALA S 192 -66.32 -10.09 80.34
C ALA S 192 -65.54 -9.49 79.18
N CYS S 193 -65.56 -8.17 79.07
CA CYS S 193 -64.64 -7.45 78.19
C CYS S 193 -63.75 -6.52 79.00
N GLU S 194 -62.46 -6.57 78.73
CA GLU S 194 -61.47 -5.78 79.46
C GLU S 194 -60.85 -4.72 78.57
N VAL S 195 -60.93 -3.48 79.01
CA VAL S 195 -60.50 -2.34 78.20
C VAL S 195 -59.27 -1.68 78.84
N THR S 196 -58.21 -1.54 78.05
CA THR S 196 -57.01 -0.84 78.49
C THR S 196 -56.90 0.44 77.66
N HIS S 197 -56.73 1.58 78.33
CA HIS S 197 -56.66 2.85 77.62
C HIS S 197 -55.92 3.88 78.49
N GLN S 198 -55.23 4.81 77.84
CA GLN S 198 -54.37 5.77 78.53
C GLN S 198 -55.08 6.65 79.55
N GLY S 199 -56.40 6.79 79.41
CA GLY S 199 -57.16 7.65 80.28
C GLY S 199 -57.63 6.93 81.53
N LEU S 200 -57.42 5.61 81.56
CA LEU S 200 -57.81 4.80 82.71
C LEU S 200 -56.62 4.51 83.59
N SER S 201 -56.83 4.59 84.90
CA SER S 201 -55.79 4.30 85.87
C SER S 201 -55.41 2.83 85.80
N SER S 202 -56.38 1.99 85.45
CA SER S 202 -56.14 0.58 85.23
C SER S 202 -57.22 -0.02 84.32
N PRO S 203 -56.96 -1.22 83.77
CA PRO S 203 -57.94 -1.88 82.91
C PRO S 203 -59.30 -1.98 83.59
N VAL S 204 -60.38 -1.67 82.86
CA VAL S 204 -61.73 -1.76 83.41
C VAL S 204 -62.43 -2.97 82.83
N THR S 205 -63.13 -3.70 83.68
CA THR S 205 -63.82 -4.93 83.26
C THR S 205 -65.30 -4.83 83.60
N LYS S 206 -66.11 -5.02 82.57
CA LYS S 206 -67.56 -5.09 82.72
C LYS S 206 -67.98 -6.52 82.40
N SER S 207 -68.87 -7.09 83.22
CA SER S 207 -69.31 -8.47 82.98
C SER S 207 -70.72 -8.74 83.45
N PHE S 208 -71.23 -9.90 83.05
CA PHE S 208 -72.53 -10.40 83.47
C PHE S 208 -72.54 -11.92 83.48
N ASN S 209 -73.51 -12.50 84.18
CA ASN S 209 -73.70 -13.95 84.18
C ASN S 209 -74.90 -14.31 83.32
N ARG S 210 -74.72 -15.27 82.42
CA ARG S 210 -75.80 -15.72 81.54
C ARG S 210 -76.99 -16.19 82.36
N GLN T 1 -75.95 26.58 40.61
CA GLN T 1 -75.08 25.54 41.22
C GLN T 1 -75.23 24.21 40.47
N VAL T 2 -74.26 23.31 40.61
CA VAL T 2 -74.17 22.12 39.79
C VAL T 2 -74.05 20.89 40.67
N GLN T 3 -74.83 19.86 40.36
CA GLN T 3 -74.80 18.59 41.09
C GLN T 3 -74.51 17.44 40.12
N LEU T 4 -73.55 16.59 40.47
CA LEU T 4 -73.33 15.34 39.75
C LEU T 4 -73.87 14.11 40.48
N GLN T 5 -74.81 13.41 39.85
CA GLN T 5 -75.38 12.18 40.41
C GLN T 5 -75.01 10.94 39.59
N GLN T 6 -74.61 9.87 40.28
CA GLN T 6 -74.21 8.60 39.65
C GLN T 6 -75.18 7.47 39.96
N TRP T 7 -75.30 6.53 39.01
CA TRP T 7 -76.04 5.29 39.20
C TRP T 7 -75.38 4.19 38.37
N GLY T 8 -75.84 2.95 38.52
CA GLY T 8 -75.17 1.83 37.90
C GLY T 8 -74.94 0.67 38.85
N ALA T 9 -74.76 -0.52 38.28
CA ALA T 9 -74.65 -1.76 39.04
C ALA T 9 -73.28 -1.87 39.70
N GLY T 10 -73.29 -2.20 41.00
CA GLY T 10 -72.07 -2.22 41.79
C GLY T 10 -71.54 -3.59 42.17
N LEU T 11 -72.38 -4.57 42.50
CA LEU T 11 -71.83 -5.91 42.68
C LEU T 11 -71.44 -6.39 41.29
N LEU T 12 -70.48 -7.31 41.20
CA LEU T 12 -70.14 -7.99 39.95
C LEU T 12 -69.26 -9.20 40.15
N LYS T 13 -69.28 -10.11 39.17
CA LYS T 13 -68.48 -11.31 39.20
C LYS T 13 -67.52 -11.24 38.02
N PRO T 14 -66.42 -11.99 38.06
CA PRO T 14 -65.36 -11.87 37.05
C PRO T 14 -65.85 -12.00 35.60
N SER T 15 -65.14 -11.34 34.68
CA SER T 15 -65.39 -11.45 33.25
C SER T 15 -66.62 -10.67 32.78
N GLU T 16 -67.40 -10.14 33.73
CA GLU T 16 -68.56 -9.32 33.38
C GLU T 16 -68.14 -7.88 33.08
N THR T 17 -69.11 -7.04 32.74
CA THR T 17 -68.84 -5.64 32.42
C THR T 17 -69.39 -4.68 33.47
N LEU T 18 -68.53 -3.81 33.99
CA LEU T 18 -68.97 -2.71 34.85
C LEU T 18 -69.53 -1.59 33.99
N SER T 19 -70.75 -1.15 34.30
CA SER T 19 -71.41 -0.10 33.51
C SER T 19 -72.04 0.97 34.41
N LEU T 20 -71.34 2.10 34.55
CA LEU T 20 -71.79 3.21 35.38
C LEU T 20 -72.15 4.41 34.51
N THR T 21 -73.08 5.23 35.02
CA THR T 21 -73.51 6.44 34.32
C THR T 21 -73.51 7.62 35.28
N CYS T 22 -73.20 8.80 34.75
CA CYS T 22 -73.12 10.02 35.54
C CYS T 22 -74.01 11.09 34.89
N GLY T 23 -75.01 11.53 35.64
CA GLY T 23 -75.91 12.59 35.20
C GLY T 23 -75.49 13.96 35.71
N VAL T 24 -75.60 14.95 34.83
CA VAL T 24 -75.24 16.32 35.14
C VAL T 24 -76.46 17.23 35.26
N TYR T 25 -76.57 17.93 36.40
CA TYR T 25 -77.72 18.80 36.68
C TYR T 25 -77.33 20.21 37.11
N GLY T 26 -77.76 21.21 36.34
CA GLY T 26 -77.45 22.61 36.60
C GLY T 26 -76.50 23.20 35.56
N GLU T 27 -76.05 22.33 34.66
CA GLU T 27 -75.10 22.67 33.61
C GLU T 27 -75.22 21.63 32.50
N SER T 28 -74.86 21.98 31.27
CA SER T 28 -74.92 21.04 30.16
C SER T 28 -73.61 20.27 30.02
N LEU T 29 -73.17 19.96 28.80
CA LEU T 29 -71.90 19.26 28.65
C LEU T 29 -70.89 20.00 27.76
N OAS T 30 -71.39 20.92 26.94
CA OAS T 30 -70.57 21.60 25.97
CB OAS T 30 -71.28 22.61 25.02
OG OAS T 30 -72.07 23.45 25.88
C OAS T 30 -69.40 22.34 26.63
O OAS T 30 -69.43 22.76 27.79
H OAS T 30 -72.34 21.23 26.90
HA OAS T 30 -70.13 20.81 25.30
HB2 OAS T 30 -70.53 23.24 24.47
HB3 OAS T 30 -71.95 22.09 24.30
N GLY T 31 -68.34 22.52 25.84
CA GLY T 31 -67.18 23.30 26.27
C GLY T 31 -66.55 22.83 27.56
N HIS T 32 -66.80 21.58 27.92
CA HIS T 32 -66.27 21.00 29.16
C HIS T 32 -65.90 19.55 28.97
N TYR T 33 -64.91 19.09 29.75
CA TYR T 33 -64.52 17.69 29.76
C TYR T 33 -65.22 16.97 30.92
N TRP T 34 -65.26 15.65 30.84
CA TRP T 34 -66.00 14.82 31.81
C TRP T 34 -65.27 13.51 32.04
N SER T 35 -65.05 13.18 33.31
CA SER T 35 -63.99 12.25 33.70
C SER T 35 -64.45 11.18 34.68
N TRP T 36 -63.70 10.07 34.71
CA TRP T 36 -63.90 9.00 35.70
C TRP T 36 -62.63 8.72 36.49
N VAL T 37 -62.81 8.42 37.78
CA VAL T 37 -61.70 8.20 38.70
C VAL T 37 -62.05 7.08 39.68
N ARG T 38 -61.11 6.18 39.95
CA ARG T 38 -61.36 5.07 40.86
C ARG T 38 -60.35 5.01 42.00
N GLN T 39 -60.72 4.31 43.06
CA GLN T 39 -59.92 4.24 44.28
C GLN T 39 -59.99 2.84 44.90
N PRO T 40 -58.97 2.01 44.64
CA PRO T 40 -59.00 0.69 45.30
C PRO T 40 -58.96 0.80 46.82
N PRO T 41 -59.46 -0.22 47.53
CA PRO T 41 -59.49 -0.20 49.00
C PRO T 41 -58.13 0.07 49.64
N GLY T 42 -58.03 1.15 50.42
CA GLY T 42 -56.81 1.46 51.13
C GLY T 42 -55.69 2.00 50.26
N LYS T 43 -56.02 2.39 49.03
CA LYS T 43 -55.02 2.92 48.10
C LYS T 43 -55.41 4.29 47.56
N ARG T 44 -54.56 4.81 46.69
CA ARG T 44 -54.67 6.17 46.20
C ARG T 44 -55.66 6.27 45.04
N LEU T 45 -56.03 7.50 44.70
CA LEU T 45 -56.92 7.75 43.56
C LEU T 45 -56.17 7.47 42.26
N GLU T 46 -56.87 6.93 41.27
CA GLU T 46 -56.26 6.63 39.97
C GLU T 46 -57.16 7.08 38.83
N TRP T 47 -56.62 7.97 38.00
CA TRP T 47 -57.30 8.46 36.82
C TRP T 47 -57.53 7.41 35.73
N ILE T 48 -58.78 7.34 35.25
CA ILE T 48 -59.17 6.38 34.21
C ILE T 48 -59.25 7.03 32.82
N GLY T 49 -59.85 8.22 32.74
CA GLY T 49 -59.98 8.90 31.47
C GLY T 49 -60.97 10.07 31.43
N GLU T 50 -61.29 10.50 30.21
CA GLU T 50 -62.07 11.72 29.99
C GLU T 50 -62.52 11.84 28.53
N ILE T 51 -63.47 12.74 28.24
CA ILE T 51 -63.99 12.91 26.88
C ILE T 51 -64.71 14.26 26.70
N LYS T 52 -64.88 14.70 25.45
CA LYS T 52 -65.53 15.97 25.14
C LYS T 52 -66.49 15.87 23.96
N HIS T 53 -66.67 16.96 23.20
CA HIS T 53 -67.66 17.04 22.13
C HIS T 53 -67.45 16.00 21.03
N ASN T 54 -66.81 16.41 19.93
CA ASN T 54 -66.54 15.49 18.82
C ASN T 54 -65.11 14.95 18.91
N GLY T 55 -64.51 15.11 20.09
CA GLY T 55 -63.14 14.69 20.31
C GLY T 55 -63.04 13.27 20.81
N SER T 56 -61.87 12.68 20.63
CA SER T 56 -61.61 11.31 21.08
C SER T 56 -61.50 11.25 22.60
N PRO T 57 -61.59 10.05 23.17
CA PRO T 57 -61.38 9.86 24.60
C PRO T 57 -59.92 9.55 24.94
N ASN T 58 -59.47 9.94 26.13
CA ASN T 58 -58.12 9.69 26.58
C ASN T 58 -58.12 8.80 27.83
N TYR T 59 -57.76 7.53 27.66
CA TYR T 59 -57.79 6.55 28.74
C TYR T 59 -56.44 6.41 29.44
N HIS T 60 -56.45 5.73 30.57
CA HIS T 60 -55.20 5.40 31.28
C HIS T 60 -54.47 4.33 30.49
N PRO T 61 -53.12 4.32 30.55
CA PRO T 61 -52.39 3.34 29.75
C PRO T 61 -52.70 1.87 30.07
N SER T 62 -52.79 1.53 31.36
CA SER T 62 -52.97 0.14 31.77
C SER T 62 -54.41 -0.36 31.58
N LEU T 63 -55.26 0.46 30.98
CA LEU T 63 -56.69 0.17 30.92
C LEU T 63 -57.31 0.40 29.53
N LYS T 64 -56.53 0.92 28.59
CA LYS T 64 -57.08 1.36 27.30
C LYS T 64 -57.65 0.22 26.46
N SER T 65 -57.20 -1.01 26.73
CA SER T 65 -57.64 -2.16 25.97
C SER T 65 -58.94 -2.75 26.50
N ARG T 66 -59.65 -2.00 27.35
CA ARG T 66 -60.84 -2.49 28.03
C ARG T 66 -61.85 -1.40 28.36
N VAL T 67 -61.41 -0.14 28.35
CA VAL T 67 -62.24 0.96 28.83
C VAL T 67 -62.85 1.72 27.66
N THR T 68 -64.12 2.05 27.79
CA THR T 68 -64.80 3.00 26.90
C THR T 68 -65.55 4.09 27.65
N ILE T 69 -65.28 5.35 27.30
CA ILE T 69 -66.04 6.48 27.81
C ILE T 69 -66.77 7.17 26.66
N SER T 70 -68.05 7.47 26.88
CA SER T 70 -68.90 8.01 25.82
C SER T 70 -69.89 9.03 26.41
N LEU T 71 -70.33 9.98 25.59
CA LEU T 71 -71.31 10.97 26.01
C LEU T 71 -72.69 10.69 25.44
N ASP T 72 -73.71 10.75 26.27
CA ASP T 72 -75.08 10.79 25.78
C ASP T 72 -75.55 12.23 25.92
N MET T 73 -75.29 13.04 24.89
CA MET T 73 -75.43 14.49 24.99
C MET T 73 -76.90 14.92 25.08
N SER T 74 -77.79 14.14 24.49
CA SER T 74 -79.22 14.44 24.51
C SER T 74 -79.83 14.32 25.90
N LYS T 75 -79.19 13.55 26.77
CA LYS T 75 -79.68 13.33 28.14
C LYS T 75 -78.78 14.01 29.17
N ASN T 76 -77.70 14.65 28.69
CA ASN T 76 -76.69 15.25 29.56
C ASN T 76 -76.11 14.23 30.55
N GLN T 77 -75.68 13.10 30.00
CA GLN T 77 -75.05 12.04 30.78
C GLN T 77 -73.77 11.58 30.11
N PHE T 78 -72.87 10.98 30.87
CA PHE T 78 -71.71 10.32 30.29
C PHE T 78 -71.48 9.05 31.09
N SER T 79 -70.77 8.11 30.47
CA SER T 79 -70.72 6.75 30.99
C SER T 79 -69.34 6.13 30.98
N LEU T 80 -69.16 5.13 31.82
CA LEU T 80 -67.92 4.38 31.89
C LEU T 80 -68.25 2.91 31.74
N ASN T 81 -67.57 2.24 30.81
CA ASN T 81 -67.67 0.80 30.65
C ASN T 81 -66.32 0.18 30.94
N LEU T 82 -66.33 -0.90 31.73
CA LEU T 82 -65.10 -1.64 31.99
C LEU T 82 -65.35 -3.14 31.89
N THR T 83 -64.79 -3.74 30.85
CA THR T 83 -65.07 -5.13 30.53
C THR T 83 -64.10 -6.04 31.27
N SER T 84 -64.47 -7.31 31.40
CA SER T 84 -63.61 -8.31 32.02
C SER T 84 -62.99 -7.84 33.34
N VAL T 85 -63.82 -7.49 34.30
CA VAL T 85 -63.32 -7.00 35.58
C VAL T 85 -62.72 -8.15 36.39
N THR T 86 -61.67 -7.85 37.14
CA THR T 86 -61.09 -8.78 38.10
C THR T 86 -61.11 -8.19 39.49
N ALA T 87 -60.58 -8.94 40.45
CA ALA T 87 -60.51 -8.49 41.84
C ALA T 87 -59.77 -7.17 41.97
N ALA T 88 -58.86 -6.91 41.04
CA ALA T 88 -58.03 -5.70 41.08
C ALA T 88 -58.85 -4.46 40.76
N ASP T 89 -59.96 -4.65 40.04
CA ASP T 89 -60.83 -3.55 39.65
C ASP T 89 -61.83 -3.18 40.75
N THR T 90 -61.87 -3.98 41.82
CA THR T 90 -62.65 -3.64 43.00
C THR T 90 -62.21 -2.27 43.49
N ALA T 91 -63.07 -1.27 43.33
CA ALA T 91 -62.79 0.06 43.82
C ALA T 91 -63.98 1.00 43.76
N VAL T 92 -63.83 2.16 44.40
CA VAL T 92 -64.91 3.12 44.54
C VAL T 92 -64.69 3.97 43.30
N TYR T 93 -65.65 3.99 42.37
CA TYR T 93 -65.63 4.98 41.29
C TYR T 93 -66.32 6.34 41.48
N PHE T 94 -65.50 7.36 41.25
CA PHE T 94 -65.80 8.80 41.32
C PHE T 94 -65.92 9.46 39.95
N CYS T 95 -66.98 10.23 39.70
CA CYS T 95 -67.12 10.89 38.39
C CYS T 95 -66.90 12.36 38.75
N ALA T 96 -66.31 13.12 37.82
CA ALA T 96 -66.28 14.57 37.93
C ALA T 96 -66.20 15.37 36.63
N ARG T 97 -66.60 16.64 36.73
CA ARG T 97 -66.64 17.56 35.60
C ARG T 97 -65.35 18.35 35.56
N ARG T 98 -64.80 18.55 34.36
CA ARG T 98 -63.62 19.39 34.21
C ARG T 98 -63.86 20.63 33.36
N SER T 99 -63.55 21.78 33.94
CA SER T 99 -63.52 23.05 33.23
C SER T 99 -62.23 23.14 32.42
N ASN T 100 -62.24 23.98 31.39
CA ASN T 100 -61.08 24.11 30.51
C ASN T 100 -60.06 25.11 31.04
N TRP T 101 -58.80 24.92 30.65
CA TRP T 101 -57.75 25.91 30.88
C TRP T 101 -58.27 27.27 30.40
N PRO T 102 -57.90 28.38 31.08
CA PRO T 102 -57.04 28.56 32.26
C PRO T 102 -57.58 27.87 33.50
N TYR T 103 -58.87 27.54 33.51
CA TYR T 103 -59.44 26.81 34.64
C TYR T 103 -59.10 25.33 34.49
N LEU T 104 -57.82 25.02 34.71
CA LEU T 104 -57.33 23.65 34.76
C LEU T 104 -58.11 22.80 35.76
N PRO T 105 -58.44 23.34 36.95
CA PRO T 105 -59.12 22.46 37.91
C PRO T 105 -60.46 21.95 37.42
N PHE T 106 -60.91 20.84 38.01
CA PHE T 106 -62.19 20.25 37.69
C PHE T 106 -63.10 20.22 38.91
N ASP T 107 -64.29 20.81 38.76
CA ASP T 107 -65.29 20.82 39.83
C ASP T 107 -66.66 20.40 39.28
N PRO T 108 -67.33 19.45 39.97
CA PRO T 108 -67.11 19.00 41.34
C PRO T 108 -66.87 17.50 41.33
N TRP T 109 -67.39 16.72 42.27
CA TRP T 109 -67.36 15.26 42.08
C TRP T 109 -68.64 14.59 42.54
N GLY T 110 -68.70 13.29 42.30
CA GLY T 110 -69.88 12.49 42.57
C GLY T 110 -69.90 12.00 44.01
N GLN T 111 -70.95 11.25 44.35
CA GLN T 111 -71.07 10.69 45.69
C GLN T 111 -70.25 9.41 45.70
N GLY T 112 -70.26 8.77 44.55
CA GLY T 112 -69.47 7.58 44.29
C GLY T 112 -70.10 6.23 44.53
N THR T 113 -70.03 5.48 43.44
CA THR T 113 -70.41 4.08 43.22
C THR T 113 -69.36 3.16 43.84
N LEU T 114 -69.81 2.20 44.66
CA LEU T 114 -68.90 1.28 45.31
C LEU T 114 -69.28 -0.03 44.71
N VAL T 115 -68.22 -0.58 44.13
CA VAL T 115 -68.20 -1.81 43.40
C VAL T 115 -67.30 -2.85 44.04
N THR T 116 -67.94 -3.98 44.35
CA THR T 116 -67.28 -5.14 44.92
C THR T 116 -67.24 -6.26 43.89
N VAL T 117 -66.16 -7.03 43.90
CA VAL T 117 -66.04 -8.22 43.06
C VAL T 117 -65.90 -9.45 43.96
N SER T 118 -66.93 -10.28 43.97
CA SER T 118 -66.98 -11.44 44.86
C SER T 118 -68.05 -12.43 44.41
N SER T 119 -67.89 -13.69 44.79
CA SER T 119 -68.88 -14.72 44.52
C SER T 119 -70.00 -14.80 45.55
N ALA T 120 -69.82 -14.10 46.67
CA ALA T 120 -70.79 -14.13 47.76
C ALA T 120 -72.20 -13.77 47.27
N SER T 121 -73.19 -14.55 47.68
CA SER T 121 -74.57 -14.32 47.29
C SER T 121 -75.19 -13.17 48.07
N THR T 122 -76.19 -12.53 47.49
CA THR T 122 -76.86 -11.40 48.13
C THR T 122 -77.64 -11.84 49.36
N LYS T 123 -77.66 -11.00 50.39
CA LYS T 123 -78.42 -11.27 51.60
C LYS T 123 -78.73 -9.97 52.32
N GLY T 124 -79.96 -9.85 52.83
CA GLY T 124 -80.37 -8.69 53.60
C GLY T 124 -79.85 -8.79 55.02
N PRO T 125 -79.67 -7.64 55.69
CA PRO T 125 -79.12 -7.70 57.04
C PRO T 125 -80.16 -8.16 58.07
N SER T 126 -79.72 -8.90 59.07
CA SER T 126 -80.53 -9.10 60.26
C SER T 126 -80.22 -7.98 61.24
N VAL T 127 -81.27 -7.40 61.80
CA VAL T 127 -81.15 -6.33 62.78
C VAL T 127 -81.59 -6.82 64.15
N PHE T 128 -80.68 -6.74 65.12
CA PHE T 128 -80.98 -7.16 66.48
C PHE T 128 -80.87 -5.95 67.38
N PRO T 129 -81.67 -5.89 68.45
CA PRO T 129 -81.54 -4.75 69.34
C PRO T 129 -80.36 -4.85 70.29
N LEU T 130 -79.74 -3.71 70.56
CA LEU T 130 -78.78 -3.60 71.66
C LEU T 130 -79.44 -2.79 72.75
N ALA T 131 -80.09 -3.50 73.66
CA ALA T 131 -81.02 -2.90 74.61
C ALA T 131 -80.28 -2.18 75.74
N PRO T 132 -80.79 -1.01 76.16
CA PRO T 132 -80.18 -0.34 77.31
C PRO T 132 -80.54 -1.09 78.59
N SER T 133 -79.63 -1.08 79.55
CA SER T 133 -79.84 -1.72 80.84
C SER T 133 -79.19 -0.95 81.98
N SER T 134 -79.57 -1.29 83.21
CA SER T 134 -79.12 -0.56 84.40
C SER T 134 -77.66 -0.87 84.76
N LYS T 135 -77.08 -1.90 84.17
CA LYS T 135 -75.61 -2.00 84.07
C LYS T 135 -75.02 -1.39 82.80
N SER T 136 -75.47 -0.17 82.48
CA SER T 136 -75.18 0.48 81.20
C SER T 136 -75.58 1.96 81.18
N THR T 137 -76.04 2.47 82.33
CA THR T 137 -76.27 3.90 82.53
C THR T 137 -75.02 4.58 83.09
N SER T 138 -74.09 4.90 82.19
CA SER T 138 -72.85 5.57 82.56
C SER T 138 -73.06 7.02 82.95
N GLY T 139 -73.27 7.22 84.25
CA GLY T 139 -73.46 8.55 84.82
C GLY T 139 -74.56 9.42 84.23
N GLY T 140 -75.74 8.85 84.11
CA GLY T 140 -76.91 9.59 83.62
C GLY T 140 -76.94 9.66 82.11
N THR T 141 -76.06 8.91 81.48
CA THR T 141 -76.05 8.75 80.03
C THR T 141 -76.20 7.28 79.74
N ALA T 142 -77.26 6.92 79.02
CA ALA T 142 -77.44 5.54 78.62
C ALA T 142 -76.95 5.39 77.19
N ALA T 143 -76.57 4.17 76.83
CA ALA T 143 -76.20 3.87 75.46
C ALA T 143 -77.06 2.76 74.92
N LEU T 144 -77.42 2.86 73.65
CA LEU T 144 -78.20 1.85 72.97
C LEU T 144 -77.79 1.86 71.51
N GLY T 145 -78.26 0.87 70.75
CA GLY T 145 -77.86 0.77 69.37
C GLY T 145 -78.57 -0.32 68.62
N CYS T 146 -78.05 -0.62 67.43
CA CYS T 146 -78.55 -1.69 66.61
C CYS T 146 -77.37 -2.42 65.99
N LEU T 147 -77.40 -3.75 66.10
CA LEU T 147 -76.38 -4.57 65.45
C LEU T 147 -76.92 -5.02 64.10
N VAL T 148 -76.23 -4.61 63.05
CA VAL T 148 -76.62 -4.94 61.68
C VAL T 148 -75.65 -5.98 61.16
N LYS T 149 -76.13 -7.22 61.10
CA LYS T 149 -75.24 -8.36 60.97
C LYS T 149 -75.54 -9.20 59.74
N ASP T 150 -74.49 -9.77 59.15
CA ASP T 150 -74.62 -10.75 58.08
C ASP T 150 -75.32 -10.23 56.83
N TYR T 151 -74.76 -9.20 56.21
CA TYR T 151 -75.30 -8.69 54.94
C TYR T 151 -74.23 -8.62 53.87
N PHE T 152 -74.66 -8.59 52.61
CA PHE T 152 -73.76 -8.50 51.48
C PHE T 152 -74.51 -8.08 50.22
N PRO T 153 -73.94 -7.15 49.43
CA PRO T 153 -72.69 -6.42 49.61
C PRO T 153 -72.89 -5.10 50.34
N GLU T 154 -71.79 -4.44 50.70
CA GLU T 154 -71.86 -3.11 51.27
C GLU T 154 -72.33 -2.12 50.22
N PRO T 155 -72.82 -0.95 50.64
CA PRO T 155 -73.07 -0.51 52.02
C PRO T 155 -74.55 -0.52 52.35
N VAL T 156 -74.90 -0.49 53.63
CA VAL T 156 -76.23 -0.07 54.04
C VAL T 156 -76.06 1.29 54.70
N THR T 157 -77.15 1.94 55.09
CA THR T 157 -77.07 3.06 56.01
C THR T 157 -77.86 2.82 57.28
N VAL T 158 -77.45 3.46 58.37
CA VAL T 158 -78.25 3.43 59.59
C VAL T 158 -78.78 4.85 59.80
N SER T 159 -79.99 4.95 60.34
CA SER T 159 -80.62 6.23 60.66
C SER T 159 -81.25 6.09 62.05
N TRP T 160 -81.37 7.19 62.77
CA TRP T 160 -82.09 7.17 64.04
C TRP T 160 -83.19 8.21 64.09
N ASN T 161 -84.40 7.72 64.34
CA ASN T 161 -85.61 8.53 64.44
C ASN T 161 -85.91 9.26 63.14
N SER T 162 -85.77 8.54 62.03
CA SER T 162 -85.92 9.11 60.69
C SER T 162 -85.09 10.38 60.48
N GLY T 163 -83.95 10.46 61.16
CA GLY T 163 -83.00 11.53 60.94
C GLY T 163 -83.13 12.71 61.89
N ALA T 164 -83.62 12.45 63.10
CA ALA T 164 -83.75 13.50 64.11
C ALA T 164 -82.55 13.47 65.05
N LEU T 165 -82.27 12.30 65.61
CA LEU T 165 -81.29 12.18 66.69
C LEU T 165 -79.90 12.09 66.07
N THR T 166 -79.50 13.16 65.40
CA THR T 166 -78.19 13.25 64.75
C THR T 166 -76.98 13.36 65.67
N SER T 167 -77.20 13.64 66.95
CA SER T 167 -76.11 13.69 67.92
C SER T 167 -75.86 12.40 68.68
N GLY T 168 -74.58 12.14 68.93
CA GLY T 168 -74.16 10.96 69.67
C GLY T 168 -74.30 9.64 68.94
N VAL T 169 -74.91 9.63 67.76
CA VAL T 169 -74.90 8.42 66.93
C VAL T 169 -73.54 8.23 66.29
N HIS T 170 -72.83 7.18 66.70
CA HIS T 170 -71.54 6.87 66.08
C HIS T 170 -71.59 5.68 65.12
N THR T 171 -71.53 5.95 63.82
CA THR T 171 -71.67 4.93 62.79
C THR T 171 -70.43 4.03 62.77
N PHE T 172 -70.43 2.89 63.45
CA PHE T 172 -69.24 2.05 63.41
C PHE T 172 -69.05 1.46 62.00
N PRO T 173 -67.88 1.67 61.38
CA PRO T 173 -67.64 1.09 60.05
C PRO T 173 -67.83 -0.42 59.96
N ALA T 174 -67.99 -0.92 58.74
CA ALA T 174 -68.32 -2.33 58.51
C ALA T 174 -67.14 -3.26 58.76
N VAL T 175 -67.44 -4.43 59.31
CA VAL T 175 -66.44 -5.47 59.55
C VAL T 175 -66.79 -6.76 58.80
N LEU T 176 -65.94 -7.14 57.85
CA LEU T 176 -66.17 -8.34 57.05
C LEU T 176 -65.81 -9.61 57.83
N GLN T 177 -66.83 -10.36 58.22
CA GLN T 177 -66.66 -11.59 58.97
C GLN T 177 -66.01 -12.70 58.13
N SER T 178 -65.73 -13.84 58.77
CA SER T 178 -65.12 -14.97 58.09
C SER T 178 -66.11 -15.68 57.18
N SER T 179 -67.40 -15.55 57.49
CA SER T 179 -68.46 -16.14 56.68
C SER T 179 -68.50 -15.56 55.26
N GLY T 180 -67.83 -14.43 55.07
CA GLY T 180 -67.85 -13.72 53.81
C GLY T 180 -68.95 -12.67 53.76
N LEU T 181 -69.64 -12.49 54.89
CA LEU T 181 -70.69 -11.49 55.01
C LEU T 181 -70.21 -10.32 55.86
N TYR T 182 -70.72 -9.13 55.59
CA TYR T 182 -70.34 -7.93 56.33
C TYR T 182 -71.21 -7.78 57.57
N SER T 183 -70.70 -7.01 58.53
CA SER T 183 -71.41 -6.74 59.77
C SER T 183 -71.02 -5.36 60.29
N LEU T 184 -71.91 -4.76 61.06
CA LEU T 184 -71.80 -3.35 61.43
C LEU T 184 -72.69 -3.05 62.62
N SER T 185 -72.26 -2.10 63.44
CA SER T 185 -73.10 -1.62 64.54
C SER T 185 -73.26 -0.11 64.53
N SER T 186 -74.43 0.34 64.96
CA SER T 186 -74.71 1.75 65.18
C SER T 186 -75.19 1.97 66.61
N VAL T 187 -74.56 2.88 67.33
CA VAL T 187 -74.92 3.11 68.72
C VAL T 187 -75.28 4.58 68.89
N VAL T 188 -75.94 4.90 70.00
CA VAL T 188 -76.31 6.28 70.29
C VAL T 188 -76.41 6.49 71.81
N THR T 189 -75.94 7.64 72.28
CA THR T 189 -76.10 8.00 73.68
C THR T 189 -77.20 9.03 73.88
N VAL T 190 -78.09 8.75 74.84
CA VAL T 190 -79.23 9.61 75.12
C VAL T 190 -79.38 9.82 76.64
N PRO T 191 -80.17 10.84 77.04
CA PRO T 191 -80.43 11.01 78.48
C PRO T 191 -81.19 9.82 79.08
N SER T 192 -80.80 9.38 80.28
CA SER T 192 -81.49 8.26 80.92
C SER T 192 -82.96 8.53 81.22
N SER T 193 -83.25 9.75 81.67
CA SER T 193 -84.60 10.13 82.09
C SER T 193 -85.66 9.97 81.00
N SER T 194 -85.23 10.06 79.75
CA SER T 194 -86.16 10.03 78.62
C SER T 194 -86.58 8.60 78.25
N LEU T 195 -85.88 7.62 78.79
CA LEU T 195 -86.09 6.22 78.39
C LEU T 195 -87.51 5.69 78.64
N GLY T 196 -88.28 6.38 79.47
CA GLY T 196 -89.68 6.02 79.67
C GLY T 196 -90.63 7.05 79.07
N THR T 197 -90.06 8.05 78.40
CA THR T 197 -90.83 9.14 77.81
C THR T 197 -90.28 9.43 76.42
N GLN T 198 -89.46 8.51 75.91
CA GLN T 198 -88.83 8.64 74.60
C GLN T 198 -88.86 7.29 73.90
N THR T 199 -89.10 7.34 72.60
CA THR T 199 -89.16 6.17 71.72
C THR T 199 -88.24 6.31 70.51
N TYR T 200 -87.27 5.42 70.35
CA TYR T 200 -86.37 5.54 69.20
C TYR T 200 -86.36 4.26 68.38
N ILE T 201 -86.63 4.46 67.11
CA ILE T 201 -86.55 3.46 66.06
C ILE T 201 -85.19 3.43 65.35
N CYS T 202 -84.66 2.22 65.17
CA CYS T 202 -83.39 2.01 64.47
C CYS T 202 -83.73 1.47 63.09
N ASN T 203 -83.22 2.13 62.05
CA ASN T 203 -83.59 1.83 60.67
C ASN T 203 -82.37 1.52 59.81
N VAL T 204 -82.46 0.38 59.13
CA VAL T 204 -81.41 -0.11 58.24
C VAL T 204 -81.98 -0.44 56.86
N ASN T 205 -81.34 0.07 55.81
CA ASN T 205 -81.72 -0.22 54.44
C ASN T 205 -80.60 -0.81 53.58
N HIS T 206 -80.95 -1.89 52.87
CA HIS T 206 -80.05 -2.60 51.97
C HIS T 206 -80.72 -2.73 50.61
N LYS T 207 -80.25 -1.96 49.64
CA LYS T 207 -80.94 -1.79 48.36
C LYS T 207 -80.84 -2.98 47.39
N PRO T 208 -79.67 -3.63 47.29
CA PRO T 208 -79.53 -4.78 46.39
C PRO T 208 -80.59 -5.88 46.57
N SER T 209 -81.22 -5.95 47.73
CA SER T 209 -82.28 -6.93 47.97
C SER T 209 -83.57 -6.28 48.46
N ASN T 210 -83.60 -4.94 48.48
CA ASN T 210 -84.75 -4.20 48.99
C ASN T 210 -85.15 -4.66 50.38
N THR T 211 -84.24 -4.51 51.33
CA THR T 211 -84.46 -4.93 52.71
C THR T 211 -84.48 -3.73 53.66
N LYS T 212 -85.66 -3.38 54.13
CA LYS T 212 -85.84 -2.26 55.05
C LYS T 212 -86.29 -2.84 56.39
N VAL T 213 -85.55 -2.50 57.44
CA VAL T 213 -85.87 -2.91 58.80
C VAL T 213 -85.95 -1.78 59.83
N ASP T 214 -87.11 -1.64 60.45
CA ASP T 214 -87.38 -0.59 61.44
C ASP T 214 -87.86 -1.36 62.67
N LYS T 215 -86.94 -1.55 63.62
CA LYS T 215 -87.26 -2.07 64.94
C LYS T 215 -86.96 -1.14 66.13
N LYS T 216 -88.01 -0.86 66.90
CA LYS T 216 -87.94 -0.04 68.10
C LYS T 216 -87.21 -0.75 69.22
N VAL T 217 -86.02 -0.27 69.61
CA VAL T 217 -85.36 -0.91 70.74
C VAL T 217 -86.16 -0.59 72.01
N GLU T 218 -86.31 -1.61 72.84
CA GLU T 218 -87.10 -1.53 74.07
C GLU T 218 -86.27 -1.72 75.34
N PRO T 219 -86.09 -0.66 76.15
CA PRO T 219 -85.21 -0.81 77.33
C PRO T 219 -85.61 -2.03 78.18
N LYS T 220 -84.63 -2.65 78.83
CA LYS T 220 -84.89 -3.82 79.67
C LYS T 220 -83.94 -3.88 80.85
CA ASN U 6 7.16 -24.55 13.13
C ASN U 6 7.59 -23.51 14.15
N THR U 7 8.44 -22.58 13.71
CA THR U 7 8.94 -21.50 14.55
C THR U 7 8.62 -20.15 13.90
N THR U 8 8.44 -19.13 14.74
CA THR U 8 8.05 -17.80 14.29
C THR U 8 9.01 -17.19 13.29
N LEU U 9 8.46 -16.57 12.25
CA LEU U 9 9.24 -15.92 11.20
C LEU U 9 9.44 -14.44 11.48
N PHE U 10 10.20 -13.77 10.61
CA PHE U 10 10.16 -12.32 10.51
C PHE U 10 9.99 -11.92 9.04
N CYS U 11 9.75 -10.64 8.80
CA CYS U 11 9.40 -10.16 7.48
C CYS U 11 10.57 -9.47 6.79
N ALA U 12 10.29 -8.88 5.64
CA ALA U 12 11.25 -8.06 4.91
C ALA U 12 10.50 -7.08 4.03
N SER U 13 11.10 -5.90 3.79
CA SER U 13 10.41 -4.85 3.05
C SER U 13 11.37 -3.78 2.55
N ASP U 14 10.89 -2.99 1.60
CA ASP U 14 11.67 -1.91 1.01
C ASP U 14 10.96 -0.56 1.21
N ALA U 15 10.93 -0.10 2.46
CA ALA U 15 10.23 1.13 2.82
C ALA U 15 11.20 2.20 3.33
N LYS U 16 10.98 3.43 2.91
CA LYS U 16 11.79 4.56 3.36
C LYS U 16 11.34 5.02 4.74
N ALA U 17 12.30 5.30 5.60
CA ALA U 17 12.01 5.68 6.98
C ALA U 17 11.26 7.02 7.05
N TYR U 18 11.59 7.92 6.14
CA TYR U 18 10.94 9.24 6.11
C TYR U 18 9.48 9.14 5.69
N ASP U 19 9.26 8.51 4.53
CA ASP U 19 7.96 8.48 3.87
C ASP U 19 6.83 8.17 4.86
N THR U 20 6.19 9.22 5.36
CA THR U 20 5.16 9.09 6.37
C THR U 20 3.87 8.52 5.78
N GLU U 21 3.82 7.20 5.68
CA GLU U 21 2.60 6.50 5.28
C GLU U 21 2.39 5.31 6.21
N VAL U 22 1.12 5.09 6.57
CA VAL U 22 0.73 4.05 7.51
C VAL U 22 1.48 2.73 7.31
N HIS U 23 1.63 2.33 6.05
CA HIS U 23 2.31 1.10 5.73
C HIS U 23 3.81 1.26 5.89
N ASN U 24 4.35 2.35 5.35
CA ASN U 24 5.78 2.59 5.38
C ASN U 24 6.30 2.85 6.79
N VAL U 25 5.48 3.48 7.62
CA VAL U 25 5.88 3.79 9.00
C VAL U 25 6.09 2.51 9.79
N TRP U 26 5.01 1.75 9.95
CA TRP U 26 5.04 0.52 10.74
C TRP U 26 6.03 -0.48 10.13
N ALA U 27 6.16 -0.45 8.81
CA ALA U 27 7.10 -1.34 8.13
C ALA U 27 8.53 -1.04 8.55
N THR U 28 8.92 0.24 8.40
CA THR U 28 10.26 0.66 8.79
C THR U 28 10.36 0.74 10.30
N HIS U 29 10.25 -0.41 10.95
CA HIS U 29 10.33 -0.51 12.40
C HIS U 29 10.31 -1.96 12.87
N ALA U 30 9.69 -2.83 12.06
CA ALA U 30 9.53 -4.25 12.40
C ALA U 30 9.99 -5.16 11.28
N CYS U 31 10.76 -4.63 10.34
CA CYS U 31 11.22 -5.40 9.17
C CYS U 31 12.65 -5.05 8.79
N VAL U 32 13.13 -5.69 7.72
CA VAL U 32 14.52 -5.57 7.28
C VAL U 32 14.58 -5.56 5.75
N PRO U 33 15.59 -4.88 5.17
CA PRO U 33 15.68 -4.88 3.70
C PRO U 33 15.90 -6.27 3.07
N THR U 34 17.01 -6.94 3.39
CA THR U 34 17.29 -8.27 2.84
C THR U 34 17.59 -8.14 1.32
N ASP U 35 18.03 -9.20 0.63
CA ASP U 35 18.28 -10.54 1.17
C ASP U 35 19.57 -11.11 0.59
N PRO U 36 20.04 -12.25 1.11
CA PRO U 36 21.20 -12.92 0.50
C PRO U 36 20.91 -13.41 -0.91
N SER U 37 21.54 -12.79 -1.89
CA SER U 37 21.37 -13.19 -3.28
C SER U 37 21.96 -14.57 -3.53
N PRO U 38 21.67 -15.18 -4.71
CA PRO U 38 20.80 -14.68 -5.78
C PRO U 38 19.52 -15.48 -5.97
N GLN U 39 19.65 -16.71 -6.48
CA GLN U 39 18.51 -17.47 -7.01
C GLN U 39 18.00 -18.56 -6.06
N GLU U 40 17.00 -19.29 -6.54
CA GLU U 40 16.44 -20.42 -5.82
C GLU U 40 17.35 -21.64 -5.94
N LEU U 41 17.53 -22.35 -4.84
CA LEU U 41 18.32 -23.58 -4.83
C LEU U 41 17.44 -24.76 -5.23
N LYS U 42 17.49 -25.16 -6.49
CA LYS U 42 16.59 -26.17 -7.02
C LYS U 42 17.00 -27.59 -6.65
N MET U 43 16.03 -28.40 -6.24
CA MET U 43 16.23 -29.82 -6.01
C MET U 43 15.78 -30.61 -7.23
N GLU U 44 16.03 -31.91 -7.22
CA GLU U 44 15.68 -32.76 -8.34
C GLU U 44 15.33 -34.16 -7.86
N ASN U 45 14.30 -34.75 -8.46
CA ASN U 45 13.83 -36.09 -8.10
C ASN U 45 13.40 -36.17 -6.65
N VAL U 46 13.08 -35.01 -6.06
CA VAL U 46 12.56 -34.94 -4.70
C VAL U 46 11.06 -34.72 -4.75
N THR U 47 10.32 -35.50 -3.96
CA THR U 47 8.88 -35.35 -3.85
C THR U 47 8.48 -34.94 -2.43
N GLU U 48 7.64 -33.91 -2.34
CA GLU U 48 7.22 -33.37 -1.05
C GLU U 48 5.72 -33.04 -1.07
N GLU U 49 5.05 -33.31 0.05
CA GLU U 49 3.63 -32.99 0.20
C GLU U 49 3.43 -31.54 0.64
N PHE U 50 2.38 -30.91 0.11
CA PHE U 50 2.00 -29.56 0.50
C PHE U 50 0.53 -29.50 0.90
N ASN U 51 0.18 -28.45 1.63
CA ASN U 51 -1.21 -28.21 2.01
C ASN U 51 -1.43 -26.73 2.29
N MET U 52 -1.93 -26.02 1.28
CA MET U 52 -2.13 -24.57 1.37
C MET U 52 -3.14 -24.22 2.45
N TRP U 53 -4.02 -25.16 2.77
CA TRP U 53 -5.11 -24.92 3.72
C TRP U 53 -4.68 -25.15 5.16
N LYS U 54 -3.48 -25.72 5.34
CA LYS U 54 -2.87 -25.88 6.65
C LYS U 54 -1.44 -25.36 6.59
N ASN U 55 -1.31 -24.05 6.67
CA ASN U 55 -0.03 -23.37 6.50
C ASN U 55 0.10 -22.24 7.52
N ASN U 56 0.95 -22.44 8.53
CA ASN U 56 1.05 -21.53 9.66
C ASN U 56 1.43 -20.11 9.26
N MET U 57 2.07 -19.95 8.11
CA MET U 57 2.50 -18.63 7.65
C MET U 57 1.30 -17.73 7.35
N VAL U 58 0.20 -18.32 6.89
CA VAL U 58 -1.03 -17.57 6.64
C VAL U 58 -1.58 -17.00 7.94
N GLU U 59 -1.62 -17.86 8.95
CA GLU U 59 -2.14 -17.49 10.28
C GLU U 59 -1.36 -16.34 10.87
N GLN U 60 -0.03 -16.38 10.73
CA GLN U 60 0.84 -15.37 11.31
C GLN U 60 0.72 -14.03 10.59
N MET U 61 0.48 -14.08 9.28
CA MET U 61 0.25 -12.87 8.51
C MET U 61 -1.05 -12.20 8.93
N HIS U 62 -2.06 -13.02 9.16
CA HIS U 62 -3.37 -12.51 9.56
C HIS U 62 -3.26 -11.61 10.80
N THR U 63 -2.51 -12.08 11.79
CA THR U 63 -2.31 -11.31 13.01
C THR U 63 -1.53 -10.03 12.75
N ASP U 64 -0.62 -10.09 11.78
CA ASP U 64 0.24 -8.94 11.49
C ASP U 64 -0.52 -7.79 10.82
N ILE U 65 -1.34 -8.10 9.82
CA ILE U 65 -2.04 -7.06 9.08
C ILE U 65 -3.08 -6.39 9.96
N ILE U 66 -3.70 -7.16 10.86
CA ILE U 66 -4.64 -6.60 11.81
C ILE U 66 -3.90 -5.60 12.71
N SER U 67 -2.73 -5.99 13.19
CA SER U 67 -1.93 -5.13 14.04
C SER U 67 -1.52 -3.85 13.31
N LEU U 68 -1.23 -3.98 12.02
CA LEU U 68 -0.89 -2.83 11.20
C LEU U 68 -2.06 -1.85 11.13
N TRP U 69 -3.23 -2.37 10.71
CA TRP U 69 -4.42 -1.53 10.54
C TRP U 69 -4.90 -0.94 11.87
N ASP U 70 -4.82 -1.74 12.93
CA ASP U 70 -5.23 -1.28 14.25
C ASP U 70 -4.34 -0.15 14.76
N GLN U 71 -3.05 -0.24 14.43
CA GLN U 71 -2.08 0.77 14.86
C GLN U 71 -2.14 2.01 13.98
N SER U 72 -2.61 1.82 12.75
CA SER U 72 -2.52 2.84 11.71
C SER U 72 -3.83 3.61 11.48
N LEU U 73 -4.90 2.87 11.21
CA LEU U 73 -6.21 3.47 10.92
C LEU U 73 -7.10 3.44 12.16
N LYS U 74 -7.08 4.54 12.90
CA LYS U 74 -7.88 4.66 14.13
C LYS U 74 -9.29 5.17 13.81
N PRO U 75 -10.32 4.37 14.11
CA PRO U 75 -11.68 4.91 13.96
C PRO U 75 -12.05 5.81 15.13
N CYS U 76 -12.95 6.75 14.89
CA CYS U 76 -13.35 7.70 15.91
C CYS U 76 -14.15 7.01 17.02
N VAL U 77 -14.92 5.99 16.62
CA VAL U 77 -15.76 5.25 17.53
C VAL U 77 -15.73 3.77 17.17
N GLN U 78 -15.76 2.91 18.18
CA GLN U 78 -15.77 1.47 18.00
C GLN U 78 -16.74 0.78 18.95
N LEU U 79 -17.51 -0.17 18.41
CA LEU U 79 -18.42 -0.98 19.22
C LEU U 79 -18.04 -2.45 19.12
N THR U 80 -17.64 -3.03 20.25
CA THR U 80 -17.32 -4.46 20.30
C THR U 80 -17.78 -5.07 21.62
N GLY U 81 -18.64 -6.09 21.54
CA GLY U 81 -19.12 -6.79 22.71
C GLY U 81 -19.72 -5.87 23.76
N GLY U 82 -20.57 -4.95 23.32
CA GLY U 82 -21.23 -4.03 24.23
C GLY U 82 -20.30 -2.99 24.81
N SER U 83 -19.03 -3.03 24.41
CA SER U 83 -18.00 -2.10 24.89
C SER U 83 -17.71 -1.04 23.84
N ALA U 84 -17.63 0.21 24.28
CA ALA U 84 -17.39 1.33 23.39
C ALA U 84 -15.98 1.89 23.53
N LEU U 85 -15.32 2.11 22.40
CA LEU U 85 -13.97 2.65 22.37
C LEU U 85 -13.91 3.89 21.48
N THR U 86 -13.33 4.96 22.01
CA THR U 86 -13.16 6.21 21.28
C THR U 86 -11.71 6.66 21.31
N GLN U 87 -11.28 7.31 20.23
CA GLN U 87 -9.89 7.73 20.10
C GLN U 87 -9.74 8.77 18.98
N ALA U 88 -8.55 9.37 18.90
CA ALA U 88 -8.26 10.33 17.84
C ALA U 88 -8.30 9.66 16.47
N CYS U 89 -8.81 10.37 15.47
CA CYS U 89 -8.99 9.80 14.14
C CYS U 89 -8.58 10.78 13.04
N PRO U 90 -7.28 11.04 12.91
CA PRO U 90 -6.78 11.88 11.82
C PRO U 90 -6.81 11.15 10.48
N LYS U 91 -7.17 11.85 9.40
CA LYS U 91 -7.14 11.23 8.07
C LYS U 91 -5.69 10.99 7.69
N VAL U 92 -5.43 9.87 7.01
CA VAL U 92 -4.07 9.46 6.68
C VAL U 92 -3.91 9.12 5.20
N THR U 93 -2.66 8.93 4.79
CA THR U 93 -2.33 8.44 3.46
C THR U 93 -2.14 6.93 3.53
N PHE U 94 -2.71 6.20 2.58
CA PHE U 94 -2.77 4.74 2.62
C PHE U 94 -2.50 4.14 1.25
N GLU U 95 -1.73 3.06 1.22
CA GLU U 95 -1.34 2.42 -0.03
C GLU U 95 -0.69 1.06 0.24
N PRO U 96 -0.99 0.03 -0.56
CA PRO U 96 -0.36 -1.28 -0.37
C PRO U 96 1.14 -1.29 -0.68
N ILE U 97 1.88 -2.19 -0.03
CA ILE U 97 3.33 -2.32 -0.21
C ILE U 97 3.75 -3.80 -0.16
N PRO U 98 4.64 -4.23 -1.07
CA PRO U 98 5.09 -5.63 -1.03
C PRO U 98 5.84 -6.00 0.25
N ILE U 99 5.64 -7.23 0.73
CA ILE U 99 6.31 -7.73 1.93
C ILE U 99 6.77 -9.18 1.71
N HIS U 100 7.92 -9.52 2.27
CA HIS U 100 8.48 -10.88 2.14
C HIS U 100 8.71 -11.50 3.53
N TYR U 101 8.31 -12.75 3.67
CA TYR U 101 8.45 -13.49 4.93
C TYR U 101 9.66 -14.40 4.90
N CYS U 102 10.68 -14.07 5.70
CA CYS U 102 11.91 -14.84 5.75
C CYS U 102 11.97 -15.74 6.98
N ALA U 103 12.70 -16.85 6.85
CA ALA U 103 12.81 -17.83 7.93
C ALA U 103 13.95 -17.47 8.89
N PRO U 104 13.82 -17.85 10.17
CA PRO U 104 14.89 -17.62 11.14
C PRO U 104 16.06 -18.60 10.97
N ALA U 105 17.11 -18.42 11.76
CA ALA U 105 18.30 -19.26 11.68
C ALA U 105 18.05 -20.67 12.21
N GLY U 106 17.77 -21.60 11.30
CA GLY U 106 17.51 -22.99 11.66
C GLY U 106 16.33 -23.59 10.92
N TYR U 107 15.77 -22.83 9.99
CA TYR U 107 14.59 -23.27 9.23
C TYR U 107 14.68 -22.79 7.78
N ALA U 108 14.08 -23.57 6.89
CA ALA U 108 14.08 -23.25 5.46
C ALA U 108 12.66 -23.13 4.94
N ILE U 109 12.52 -22.53 3.75
CA ILE U 109 11.22 -22.34 3.13
C ILE U 109 11.14 -23.03 1.78
N LEU U 110 10.56 -24.23 1.76
CA LEU U 110 10.37 -24.97 0.52
C LEU U 110 9.40 -24.22 -0.38
N LYS U 111 9.66 -24.26 -1.69
CA LYS U 111 8.84 -23.56 -2.66
C LYS U 111 8.40 -24.52 -3.77
N CYS U 112 7.10 -24.69 -3.91
CA CYS U 112 6.53 -25.58 -4.92
C CYS U 112 6.49 -24.90 -6.27
N ASN U 113 7.25 -25.44 -7.23
CA ASN U 113 7.34 -24.85 -8.56
C ASN U 113 6.56 -25.64 -9.62
N ASP U 114 5.88 -26.69 -9.19
CA ASP U 114 5.08 -27.50 -10.12
C ASP U 114 3.99 -26.63 -10.76
N LYS U 115 3.82 -26.80 -12.07
CA LYS U 115 2.87 -25.98 -12.82
C LYS U 115 1.43 -26.28 -12.44
N GLU U 116 1.19 -27.51 -11.98
CA GLU U 116 -0.15 -28.10 -11.79
C GLU U 116 -1.28 -27.06 -11.54
N PHE U 117 -1.59 -26.55 -10.34
CA PHE U 117 -1.24 -27.04 -9.00
C PHE U 117 -2.37 -26.60 -8.08
N ASN U 118 -3.03 -27.59 -7.47
CA ASN U 118 -4.27 -27.33 -6.74
C ASN U 118 -4.05 -27.00 -5.27
N GLY U 119 -2.79 -26.95 -4.84
CA GLY U 119 -2.45 -26.52 -3.50
C GLY U 119 -2.31 -27.65 -2.50
N THR U 120 -2.65 -28.86 -2.90
CA THR U 120 -2.53 -30.04 -2.04
C THR U 120 -1.85 -31.18 -2.78
N GLY U 121 -1.12 -32.00 -2.03
CA GLY U 121 -0.49 -33.18 -2.57
C GLY U 121 0.98 -33.01 -2.91
N LEU U 122 1.48 -33.91 -3.75
CA LEU U 122 2.91 -34.02 -4.03
C LEU U 122 3.43 -32.98 -5.02
N CYS U 123 4.65 -32.50 -4.77
CA CYS U 123 5.32 -31.56 -5.67
C CYS U 123 6.67 -32.14 -6.07
N LYS U 124 6.95 -32.17 -7.37
CA LYS U 124 8.13 -32.85 -7.89
C LYS U 124 9.31 -31.92 -8.16
N ASN U 125 9.06 -30.61 -8.20
CA ASN U 125 10.13 -29.63 -8.40
C ASN U 125 10.23 -28.68 -7.22
N VAL U 126 10.72 -29.20 -6.10
CA VAL U 126 10.77 -28.44 -4.86
C VAL U 126 12.13 -27.78 -4.65
N SER U 127 12.28 -26.54 -5.11
CA SER U 127 13.47 -25.75 -4.82
C SER U 127 13.39 -25.28 -3.37
N THR U 128 14.13 -24.21 -3.05
CA THR U 128 14.04 -23.63 -1.71
C THR U 128 14.50 -22.18 -1.70
N VAL U 129 13.73 -21.35 -0.99
CA VAL U 129 14.06 -19.95 -0.77
C VAL U 129 14.24 -19.72 0.73
N GLN U 130 14.76 -18.56 1.09
CA GLN U 130 14.88 -18.17 2.49
C GLN U 130 13.89 -17.04 2.80
N CYS U 131 13.20 -16.56 1.77
CA CYS U 131 12.16 -15.54 1.94
C CYS U 131 11.21 -15.58 0.75
N THR U 132 9.96 -15.18 0.98
CA THR U 132 8.92 -15.27 -0.04
C THR U 132 8.93 -14.08 -0.99
N HIS U 133 7.94 -14.04 -1.89
CA HIS U 133 7.83 -12.96 -2.86
C HIS U 133 7.03 -11.79 -2.30
N GLY U 134 6.92 -10.72 -3.10
CA GLY U 134 6.25 -9.50 -2.67
C GLY U 134 4.75 -9.65 -2.55
N ILE U 135 4.30 -9.95 -1.33
CA ILE U 135 2.88 -10.09 -1.04
C ILE U 135 2.25 -8.72 -0.77
N ARG U 136 1.29 -8.33 -1.60
CA ARG U 136 0.53 -7.10 -1.38
C ARG U 136 -0.56 -7.37 -0.33
N PRO U 137 -0.47 -6.73 0.85
CA PRO U 137 -1.43 -7.03 1.92
C PRO U 137 -2.79 -6.38 1.69
N VAL U 138 -3.48 -6.82 0.64
CA VAL U 138 -4.76 -6.23 0.26
C VAL U 138 -5.90 -6.85 1.06
N VAL U 139 -6.62 -6.02 1.80
CA VAL U 139 -7.81 -6.43 2.50
C VAL U 139 -9.01 -6.12 1.62
N SER U 140 -9.70 -7.17 1.16
CA SER U 140 -10.83 -6.98 0.27
C SER U 140 -11.73 -8.22 0.25
N THR U 141 -12.92 -8.07 -0.33
CA THR U 141 -13.86 -9.16 -0.49
C THR U 141 -14.20 -9.34 -1.96
N GLN U 142 -14.67 -10.53 -2.30
CA GLN U 142 -15.10 -10.87 -3.66
C GLN U 142 -13.94 -10.84 -4.66
N LEU U 143 -13.32 -9.68 -4.84
CA LEU U 143 -12.22 -9.53 -5.80
C LEU U 143 -10.87 -9.45 -5.11
N LEU U 144 -9.90 -10.19 -5.66
CA LEU U 144 -8.52 -10.12 -5.20
C LEU U 144 -7.74 -9.15 -6.07
N LEU U 145 -7.10 -8.19 -5.42
CA LEU U 145 -6.40 -7.12 -6.12
C LEU U 145 -4.89 -7.20 -5.93
N ASN U 146 -4.16 -6.93 -7.00
CA ASN U 146 -2.71 -6.88 -6.94
C ASN U 146 -2.09 -8.16 -6.38
N GLY U 147 -2.66 -9.29 -6.75
CA GLY U 147 -2.11 -10.59 -6.39
C GLY U 147 -1.17 -11.10 -7.47
N SER U 148 -0.83 -12.39 -7.39
CA SER U 148 0.03 -13.03 -8.37
C SER U 148 -0.83 -13.78 -9.39
N LEU U 149 -0.37 -13.79 -10.64
CA LEU U 149 -1.11 -14.41 -11.71
C LEU U 149 -0.71 -15.87 -11.87
N ALA U 150 -1.63 -16.68 -12.38
CA ALA U 150 -1.32 -18.07 -12.71
C ALA U 150 -0.27 -18.11 -13.81
N GLU U 151 0.64 -19.08 -13.72
CA GLU U 151 1.78 -19.16 -14.63
C GLU U 151 1.36 -19.49 -16.06
N GLY U 152 0.46 -20.44 -16.21
CA GLY U 152 -0.05 -20.84 -17.51
C GLY U 152 -1.47 -20.35 -17.71
N LYS U 153 -2.42 -21.24 -17.45
CA LYS U 153 -3.84 -20.90 -17.54
C LYS U 153 -4.41 -20.68 -16.14
N VAL U 154 -5.64 -20.18 -16.08
CA VAL U 154 -6.31 -19.91 -14.82
C VAL U 154 -6.34 -21.19 -13.97
N MET U 155 -6.26 -21.03 -12.66
CA MET U 155 -6.29 -22.16 -11.73
C MET U 155 -7.30 -21.94 -10.62
N ILE U 156 -8.04 -22.99 -10.28
CA ILE U 156 -9.03 -22.94 -9.21
C ILE U 156 -8.65 -23.93 -8.12
N ARG U 157 -8.94 -23.56 -6.87
CA ARG U 157 -8.52 -24.35 -5.70
C ARG U 157 -9.58 -24.32 -4.60
N SER U 158 -9.82 -25.47 -3.97
CA SER U 158 -10.77 -25.57 -2.86
C SER U 158 -10.42 -26.72 -1.94
N GLU U 159 -10.80 -26.61 -0.67
CA GLU U 159 -10.56 -27.66 0.30
C GLU U 159 -11.31 -28.94 -0.06
N ASN U 160 -12.51 -28.78 -0.61
CA ASN U 160 -13.34 -29.90 -0.99
C ASN U 160 -14.41 -29.45 -1.98
N ILE U 161 -14.19 -29.76 -3.25
CA ILE U 161 -15.08 -29.32 -4.32
C ILE U 161 -16.48 -29.91 -4.13
N THR U 162 -16.54 -31.11 -3.56
CA THR U 162 -17.80 -31.82 -3.41
C THR U 162 -18.69 -31.20 -2.32
N ASN U 163 -18.10 -30.38 -1.46
CA ASN U 163 -18.85 -29.67 -0.43
C ASN U 163 -19.25 -28.28 -0.93
N ASN U 164 -20.15 -27.62 -0.21
CA ASN U 164 -20.70 -26.34 -0.65
C ASN U 164 -20.41 -25.18 0.29
N VAL U 165 -19.96 -25.48 1.50
CA VAL U 165 -19.68 -24.44 2.50
C VAL U 165 -18.30 -23.83 2.28
N LYS U 166 -17.45 -24.53 1.52
CA LYS U 166 -16.05 -24.14 1.36
C LYS U 166 -15.83 -23.24 0.14
N ASN U 167 -15.03 -22.19 0.33
CA ASN U 167 -14.80 -21.20 -0.71
C ASN U 167 -13.90 -21.71 -1.84
N ILE U 168 -14.15 -21.18 -3.03
CA ILE U 168 -13.32 -21.45 -4.21
C ILE U 168 -12.42 -20.26 -4.50
N ILE U 169 -11.11 -20.48 -4.54
CA ILE U 169 -10.14 -19.43 -4.81
C ILE U 169 -9.66 -19.49 -6.26
N VAL U 170 -9.97 -18.44 -7.02
CA VAL U 170 -9.59 -18.36 -8.44
C VAL U 170 -8.36 -17.48 -8.62
N GLN U 171 -7.40 -17.96 -9.41
CA GLN U 171 -6.22 -17.18 -9.76
C GLN U 171 -6.15 -16.95 -11.27
N LEU U 172 -6.35 -15.71 -11.70
CA LEU U 172 -6.33 -15.38 -13.12
C LEU U 172 -4.91 -15.40 -13.66
N ASN U 173 -4.80 -15.54 -14.99
CA ASN U 173 -3.51 -15.42 -15.68
C ASN U 173 -3.44 -14.13 -16.49
N GLU U 174 -4.52 -13.36 -16.46
CA GLU U 174 -4.55 -12.03 -17.05
C GLU U 174 -5.19 -11.04 -16.08
N SER U 175 -4.45 -9.99 -15.74
CA SER U 175 -4.95 -8.96 -14.84
C SER U 175 -6.05 -8.16 -15.51
N VAL U 176 -7.07 -7.78 -14.74
CA VAL U 176 -8.10 -6.86 -15.19
C VAL U 176 -7.99 -5.58 -14.39
N THR U 177 -7.48 -4.53 -15.03
CA THR U 177 -7.30 -3.26 -14.38
C THR U 177 -8.64 -2.59 -14.07
N ILE U 178 -8.83 -2.21 -12.81
CA ILE U 178 -10.03 -1.50 -12.40
C ILE U 178 -9.63 -0.15 -11.81
N ASN U 179 -10.14 0.93 -12.39
CA ASN U 179 -9.92 2.27 -11.88
C ASN U 179 -11.21 2.82 -11.26
N CYS U 180 -11.13 3.13 -9.97
CA CYS U 180 -12.26 3.67 -9.24
C CYS U 180 -11.96 5.11 -8.87
N THR U 181 -12.89 6.01 -9.15
CA THR U 181 -12.66 7.44 -8.97
C THR U 181 -13.87 8.17 -8.40
N ARG U 182 -13.60 9.11 -7.51
CA ARG U 182 -14.64 9.97 -6.93
C ARG U 182 -14.44 11.41 -7.40
N PRO U 183 -15.26 11.87 -8.37
CA PRO U 183 -15.05 13.21 -8.92
C PRO U 183 -15.32 14.33 -7.91
N ASN U 184 -14.77 15.53 -8.19
CA ASN U 184 -14.95 16.70 -7.33
C ASN U 184 -16.38 17.24 -7.34
N ASN U 185 -17.19 16.76 -6.39
CA ASN U 185 -18.58 17.21 -6.24
C ASN U 185 -18.81 17.82 -4.87
N SER U 190 -19.85 21.74 -8.80
CA SER U 190 -20.73 20.69 -9.31
C SER U 190 -21.67 20.19 -8.22
N GLY U 191 -22.97 20.42 -8.40
CA GLY U 191 -23.97 19.96 -7.45
C GLY U 191 -24.00 18.45 -7.41
N GLY U 192 -23.51 17.87 -6.31
CA GLY U 192 -23.39 16.43 -6.22
C GLY U 192 -23.22 15.87 -4.82
N ASP U 193 -23.05 14.55 -4.77
CA ASP U 193 -22.94 13.81 -3.52
C ASP U 193 -21.48 13.41 -3.34
N ILE U 194 -20.87 13.85 -2.24
CA ILE U 194 -19.45 13.59 -1.99
C ILE U 194 -19.16 12.13 -1.66
N ARG U 195 -20.20 11.29 -1.62
CA ARG U 195 -20.05 9.87 -1.33
C ARG U 195 -20.37 9.01 -2.56
N GLN U 196 -20.71 9.66 -3.67
CA GLN U 196 -20.93 8.97 -4.93
C GLN U 196 -19.62 8.71 -5.65
N ALA U 197 -19.43 7.48 -6.10
CA ALA U 197 -18.22 7.09 -6.83
C ALA U 197 -18.55 6.05 -7.89
N HIS U 198 -17.59 5.77 -8.76
CA HIS U 198 -17.79 4.80 -9.84
C HIS U 198 -16.49 4.06 -10.17
N CYS U 199 -16.64 2.90 -10.82
CA CYS U 199 -15.51 2.11 -11.29
C CYS U 199 -15.69 1.77 -12.77
N ASN U 200 -14.61 1.87 -13.53
CA ASN U 200 -14.63 1.59 -14.96
C ASN U 200 -13.71 0.43 -15.32
N VAL U 201 -14.21 -0.50 -16.12
CA VAL U 201 -13.41 -1.62 -16.61
C VAL U 201 -13.82 -1.98 -18.03
N SER U 202 -12.88 -2.51 -18.80
CA SER U 202 -13.13 -2.91 -20.17
C SER U 202 -14.20 -4.00 -20.24
N GLY U 203 -15.24 -3.74 -21.02
CA GLY U 203 -16.31 -4.70 -21.20
C GLY U 203 -15.84 -5.94 -21.95
N SER U 204 -15.05 -5.72 -23.00
CA SER U 204 -14.57 -6.82 -23.84
C SER U 204 -13.63 -7.76 -23.08
N GLN U 205 -12.82 -7.20 -22.19
CA GLN U 205 -11.85 -8.01 -21.43
C GLN U 205 -12.57 -8.94 -20.46
N TRP U 206 -13.63 -8.45 -19.82
CA TRP U 206 -14.44 -9.27 -18.93
C TRP U 206 -15.10 -10.40 -19.71
N ASN U 207 -15.51 -10.10 -20.95
CA ASN U 207 -16.12 -11.10 -21.82
C ASN U 207 -15.11 -12.14 -22.34
N LYS U 208 -13.87 -12.05 -21.85
CA LYS U 208 -12.83 -13.00 -22.22
C LYS U 208 -12.23 -13.68 -21.00
N THR U 209 -12.02 -12.91 -19.93
CA THR U 209 -11.54 -13.47 -18.67
C THR U 209 -12.59 -14.41 -18.09
N LEU U 210 -13.85 -13.98 -18.09
CA LEU U 210 -14.94 -14.81 -17.60
C LEU U 210 -15.09 -16.09 -18.41
N HIS U 211 -14.91 -15.98 -19.73
CA HIS U 211 -15.01 -17.12 -20.62
C HIS U 211 -14.06 -18.24 -20.22
N GLN U 212 -12.84 -17.88 -19.87
CA GLN U 212 -11.81 -18.86 -19.56
C GLN U 212 -11.99 -19.50 -18.18
N VAL U 213 -12.54 -18.73 -17.24
CA VAL U 213 -12.81 -19.27 -15.92
C VAL U 213 -13.94 -20.29 -15.97
N VAL U 214 -15.00 -19.96 -16.72
CA VAL U 214 -16.17 -20.83 -16.85
C VAL U 214 -15.80 -22.20 -17.39
N GLU U 215 -14.88 -22.23 -18.35
CA GLU U 215 -14.43 -23.48 -18.94
C GLU U 215 -13.83 -24.39 -17.87
N GLN U 216 -13.07 -23.80 -16.96
CA GLN U 216 -12.43 -24.55 -15.89
C GLN U 216 -13.42 -24.88 -14.77
N LEU U 217 -14.46 -24.07 -14.62
CA LEU U 217 -15.51 -24.34 -13.65
C LEU U 217 -16.29 -25.58 -14.05
N ARG U 218 -16.44 -25.79 -15.36
CA ARG U 218 -16.99 -27.04 -15.89
C ARG U 218 -16.00 -28.15 -15.60
N LYS U 219 -16.13 -29.27 -16.30
CA LYS U 219 -15.14 -30.35 -16.23
C LYS U 219 -15.18 -31.05 -14.88
N TYR U 220 -15.06 -30.27 -13.80
CA TYR U 220 -15.24 -30.80 -12.45
C TYR U 220 -16.70 -31.13 -12.22
N TRP U 221 -17.58 -30.28 -12.72
CA TRP U 221 -19.02 -30.45 -12.55
C TRP U 221 -19.68 -30.93 -13.84
N ASN U 222 -18.97 -31.76 -14.58
CA ASN U 222 -19.50 -32.33 -15.82
C ASN U 222 -19.80 -31.23 -16.83
N ASN U 223 -20.66 -31.53 -17.80
CA ASN U 223 -21.03 -30.56 -18.83
C ASN U 223 -22.26 -29.73 -18.44
N ASN U 224 -22.30 -29.31 -17.19
CA ASN U 224 -23.35 -28.41 -16.72
C ASN U 224 -23.09 -26.99 -17.22
N THR U 225 -24.15 -26.26 -17.51
CA THR U 225 -24.03 -24.87 -17.92
C THR U 225 -24.01 -23.96 -16.71
N ILE U 226 -23.10 -23.00 -16.71
CA ILE U 226 -22.90 -22.10 -15.56
C ILE U 226 -23.56 -20.75 -15.80
N ILE U 227 -24.27 -20.30 -14.78
CA ILE U 227 -24.87 -18.97 -14.78
C ILE U 227 -24.42 -18.23 -13.52
N PHE U 228 -24.11 -16.95 -13.68
CA PHE U 228 -23.69 -16.15 -12.54
C PHE U 228 -24.79 -15.19 -12.11
N ASN U 229 -24.98 -15.08 -10.80
CA ASN U 229 -25.91 -14.13 -10.21
C ASN U 229 -25.22 -13.40 -9.06
N SER U 230 -25.79 -12.29 -8.63
CA SER U 230 -25.21 -11.51 -7.54
C SER U 230 -25.33 -12.23 -6.21
N SER U 231 -24.69 -11.69 -5.19
CA SER U 231 -24.74 -12.26 -3.84
C SER U 231 -26.18 -12.41 -3.36
N SER U 232 -26.42 -13.41 -2.51
CA SER U 232 -27.77 -13.70 -2.03
C SER U 232 -28.21 -12.75 -0.93
N GLY U 233 -27.23 -12.11 -0.28
CA GLY U 233 -27.50 -11.15 0.77
C GLY U 233 -26.55 -11.26 1.95
N GLY U 234 -26.76 -10.39 2.92
CA GLY U 234 -25.92 -10.31 4.10
C GLY U 234 -25.54 -8.87 4.38
N ASP U 235 -24.44 -8.68 5.10
CA ASP U 235 -23.92 -7.34 5.33
C ASP U 235 -23.54 -6.71 3.99
N LEU U 236 -23.60 -5.38 3.93
CA LEU U 236 -23.30 -4.66 2.69
C LEU U 236 -21.86 -4.88 2.26
N GLU U 237 -21.02 -5.26 3.21
CA GLU U 237 -19.59 -5.37 2.98
C GLU U 237 -19.18 -6.61 2.20
N ILE U 238 -20.00 -7.66 2.25
CA ILE U 238 -19.73 -8.90 1.52
C ILE U 238 -20.65 -9.10 0.33
N THR U 239 -21.74 -8.33 0.28
CA THR U 239 -22.60 -8.32 -0.91
C THR U 239 -21.93 -7.53 -2.03
N THR U 240 -21.16 -6.52 -1.64
CA THR U 240 -20.45 -5.65 -2.57
C THR U 240 -18.95 -5.91 -2.54
N HIS U 241 -18.26 -5.45 -3.57
CA HIS U 241 -16.80 -5.49 -3.60
C HIS U 241 -16.25 -4.37 -2.74
N SER U 242 -15.73 -4.71 -1.57
CA SER U 242 -15.25 -3.72 -0.61
C SER U 242 -13.74 -3.73 -0.52
N PHE U 243 -13.15 -2.56 -0.28
CA PHE U 243 -11.71 -2.42 -0.21
C PHE U 243 -11.35 -1.05 0.35
N ASN U 244 -10.08 -0.87 0.69
CA ASN U 244 -9.58 0.41 1.16
C ASN U 244 -8.71 1.09 0.12
N CYS U 245 -9.11 2.30 -0.27
CA CYS U 245 -8.35 3.10 -1.23
C CYS U 245 -8.03 4.47 -0.66
N GLY U 246 -6.75 4.70 -0.39
CA GLY U 246 -6.30 5.99 0.13
C GLY U 246 -6.83 6.29 1.53
N GLY U 247 -7.21 5.25 2.27
CA GLY U 247 -7.63 5.40 3.66
C GLY U 247 -9.13 5.43 3.87
N GLU U 248 -9.88 5.42 2.76
CA GLU U 248 -11.34 5.45 2.81
C GLU U 248 -11.91 4.06 2.56
N PHE U 249 -13.20 4.00 2.21
CA PHE U 249 -13.89 2.73 2.04
C PHE U 249 -14.86 2.78 0.88
N PHE U 250 -14.63 1.95 -0.12
CA PHE U 250 -15.50 1.87 -1.30
C PHE U 250 -16.42 0.64 -1.24
N TYR U 251 -17.66 0.81 -1.69
CA TYR U 251 -18.64 -0.28 -1.76
C TYR U 251 -19.26 -0.37 -3.14
N CYS U 252 -18.85 -1.39 -3.90
CA CYS U 252 -19.28 -1.52 -5.30
C CYS U 252 -20.29 -2.65 -5.52
N ASN U 253 -21.51 -2.28 -5.89
CA ASN U 253 -22.53 -3.25 -6.26
C ASN U 253 -22.13 -3.93 -7.57
N THR U 254 -21.93 -5.25 -7.52
CA THR U 254 -21.37 -5.99 -8.64
C THR U 254 -22.42 -6.80 -9.41
N SER U 255 -23.69 -6.44 -9.26
CA SER U 255 -24.78 -7.15 -9.94
C SER U 255 -24.59 -7.10 -11.45
N GLY U 256 -24.11 -5.97 -11.96
CA GLY U 256 -23.85 -5.81 -13.38
C GLY U 256 -22.63 -6.59 -13.82
N LEU U 257 -21.79 -6.98 -12.87
CA LEU U 257 -20.58 -7.74 -13.17
C LEU U 257 -20.87 -9.22 -13.31
N PHE U 258 -21.93 -9.68 -12.65
CA PHE U 258 -22.34 -11.09 -12.66
C PHE U 258 -23.72 -11.29 -13.28
N ASN U 259 -23.97 -10.66 -14.41
CA ASN U 259 -25.24 -10.83 -15.12
C ASN U 259 -25.25 -12.15 -15.89
N GLY U 265 -17.57 -12.09 -26.13
CA GLY U 265 -18.67 -11.14 -26.24
C GLY U 265 -19.11 -10.97 -27.68
N THR U 266 -20.42 -10.80 -27.87
CA THR U 266 -21.00 -10.56 -29.20
C THR U 266 -22.23 -9.66 -29.11
N ALA U 267 -23.06 -9.90 -28.11
CA ALA U 267 -24.31 -9.16 -27.94
C ALA U 267 -24.05 -7.70 -27.61
N SER U 268 -25.09 -6.88 -27.70
CA SER U 268 -25.02 -5.47 -27.32
C SER U 268 -24.74 -5.35 -25.82
N ILE U 269 -24.50 -4.12 -25.37
CA ILE U 269 -24.16 -3.84 -23.97
C ILE U 269 -22.77 -4.33 -23.58
N GLU U 270 -22.40 -5.50 -24.08
CA GLU U 270 -21.10 -6.10 -23.76
C GLU U 270 -19.97 -5.42 -24.53
N ASN U 271 -20.29 -4.87 -25.70
CA ASN U 271 -19.30 -4.16 -26.49
C ASN U 271 -19.19 -2.70 -26.05
N GLY U 272 -18.47 -2.48 -24.95
CA GLY U 272 -18.32 -1.15 -24.38
C GLY U 272 -17.64 -1.20 -23.02
N THR U 273 -18.15 -0.41 -22.09
CA THR U 273 -17.61 -0.36 -20.73
C THR U 273 -18.67 -0.69 -19.69
N ILE U 274 -18.26 -1.42 -18.66
CA ILE U 274 -19.09 -1.64 -17.48
C ILE U 274 -18.78 -0.58 -16.44
N THR U 275 -19.82 0.12 -15.98
CA THR U 275 -19.67 1.13 -14.94
C THR U 275 -20.38 0.68 -13.67
N LEU U 276 -19.59 0.43 -12.61
CA LEU U 276 -20.14 -0.01 -11.34
C LEU U 276 -20.36 1.18 -10.41
N PRO U 277 -21.59 1.35 -9.89
CA PRO U 277 -21.82 2.44 -8.94
C PRO U 277 -21.25 2.11 -7.56
N CYS U 278 -20.69 3.11 -6.88
CA CYS U 278 -20.09 2.90 -5.56
C CYS U 278 -20.50 3.96 -4.55
N ARG U 279 -20.28 3.64 -3.29
CA ARG U 279 -20.61 4.53 -2.18
C ARG U 279 -19.48 4.58 -1.16
N ILE U 280 -19.14 5.77 -0.70
CA ILE U 280 -18.17 5.94 0.38
C ILE U 280 -18.91 6.03 1.71
N LYS U 281 -18.57 5.13 2.62
CA LYS U 281 -19.26 5.04 3.90
C LYS U 281 -18.34 5.42 5.06
N GLN U 282 -18.95 5.91 6.14
CA GLN U 282 -18.24 6.25 7.36
C GLN U 282 -18.30 5.14 8.41
N ILE U 283 -19.35 4.32 8.32
CA ILE U 283 -19.57 3.23 9.27
C ILE U 283 -19.24 1.88 8.63
N ILE U 284 -18.43 1.08 9.31
CA ILE U 284 -18.02 -0.22 8.79
C ILE U 284 -18.02 -1.29 9.88
N ASN U 285 -18.38 -2.52 9.49
CA ASN U 285 -18.22 -3.69 10.36
C ASN U 285 -16.79 -4.19 10.30
N MET U 286 -16.19 -4.43 11.46
CA MET U 286 -14.78 -4.79 11.51
C MET U 286 -14.50 -6.25 11.08
N TRP U 287 -13.40 -6.43 10.38
CA TRP U 287 -12.93 -7.72 9.87
C TRP U 287 -11.92 -8.29 10.85
N GLN U 288 -11.21 -7.41 11.53
CA GLN U 288 -10.22 -7.80 12.53
C GLN U 288 -10.90 -8.52 13.67
N ARG U 289 -12.16 -8.18 13.89
CA ARG U 289 -12.86 -8.55 15.11
C ARG U 289 -14.34 -8.22 14.95
N VAL U 290 -15.19 -8.97 15.63
CA VAL U 290 -16.63 -8.72 15.54
C VAL U 290 -16.98 -7.38 16.19
N GLY U 291 -17.45 -6.44 15.37
CA GLY U 291 -17.81 -5.13 15.85
C GLY U 291 -18.03 -4.12 14.75
N GLN U 292 -18.41 -2.90 15.14
CA GLN U 292 -18.65 -1.80 14.22
C GLN U 292 -17.70 -0.65 14.51
N ALA U 293 -17.35 0.10 13.47
CA ALA U 293 -16.41 1.20 13.61
C ALA U 293 -16.88 2.42 12.80
N ILE U 294 -16.58 3.61 13.34
CA ILE U 294 -16.94 4.86 12.68
C ILE U 294 -15.70 5.70 12.39
N TYR U 295 -15.54 6.07 11.13
CA TYR U 295 -14.42 6.88 10.70
C TYR U 295 -14.91 8.28 10.37
N ALA U 296 -13.97 9.20 10.20
CA ALA U 296 -14.31 10.58 9.86
C ALA U 296 -14.82 10.67 8.43
N PRO U 297 -15.49 11.78 8.09
CA PRO U 297 -15.99 11.96 6.71
C PRO U 297 -14.86 11.92 5.69
N PRO U 298 -15.19 11.68 4.42
CA PRO U 298 -14.16 11.56 3.39
C PRO U 298 -13.39 12.86 3.16
N ILE U 299 -12.09 12.75 2.86
CA ILE U 299 -11.30 13.92 2.50
C ILE U 299 -11.82 14.50 1.19
N GLN U 300 -11.48 15.76 0.93
CA GLN U 300 -11.93 16.42 -0.29
C GLN U 300 -11.00 16.07 -1.45
N GLY U 301 -11.44 16.40 -2.67
CA GLY U 301 -10.62 16.21 -3.85
C GLY U 301 -10.85 14.88 -4.54
N VAL U 302 -10.14 14.65 -5.64
CA VAL U 302 -10.24 13.40 -6.38
C VAL U 302 -9.53 12.28 -5.64
N ILE U 303 -10.22 11.15 -5.51
CA ILE U 303 -9.65 9.94 -4.92
C ILE U 303 -9.70 8.82 -5.94
N ARG U 304 -8.54 8.40 -6.42
CA ARG U 304 -8.47 7.39 -7.47
C ARG U 304 -7.32 6.40 -7.26
N CYS U 305 -7.61 5.13 -7.55
CA CYS U 305 -6.62 4.06 -7.47
C CYS U 305 -6.83 3.07 -8.62
N VAL U 306 -5.74 2.66 -9.25
CA VAL U 306 -5.76 1.74 -10.38
C VAL U 306 -5.14 0.40 -9.99
N SER U 307 -5.99 -0.61 -9.74
CA SER U 307 -5.54 -1.90 -9.25
C SER U 307 -5.71 -3.02 -10.27
N ASN U 308 -4.88 -4.05 -10.17
CA ASN U 308 -5.00 -5.25 -10.98
C ASN U 308 -5.90 -6.29 -10.31
N ILE U 309 -7.03 -6.59 -10.94
CA ILE U 309 -7.86 -7.71 -10.49
C ILE U 309 -7.22 -8.99 -10.98
N THR U 310 -6.76 -9.82 -10.05
CA THR U 310 -5.99 -11.02 -10.37
C THR U 310 -6.67 -12.31 -9.93
N GLY U 311 -7.77 -12.19 -9.20
CA GLY U 311 -8.48 -13.36 -8.71
C GLY U 311 -9.86 -13.05 -8.16
N LEU U 312 -10.64 -14.12 -7.95
CA LEU U 312 -11.99 -14.00 -7.40
C LEU U 312 -12.20 -15.03 -6.29
N ILE U 313 -13.15 -14.76 -5.41
CA ILE U 313 -13.57 -15.71 -4.38
C ILE U 313 -15.04 -16.05 -4.61
N LEU U 314 -15.33 -17.35 -4.75
CA LEU U 314 -16.67 -17.80 -5.08
C LEU U 314 -17.20 -18.87 -4.13
N THR U 315 -18.53 -18.93 -4.02
CA THR U 315 -19.22 -20.02 -3.34
C THR U 315 -20.23 -20.61 -4.32
N ARG U 316 -20.50 -21.91 -4.17
CA ARG U 316 -21.41 -22.61 -5.06
C ARG U 316 -22.72 -22.94 -4.37
N ASP U 317 -23.84 -22.67 -5.04
CA ASP U 317 -25.16 -22.96 -4.50
C ASP U 317 -25.36 -24.46 -4.29
N GLY U 318 -25.70 -24.84 -3.05
CA GLY U 318 -25.90 -26.23 -2.70
C GLY U 318 -27.32 -26.52 -2.28
N GLY U 319 -27.87 -27.63 -2.78
CA GLY U 319 -29.22 -28.03 -2.46
C GLY U 319 -29.87 -28.79 -3.60
N GLY U 320 -30.07 -28.10 -4.73
CA GLY U 320 -30.69 -28.71 -5.88
C GLY U 320 -29.85 -29.81 -6.49
N ASN U 321 -30.50 -30.76 -7.16
CA ASN U 321 -29.80 -31.85 -7.84
C ASN U 321 -29.08 -31.34 -9.09
N SER U 322 -28.74 -32.27 -9.98
CA SER U 322 -28.15 -31.89 -11.26
C SER U 322 -29.18 -31.16 -12.11
N ASN U 323 -29.49 -29.93 -11.73
CA ASN U 323 -30.47 -29.11 -12.44
C ASN U 323 -29.86 -28.42 -13.65
N GLU U 324 -28.73 -28.94 -14.14
CA GLU U 324 -27.99 -28.38 -15.27
C GLU U 324 -27.27 -27.08 -14.90
N ASN U 325 -27.64 -26.49 -13.77
CA ASN U 325 -27.02 -25.29 -13.27
C ASN U 325 -26.50 -25.53 -11.85
N GLU U 326 -25.36 -24.93 -11.54
CA GLU U 326 -24.79 -25.01 -10.20
C GLU U 326 -24.80 -23.62 -9.57
N THR U 327 -24.74 -22.60 -10.42
CA THR U 327 -24.82 -21.19 -10.01
C THR U 327 -23.74 -20.76 -9.02
N PHE U 328 -22.95 -19.77 -9.42
CA PHE U 328 -21.90 -19.24 -8.58
C PHE U 328 -22.14 -17.77 -8.25
N ARG U 329 -21.94 -17.42 -7.00
CA ARG U 329 -22.14 -16.05 -6.52
C ARG U 329 -20.91 -15.60 -5.74
N PRO U 330 -20.64 -14.28 -5.72
CA PRO U 330 -19.45 -13.79 -5.02
C PRO U 330 -19.51 -13.99 -3.51
N GLY U 331 -18.37 -14.31 -2.90
CA GLY U 331 -18.29 -14.54 -1.47
C GLY U 331 -17.14 -13.77 -0.85
N GLY U 332 -16.41 -14.43 0.04
CA GLY U 332 -15.31 -13.80 0.76
C GLY U 332 -15.75 -13.37 2.14
N GLY U 333 -14.90 -12.59 2.81
CA GLY U 333 -15.16 -12.13 4.15
C GLY U 333 -14.02 -12.49 5.08
N ASP U 334 -13.64 -13.76 5.05
CA ASP U 334 -12.49 -14.24 5.81
C ASP U 334 -11.21 -13.87 5.05
N MET U 335 -10.47 -12.90 5.58
CA MET U 335 -9.33 -12.34 4.87
C MET U 335 -8.15 -13.30 4.77
N ARG U 336 -8.25 -14.44 5.44
CA ARG U 336 -7.22 -15.47 5.32
C ARG U 336 -7.16 -15.98 3.88
N ASP U 337 -8.31 -16.04 3.24
CA ASP U 337 -8.39 -16.49 1.85
C ASP U 337 -7.60 -15.56 0.92
N ASN U 338 -7.55 -14.28 1.27
CA ASN U 338 -6.76 -13.33 0.50
C ASN U 338 -5.26 -13.62 0.62
N TRP U 339 -4.82 -13.91 1.84
CA TRP U 339 -3.41 -14.24 2.09
C TRP U 339 -3.09 -15.61 1.49
N ARG U 340 -4.00 -16.54 1.68
CA ARG U 340 -3.82 -17.91 1.21
C ARG U 340 -3.65 -17.97 -0.30
N SER U 341 -4.27 -17.03 -1.00
CA SER U 341 -4.23 -16.99 -2.46
C SER U 341 -2.83 -16.71 -3.00
N GLU U 342 -1.97 -16.20 -2.13
CA GLU U 342 -0.60 -15.84 -2.49
C GLU U 342 0.43 -16.76 -1.87
N LEU U 343 0.08 -17.31 -0.71
CA LEU U 343 1.03 -18.03 0.12
C LEU U 343 0.94 -19.56 -0.05
N TYR U 344 0.15 -19.99 -1.02
CA TYR U 344 -0.15 -21.41 -1.21
C TYR U 344 1.08 -22.25 -1.53
N LYS U 345 2.05 -21.67 -2.23
CA LYS U 345 3.17 -22.44 -2.76
C LYS U 345 4.37 -22.49 -1.82
N TYR U 346 4.19 -22.04 -0.57
CA TYR U 346 5.28 -22.02 0.41
C TYR U 346 4.98 -22.89 1.63
N LYS U 347 6.05 -23.32 2.29
CA LYS U 347 5.95 -24.12 3.51
C LYS U 347 7.23 -24.02 4.33
N VAL U 348 7.09 -24.03 5.65
CA VAL U 348 8.22 -23.93 6.56
C VAL U 348 8.66 -25.31 7.05
N VAL U 349 9.96 -25.54 7.08
CA VAL U 349 10.52 -26.81 7.57
C VAL U 349 11.63 -26.62 8.58
N LYS U 350 11.82 -27.65 9.39
CA LYS U 350 12.90 -27.72 10.37
C LYS U 350 14.06 -28.50 9.78
N ILE U 351 15.26 -27.95 9.83
CA ILE U 351 16.43 -28.63 9.31
C ILE U 351 16.89 -29.70 10.30
N GLU U 352 16.89 -30.96 9.85
CA GLU U 352 17.29 -32.08 10.71
C GLU U 352 18.02 -33.14 9.90
CA MPT V 1 -20.02 -12.73 13.49
C MPT V 1 -20.88 -12.88 14.70
O MPT V 1 -20.63 -13.86 15.45
CB MPT V 1 -20.71 -12.89 12.19
SG MPT V 1 -21.69 -14.35 12.01
N ASN V 2 -21.96 -12.04 14.83
CA ASN V 2 -22.97 -12.54 15.75
C ASN V 2 -23.93 -13.48 15.06
N LEU V 3 -23.67 -14.78 15.17
CA LEU V 3 -24.41 -15.79 14.42
C LEU V 3 -25.92 -15.77 14.67
N HIS V 4 -26.33 -15.65 15.93
CA HIS V 4 -27.75 -15.67 16.25
C HIS V 4 -28.51 -14.54 15.55
N PHE V 5 -27.99 -13.32 15.65
CA PHE V 5 -28.66 -12.19 15.03
C PHE V 5 -28.51 -12.25 13.52
N CYS V 6 -27.39 -12.79 13.05
CA CYS V 6 -27.23 -13.05 11.63
C CYS V 6 -28.33 -14.00 11.16
N GLN V 7 -28.55 -15.06 11.93
CA GLN V 7 -29.62 -15.99 11.60
C GLN V 7 -30.97 -15.30 11.71
N LEU V 8 -31.12 -14.45 12.73
CA LEU V 8 -32.37 -13.73 12.96
C LEU V 8 -32.68 -12.75 11.82
N ARG V 9 -31.65 -12.32 11.09
CA ARG V 9 -31.82 -11.36 10.00
C ARG V 9 -32.10 -12.04 8.66
N CYS V 10 -31.34 -13.10 8.37
CA CYS V 10 -31.42 -13.75 7.06
C CYS V 10 -32.76 -14.45 6.77
N LYS V 11 -33.30 -15.19 7.73
CA LYS V 11 -34.59 -15.86 7.49
C LYS V 11 -35.71 -14.88 7.14
N SER V 12 -35.56 -13.62 7.52
CA SER V 12 -36.53 -12.61 7.13
C SER V 12 -36.38 -12.25 5.65
N LEU V 13 -35.37 -12.81 5.00
CA LEU V 13 -35.21 -12.73 3.55
C LEU V 13 -35.52 -14.10 2.94
N GLY V 14 -35.89 -15.04 3.80
CA GLY V 14 -36.16 -16.40 3.40
C GLY V 14 -34.95 -17.31 3.46
N LEU V 15 -33.90 -16.85 4.16
CA LEU V 15 -32.57 -17.43 4.04
C LEU V 15 -31.96 -17.83 5.39
N LEU V 16 -31.03 -18.78 5.37
CA LEU V 16 -30.25 -19.10 6.56
C LEU V 16 -29.05 -18.15 6.64
N GLY V 17 -28.56 -17.94 7.85
CA GLY V 17 -27.38 -17.11 8.06
C GLY V 17 -26.19 -17.93 8.50
N ARG V 18 -25.00 -17.46 8.14
CA ARG V 18 -23.76 -18.05 8.59
C ARG V 18 -22.69 -16.98 8.62
N CYS V 19 -21.65 -17.19 9.41
CA CYS V 19 -20.57 -16.22 9.44
C CYS V 19 -19.68 -16.33 8.22
N ALA V 20 -19.22 -15.16 7.77
CA ALA V 20 -18.16 -15.02 6.79
C ALA V 20 -17.09 -14.22 7.52
N DPR V 21 -16.23 -14.91 8.23
CA DPR V 21 -15.31 -14.21 9.13
CB DPR V 21 -14.43 -15.34 9.68
CG DPR V 21 -15.28 -16.54 9.60
CD DPR V 21 -16.15 -16.37 8.39
C DPR V 21 -16.10 -13.53 10.23
O DPR V 21 -16.88 -14.18 10.93
N THR V 22 -15.95 -12.22 10.31
CA THR V 22 -16.63 -11.43 11.33
C THR V 22 -17.94 -10.82 10.82
N U2X V 23 -18.30 -11.18 9.57
C U2X V 23 -20.62 -11.66 8.85
O U2X V 23 -20.40 -12.86 8.81
CA U2X V 23 -19.49 -10.69 8.95
CB U2X V 23 -19.26 -10.12 7.60
CG U2X V 23 -18.10 -9.20 7.37
CD1 U2X V 23 -18.07 -7.93 7.99
CD2 U2X V 23 -17.09 -9.61 6.51
CE1 U2X V 23 -16.95 -7.02 7.75
CE2 U2X V 23 -15.94 -8.68 6.24
CZ U2X V 23 -15.91 -7.45 6.85
OH U2X V 23 -14.87 -6.60 6.61
C7 U2X V 23 -15.08 -5.23 6.66
C1 U2X V 23 -12.98 -2.55 4.84
C2 U2X V 23 -13.06 -3.66 5.86
C3 U2X V 23 -14.37 -4.46 5.58
C4 U2X V 23 -14.24 -5.11 4.14
C5 U2X V 23 -14.03 -3.98 3.11
C6 U2X V 23 -12.83 -3.16 3.49
N CYS V 24 -21.83 -11.15 8.78
CA CYS V 24 -23.01 -11.97 8.57
C CYS V 24 -23.23 -12.17 7.08
N ALA V 25 -23.39 -13.42 6.67
CA ALA V 25 -23.76 -13.76 5.30
C ALA V 25 -25.06 -14.56 5.31
N CYS V 26 -25.97 -14.22 4.39
CA CYS V 26 -27.18 -15.01 4.17
C CYS V 26 -26.91 -16.03 3.07
N VAL V 27 -27.51 -17.26 3.22
CA VAL V 27 -27.16 -18.38 2.35
C VAL V 27 -28.00 -18.52 1.08
N NH2 V 28 -27.43 -18.17 -0.18
N ASP W 1 8.55 7.03 17.98
CA ASP W 1 9.99 6.85 17.63
C ASP W 1 10.73 6.20 18.79
N ILE W 2 11.60 5.23 18.47
CA ILE W 2 12.37 4.53 19.49
C ILE W 2 13.65 5.24 19.89
N GLN W 3 13.92 5.18 21.19
CA GLN W 3 14.98 5.93 21.85
C GLN W 3 15.85 4.96 22.63
N MET W 4 17.16 5.12 22.48
CA MET W 4 18.11 4.29 23.22
C MET W 4 18.70 5.08 24.37
N THR W 5 18.54 4.50 25.56
CA THR W 5 19.07 5.08 26.78
C THR W 5 20.03 4.10 27.42
N GLN W 6 21.27 4.55 27.62
CA GLN W 6 22.33 3.71 28.16
C GLN W 6 22.52 4.07 29.61
N SER W 7 22.81 3.08 30.44
CA SER W 7 23.14 3.37 31.83
C SER W 7 24.26 2.46 32.34
N PRO W 8 25.12 2.99 33.23
CA PRO W 8 25.05 4.41 33.60
C PRO W 8 25.60 5.29 32.48
N SER W 9 25.52 6.61 32.65
CA SER W 9 26.06 7.52 31.64
C SER W 9 27.57 7.57 31.68
N PHE W 10 28.15 7.24 32.83
CA PHE W 10 29.57 7.46 33.06
C PHE W 10 30.03 6.47 34.13
N VAL W 11 30.99 5.63 33.76
CA VAL W 11 31.53 4.62 34.67
C VAL W 11 33.02 4.80 34.93
N SER W 12 33.41 4.72 36.20
CA SER W 12 34.81 4.70 36.57
C SER W 12 35.19 3.34 37.16
N ALA W 13 36.14 2.64 36.53
CA ALA W 13 36.50 1.30 36.95
C ALA W 13 38.01 1.05 36.87
N SER W 14 38.53 0.25 37.79
CA SER W 14 39.94 -0.09 37.82
C SER W 14 40.27 -1.20 36.82
N VAL W 15 41.50 -1.22 36.31
CA VAL W 15 41.99 -2.36 35.55
C VAL W 15 41.85 -3.67 36.34
N GLY W 16 41.41 -4.73 35.68
CA GLY W 16 41.21 -6.02 36.33
C GLY W 16 39.82 -6.24 36.89
N ASP W 17 39.07 -5.16 37.08
CA ASP W 17 37.72 -5.22 37.65
C ASP W 17 36.71 -5.73 36.63
N ARG W 18 35.60 -6.29 37.12
CA ARG W 18 34.48 -6.64 36.26
C ARG W 18 33.56 -5.42 36.18
N VAL W 19 32.99 -5.18 35.00
CA VAL W 19 32.02 -4.10 34.82
C VAL W 19 30.89 -4.52 33.88
N THR W 20 29.67 -4.11 34.22
CA THR W 20 28.51 -4.36 33.36
C THR W 20 27.72 -3.07 33.13
N ILE W 21 27.53 -2.71 31.86
CA ILE W 21 26.75 -1.53 31.51
C ILE W 21 25.52 -1.94 30.69
N THR W 22 24.42 -1.20 30.85
CA THR W 22 23.15 -1.58 30.25
C THR W 22 22.61 -0.54 29.28
N CYS W 23 21.81 -0.99 28.32
CA CYS W 23 21.13 -0.11 27.37
C CYS W 23 19.67 -0.54 27.33
N ARG W 24 18.77 0.40 27.60
CA ARG W 24 17.35 0.11 27.60
C ARG W 24 16.59 0.93 26.55
N ALA W 25 15.87 0.23 25.68
CA ALA W 25 15.06 0.86 24.65
C ALA W 25 13.63 1.10 25.16
N SER W 26 13.02 2.17 24.67
CA SER W 26 11.71 2.62 25.14
C SER W 26 10.58 1.72 24.65
N GLN W 27 10.80 1.04 23.52
CA GLN W 27 9.88 -0.01 23.09
C GLN W 27 10.68 -1.24 22.70
N GLY W 28 10.01 -2.38 22.63
CA GLY W 28 10.66 -3.62 22.24
C GLY W 28 11.30 -3.57 20.87
N ILE W 29 12.45 -4.23 20.78
CA ILE W 29 13.19 -4.34 19.53
C ILE W 29 13.74 -5.76 19.37
N SER W 30 13.11 -6.71 20.03
CA SER W 30 13.60 -8.09 20.11
C SER W 30 15.12 -8.12 20.30
N SER W 31 15.86 -8.66 19.32
CA SER W 31 17.31 -8.82 19.44
C SER W 31 18.04 -7.96 18.40
N TYR W 32 17.39 -6.89 17.97
CA TYR W 32 17.95 -5.96 16.98
C TYR W 32 18.80 -4.89 17.65
N LEU W 33 19.91 -5.30 18.25
CA LEU W 33 20.80 -4.40 18.97
C LEU W 33 22.25 -4.79 18.72
N ALA W 34 23.12 -3.79 18.60
CA ALA W 34 24.55 -3.99 18.47
C ALA W 34 25.29 -3.04 19.41
N TRP W 35 26.52 -3.39 19.74
CA TRP W 35 27.38 -2.54 20.55
C TRP W 35 28.64 -2.11 19.81
N TYR W 36 29.01 -0.84 19.96
CA TYR W 36 30.25 -0.35 19.38
C TYR W 36 31.17 0.26 20.43
N GLN W 37 32.47 0.16 20.16
CA GLN W 37 33.52 0.79 20.96
C GLN W 37 34.15 1.95 20.20
N GLN W 38 34.33 3.09 20.87
CA GLN W 38 34.97 4.24 20.23
C GLN W 38 35.92 4.91 21.19
N LYS W 39 37.15 5.09 20.71
CA LYS W 39 38.19 5.79 21.44
C LYS W 39 38.37 7.17 20.82
N PRO W 40 38.92 8.13 21.58
CA PRO W 40 38.96 9.51 21.06
C PRO W 40 39.74 9.60 19.75
N GLY W 41 39.25 10.41 18.81
CA GLY W 41 39.95 10.62 17.55
C GLY W 41 39.84 9.43 16.60
N LYS W 42 39.02 8.44 16.97
CA LYS W 42 38.93 7.20 16.20
C LYS W 42 37.50 6.81 15.85
N ALA W 43 37.37 5.88 14.91
CA ALA W 43 36.07 5.41 14.45
C ALA W 43 35.48 4.37 15.40
N PRO W 44 34.14 4.25 15.44
CA PRO W 44 33.61 3.19 16.31
C PRO W 44 34.07 1.81 15.84
N LYS W 45 34.09 0.85 16.75
CA LYS W 45 34.46 -0.52 16.41
C LYS W 45 33.40 -1.51 16.86
N LEU W 46 33.02 -2.44 15.99
CA LEU W 46 31.99 -3.42 16.31
C LEU W 46 32.47 -4.44 17.34
N VAL W 47 31.69 -4.65 18.39
CA VAL W 47 32.02 -5.59 19.45
C VAL W 47 31.04 -6.77 19.42
N ILE W 48 29.75 -6.45 19.44
CA ILE W 48 28.69 -7.45 19.49
C ILE W 48 27.51 -7.00 18.61
N TYR W 49 26.88 -7.95 17.94
CA TYR W 49 25.65 -7.67 17.20
C TYR W 49 24.62 -8.73 17.57
N ALA W 50 23.38 -8.52 17.12
CA ALA W 50 22.26 -9.38 17.48
C ALA W 50 22.21 -9.62 19.00
N ALA W 51 22.57 -8.58 19.74
CA ALA W 51 22.49 -8.54 21.21
C ALA W 51 23.57 -9.35 21.92
N SER W 52 23.89 -10.54 21.43
CA SER W 52 24.74 -11.45 22.19
C SER W 52 25.84 -12.16 21.38
N THR W 53 25.94 -11.87 20.09
CA THR W 53 26.90 -12.58 19.24
C THR W 53 28.15 -11.73 19.04
N LEU W 54 29.30 -12.27 19.42
CA LEU W 54 30.57 -11.55 19.25
C LEU W 54 31.01 -11.51 17.80
N GLN W 55 31.52 -10.34 17.40
CA GLN W 55 32.18 -10.18 16.10
C GLN W 55 33.55 -10.86 16.12
N SER W 56 33.94 -11.44 14.99
CA SER W 56 35.20 -12.17 14.89
C SER W 56 36.37 -11.27 15.28
N GLY W 57 37.34 -11.82 16.01
CA GLY W 57 38.49 -11.06 16.45
C GLY W 57 38.35 -10.45 17.84
N VAL W 58 37.12 -10.36 18.33
CA VAL W 58 36.86 -9.80 19.65
C VAL W 58 37.28 -10.75 20.77
N PRO W 59 38.01 -10.25 21.78
CA PRO W 59 38.52 -11.13 22.85
C PRO W 59 37.40 -11.73 23.71
N SER W 60 37.65 -12.90 24.27
CA SER W 60 36.62 -13.68 24.98
C SER W 60 36.14 -13.01 26.26
N ARG W 61 36.88 -12.03 26.76
CA ARG W 61 36.50 -11.34 27.99
C ARG W 61 35.23 -10.49 27.79
N PHE W 62 34.86 -10.25 26.54
CA PHE W 62 33.59 -9.60 26.22
C PHE W 62 32.44 -10.59 26.09
N SER W 63 31.28 -10.18 26.56
CA SER W 63 30.05 -10.92 26.35
C SER W 63 28.85 -9.98 26.41
N GLY W 64 27.72 -10.42 25.88
CA GLY W 64 26.50 -9.64 25.92
C GLY W 64 25.25 -10.50 25.99
N SER W 65 24.22 -9.98 26.63
CA SER W 65 22.94 -10.67 26.72
C SER W 65 21.78 -9.68 26.75
N GLY W 66 20.56 -10.19 26.62
CA GLY W 66 19.36 -9.38 26.63
C GLY W 66 18.47 -9.61 25.42
N SER W 67 17.21 -9.23 25.55
CA SER W 67 16.26 -9.32 24.45
C SER W 67 14.99 -8.54 24.77
N GLY W 68 14.42 -7.88 23.78
CA GLY W 68 13.25 -7.05 23.98
C GLY W 68 13.59 -5.59 24.24
N THR W 69 13.66 -5.24 25.52
CA THR W 69 13.81 -3.86 25.96
C THR W 69 14.97 -3.70 26.93
N GLU W 70 15.48 -4.83 27.46
CA GLU W 70 16.57 -4.80 28.42
C GLU W 70 17.78 -5.55 27.85
N PHE W 71 18.92 -4.86 27.76
CA PHE W 71 20.13 -5.45 27.20
C PHE W 71 21.34 -5.24 28.10
N THR W 72 22.37 -6.06 27.93
CA THR W 72 23.52 -6.07 28.83
C THR W 72 24.81 -6.29 28.04
N LEU W 73 25.83 -5.48 28.36
CA LEU W 73 27.20 -5.72 27.89
C LEU W 73 28.14 -5.94 29.10
N THR W 74 28.92 -7.01 29.08
CA THR W 74 29.79 -7.34 30.22
C THR W 74 31.23 -7.58 29.81
N ILE W 75 32.16 -7.04 30.59
CA ILE W 75 33.59 -7.34 30.47
C ILE W 75 34.14 -7.98 31.75
N SER W 76 34.59 -9.22 31.64
CA SER W 76 34.93 -10.02 32.82
C SER W 76 36.19 -9.52 33.54
N SER W 77 37.11 -8.91 32.78
CA SER W 77 38.35 -8.41 33.36
C SER W 77 39.00 -7.36 32.45
N LEU W 78 38.92 -6.09 32.85
CA LEU W 78 39.31 -4.99 31.97
C LEU W 78 40.82 -4.98 31.73
N GLN W 79 41.19 -4.73 30.48
CA GLN W 79 42.55 -4.40 30.12
C GLN W 79 42.60 -2.96 29.64
N PRO W 80 43.78 -2.33 29.65
CA PRO W 80 43.90 -0.91 29.33
C PRO W 80 43.25 -0.53 27.98
N GLU W 81 43.28 -1.45 27.02
CA GLU W 81 42.75 -1.18 25.69
C GLU W 81 41.23 -1.16 25.62
N ASP W 82 40.57 -1.65 26.68
CA ASP W 82 39.11 -1.74 26.68
C ASP W 82 38.44 -0.42 27.06
N PHE W 83 39.21 0.49 27.65
CA PHE W 83 38.68 1.78 28.09
C PHE W 83 38.35 2.74 26.96
N ALA W 84 37.10 3.18 26.93
CA ALA W 84 36.54 3.88 25.77
C ALA W 84 35.10 4.27 26.06
N THR W 85 34.47 4.95 25.10
CA THR W 85 33.05 5.27 25.17
C THR W 85 32.31 4.24 24.32
N TYR W 86 31.25 3.67 24.89
CA TYR W 86 30.49 2.62 24.20
C TYR W 86 29.12 3.12 23.80
N TYR W 87 28.74 2.87 22.55
CA TYR W 87 27.43 3.24 22.05
C TYR W 87 26.66 1.96 21.69
N CYS W 88 25.36 1.95 21.97
CA CYS W 88 24.47 0.91 21.45
C CYS W 88 23.72 1.44 20.24
N GLN W 89 23.21 0.54 19.41
CA GLN W 89 22.51 0.94 18.19
C GLN W 89 21.37 -0.03 17.83
N HIS W 90 20.21 0.56 17.56
CA HIS W 90 19.06 -0.15 17.03
C HIS W 90 19.31 -0.45 15.55
N LEU W 91 19.20 -1.72 15.17
CA LEU W 91 19.67 -2.15 13.86
C LEU W 91 18.64 -1.90 12.76
N ILE W 92 17.41 -1.58 13.16
CA ILE W 92 16.35 -1.21 12.21
C ILE W 92 15.62 0.06 12.65
N GLY W 93 14.54 0.38 11.96
CA GLY W 93 13.78 1.59 12.24
C GLY W 93 14.54 2.85 11.88
N LEU W 94 14.69 3.76 12.85
CA LEU W 94 15.43 5.00 12.64
C LEU W 94 16.93 4.85 12.87
N ARG W 95 17.36 3.64 13.20
CA ARG W 95 18.77 3.34 13.44
C ARG W 95 19.38 4.32 14.43
N SER W 96 18.68 4.53 15.54
CA SER W 96 19.09 5.49 16.56
C SER W 96 20.15 4.86 17.46
N PHE W 97 21.08 5.68 17.93
CA PHE W 97 22.13 5.23 18.85
C PHE W 97 21.81 5.67 20.28
N GLY W 98 22.41 5.01 21.26
CA GLY W 98 22.38 5.49 22.62
C GLY W 98 23.20 6.75 22.81
N GLN W 99 23.13 7.34 24.01
CA GLN W 99 23.83 8.59 24.28
C GLN W 99 25.29 8.38 24.66
N GLY W 100 25.66 7.12 24.87
CA GLY W 100 27.04 6.74 25.12
C GLY W 100 27.33 6.56 26.60
N THR W 101 28.19 5.60 26.92
CA THR W 101 28.64 5.37 28.28
C THR W 101 30.16 5.51 28.33
N LYS W 102 30.65 6.52 29.03
CA LYS W 102 32.10 6.69 29.14
C LYS W 102 32.70 5.87 30.27
N LEU W 103 33.69 5.05 29.93
CA LEU W 103 34.34 4.17 30.90
C LEU W 103 35.75 4.71 31.14
N GLU W 104 36.00 5.28 32.32
CA GLU W 104 37.27 5.94 32.58
C GLU W 104 38.08 5.17 33.62
N ILE W 105 39.40 5.36 33.60
CA ILE W 105 40.28 4.61 34.50
C ILE W 105 40.33 5.25 35.88
N LYS W 106 40.10 4.45 36.92
CA LYS W 106 40.18 4.95 38.29
C LYS W 106 41.64 4.92 38.73
N ARG W 107 42.06 5.90 39.51
CA ARG W 107 43.41 5.89 40.08
C ARG W 107 43.52 6.79 41.32
N THR W 108 44.70 6.82 41.91
CA THR W 108 44.93 7.58 43.15
C THR W 108 44.82 9.10 42.96
N VAL W 109 44.42 9.80 44.02
CA VAL W 109 44.39 11.25 44.00
C VAL W 109 45.78 11.80 43.70
N ALA W 110 45.83 12.82 42.86
CA ALA W 110 47.09 13.44 42.45
C ALA W 110 46.93 14.96 42.35
N ALA W 111 47.73 15.67 43.13
CA ALA W 111 47.65 17.13 43.18
C ALA W 111 48.18 17.74 41.88
N PRO W 112 47.59 18.86 41.43
CA PRO W 112 48.11 19.51 40.23
C PRO W 112 49.40 20.28 40.51
N SER W 113 50.29 20.30 39.52
CA SER W 113 51.39 21.24 39.53
C SER W 113 50.92 22.53 38.87
N VAL W 114 51.11 23.66 39.54
CA VAL W 114 50.55 24.91 39.06
C VAL W 114 51.65 25.83 38.53
N PHE W 115 51.43 26.36 37.33
CA PHE W 115 52.35 27.28 36.68
C PHE W 115 51.58 28.47 36.15
N ILE W 116 52.15 29.66 36.26
CA ILE W 116 51.53 30.84 35.65
C ILE W 116 52.48 31.42 34.61
N PHE W 117 51.91 31.87 33.51
CA PHE W 117 52.69 32.42 32.41
C PHE W 117 52.18 33.81 32.02
N PRO W 118 53.03 34.84 32.10
CA PRO W 118 52.51 36.13 31.62
C PRO W 118 52.42 36.19 30.10
N PRO W 119 51.65 37.16 29.57
CA PRO W 119 51.55 37.34 28.12
C PRO W 119 52.88 37.80 27.55
N SER W 120 53.17 37.42 26.30
CA SER W 120 54.40 37.88 25.66
C SER W 120 54.25 39.33 25.22
N ASP W 121 55.39 40.03 25.14
CA ASP W 121 55.41 41.39 24.62
C ASP W 121 54.93 41.38 23.17
N GLU W 122 55.21 40.29 22.49
CA GLU W 122 54.80 40.11 21.10
C GLU W 122 53.30 40.21 20.95
N GLN W 123 52.59 39.57 21.88
CA GLN W 123 51.14 39.55 21.83
C GLN W 123 50.55 40.90 22.22
N LEU W 124 51.25 41.66 23.07
CA LEU W 124 50.75 42.96 23.50
C LEU W 124 50.73 44.06 22.44
N LYS W 125 51.62 44.00 21.46
CA LYS W 125 51.59 44.93 20.34
C LYS W 125 50.29 44.82 19.56
N SER W 126 49.71 43.63 19.59
CA SER W 126 48.59 43.27 18.74
C SER W 126 47.26 43.73 19.34
N GLY W 127 47.24 43.98 20.64
CA GLY W 127 46.05 44.49 21.29
C GLY W 127 45.38 43.54 22.27
N THR W 128 46.01 42.39 22.52
CA THR W 128 45.45 41.41 23.43
C THR W 128 46.52 40.82 24.34
N ALA W 129 46.13 40.48 25.57
CA ALA W 129 47.02 39.90 26.56
C ALA W 129 46.40 38.60 27.06
N SER W 130 47.13 37.50 26.91
CA SER W 130 46.67 36.21 27.43
C SER W 130 47.51 35.74 28.62
N VAL W 131 46.86 35.53 29.75
CA VAL W 131 47.49 34.95 30.93
C VAL W 131 47.05 33.50 31.03
N VAL W 132 48.01 32.58 31.13
CA VAL W 132 47.71 31.16 31.14
C VAL W 132 48.06 30.52 32.47
N CYS W 133 47.13 29.72 33.00
CA CYS W 133 47.34 28.97 34.23
C CYS W 133 47.25 27.49 33.88
N LEU W 134 48.30 26.75 34.20
CA LEU W 134 48.37 25.33 33.86
C LEU W 134 48.29 24.44 35.10
N LEU W 135 47.37 23.48 35.06
CA LEU W 135 47.33 22.41 36.04
C LEU W 135 47.77 21.10 35.38
N ASN W 136 48.86 20.53 35.87
CA ASN W 136 49.49 19.39 35.22
C ASN W 136 49.35 18.10 36.01
N ASN W 137 48.90 17.05 35.33
CA ASN W 137 48.91 15.70 35.88
C ASN W 137 48.21 15.60 37.24
N PHE W 138 46.90 15.75 37.25
CA PHE W 138 46.13 15.66 38.48
C PHE W 138 44.98 14.67 38.37
N TYR W 139 44.45 14.27 39.52
CA TYR W 139 43.27 13.40 39.59
C TYR W 139 42.60 13.58 40.96
N PRO W 140 41.25 13.60 41.01
CA PRO W 140 40.28 13.46 39.93
C PRO W 140 40.21 14.68 39.01
N ARG W 141 39.27 14.62 38.06
CA ARG W 141 39.17 15.62 37.00
C ARG W 141 38.66 16.97 37.51
N GLU W 142 37.83 16.95 38.55
CA GLU W 142 37.19 18.17 39.03
C GLU W 142 38.19 19.10 39.70
N ALA W 143 38.21 20.34 39.22
CA ALA W 143 39.06 21.39 39.79
C ALA W 143 38.42 22.75 39.57
N LYS W 144 38.64 23.66 40.51
CA LYS W 144 38.15 25.04 40.41
C LYS W 144 39.31 25.99 40.14
N VAL W 145 39.18 26.82 39.11
CA VAL W 145 40.22 27.79 38.76
C VAL W 145 39.65 29.20 38.78
N GLN W 146 40.27 30.06 39.60
CA GLN W 146 39.85 31.44 39.77
C GLN W 146 40.98 32.39 39.39
N TRP W 147 40.67 33.40 38.58
CA TRP W 147 41.64 34.44 38.23
C TRP W 147 41.49 35.64 39.15
N LYS W 148 42.62 36.23 39.52
CA LYS W 148 42.63 37.42 40.37
C LYS W 148 43.58 38.49 39.85
N VAL W 149 43.04 39.70 39.64
CA VAL W 149 43.86 40.83 39.21
C VAL W 149 43.86 41.98 40.23
N ASP W 150 45.04 42.30 40.76
CA ASP W 150 45.17 43.23 41.88
C ASP W 150 44.17 42.95 43.01
N ASN W 151 43.98 41.67 43.33
CA ASN W 151 43.06 41.26 44.39
C ASN W 151 41.61 41.63 44.10
N ALA W 152 41.07 41.04 43.04
CA ALA W 152 39.65 41.07 42.72
C ALA W 152 39.39 39.75 42.03
N LEU W 153 38.16 39.23 42.03
CA LEU W 153 37.89 38.02 41.26
C LEU W 153 37.20 38.26 39.92
N GLN W 154 37.84 37.77 38.87
CA GLN W 154 37.33 37.84 37.50
C GLN W 154 36.06 37.01 37.34
N SER W 155 35.46 37.06 36.14
CA SER W 155 34.24 36.33 35.86
C SER W 155 33.79 36.54 34.42
N GLY W 156 33.47 35.45 33.73
CA GLY W 156 32.90 35.53 32.39
C GLY W 156 33.90 35.93 31.32
N ASN W 157 35.17 36.02 31.68
CA ASN W 157 36.23 36.40 30.75
C ASN W 157 37.35 35.36 30.72
N SER W 158 37.00 34.11 30.97
CA SER W 158 37.97 33.02 30.91
C SER W 158 37.34 31.77 30.29
N GLN W 159 38.18 30.97 29.63
CA GLN W 159 37.75 29.70 29.07
C GLN W 159 38.72 28.60 29.48
N GLU W 160 38.18 27.40 29.74
CA GLU W 160 39.00 26.27 30.15
C GLU W 160 39.06 25.18 29.06
N SER W 161 40.15 24.42 29.07
CA SER W 161 40.28 23.24 28.21
C SER W 161 40.99 22.14 28.98
N VAL W 162 40.47 20.91 28.89
CA VAL W 162 41.03 19.78 29.62
C VAL W 162 41.42 18.65 28.67
N THR W 163 42.58 18.04 28.90
CA THR W 163 43.05 16.91 28.10
C THR W 163 42.29 15.65 28.50
N GLU W 164 42.30 14.67 27.61
CA GLU W 164 41.85 13.33 27.97
C GLU W 164 42.85 12.72 28.93
N GLN W 165 42.41 11.70 29.67
CA GLN W 165 43.31 10.98 30.56
C GLN W 165 44.55 10.50 29.82
N ASP W 166 45.71 10.73 30.41
CA ASP W 166 46.94 10.21 29.85
C ASP W 166 46.84 8.70 29.82
N SER W 167 47.26 8.09 28.72
CA SER W 167 47.08 6.66 28.51
C SER W 167 47.96 5.79 29.42
N LYS W 168 48.94 6.39 30.07
CA LYS W 168 49.84 5.64 30.95
C LYS W 168 49.57 5.85 32.44
N ASP W 169 49.57 7.12 32.89
CA ASP W 169 49.45 7.41 34.32
C ASP W 169 48.03 7.85 34.72
N SER W 170 47.15 8.02 33.73
CA SER W 170 45.73 8.23 33.99
C SER W 170 45.43 9.56 34.69
N THR W 171 46.28 10.55 34.48
CA THR W 171 46.08 11.88 35.04
C THR W 171 45.48 12.82 34.00
N TYR W 172 45.12 14.01 34.43
CA TYR W 172 44.57 15.03 33.55
C TYR W 172 45.48 16.26 33.50
N SER W 173 45.35 17.04 32.44
CA SER W 173 45.95 18.37 32.38
C SER W 173 44.89 19.39 31.98
N LEU W 174 45.10 20.63 32.42
CA LEU W 174 44.10 21.69 32.22
C LEU W 174 44.75 23.05 31.97
N SER W 175 44.25 23.78 30.99
CA SER W 175 44.68 25.16 30.75
C SER W 175 43.51 26.09 30.97
N SER W 176 43.77 27.23 31.60
CA SER W 176 42.79 28.31 31.71
C SER W 176 43.34 29.61 31.13
N THR W 177 42.61 30.23 30.22
CA THR W 177 43.09 31.44 29.55
C THR W 177 42.21 32.65 29.87
N LEU W 178 42.81 33.64 30.52
CA LEU W 178 42.17 34.91 30.83
C LEU W 178 42.49 35.90 29.72
N THR W 179 41.47 36.48 29.10
CA THR W 179 41.68 37.43 28.01
C THR W 179 41.30 38.87 28.37
N LEU W 180 42.26 39.77 28.20
CA LEU W 180 42.07 41.20 28.44
C LEU W 180 42.54 42.01 27.23
N SER W 181 42.07 43.25 27.12
CA SER W 181 42.61 44.19 26.14
C SER W 181 44.00 44.68 26.55
N LYS W 182 44.74 45.22 25.59
CA LYS W 182 46.09 45.73 25.86
C LYS W 182 46.03 46.83 26.91
N ALA W 183 45.03 47.71 26.78
CA ALA W 183 44.88 48.82 27.70
C ALA W 183 44.62 48.29 29.10
N ASP W 184 43.71 47.32 29.20
CA ASP W 184 43.34 46.71 30.48
C ASP W 184 44.52 46.02 31.16
N TYR W 185 45.25 45.21 30.41
CA TYR W 185 46.41 44.52 30.98
C TYR W 185 47.45 45.48 31.57
N GLU W 186 47.75 46.55 30.83
CA GLU W 186 48.82 47.46 31.21
C GLU W 186 48.45 48.50 32.29
N LYS W 187 47.19 48.51 32.73
CA LYS W 187 46.76 49.40 33.80
C LYS W 187 46.72 48.70 35.17
N HIS W 188 47.11 47.43 35.21
CA HIS W 188 47.13 46.68 36.47
C HIS W 188 48.48 46.04 36.71
N LYS W 189 48.73 45.65 37.96
CA LYS W 189 50.06 45.18 38.36
C LYS W 189 50.08 43.69 38.68
N VAL W 190 49.20 43.23 39.57
CA VAL W 190 49.24 41.86 40.07
C VAL W 190 48.26 40.93 39.36
N TYR W 191 48.77 39.81 38.86
CA TYR W 191 47.96 38.78 38.21
C TYR W 191 48.13 37.41 38.88
N ALA W 192 47.02 36.80 39.30
CA ALA W 192 47.06 35.56 40.07
C ALA W 192 45.97 34.58 39.62
N CYS W 193 46.31 33.29 39.57
CA CYS W 193 45.31 32.22 39.44
C CYS W 193 45.31 31.29 40.65
N GLU W 194 44.11 31.01 41.16
CA GLU W 194 43.94 30.19 42.36
C GLU W 194 43.28 28.85 42.04
N VAL W 195 43.94 27.76 42.43
CA VAL W 195 43.50 26.42 42.09
C VAL W 195 43.06 25.64 43.35
N THR W 196 41.85 25.10 43.31
CA THR W 196 41.35 24.25 44.38
C THR W 196 41.19 22.84 43.85
N HIS W 197 41.76 21.86 44.54
CA HIS W 197 41.71 20.48 44.09
C HIS W 197 41.91 19.53 45.27
N GLN W 198 41.30 18.34 45.19
CA GLN W 198 41.28 17.40 46.31
C GLN W 198 42.66 16.93 46.78
N GLY W 199 43.67 17.06 45.93
CA GLY W 199 45.00 16.59 46.26
C GLY W 199 45.86 17.61 46.99
N LEU W 200 45.36 18.84 47.08
CA LEU W 200 46.08 19.92 47.75
C LEU W 200 45.52 20.15 49.16
N SER W 201 46.42 20.37 50.12
CA SER W 201 46.00 20.63 51.50
C SER W 201 45.25 21.95 51.57
N SER W 202 45.61 22.88 50.69
CA SER W 202 44.90 24.14 50.56
C SER W 202 45.14 24.74 49.18
N PRO W 203 44.32 25.72 48.78
CA PRO W 203 44.48 26.36 47.47
C PRO W 203 45.89 26.89 47.22
N VAL W 204 46.43 26.64 46.03
CA VAL W 204 47.77 27.12 45.68
C VAL W 204 47.64 28.29 44.71
N THR W 205 48.44 29.33 44.93
CA THR W 205 48.37 30.53 44.12
C THR W 205 49.73 30.87 43.50
N LYS W 206 49.72 31.01 42.17
CA LYS W 206 50.89 31.48 41.42
C LYS W 206 50.58 32.85 40.85
N SER W 207 51.52 33.78 40.96
CA SER W 207 51.28 35.13 40.47
C SER W 207 52.55 35.84 39.99
N PHE W 208 52.36 36.97 39.33
CA PHE W 208 53.45 37.81 38.88
C PHE W 208 53.06 39.29 38.82
N ASN W 209 54.06 40.17 38.79
CA ASN W 209 53.83 41.59 38.60
C ASN W 209 54.22 41.96 37.18
N ARG W 210 53.33 42.67 36.48
CA ARG W 210 53.59 43.10 35.11
C ARG W 210 54.88 43.92 35.03
N GLN X 1 40.73 -9.07 3.58
CA GLN X 1 40.30 -7.93 4.45
C GLN X 1 39.84 -6.74 3.62
N VAL X 2 39.07 -5.86 4.27
CA VAL X 2 38.35 -4.79 3.59
C VAL X 2 38.70 -3.47 4.27
N GLN X 3 39.01 -2.45 3.48
CA GLN X 3 39.32 -1.13 4.00
C GLN X 3 38.39 -0.06 3.43
N LEU X 4 37.83 0.77 4.30
CA LEU X 4 37.11 1.96 3.87
C LEU X 4 37.95 3.22 4.07
N GLN X 5 38.25 3.90 2.97
CA GLN X 5 39.01 5.16 3.00
C GLN X 5 38.09 6.30 2.54
N GLN X 6 38.14 7.42 3.25
CA GLN X 6 37.28 8.57 2.92
C GLN X 6 38.07 9.77 2.41
N TRP X 7 37.44 10.54 1.53
CA TRP X 7 37.97 11.81 1.07
C TRP X 7 36.81 12.74 0.72
N GLY X 8 37.12 14.00 0.42
CA GLY X 8 36.09 15.00 0.21
C GLY X 8 36.35 16.27 1.00
N ALA X 9 35.78 17.39 0.55
CA ALA X 9 36.05 18.68 1.17
C ALA X 9 35.29 18.77 2.49
N GLY X 10 35.99 19.15 3.55
CA GLY X 10 35.41 19.18 4.89
C GLY X 10 35.15 20.56 5.45
N LEU X 11 35.62 21.61 4.77
CA LEU X 11 35.35 22.98 5.19
C LEU X 11 34.31 23.69 4.33
N LEU X 12 33.18 23.99 4.93
CA LEU X 12 32.04 24.54 4.21
C LEU X 12 31.52 25.81 4.88
N LYS X 13 30.87 26.65 4.09
CA LYS X 13 30.13 27.82 4.59
C LYS X 13 28.63 27.53 4.57
N PRO X 14 27.86 28.24 5.40
CA PRO X 14 26.41 28.02 5.46
C PRO X 14 25.72 28.16 4.10
N SER X 15 24.76 27.27 3.83
CA SER X 15 23.95 27.26 2.60
C SER X 15 24.64 26.51 1.46
N GLU X 16 25.89 26.10 1.66
CA GLU X 16 26.63 25.31 0.68
C GLU X 16 26.26 23.83 0.76
N THR X 17 26.87 23.01 -0.10
CA THR X 17 26.61 21.57 -0.12
C THR X 17 27.81 20.75 0.35
N LEU X 18 27.58 19.88 1.32
CA LEU X 18 28.57 18.89 1.75
C LEU X 18 28.63 17.70 0.79
N SER X 19 29.82 17.38 0.29
CA SER X 19 29.98 16.28 -0.65
C SER X 19 31.18 15.39 -0.30
N LEU X 20 30.89 14.25 0.33
CA LEU X 20 31.92 13.31 0.76
C LEU X 20 31.84 12.01 -0.04
N THR X 21 32.97 11.33 -0.19
CA THR X 21 33.01 10.06 -0.91
C THR X 21 33.77 9.01 -0.10
N CYS X 22 33.32 7.76 -0.24
CA CYS X 22 33.90 6.62 0.48
C CYS X 22 34.25 5.53 -0.52
N GLY X 23 35.53 5.20 -0.62
CA GLY X 23 35.98 4.13 -1.50
C GLY X 23 36.12 2.81 -0.75
N VAL X 24 35.70 1.73 -1.40
CA VAL X 24 35.77 0.39 -0.82
C VAL X 24 36.82 -0.46 -1.51
N TYR X 25 37.74 -1.01 -0.72
CA TYR X 25 38.85 -1.80 -1.21
C TYR X 25 38.93 -3.14 -0.49
N GLY X 26 38.82 -4.22 -1.26
CA GLY X 26 38.82 -5.57 -0.70
C GLY X 26 37.48 -6.24 -0.84
N GLU X 27 36.48 -5.50 -1.33
CA GLU X 27 35.14 -6.02 -1.47
C GLU X 27 34.35 -5.22 -2.52
N SER X 28 33.36 -5.87 -3.12
CA SER X 28 32.48 -5.23 -4.10
C SER X 28 31.26 -4.64 -3.42
N LEU X 29 30.63 -3.67 -4.06
CA LEU X 29 29.40 -3.08 -3.54
C LEU X 29 28.25 -4.08 -3.56
N OAS X 30 28.40 -5.14 -4.35
CA OAS X 30 27.36 -6.12 -4.57
CB OAS X 30 27.73 -7.28 -5.51
OG OAS X 30 28.64 -8.11 -4.78
C OAS X 30 26.87 -6.78 -3.28
O OAS X 30 27.60 -7.11 -2.35
H OAS X 30 29.23 -5.37 -4.87
HA OAS X 30 26.49 -5.57 -5.04
HB2 OAS X 30 26.82 -7.88 -5.79
HB3 OAS X 30 28.25 -6.92 -6.45
N GLY X 31 25.55 -6.98 -3.25
CA GLY X 31 24.91 -7.79 -2.23
C GLY X 31 25.02 -7.29 -0.79
N HIS X 32 25.32 -6.01 -0.62
CA HIS X 32 25.42 -5.42 0.72
C HIS X 32 24.94 -3.98 0.72
N TYR X 33 24.54 -3.49 1.90
CA TYR X 33 24.10 -2.11 2.04
C TYR X 33 25.22 -1.21 2.56
N TRP X 34 25.27 0.01 2.03
CA TRP X 34 26.34 0.96 2.30
C TRP X 34 25.78 2.25 2.86
N SER X 35 26.33 2.70 3.99
CA SER X 35 25.65 3.61 4.89
C SER X 35 26.55 4.78 5.27
N TRP X 36 25.92 5.87 5.71
CA TRP X 36 26.63 7.03 6.25
C TRP X 36 26.13 7.33 7.66
N VAL X 37 27.05 7.75 8.52
CA VAL X 37 26.74 8.03 9.92
C VAL X 37 27.54 9.24 10.36
N ARG X 38 26.91 10.15 11.09
CA ARG X 38 27.59 11.36 11.53
C ARG X 38 27.54 11.51 13.05
N GLN X 39 28.44 12.33 13.58
CA GLN X 39 28.61 12.50 15.02
C GLN X 39 28.91 13.95 15.37
N PRO X 40 27.88 14.71 15.78
CA PRO X 40 28.16 16.09 16.20
C PRO X 40 29.13 16.12 17.39
N PRO X 41 29.85 17.23 17.57
CA PRO X 41 30.82 17.34 18.66
C PRO X 41 30.23 17.03 20.05
N GLY X 42 30.78 16.02 20.72
CA GLY X 42 30.38 15.67 22.07
C GLY X 42 29.02 15.00 22.17
N LYS X 43 28.49 14.55 21.02
CA LYS X 43 27.18 13.89 21.00
C LYS X 43 27.24 12.52 20.34
N ARG X 44 26.08 11.88 20.26
CA ARG X 44 25.99 10.50 19.82
C ARG X 44 25.96 10.41 18.30
N LEU X 45 26.14 9.19 17.80
CA LEU X 45 26.07 8.91 16.37
C LEU X 45 24.63 9.01 15.87
N GLU X 46 24.46 9.50 14.64
CA GLU X 46 23.13 9.65 14.05
C GLU X 46 23.16 9.15 12.62
N TRP X 47 22.32 8.16 12.36
CA TRP X 47 22.12 7.57 11.04
C TRP X 47 21.52 8.52 10.01
N ILE X 48 22.14 8.56 8.83
CA ILE X 48 21.70 9.42 7.73
C ILE X 48 20.92 8.60 6.70
N GLY X 49 21.44 7.42 6.39
CA GLY X 49 20.79 6.56 5.41
C GLY X 49 21.70 5.43 4.93
N GLU X 50 21.20 4.66 3.97
CA GLU X 50 21.99 3.57 3.38
C GLU X 50 21.39 3.17 2.03
N ILE X 51 22.10 2.32 1.30
CA ILE X 51 21.71 2.00 -0.08
C ILE X 51 22.41 0.74 -0.59
N LYS X 52 21.78 0.08 -1.56
CA LYS X 52 22.36 -1.09 -2.22
C LYS X 52 22.39 -0.90 -3.74
N HIS X 53 21.34 -0.30 -4.27
CA HIS X 53 21.20 -0.08 -5.72
C HIS X 53 20.72 1.34 -6.00
N ASN X 54 21.10 1.87 -7.15
CA ASN X 54 20.69 3.20 -7.56
C ASN X 54 19.23 3.23 -8.01
N GLY X 55 18.35 3.61 -7.10
CA GLY X 55 16.92 3.67 -7.39
C GLY X 55 16.03 3.58 -6.16
N SER X 56 16.61 3.22 -5.02
CA SER X 56 15.83 3.06 -3.79
C SER X 56 16.72 3.20 -2.55
N PRO X 57 16.95 4.44 -2.10
CA PRO X 57 17.71 4.70 -0.87
C PRO X 57 16.85 4.56 0.38
N ASN X 58 17.37 4.99 1.53
CA ASN X 58 16.63 4.93 2.78
C ASN X 58 17.13 6.00 3.76
N TYR X 59 16.66 7.23 3.55
CA TYR X 59 17.15 8.38 4.31
C TYR X 59 16.46 8.54 5.66
N HIS X 60 17.07 9.32 6.54
CA HIS X 60 16.50 9.61 7.84
C HIS X 60 15.43 10.70 7.70
N PRO X 61 14.35 10.64 8.50
CA PRO X 61 13.24 11.59 8.35
C PRO X 61 13.62 13.07 8.41
N SER X 62 14.47 13.45 9.36
CA SER X 62 14.78 14.85 9.58
C SER X 62 15.72 15.43 8.52
N LEU X 63 15.89 14.74 7.39
CA LEU X 63 16.90 15.14 6.41
C LEU X 63 16.51 14.84 4.96
N LYS X 64 15.56 13.94 4.74
CA LYS X 64 15.30 13.42 3.39
C LYS X 64 14.94 14.50 2.37
N SER X 65 14.46 15.65 2.86
CA SER X 65 14.13 16.75 1.97
C SER X 65 15.38 17.46 1.45
N ARG X 66 16.54 16.82 1.62
CA ARG X 66 17.83 17.45 1.34
C ARG X 66 18.96 16.45 1.05
N VAL X 67 18.78 15.19 1.43
CA VAL X 67 19.85 14.21 1.38
C VAL X 67 19.70 13.32 0.17
N THR X 68 20.82 13.06 -0.50
CA THR X 68 20.94 12.04 -1.54
C THR X 68 22.13 11.12 -1.32
N ILE X 69 21.88 9.81 -1.35
CA ILE X 69 22.94 8.81 -1.29
C ILE X 69 22.95 8.04 -2.61
N SER X 70 24.15 7.84 -3.18
CA SER X 70 24.30 7.24 -4.50
C SER X 70 25.55 6.36 -4.61
N LEU X 71 25.48 5.38 -5.52
CA LEU X 71 26.60 4.46 -5.78
C LEU X 71 27.32 4.78 -7.09
N ASP X 72 28.66 4.80 -7.04
CA ASP X 72 29.47 4.79 -8.26
C ASP X 72 30.07 3.40 -8.49
N MET X 73 29.35 2.53 -9.19
CA MET X 73 29.68 1.11 -9.23
C MET X 73 30.94 0.75 -10.01
N SER X 74 31.28 1.55 -11.02
CA SER X 74 32.48 1.30 -11.83
C SER X 74 33.78 1.53 -11.07
N LYS X 75 33.72 2.35 -10.04
CA LYS X 75 34.89 2.70 -9.23
C LYS X 75 34.85 2.09 -7.83
N ASN X 76 33.77 1.38 -7.52
CA ASN X 76 33.54 0.83 -6.18
C ASN X 76 33.59 1.94 -5.14
N GLN X 77 32.80 2.99 -5.39
CA GLN X 77 32.68 4.12 -4.47
C GLN X 77 31.22 4.47 -4.25
N PHE X 78 30.92 5.13 -3.15
CA PHE X 78 29.58 5.68 -2.92
C PHE X 78 29.69 7.03 -2.23
N SER X 79 28.63 7.83 -2.34
CA SER X 79 28.70 9.24 -2.00
C SER X 79 27.52 9.72 -1.16
N LEU X 80 27.73 10.83 -0.46
CA LEU X 80 26.70 11.46 0.35
C LEU X 80 26.60 12.93 -0.07
N ASN X 81 25.38 13.38 -0.34
CA ASN X 81 25.13 14.79 -0.62
C ASN X 81 24.22 15.41 0.43
N LEU X 82 24.60 16.60 0.90
CA LEU X 82 23.77 17.37 1.83
C LEU X 82 23.70 18.84 1.47
N THR X 83 22.53 19.29 1.03
CA THR X 83 22.37 20.64 0.50
C THR X 83 22.03 21.65 1.61
N SER X 84 22.26 22.93 1.33
CA SER X 84 21.92 24.02 2.25
C SER X 84 22.35 23.75 3.69
N VAL X 85 23.65 23.55 3.92
CA VAL X 85 24.12 23.27 5.27
C VAL X 85 24.08 24.49 6.18
N THR X 86 23.80 24.25 7.45
CA THR X 86 23.90 25.28 8.49
C THR X 86 24.87 24.82 9.57
N ALA X 87 25.05 25.63 10.59
CA ALA X 87 25.95 25.31 11.69
C ALA X 87 25.57 23.98 12.36
N ALA X 88 24.29 23.65 12.28
CA ALA X 88 23.75 22.46 12.93
C ALA X 88 24.21 21.17 12.24
N ASP X 89 24.81 21.30 11.06
CA ASP X 89 25.35 20.16 10.33
C ASP X 89 26.81 19.88 10.65
N THR X 90 27.35 20.61 11.61
CA THR X 90 28.72 20.40 12.07
C THR X 90 28.83 19.05 12.78
N ALA X 91 29.74 18.20 12.29
CA ALA X 91 29.86 16.83 12.78
C ALA X 91 31.01 16.11 12.09
N VAL X 92 31.39 14.96 12.65
CA VAL X 92 32.26 13.99 11.98
C VAL X 92 31.43 13.01 11.17
N TYR X 93 31.76 12.86 9.89
CA TYR X 93 31.03 11.94 9.01
C TYR X 93 31.82 10.66 8.77
N PHE X 94 31.16 9.54 9.03
CA PHE X 94 31.73 8.20 8.85
C PHE X 94 31.01 7.46 7.72
N CYS X 95 31.73 6.62 6.98
CA CYS X 95 31.07 5.65 6.10
C CYS X 95 31.16 4.27 6.75
N ALA X 96 30.27 3.36 6.34
CA ALA X 96 30.23 2.03 6.94
C ALA X 96 29.49 1.03 6.06
N ARG X 97 29.86 -0.23 6.18
CA ARG X 97 29.22 -1.31 5.43
C ARG X 97 28.14 -2.00 6.26
N ARG X 98 27.16 -2.57 5.58
CA ARG X 98 26.11 -3.34 6.23
C ARG X 98 25.70 -4.48 5.30
N SER X 99 25.85 -5.72 5.77
CA SER X 99 25.53 -6.88 4.95
C SER X 99 24.03 -7.19 5.00
N ASN X 100 23.60 -8.16 4.18
CA ASN X 100 22.21 -8.57 4.14
C ASN X 100 21.76 -9.22 5.44
N TRP X 101 20.46 -9.50 5.54
CA TRP X 101 19.89 -10.16 6.70
C TRP X 101 20.59 -11.49 6.99
N PRO X 102 20.73 -11.85 8.28
CA PRO X 102 20.35 -11.14 9.51
C PRO X 102 21.49 -10.31 10.09
N TYR X 103 22.62 -10.27 9.41
CA TYR X 103 23.80 -9.53 9.85
C TYR X 103 23.63 -8.04 9.51
N LEU X 104 23.13 -7.26 10.47
CA LEU X 104 22.78 -5.86 10.22
C LEU X 104 23.65 -4.78 10.88
N PRO X 105 24.76 -5.16 11.55
CA PRO X 105 25.52 -4.06 12.16
C PRO X 105 26.43 -3.31 11.19
N PHE X 106 26.60 -2.02 11.41
CA PHE X 106 27.55 -1.21 10.63
C PHE X 106 28.97 -1.69 10.90
N ASP X 107 29.63 -2.20 9.87
CA ASP X 107 30.93 -2.85 10.01
C ASP X 107 31.47 -3.25 8.64
N PRO X 108 32.70 -2.83 8.27
CA PRO X 108 33.69 -1.98 8.97
C PRO X 108 33.39 -0.49 8.88
N TRP X 109 34.28 0.34 9.42
CA TRP X 109 34.12 1.79 9.42
C TRP X 109 35.31 2.48 8.78
N GLY X 110 35.05 3.60 8.12
CA GLY X 110 36.10 4.51 7.67
C GLY X 110 36.72 5.29 8.83
N GLN X 111 37.75 6.08 8.53
CA GLN X 111 38.48 6.78 9.58
C GLN X 111 37.81 8.11 9.95
N GLY X 112 36.83 8.51 9.16
CA GLY X 112 36.08 9.73 9.40
C GLY X 112 36.66 10.99 8.79
N THR X 113 35.79 11.91 8.41
CA THR X 113 36.19 13.22 7.90
C THR X 113 35.55 14.30 8.77
N LEU X 114 36.37 15.20 9.31
CA LEU X 114 35.88 16.34 10.10
C LEU X 114 35.26 17.41 9.21
N VAL X 115 34.01 17.74 9.47
CA VAL X 115 33.28 18.77 8.71
C VAL X 115 32.87 19.94 9.61
N THR X 116 33.33 21.13 9.24
CA THR X 116 33.04 22.35 10.00
C THR X 116 32.26 23.34 9.13
N VAL X 117 31.09 23.74 9.61
CA VAL X 117 30.26 24.73 8.92
C VAL X 117 30.25 26.04 9.69
N SER X 118 30.82 27.07 9.06
CA SER X 118 30.87 28.41 9.64
C SER X 118 31.03 29.43 8.51
N SER X 119 30.63 30.68 8.78
CA SER X 119 30.83 31.74 7.80
C SER X 119 32.23 32.30 7.97
N ALA X 120 32.89 31.89 9.06
CA ALA X 120 34.23 32.35 9.39
C ALA X 120 35.12 32.07 8.19
N SER X 121 36.05 32.97 7.92
CA SER X 121 37.00 32.78 6.84
C SER X 121 38.22 32.03 7.36
N THR X 122 38.85 31.26 6.49
CA THR X 122 40.06 30.50 6.83
C THR X 122 41.16 31.42 7.32
N LYS X 123 41.78 31.06 8.45
CA LYS X 123 42.85 31.85 9.00
C LYS X 123 43.92 31.01 9.70
N GLY X 124 45.17 31.37 9.47
CA GLY X 124 46.29 30.70 10.10
C GLY X 124 46.51 31.18 11.53
N PRO X 125 47.11 30.34 12.37
CA PRO X 125 47.33 30.69 13.78
C PRO X 125 48.49 31.65 14.02
N SER X 126 48.32 32.51 15.02
CA SER X 126 49.44 33.25 15.60
C SER X 126 50.02 32.39 16.71
N VAL X 127 51.34 32.26 16.76
CA VAL X 127 51.99 31.48 17.81
C VAL X 127 52.78 32.37 18.75
N PHE X 128 52.43 32.29 20.04
CA PHE X 128 53.09 33.09 21.08
C PHE X 128 53.77 32.14 22.06
N PRO X 129 54.89 32.58 22.66
CA PRO X 129 55.59 31.74 23.63
C PRO X 129 55.00 31.73 25.03
N LEU X 130 55.08 30.55 25.67
CA LEU X 130 54.83 30.41 27.09
C LEU X 130 56.16 30.14 27.79
N ALA X 131 56.80 31.21 28.24
CA ALA X 131 58.20 31.16 28.66
C ALA X 131 58.36 30.51 30.03
N PRO X 132 59.42 29.71 30.22
CA PRO X 132 59.65 29.16 31.56
C PRO X 132 60.17 30.25 32.49
N SER X 133 59.79 30.15 33.76
CA SER X 133 60.22 31.10 34.78
C SER X 133 60.44 30.51 36.17
N SER X 134 61.11 31.29 37.02
CA SER X 134 61.52 30.86 38.35
C SER X 134 60.35 30.80 39.35
N LYS X 135 59.19 31.37 39.01
CA LYS X 135 57.94 30.98 39.68
C LYS X 135 57.22 29.82 38.97
N SER X 136 57.97 29.08 38.16
CA SER X 136 57.44 28.07 37.25
C SER X 136 58.38 26.87 37.29
N THR X 137 59.38 26.94 38.16
CA THR X 137 60.26 25.82 38.48
C THR X 137 59.70 25.00 39.64
N SER X 138 58.75 24.13 39.33
CA SER X 138 58.15 23.25 40.34
C SER X 138 59.12 22.17 40.78
N GLY X 139 59.88 22.46 41.84
CA GLY X 139 60.83 21.51 42.40
C GLY X 139 61.84 20.92 41.43
N GLY X 140 62.52 21.79 40.68
CA GLY X 140 63.54 21.37 39.75
C GLY X 140 62.97 20.92 38.41
N THR X 141 61.68 21.16 38.21
CA THR X 141 61.02 20.90 36.94
C THR X 141 60.42 22.22 36.45
N ALA X 142 60.85 22.66 35.27
CA ALA X 142 60.30 23.86 34.66
C ALA X 142 59.22 23.47 33.66
N ALA X 143 58.30 24.40 33.40
CA ALA X 143 57.28 24.22 32.38
C ALA X 143 57.30 25.33 31.33
N LEU X 144 57.06 24.93 30.09
CA LEU X 144 56.98 25.87 28.97
C LEU X 144 56.01 25.33 27.95
N GLY X 145 55.66 26.14 26.95
CA GLY X 145 54.68 25.73 25.97
C GLY X 145 54.50 26.71 24.84
N CYS X 146 53.44 26.51 24.05
CA CYS X 146 53.09 27.41 22.96
C CYS X 146 51.58 27.64 22.91
N LEU X 147 51.18 28.90 22.81
CA LEU X 147 49.77 29.24 22.61
C LEU X 147 49.56 29.46 21.11
N VAL X 148 48.71 28.63 20.53
CA VAL X 148 48.41 28.70 19.10
C VAL X 148 47.01 29.28 18.96
N LYS X 149 46.95 30.54 18.54
CA LYS X 149 45.75 31.35 18.70
C LYS X 149 45.21 31.88 17.38
N ASP X 150 43.88 31.98 17.31
CA ASP X 150 43.17 32.64 16.22
C ASP X 150 43.41 31.98 14.86
N TYR X 151 43.02 30.70 14.76
CA TYR X 151 43.09 29.94 13.51
C TYR X 151 41.74 29.30 13.19
N PHE X 152 41.55 28.96 11.92
CA PHE X 152 40.31 28.33 11.46
C PHE X 152 40.45 27.65 10.10
N PRO X 153 39.88 26.43 9.96
CA PRO X 153 39.19 25.62 10.97
C PRO X 153 40.13 24.65 11.69
N GLU X 154 39.58 23.70 12.42
CA GLU X 154 40.38 22.61 12.99
C GLU X 154 40.87 21.68 11.90
N PRO X 155 41.88 20.86 12.19
CA PRO X 155 42.65 20.83 13.44
C PRO X 155 44.06 21.35 13.26
N VAL X 156 44.80 21.42 14.35
CA VAL X 156 46.25 21.59 14.29
C VAL X 156 46.95 20.41 14.93
N THR X 157 48.18 20.17 14.51
CA THR X 157 49.04 19.18 15.13
C THR X 157 50.16 19.93 15.82
N VAL X 158 50.63 19.41 16.94
CA VAL X 158 51.73 20.05 17.66
C VAL X 158 52.76 19.02 18.08
N SER X 159 54.02 19.30 17.75
CA SER X 159 55.15 18.51 18.21
C SER X 159 56.19 19.41 18.87
N TRP X 160 57.21 18.78 19.45
CA TRP X 160 58.29 19.50 20.12
C TRP X 160 59.63 18.97 19.64
N ASN X 161 60.48 19.90 19.22
CA ASN X 161 61.77 19.57 18.62
C ASN X 161 61.60 18.55 17.50
N SER X 162 60.62 18.83 16.64
CA SER X 162 60.36 18.03 15.45
C SER X 162 60.06 16.57 15.73
N GLY X 163 59.57 16.28 16.94
CA GLY X 163 59.18 14.93 17.28
C GLY X 163 60.20 14.18 18.12
N ALA X 164 61.30 14.84 18.46
CA ALA X 164 62.35 14.22 19.26
C ALA X 164 61.98 14.27 20.75
N LEU X 165 61.28 15.31 21.14
CA LEU X 165 60.84 15.47 22.53
C LEU X 165 59.42 14.96 22.63
N THR X 166 59.24 13.88 23.40
CA THR X 166 57.97 13.16 23.42
C THR X 166 57.53 12.81 24.83
N SER X 167 58.26 13.32 25.82
CA SER X 167 57.94 13.11 27.22
C SER X 167 57.41 14.39 27.83
N GLY X 168 56.34 14.29 28.62
CA GLY X 168 55.81 15.44 29.32
C GLY X 168 55.01 16.38 28.45
N VAL X 169 54.71 15.99 27.22
CA VAL X 169 53.94 16.84 26.31
C VAL X 169 52.45 16.61 26.50
N HIS X 170 51.72 17.71 26.61
CA HIS X 170 50.25 17.70 26.62
C HIS X 170 49.69 18.70 25.62
N THR X 171 49.03 18.21 24.57
CA THR X 171 48.39 19.07 23.59
C THR X 171 46.88 19.10 23.83
N PHE X 172 46.40 20.24 24.32
CA PHE X 172 45.01 20.36 24.73
C PHE X 172 44.05 20.35 23.54
N PRO X 173 42.81 19.88 23.74
CA PRO X 173 41.80 20.01 22.69
C PRO X 173 41.56 21.47 22.33
N ALA X 174 41.38 21.79 21.06
CA ALA X 174 41.06 23.16 20.67
C ALA X 174 39.74 23.58 21.29
N VAL X 175 39.62 24.86 21.63
CA VAL X 175 38.34 25.44 22.03
C VAL X 175 37.96 26.55 21.06
N LEU X 176 36.67 26.65 20.76
CA LEU X 176 36.17 27.71 19.90
C LEU X 176 35.88 28.99 20.68
N GLN X 177 36.63 30.05 20.36
CA GLN X 177 36.48 31.33 21.04
C GLN X 177 35.25 32.08 20.51
N SER X 178 34.85 33.13 21.21
CA SER X 178 33.69 33.93 20.83
C SER X 178 33.94 34.71 19.54
N SER X 179 35.18 34.69 19.07
CA SER X 179 35.55 35.34 17.81
C SER X 179 35.22 34.46 16.60
N GLY X 180 34.99 33.17 16.85
CA GLY X 180 34.77 32.21 15.78
C GLY X 180 36.04 31.52 15.33
N LEU X 181 37.14 31.82 16.01
CA LEU X 181 38.44 31.21 15.72
C LEU X 181 38.79 30.21 16.80
N TYR X 182 39.54 29.18 16.42
CA TYR X 182 39.93 28.17 17.38
C TYR X 182 41.22 28.59 18.07
N SER X 183 41.45 28.02 19.24
CA SER X 183 42.67 28.28 19.99
C SER X 183 43.00 27.06 20.82
N LEU X 184 44.27 26.89 21.13
CA LEU X 184 44.76 25.65 21.68
C LEU X 184 46.14 25.91 22.27
N SER X 185 46.48 25.17 23.33
CA SER X 185 47.82 25.25 23.88
C SER X 185 48.46 23.89 23.98
N SER X 186 49.77 23.85 23.77
CA SER X 186 50.59 22.68 23.99
C SER X 186 51.68 23.04 24.97
N VAL X 187 51.83 22.25 26.03
CA VAL X 187 52.81 22.54 27.07
C VAL X 187 53.73 21.35 27.28
N VAL X 188 54.86 21.61 27.95
CA VAL X 188 55.80 20.56 28.27
C VAL X 188 56.57 20.93 29.54
N THR X 189 56.78 19.93 30.39
CA THR X 189 57.60 20.10 31.59
C THR X 189 58.99 19.50 31.41
N VAL X 190 60.01 20.26 31.76
CA VAL X 190 61.40 19.82 31.59
C VAL X 190 62.23 20.10 32.83
N PRO X 191 63.41 19.45 32.94
CA PRO X 191 64.34 19.74 34.04
C PRO X 191 64.84 21.18 33.96
N SER X 192 64.95 21.86 35.10
CA SER X 192 65.42 23.24 35.10
C SER X 192 66.84 23.34 34.55
N SER X 193 67.69 22.38 34.92
CA SER X 193 69.09 22.41 34.54
C SER X 193 69.27 22.40 33.02
N SER X 194 68.28 21.84 32.32
CA SER X 194 68.36 21.70 30.88
C SER X 194 67.99 23.00 30.16
N LEU X 195 67.42 23.95 30.91
CA LEU X 195 66.90 25.18 30.32
C LEU X 195 68.04 25.92 29.65
N GLY X 196 69.19 25.87 30.30
CA GLY X 196 70.38 26.58 29.85
C GLY X 196 71.20 25.83 28.82
N THR X 197 70.85 24.57 28.54
CA THR X 197 71.70 23.73 27.69
C THR X 197 70.94 22.98 26.61
N GLN X 198 69.64 23.20 26.50
CA GLN X 198 68.83 22.48 25.53
C GLN X 198 67.86 23.44 24.85
N THR X 199 67.77 23.37 23.52
CA THR X 199 66.88 24.24 22.77
C THR X 199 65.51 23.58 22.66
N TYR X 200 64.45 24.38 22.80
CA TYR X 200 63.09 23.87 22.66
C TYR X 200 62.24 24.66 21.68
N ILE X 201 61.81 23.97 20.62
CA ILE X 201 60.99 24.58 19.59
C ILE X 201 59.74 23.72 19.40
N CYS X 202 58.56 24.34 19.47
CA CYS X 202 57.34 23.61 19.14
C CYS X 202 56.99 23.82 17.67
N ASN X 203 56.67 22.74 16.97
CA ASN X 203 56.25 22.80 15.57
C ASN X 203 54.75 22.58 15.48
N VAL X 204 54.07 23.53 14.84
CA VAL X 204 52.63 23.59 14.77
C VAL X 204 52.21 23.67 13.31
N ASN X 205 51.29 22.79 12.91
CA ASN X 205 50.78 22.77 11.54
C ASN X 205 49.26 22.82 11.38
N HIS X 206 48.81 23.75 10.55
CA HIS X 206 47.40 23.88 10.19
C HIS X 206 47.24 23.85 8.67
N LYS X 207 47.06 22.65 8.12
CA LYS X 207 47.01 22.46 6.68
C LYS X 207 45.89 23.24 5.98
N PRO X 208 44.69 23.30 6.58
CA PRO X 208 43.60 24.06 5.96
C PRO X 208 43.95 25.49 5.56
N SER X 209 44.98 26.08 6.18
CA SER X 209 45.43 27.41 5.80
C SER X 209 46.93 27.31 5.53
N ASN X 210 47.38 26.08 5.34
CA ASN X 210 48.78 25.72 5.12
C ASN X 210 49.78 26.52 5.95
N THR X 211 49.67 26.43 7.27
CA THR X 211 50.56 27.15 8.18
C THR X 211 51.42 26.13 8.92
N LYS X 212 52.73 26.29 8.83
CA LYS X 212 53.67 25.46 9.57
C LYS X 212 54.57 26.43 10.32
N VAL X 213 54.59 26.33 11.64
CA VAL X 213 55.38 27.26 12.46
C VAL X 213 56.34 26.58 13.42
N ASP X 214 57.58 27.08 13.45
CA ASP X 214 58.55 26.70 14.47
C ASP X 214 58.95 27.94 15.28
N LYS X 215 58.72 27.88 16.59
CA LYS X 215 59.07 28.98 17.49
C LYS X 215 59.92 28.53 18.68
N LYS X 216 61.18 28.97 18.72
CA LYS X 216 62.04 28.67 19.86
C LYS X 216 61.60 29.39 21.12
N VAL X 217 61.66 28.67 22.23
CA VAL X 217 61.21 29.14 23.53
C VAL X 217 62.35 29.29 24.52
N GLU X 218 62.67 30.53 24.86
CA GLU X 218 63.79 30.84 25.75
C GLU X 218 63.21 31.35 27.06
N PRO X 219 63.92 31.11 28.19
CA PRO X 219 63.40 31.59 29.47
C PRO X 219 63.20 33.10 29.60
N LYS X 220 62.51 33.48 30.67
CA LYS X 220 62.33 34.88 31.04
C LYS X 220 62.30 35.03 32.56
CA ASN Y 6 -25.28 -73.41 24.27
C ASN Y 6 -23.91 -73.45 23.62
N THR Y 7 -23.27 -72.28 23.51
CA THR Y 7 -22.02 -72.14 22.78
C THR Y 7 -20.86 -72.79 23.54
N THR Y 8 -19.81 -73.14 22.80
CA THR Y 8 -18.60 -73.75 23.37
C THR Y 8 -17.71 -72.70 24.04
N LEU Y 9 -16.82 -73.17 24.92
CA LEU Y 9 -16.02 -72.31 25.79
C LEU Y 9 -14.51 -72.46 25.55
N PHE Y 10 -13.75 -71.42 25.91
CA PHE Y 10 -12.32 -71.57 26.14
C PHE Y 10 -12.12 -71.82 27.63
N CYS Y 11 -10.93 -72.30 28.00
CA CYS Y 11 -10.55 -72.43 29.40
C CYS Y 11 -9.46 -71.42 29.70
N ALA Y 12 -8.89 -71.47 30.89
CA ALA Y 12 -7.82 -70.55 31.26
C ALA Y 12 -7.04 -71.02 32.48
N SER Y 13 -5.76 -70.67 32.52
CA SER Y 13 -4.88 -71.11 33.60
C SER Y 13 -3.55 -70.35 33.61
N ASP Y 14 -3.00 -70.17 34.81
CA ASP Y 14 -1.67 -69.57 34.97
C ASP Y 14 -0.61 -70.68 35.08
N ALA Y 15 -0.39 -71.40 33.98
CA ALA Y 15 0.57 -72.51 33.95
C ALA Y 15 1.82 -72.14 33.15
N LYS Y 16 2.97 -72.63 33.59
CA LYS Y 16 4.23 -72.30 32.93
C LYS Y 16 4.48 -73.17 31.71
N ALA Y 17 5.23 -72.64 30.75
CA ALA Y 17 5.52 -73.34 29.50
C ALA Y 17 6.79 -74.18 29.60
N TYR Y 18 7.49 -74.07 30.73
CA TYR Y 18 8.71 -74.85 30.95
C TYR Y 18 8.46 -76.04 31.86
N ASP Y 19 7.83 -75.79 33.00
CA ASP Y 19 7.62 -76.82 34.00
C ASP Y 19 6.95 -78.05 33.40
N THR Y 20 7.75 -79.10 33.21
CA THR Y 20 7.29 -80.32 32.55
C THR Y 20 6.46 -81.19 33.50
N GLU Y 21 5.17 -80.93 33.58
CA GLU Y 21 4.24 -81.86 34.21
C GLU Y 21 3.02 -82.01 33.33
N VAL Y 22 2.46 -83.22 33.33
CA VAL Y 22 1.32 -83.57 32.50
C VAL Y 22 0.25 -82.50 32.41
N HIS Y 23 0.00 -81.81 33.53
CA HIS Y 23 -1.03 -80.80 33.57
C HIS Y 23 -0.59 -79.54 32.84
N ASN Y 24 0.47 -78.92 33.34
CA ASN Y 24 0.98 -77.68 32.77
C ASN Y 24 1.31 -77.81 31.29
N VAL Y 25 1.79 -78.99 30.88
CA VAL Y 25 2.16 -79.22 29.49
C VAL Y 25 0.93 -79.09 28.57
N TRP Y 26 -0.10 -79.87 28.85
CA TRP Y 26 -1.30 -79.83 28.03
C TRP Y 26 -1.99 -78.49 28.14
N ALA Y 27 -2.01 -77.95 29.36
CA ALA Y 27 -2.66 -76.67 29.61
C ALA Y 27 -1.99 -75.57 28.79
N THR Y 28 -0.68 -75.69 28.61
CA THR Y 28 0.08 -74.74 27.80
C THR Y 28 -0.04 -75.10 26.32
N HIS Y 29 -1.28 -75.09 25.82
CA HIS Y 29 -1.55 -75.42 24.43
C HIS Y 29 -3.05 -75.35 24.13
N ALA Y 30 -3.87 -75.47 25.16
CA ALA Y 30 -5.32 -75.44 24.99
C ALA Y 30 -5.99 -74.42 25.90
N CYS Y 31 -5.18 -73.62 26.60
CA CYS Y 31 -5.72 -72.63 27.54
C CYS Y 31 -4.98 -71.29 27.45
N VAL Y 32 -5.46 -70.31 28.21
CA VAL Y 32 -4.94 -68.96 28.16
C VAL Y 32 -4.78 -68.41 29.58
N PRO Y 33 -3.82 -67.50 29.80
CA PRO Y 33 -3.67 -66.90 31.14
C PRO Y 33 -4.88 -66.08 31.64
N THR Y 34 -5.30 -65.06 30.89
CA THR Y 34 -6.46 -64.25 31.28
C THR Y 34 -6.15 -63.47 32.56
N ASP Y 35 -6.96 -62.48 32.95
CA ASP Y 35 -8.23 -62.11 32.31
C ASP Y 35 -8.42 -60.60 32.31
N PRO Y 36 -9.55 -60.13 31.77
CA PRO Y 36 -9.95 -58.73 31.97
C PRO Y 36 -10.54 -58.51 33.37
N SER Y 37 -9.94 -57.60 34.13
CA SER Y 37 -10.40 -57.31 35.49
C SER Y 37 -11.78 -56.66 35.46
N PRO Y 38 -12.37 -56.40 36.65
CA PRO Y 38 -11.95 -56.84 37.98
C PRO Y 38 -12.98 -57.71 38.70
N GLN Y 39 -13.99 -57.06 39.27
CA GLN Y 39 -14.94 -57.70 40.18
C GLN Y 39 -16.08 -58.38 39.44
N GLU Y 40 -16.86 -59.16 40.18
CA GLU Y 40 -18.13 -59.67 39.68
C GLU Y 40 -19.10 -58.51 39.55
N LEU Y 41 -19.64 -58.34 38.35
CA LEU Y 41 -20.51 -57.20 38.05
C LEU Y 41 -21.92 -57.47 38.58
N LYS Y 42 -22.23 -56.92 39.75
CA LYS Y 42 -23.48 -57.27 40.45
C LYS Y 42 -24.73 -56.66 39.83
N MET Y 43 -25.84 -57.38 39.94
CA MET Y 43 -27.16 -56.87 39.58
C MET Y 43 -27.99 -56.63 40.83
N GLU Y 44 -29.18 -56.09 40.65
CA GLU Y 44 -30.08 -55.82 41.77
C GLU Y 44 -31.53 -55.99 41.34
N ASN Y 45 -32.34 -56.57 42.23
CA ASN Y 45 -33.76 -56.74 41.99
C ASN Y 45 -34.05 -57.59 40.76
N VAL Y 46 -33.06 -58.39 40.37
CA VAL Y 46 -33.20 -59.31 39.24
C VAL Y 46 -33.38 -60.73 39.76
N THR Y 47 -34.36 -61.44 39.20
CA THR Y 47 -34.57 -62.84 39.53
C THR Y 47 -34.33 -63.71 38.29
N GLU Y 48 -33.57 -64.78 38.46
CA GLU Y 48 -33.22 -65.66 37.35
C GLU Y 48 -33.30 -67.11 37.80
N GLU Y 49 -33.79 -67.98 36.92
CA GLU Y 49 -33.87 -69.41 37.20
C GLU Y 49 -32.52 -70.10 36.95
N PHE Y 50 -32.19 -71.05 37.82
CA PHE Y 50 -30.99 -71.86 37.68
C PHE Y 50 -31.32 -73.34 37.77
N ASN Y 51 -30.45 -74.17 37.21
CA ASN Y 51 -30.60 -75.62 37.29
C ASN Y 51 -29.24 -76.29 37.18
N MET Y 52 -28.64 -76.61 38.33
CA MET Y 52 -27.30 -77.18 38.38
C MET Y 52 -27.23 -78.53 37.67
N TRP Y 53 -28.38 -79.19 37.57
CA TRP Y 53 -28.43 -80.55 37.05
C TRP Y 53 -28.64 -80.58 35.54
N LYS Y 54 -28.81 -79.41 34.94
CA LYS Y 54 -28.85 -79.26 33.49
C LYS Y 54 -27.97 -78.07 33.10
N ASN Y 55 -26.67 -78.33 33.01
CA ASN Y 55 -25.69 -77.28 32.79
C ASN Y 55 -24.60 -77.77 31.83
N ASN Y 56 -24.61 -77.22 30.63
CA ASN Y 56 -23.74 -77.70 29.54
C ASN Y 56 -22.26 -77.58 29.86
N MET Y 57 -21.90 -76.65 30.74
CA MET Y 57 -20.50 -76.46 31.10
C MET Y 57 -19.92 -77.71 31.77
N VAL Y 58 -20.75 -78.47 32.47
CA VAL Y 58 -20.33 -79.72 33.07
C VAL Y 58 -19.88 -80.70 31.97
N GLU Y 59 -20.71 -80.80 30.93
CA GLU Y 59 -20.45 -81.72 29.83
C GLU Y 59 -19.14 -81.41 29.12
N GLN Y 60 -18.85 -80.11 28.94
CA GLN Y 60 -17.65 -79.69 28.23
C GLN Y 60 -16.40 -79.92 29.06
N MET Y 61 -16.52 -79.75 30.37
CA MET Y 61 -15.41 -80.02 31.27
C MET Y 61 -15.11 -81.51 31.28
N HIS Y 62 -16.15 -82.32 31.38
CA HIS Y 62 -15.99 -83.77 31.44
C HIS Y 62 -15.17 -84.30 30.28
N THR Y 63 -15.49 -83.83 29.07
CA THR Y 63 -14.79 -84.26 27.87
C THR Y 63 -13.33 -83.79 27.83
N ASP Y 64 -13.08 -82.60 28.39
CA ASP Y 64 -11.74 -81.99 28.34
C ASP Y 64 -10.72 -82.65 29.27
N ILE Y 65 -11.16 -83.03 30.47
CA ILE Y 65 -10.27 -83.69 31.41
C ILE Y 65 -9.95 -85.11 30.95
N ILE Y 66 -10.89 -85.73 30.26
CA ILE Y 66 -10.65 -87.03 29.63
C ILE Y 66 -9.53 -86.88 28.61
N SER Y 67 -9.61 -85.84 27.78
CA SER Y 67 -8.59 -85.58 26.77
C SER Y 67 -7.24 -85.34 27.41
N LEU Y 68 -7.25 -84.69 28.57
CA LEU Y 68 -6.02 -84.45 29.32
C LEU Y 68 -5.39 -85.79 29.69
N TRP Y 69 -6.16 -86.63 30.38
CA TRP Y 69 -5.63 -87.88 30.92
C TRP Y 69 -5.19 -88.85 29.83
N ASP Y 70 -5.99 -88.98 28.77
CA ASP Y 70 -5.67 -89.87 27.67
C ASP Y 70 -4.38 -89.46 26.98
N GLN Y 71 -4.13 -88.16 26.92
CA GLN Y 71 -2.95 -87.65 26.25
C GLN Y 71 -1.76 -87.57 27.19
N SER Y 72 -2.04 -87.62 28.50
CA SER Y 72 -1.01 -87.36 29.51
C SER Y 72 -0.54 -88.63 30.20
N LEU Y 73 -1.49 -89.37 30.77
CA LEU Y 73 -1.19 -90.61 31.47
C LEU Y 73 -1.47 -91.81 30.57
N LYS Y 74 -0.43 -92.27 29.88
CA LYS Y 74 -0.57 -93.39 28.95
C LYS Y 74 -0.40 -94.73 29.66
N PRO Y 75 -1.46 -95.56 29.68
CA PRO Y 75 -1.28 -96.89 30.25
C PRO Y 75 -0.55 -97.83 29.29
N CYS Y 76 0.05 -98.88 29.83
CA CYS Y 76 0.78 -99.85 29.02
C CYS Y 76 -0.16 -100.75 28.25
N VAL Y 77 -1.29 -101.08 28.86
CA VAL Y 77 -2.29 -101.94 28.25
C VAL Y 77 -3.68 -101.39 28.53
N GLN Y 78 -4.59 -101.58 27.59
CA GLN Y 78 -5.98 -101.16 27.73
C GLN Y 78 -6.94 -102.21 27.16
N LEU Y 79 -7.98 -102.55 27.91
CA LEU Y 79 -9.00 -103.50 27.46
C LEU Y 79 -10.37 -102.85 27.41
N THR Y 80 -10.94 -102.78 26.21
CA THR Y 80 -12.32 -102.31 26.05
C THR Y 80 -13.03 -103.14 24.97
N GLY Y 81 -14.17 -103.71 25.35
CA GLY Y 81 -14.99 -104.48 24.43
C GLY Y 81 -14.21 -105.56 23.70
N GLY Y 82 -13.39 -106.31 24.44
CA GLY Y 82 -12.63 -107.41 23.87
C GLY Y 82 -11.47 -106.97 23.01
N SER Y 83 -11.25 -105.66 22.92
CA SER Y 83 -10.17 -105.10 22.12
C SER Y 83 -9.00 -104.70 23.00
N ALA Y 84 -7.79 -104.98 22.54
CA ALA Y 84 -6.57 -104.68 23.31
C ALA Y 84 -5.77 -103.56 22.65
N LEU Y 85 -5.24 -102.66 23.49
CA LEU Y 85 -4.44 -101.52 23.03
C LEU Y 85 -3.14 -101.44 23.82
N THR Y 86 -2.03 -101.22 23.13
CA THR Y 86 -0.73 -101.09 23.79
C THR Y 86 0.03 -99.85 23.32
N GLN Y 87 0.78 -99.26 24.25
CA GLN Y 87 1.55 -98.05 23.96
C GLN Y 87 2.60 -97.81 25.04
N ALA Y 88 3.49 -96.84 24.80
CA ALA Y 88 4.54 -96.50 25.75
C ALA Y 88 3.94 -95.89 27.02
N CYS Y 89 4.57 -96.16 28.16
CA CYS Y 89 4.07 -95.68 29.44
C CYS Y 89 5.21 -95.28 30.38
N PRO Y 90 5.84 -94.12 30.11
CA PRO Y 90 6.85 -93.58 31.01
C PRO Y 90 6.24 -92.96 32.26
N LYS Y 91 6.88 -93.12 33.42
CA LYS Y 91 6.37 -92.51 34.64
C LYS Y 91 6.50 -90.99 34.54
N VAL Y 92 5.54 -90.29 35.11
CA VAL Y 92 5.47 -88.84 34.99
C VAL Y 92 5.21 -88.16 36.33
N THR Y 93 5.35 -86.84 36.33
CA THR Y 93 4.99 -86.03 37.48
C THR Y 93 3.58 -85.48 37.31
N PHE Y 94 2.79 -85.54 38.38
CA PHE Y 94 1.36 -85.26 38.30
C PHE Y 94 0.92 -84.42 39.50
N GLU Y 95 0.10 -83.41 39.25
CA GLU Y 95 -0.38 -82.52 40.31
C GLU Y 95 -1.54 -81.65 39.81
N PRO Y 96 -2.59 -81.45 40.62
CA PRO Y 96 -3.73 -80.61 40.22
C PRO Y 96 -3.39 -79.14 39.98
N ILE Y 97 -4.16 -78.50 39.10
CA ILE Y 97 -3.94 -77.11 38.70
C ILE Y 97 -5.27 -76.37 38.55
N PRO Y 98 -5.38 -75.16 39.11
CA PRO Y 98 -6.63 -74.41 38.93
C PRO Y 98 -6.93 -74.07 37.46
N ILE Y 99 -8.20 -74.19 37.07
CA ILE Y 99 -8.63 -73.90 35.70
C ILE Y 99 -9.89 -73.03 35.68
N HIS Y 100 -9.82 -71.91 34.98
CA HIS Y 100 -10.98 -71.04 34.78
C HIS Y 100 -11.62 -71.30 33.41
N TYR Y 101 -12.94 -71.33 33.38
CA TYR Y 101 -13.68 -71.46 32.13
C TYR Y 101 -14.41 -70.16 31.78
N CYS Y 102 -14.09 -69.62 30.61
CA CYS Y 102 -14.63 -68.35 30.16
C CYS Y 102 -15.60 -68.55 29.01
N ALA Y 103 -16.16 -67.45 28.53
CA ALA Y 103 -17.13 -67.49 27.44
C ALA Y 103 -16.71 -66.58 26.29
N PRO Y 104 -16.98 -67.01 25.04
CA PRO Y 104 -16.56 -66.25 23.85
C PRO Y 104 -17.23 -64.89 23.67
N ALA Y 105 -16.91 -64.23 22.57
CA ALA Y 105 -17.41 -62.89 22.28
C ALA Y 105 -18.87 -62.90 21.81
N GLY Y 106 -19.78 -62.75 22.76
CA GLY Y 106 -21.20 -62.75 22.45
C GLY Y 106 -22.05 -63.32 23.57
N TYR Y 107 -21.40 -63.85 24.60
CA TYR Y 107 -22.09 -64.50 25.70
C TYR Y 107 -21.44 -64.16 27.03
N ALA Y 108 -22.18 -64.34 28.12
CA ALA Y 108 -21.68 -64.07 29.46
C ALA Y 108 -21.81 -65.29 30.35
N ILE Y 109 -21.54 -65.10 31.64
CA ILE Y 109 -21.71 -66.18 32.62
C ILE Y 109 -22.30 -65.62 33.91
N LEU Y 110 -23.62 -65.77 34.08
CA LEU Y 110 -24.29 -65.37 35.31
C LEU Y 110 -23.81 -66.22 36.47
N LYS Y 111 -23.67 -65.61 37.63
CA LYS Y 111 -23.12 -66.28 38.80
C LYS Y 111 -24.06 -66.13 39.99
N CYS Y 112 -24.55 -67.25 40.48
CA CYS Y 112 -25.49 -67.25 41.60
C CYS Y 112 -24.72 -67.12 42.92
N ASN Y 113 -24.89 -65.97 43.58
CA ASN Y 113 -24.20 -65.70 44.82
C ASN Y 113 -25.13 -65.80 46.03
N ASP Y 114 -26.35 -66.29 45.81
CA ASP Y 114 -27.30 -66.47 46.90
C ASP Y 114 -26.74 -67.46 47.91
N LYS Y 115 -26.98 -67.17 49.19
CA LYS Y 115 -26.42 -67.96 50.28
C LYS Y 115 -27.12 -69.31 50.44
N GLU Y 116 -28.38 -69.39 49.98
CA GLU Y 116 -29.31 -70.47 50.30
C GLU Y 116 -28.62 -71.86 50.46
N PHE Y 117 -28.34 -72.66 49.43
CA PHE Y 117 -28.85 -72.63 48.06
C PHE Y 117 -28.66 -74.04 47.51
N ASN Y 118 -29.77 -74.66 47.11
CA ASN Y 118 -29.75 -76.08 46.77
C ASN Y 118 -29.41 -76.34 45.30
N GLY Y 119 -29.16 -75.28 44.55
CA GLY Y 119 -28.66 -75.40 43.19
C GLY Y 119 -29.72 -75.36 42.11
N THR Y 120 -30.98 -75.36 42.51
CA THR Y 120 -32.09 -75.29 41.56
C THR Y 120 -33.07 -74.22 41.98
N GLY Y 121 -33.73 -73.60 41.01
CA GLY Y 121 -34.74 -72.60 41.29
C GLY Y 121 -34.22 -71.18 41.18
N LEU Y 122 -34.96 -70.26 41.78
CA LEU Y 122 -34.70 -68.83 41.60
C LEU Y 122 -33.53 -68.35 42.45
N CYS Y 123 -32.78 -67.41 41.88
CA CYS Y 123 -31.66 -66.76 42.56
C CYS Y 123 -31.91 -65.25 42.54
N LYS Y 124 -31.79 -64.60 43.70
CA LYS Y 124 -32.15 -63.18 43.83
C LYS Y 124 -30.97 -62.20 43.78
N ASN Y 125 -29.76 -62.69 43.98
CA ASN Y 125 -28.56 -61.85 43.89
C ASN Y 125 -27.62 -62.36 42.81
N VAL Y 126 -27.83 -61.88 41.58
CA VAL Y 126 -27.15 -62.39 40.40
C VAL Y 126 -26.11 -61.41 39.86
N SER Y 127 -24.83 -61.74 40.05
CA SER Y 127 -23.77 -60.98 39.41
C SER Y 127 -23.61 -61.48 37.98
N THR Y 128 -22.46 -61.22 37.37
CA THR Y 128 -22.18 -61.78 36.05
C THR Y 128 -20.68 -61.63 35.73
N VAL Y 129 -20.03 -62.77 35.55
CA VAL Y 129 -18.60 -62.82 35.29
C VAL Y 129 -18.32 -63.18 33.84
N GLN Y 130 -17.05 -63.10 33.45
CA GLN Y 130 -16.63 -63.54 32.13
C GLN Y 130 -15.96 -64.91 32.21
N CYS Y 131 -15.46 -65.22 33.41
CA CYS Y 131 -14.83 -66.52 33.66
C CYS Y 131 -15.11 -67.01 35.08
N THR Y 132 -14.85 -68.29 35.32
CA THR Y 132 -15.23 -68.92 36.58
C THR Y 132 -14.10 -68.99 37.60
N HIS Y 133 -14.37 -69.62 38.75
CA HIS Y 133 -13.38 -69.80 39.80
C HIS Y 133 -12.31 -70.80 39.40
N GLY Y 134 -11.28 -70.93 40.24
CA GLY Y 134 -10.20 -71.86 39.99
C GLY Y 134 -10.60 -73.28 40.34
N ILE Y 135 -10.81 -74.09 39.31
CA ILE Y 135 -11.30 -75.45 39.48
C ILE Y 135 -10.16 -76.47 39.38
N ARG Y 136 -9.97 -77.24 40.45
CA ARG Y 136 -9.01 -78.33 40.46
C ARG Y 136 -9.62 -79.58 39.81
N PRO Y 137 -9.06 -80.05 38.68
CA PRO Y 137 -9.64 -81.22 38.03
C PRO Y 137 -9.37 -82.51 38.81
N VAL Y 138 -9.83 -82.56 40.05
CA VAL Y 138 -9.58 -83.72 40.90
C VAL Y 138 -10.51 -84.87 40.55
N VAL Y 139 -9.92 -85.98 40.12
CA VAL Y 139 -10.68 -87.21 39.83
C VAL Y 139 -10.68 -88.11 41.06
N SER Y 140 -11.86 -88.32 41.62
CA SER Y 140 -11.99 -89.14 42.81
C SER Y 140 -13.43 -89.62 43.01
N THR Y 141 -13.61 -90.56 43.93
CA THR Y 141 -14.92 -91.05 44.31
C THR Y 141 -15.13 -90.84 45.80
N GLN Y 142 -16.40 -90.82 46.21
CA GLN Y 142 -16.78 -90.70 47.61
C GLN Y 142 -16.41 -89.34 48.21
N LEU Y 143 -15.11 -89.04 48.24
CA LEU Y 143 -14.63 -87.79 48.84
C LEU Y 143 -14.18 -86.78 47.79
N LEU Y 144 -14.57 -85.53 47.97
CA LEU Y 144 -14.11 -84.44 47.12
C LEU Y 144 -12.89 -83.76 47.74
N LEU Y 145 -11.82 -83.64 46.96
CA LEU Y 145 -10.56 -83.08 47.45
C LEU Y 145 -10.21 -81.78 46.75
N ASN Y 146 -9.63 -80.85 47.51
CA ASN Y 146 -9.17 -79.56 46.96
C ASN Y 146 -10.29 -78.77 46.27
N GLY Y 147 -11.51 -78.91 46.77
CA GLY Y 147 -12.65 -78.22 46.18
C GLY Y 147 -12.91 -76.89 46.86
N SER Y 148 -14.11 -76.35 46.66
CA SER Y 148 -14.52 -75.09 47.30
C SER Y 148 -15.41 -75.37 48.51
N LEU Y 149 -15.30 -74.52 49.52
CA LEU Y 149 -16.05 -74.69 50.75
C LEU Y 149 -17.37 -73.92 50.71
N ALA Y 150 -18.36 -74.42 51.44
CA ALA Y 150 -19.62 -73.70 51.61
C ALA Y 150 -19.33 -72.39 52.36
N GLU Y 151 -19.97 -71.31 51.92
CA GLU Y 151 -19.67 -69.99 52.43
C GLU Y 151 -19.99 -69.85 53.93
N GLY Y 152 -21.15 -70.35 54.32
CA GLY Y 152 -21.59 -70.28 55.70
C GLY Y 152 -21.64 -71.64 56.36
N LYS Y 153 -22.74 -72.33 56.13
CA LYS Y 153 -23.00 -73.64 56.72
C LYS Y 153 -22.95 -74.71 55.63
N VAL Y 154 -22.74 -75.96 56.04
CA VAL Y 154 -22.69 -77.09 55.09
C VAL Y 154 -23.95 -77.09 54.23
N MET Y 155 -23.83 -77.56 52.99
CA MET Y 155 -24.99 -77.66 52.11
C MET Y 155 -25.08 -79.00 51.40
N ILE Y 156 -26.31 -79.54 51.35
CA ILE Y 156 -26.59 -80.78 50.65
C ILE Y 156 -27.51 -80.47 49.47
N ARG Y 157 -27.30 -81.18 48.36
CA ARG Y 157 -27.96 -80.86 47.10
C ARG Y 157 -28.32 -82.12 46.32
N SER Y 158 -29.54 -82.15 45.77
CA SER Y 158 -30.03 -83.32 45.03
C SER Y 158 -31.08 -82.95 43.98
N GLU Y 159 -31.17 -83.76 42.93
CA GLU Y 159 -32.21 -83.60 41.92
C GLU Y 159 -33.59 -83.83 42.51
N ASN Y 160 -33.68 -84.83 43.39
CA ASN Y 160 -34.94 -85.19 44.02
C ASN Y 160 -34.67 -85.97 45.30
N ILE Y 161 -34.86 -85.31 46.43
CA ILE Y 161 -34.57 -85.91 47.72
C ILE Y 161 -35.47 -87.12 47.97
N THR Y 162 -36.67 -87.07 47.39
CA THR Y 162 -37.67 -88.11 47.60
C THR Y 162 -37.32 -89.39 46.84
N ASN Y 163 -36.41 -89.29 45.88
CA ASN Y 163 -35.94 -90.44 45.12
C ASN Y 163 -34.66 -91.00 45.76
N ASN Y 164 -34.29 -92.23 45.38
CA ASN Y 164 -33.17 -92.93 46.02
C ASN Y 164 -31.99 -93.23 45.09
N VAL Y 165 -32.21 -93.16 43.78
CA VAL Y 165 -31.17 -93.48 42.81
C VAL Y 165 -30.21 -92.30 42.60
N LYS Y 166 -30.67 -91.11 42.97
CA LYS Y 166 -29.91 -89.89 42.71
C LYS Y 166 -28.91 -89.58 43.82
N ASN Y 167 -27.71 -89.16 43.41
CA ASN Y 167 -26.63 -88.90 44.36
C ASN Y 167 -26.83 -87.61 45.16
N ILE Y 168 -26.35 -87.62 46.39
CA ILE Y 168 -26.36 -86.45 47.26
C ILE Y 168 -24.97 -85.83 47.29
N ILE Y 169 -24.86 -84.57 46.89
CA ILE Y 169 -23.58 -83.86 46.89
C ILE Y 169 -23.48 -82.97 48.13
N VAL Y 170 -22.49 -83.26 48.98
CA VAL Y 170 -22.25 -82.52 50.21
C VAL Y 170 -21.10 -81.52 50.05
N GLN Y 171 -21.33 -80.29 50.50
CA GLN Y 171 -20.29 -79.24 50.50
C GLN Y 171 -19.96 -78.80 51.91
N LEU Y 172 -18.74 -79.11 52.36
CA LEU Y 172 -18.32 -78.79 53.71
C LEU Y 172 -18.08 -77.30 53.88
N ASN Y 173 -18.21 -76.82 55.11
CA ASN Y 173 -17.98 -75.40 55.40
C ASN Y 173 -16.63 -75.23 56.11
N GLU Y 174 -15.90 -76.34 56.27
CA GLU Y 174 -14.49 -76.33 56.67
C GLU Y 174 -13.71 -77.44 55.98
N SER Y 175 -12.47 -77.15 55.58
CA SER Y 175 -11.61 -78.16 54.99
C SER Y 175 -11.04 -79.10 56.06
N VAL Y 176 -10.90 -80.37 55.70
CA VAL Y 176 -10.23 -81.35 56.56
C VAL Y 176 -8.96 -81.83 55.85
N THR Y 177 -7.82 -81.38 56.33
CA THR Y 177 -6.54 -81.75 55.73
C THR Y 177 -6.25 -83.23 55.92
N ILE Y 178 -5.99 -83.92 54.82
CA ILE Y 178 -5.64 -85.34 54.87
C ILE Y 178 -4.27 -85.56 54.23
N ASN Y 179 -3.36 -86.17 54.99
CA ASN Y 179 -2.02 -86.47 54.52
C ASN Y 179 -1.80 -87.96 54.38
N CYS Y 180 -1.65 -88.41 53.13
CA CYS Y 180 -1.41 -89.82 52.82
C CYS Y 180 0.04 -89.98 52.41
N THR Y 181 0.72 -90.99 52.95
CA THR Y 181 2.14 -91.20 52.68
C THR Y 181 2.51 -92.68 52.53
N ARG Y 182 3.41 -92.96 51.59
CA ARG Y 182 3.94 -94.30 51.38
C ARG Y 182 5.43 -94.33 51.76
N PRO Y 183 5.77 -94.89 52.93
CA PRO Y 183 7.17 -94.87 53.38
C PRO Y 183 8.11 -95.71 52.50
N ASN Y 184 9.41 -95.41 52.59
CA ASN Y 184 10.42 -96.14 51.83
C ASN Y 184 10.58 -97.59 52.27
N ASN Y 185 9.83 -98.48 51.63
CA ASN Y 185 9.87 -99.91 51.93
C ASN Y 185 10.22 -100.74 50.70
N SER Y 190 14.44 -102.18 54.36
CA SER Y 190 13.12 -102.28 54.98
C SER Y 190 12.32 -103.42 54.38
N GLY Y 191 12.26 -104.55 55.10
CA GLY Y 191 11.46 -105.69 54.67
C GLY Y 191 10.00 -105.30 54.69
N GLY Y 192 9.46 -104.95 53.52
CA GLY Y 192 8.11 -104.45 53.44
C GLY Y 192 7.42 -104.67 52.10
N ASP Y 193 6.66 -103.67 51.67
CA ASP Y 193 5.79 -103.79 50.51
C ASP Y 193 5.61 -102.43 49.86
N ILE Y 194 6.08 -102.30 48.62
CA ILE Y 194 6.09 -101.01 47.92
C ILE Y 194 4.70 -100.52 47.51
N ARG Y 195 3.67 -101.30 47.83
CA ARG Y 195 2.29 -100.92 47.49
C ARG Y 195 1.46 -100.62 48.74
N GLN Y 196 2.08 -100.76 49.91
CA GLN Y 196 1.40 -100.44 51.18
C GLN Y 196 1.52 -98.95 51.51
N ALA Y 197 0.39 -98.34 51.83
CA ALA Y 197 0.35 -96.92 52.18
C ALA Y 197 -0.69 -96.66 53.27
N HIS Y 198 -0.72 -95.44 53.78
CA HIS Y 198 -1.66 -95.06 54.83
C HIS Y 198 -2.07 -93.61 54.72
N CYS Y 199 -3.16 -93.26 55.40
CA CYS Y 199 -3.64 -91.88 55.47
C CYS Y 199 -3.94 -91.50 56.90
N ASN Y 200 -3.56 -90.27 57.27
CA ASN Y 200 -3.79 -89.76 58.62
C ASN Y 200 -4.60 -88.47 58.61
N VAL Y 201 -5.59 -88.40 59.51
CA VAL Y 201 -6.40 -87.21 59.70
C VAL Y 201 -6.76 -87.09 61.18
N SER Y 202 -6.98 -85.86 61.64
CA SER Y 202 -7.37 -85.64 63.04
C SER Y 202 -8.70 -86.30 63.35
N GLY Y 203 -8.69 -87.19 64.34
CA GLY Y 203 -9.90 -87.87 64.76
C GLY Y 203 -10.91 -86.91 65.33
N SER Y 204 -10.43 -85.98 66.15
CA SER Y 204 -11.30 -84.99 66.78
C SER Y 204 -11.98 -84.09 65.75
N GLN Y 205 -11.26 -83.76 64.68
CA GLN Y 205 -11.81 -82.91 63.63
C GLN Y 205 -12.94 -83.62 62.91
N TRP Y 206 -12.77 -84.92 62.66
CA TRP Y 206 -13.80 -85.72 62.01
C TRP Y 206 -15.04 -85.84 62.88
N ASN Y 207 -14.84 -85.93 64.19
CA ASN Y 207 -15.95 -86.05 65.13
C ASN Y 207 -16.76 -84.77 65.27
N LYS Y 208 -16.41 -83.75 64.48
CA LYS Y 208 -17.13 -82.48 64.47
C LYS Y 208 -17.72 -82.19 63.09
N THR Y 209 -16.99 -82.57 62.04
CA THR Y 209 -17.47 -82.41 60.68
C THR Y 209 -18.69 -83.30 60.43
N LEU Y 210 -18.60 -84.56 60.85
CA LEU Y 210 -19.69 -85.51 60.68
C LEU Y 210 -20.93 -85.07 61.43
N HIS Y 211 -20.74 -84.52 62.62
CA HIS Y 211 -21.85 -84.09 63.47
C HIS Y 211 -22.74 -83.06 62.78
N GLN Y 212 -22.10 -82.10 62.14
CA GLN Y 212 -22.80 -80.95 61.57
C GLN Y 212 -23.60 -81.31 60.31
N VAL Y 213 -23.09 -82.26 59.54
CA VAL Y 213 -23.78 -82.71 58.33
C VAL Y 213 -25.08 -83.42 58.69
N VAL Y 214 -25.03 -84.25 59.73
CA VAL Y 214 -26.16 -85.08 60.14
C VAL Y 214 -27.37 -84.23 60.53
N GLU Y 215 -27.14 -83.08 61.14
CA GLU Y 215 -28.22 -82.19 61.54
C GLU Y 215 -29.00 -81.70 60.31
N GLN Y 216 -28.26 -81.45 59.23
CA GLN Y 216 -28.87 -80.99 57.99
C GLN Y 216 -29.59 -82.13 57.26
N LEU Y 217 -29.07 -83.34 57.39
CA LEU Y 217 -29.70 -84.51 56.80
C LEU Y 217 -31.08 -84.70 57.40
N ARG Y 218 -31.21 -84.33 58.67
CA ARG Y 218 -32.51 -84.28 59.32
C ARG Y 218 -33.30 -83.11 58.74
N LYS Y 219 -34.43 -82.78 59.37
CA LYS Y 219 -35.27 -81.66 58.91
C LYS Y 219 -35.95 -81.99 57.59
N TYR Y 220 -35.20 -82.47 56.60
CA TYR Y 220 -35.78 -82.97 55.37
C TYR Y 220 -36.56 -84.25 55.64
N TRP Y 221 -35.94 -85.14 56.42
CA TRP Y 221 -36.50 -86.45 56.73
C TRP Y 221 -37.01 -86.50 58.16
N ASN Y 222 -37.72 -85.45 58.57
CA ASN Y 222 -38.30 -85.38 59.91
C ASN Y 222 -37.20 -85.47 60.97
N ASN Y 223 -37.41 -86.29 62.00
CA ASN Y 223 -36.41 -86.47 63.05
C ASN Y 223 -35.96 -87.93 63.16
N ASN Y 224 -35.62 -88.52 62.00
CA ASN Y 224 -35.05 -89.85 61.97
C ASN Y 224 -33.59 -89.81 62.43
N THR Y 225 -33.15 -90.88 63.07
CA THR Y 225 -31.75 -91.00 63.49
C THR Y 225 -30.93 -91.62 62.36
N ILE Y 226 -29.76 -91.06 62.11
CA ILE Y 226 -28.93 -91.47 60.99
C ILE Y 226 -27.79 -92.36 61.45
N ILE Y 227 -27.58 -93.44 60.69
CA ILE Y 227 -26.45 -94.34 60.90
C ILE Y 227 -25.68 -94.50 59.60
N PHE Y 228 -24.36 -94.46 59.69
CA PHE Y 228 -23.51 -94.63 58.52
C PHE Y 228 -22.88 -96.02 58.49
N ASN Y 229 -22.84 -96.61 57.29
CA ASN Y 229 -22.15 -97.87 57.05
C ASN Y 229 -21.29 -97.76 55.80
N SER Y 230 -20.36 -98.68 55.63
CA SER Y 230 -19.47 -98.66 54.47
C SER Y 230 -20.23 -98.98 53.20
N SER Y 231 -19.56 -98.86 52.06
CA SER Y 231 -20.15 -99.16 50.76
C SER Y 231 -20.68 -100.58 50.73
N SER Y 232 -21.76 -100.79 49.97
CA SER Y 232 -22.43 -102.09 49.91
C SER Y 232 -21.70 -103.07 49.00
N GLY Y 233 -20.83 -102.55 48.13
CA GLY Y 233 -20.05 -103.39 47.25
C GLY Y 233 -20.02 -102.89 45.81
N GLY Y 234 -19.28 -103.61 44.98
CA GLY Y 234 -19.08 -103.24 43.59
C GLY Y 234 -17.61 -103.30 43.24
N ASP Y 235 -17.20 -102.58 42.20
CA ASP Y 235 -15.79 -102.48 41.87
C ASP Y 235 -15.06 -101.85 43.05
N LEU Y 236 -13.78 -102.16 43.19
CA LEU Y 236 -12.98 -101.65 44.30
C LEU Y 236 -12.94 -100.13 44.31
N GLU Y 237 -13.17 -99.53 43.14
CA GLU Y 237 -12.95 -98.11 42.94
C GLU Y 237 -14.05 -97.22 43.47
N ILE Y 238 -15.26 -97.77 43.64
CA ILE Y 238 -16.37 -97.01 44.21
C ILE Y 238 -16.63 -97.41 45.66
N THR Y 239 -16.08 -98.54 46.08
CA THR Y 239 -16.20 -98.97 47.47
C THR Y 239 -15.16 -98.28 48.36
N THR Y 240 -14.03 -97.92 47.76
CA THR Y 240 -12.94 -97.27 48.47
C THR Y 240 -12.76 -95.82 48.04
N HIS Y 241 -11.98 -95.05 48.81
CA HIS Y 241 -11.57 -93.73 48.35
C HIS Y 241 -10.52 -93.91 47.28
N SER Y 242 -10.85 -93.53 46.05
CA SER Y 242 -9.91 -93.61 44.95
C SER Y 242 -9.55 -92.23 44.44
N PHE Y 243 -8.28 -92.03 44.16
CA PHE Y 243 -7.79 -90.73 43.69
C PHE Y 243 -6.40 -90.88 43.10
N ASN Y 244 -5.92 -89.85 42.41
CA ASN Y 244 -4.62 -89.88 41.78
C ASN Y 244 -3.60 -89.09 42.60
N CYS Y 245 -2.51 -89.75 42.98
CA CYS Y 245 -1.45 -89.11 43.75
C CYS Y 245 -0.08 -89.30 43.10
N GLY Y 246 0.48 -88.21 42.60
CA GLY Y 246 1.82 -88.23 42.03
C GLY Y 246 1.94 -89.10 40.80
N GLY Y 247 0.82 -89.31 40.11
CA GLY Y 247 0.81 -90.10 38.89
C GLY Y 247 0.48 -91.56 39.14
N GLU Y 248 0.32 -91.92 40.41
CA GLU Y 248 -0.02 -93.28 40.81
C GLU Y 248 -1.50 -93.39 41.19
N PHE Y 249 -1.86 -94.44 41.91
CA PHE Y 249 -3.25 -94.70 42.25
C PHE Y 249 -3.38 -95.24 43.67
N PHE Y 250 -4.01 -94.45 44.53
CA PHE Y 250 -4.24 -94.84 45.93
C PHE Y 250 -5.67 -95.34 46.13
N TYR Y 251 -5.81 -96.37 46.96
CA TYR Y 251 -7.11 -96.94 47.29
C TYR Y 251 -7.25 -97.09 48.80
N CYS Y 252 -8.04 -96.22 49.43
CA CYS Y 252 -8.11 -96.17 50.88
C CYS Y 252 -9.38 -96.78 51.47
N ASN Y 253 -9.18 -97.62 52.49
CA ASN Y 253 -10.26 -98.30 53.19
C ASN Y 253 -11.07 -97.33 54.05
N THR Y 254 -12.39 -97.35 53.89
CA THR Y 254 -13.27 -96.36 54.53
C THR Y 254 -14.17 -96.92 55.63
N SER Y 255 -13.93 -98.17 56.03
CA SER Y 255 -14.76 -98.80 57.05
C SER Y 255 -14.72 -98.01 58.36
N GLY Y 256 -13.56 -97.45 58.67
CA GLY Y 256 -13.38 -96.70 59.90
C GLY Y 256 -13.95 -95.30 59.82
N LEU Y 257 -14.16 -94.80 58.60
CA LEU Y 257 -14.64 -93.45 58.40
C LEU Y 257 -16.15 -93.34 58.60
N PHE Y 258 -16.85 -94.45 58.36
CA PHE Y 258 -18.31 -94.50 58.44
C PHE Y 258 -18.79 -95.51 59.47
N ASN Y 259 -18.14 -95.54 60.63
CA ASN Y 259 -18.58 -96.36 61.74
C ASN Y 259 -19.57 -95.56 62.59
N SER Y 260 -20.86 -95.88 62.45
CA SER Y 260 -21.92 -95.13 63.12
C SER Y 260 -21.78 -95.19 64.64
N GLY Y 265 -16.85 -85.41 69.69
CA GLY Y 265 -16.53 -86.73 70.19
C GLY Y 265 -16.39 -86.76 71.70
N THR Y 266 -16.23 -87.96 72.26
CA THR Y 266 -16.08 -88.13 73.70
C THR Y 266 -15.59 -89.52 74.05
N ALA Y 267 -16.17 -90.53 73.40
CA ALA Y 267 -15.82 -91.92 73.66
C ALA Y 267 -14.37 -92.21 73.33
N SER Y 268 -13.85 -93.33 73.83
CA SER Y 268 -12.49 -93.75 73.53
C SER Y 268 -12.32 -94.01 72.04
N ILE Y 269 -11.08 -94.02 71.58
CA ILE Y 269 -10.74 -94.22 70.16
C ILE Y 269 -11.06 -93.00 69.30
N GLU Y 270 -12.10 -92.25 69.67
CA GLU Y 270 -12.50 -91.07 68.90
C GLU Y 270 -11.43 -89.98 68.97
N ASN Y 271 -11.20 -89.44 70.17
CA ASN Y 271 -10.20 -88.39 70.34
C ASN Y 271 -8.80 -88.93 70.12
N GLY Y 272 -8.30 -88.74 68.90
CA GLY Y 272 -7.01 -89.27 68.50
C GLY Y 272 -6.84 -89.14 67.00
N THR Y 273 -6.29 -90.18 66.37
CA THR Y 273 -6.13 -90.20 64.92
C THR Y 273 -6.75 -91.45 64.31
N ILE Y 274 -7.40 -91.26 63.16
CA ILE Y 274 -7.83 -92.38 62.32
C ILE Y 274 -6.76 -92.65 61.28
N THR Y 275 -6.28 -93.89 61.23
CA THR Y 275 -5.31 -94.31 60.23
C THR Y 275 -5.94 -95.28 59.24
N LEU Y 276 -6.06 -94.84 57.99
CA LEU Y 276 -6.69 -95.64 56.94
C LEU Y 276 -5.63 -96.39 56.12
N PRO Y 277 -5.76 -97.72 55.99
CA PRO Y 277 -4.82 -98.47 55.16
C PRO Y 277 -5.09 -98.30 53.67
N CYS Y 278 -4.05 -98.24 52.86
CA CYS Y 278 -4.19 -98.06 51.41
C CYS Y 278 -3.35 -99.04 50.61
N ARG Y 279 -3.67 -99.18 49.32
CA ARG Y 279 -2.91 -100.01 48.40
C ARG Y 279 -2.62 -99.26 47.10
N ILE Y 280 -1.41 -99.41 46.58
CA ILE Y 280 -1.06 -98.89 45.27
C ILE Y 280 -1.27 -99.98 44.22
N LYS Y 281 -2.11 -99.69 43.24
CA LYS Y 281 -2.47 -100.67 42.22
C LYS Y 281 -1.95 -100.28 40.83
N GLN Y 282 -1.63 -101.29 40.03
CA GLN Y 282 -1.19 -101.08 38.65
C GLN Y 282 -2.37 -101.18 37.68
N ILE Y 283 -3.36 -101.98 38.04
CA ILE Y 283 -4.52 -102.24 37.19
C ILE Y 283 -5.73 -101.45 37.66
N ILE Y 284 -6.29 -100.62 36.78
CA ILE Y 284 -7.41 -99.74 37.11
C ILE Y 284 -8.51 -99.80 36.05
N ASN Y 285 -9.77 -99.74 36.49
CA ASN Y 285 -10.89 -99.58 35.57
C ASN Y 285 -11.04 -98.12 35.17
N MET Y 286 -11.09 -97.86 33.87
CA MET Y 286 -11.09 -96.48 33.38
C MET Y 286 -12.39 -95.74 33.70
N TRP Y 287 -12.25 -94.47 34.05
CA TRP Y 287 -13.40 -93.60 34.26
C TRP Y 287 -13.77 -92.93 32.95
N GLN Y 288 -12.81 -92.81 32.04
CA GLN Y 288 -13.04 -92.20 30.75
C GLN Y 288 -13.97 -93.05 29.90
N ARG Y 289 -13.96 -94.36 30.17
CA ARG Y 289 -14.58 -95.33 29.29
C ARG Y 289 -14.64 -96.67 29.99
N VAL Y 290 -15.59 -97.52 29.59
CA VAL Y 290 -15.69 -98.86 30.16
C VAL Y 290 -14.53 -99.72 29.69
N GLY Y 291 -13.71 -100.15 30.64
CA GLY Y 291 -12.57 -100.99 30.33
C GLY Y 291 -11.57 -101.09 31.46
N GLN Y 292 -10.47 -101.80 31.20
CA GLN Y 292 -9.36 -101.94 32.14
C GLN Y 292 -8.08 -101.31 31.57
N ALA Y 293 -7.19 -100.88 32.46
CA ALA Y 293 -5.93 -100.29 32.07
C ALA Y 293 -4.81 -100.70 33.02
N ILE Y 294 -3.61 -100.92 32.46
CA ILE Y 294 -2.46 -101.33 33.24
C ILE Y 294 -1.33 -100.33 33.14
N TYR Y 295 -0.89 -99.85 34.30
CA TYR Y 295 0.22 -98.90 34.37
C TYR Y 295 1.45 -99.60 34.94
N ALA Y 296 2.59 -98.93 34.86
CA ALA Y 296 3.85 -99.50 35.34
C ALA Y 296 3.88 -99.51 36.87
N PRO Y 297 4.79 -100.31 37.45
CA PRO Y 297 4.91 -100.35 38.91
C PRO Y 297 5.23 -98.98 39.51
N PRO Y 298 4.96 -98.81 40.82
CA PRO Y 298 5.15 -97.50 41.45
C PRO Y 298 6.60 -97.03 41.48
N ILE Y 299 6.79 -95.71 41.40
CA ILE Y 299 8.11 -95.12 41.53
C ILE Y 299 8.66 -95.35 42.93
N GLN Y 300 9.98 -95.18 43.09
CA GLN Y 300 10.63 -95.36 44.37
C GLN Y 300 10.53 -94.09 45.21
N GLY Y 301 10.90 -94.18 46.49
CA GLY Y 301 10.93 -93.04 47.36
C GLY Y 301 9.61 -92.78 48.05
N VAL Y 302 9.58 -91.77 48.92
CA VAL Y 302 8.37 -91.40 49.63
C VAL Y 302 7.38 -90.74 48.67
N ILE Y 303 6.15 -91.23 48.68
CA ILE Y 303 5.07 -90.65 47.90
C ILE Y 303 4.01 -90.13 48.85
N ARG Y 304 3.88 -88.81 48.91
CA ARG Y 304 2.99 -88.17 49.88
C ARG Y 304 2.23 -86.99 49.29
N CYS Y 305 0.96 -86.89 49.65
CA CYS Y 305 0.12 -85.78 49.21
C CYS Y 305 -0.77 -85.29 50.35
N VAL Y 306 -0.80 -83.97 50.54
CA VAL Y 306 -1.68 -83.36 51.53
C VAL Y 306 -2.80 -82.62 50.78
N SER Y 307 -4.04 -82.97 51.08
CA SER Y 307 -5.20 -82.41 50.38
C SER Y 307 -6.30 -81.95 51.33
N ASN Y 308 -7.11 -81.01 50.87
CA ASN Y 308 -8.26 -80.53 51.63
C ASN Y 308 -9.53 -81.27 51.25
N ILE Y 309 -10.11 -81.99 52.21
CA ILE Y 309 -11.43 -82.60 52.02
C ILE Y 309 -12.49 -81.52 52.15
N THR Y 310 -13.19 -81.25 51.05
CA THR Y 310 -14.13 -80.13 50.99
C THR Y 310 -15.56 -80.57 50.73
N GLY Y 311 -15.75 -81.85 50.44
CA GLY Y 311 -17.08 -82.37 50.17
C GLY Y 311 -17.16 -83.88 50.12
N LEU Y 312 -18.40 -84.38 50.17
CA LEU Y 312 -18.67 -85.81 50.09
C LEU Y 312 -19.83 -86.07 49.12
N ILE Y 313 -19.89 -87.29 48.59
CA ILE Y 313 -21.01 -87.71 47.76
C ILE Y 313 -21.69 -88.92 48.39
N LEU Y 314 -22.99 -88.81 48.63
CA LEU Y 314 -23.74 -89.87 49.33
C LEU Y 314 -24.93 -90.41 48.52
N THR Y 315 -25.30 -91.64 48.83
CA THR Y 315 -26.55 -92.24 48.35
C THR Y 315 -27.31 -92.78 49.56
N ARG Y 316 -28.63 -92.78 49.48
CA ARG Y 316 -29.47 -93.19 50.60
C ARG Y 316 -30.13 -94.53 50.34
N ASP Y 317 -30.07 -95.41 51.34
CA ASP Y 317 -30.73 -96.70 51.28
C ASP Y 317 -32.25 -96.54 51.26
N GLY Y 318 -32.88 -97.06 50.21
CA GLY Y 318 -34.32 -96.99 50.06
C GLY Y 318 -35.01 -98.27 50.48
N GLY Y 319 -36.15 -98.54 49.87
CA GLY Y 319 -36.88 -99.77 50.14
C GLY Y 319 -37.74 -99.70 51.39
N GLY Y 320 -37.09 -99.91 52.54
CA GLY Y 320 -37.79 -99.98 53.82
C GLY Y 320 -38.55 -98.72 54.17
N ASN Y 321 -39.54 -98.86 55.05
CA ASN Y 321 -40.38 -97.75 55.48
C ASN Y 321 -39.69 -96.90 56.54
N SER Y 322 -40.49 -96.23 57.37
CA SER Y 322 -39.94 -95.43 58.47
C SER Y 322 -39.46 -96.33 59.60
N ASN Y 323 -38.27 -96.90 59.41
CA ASN Y 323 -37.65 -97.77 60.41
C ASN Y 323 -36.72 -96.97 61.33
N GLU Y 324 -36.97 -95.67 61.42
CA GLU Y 324 -36.16 -94.74 62.23
C GLU Y 324 -34.77 -94.49 61.62
N ASN Y 325 -34.35 -95.36 60.71
CA ASN Y 325 -33.08 -95.22 60.02
C ASN Y 325 -33.30 -95.14 58.52
N GLU Y 326 -32.47 -94.35 57.85
CA GLU Y 326 -32.50 -94.25 56.40
C GLU Y 326 -31.17 -94.75 55.86
N THR Y 327 -30.11 -94.60 56.66
CA THR Y 327 -28.77 -95.10 56.35
C THR Y 327 -28.15 -94.50 55.09
N PHE Y 328 -26.99 -93.88 55.25
CA PHE Y 328 -26.26 -93.28 54.15
C PHE Y 328 -24.89 -93.92 53.99
N ARG Y 329 -24.52 -94.18 52.73
CA ARG Y 329 -23.23 -94.76 52.40
C ARG Y 329 -22.50 -93.88 51.38
N PRO Y 330 -21.17 -93.96 51.35
CA PRO Y 330 -20.42 -93.18 50.35
C PRO Y 330 -20.67 -93.69 48.94
N GLY Y 331 -20.71 -92.79 47.96
CA GLY Y 331 -20.99 -93.15 46.58
C GLY Y 331 -20.01 -92.52 45.60
N GLY Y 332 -20.53 -92.08 44.46
CA GLY Y 332 -19.72 -91.49 43.42
C GLY Y 332 -19.45 -92.48 42.30
N GLY Y 333 -18.57 -92.10 41.39
CA GLY Y 333 -18.25 -92.90 40.23
C GLY Y 333 -18.40 -92.08 38.96
N ASP Y 334 -19.55 -91.44 38.82
CA ASP Y 334 -19.79 -90.51 37.71
C ASP Y 334 -19.09 -89.19 38.04
N MET Y 335 -18.02 -88.89 37.31
CA MET Y 335 -17.18 -87.74 37.62
C MET Y 335 -17.84 -86.41 37.27
N ARG Y 336 -18.99 -86.47 36.62
CA ARG Y 336 -19.76 -85.26 36.36
C ARG Y 336 -20.17 -84.60 37.67
N ASP Y 337 -20.46 -85.43 38.68
CA ASP Y 337 -20.86 -84.95 39.99
C ASP Y 337 -19.73 -84.18 40.67
N ASN Y 338 -18.50 -84.59 40.43
CA ASN Y 338 -17.34 -83.89 41.00
C ASN Y 338 -17.23 -82.49 40.41
N TRP Y 339 -17.43 -82.38 39.11
CA TRP Y 339 -17.36 -81.08 38.44
C TRP Y 339 -18.56 -80.22 38.84
N ARG Y 340 -19.72 -80.86 38.95
CA ARG Y 340 -20.97 -80.18 39.27
C ARG Y 340 -20.90 -79.52 40.65
N SER Y 341 -20.18 -80.16 41.56
CA SER Y 341 -20.08 -79.68 42.95
C SER Y 341 -19.43 -78.31 43.03
N GLU Y 342 -18.72 -77.94 41.97
CA GLU Y 342 -18.04 -76.66 41.89
C GLU Y 342 -18.72 -75.73 40.90
N LEU Y 343 -19.40 -76.33 39.93
CA LEU Y 343 -19.94 -75.59 38.80
C LEU Y 343 -21.43 -75.27 38.95
N TYR Y 344 -21.99 -75.60 40.12
CA TYR Y 344 -23.42 -75.45 40.38
C TYR Y 344 -23.94 -74.02 40.21
N LYS Y 345 -23.09 -73.04 40.51
CA LYS Y 345 -23.53 -71.66 40.64
C LYS Y 345 -23.43 -70.85 39.34
N TYR Y 346 -23.09 -71.51 38.24
CA TYR Y 346 -22.87 -70.81 36.97
C TYR Y 346 -23.85 -71.21 35.88
N LYS Y 347 -24.04 -70.30 34.92
CA LYS Y 347 -24.87 -70.54 33.74
C LYS Y 347 -24.48 -69.58 32.63
N VAL Y 348 -24.51 -70.06 31.40
CA VAL Y 348 -24.13 -69.26 30.25
C VAL Y 348 -25.36 -68.69 29.55
N VAL Y 349 -25.29 -67.42 29.16
CA VAL Y 349 -26.39 -66.74 28.49
C VAL Y 349 -25.98 -66.00 27.21
N LYS Y 350 -26.97 -65.81 26.35
CA LYS Y 350 -26.83 -65.05 25.12
C LYS Y 350 -27.31 -63.63 25.36
N ILE Y 351 -26.51 -62.64 24.96
CA ILE Y 351 -26.89 -61.25 25.13
C ILE Y 351 -27.94 -60.88 24.08
N GLU Y 352 -29.10 -60.43 24.55
CA GLU Y 352 -30.21 -60.11 23.66
C GLU Y 352 -31.04 -58.95 24.20
CA MPT Z 1 -20.43 -100.31 32.90
C MPT Z 1 -20.84 -101.44 32.01
O MPT Z 1 -21.77 -101.21 31.17
CB MPT Z 1 -20.71 -100.50 34.34
SG MPT Z 1 -22.37 -100.98 34.76
N ASN Z 2 -20.29 -102.68 32.25
CA ASN Z 2 -21.07 -103.78 31.68
C ASN Z 2 -22.20 -104.21 32.61
N LEU Z 3 -23.38 -103.69 32.36
CA LEU Z 3 -24.51 -103.88 33.26
C LEU Z 3 -24.89 -105.34 33.49
N HIS Z 4 -24.93 -106.15 32.42
CA HIS Z 4 -25.30 -107.55 32.58
C HIS Z 4 -24.36 -108.30 33.52
N PHE Z 5 -23.06 -108.15 33.31
CA PHE Z 5 -22.11 -108.86 34.16
C PHE Z 5 -22.07 -108.23 35.55
N CYS Z 6 -22.30 -106.92 35.62
CA CYS Z 6 -22.47 -106.26 36.90
C CYS Z 6 -23.64 -106.89 37.65
N GLN Z 7 -24.75 -107.07 36.95
CA GLN Z 7 -25.90 -107.72 37.55
C GLN Z 7 -25.57 -109.17 37.89
N LEU Z 8 -24.83 -109.83 37.02
CA LEU Z 8 -24.44 -111.21 37.23
C LEU Z 8 -23.54 -111.39 38.45
N ARG Z 9 -22.84 -110.32 38.83
CA ARG Z 9 -21.91 -110.38 39.97
C ARG Z 9 -22.58 -110.03 41.29
N CYS Z 10 -23.42 -109.00 41.28
CA CYS Z 10 -24.01 -108.49 42.53
C CYS Z 10 -25.01 -109.46 43.18
N LYS Z 11 -25.89 -110.08 42.41
CA LYS Z 11 -26.86 -111.02 43.02
C LYS Z 11 -26.17 -112.17 43.74
N SER Z 12 -24.93 -112.47 43.38
CA SER Z 12 -24.18 -113.49 44.11
C SER Z 12 -23.74 -112.97 45.48
N LEU Z 13 -24.01 -111.70 45.75
CA LEU Z 13 -23.84 -111.12 47.09
C LEU Z 13 -25.21 -110.89 47.69
N GLY Z 14 -26.25 -111.25 46.95
CA GLY Z 14 -27.62 -111.04 47.37
C GLY Z 14 -28.20 -109.72 46.88
N LEU Z 15 -27.52 -109.10 45.92
CA LEU Z 15 -27.75 -107.70 45.59
C LEU Z 15 -28.04 -107.46 44.10
N LEU Z 16 -28.72 -106.37 43.78
CA LEU Z 16 -28.88 -105.95 42.40
C LEU Z 16 -27.68 -105.11 41.99
N GLY Z 17 -27.39 -105.08 40.69
CA GLY Z 17 -26.30 -104.28 40.16
C GLY Z 17 -26.82 -103.11 39.33
N ARG Z 18 -26.05 -102.03 39.33
CA ARG Z 18 -26.34 -100.89 38.48
C ARG Z 18 -25.04 -100.19 38.17
N CYS Z 19 -25.01 -99.43 37.08
CA CYS Z 19 -23.79 -98.69 36.76
C CYS Z 19 -23.64 -97.46 37.64
N ALA Z 20 -22.39 -97.19 37.98
CA ALA Z 20 -21.95 -95.94 38.57
C ALA Z 20 -20.94 -95.39 37.58
N DPR Z 21 -21.41 -94.64 36.60
CA DPR Z 21 -20.54 -94.26 35.49
CB DPR Z 21 -21.44 -93.36 34.64
CG DPR Z 21 -22.81 -93.81 34.94
CD DPR Z 21 -22.82 -94.27 36.36
C DPR Z 21 -20.12 -95.50 34.73
O DPR Z 21 -20.97 -96.27 34.29
N THR Z 22 -18.82 -95.72 34.66
CA THR Z 22 -18.26 -96.85 33.95
C THR Z 22 -17.98 -98.04 34.87
N U2X Z 23 -18.37 -97.89 36.15
C U2X Z 23 -19.38 -99.67 37.53
O U2X Z 23 -20.49 -99.15 37.45
CA U2X Z 23 -18.16 -98.91 37.13
CB U2X Z 23 -17.50 -98.40 38.36
CG U2X Z 23 -16.32 -97.50 38.26
CD1 U2X Z 23 -15.11 -97.98 37.71
CD2 U2X Z 23 -16.44 -96.20 38.75
CE1 U2X Z 23 -13.95 -97.11 37.64
CE2 U2X Z 23 -15.23 -95.29 38.67
CZ U2X Z 23 -14.07 -95.77 38.14
OH U2X Z 23 -12.97 -94.95 38.08
C7 U2X Z 23 -11.70 -95.49 38.17
C1 U2X Z 23 -8.52 -93.65 39.35
C2 U2X Z 23 -9.65 -93.77 38.35
C3 U2X Z 23 -10.74 -94.69 39.01
C4 U2X Z 23 -11.29 -93.96 40.30
C5 U2X Z 23 -10.10 -93.72 41.26
C6 U2X Z 23 -9.03 -92.94 40.55
N CYS Z 24 -19.18 -100.88 38.00
CA CYS Z 24 -20.26 -101.69 38.54
C CYS Z 24 -20.45 -101.39 40.02
N ALA Z 25 -21.69 -101.10 40.39
CA ALA Z 25 -22.06 -100.92 41.80
C ALA Z 25 -23.15 -101.91 42.16
N CYS Z 26 -23.02 -102.55 43.33
CA CYS Z 26 -24.08 -103.39 43.88
C CYS Z 26 -24.96 -102.55 44.79
N VAL Z 27 -26.29 -102.84 44.79
CA VAL Z 27 -27.26 -101.97 45.46
C VAL Z 27 -27.56 -102.31 46.90
N NH2 Z 28 -27.05 -101.48 47.95
N ASP AA 1 6.10 -81.00 19.97
CA ASP AA 1 6.26 -79.53 19.76
C ASP AA 1 5.59 -79.10 18.46
N ILE AA 2 4.87 -77.98 18.50
CA ILE AA 2 4.17 -77.48 17.33
C ILE AA 2 5.11 -76.64 16.47
N GLN AA 3 4.97 -76.80 15.15
CA GLN AA 3 5.90 -76.24 14.19
C GLN AA 3 5.12 -75.42 13.17
N MET AA 4 5.60 -74.20 12.89
CA MET AA 4 4.95 -73.35 11.90
C MET AA 4 5.75 -73.34 10.60
N THR AA 5 5.06 -73.70 9.52
CA THR AA 5 5.66 -73.69 8.20
C THR AA 5 4.88 -72.79 7.26
N GLN AA 6 5.56 -71.80 6.70
CA GLN AA 6 4.93 -70.81 5.83
C GLN AA 6 5.24 -71.20 4.40
N SER AA 7 4.30 -71.00 3.48
CA SER AA 7 4.61 -71.21 2.08
C SER AA 7 3.94 -70.17 1.19
N PRO AA 8 4.61 -69.76 0.09
CA PRO AA 8 5.97 -70.21 -0.20
C PRO AA 8 6.96 -69.48 0.70
N SER AA 9 8.25 -69.83 0.64
CA SER AA 9 9.24 -69.15 1.46
C SER AA 9 9.55 -67.76 0.93
N PHE AA 10 9.31 -67.55 -0.36
CA PHE AA 10 9.77 -66.33 -1.01
C PHE AA 10 8.87 -66.07 -2.22
N VAL AA 11 8.20 -64.92 -2.21
CA VAL AA 11 7.30 -64.53 -3.29
C VAL AA 11 7.72 -63.24 -3.99
N SER AA 12 7.70 -63.24 -5.31
CA SER AA 12 7.92 -62.03 -6.10
C SER AA 12 6.65 -61.62 -6.83
N ALA AA 13 6.16 -60.42 -6.55
CA ALA AA 13 4.90 -59.96 -7.14
C ALA AA 13 4.94 -58.48 -7.52
N SER AA 14 4.24 -58.13 -8.59
CA SER AA 14 4.18 -56.75 -9.07
C SER AA 14 3.16 -55.95 -8.25
N VAL AA 15 3.39 -54.64 -8.15
CA VAL AA 15 2.39 -53.72 -7.62
C VAL AA 15 1.04 -53.83 -8.35
N GLY AA 16 -0.05 -53.81 -7.59
CA GLY AA 16 -1.38 -53.94 -8.14
C GLY AA 16 -1.94 -55.35 -8.20
N ASP AA 17 -1.05 -56.34 -8.12
CA ASP AA 17 -1.45 -57.75 -8.20
C ASP AA 17 -2.08 -58.21 -6.89
N ARG AA 18 -2.90 -59.24 -6.97
CA ARG AA 18 -3.42 -59.89 -5.77
C ARG AA 18 -2.44 -60.99 -5.39
N VAL AA 19 -2.23 -61.19 -4.08
CA VAL AA 19 -1.37 -62.28 -3.61
C VAL AA 19 -1.91 -62.94 -2.34
N THR AA 20 -1.77 -64.26 -2.29
CA THR AA 20 -2.16 -65.03 -1.11
C THR AA 20 -1.05 -65.97 -0.66
N ILE AA 21 -0.63 -65.84 0.60
CA ILE AA 21 0.39 -66.72 1.18
C ILE AA 21 -0.21 -67.50 2.33
N THR AA 22 0.27 -68.73 2.53
CA THR AA 22 -0.33 -69.64 3.50
C THR AA 22 0.64 -70.02 4.62
N CYS AA 23 0.09 -70.38 5.77
CA CYS AA 23 0.86 -70.86 6.93
C CYS AA 23 0.23 -72.14 7.44
N ARG AA 24 1.01 -73.21 7.54
CA ARG AA 24 0.50 -74.49 7.99
C ARG AA 24 1.16 -74.98 9.28
N ALA AA 25 0.34 -75.25 10.29
CA ALA AA 25 0.79 -75.77 11.58
C ALA AA 25 0.74 -77.30 11.60
N SER AA 26 1.66 -77.92 12.33
CA SER AA 26 1.79 -79.38 12.34
C SER AA 26 0.68 -80.06 13.13
N GLN AA 27 0.10 -79.34 14.09
CA GLN AA 27 -1.11 -79.81 14.76
C GLN AA 27 -2.12 -78.67 14.85
N GLY AA 28 -3.38 -79.01 15.10
CA GLY AA 28 -4.41 -78.00 15.23
C GLY AA 28 -4.16 -77.00 16.34
N ILE AA 29 -4.51 -75.75 16.07
CA ILE AA 29 -4.39 -74.66 17.04
C ILE AA 29 -5.61 -73.75 16.97
N SER AA 30 -6.74 -74.31 16.50
CA SER AA 30 -7.97 -73.56 16.24
C SER AA 30 -7.69 -72.20 15.57
N SER AA 31 -8.01 -71.10 16.25
CA SER AA 31 -7.88 -69.78 15.65
C SER AA 31 -6.87 -68.92 16.42
N TYR AA 32 -5.94 -69.58 17.09
CA TYR AA 32 -4.90 -68.92 17.87
C TYR AA 32 -3.70 -68.61 16.97
N LEU AA 33 -3.91 -67.72 16.01
CA LEU AA 33 -2.88 -67.36 15.04
C LEU AA 33 -2.92 -65.87 14.74
N ALA AA 34 -1.74 -65.30 14.58
CA ALA AA 34 -1.61 -63.91 14.17
C ALA AA 34 -0.57 -63.77 13.06
N TRP AA 35 -0.70 -62.68 12.30
CA TRP AA 35 0.25 -62.35 11.25
C TRP AA 35 0.91 -61.01 11.58
N TYR AA 36 2.22 -60.93 11.35
CA TYR AA 36 2.94 -59.67 11.53
C TYR AA 36 3.64 -59.26 10.25
N GLN AA 37 3.79 -57.96 10.09
CA GLN AA 37 4.55 -57.36 9.00
C GLN AA 37 5.83 -56.78 9.59
N GLN AA 38 6.96 -57.07 8.95
CA GLN AA 38 8.24 -56.54 9.40
C GLN AA 38 9.07 -56.12 8.22
N LYS AA 39 9.55 -54.90 8.26
CA LYS AA 39 10.41 -54.37 7.22
C LYS AA 39 11.84 -54.37 7.76
N PRO AA 40 12.84 -54.38 6.86
CA PRO AA 40 14.22 -54.54 7.34
C PRO AA 40 14.62 -53.42 8.30
N GLY AA 41 15.36 -53.77 9.34
CA GLY AA 41 15.81 -52.79 10.31
C GLY AA 41 14.72 -52.30 11.24
N LYS AA 42 13.54 -52.91 11.17
CA LYS AA 42 12.38 -52.43 11.92
C LYS AA 42 11.70 -53.55 12.71
N ALA AA 43 10.84 -53.16 13.64
CA ALA AA 43 10.13 -54.10 14.51
C ALA AA 43 8.91 -54.68 13.78
N PRO AA 44 8.49 -55.89 14.17
CA PRO AA 44 7.26 -56.41 13.54
C PRO AA 44 6.05 -55.54 13.86
N LYS AA 45 5.04 -55.59 13.01
CA LYS AA 45 3.81 -54.86 13.24
C LYS AA 45 2.60 -55.79 13.16
N LEU AA 46 1.69 -55.70 14.12
CA LEU AA 46 0.52 -56.59 14.13
C LEU AA 46 -0.43 -56.21 13.00
N VAL AA 47 -0.86 -57.20 12.22
CA VAL AA 47 -1.77 -56.97 11.11
C VAL AA 47 -3.14 -57.61 11.40
N ILE AA 48 -3.13 -58.90 11.75
CA ILE AA 48 -4.36 -59.64 11.99
C ILE AA 48 -4.16 -60.57 13.18
N TYR AA 49 -5.21 -60.73 13.98
CA TYR AA 49 -5.22 -61.71 15.07
C TYR AA 49 -6.51 -62.53 15.03
N ALA AA 50 -6.56 -63.57 15.87
CA ALA AA 50 -7.68 -64.51 15.89
C ALA AA 50 -8.00 -65.01 14.48
N ALA AA 51 -6.94 -65.17 13.69
CA ALA AA 51 -6.97 -65.74 12.34
C ALA AA 51 -7.55 -64.81 11.28
N SER AA 52 -8.62 -64.10 11.61
CA SER AA 52 -9.35 -63.38 10.57
C SER AA 52 -9.77 -61.95 10.94
N THR AA 53 -9.44 -61.50 12.15
CA THR AA 53 -9.90 -60.19 12.61
C THR AA 53 -8.79 -59.15 12.46
N LEU AA 54 -9.08 -58.09 11.70
CA LEU AA 54 -8.11 -57.01 11.48
C LEU AA 54 -7.93 -56.13 12.70
N GLN AA 55 -6.69 -55.75 12.96
CA GLN AA 55 -6.38 -54.75 13.97
C GLN AA 55 -6.81 -53.37 13.44
N SER AA 56 -7.28 -52.52 14.33
CA SER AA 56 -7.78 -51.19 13.95
C SER AA 56 -6.70 -50.38 13.24
N GLY AA 57 -7.09 -49.66 12.19
CA GLY AA 57 -6.17 -48.85 11.41
C GLY AA 57 -5.61 -49.56 10.20
N VAL AA 58 -5.71 -50.89 10.19
CA VAL AA 58 -5.22 -51.70 9.07
C VAL AA 58 -6.15 -51.55 7.86
N PRO AA 59 -5.58 -51.30 6.66
CA PRO AA 59 -6.42 -51.06 5.47
C PRO AA 59 -7.26 -52.25 5.02
N SER AA 60 -8.40 -51.95 4.40
CA SER AA 60 -9.40 -52.95 4.04
C SER AA 60 -8.93 -53.94 2.97
N ARG AA 61 -7.84 -53.61 2.27
CA ARG AA 61 -7.34 -54.50 1.23
C ARG AA 61 -6.77 -55.77 1.86
N PHE AA 62 -6.54 -55.72 3.16
CA PHE AA 62 -6.15 -56.91 3.93
C PHE AA 62 -7.36 -57.68 4.43
N SER AA 63 -7.22 -59.00 4.39
CA SER AA 63 -8.19 -59.90 5.02
C SER AA 63 -7.45 -61.19 5.35
N GLY AA 64 -8.02 -62.00 6.23
CA GLY AA 64 -7.42 -63.27 6.59
C GLY AA 64 -8.45 -64.31 6.94
N SER AA 65 -8.13 -65.57 6.66
CA SER AA 65 -8.99 -66.68 7.01
C SER AA 65 -8.20 -67.94 7.34
N GLY AA 66 -8.90 -68.94 7.88
CA GLY AA 66 -8.30 -70.21 8.25
C GLY AA 66 -8.59 -70.58 9.69
N SER AA 67 -8.46 -71.86 10.00
CA SER AA 67 -8.63 -72.34 11.37
C SER AA 67 -8.12 -73.77 11.48
N GLY AA 68 -7.48 -74.09 12.60
CA GLY AA 68 -6.89 -75.41 12.80
C GLY AA 68 -5.43 -75.45 12.39
N THR AA 69 -5.20 -75.89 11.16
CA THR AA 69 -3.85 -76.15 10.66
C THR AA 69 -3.59 -75.45 9.33
N GLU AA 70 -4.64 -74.94 8.69
CA GLU AA 70 -4.49 -74.26 7.40
C GLU AA 70 -4.98 -72.81 7.53
N PHE AA 71 -4.10 -71.87 7.21
CA PHE AA 71 -4.42 -70.44 7.31
C PHE AA 71 -4.03 -69.69 6.04
N THR AA 72 -4.63 -68.51 5.84
CA THR AA 72 -4.47 -67.77 4.60
C THR AA 72 -4.38 -66.27 4.94
N LEU AA 73 -3.42 -65.58 4.33
CA LEU AA 73 -3.36 -64.12 4.33
C LEU AA 73 -3.45 -63.56 2.91
N THR AA 74 -4.35 -62.61 2.69
CA THR AA 74 -4.59 -62.06 1.34
C THR AA 74 -4.52 -60.54 1.28
N ILE AA 75 -3.86 -60.04 0.24
CA ILE AA 75 -3.86 -58.62 -0.12
C ILE AA 75 -4.47 -58.43 -1.51
N SER AA 76 -5.59 -57.72 -1.58
CA SER AA 76 -6.38 -57.66 -2.79
C SER AA 76 -5.66 -56.87 -3.89
N SER AA 77 -4.83 -55.92 -3.48
CA SER AA 77 -4.07 -55.09 -4.42
C SER AA 77 -2.87 -54.45 -3.73
N LEU AA 78 -1.67 -54.96 -4.04
CA LEU AA 78 -0.48 -54.57 -3.31
C LEU AA 78 -0.12 -53.11 -3.59
N GLN AA 79 0.27 -52.40 -2.54
CA GLN AA 79 0.89 -51.09 -2.68
C GLN AA 79 2.35 -51.18 -2.21
N PRO AA 80 3.20 -50.23 -2.65
CA PRO AA 80 4.65 -50.30 -2.35
C PRO AA 80 5.02 -50.50 -0.89
N GLU AA 81 4.24 -49.93 0.03
CA GLU AA 81 4.55 -50.01 1.45
C GLU AA 81 4.27 -51.40 2.05
N ASP AA 82 3.56 -52.24 1.32
CA ASP AA 82 3.17 -53.56 1.82
C ASP AA 82 4.28 -54.61 1.66
N PHE AA 83 5.28 -54.31 0.83
CA PHE AA 83 6.37 -55.25 0.57
C PHE AA 83 7.31 -55.36 1.77
N ALA AA 84 7.48 -56.58 2.26
CA ALA AA 84 8.10 -56.84 3.55
C ALA AA 84 8.15 -58.35 3.78
N THR AA 85 8.71 -58.75 4.92
CA THR AA 85 8.70 -60.15 5.34
C THR AA 85 7.58 -60.37 6.37
N TYR AA 86 6.78 -61.42 6.16
CA TYR AA 86 5.63 -61.71 7.00
C TYR AA 86 5.86 -62.98 7.82
N TYR AA 87 5.59 -62.90 9.12
CA TYR AA 87 5.70 -64.05 10.01
C TYR AA 87 4.32 -64.39 10.52
N CYS AA 88 4.02 -65.68 10.66
CA CYS AA 88 2.83 -66.09 11.40
C CYS AA 88 3.28 -66.53 12.79
N GLN AA 89 2.38 -66.52 13.76
CA GLN AA 89 2.75 -66.88 15.13
C GLN AA 89 1.59 -67.57 15.84
N HIS AA 90 1.90 -68.69 16.47
CA HIS AA 90 0.97 -69.38 17.35
C HIS AA 90 0.85 -68.58 18.65
N LEU AA 91 -0.38 -68.23 19.02
CA LEU AA 91 -0.62 -67.25 20.07
C LEU AA 91 -0.55 -67.85 21.47
N ILE AA 92 -0.54 -69.17 21.54
CA ILE AA 92 -0.38 -69.86 22.80
C ILE AA 92 0.67 -70.95 22.67
N GLY AA 93 0.81 -71.79 23.69
CA GLY AA 93 1.81 -72.83 23.69
C GLY AA 93 3.22 -72.27 23.80
N LEU AA 94 4.10 -72.64 22.86
CA LEU AA 94 5.48 -72.14 22.86
C LEU AA 94 5.61 -70.79 22.15
N ARG AA 95 4.49 -70.26 21.66
CA ARG AA 95 4.45 -68.96 20.97
C ARG AA 95 5.49 -68.87 19.85
N SER AA 96 5.52 -69.93 19.05
CA SER AA 96 6.47 -70.10 17.95
C SER AA 96 6.06 -69.36 16.68
N PHE AA 97 7.05 -68.86 15.94
CA PHE AA 97 6.83 -68.17 14.67
C PHE AA 97 7.14 -69.06 13.46
N GLY AA 98 6.58 -68.68 12.32
CA GLY AA 98 6.97 -69.27 11.05
C GLY AA 98 8.36 -68.83 10.65
N GLN AA 99 8.89 -69.38 9.55
CA GLN AA 99 10.24 -69.07 9.11
C GLN AA 99 10.28 -67.78 8.30
N GLY AA 100 9.11 -67.26 7.96
CA GLY AA 100 8.99 -65.98 7.28
C GLY AA 100 8.80 -66.12 5.79
N THR AA 101 8.00 -65.20 5.23
CA THR AA 101 7.79 -65.13 3.79
C THR AA 101 8.21 -63.77 3.27
N LYS AA 102 9.25 -63.72 2.44
CA LYS AA 102 9.69 -62.45 1.88
C LYS AA 102 8.92 -62.08 0.62
N LEU AA 103 8.33 -60.90 0.62
CA LEU AA 103 7.54 -60.41 -0.51
C LEU AA 103 8.27 -59.29 -1.24
N GLU AA 104 8.78 -59.56 -2.44
CA GLU AA 104 9.61 -58.57 -3.13
C GLU AA 104 8.92 -58.01 -4.37
N ILE AA 105 9.35 -56.82 -4.79
CA ILE AA 105 8.71 -56.13 -5.91
C ILE AA 105 9.28 -56.67 -7.22
N LYS AA 106 8.42 -57.06 -8.15
CA LYS AA 106 8.88 -57.52 -9.45
C LYS AA 106 9.12 -56.31 -10.34
N ARG AA 107 10.15 -56.36 -11.18
CA ARG AA 107 10.39 -55.32 -12.15
C ARG AA 107 11.25 -55.82 -13.31
N THR AA 108 11.53 -54.94 -14.28
CA THR AA 108 12.27 -55.31 -15.47
C THR AA 108 13.73 -55.65 -15.20
N VAL AA 109 14.29 -56.53 -16.03
CA VAL AA 109 15.70 -56.86 -15.97
C VAL AA 109 16.54 -55.60 -16.16
N ALA AA 110 17.60 -55.48 -15.36
CA ALA AA 110 18.49 -54.32 -15.43
C ALA AA 110 19.93 -54.77 -15.24
N ALA AA 111 20.78 -54.50 -16.23
CA ALA AA 111 22.16 -54.93 -16.18
C ALA AA 111 22.94 -54.12 -15.15
N PRO AA 112 23.92 -54.76 -14.49
CA PRO AA 112 24.74 -54.01 -13.53
C PRO AA 112 25.76 -53.11 -14.21
N SER AA 113 26.04 -51.96 -13.60
CA SER AA 113 27.20 -51.16 -13.95
C SER AA 113 28.37 -51.65 -13.12
N VAL AA 114 29.49 -51.97 -13.75
CA VAL AA 114 30.60 -52.59 -13.05
C VAL AA 114 31.75 -51.61 -12.88
N PHE AA 115 32.25 -51.51 -11.66
CA PHE AA 115 33.38 -50.65 -11.33
C PHE AA 115 34.39 -51.43 -10.51
N ILE AA 116 35.67 -51.20 -10.77
CA ILE AA 116 36.73 -51.81 -9.96
C ILE AA 116 37.54 -50.71 -9.30
N PHE AA 117 37.94 -50.95 -8.05
CA PHE AA 117 38.69 -49.97 -7.28
C PHE AA 117 39.97 -50.61 -6.75
N PRO AA 118 41.15 -50.08 -7.11
CA PRO AA 118 42.35 -50.66 -6.50
C PRO AA 118 42.51 -50.24 -5.05
N PRO AA 119 43.35 -50.97 -4.29
CA PRO AA 119 43.63 -50.60 -2.89
C PRO AA 119 44.36 -49.27 -2.81
N SER AA 120 44.15 -48.51 -1.74
CA SER AA 120 44.88 -47.27 -1.54
C SER AA 120 46.30 -47.55 -1.06
N ASP AA 121 47.22 -46.64 -1.36
CA ASP AA 121 48.59 -46.74 -0.86
C ASP AA 121 48.63 -46.71 0.65
N GLU AA 122 47.69 -45.97 1.25
CA GLU AA 122 47.60 -45.83 2.69
C GLU AA 122 47.36 -47.17 3.39
N GLN AA 123 46.49 -47.99 2.79
CA GLN AA 123 46.14 -49.28 3.34
C GLN AA 123 47.29 -50.27 3.22
N LEU AA 124 48.12 -50.11 2.20
CA LEU AA 124 49.25 -51.01 1.98
C LEU AA 124 50.31 -50.90 3.06
N LYS AA 125 50.46 -49.74 3.69
CA LYS AA 125 51.39 -49.62 4.81
C LYS AA 125 51.00 -50.56 5.95
N SER AA 126 49.71 -50.88 6.04
CA SER AA 126 49.16 -51.58 7.18
C SER AA 126 49.31 -53.08 7.03
N GLY AA 127 49.52 -53.55 5.80
CA GLY AA 127 49.76 -54.97 5.55
C GLY AA 127 48.66 -55.67 4.79
N THR AA 128 47.65 -54.92 4.33
CA THR AA 128 46.54 -55.51 3.60
C THR AA 128 46.13 -54.67 2.39
N ALA AA 129 45.68 -55.35 1.34
CA ALA AA 129 45.24 -54.72 0.10
C ALA AA 129 43.82 -55.20 -0.20
N SER AA 130 42.88 -54.27 -0.31
CA SER AA 130 41.50 -54.62 -0.66
C SER AA 130 41.12 -54.14 -2.06
N VAL AA 131 40.72 -55.09 -2.91
CA VAL AA 131 40.20 -54.77 -4.23
C VAL AA 131 38.68 -54.94 -4.21
N VAL AA 132 37.96 -53.90 -4.61
CA VAL AA 132 36.50 -53.91 -4.56
C VAL AA 132 35.88 -53.88 -5.95
N CYS AA 133 34.91 -54.75 -6.18
CA CYS AA 133 34.17 -54.79 -7.44
C CYS AA 133 32.73 -54.45 -7.12
N LEU AA 134 32.20 -53.43 -7.77
CA LEU AA 134 30.84 -52.95 -7.51
C LEU AA 134 29.89 -53.21 -8.67
N LEU AA 135 28.78 -53.85 -8.36
CA LEU AA 135 27.66 -53.97 -9.30
C LEU AA 135 26.51 -53.08 -8.82
N ASN AA 136 26.14 -52.09 -9.62
CA ASN AA 136 25.17 -51.08 -9.19
C ASN AA 136 23.83 -51.18 -9.91
N ASN AA 137 22.75 -51.17 -9.12
CA ASN AA 137 21.40 -51.05 -9.63
C ASN AA 137 21.05 -52.08 -10.71
N PHE AA 138 20.94 -53.35 -10.32
CA PHE AA 138 20.61 -54.41 -11.26
C PHE AA 138 19.42 -55.25 -10.77
N TYR AA 139 18.84 -56.00 -11.70
CA TYR AA 139 17.76 -56.95 -11.41
C TYR AA 139 17.72 -58.01 -12.50
N PRO AA 140 17.47 -59.29 -12.14
CA PRO AA 140 17.21 -59.87 -10.81
C PRO AA 140 18.44 -59.93 -9.91
N ARG AA 141 18.24 -60.53 -8.73
CA ARG AA 141 19.25 -60.55 -7.68
C ARG AA 141 20.45 -61.45 -7.98
N GLU AA 142 20.23 -62.53 -8.73
CA GLU AA 142 21.28 -63.51 -8.98
C GLU AA 142 22.38 -63.00 -9.92
N ALA AA 143 23.62 -63.09 -9.45
CA ALA AA 143 24.77 -62.70 -10.27
C ALA AA 143 26.01 -63.51 -9.87
N LYS AA 144 26.87 -63.79 -10.85
CA LYS AA 144 28.14 -64.47 -10.60
C LYS AA 144 29.32 -63.51 -10.74
N VAL AA 145 30.18 -63.48 -9.72
CA VAL AA 145 31.37 -62.63 -9.73
C VAL AA 145 32.62 -63.47 -9.57
N GLN AA 146 33.53 -63.36 -10.53
CA GLN AA 146 34.78 -64.12 -10.55
C GLN AA 146 35.97 -63.18 -10.53
N TRP AA 147 36.93 -63.46 -9.66
CA TRP AA 147 38.18 -62.70 -9.62
C TRP AA 147 39.28 -63.37 -10.42
N LYS AA 148 40.07 -62.55 -11.12
CA LYS AA 148 41.20 -63.02 -11.91
C LYS AA 148 42.45 -62.18 -11.66
N VAL AA 149 43.54 -62.84 -11.29
CA VAL AA 149 44.82 -62.18 -11.07
C VAL AA 149 45.84 -62.72 -12.07
N ASP AA 150 46.36 -61.83 -12.92
CA ASP AA 150 47.17 -62.23 -14.07
C ASP AA 150 46.48 -63.36 -14.82
N ASN AA 151 45.17 -63.21 -15.01
CA ASN AA 151 44.34 -64.20 -15.67
C ASN AA 151 44.41 -65.55 -14.94
N ALA AA 152 43.81 -65.60 -13.75
CA ALA AA 152 43.79 -66.82 -12.94
C ALA AA 152 42.69 -66.73 -11.90
N LEU AA 153 41.70 -67.62 -12.03
CA LEU AA 153 40.51 -67.57 -11.18
C LEU AA 153 40.85 -67.77 -9.70
N GLN AA 154 40.51 -66.78 -8.88
CA GLN AA 154 40.70 -66.87 -7.44
C GLN AA 154 39.57 -67.66 -6.81
N SER AA 155 39.68 -67.95 -5.52
CA SER AA 155 38.67 -68.72 -4.81
C SER AA 155 38.85 -68.69 -3.29
N GLY AA 156 37.74 -68.55 -2.57
CA GLY AA 156 37.75 -68.62 -1.12
C GLY AA 156 38.48 -67.49 -0.42
N ASN AA 157 38.89 -66.48 -1.18
CA ASN AA 157 39.60 -65.34 -0.63
C ASN AA 157 38.92 -64.01 -1.03
N SER AA 158 37.61 -64.08 -1.21
CA SER AA 158 36.80 -62.91 -1.53
C SER AA 158 35.48 -62.98 -0.78
N GLN AA 159 34.92 -61.83 -0.45
CA GLN AA 159 33.59 -61.78 0.19
C GLN AA 159 32.65 -60.80 -0.51
N GLU AA 160 31.37 -61.18 -0.56
CA GLU AA 160 30.33 -60.37 -1.19
C GLU AA 160 29.33 -59.80 -0.18
N SER AA 161 28.70 -58.68 -0.52
CA SER AA 161 27.61 -58.12 0.27
C SER AA 161 26.52 -57.52 -0.63
N VAL AA 162 25.25 -57.81 -0.33
CA VAL AA 162 24.14 -57.35 -1.16
C VAL AA 162 23.11 -56.52 -0.38
N THR AA 163 22.67 -55.42 -0.99
CA THR AA 163 21.64 -54.53 -0.41
C THR AA 163 20.22 -55.08 -0.53
N GLU AA 164 19.32 -54.55 0.30
CA GLU AA 164 17.89 -54.77 0.13
C GLU AA 164 17.41 -54.00 -1.11
N GLN AA 165 16.27 -54.39 -1.66
CA GLN AA 165 15.68 -53.67 -2.78
C GLN AA 165 15.54 -52.18 -2.47
N ASP AA 166 15.97 -51.35 -3.41
CA ASP AA 166 15.77 -49.90 -3.28
C ASP AA 166 14.27 -49.64 -3.22
N SER AA 167 13.84 -48.75 -2.33
CA SER AA 167 12.43 -48.52 -2.11
C SER AA 167 11.77 -47.82 -3.27
N LYS AA 168 12.55 -47.26 -4.19
CA LYS AA 168 11.94 -46.56 -5.31
C LYS AA 168 11.98 -47.36 -6.63
N ASP AA 169 13.18 -47.77 -7.07
CA ASP AA 169 13.35 -48.41 -8.38
C ASP AA 169 13.47 -49.93 -8.26
N SER AA 170 13.52 -50.44 -7.03
CA SER AA 170 13.44 -51.88 -6.78
C SER AA 170 14.62 -52.67 -7.32
N THR AA 171 15.78 -52.01 -7.43
CA THR AA 171 17.00 -52.67 -7.88
C THR AA 171 17.88 -53.05 -6.70
N TYR AA 172 18.96 -53.80 -7.00
CA TYR AA 172 19.93 -54.21 -5.99
C TYR AA 172 21.30 -53.61 -6.29
N SER AA 173 22.14 -53.53 -5.26
CA SER AA 173 23.56 -53.23 -5.44
C SER AA 173 24.41 -54.27 -4.71
N LEU AA 174 25.63 -54.48 -5.21
CA LEU AA 174 26.50 -55.53 -4.69
C LEU AA 174 27.97 -55.10 -4.71
N SER AA 175 28.68 -55.38 -3.62
CA SER AA 175 30.12 -55.17 -3.55
C SER AA 175 30.78 -56.53 -3.35
N SER AA 176 31.91 -56.74 -4.03
CA SER AA 176 32.75 -57.92 -3.79
C SER AA 176 34.16 -57.48 -3.42
N THR AA 177 34.67 -57.98 -2.29
CA THR AA 177 35.98 -57.58 -1.80
C THR AA 177 36.96 -58.75 -1.79
N LEU AA 178 38.02 -58.60 -2.57
CA LEU AA 178 39.12 -59.57 -2.63
C LEU AA 178 40.22 -59.14 -1.66
N THR AA 179 40.60 -60.03 -0.74
CA THR AA 179 41.61 -59.72 0.26
C THR AA 179 42.92 -60.50 0.06
N LEU AA 180 44.03 -59.76 -0.05
CA LEU AA 180 45.37 -60.33 -0.18
C LEU AA 180 46.30 -59.70 0.86
N SER AA 181 47.42 -60.37 1.12
CA SER AA 181 48.49 -59.79 1.93
C SER AA 181 49.20 -58.73 1.09
N LYS AA 182 49.93 -57.84 1.76
CA LYS AA 182 50.66 -56.80 1.06
C LYS AA 182 51.67 -57.41 0.10
N ALA AA 183 52.37 -58.46 0.54
CA ALA AA 183 53.38 -59.12 -0.27
C ALA AA 183 52.75 -59.73 -1.51
N ASP AA 184 51.64 -60.42 -1.31
CA ASP AA 184 50.90 -61.09 -2.39
C ASP AA 184 50.40 -60.08 -3.43
N TYR AA 185 49.79 -59.01 -2.97
CA TYR AA 185 49.28 -57.99 -3.87
C TYR AA 185 50.39 -57.43 -4.78
N GLU AA 186 51.55 -57.15 -4.19
CA GLU AA 186 52.65 -56.49 -4.90
C GLU AA 186 53.48 -57.40 -5.79
N LYS AA 187 53.18 -58.70 -5.80
CA LYS AA 187 53.87 -59.64 -6.69
C LYS AA 187 53.09 -59.93 -7.98
N HIS AA 188 51.94 -59.27 -8.15
CA HIS AA 188 51.15 -59.46 -9.35
C HIS AA 188 50.83 -58.12 -10.01
N LYS AA 189 50.45 -58.18 -11.28
CA LYS AA 189 50.28 -56.99 -12.11
C LYS AA 189 48.82 -56.72 -12.45
N VAL AA 190 48.14 -57.73 -12.99
CA VAL AA 190 46.79 -57.55 -13.51
C VAL AA 190 45.72 -58.01 -12.52
N TYR AA 191 44.76 -57.15 -12.23
CA TYR AA 191 43.63 -57.46 -11.36
C TYR AA 191 42.31 -57.24 -12.09
N ALA AA 192 41.47 -58.27 -12.12
CA ALA AA 192 40.23 -58.24 -12.89
C ALA AA 192 39.09 -58.90 -12.11
N CYS AA 193 37.90 -58.30 -12.21
CA CYS AA 193 36.68 -58.95 -11.76
C CYS AA 193 35.74 -59.14 -12.96
N GLU AA 194 35.20 -60.34 -13.08
CA GLU AA 194 34.34 -60.69 -14.21
C GLU AA 194 32.90 -60.93 -13.71
N VAL AA 195 31.96 -60.20 -14.30
CA VAL AA 195 30.57 -60.23 -13.87
C VAL AA 195 29.68 -60.86 -14.92
N THR AA 196 28.91 -61.88 -14.51
CA THR AA 196 27.93 -62.52 -15.39
C THR AA 196 26.53 -62.24 -14.86
N HIS AA 197 25.66 -61.74 -15.73
CA HIS AA 197 24.30 -61.41 -15.30
C HIS AA 197 23.35 -61.43 -16.50
N GLN AA 198 22.10 -61.76 -16.24
CA GLN AA 198 21.09 -61.97 -17.30
C GLN AA 198 20.85 -60.74 -18.18
N GLY AA 199 21.19 -59.56 -17.67
CA GLY AA 199 20.95 -58.33 -18.38
C GLY AA 199 22.09 -57.97 -19.32
N LEU AA 200 23.18 -58.74 -19.24
CA LEU AA 200 24.34 -58.51 -20.10
C LEU AA 200 24.33 -59.49 -21.25
N SER AA 201 24.68 -58.99 -22.44
CA SER AA 201 24.74 -59.85 -23.62
C SER AA 201 25.86 -60.87 -23.44
N SER AA 202 26.90 -60.46 -22.71
CA SER AA 202 27.99 -61.35 -22.34
C SER AA 202 28.71 -60.83 -21.10
N PRO AA 203 29.52 -61.69 -20.45
CA PRO AA 203 30.27 -61.29 -19.24
C PRO AA 203 31.11 -60.02 -19.45
N VAL AA 204 31.07 -59.12 -18.48
CA VAL AA 204 31.85 -57.88 -18.54
C VAL AA 204 33.02 -57.96 -17.57
N THR AA 205 34.18 -57.50 -18.03
CA THR AA 205 35.41 -57.56 -17.24
C THR AA 205 36.01 -56.16 -17.11
N LYS AA 206 36.24 -55.74 -15.87
CA LYS AA 206 36.92 -54.49 -15.56
C LYS AA 206 38.28 -54.81 -14.94
N SER AA 207 39.33 -54.14 -15.36
CA SER AA 207 40.67 -54.42 -14.82
C SER AA 207 41.62 -53.23 -14.81
N PHE AA 208 42.73 -53.42 -14.11
CA PHE AA 208 43.81 -52.44 -14.05
C PHE AA 208 45.18 -53.11 -13.83
N ASN AA 209 46.25 -52.38 -14.13
CA ASN AA 209 47.62 -52.84 -13.87
C ASN AA 209 48.23 -52.11 -12.68
N ARG AA 210 48.79 -52.87 -11.73
CA ARG AA 210 49.42 -52.28 -10.55
C ARG AA 210 50.52 -51.29 -10.96
N GLN BA 1 -2.14 -42.96 22.95
CA GLN BA 1 -1.22 -43.96 22.35
C GLN BA 1 -0.13 -44.41 23.33
N VAL BA 2 0.48 -45.55 23.05
CA VAL BA 2 1.38 -46.21 24.00
C VAL BA 2 2.70 -46.51 23.29
N GLN BA 3 3.82 -46.19 23.93
CA GLN BA 3 5.14 -46.45 23.39
C GLN BA 3 6.04 -47.29 24.29
N LEU BA 4 6.66 -48.32 23.72
CA LEU BA 4 7.72 -49.04 24.41
C LEU BA 4 9.10 -48.63 23.89
N GLN BA 5 9.91 -48.06 24.78
CA GLN BA 5 11.29 -47.66 24.47
C GLN BA 5 12.26 -48.54 25.28
N GLN BA 6 13.32 -49.01 24.62
CA GLN BA 6 14.29 -49.88 25.28
C GLN BA 6 15.68 -49.25 25.45
N TRP BA 7 16.35 -49.66 26.53
CA TRP BA 7 17.74 -49.31 26.77
C TRP BA 7 18.41 -50.44 27.56
N GLY BA 8 19.72 -50.33 27.75
CA GLY BA 8 20.50 -51.41 28.33
C GLY BA 8 21.73 -51.70 27.49
N ALA BA 9 22.75 -52.30 28.10
CA ALA BA 9 24.01 -52.52 27.41
C ALA BA 9 23.87 -53.68 26.42
N GLY BA 10 24.30 -53.44 25.19
CA GLY BA 10 24.14 -54.39 24.09
C GLY BA 10 25.40 -55.10 23.63
N LEU BA 11 26.56 -54.67 24.13
CA LEU BA 11 27.81 -55.34 23.80
C LEU BA 11 28.34 -56.17 24.96
N LEU BA 12 28.38 -57.49 24.76
CA LEU BA 12 28.73 -58.41 25.83
C LEU BA 12 29.83 -59.38 25.38
N LYS BA 13 30.58 -59.87 26.35
CA LYS BA 13 31.54 -60.94 26.18
C LYS BA 13 30.99 -62.25 26.70
N PRO BA 14 31.52 -63.39 26.22
CA PRO BA 14 31.03 -64.69 26.67
C PRO BA 14 31.12 -64.84 28.19
N SER BA 15 30.10 -65.44 28.79
CA SER BA 15 30.00 -65.70 30.22
C SER BA 15 29.45 -64.51 31.01
N GLU BA 16 29.25 -63.37 30.36
CA GLU BA 16 28.65 -62.20 31.01
C GLU BA 16 27.12 -62.30 31.05
N THR BA 17 26.48 -61.29 31.63
CA THR BA 17 25.02 -61.26 31.75
C THR BA 17 24.41 -60.16 30.87
N LEU BA 18 23.45 -60.52 30.03
CA LEU BA 18 22.66 -59.54 29.30
C LEU BA 18 21.57 -58.93 30.18
N SER BA 19 21.53 -57.60 30.24
CA SER BA 19 20.55 -56.91 31.08
C SER BA 19 19.88 -55.74 30.33
N LEU BA 20 18.66 -55.97 29.85
CA LEU BA 20 17.91 -54.98 29.08
C LEU BA 20 16.69 -54.49 29.88
N THR BA 21 16.27 -53.27 29.60
CA THR BA 21 15.09 -52.71 30.26
C THR BA 21 14.15 -52.09 29.24
N CYS BA 22 12.85 -52.19 29.52
CA CYS BA 22 11.80 -51.68 28.65
C CYS BA 22 10.87 -50.79 29.49
N GLY BA 23 10.78 -49.52 29.14
CA GLY BA 23 9.89 -48.59 29.82
C GLY BA 23 8.58 -48.43 29.08
N VAL BA 24 7.48 -48.39 29.83
CA VAL BA 24 6.16 -48.26 29.23
C VAL BA 24 5.60 -46.88 29.49
N TYR BA 25 5.22 -46.22 28.40
CA TYR BA 25 4.72 -44.86 28.42
C TYR BA 25 3.41 -44.72 27.67
N GLY BA 26 2.36 -44.30 28.38
CA GLY BA 26 1.04 -44.16 27.81
C GLY BA 26 0.07 -45.17 28.41
N GLU BA 27 0.59 -46.05 29.26
CA GLU BA 27 -0.22 -47.09 29.87
C GLU BA 27 0.45 -47.58 31.15
N SER BA 28 -0.35 -48.08 32.09
CA SER BA 28 0.17 -48.64 33.33
C SER BA 28 0.42 -50.13 33.18
N LEU BA 29 1.28 -50.69 34.01
CA LEU BA 29 1.53 -52.13 33.99
C LEU BA 29 0.31 -52.92 34.47
N OAS BA 30 -0.60 -52.24 35.15
CA OAS BA 30 -1.75 -52.87 35.77
CB OAS BA 30 -2.73 -51.95 36.53
OG OAS BA 30 -3.27 -52.76 37.59
C OAS BA 30 -2.60 -53.64 34.77
O OAS BA 30 -3.20 -53.13 33.82
C2A OAS BA 30 -2.67 -51.78 39.67
C1A OAS BA 30 -2.49 -52.91 38.71
OAC OAS BA 30 -1.61 -53.76 38.68
N GLY BA 31 -2.63 -54.95 35.00
CA GLY BA 31 -3.53 -55.83 34.27
C GLY BA 31 -3.15 -56.09 32.84
N HIS BA 32 -1.87 -56.40 32.61
CA HIS BA 32 -1.41 -56.77 31.28
C HIS BA 32 -0.22 -57.72 31.36
N TYR BA 33 0.04 -58.43 30.26
CA TYR BA 33 1.19 -59.30 30.16
C TYR BA 33 2.30 -58.64 29.34
N TRP BA 34 3.49 -58.60 29.90
CA TRP BA 34 4.63 -57.94 29.26
C TRP BA 34 5.74 -58.94 28.95
N SER BA 35 6.20 -58.92 27.71
CA SER BA 35 6.90 -60.07 27.14
C SER BA 35 8.18 -59.64 26.44
N TRP BA 36 9.09 -60.60 26.28
CA TRP BA 36 10.33 -60.40 25.52
C TRP BA 36 10.48 -61.40 24.39
N VAL BA 37 11.02 -60.90 23.28
CA VAL BA 37 11.20 -61.68 22.06
C VAL BA 37 12.50 -61.30 21.38
N ARG BA 38 13.25 -62.30 20.90
CA ARG BA 38 14.55 -62.05 20.20
C ARG BA 38 14.54 -62.69 18.85
N GLN BA 39 15.48 -62.22 18.04
CA GLN BA 39 15.59 -62.60 16.64
C GLN BA 39 17.05 -62.76 16.22
N PRO BA 40 17.55 -64.01 16.19
CA PRO BA 40 18.93 -64.20 15.72
C PRO BA 40 19.12 -63.74 14.27
N PRO BA 41 20.36 -63.40 13.87
CA PRO BA 41 20.66 -62.91 12.51
C PRO BA 41 20.19 -63.83 11.37
N GLY BA 42 19.33 -63.32 10.51
CA GLY BA 42 18.88 -64.06 9.34
C GLY BA 42 17.91 -65.18 9.68
N LYS BA 43 17.39 -65.17 10.91
CA LYS BA 43 16.47 -66.20 11.37
C LYS BA 43 15.16 -65.63 11.89
N ARG BA 44 14.29 -66.53 12.33
CA ARG BA 44 12.94 -66.20 12.72
C ARG BA 44 12.88 -65.67 14.15
N LEU BA 45 11.74 -65.10 14.51
CA LEU BA 45 11.51 -64.59 15.87
C LEU BA 45 11.39 -65.73 16.88
N GLU BA 46 11.89 -65.48 18.09
CA GLU BA 46 11.85 -66.48 19.15
C GLU BA 46 11.40 -65.88 20.48
N TRP BA 47 10.30 -66.42 20.99
CA TRP BA 47 9.74 -66.04 22.28
C TRP BA 47 10.64 -66.44 23.46
N ILE BA 48 10.88 -65.48 24.36
CA ILE BA 48 11.71 -65.71 25.56
C ILE BA 48 10.84 -65.92 26.79
N GLY BA 49 9.80 -65.11 26.92
CA GLY BA 49 8.89 -65.22 28.05
C GLY BA 49 7.96 -64.03 28.26
N GLU BA 50 7.00 -64.21 29.15
CA GLU BA 50 6.00 -63.18 29.45
C GLU BA 50 5.80 -63.06 30.96
N ILE BA 51 5.43 -61.87 31.43
CA ILE BA 51 5.27 -61.63 32.86
C ILE BA 51 3.96 -60.91 33.22
N LYS BA 52 3.43 -61.26 34.38
CA LYS BA 52 2.15 -60.76 34.87
C LYS BA 52 2.33 -60.03 36.20
N HIS BA 53 1.30 -59.36 36.66
CA HIS BA 53 1.35 -58.66 37.94
C HIS BA 53 1.39 -59.63 39.11
N ASN BA 54 0.74 -60.79 38.93
CA ASN BA 54 0.65 -61.79 39.98
C ASN BA 54 2.02 -62.23 40.51
N GLY BA 55 2.94 -62.49 39.61
CA GLY BA 55 4.28 -62.90 39.98
C GLY BA 55 4.74 -64.12 39.21
N SER BA 56 3.81 -64.73 38.48
CA SER BA 56 4.10 -65.91 37.69
C SER BA 56 4.99 -65.58 36.49
N PRO BA 57 6.24 -66.07 36.50
CA PRO BA 57 7.16 -65.91 35.37
C PRO BA 57 7.03 -67.06 34.38
N ASN BA 58 6.72 -66.75 33.13
CA ASN BA 58 6.58 -67.77 32.10
C ASN BA 58 7.70 -67.66 31.08
N TYR BA 59 8.57 -68.67 31.06
CA TYR BA 59 9.78 -68.64 30.24
C TYR BA 59 9.82 -69.76 29.21
N HIS BA 60 10.67 -69.58 28.19
CA HIS BA 60 10.83 -70.56 27.12
C HIS BA 60 11.61 -71.79 27.63
N PRO BA 61 11.41 -72.95 27.00
CA PRO BA 61 12.12 -74.17 27.45
C PRO BA 61 13.64 -74.09 27.45
N SER BA 62 14.24 -73.81 26.29
CA SER BA 62 15.69 -73.92 26.13
C SER BA 62 16.51 -72.88 26.90
N LEU BA 63 15.84 -72.01 27.66
CA LEU BA 63 16.52 -70.87 28.27
C LEU BA 63 16.20 -70.64 29.74
N LYS BA 64 15.11 -71.22 30.25
CA LYS BA 64 14.64 -70.91 31.60
C LYS BA 64 15.69 -71.22 32.66
N SER BA 65 16.69 -72.02 32.30
CA SER BA 65 17.82 -72.27 33.18
C SER BA 65 18.78 -71.07 33.21
N ARG BA 66 18.34 -69.94 32.65
CA ARG BA 66 19.21 -68.78 32.48
C ARG BA 66 18.49 -67.43 32.51
N VAL BA 67 17.16 -67.43 32.31
CA VAL BA 67 16.42 -66.19 32.11
C VAL BA 67 15.63 -65.78 33.37
N THR BA 68 15.67 -64.49 33.67
CA THR BA 68 14.78 -63.87 34.66
C THR BA 68 14.12 -62.60 34.10
N ILE BA 69 12.79 -62.54 34.20
CA ILE BA 69 12.03 -61.33 33.86
C ILE BA 69 11.33 -60.76 35.09
N SER BA 70 11.41 -59.44 35.29
CA SER BA 70 10.88 -58.80 36.49
C SER BA 70 10.27 -57.42 36.19
N LEU BA 71 9.34 -57.01 37.03
CA LEU BA 71 8.68 -55.70 36.91
C LEU BA 71 9.15 -54.67 37.94
N ASP BA 72 9.45 -53.46 37.47
CA ASP BA 72 9.63 -52.31 38.35
C ASP BA 72 8.39 -51.41 38.29
N MET BA 73 7.41 -51.67 39.15
CA MET BA 73 6.08 -51.05 39.00
C MET BA 73 6.02 -49.55 39.30
N SER BA 74 6.89 -49.07 40.18
CA SER BA 74 6.92 -47.66 40.55
C SER BA 74 7.40 -46.76 39.41
N LYS BA 75 8.14 -47.34 38.48
CA LYS BA 75 8.70 -46.60 37.36
C LYS BA 75 8.02 -46.97 36.03
N ASN BA 76 7.09 -47.93 36.08
CA ASN BA 76 6.44 -48.46 34.89
C ASN BA 76 7.47 -49.00 33.88
N GLN BA 77 8.35 -49.86 34.38
CA GLN BA 77 9.37 -50.51 33.57
C GLN BA 77 9.39 -52.00 33.85
N PHE BA 78 9.92 -52.77 32.90
CA PHE BA 78 10.18 -54.19 33.12
C PHE BA 78 11.50 -54.57 32.45
N SER BA 79 12.07 -55.68 32.90
CA SER BA 79 13.46 -56.01 32.58
C SER BA 79 13.70 -57.45 32.17
N LEU BA 80 14.81 -57.67 31.48
CA LEU BA 80 15.25 -59.00 31.06
C LEU BA 80 16.68 -59.27 31.53
N ASN BA 81 16.86 -60.40 32.19
CA ASN BA 81 18.18 -60.88 32.57
C ASN BA 81 18.50 -62.19 31.85
N LEU BA 82 19.71 -62.30 31.30
CA LEU BA 82 20.17 -63.54 30.68
C LEU BA 82 21.61 -63.87 31.08
N THR BA 83 21.80 -64.91 31.88
CA THR BA 83 23.12 -65.19 32.44
C THR BA 83 23.97 -66.07 31.52
N SER BA 84 25.28 -66.05 31.73
CA SER BA 84 26.23 -66.89 31.00
C SER BA 84 25.99 -66.94 29.49
N VAL BA 85 26.03 -65.79 28.83
CA VAL BA 85 25.79 -65.74 27.40
C VAL BA 85 26.95 -66.30 26.57
N THR BA 86 26.61 -66.93 25.44
CA THR BA 86 27.58 -67.37 24.46
C THR BA 86 27.25 -66.73 23.12
N ALA BA 87 28.02 -67.05 22.09
CA ALA BA 87 27.80 -66.50 20.74
C ALA BA 87 26.40 -66.81 20.22
N ALA BA 88 25.81 -67.89 20.71
CA ALA BA 88 24.50 -68.33 20.23
C ALA BA 88 23.38 -67.41 20.71
N ASP BA 89 23.70 -66.49 21.62
CA ASP BA 89 22.71 -65.53 22.12
C ASP BA 89 22.76 -64.23 21.33
N THR BA 90 23.57 -64.21 20.26
CA THR BA 90 23.62 -63.05 19.37
C THR BA 90 22.30 -62.93 18.63
N ALA BA 91 21.66 -61.76 18.75
CA ALA BA 91 20.32 -61.55 18.22
C ALA BA 91 19.86 -60.11 18.46
N VAL BA 92 18.78 -59.72 17.80
CA VAL BA 92 18.07 -58.50 18.14
C VAL BA 92 17.00 -58.81 19.18
N TYR BA 93 17.02 -58.07 20.30
CA TYR BA 93 16.05 -58.27 21.38
C TYR BA 93 14.96 -57.20 21.42
N PHE BA 94 13.71 -57.66 21.42
CA PHE BA 94 12.52 -56.81 21.47
C PHE BA 94 11.76 -56.98 22.78
N CYS BA 95 11.12 -55.91 23.26
CA CYS BA 95 10.10 -56.05 24.31
C CYS BA 95 8.76 -55.87 23.61
N ALA BA 96 7.69 -56.36 24.23
CA ALA BA 96 6.37 -56.29 23.60
C ALA BA 96 5.23 -56.47 24.60
N ARG BA 97 4.11 -55.82 24.30
CA ARG BA 97 2.93 -55.84 25.15
C ARG BA 97 1.91 -56.85 24.66
N ARG BA 98 1.08 -57.34 25.57
CA ARG BA 98 0.04 -58.28 25.21
C ARG BA 98 -1.34 -57.64 25.32
N SER BA 99 -1.93 -57.30 24.19
CA SER BA 99 -3.32 -56.82 24.15
C SER BA 99 -4.25 -57.99 24.45
N ASN BA 100 -5.33 -57.71 25.18
CA ASN BA 100 -6.16 -58.78 25.74
C ASN BA 100 -7.45 -59.05 24.98
N TRP BA 101 -8.21 -60.02 25.49
CA TRP BA 101 -9.53 -60.34 24.95
C TRP BA 101 -10.28 -61.46 25.70
N PRO BA 102 -9.57 -62.46 26.27
CA PRO BA 102 -8.12 -62.67 26.39
C PRO BA 102 -7.47 -63.32 25.17
N TYR BA 103 -7.86 -62.92 23.97
CA TYR BA 103 -7.02 -63.13 22.80
C TYR BA 103 -5.79 -62.24 22.95
N LEU BA 104 -4.70 -62.59 22.30
CA LEU BA 104 -3.49 -61.77 22.38
C LEU BA 104 -3.27 -61.07 21.02
N PRO BA 105 -2.01 -60.79 20.63
CA PRO BA 105 -0.68 -60.99 21.16
C PRO BA 105 0.15 -59.71 21.28
N PHE BA 106 1.26 -59.69 20.54
CA PHE BA 106 2.27 -58.66 20.68
C PHE BA 106 1.93 -57.41 19.86
N ASP BA 107 1.59 -56.34 20.55
CA ASP BA 107 1.37 -55.06 19.92
C ASP BA 107 1.15 -54.00 21.00
N PRO BA 108 1.99 -52.94 21.02
CA PRO BA 108 3.02 -52.52 20.06
C PRO BA 108 4.37 -53.21 20.38
N TRP BA 109 5.40 -52.81 19.63
CA TRP BA 109 6.73 -53.38 19.77
C TRP BA 109 7.72 -52.26 20.05
N GLY BA 110 8.76 -52.58 20.81
CA GLY BA 110 9.90 -51.69 20.95
C GLY BA 110 10.71 -51.69 19.66
N GLN BA 111 11.74 -50.85 19.63
CA GLN BA 111 12.52 -50.67 18.41
C GLN BA 111 13.58 -51.75 18.31
N GLY BA 112 13.75 -52.49 19.38
CA GLY BA 112 14.71 -53.58 19.42
C GLY BA 112 16.07 -53.10 19.87
N THR BA 113 16.80 -53.99 20.53
CA THR BA 113 18.17 -53.68 20.92
C THR BA 113 19.08 -54.74 20.32
N LEU BA 114 20.09 -54.29 19.58
CA LEU BA 114 21.09 -55.18 19.01
C LEU BA 114 22.07 -55.66 20.08
N VAL BA 115 22.16 -56.97 20.25
CA VAL BA 115 23.06 -57.58 21.22
C VAL BA 115 24.07 -58.46 20.49
N THR BA 116 25.35 -58.18 20.67
CA THR BA 116 26.42 -58.92 20.03
C THR BA 116 27.28 -59.57 21.11
N VAL BA 117 27.39 -60.89 21.06
CA VAL BA 117 28.22 -61.65 21.98
C VAL BA 117 29.44 -62.18 21.24
N SER BA 118 30.59 -61.66 21.63
CA SER BA 118 31.87 -62.07 21.07
C SER BA 118 32.93 -61.74 22.10
N SER BA 119 34.08 -62.41 22.04
CA SER BA 119 35.17 -62.09 22.95
C SER BA 119 36.00 -60.93 22.40
N ALA BA 120 35.75 -60.58 21.14
CA ALA BA 120 36.50 -59.51 20.49
C ALA BA 120 36.40 -58.24 21.33
N SER BA 121 37.48 -57.48 21.40
CA SER BA 121 37.51 -56.21 22.12
C SER BA 121 37.12 -55.07 21.16
N THR BA 122 36.50 -54.02 21.71
CA THR BA 122 36.11 -52.84 20.94
C THR BA 122 37.26 -52.13 20.22
N LYS BA 123 37.05 -51.83 18.94
CA LYS BA 123 38.02 -51.14 18.09
C LYS BA 123 37.34 -50.25 17.06
N GLY BA 124 37.90 -49.06 16.87
CA GLY BA 124 37.38 -48.12 15.87
C GLY BA 124 37.84 -48.50 14.47
N PRO BA 125 37.07 -48.09 13.44
CA PRO BA 125 37.38 -48.42 12.04
C PRO BA 125 38.50 -47.62 11.41
N SER BA 126 39.26 -48.26 10.53
CA SER BA 126 40.13 -47.56 9.61
C SER BA 126 39.29 -47.26 8.37
N VAL BA 127 39.39 -46.03 7.89
CA VAL BA 127 38.66 -45.60 6.70
C VAL BA 127 39.63 -45.35 5.55
N PHE BA 128 39.43 -46.06 4.44
CA PHE BA 128 40.29 -45.95 3.27
C PHE BA 128 39.46 -45.40 2.12
N PRO BA 129 40.08 -44.64 1.21
CA PRO BA 129 39.36 -44.09 0.06
C PRO BA 129 39.14 -45.08 -1.08
N LEU BA 130 37.98 -44.95 -1.73
CA LEU BA 130 37.70 -45.61 -3.00
C LEU BA 130 37.70 -44.55 -4.09
N ALA BA 131 38.88 -44.35 -4.70
CA ALA BA 131 39.13 -43.20 -5.56
C ALA BA 131 38.46 -43.36 -6.92
N PRO BA 132 37.88 -42.26 -7.46
CA PRO BA 132 37.33 -42.35 -8.82
C PRO BA 132 38.46 -42.39 -9.84
N SER BA 133 38.22 -43.10 -10.94
CA SER BA 133 39.19 -43.21 -12.02
C SER BA 133 38.58 -43.29 -13.42
N SER BA 134 39.42 -43.09 -14.41
CA SER BA 134 39.01 -43.01 -15.81
C SER BA 134 38.67 -44.37 -16.43
N LYS BA 135 39.02 -45.48 -15.77
CA LYS BA 135 38.35 -46.76 -16.05
C LYS BA 135 37.11 -47.00 -15.17
N SER BA 136 36.63 -45.94 -14.54
CA SER BA 136 35.59 -46.02 -13.52
C SER BA 136 34.54 -44.94 -13.84
N THR BA 137 34.74 -44.28 -14.99
CA THR BA 137 33.77 -43.37 -15.59
C THR BA 137 32.83 -44.09 -16.54
N SER BA 138 31.82 -44.75 -15.98
CA SER BA 138 30.82 -45.46 -16.77
C SER BA 138 29.91 -44.49 -17.52
N GLY BA 139 30.31 -44.15 -18.75
CA GLY BA 139 29.53 -43.26 -19.60
C GLY BA 139 29.19 -41.90 -19.01
N GLY BA 140 30.20 -41.23 -18.48
CA GLY BA 140 30.04 -39.90 -17.91
C GLY BA 140 29.53 -39.90 -16.48
N THR BA 141 29.51 -41.09 -15.88
CA THR BA 141 29.18 -41.23 -14.47
C THR BA 141 30.36 -41.91 -13.79
N ALA BA 142 30.95 -41.25 -12.80
CA ALA BA 142 32.03 -41.86 -12.03
C ALA BA 142 31.47 -42.44 -10.74
N ALA BA 143 32.18 -43.42 -10.19
CA ALA BA 143 31.82 -43.99 -8.89
C ALA BA 143 32.97 -43.88 -7.91
N LEU BA 144 32.61 -43.62 -6.66
CA LEU BA 144 33.57 -43.53 -5.56
C LEU BA 144 32.88 -43.98 -4.29
N GLY BA 145 33.65 -44.13 -3.22
CA GLY BA 145 33.10 -44.62 -1.98
C GLY BA 145 34.11 -44.60 -0.84
N CYS BA 146 33.78 -45.27 0.25
CA CYS BA 146 34.68 -45.39 1.39
C CYS BA 146 34.61 -46.80 1.94
N LEU BA 147 35.78 -47.41 2.13
CA LEU BA 147 35.85 -48.71 2.78
C LEU BA 147 36.12 -48.46 4.26
N VAL BA 148 35.18 -48.88 5.10
CA VAL BA 148 35.31 -48.71 6.54
C VAL BA 148 35.59 -50.08 7.11
N LYS BA 149 36.83 -50.29 7.53
CA LYS BA 149 37.34 -51.64 7.74
C LYS BA 149 37.85 -51.86 9.17
N ASP BA 150 37.68 -53.09 9.65
CA ASP BA 150 38.26 -53.54 10.91
C ASP BA 150 37.74 -52.75 12.11
N TYR BA 151 36.43 -52.83 12.32
CA TYR BA 151 35.75 -52.23 13.47
C TYR BA 151 34.89 -53.25 14.21
N PHE BA 152 34.60 -52.95 15.47
CA PHE BA 152 33.77 -53.84 16.28
C PHE BA 152 33.21 -53.13 17.52
N PRO BA 153 31.92 -53.36 17.84
CA PRO BA 153 30.91 -54.14 17.15
C PRO BA 153 30.11 -53.29 16.16
N GLU BA 154 29.00 -53.84 15.66
CA GLU BA 154 28.05 -53.03 14.87
C GLU BA 154 27.32 -52.03 15.76
N PRO BA 155 26.69 -51.00 15.17
CA PRO BA 155 26.73 -50.67 13.73
C PRO BA 155 27.53 -49.42 13.45
N VAL BA 156 27.69 -49.08 12.18
CA VAL BA 156 28.16 -47.76 11.77
C VAL BA 156 27.10 -47.06 10.92
N THR BA 157 27.15 -45.73 10.93
CA THR BA 157 26.31 -44.93 10.05
C THR BA 157 27.22 -44.25 9.02
N VAL BA 158 26.70 -44.06 7.81
CA VAL BA 158 27.48 -43.39 6.77
C VAL BA 158 26.63 -42.36 6.04
N SER BA 159 27.15 -41.14 5.96
CA SER BA 159 26.57 -40.07 5.17
C SER BA 159 27.63 -39.50 4.23
N TRP BA 160 27.22 -38.59 3.36
CA TRP BA 160 28.13 -37.96 2.41
C TRP BA 160 27.96 -36.44 2.42
N ASN BA 161 29.09 -35.75 2.60
CA ASN BA 161 29.13 -34.30 2.75
C ASN BA 161 28.16 -33.81 3.82
N SER BA 162 28.17 -34.48 4.97
CA SER BA 162 27.38 -34.07 6.13
C SER BA 162 25.88 -34.01 5.85
N GLY BA 163 25.41 -34.77 4.88
CA GLY BA 163 23.98 -34.82 4.59
C GLY BA 163 23.60 -33.97 3.41
N ALA BA 164 24.60 -33.35 2.79
CA ALA BA 164 24.39 -32.50 1.62
C ALA BA 164 24.25 -33.31 0.34
N LEU BA 165 24.93 -34.46 0.28
CA LEU BA 165 24.85 -35.33 -0.89
C LEU BA 165 23.81 -36.41 -0.62
N THR BA 166 22.73 -36.37 -1.39
CA THR BA 166 21.54 -37.18 -1.12
C THR BA 166 20.99 -37.85 -2.38
N SER BA 167 21.89 -38.43 -3.18
CA SER BA 167 21.48 -39.12 -4.39
C SER BA 167 22.55 -40.11 -4.82
N GLY BA 168 22.11 -41.31 -5.21
CA GLY BA 168 23.03 -42.31 -5.72
C GLY BA 168 23.83 -43.00 -4.64
N VAL BA 169 23.48 -42.77 -3.37
CA VAL BA 169 24.20 -43.40 -2.27
C VAL BA 169 23.60 -44.76 -1.97
N HIS BA 170 24.49 -45.74 -1.84
CA HIS BA 170 24.15 -47.08 -1.37
C HIS BA 170 25.09 -47.50 -0.25
N THR BA 171 24.54 -47.69 0.95
CA THR BA 171 25.34 -48.16 2.09
C THR BA 171 25.07 -49.63 2.34
N PHE BA 172 26.06 -50.45 2.00
CA PHE BA 172 25.95 -51.90 2.04
C PHE BA 172 25.87 -52.45 3.46
N PRO BA 173 25.21 -53.60 3.65
CA PRO BA 173 25.26 -54.27 4.96
C PRO BA 173 26.68 -54.64 5.39
N ALA BA 174 27.00 -54.47 6.66
CA ALA BA 174 28.30 -54.86 7.19
C ALA BA 174 28.50 -56.37 7.04
N VAL BA 175 29.74 -56.80 6.80
CA VAL BA 175 30.07 -58.22 6.84
C VAL BA 175 31.08 -58.50 7.95
N LEU BA 176 30.93 -59.65 8.60
CA LEU BA 176 31.86 -60.10 9.63
C LEU BA 176 33.03 -60.85 9.00
N GLN BA 177 34.24 -60.30 9.14
CA GLN BA 177 35.43 -60.93 8.57
C GLN BA 177 35.94 -62.09 9.43
N SER BA 178 36.86 -62.87 8.86
CA SER BA 178 37.44 -64.02 9.54
C SER BA 178 38.34 -63.60 10.70
N SER BA 179 38.61 -62.31 10.81
CA SER BA 179 39.41 -61.76 11.91
C SER BA 179 38.54 -61.53 13.15
N GLY BA 180 37.23 -61.54 12.95
CA GLY BA 180 36.28 -61.26 14.01
C GLY BA 180 35.94 -59.78 14.04
N LEU BA 181 36.46 -59.04 13.06
CA LEU BA 181 36.20 -57.62 12.91
C LEU BA 181 35.27 -57.40 11.73
N TYR BA 182 34.46 -56.35 11.81
CA TYR BA 182 33.51 -56.04 10.74
C TYR BA 182 34.12 -55.18 9.64
N SER BA 183 33.50 -55.23 8.48
CA SER BA 183 33.93 -54.42 7.34
C SER BA 183 32.73 -54.10 6.47
N LEU BA 184 32.83 -52.99 5.73
CA LEU BA 184 31.67 -52.43 5.06
C LEU BA 184 32.12 -51.42 4.03
N SER BA 185 31.35 -51.29 2.94
CA SER BA 185 31.64 -50.26 1.96
C SER BA 185 30.39 -49.43 1.72
N SER BA 186 30.61 -48.13 1.49
CA SER BA 186 29.58 -47.19 1.07
C SER BA 186 29.98 -46.54 -0.23
N VAL BA 187 29.11 -46.57 -1.24
CA VAL BA 187 29.46 -46.00 -2.53
C VAL BA 187 28.44 -44.96 -2.98
N VAL BA 188 28.84 -44.15 -3.96
CA VAL BA 188 27.98 -43.13 -4.54
C VAL BA 188 28.39 -42.89 -5.98
N THR BA 189 27.41 -42.70 -6.88
CA THR BA 189 27.70 -42.34 -8.26
C THR BA 189 27.45 -40.86 -8.54
N VAL BA 190 28.42 -40.22 -9.18
CA VAL BA 190 28.34 -38.79 -9.48
C VAL BA 190 28.75 -38.50 -10.92
N PRO BA 191 28.42 -37.29 -11.43
CA PRO BA 191 28.86 -36.85 -12.76
C PRO BA 191 30.39 -36.72 -12.86
N SER BA 192 30.98 -37.15 -13.97
CA SER BA 192 32.43 -37.05 -14.15
C SER BA 192 32.87 -35.59 -14.10
N SER BA 193 32.08 -34.73 -14.72
CA SER BA 193 32.42 -33.32 -14.84
C SER BA 193 32.57 -32.70 -13.46
N SER BA 194 31.88 -33.28 -12.48
CA SER BA 194 31.86 -32.73 -11.12
C SER BA 194 33.10 -33.14 -10.33
N LEU BA 195 33.87 -34.09 -10.85
CA LEU BA 195 35.00 -34.64 -10.12
C LEU BA 195 36.02 -33.55 -9.83
N GLY BA 196 36.20 -32.65 -10.79
CA GLY BA 196 37.18 -31.58 -10.68
C GLY BA 196 36.73 -30.33 -9.97
N THR BA 197 35.44 -30.25 -9.63
CA THR BA 197 34.87 -29.00 -9.11
C THR BA 197 33.99 -29.17 -7.88
N GLN BA 198 33.90 -30.39 -7.36
CA GLN BA 198 33.03 -30.67 -6.21
C GLN BA 198 33.78 -31.56 -5.22
N THR BA 199 33.69 -31.20 -3.95
CA THR BA 199 34.37 -31.97 -2.91
C THR BA 199 33.42 -33.07 -2.42
N TYR BA 200 33.97 -34.25 -2.17
CA TYR BA 200 33.18 -35.37 -1.66
C TYR BA 200 33.82 -35.95 -0.42
N ILE BA 201 33.10 -35.87 0.69
CA ILE BA 201 33.58 -36.37 1.96
C ILE BA 201 32.52 -37.31 2.52
N CYS BA 202 32.91 -38.53 2.87
CA CYS BA 202 31.99 -39.44 3.56
C CYS BA 202 32.16 -39.29 5.06
N ASN BA 203 31.03 -39.16 5.77
CA ASN BA 203 31.04 -39.06 7.21
C ASN BA 203 30.61 -40.37 7.86
N VAL BA 204 31.47 -40.89 8.74
CA VAL BA 204 31.26 -42.21 9.32
C VAL BA 204 31.30 -42.11 10.83
N ASN BA 205 30.28 -42.65 11.49
CA ASN BA 205 30.23 -42.62 12.96
C ASN BA 205 29.97 -43.95 13.65
N HIS BA 206 30.85 -44.29 14.61
CA HIS BA 206 30.69 -45.46 15.45
C HIS BA 206 30.72 -45.07 16.92
N LYS BA 207 29.57 -44.73 17.49
CA LYS BA 207 29.51 -44.21 18.86
C LYS BA 207 30.05 -45.18 19.93
N PRO BA 208 29.76 -46.49 19.79
CA PRO BA 208 30.24 -47.48 20.76
C PRO BA 208 31.75 -47.42 21.05
N SER BA 209 32.52 -46.83 20.14
CA SER BA 209 33.95 -46.65 20.34
C SER BA 209 34.23 -45.15 20.13
N ASN BA 210 33.15 -44.38 20.19
CA ASN BA 210 33.12 -42.94 19.95
C ASN BA 210 34.04 -42.50 18.82
N THR BA 211 33.77 -43.02 17.63
CA THR BA 211 34.54 -42.70 16.43
C THR BA 211 33.69 -41.93 15.42
N LYS BA 212 34.16 -40.76 15.00
CA LYS BA 212 33.51 -39.99 13.96
C LYS BA 212 34.58 -39.70 12.91
N VAL BA 213 34.38 -40.15 11.68
CA VAL BA 213 35.39 -39.97 10.63
C VAL BA 213 34.84 -39.30 9.37
N ASP BA 214 35.60 -38.31 8.89
CA ASP BA 214 35.40 -37.70 7.58
C ASP BA 214 36.63 -37.92 6.69
N LYS BA 215 36.43 -38.54 5.53
CA LYS BA 215 37.51 -38.81 4.59
C LYS BA 215 37.19 -38.26 3.20
N LYS BA 216 37.92 -37.24 2.77
CA LYS BA 216 37.79 -36.69 1.44
C LYS BA 216 38.32 -37.68 0.42
N VAL BA 217 37.62 -37.82 -0.70
CA VAL BA 217 37.97 -38.78 -1.74
C VAL BA 217 38.40 -38.04 -3.00
N GLU BA 218 39.69 -38.14 -3.32
CA GLU BA 218 40.28 -37.41 -4.45
C GLU BA 218 40.66 -38.37 -5.57
N PRO BA 219 40.60 -37.89 -6.83
CA PRO BA 219 40.94 -38.73 -8.00
C PRO BA 219 42.37 -39.26 -8.02
N LYS BA 220 42.61 -40.19 -8.95
CA LYS BA 220 43.93 -40.72 -9.22
C LYS BA 220 44.09 -41.03 -10.71
N ASN CA 6 6.08 14.38 -64.76
CA ASN CA 6 6.01 15.79 -65.17
C ASN CA 6 6.12 16.73 -63.98
N THR CA 7 6.96 17.74 -64.11
CA THR CA 7 7.20 18.71 -63.05
C THR CA 7 7.20 20.11 -63.65
N THR CA 8 6.91 21.10 -62.81
CA THR CA 8 6.78 22.49 -63.24
C THR CA 8 8.03 23.04 -63.92
N LEU CA 9 7.86 23.64 -65.10
CA LEU CA 9 8.95 24.29 -65.82
C LEU CA 9 9.01 25.77 -65.48
N PHE CA 10 10.18 26.38 -65.74
CA PHE CA 10 10.28 27.83 -65.86
C PHE CA 10 10.54 28.15 -67.32
N CYS CA 11 10.31 29.39 -67.71
CA CYS CA 11 10.46 29.81 -69.09
C CYS CA 11 11.67 30.70 -69.27
N ALA CA 12 11.88 31.14 -70.51
CA ALA CA 12 12.98 32.04 -70.83
C ALA CA 12 12.57 32.94 -71.99
N SER CA 13 13.08 34.16 -72.01
CA SER CA 13 12.72 35.11 -73.04
C SER CA 13 13.72 36.25 -73.11
N ASP CA 14 13.89 36.80 -74.31
CA ASP CA 14 14.79 37.92 -74.52
C ASP CA 14 14.00 39.23 -74.56
N ALA CA 15 14.01 39.94 -73.44
CA ALA CA 15 13.26 41.19 -73.30
C ALA CA 15 13.99 42.18 -72.41
N LYS CA 16 13.77 43.46 -72.66
CA LYS CA 16 14.44 44.53 -71.92
C LYS CA 16 13.62 44.93 -70.70
N ALA CA 17 14.30 45.44 -69.67
CA ALA CA 17 13.66 45.79 -68.41
C ALA CA 17 13.01 47.17 -68.46
N TYR CA 18 13.30 47.94 -69.50
CA TYR CA 18 12.73 49.28 -69.64
C TYR CA 18 11.40 49.26 -70.37
N ASP CA 19 11.41 48.75 -71.60
CA ASP CA 19 10.25 48.78 -72.48
C ASP CA 19 8.98 48.33 -71.76
N THR CA 20 8.04 49.26 -71.58
CA THR CA 20 6.83 49.00 -70.82
C THR CA 20 5.68 48.57 -71.71
N GLU CA 21 5.84 47.43 -72.38
CA GLU CA 21 4.71 46.78 -73.04
C GLU CA 21 4.29 45.60 -72.19
N VAL CA 22 3.03 45.22 -72.33
CA VAL CA 22 2.44 44.17 -71.52
C VAL CA 22 3.27 42.89 -71.50
N HIS CA 23 3.94 42.60 -72.60
CA HIS CA 23 4.73 41.37 -72.68
C HIS CA 23 6.06 41.50 -71.97
N ASN CA 24 6.84 42.51 -72.34
CA ASN CA 24 8.19 42.69 -71.79
C ASN CA 24 8.19 42.92 -70.28
N VAL CA 25 7.21 43.67 -69.79
CA VAL CA 25 7.12 43.92 -68.36
C VAL CA 25 6.90 42.60 -67.62
N TRP CA 26 5.93 41.83 -68.07
CA TRP CA 26 5.62 40.53 -67.47
C TRP CA 26 6.71 39.50 -67.80
N ALA CA 27 7.44 39.74 -68.88
CA ALA CA 27 8.52 38.85 -69.29
C ALA CA 27 9.75 39.06 -68.40
N THR CA 28 10.01 40.32 -68.05
CA THR CA 28 11.16 40.64 -67.21
C THR CA 28 10.84 40.46 -65.73
N HIS CA 29 9.70 39.83 -65.46
CA HIS CA 29 9.20 39.69 -64.10
C HIS CA 29 8.89 38.23 -63.76
N ALA CA 30 9.21 37.32 -64.68
CA ALA CA 30 8.92 35.90 -64.47
C ALA CA 30 9.65 35.00 -65.46
N CYS CA 31 10.81 35.45 -65.94
CA CYS CA 31 11.60 34.65 -66.87
C CYS CA 31 13.11 34.91 -66.70
N VAL CA 32 13.90 34.23 -67.52
CA VAL CA 32 15.35 34.28 -67.42
C VAL CA 32 15.96 34.32 -68.83
N PRO CA 33 17.12 34.98 -68.99
CA PRO CA 33 17.69 35.09 -70.34
C PRO CA 33 18.12 33.76 -70.97
N THR CA 34 19.05 33.03 -70.33
CA THR CA 34 19.54 31.75 -70.86
C THR CA 34 20.35 32.03 -72.13
N ASP CA 35 21.04 31.04 -72.71
CA ASP CA 35 21.01 29.63 -72.31
C ASP CA 35 22.41 29.00 -72.39
N PRO CA 36 22.63 27.91 -71.65
CA PRO CA 36 23.87 27.14 -71.81
C PRO CA 36 24.06 26.62 -73.23
N SER CA 37 24.97 27.25 -73.96
CA SER CA 37 25.26 26.88 -75.34
C SER CA 37 25.80 25.44 -75.37
N PRO CA 38 25.88 24.83 -76.58
CA PRO CA 38 25.43 25.33 -77.88
C PRO CA 38 24.20 24.63 -78.45
N GLN CA 39 24.40 23.42 -78.99
CA GLN CA 39 23.44 22.79 -79.89
C GLN CA 39 22.67 21.64 -79.25
N GLU CA 40 21.84 20.99 -80.07
CA GLU CA 40 21.05 19.84 -79.64
C GLU CA 40 21.88 18.56 -79.59
N LEU CA 41 22.01 18.00 -78.40
CA LEU CA 41 22.75 16.75 -78.23
C LEU CA 41 21.99 15.60 -78.88
N LYS CA 42 22.25 15.37 -80.17
CA LYS CA 42 21.55 14.34 -80.92
C LYS CA 42 21.81 12.94 -80.39
N MET CA 43 20.87 12.03 -80.64
CA MET CA 43 21.03 10.62 -80.31
C MET CA 43 21.05 9.78 -81.58
N GLU CA 44 21.40 8.51 -81.44
CA GLU CA 44 21.52 7.63 -82.60
C GLU CA 44 20.97 6.24 -82.29
N ASN CA 45 20.26 5.67 -83.26
CA ASN CA 45 19.67 4.34 -83.12
C ASN CA 45 18.73 4.24 -81.93
N VAL CA 46 18.25 5.39 -81.47
CA VAL CA 46 17.28 5.45 -80.37
C VAL CA 46 15.90 5.75 -80.92
N THR CA 47 14.91 4.98 -80.47
CA THR CA 47 13.51 5.22 -80.83
C THR CA 47 12.71 5.55 -79.58
N GLU CA 48 11.90 6.60 -79.66
CA GLU CA 48 11.10 7.05 -78.54
C GLU CA 48 9.71 7.48 -79.00
N GLU CA 49 8.71 7.20 -78.18
CA GLU CA 49 7.33 7.60 -78.48
C GLU CA 49 7.06 9.04 -78.06
N PHE CA 50 6.32 9.76 -78.89
CA PHE CA 50 5.87 11.11 -78.58
C PHE CA 50 4.35 11.18 -78.65
N ASN CA 51 3.77 12.19 -78.01
CA ASN CA 51 2.33 12.40 -78.04
C ASN CA 51 1.98 13.87 -77.82
N MET CA 52 1.80 14.60 -78.91
CA MET CA 52 1.51 16.03 -78.87
C MET CA 52 0.17 16.30 -78.19
N TRP CA 53 -0.72 15.32 -78.26
CA TRP CA 53 -2.08 15.48 -77.73
C TRP CA 53 -2.14 15.21 -76.23
N LYS CA 54 -1.06 14.64 -75.69
CA LYS CA 54 -0.92 14.44 -74.25
C LYS CA 54 0.46 14.94 -73.83
N ASN CA 55 0.59 16.25 -73.70
CA ASN CA 55 1.85 16.90 -73.43
C ASN CA 55 1.68 18.01 -72.40
N ASN CA 56 2.14 17.75 -71.19
CA ASN CA 56 1.90 18.64 -70.05
C ASN CA 56 2.40 20.06 -70.26
N MET CA 57 3.41 20.24 -71.11
CA MET CA 57 3.96 21.56 -71.38
C MET CA 57 2.91 22.47 -72.03
N VAL CA 58 2.03 21.88 -72.84
CA VAL CA 58 0.94 22.63 -73.46
C VAL CA 58 0.01 23.15 -72.37
N GLU CA 59 -0.25 22.31 -71.38
CA GLU CA 59 -1.12 22.68 -70.26
C GLU CA 59 -0.54 23.85 -69.49
N GLN CA 60 0.77 23.82 -69.26
CA GLN CA 60 1.44 24.88 -68.53
C GLN CA 60 1.42 26.19 -69.31
N MET CA 61 1.59 26.11 -70.62
CA MET CA 61 1.58 27.29 -71.45
C MET CA 61 0.23 27.99 -71.45
N HIS CA 62 -0.85 27.21 -71.51
CA HIS CA 62 -2.19 27.75 -71.53
C HIS CA 62 -2.46 28.63 -70.31
N THR CA 63 -2.03 28.16 -69.14
CA THR CA 63 -2.22 28.90 -67.90
C THR CA 63 -1.39 30.18 -67.84
N ASP CA 64 -0.18 30.15 -68.39
CA ASP CA 64 0.72 31.30 -68.33
C ASP CA 64 0.20 32.47 -69.15
N ILE CA 65 -0.26 32.20 -70.36
CA ILE CA 65 -0.72 33.27 -71.25
C ILE CA 65 -2.01 33.88 -70.72
N ILE CA 66 -2.82 33.07 -70.05
CA ILE CA 66 -4.01 33.58 -69.37
C ILE CA 66 -3.57 34.55 -68.27
N SER CA 67 -2.56 34.15 -67.50
CA SER CA 67 -2.04 34.98 -66.42
C SER CA 67 -1.48 36.28 -66.99
N LEU CA 68 -0.83 36.18 -68.14
CA LEU CA 68 -0.27 37.32 -68.82
C LEU CA 68 -1.39 38.30 -69.16
N TRP CA 69 -2.42 37.81 -69.84
CA TRP CA 69 -3.52 38.65 -70.29
C TRP CA 69 -4.30 39.24 -69.13
N ASP CA 70 -4.53 38.44 -68.10
CA ASP CA 70 -5.34 38.87 -66.96
C ASP CA 70 -4.70 40.04 -66.21
N GLN CA 71 -3.38 40.00 -66.09
CA GLN CA 71 -2.65 41.03 -65.35
C GLN CA 71 -2.41 42.26 -66.21
N SER CA 72 -2.41 42.07 -67.52
CA SER CA 72 -1.94 43.09 -68.45
C SER CA 72 -3.07 43.86 -69.14
N LEU CA 73 -3.93 43.13 -69.84
CA LEU CA 73 -5.05 43.76 -70.56
C LEU CA 73 -6.32 43.70 -69.74
N LYS CA 74 -6.58 44.79 -69.00
CA LYS CA 74 -7.73 44.86 -68.12
C LYS CA 74 -8.97 45.42 -68.84
N PRO CA 75 -10.03 44.61 -68.96
CA PRO CA 75 -11.27 45.18 -69.50
C PRO CA 75 -12.02 46.01 -68.46
N CYS CA 76 -12.87 46.92 -68.91
CA CYS CA 76 -13.63 47.77 -67.99
C CYS CA 76 -14.71 46.96 -67.28
N VAL CA 77 -15.27 45.98 -67.98
CA VAL CA 77 -16.36 45.16 -67.45
C VAL CA 77 -16.20 43.70 -67.83
N GLN CA 78 -16.54 42.80 -66.90
CA GLN CA 78 -16.52 41.36 -67.14
C GLN CA 78 -17.81 40.71 -66.64
N LEU CA 79 -18.37 39.80 -67.43
CA LEU CA 79 -19.59 39.09 -67.04
C LEU CA 79 -19.37 37.58 -67.07
N THR CA 80 -19.50 36.96 -65.90
CA THR CA 80 -19.39 35.50 -65.79
C THR CA 80 -20.42 34.95 -64.79
N GLY CA 81 -21.20 33.98 -65.25
CA GLY CA 81 -22.16 33.29 -64.40
C GLY CA 81 -23.10 34.21 -63.65
N GLY CA 82 -23.60 35.24 -64.33
CA GLY CA 82 -24.50 36.20 -63.71
C GLY CA 82 -23.81 37.16 -62.77
N SER CA 83 -22.49 37.02 -62.65
CA SER CA 83 -21.69 37.87 -61.79
C SER CA 83 -20.90 38.88 -62.63
N ALA CA 84 -20.88 40.14 -62.17
CA ALA CA 84 -20.25 41.23 -62.91
C ALA CA 84 -18.99 41.75 -62.24
N LEU CA 85 -17.93 41.89 -63.04
CA LEU CA 85 -16.63 42.35 -62.56
C LEU CA 85 -16.24 43.65 -63.27
N THR CA 86 -15.78 44.62 -62.51
CA THR CA 86 -15.34 45.90 -63.07
C THR CA 86 -13.99 46.32 -62.52
N GLN CA 87 -13.23 47.06 -63.32
CA GLN CA 87 -11.89 47.50 -62.93
C GLN CA 87 -11.38 48.62 -63.84
N ALA CA 88 -10.25 49.21 -63.48
CA ALA CA 88 -9.62 50.24 -64.31
C ALA CA 88 -9.18 49.64 -65.64
N CYS CA 89 -9.23 50.46 -66.70
CA CYS CA 89 -8.95 49.98 -68.05
C CYS CA 89 -8.15 50.97 -68.88
N PRO CA 90 -6.87 51.16 -68.54
CA PRO CA 90 -6.00 52.02 -69.35
C PRO CA 90 -5.60 51.36 -70.66
N LYS CA 91 -5.51 52.13 -71.74
CA LYS CA 91 -5.05 51.58 -73.02
C LYS CA 91 -3.55 51.28 -72.90
N VAL CA 92 -3.10 50.24 -73.59
CA VAL CA 92 -1.71 49.80 -73.50
C VAL CA 92 -1.11 49.52 -74.87
N THR CA 93 0.21 49.33 -74.89
CA THR CA 93 0.93 48.91 -76.08
C THR CA 93 1.11 47.39 -76.04
N PHE CA 94 0.90 46.73 -77.18
CA PHE CA 94 0.82 45.27 -77.23
C PHE CA 94 1.57 44.70 -78.45
N GLU CA 95 2.31 43.63 -78.23
CA GLU CA 95 3.09 43.00 -79.30
C GLU CA 95 3.64 41.64 -78.84
N PRO CA 96 3.66 40.63 -79.74
CA PRO CA 96 4.20 39.31 -79.41
C PRO CA 96 5.70 39.30 -79.06
N ILE CA 97 6.11 38.29 -78.30
CA ILE CA 97 7.49 38.15 -77.83
C ILE CA 97 7.90 36.67 -77.75
N PRO CA 98 9.03 36.29 -78.38
CA PRO CA 98 9.43 34.88 -78.33
C PRO CA 98 9.71 34.36 -76.92
N ILE CA 99 9.09 33.24 -76.56
CA ILE CA 99 9.30 32.60 -75.26
C ILE CA 99 9.88 31.19 -75.44
N HIS CA 100 10.76 30.81 -74.52
CA HIS CA 100 11.32 29.47 -74.48
C HIS CA 100 10.94 28.80 -73.16
N TYR CA 101 10.63 27.51 -73.23
CA TYR CA 101 10.30 26.73 -72.04
C TYR CA 101 11.45 25.80 -71.67
N CYS CA 102 12.13 26.14 -70.58
CA CYS CA 102 13.29 25.38 -70.14
C CYS CA 102 12.94 24.41 -69.02
N ALA CA 103 13.64 23.29 -68.97
CA ALA CA 103 13.40 22.28 -67.94
C ALA CA 103 14.17 22.60 -66.66
N PRO CA 104 13.64 22.16 -65.51
CA PRO CA 104 14.33 22.37 -64.23
C PRO CA 104 15.43 21.35 -64.02
N ALA CA 105 16.14 21.47 -62.89
CA ALA CA 105 17.18 20.52 -62.55
C ALA CA 105 16.57 19.16 -62.22
N GLY CA 106 16.97 18.15 -62.97
CA GLY CA 106 16.47 16.79 -62.79
C GLY CA 106 15.56 16.35 -63.92
N TYR CA 107 15.44 17.18 -64.95
CA TYR CA 107 14.59 16.87 -66.09
C TYR CA 107 15.25 17.27 -67.41
N ALA CA 108 14.66 16.83 -68.52
CA ALA CA 108 15.18 17.13 -69.83
C ALA CA 108 14.05 17.18 -70.86
N ILE CA 109 14.30 17.86 -71.97
CA ILE CA 109 13.30 18.04 -73.02
C ILE CA 109 13.72 17.33 -74.29
N LEU CA 110 13.06 16.21 -74.58
CA LEU CA 110 13.30 15.46 -75.80
C LEU CA 110 12.82 16.27 -77.00
N LYS CA 111 13.54 16.18 -78.10
CA LYS CA 111 13.19 16.92 -79.31
C LYS CA 111 13.12 15.98 -80.51
N CYS CA 112 11.98 15.98 -81.17
CA CYS CA 112 11.79 15.14 -82.35
C CYS CA 112 12.25 15.87 -83.61
N ASN CA 113 13.32 15.35 -84.21
CA ASN CA 113 13.88 15.95 -85.42
C ASN CA 113 13.46 15.20 -86.69
N ASP CA 114 12.61 14.17 -86.51
CA ASP CA 114 12.13 13.40 -87.65
C ASP CA 114 11.34 14.28 -88.62
N LYS CA 115 11.56 14.05 -89.91
CA LYS CA 115 10.95 14.88 -90.94
C LYS CA 115 9.46 14.60 -91.13
N GLU CA 116 9.04 13.39 -90.74
CA GLU CA 116 7.72 12.82 -91.07
C GLU CA 116 6.58 13.88 -91.21
N PHE CA 117 5.86 14.33 -90.18
CA PHE CA 117 5.69 13.79 -88.83
C PHE CA 117 4.33 14.23 -88.33
N ASN CA 118 3.47 13.26 -88.06
CA ASN CA 118 2.07 13.53 -87.74
C ASN CA 118 1.83 13.79 -86.26
N GLY CA 119 2.89 13.77 -85.46
CA GLY CA 119 2.82 14.14 -84.06
C GLY CA 119 2.61 12.99 -83.10
N THR CA 120 2.37 11.80 -83.64
CA THR CA 120 2.15 10.62 -82.81
C THR CA 120 2.97 9.44 -83.31
N GLY CA 121 3.36 8.57 -82.39
CA GLY CA 121 4.11 7.37 -82.73
C GLY CA 121 5.61 7.50 -82.49
N LEU CA 122 6.36 6.61 -83.12
CA LEU CA 122 7.79 6.51 -82.88
C LEU CA 122 8.60 7.60 -83.60
N CYS CA 123 9.65 8.07 -82.93
CA CYS CA 123 10.58 9.03 -83.49
C CYS CA 123 12.00 8.44 -83.44
N LYS CA 124 12.70 8.46 -84.57
CA LYS CA 124 13.99 7.76 -84.69
C LYS CA 124 15.23 8.65 -84.55
N ASN CA 125 15.06 9.96 -84.66
CA ASN CA 125 16.16 10.91 -84.48
C ASN CA 125 15.86 11.86 -83.32
N VAL CA 126 15.98 11.33 -82.11
CA VAL CA 126 15.59 12.07 -80.92
C VAL CA 126 16.78 12.75 -80.25
N SER CA 127 16.98 14.03 -80.55
CA SER CA 127 17.98 14.84 -79.85
C SER CA 127 17.40 15.28 -78.51
N THR CA 128 18.19 16.04 -77.75
CA THR CA 128 17.73 16.58 -76.48
C THR CA 128 18.16 18.04 -76.29
N VAL CA 129 17.20 18.85 -75.87
CA VAL CA 129 17.44 20.26 -75.56
C VAL CA 129 17.08 20.51 -74.10
N GLN CA 130 17.49 21.65 -73.58
CA GLN CA 130 17.14 22.06 -72.22
C GLN CA 130 16.08 23.16 -72.27
N CYS CA 131 15.88 23.74 -73.45
CA CYS CA 131 14.81 24.72 -73.66
C CYS CA 131 14.36 24.70 -75.11
N THR CA 132 13.09 25.03 -75.35
CA THR CA 132 12.50 24.91 -76.67
C THR CA 132 12.91 26.04 -77.61
N HIS CA 133 12.24 26.11 -78.77
CA HIS CA 133 12.47 27.20 -79.72
C HIS CA 133 11.68 28.44 -79.33
N GLY CA 134 11.85 29.51 -80.11
CA GLY CA 134 11.15 30.76 -79.85
C GLY CA 134 9.68 30.66 -80.18
N ILE CA 135 8.85 30.67 -79.13
CA ILE CA 135 7.41 30.53 -79.28
C ILE CA 135 6.70 31.88 -79.10
N ARG CA 136 5.97 32.30 -80.13
CA ARG CA 136 5.18 33.53 -80.08
C ARG CA 136 3.82 33.28 -79.44
N PRO CA 137 3.53 33.88 -78.27
CA PRO CA 137 2.22 33.65 -77.65
C PRO CA 137 1.08 34.38 -78.36
N VAL CA 138 0.87 34.04 -79.63
CA VAL CA 138 -0.20 34.65 -80.40
C VAL CA 138 -1.53 33.98 -80.10
N VAL CA 139 -2.48 34.76 -79.60
CA VAL CA 139 -3.84 34.27 -79.36
C VAL CA 139 -4.71 34.61 -80.56
N SER CA 140 -5.19 33.58 -81.25
CA SER CA 140 -5.98 33.78 -82.46
C SER CA 140 -6.82 32.54 -82.78
N THR CA 141 -7.72 32.69 -83.75
CA THR CA 141 -8.56 31.60 -84.21
C THR CA 141 -8.41 31.42 -85.72
N GLN CA 142 -8.77 30.23 -86.20
CA GLN CA 142 -8.77 29.91 -87.62
C GLN CA 142 -7.36 29.96 -88.23
N LEU CA 143 -6.75 31.13 -88.23
CA LEU CA 143 -5.40 31.30 -88.80
C LEU CA 143 -4.35 31.44 -87.70
N LEU CA 144 -3.25 30.71 -87.87
CA LEU CA 144 -2.12 30.79 -86.95
C LEU CA 144 -1.11 31.82 -87.46
N LEU CA 145 -0.76 32.76 -86.59
CA LEU CA 145 0.13 33.86 -86.99
C LEU CA 145 1.48 33.77 -86.29
N ASN CA 146 2.54 34.10 -87.03
CA ASN CA 146 3.90 34.13 -86.50
C ASN CA 146 4.32 32.81 -85.83
N GLY CA 147 3.94 31.69 -86.44
CA GLY CA 147 4.34 30.38 -85.96
C GLY CA 147 5.59 29.89 -86.66
N SER CA 148 5.87 28.60 -86.52
CA SER CA 148 7.02 27.97 -87.17
C SER CA 148 6.57 27.25 -88.44
N LEU CA 149 7.42 27.25 -89.46
CA LEU CA 149 7.09 26.65 -90.75
C LEU CA 149 7.59 25.22 -90.84
N ALA CA 150 6.90 24.42 -91.66
CA ALA CA 150 7.32 23.05 -91.93
C ALA CA 150 8.66 23.04 -92.68
N GLU CA 151 9.50 22.06 -92.39
CA GLU CA 151 10.84 22.02 -92.96
C GLU CA 151 10.86 21.67 -94.44
N GLY CA 152 10.03 20.71 -94.83
CA GLY CA 152 9.93 20.28 -96.21
C GLY CA 152 8.61 20.72 -96.83
N LYS CA 153 7.65 19.82 -96.84
CA LYS CA 153 6.31 20.11 -97.34
C LYS CA 153 5.34 20.30 -96.19
N VAL CA 154 4.14 20.79 -96.52
CA VAL CA 154 3.09 21.01 -95.54
C VAL CA 154 2.78 19.71 -94.80
N MET CA 155 2.33 19.83 -93.55
CA MET CA 155 1.95 18.67 -92.75
C MET CA 155 0.64 18.92 -92.01
N ILE CA 156 -0.22 17.91 -91.98
CA ILE CA 156 -1.50 17.98 -91.28
C ILE CA 156 -1.55 16.95 -90.16
N ARG CA 157 -2.22 17.29 -89.07
CA ARG CA 157 -2.24 16.45 -87.87
C ARG CA 157 -3.59 16.53 -87.17
N SER CA 158 -4.07 15.38 -86.67
CA SER CA 158 -5.34 15.33 -85.96
C SER CA 158 -5.39 14.17 -84.98
N GLU CA 159 -6.23 14.30 -83.95
CA GLU CA 159 -6.41 13.23 -82.96
C GLU CA 159 -7.02 11.99 -83.60
N ASN CA 160 -7.92 12.21 -84.54
CA ASN CA 160 -8.61 11.11 -85.23
C ASN CA 160 -9.22 11.62 -86.52
N ILE CA 161 -8.57 11.32 -87.64
CA ILE CA 161 -9.00 11.79 -88.95
C ILE CA 161 -10.38 11.23 -89.28
N THR CA 162 -10.67 10.04 -88.80
CA THR CA 162 -11.95 9.37 -89.09
C THR CA 162 -13.11 10.00 -88.31
N ASN CA 163 -12.77 10.82 -87.31
CA ASN CA 163 -13.77 11.52 -86.51
C ASN CA 163 -13.96 12.95 -87.00
N ASN CA 164 -15.12 13.54 -86.67
CA ASN CA 164 -15.48 14.88 -87.16
C ASN CA 164 -15.44 15.95 -86.09
N VAL CA 165 -15.38 15.54 -84.83
CA VAL CA 165 -15.39 16.47 -83.72
C VAL CA 165 -14.01 17.10 -83.50
N LYS CA 166 -12.97 16.43 -83.98
CA LYS CA 166 -11.59 16.84 -83.70
C LYS CA 166 -11.03 17.82 -84.73
N ASN CA 167 -10.36 18.86 -84.24
CA ASN CA 167 -9.80 19.91 -85.09
C ASN CA 167 -8.60 19.43 -85.89
N ILE CA 168 -8.44 20.01 -87.09
CA ILE CA 168 -7.31 19.71 -87.97
C ILE CA 168 -6.30 20.86 -87.93
N ILE CA 169 -5.06 20.54 -87.56
CA ILE CA 169 -4.00 21.55 -87.46
C ILE CA 169 -3.09 21.50 -88.70
N VAL CA 170 -3.09 22.58 -89.46
CA VAL CA 170 -2.29 22.68 -90.68
C VAL CA 170 -1.01 23.49 -90.43
N GLN CA 171 0.11 22.98 -90.92
CA GLN CA 171 1.40 23.67 -90.83
C GLN CA 171 1.99 23.95 -92.21
N LEU CA 172 1.98 25.22 -92.60
CA LEU CA 172 2.48 25.61 -93.90
C LEU CA 172 4.01 25.52 -93.97
N ASN CA 173 4.52 25.37 -95.19
CA ASN CA 173 5.97 25.37 -95.42
C ASN CA 173 6.44 26.69 -96.02
N GLU CA 174 5.48 27.58 -96.30
CA GLU CA 174 5.77 28.93 -96.75
C GLU CA 174 4.83 29.92 -96.07
N SER CA 175 5.41 30.93 -95.43
CA SER CA 175 4.63 31.93 -94.71
C SER CA 175 3.84 32.82 -95.66
N VAL CA 176 2.66 33.24 -95.23
CA VAL CA 176 1.83 34.19 -95.97
C VAL CA 176 1.67 35.45 -95.14
N THR CA 177 2.31 36.53 -95.57
CA THR CA 177 2.25 37.80 -94.87
C THR CA 177 0.88 38.45 -95.02
N ILE CA 178 0.33 38.91 -93.90
CA ILE CA 178 -0.92 39.67 -93.91
C ILE CA 178 -0.71 41.03 -93.24
N ASN CA 179 -1.07 42.09 -93.95
CA ASN CA 179 -1.02 43.43 -93.40
C ASN CA 179 -2.43 43.96 -93.20
N CYS CA 180 -2.74 44.29 -91.95
CA CYS CA 180 -4.05 44.83 -91.59
C CYS CA 180 -3.87 46.25 -91.11
N THR CA 181 -4.67 47.17 -91.64
CA THR CA 181 -4.52 48.60 -91.33
C THR CA 181 -5.86 49.30 -91.13
N ARG CA 182 -5.90 50.17 -90.12
CA ARG CA 182 -7.06 51.02 -89.85
C ARG CA 182 -6.71 52.48 -90.15
N PRO CA 183 -7.20 53.01 -91.30
CA PRO CA 183 -6.81 54.37 -91.67
C PRO CA 183 -7.30 55.46 -90.70
N ASN CA 184 -6.66 56.61 -90.72
CA ASN CA 184 -7.03 57.73 -89.85
C ASN CA 184 -8.38 58.34 -90.21
N ASN CA 185 -9.44 57.59 -89.94
CA ASN CA 185 -10.80 58.04 -90.19
C ASN CA 185 -11.45 58.58 -88.92
N SER CA 190 -11.26 63.25 -92.80
CA SER CA 190 -11.88 62.24 -93.65
C SER CA 190 -13.11 61.64 -92.99
N GLY CA 191 -14.25 61.77 -93.65
CA GLY CA 191 -15.48 61.16 -93.17
C GLY CA 191 -15.37 59.65 -93.26
N GLY CA 192 -15.39 58.98 -92.12
CA GLY CA 192 -15.18 57.55 -92.09
C GLY CA 192 -15.74 56.86 -90.85
N ASP CA 193 -15.00 55.85 -90.38
CA ASP CA 193 -15.47 55.01 -89.29
C ASP CA 193 -14.27 54.47 -88.51
N ILE CA 194 -14.18 54.84 -87.24
CA ILE CA 194 -13.01 54.50 -86.43
C ILE CA 194 -12.93 53.02 -86.07
N ARG CA 195 -13.94 52.25 -86.47
CA ARG CA 195 -13.94 50.80 -86.23
C ARG CA 195 -13.75 50.03 -87.54
N GLN CA 196 -13.66 50.75 -88.65
CA GLN CA 196 -13.44 50.14 -89.96
C GLN CA 196 -11.96 49.90 -90.21
N ALA CA 197 -11.62 48.67 -90.60
CA ALA CA 197 -10.26 48.30 -90.96
C ALA CA 197 -10.29 47.30 -92.11
N HIS CA 198 -9.13 47.03 -92.68
CA HIS CA 198 -9.02 46.11 -93.82
C HIS CA 198 -7.69 45.38 -93.82
N CYS CA 199 -7.67 44.21 -94.46
CA CYS CA 199 -6.46 43.41 -94.60
C CYS CA 199 -6.19 43.14 -96.08
N ASN CA 200 -4.93 43.27 -96.48
CA ASN CA 200 -4.51 43.01 -97.86
C ASN CA 200 -3.51 41.86 -97.91
N VAL CA 201 -3.72 40.95 -98.85
CA VAL CA 201 -2.81 39.84 -99.07
C VAL CA 201 -2.75 39.50 -100.55
N SER CA 202 -1.61 38.98 -101.00
CA SER CA 202 -1.43 38.61 -102.40
C SER CA 202 -2.41 37.52 -102.82
N GLY CA 203 -3.15 37.78 -103.89
CA GLY CA 203 -4.10 36.82 -104.42
C GLY CA 203 -3.40 35.62 -105.02
N SER CA 204 -2.30 35.87 -105.72
CA SER CA 204 -1.55 34.80 -106.37
C SER CA 204 -0.92 33.85 -105.37
N GLN CA 205 -0.45 34.40 -104.25
CA GLN CA 205 0.19 33.59 -103.21
C GLN CA 205 -0.78 32.58 -102.62
N TRP CA 206 -2.01 33.01 -102.36
CA TRP CA 206 -3.04 32.13 -101.82
C TRP CA 206 -3.41 31.04 -102.82
N ASN CA 207 -3.37 31.37 -104.11
CA ASN CA 207 -3.71 30.43 -105.16
C ASN CA 207 -2.63 29.36 -105.39
N LYS CA 208 -1.68 29.28 -104.46
CA LYS CA 208 -0.62 28.27 -104.52
C LYS CA 208 -0.48 27.56 -103.18
N THR CA 209 -0.63 28.31 -102.09
CA THR CA 209 -0.62 27.71 -100.76
C THR CA 209 -1.80 26.76 -100.62
N LEU CA 210 -2.98 27.22 -101.02
CA LEU CA 210 -4.19 26.42 -100.93
C LEU CA 210 -4.09 25.17 -101.82
N HIS CA 211 -3.48 25.32 -102.99
CA HIS CA 211 -3.29 24.20 -103.91
C HIS CA 211 -2.54 23.06 -103.26
N GLN CA 212 -1.49 23.39 -102.51
CA GLN CA 212 -0.62 22.37 -101.92
C GLN CA 212 -1.25 21.68 -100.71
N VAL CA 213 -2.07 22.40 -99.97
CA VAL CA 213 -2.75 21.82 -98.82
C VAL CA 213 -3.75 20.75 -99.27
N VAL CA 214 -4.51 21.08 -100.32
CA VAL CA 214 -5.55 20.19 -100.82
C VAL CA 214 -5.00 18.84 -101.25
N GLU CA 215 -3.82 18.83 -101.86
CA GLU CA 215 -3.20 17.58 -102.31
C GLU CA 215 -2.91 16.66 -101.14
N GLN CA 216 -2.48 17.25 -100.03
CA GLN CA 216 -2.15 16.49 -98.84
C GLN CA 216 -3.41 16.13 -98.05
N LEU CA 217 -4.47 16.91 -98.24
CA LEU CA 217 -5.76 16.56 -97.67
C LEU CA 217 -6.29 15.31 -98.37
N ARG CA 218 -6.02 15.21 -99.67
CA ARG CA 218 -6.27 13.98 -100.41
C ARG CA 218 -5.31 12.92 -99.89
N LYS CA 219 -5.34 11.73 -100.52
CA LYS CA 219 -4.51 10.61 -100.10
C LYS CA 219 -5.03 10.01 -98.79
N TYR CA 220 -5.32 10.86 -97.81
CA TYR CA 220 -5.98 10.41 -96.59
C TYR CA 220 -7.44 10.08 -96.89
N TRP CA 221 -8.07 10.94 -97.68
CA TRP CA 221 -9.48 10.80 -98.03
C TRP CA 221 -9.65 10.35 -99.48
N ASN CA 222 -8.80 9.42 -99.93
CA ASN CA 222 -8.87 8.90 -101.29
C ASN CA 222 -8.70 10.03 -102.31
N ASN CA 223 -9.40 9.92 -103.43
CA ASN CA 223 -9.38 10.96 -104.47
C ASN CA 223 -10.65 11.80 -104.45
N ASN CA 224 -11.11 12.18 -103.26
CA ASN CA 224 -12.26 13.05 -103.12
C ASN CA 224 -11.88 14.49 -103.48
N THR CA 225 -12.84 15.23 -104.03
CA THR CA 225 -12.64 16.64 -104.35
C THR CA 225 -13.02 17.50 -103.15
N ILE CA 226 -12.15 18.43 -102.79
CA ILE CA 226 -12.35 19.25 -101.60
C ILE CA 226 -12.90 20.62 -101.97
N ILE CA 227 -13.90 21.06 -101.21
CA ILE CA 227 -14.46 22.39 -101.33
C ILE CA 227 -14.42 23.08 -99.97
N PHE CA 228 -14.07 24.35 -99.96
CA PHE CA 228 -14.06 25.13 -98.73
C PHE CA 228 -15.25 26.08 -98.71
N ASN CA 229 -15.87 26.17 -97.54
CA ASN CA 229 -16.95 27.13 -97.29
C ASN CA 229 -16.69 27.84 -95.97
N SER CA 230 -17.30 29.01 -95.79
CA SER CA 230 -17.13 29.78 -94.57
C SER CA 230 -17.74 29.05 -93.38
N SER CA 231 -17.52 29.59 -92.19
CA SER CA 231 -18.07 29.02 -90.97
C SER CA 231 -19.60 28.94 -91.03
N SER CA 232 -20.16 27.89 -90.44
CA SER CA 232 -21.60 27.67 -90.48
C SER CA 232 -22.34 28.55 -89.47
N GLY CA 233 -21.60 29.12 -88.52
CA GLY CA 233 -22.18 30.01 -87.53
C GLY CA 233 -21.67 29.75 -86.12
N GLY CA 234 -22.12 30.59 -85.20
CA GLY CA 234 -21.69 30.53 -83.81
C GLY CA 234 -21.37 31.92 -83.31
N ASP CA 235 -20.51 32.00 -82.30
CA ASP CA 235 -20.03 33.30 -81.83
C ASP CA 235 -19.23 33.97 -82.93
N LEU CA 236 -19.28 35.29 -82.97
CA LEU CA 236 -18.62 36.07 -84.02
C LEU CA 236 -17.11 35.81 -84.04
N GLU CA 237 -16.58 35.41 -82.88
CA GLU CA 237 -15.14 35.33 -82.68
C GLU CA 237 -14.50 34.10 -83.33
N ILE CA 238 -15.29 33.05 -83.56
CA ILE CA 238 -14.78 31.83 -84.19
C ILE CA 238 -15.27 31.69 -85.63
N THR CA 239 -16.25 32.50 -86.01
CA THR CA 239 -16.69 32.57 -87.40
C THR CA 239 -15.73 33.43 -88.23
N THR CA 240 -15.10 34.39 -87.57
CA THR CA 240 -14.14 35.30 -88.21
C THR CA 240 -12.72 35.05 -87.73
N HIS CA 241 -11.74 35.62 -88.44
CA HIS CA 241 -10.36 35.61 -87.95
C HIS CA 241 -10.22 36.65 -86.85
N SER CA 242 -10.04 36.19 -85.62
CA SER CA 242 -9.92 37.09 -84.47
C SER CA 242 -8.51 37.06 -83.92
N PHE CA 243 -8.02 38.22 -83.49
CA PHE CA 243 -6.69 38.37 -82.95
C PHE CA 243 -6.53 39.72 -82.27
N ASN CA 244 -5.47 39.89 -81.51
CA ASN CA 244 -5.20 41.14 -80.81
C ASN CA 244 -4.10 41.93 -81.49
N CYS CA 245 -4.41 43.16 -81.90
CA CYS CA 245 -3.44 44.03 -82.56
C CYS CA 245 -3.33 45.38 -81.85
N GLY CA 246 -2.17 45.63 -81.25
CA GLY CA 246 -1.92 46.89 -80.57
C GLY CA 246 -2.84 47.12 -79.38
N GLY CA 247 -3.36 46.04 -78.82
CA GLY CA 247 -4.23 46.13 -77.65
C GLY CA 247 -5.71 46.12 -77.99
N GLU CA 248 -6.02 46.14 -79.28
CA GLU CA 248 -7.41 46.16 -79.75
C GLU CA 248 -7.85 44.77 -80.22
N PHE CA 249 -9.00 44.72 -80.89
CA PHE CA 249 -9.60 43.45 -81.32
C PHE CA 249 -10.16 43.54 -82.73
N PHE CA 250 -9.56 42.81 -83.66
CA PHE CA 250 -9.96 42.82 -85.06
C PHE CA 250 -10.78 41.58 -85.41
N TYR CA 251 -11.78 41.76 -86.27
CA TYR CA 251 -12.65 40.67 -86.72
C TYR CA 251 -12.77 40.68 -88.25
N CYS CA 252 -12.14 39.72 -88.91
CA CYS CA 252 -12.06 39.71 -90.37
C CYS CA 252 -12.98 38.70 -91.05
N ASN CA 253 -13.73 39.17 -92.04
CA ASN CA 253 -14.65 38.31 -92.81
C ASN CA 253 -13.89 37.37 -93.74
N THR CA 254 -14.22 36.08 -93.67
CA THR CA 254 -13.47 35.03 -94.36
C THR CA 254 -14.24 34.36 -95.50
N SER CA 255 -15.38 34.95 -95.90
CA SER CA 255 -16.19 34.37 -96.96
C SER CA 255 -15.40 34.31 -98.26
N GLY CA 256 -14.59 35.34 -98.50
CA GLY CA 256 -13.81 35.42 -99.72
C GLY CA 256 -12.57 34.53 -99.68
N LEU CA 257 -12.11 34.21 -98.48
CA LEU CA 257 -10.89 33.40 -98.33
C LEU CA 257 -11.18 31.93 -98.62
N PHE CA 258 -12.41 31.51 -98.34
CA PHE CA 258 -12.81 30.13 -98.52
C PHE CA 258 -13.94 30.02 -99.55
N ASN CA 259 -13.77 30.71 -100.67
CA ASN CA 259 -14.73 30.65 -101.76
C ASN CA 259 -14.56 29.36 -102.56
N GLY CA 265 -3.66 29.55 -109.80
CA GLY CA 265 -4.64 30.51 -110.25
C GLY CA 265 -4.58 30.75 -111.75
N THR CA 266 -5.74 30.99 -112.35
CA THR CA 266 -5.82 31.26 -113.79
C THR CA 266 -6.98 32.21 -114.09
N ALA CA 267 -8.14 31.95 -113.49
CA ALA CA 267 -9.33 32.72 -113.77
C ALA CA 267 -9.21 34.17 -113.32
N SER CA 268 -10.17 35.00 -113.71
CA SER CA 268 -10.22 36.39 -113.28
C SER CA 268 -10.50 36.48 -111.78
N ILE CA 269 -10.48 37.69 -111.24
CA ILE CA 269 -10.64 37.93 -109.80
C ILE CA 269 -9.43 37.44 -109.00
N GLU CA 270 -8.93 36.26 -109.34
CA GLU CA 270 -7.75 35.72 -108.68
C GLU CA 270 -6.49 36.50 -109.08
N ASN CA 271 -6.58 37.21 -110.20
CA ASN CA 271 -5.48 38.03 -110.68
C ASN CA 271 -5.52 39.41 -110.03
N GLY CA 272 -5.14 39.48 -108.76
CA GLY CA 272 -5.17 40.73 -108.02
C GLY CA 272 -4.95 40.52 -106.53
N THR CA 273 -5.65 41.32 -105.72
CA THR CA 273 -5.53 41.27 -104.27
C THR CA 273 -6.84 40.89 -103.62
N ILE CA 274 -6.76 40.10 -102.55
CA ILE CA 274 -7.91 39.85 -101.69
C ILE CA 274 -7.92 40.89 -100.58
N THR CA 275 -9.03 41.62 -100.47
CA THR CA 275 -9.22 42.60 -99.41
C THR CA 275 -10.29 42.12 -98.45
N LEU CA 276 -9.89 41.87 -97.21
CA LEU CA 276 -10.80 41.38 -96.18
C LEU CA 276 -11.32 42.53 -95.32
N PRO CA 277 -12.65 42.67 -95.21
CA PRO CA 277 -13.20 43.73 -94.35
C PRO CA 277 -13.12 43.35 -92.87
N CYS CA 278 -12.79 44.32 -92.01
CA CYS CA 278 -12.65 44.06 -90.59
C CYS CA 278 -13.40 45.06 -89.73
N ARG CA 279 -13.60 44.71 -88.46
CA ARG CA 279 -14.30 45.54 -87.51
C ARG CA 279 -13.57 45.55 -86.17
N ILE CA 280 -13.44 46.73 -85.57
CA ILE CA 280 -12.88 46.86 -84.24
C ILE CA 280 -14.01 46.86 -83.23
N LYS CA 281 -13.96 45.92 -82.28
CA LYS CA 281 -15.02 45.77 -81.30
C LYS CA 281 -14.53 46.08 -79.89
N GLN CA 282 -15.43 46.61 -79.07
CA GLN CA 282 -15.16 46.89 -77.66
C GLN CA 282 -15.58 45.73 -76.77
N ILE CA 283 -16.57 44.97 -77.22
CA ILE CA 283 -17.12 43.84 -76.47
C ILE CA 283 -16.58 42.51 -77.02
N ILE CA 284 -16.07 41.66 -76.14
CA ILE CA 284 -15.49 40.38 -76.54
C ILE CA 284 -15.85 39.25 -75.57
N ASN CA 285 -16.10 38.06 -76.13
CA ASN CA 285 -16.26 36.86 -75.31
C ASN CA 285 -14.88 36.32 -74.92
N MET CA 286 -14.65 36.16 -73.62
CA MET CA 286 -13.33 35.77 -73.12
C MET CA 286 -12.90 34.38 -73.57
N TRP CA 287 -11.62 34.26 -73.92
CA TRP CA 287 -11.01 32.97 -74.21
C TRP CA 287 -10.48 32.36 -72.91
N GLN CA 288 -10.20 33.22 -71.94
CA GLN CA 288 -9.65 32.80 -70.65
C GLN CA 288 -10.69 32.03 -69.85
N ARG CA 289 -11.96 32.35 -70.07
CA ARG CA 289 -13.04 31.87 -69.23
C ARG CA 289 -14.37 32.11 -69.93
N VAL CA 290 -15.41 31.39 -69.53
CA VAL CA 290 -16.73 31.59 -70.10
C VAL CA 290 -17.31 32.92 -69.60
N GLY CA 291 -17.50 33.85 -70.53
CA GLY CA 291 -18.03 35.15 -70.18
C GLY CA 291 -17.84 36.19 -71.27
N GLN CA 292 -18.28 37.42 -70.97
CA GLN CA 292 -18.09 38.55 -71.87
C GLN CA 292 -17.17 39.58 -71.22
N ALA CA 293 -16.48 40.35 -72.04
CA ALA CA 293 -15.59 41.39 -71.54
C ALA CA 293 -15.71 42.65 -72.40
N ILE CA 294 -15.52 43.80 -71.76
CA ILE CA 294 -15.65 45.09 -72.43
C ILE CA 294 -14.42 45.97 -72.20
N TYR CA 295 -13.85 46.46 -73.30
CA TYR CA 295 -12.65 47.29 -73.25
C TYR CA 295 -12.96 48.73 -73.66
N ALA CA 296 -12.00 49.61 -73.46
CA ALA CA 296 -12.17 51.04 -73.76
C ALA CA 296 -12.14 51.28 -75.26
N PRO CA 297 -12.63 52.46 -75.70
CA PRO CA 297 -12.66 52.76 -77.13
C PRO CA 297 -11.28 52.73 -77.78
N PRO CA 298 -11.24 52.58 -79.12
CA PRO CA 298 -9.97 52.47 -79.83
C PRO CA 298 -9.10 53.72 -79.74
N ILE CA 299 -7.78 53.53 -79.75
CA ILE CA 299 -6.85 54.64 -79.81
C ILE CA 299 -6.96 55.36 -81.14
N GLN CA 300 -6.42 56.58 -81.20
CA GLN CA 300 -6.40 57.35 -82.44
C GLN CA 300 -5.19 56.98 -83.29
N GLY CA 301 -5.18 57.44 -84.53
CA GLY CA 301 -4.04 57.23 -85.41
C GLY CA 301 -4.11 55.94 -86.20
N VAL CA 302 -3.11 55.71 -87.03
CA VAL CA 302 -3.03 54.48 -87.82
C VAL CA 302 -2.71 53.29 -86.90
N ILE CA 303 -3.52 52.24 -87.01
CA ILE CA 303 -3.26 50.99 -86.31
C ILE CA 303 -2.98 49.91 -87.35
N ARG CA 304 -1.74 49.45 -87.41
CA ARG CA 304 -1.33 48.50 -88.43
C ARG CA 304 -0.37 47.47 -87.87
N CYS CA 305 -0.61 46.20 -88.22
CA CYS CA 305 0.24 45.09 -87.82
C CYS CA 305 0.45 44.13 -88.98
N VAL CA 306 1.71 43.77 -89.20
CA VAL CA 306 2.08 42.84 -90.26
C VAL CA 306 2.49 41.51 -89.63
N SER CA 307 1.77 40.45 -89.97
CA SER CA 307 2.01 39.13 -89.39
C SER CA 307 2.17 38.03 -90.43
N ASN CA 308 2.88 36.97 -90.07
CA ASN CA 308 3.06 35.80 -90.93
C ASN CA 308 2.03 34.71 -90.67
N ILE CA 309 1.18 34.43 -91.65
CA ILE CA 309 0.29 33.28 -91.57
C ILE CA 309 1.12 32.03 -91.81
N THR CA 310 1.17 31.15 -90.81
CA THR CA 310 2.01 29.96 -90.86
C THR CA 310 1.21 28.67 -90.72
N GLY CA 311 -0.08 28.79 -90.42
CA GLY CA 311 -0.93 27.63 -90.24
C GLY CA 311 -2.41 27.95 -90.17
N LEU CA 312 -3.23 26.91 -90.28
CA LEU CA 312 -4.68 27.04 -90.23
C LEU CA 312 -5.31 25.96 -89.34
N ILE CA 313 -6.49 26.24 -88.80
CA ILE CA 313 -7.27 25.26 -88.06
C ILE CA 313 -8.57 24.99 -88.81
N LEU CA 314 -8.81 23.72 -89.14
CA LEU CA 314 -9.99 23.33 -89.91
C LEU CA 314 -10.82 22.28 -89.19
N THR CA 315 -12.12 22.27 -89.51
CA THR CA 315 -13.01 21.20 -89.09
C THR CA 315 -13.68 20.63 -90.34
N ARG CA 316 -14.02 19.34 -90.29
CA ARG CA 316 -14.65 18.66 -91.41
C ARG CA 316 -16.11 18.35 -91.08
N ASP CA 317 -17.01 18.67 -92.00
CA ASP CA 317 -18.42 18.37 -91.83
C ASP CA 317 -18.64 16.87 -91.69
N GLY CA 318 -19.68 16.49 -90.97
CA GLY CA 318 -19.95 15.09 -90.70
C GLY CA 318 -21.44 14.76 -90.81
N GLY CA 319 -21.74 13.69 -91.53
CA GLY CA 319 -23.10 13.23 -91.71
C GLY CA 319 -23.31 12.54 -93.04
N GLY CA 320 -23.10 13.27 -94.13
CA GLY CA 320 -23.30 12.74 -95.46
C GLY CA 320 -22.31 11.66 -95.83
N ASN CA 321 -22.73 10.77 -96.72
CA ASN CA 321 -21.88 9.68 -97.17
C ASN CA 321 -20.81 10.16 -98.14
N SER CA 322 -20.24 9.23 -98.92
CA SER CA 322 -19.24 9.56 -99.90
C SER CA 322 -19.86 10.37 -101.05
N ASN CA 323 -20.07 11.66 -100.78
CA ASN CA 323 -20.64 12.57 -101.77
C ASN CA 323 -19.55 13.32 -102.53
N GLU CA 324 -18.37 12.70 -102.62
CA GLU CA 324 -17.21 13.27 -103.32
C GLU CA 324 -16.61 14.47 -102.57
N ASN CA 325 -17.41 15.08 -101.71
CA ASN CA 325 -16.98 16.24 -100.93
C ASN CA 325 -16.99 15.92 -99.45
N GLU CA 326 -16.02 16.46 -98.73
CA GLU CA 326 -15.97 16.31 -97.29
C GLU CA 326 -16.20 17.68 -96.64
N THR CA 327 -15.89 18.72 -97.41
CA THR CA 327 -16.09 20.11 -97.00
C THR CA 327 -15.39 20.50 -95.71
N PHE CA 328 -14.46 21.45 -95.81
CA PHE CA 328 -13.74 21.95 -94.67
C PHE CA 328 -14.07 23.42 -94.42
N ARG CA 329 -14.32 23.74 -93.15
CA ARG CA 329 -14.62 25.10 -92.73
C ARG CA 329 -13.65 25.51 -91.64
N PRO CA 330 -13.38 26.82 -91.51
CA PRO CA 330 -12.44 27.25 -90.46
C PRO CA 330 -12.99 26.99 -89.06
N GLY CA 331 -12.13 26.53 -88.16
CA GLY CA 331 -12.53 26.22 -86.80
C GLY CA 331 -11.65 26.94 -85.79
N GLY CA 332 -11.27 26.22 -84.73
CA GLY CA 332 -10.49 26.79 -83.65
C GLY CA 332 -11.40 27.21 -82.51
N GLY CA 333 -10.83 27.97 -81.57
CA GLY CA 333 -11.55 28.38 -80.38
C GLY CA 333 -10.78 28.00 -79.13
N ASP CA 334 -10.41 26.72 -79.06
CA ASP CA 334 -9.55 26.25 -77.98
C ASP CA 334 -8.10 26.65 -78.30
N MET CA 335 -7.58 27.62 -77.57
CA MET CA 335 -6.26 28.17 -77.84
C MET CA 335 -5.13 27.17 -77.54
N ARG CA 336 -5.48 26.05 -76.94
CA ARG CA 336 -4.51 24.99 -76.69
C ARG CA 336 -3.96 24.46 -78.01
N ASP CA 337 -4.82 24.43 -79.03
CA ASP CA 337 -4.42 23.98 -80.37
C ASP CA 337 -3.40 24.94 -80.98
N ASN CA 338 -3.52 26.23 -80.66
CA ASN CA 338 -2.55 27.21 -81.10
C ASN CA 338 -1.18 26.94 -80.47
N TRP CA 339 -1.19 26.62 -79.19
CA TRP CA 339 0.05 26.30 -78.48
C TRP CA 339 0.60 24.95 -78.93
N ARG CA 340 -0.29 24.01 -79.16
CA ARG CA 340 0.08 22.66 -79.55
C ARG CA 340 0.79 22.64 -80.90
N SER CA 341 0.44 23.58 -81.77
CA SER CA 341 0.97 23.62 -83.13
C SER CA 341 2.47 23.87 -83.16
N GLU CA 342 3.00 24.40 -82.06
CA GLU CA 342 4.42 24.73 -81.96
C GLU CA 342 5.16 23.78 -81.03
N LEU CA 343 4.43 23.24 -80.07
CA LEU CA 343 5.04 22.47 -78.99
C LEU CA 343 4.96 20.96 -79.22
N TYR CA 344 4.50 20.56 -80.40
CA TYR CA 344 4.21 19.15 -80.68
C TYR CA 344 5.44 18.24 -80.60
N LYS CA 345 6.60 18.75 -81.01
CA LYS CA 345 7.78 17.91 -81.15
C LYS CA 345 8.60 17.81 -79.85
N TYR CA 346 8.03 18.32 -78.75
CA TYR CA 346 8.72 18.30 -77.46
C TYR CA 346 7.97 17.44 -76.44
N LYS CA 347 8.71 16.94 -75.46
CA LYS CA 347 8.13 16.21 -74.34
C LYS CA 347 9.08 16.26 -73.14
N VAL CA 348 8.52 16.26 -71.93
CA VAL CA 348 9.30 16.33 -70.71
C VAL CA 348 9.53 14.95 -70.13
N VAL CA 349 10.76 14.71 -69.66
CA VAL CA 349 11.11 13.44 -69.03
C VAL CA 349 11.84 13.62 -67.72
N LYS CA 350 11.75 12.60 -66.87
CA LYS CA 350 12.48 12.52 -65.62
C LYS CA 350 13.75 11.73 -65.85
N ILE CA 351 14.89 12.25 -65.42
CA ILE CA 351 16.17 11.55 -65.61
C ILE CA 351 16.29 10.42 -64.60
N GLU CA 352 16.54 9.21 -65.11
CA GLU CA 352 16.68 8.02 -64.28
C GLU CA 352 17.66 7.03 -64.91
CA MPT DA 1 -19.22 27.72 -73.13
C MPT DA 1 -20.44 27.59 -72.27
O MPT DA 1 -20.49 26.60 -71.50
CB MPT DA 1 -19.44 27.60 -74.59
SG MPT DA 1 -20.35 26.17 -75.11
N ASN DA 2 -21.47 28.48 -72.49
CA ASN DA 2 -22.75 28.00 -71.98
C ASN DA 2 -23.46 27.10 -72.98
N LEU DA 3 -23.28 25.79 -72.81
CA LEU DA 3 -23.76 24.82 -73.78
C LEU DA 3 -25.26 24.89 -74.04
N HIS DA 4 -26.07 25.00 -72.99
CA HIS DA 4 -27.52 25.04 -73.17
C HIS DA 4 -27.97 26.20 -74.06
N PHE DA 5 -27.47 27.40 -73.77
CA PHE DA 5 -27.86 28.56 -74.55
C PHE DA 5 -27.22 28.51 -75.93
N CYS DA 6 -26.02 27.92 -76.01
CA CYS DA 6 -25.41 27.67 -77.30
C CYS DA 6 -26.30 26.78 -78.12
N GLN DA 7 -26.80 25.70 -77.50
CA GLN DA 7 -27.72 24.82 -78.19
C GLN DA 7 -29.01 25.56 -78.51
N LEU DA 8 -29.47 26.40 -77.59
CA LEU DA 8 -30.69 27.16 -77.78
C LEU DA 8 -30.58 28.15 -78.94
N ARG DA 9 -29.36 28.56 -79.27
CA ARG DA 9 -29.13 29.53 -80.35
C ARG DA 9 -28.95 28.87 -81.71
N CYS DA 10 -28.18 27.79 -81.75
CA CYS DA 10 -27.83 27.15 -83.02
C CYS DA 10 -29.02 26.50 -83.76
N LYS DA 11 -29.88 25.78 -83.05
CA LYS DA 11 -31.03 25.16 -83.73
C LYS DA 11 -31.94 26.17 -84.41
N SER DA 12 -31.89 27.43 -83.96
CA SER DA 12 -32.64 28.48 -84.64
C SER DA 12 -31.99 28.84 -85.98
N LEU DA 13 -30.83 28.25 -86.26
CA LEU DA 13 -30.20 28.33 -87.58
C LEU DA 13 -30.34 26.98 -88.28
N GLY DA 14 -31.00 26.05 -87.61
CA GLY DA 14 -31.16 24.70 -88.11
C GLY DA 14 -30.07 23.75 -87.66
N LEU DA 15 -29.30 24.17 -86.64
CA LEU DA 15 -28.02 23.54 -86.33
C LEU DA 15 -27.91 23.11 -84.86
N LEU DA 16 -27.05 22.13 -84.59
CA LEU DA 16 -26.73 21.77 -83.20
C LEU DA 16 -25.61 22.67 -82.71
N GLY DA 17 -25.53 22.86 -81.40
CA GLY DA 17 -24.47 23.65 -80.79
C GLY DA 17 -23.51 22.78 -80.00
N ARG DA 18 -22.26 23.22 -79.93
CA ARG DA 18 -21.26 22.57 -79.10
C ARG DA 18 -20.24 23.61 -78.70
N CYS DA 19 -19.53 23.35 -77.61
CA CYS DA 19 -18.49 24.29 -77.19
C CYS DA 19 -17.25 24.16 -78.06
N ALA DA 20 -16.64 25.31 -78.31
CA ALA DA 20 -15.29 25.43 -78.87
C ALA DA 20 -14.52 26.18 -77.81
N DPR DA 21 -13.95 25.46 -76.86
CA DPR DA 21 -13.37 26.12 -75.69
CB DPR DA 21 -12.77 24.95 -74.89
CG DPR DA 21 -13.58 23.79 -75.28
CD DPR DA 21 -13.98 23.99 -76.71
C DPR DA 21 -14.46 26.82 -74.92
O DPR DA 21 -15.45 26.19 -74.53
N THR DA 22 -14.32 28.13 -74.75
CA THR DA 22 -15.27 28.93 -74.00
C THR DA 22 -16.32 29.58 -74.92
N U2X DA 23 -16.24 29.24 -76.21
C U2X DA 23 -18.20 28.85 -77.68
O U2X DA 23 -18.01 27.65 -77.66
CA U2X DA 23 -17.15 29.78 -77.19
CB U2X DA 23 -16.45 30.36 -78.38
CG U2X DA 23 -15.26 31.23 -78.19
CD1 U2X DA 23 -15.40 32.50 -77.56
CD2 U2X DA 23 -14.04 30.80 -78.68
CE1 U2X DA 23 -14.24 33.36 -77.41
CE2 U2X DA 23 -12.82 31.70 -78.52
CZ U2X DA 23 -12.98 32.91 -77.91
OH U2X DA 23 -11.88 33.73 -77.77
C7 U2X DA 23 -12.06 35.10 -77.77
C1 U2X DA 23 -9.39 37.72 -78.73
C2 U2X DA 23 -9.84 36.61 -77.82
C3 U2X DA 23 -11.01 35.86 -78.54
C4 U2X DA 23 -10.42 35.20 -79.86
C5 U2X DA 23 -9.84 36.35 -80.74
C6 U2X DA 23 -8.82 37.12 -79.97
N CYS DA 24 -19.30 29.41 -78.14
CA CYS DA 24 -20.36 28.63 -78.75
C CYS DA 24 -20.09 28.46 -80.25
N ALA DA 25 -20.14 27.21 -80.70
CA ALA DA 25 -20.03 26.89 -82.12
C ALA DA 25 -21.29 26.14 -82.56
N CYS DA 26 -21.83 26.51 -83.72
CA CYS DA 26 -22.91 25.77 -84.35
C CYS DA 26 -22.32 24.75 -85.32
N VAL DA 27 -22.97 23.55 -85.40
CA VAL DA 27 -22.39 22.42 -86.14
C VAL DA 27 -22.76 22.32 -87.59
N NH2 DA 28 -21.80 22.66 -88.60
N ASP EA 1 8.52 50.32 -57.91
CA ASP EA 1 9.93 49.81 -57.83
C ASP EA 1 10.12 49.01 -56.55
N ILE EA 2 10.80 47.86 -56.67
CA ILE EA 2 11.04 46.99 -55.51
C ILE EA 2 12.29 47.40 -54.72
N GLN EA 3 12.16 47.30 -53.40
CA GLN EA 3 13.16 47.83 -52.47
C GLN EA 3 13.61 46.74 -51.51
N MET EA 4 14.91 46.62 -51.32
CA MET EA 4 15.48 45.65 -50.38
C MET EA 4 15.94 46.36 -49.11
N THR EA 5 15.44 45.90 -47.97
CA THR EA 5 15.83 46.47 -46.68
C THR EA 5 16.41 45.39 -45.79
N GLN EA 6 17.65 45.61 -45.36
CA GLN EA 6 18.38 44.66 -44.53
C GLN EA 6 18.36 45.14 -43.09
N SER EA 7 18.27 44.22 -42.14
CA SER EA 7 18.39 44.59 -40.74
C SER EA 7 19.15 43.53 -39.94
N PRO EA 8 19.95 43.95 -38.94
CA PRO EA 8 20.21 45.36 -38.62
C PRO EA 8 21.19 45.98 -39.61
N SER EA 9 21.45 47.28 -39.49
CA SER EA 9 22.41 47.93 -40.37
C SER EA 9 23.86 47.60 -40.04
N PHE EA 10 24.12 47.21 -38.80
CA PHE EA 10 25.49 47.08 -38.31
C PHE EA 10 25.52 46.07 -37.16
N VAL EA 11 26.28 45.00 -37.33
CA VAL EA 11 26.41 43.95 -36.31
C VAL EA 11 27.83 43.78 -35.79
N SER EA 12 27.96 43.69 -34.47
CA SER EA 12 29.24 43.37 -33.84
C SER EA 12 29.17 41.99 -33.19
N ALA EA 13 30.03 41.08 -33.63
CA ALA EA 13 30.02 39.70 -33.15
C ALA EA 13 31.44 39.15 -32.98
N SER EA 14 31.61 38.28 -31.99
CA SER EA 14 32.91 37.66 -31.74
C SER EA 14 33.14 36.50 -32.70
N VAL EA 15 34.40 36.22 -33.00
CA VAL EA 15 34.77 35.00 -33.72
C VAL EA 15 34.24 33.75 -33.01
N GLY EA 16 33.72 32.82 -33.79
CA GLY EA 16 33.15 31.58 -33.26
C GLY EA 16 31.65 31.64 -32.98
N ASP EA 17 31.12 32.85 -32.88
CA ASP EA 17 29.70 33.05 -32.57
C ASP EA 17 28.84 32.77 -33.81
N ARG EA 18 27.58 32.43 -33.58
CA ARG EA 18 26.61 32.31 -34.67
C ARG EA 18 25.96 33.68 -34.87
N VAL EA 19 25.69 34.02 -36.13
CA VAL EA 19 25.00 35.25 -36.47
C VAL EA 19 24.02 35.06 -37.62
N THR EA 20 22.87 35.72 -37.52
CA THR EA 20 21.87 35.69 -38.59
C THR EA 20 21.41 37.11 -38.95
N ILE EA 21 21.56 37.44 -40.23
CA ILE EA 21 21.13 38.73 -40.77
C ILE EA 21 20.03 38.49 -41.79
N THR EA 22 19.10 39.43 -41.91
CA THR EA 22 17.90 39.26 -42.72
C THR EA 22 17.85 40.29 -43.85
N CYS EA 23 17.16 39.93 -44.92
CA CYS EA 23 16.95 40.83 -46.05
C CYS EA 23 15.46 40.82 -46.38
N ARG EA 24 14.87 42.01 -46.41
CA ARG EA 24 13.44 42.15 -46.67
C ARG EA 24 13.16 42.96 -47.95
N ALA EA 25 12.41 42.34 -48.85
CA ALA EA 25 11.99 42.98 -50.09
C ALA EA 25 10.65 43.66 -49.90
N SER EA 26 10.45 44.79 -50.59
CA SER EA 26 9.24 45.58 -50.42
C SER EA 26 8.07 44.87 -51.11
N GLN EA 27 8.41 43.97 -52.02
CA GLN EA 27 7.43 43.09 -52.66
C GLN EA 27 8.06 41.72 -52.88
N GLY EA 28 7.23 40.72 -53.16
CA GLY EA 28 7.70 39.36 -53.34
C GLY EA 28 8.64 39.21 -54.52
N ILE EA 29 9.61 38.30 -54.41
CA ILE EA 29 10.57 38.04 -55.50
C ILE EA 29 10.94 36.56 -55.57
N SER EA 30 10.04 35.70 -55.08
CA SER EA 30 10.29 34.25 -54.96
C SER EA 30 11.70 33.93 -54.46
N SER EA 31 12.52 33.27 -55.29
CA SER EA 31 13.86 32.84 -54.86
C SER EA 31 14.95 33.51 -55.70
N TYR EA 32 14.64 34.67 -56.24
CA TYR EA 32 15.59 35.44 -57.05
C TYR EA 32 16.42 36.35 -56.16
N LEU EA 33 17.25 35.76 -55.31
CA LEU EA 33 18.06 36.52 -54.38
C LEU EA 33 19.43 35.90 -54.25
N ALA EA 34 20.43 36.77 -54.14
CA ALA EA 34 21.80 36.37 -53.91
C ALA EA 34 22.38 37.24 -52.81
N TRP EA 35 23.43 36.73 -52.18
CA TRP EA 35 24.16 37.46 -51.16
C TRP EA 35 25.60 37.65 -51.60
N TYR EA 36 26.13 38.85 -51.36
CA TYR EA 36 27.53 39.12 -51.65
C TYR EA 36 28.25 39.57 -50.40
N GLN EA 37 29.54 39.26 -50.37
CA GLN EA 37 30.44 39.70 -49.33
C GLN EA 37 31.36 40.74 -49.92
N GLN EA 38 31.54 41.85 -49.22
CA GLN EA 38 32.42 42.90 -49.69
C GLN EA 38 33.22 43.40 -48.51
N LYS EA 39 34.53 43.40 -48.68
CA LYS EA 39 35.46 43.91 -47.70
C LYS EA 39 35.94 45.28 -48.16
N PRO EA 40 36.41 46.11 -47.23
CA PRO EA 40 36.75 47.48 -47.63
C PRO EA 40 37.83 47.49 -48.72
N GLY EA 41 37.68 48.37 -49.70
CA GLY EA 41 38.66 48.48 -50.77
C GLY EA 41 38.58 47.35 -51.80
N LYS EA 42 37.58 46.49 -51.68
CA LYS EA 42 37.47 45.30 -52.53
C LYS EA 42 36.10 45.17 -53.18
N ALA EA 43 36.03 44.29 -54.17
CA ALA EA 43 34.83 44.02 -54.95
C ALA EA 43 33.94 43.04 -54.18
N PRO EA 44 32.62 43.09 -54.44
CA PRO EA 44 31.78 42.09 -53.77
C PRO EA 44 32.17 40.66 -54.16
N LYS EA 45 31.85 39.70 -53.31
CA LYS EA 45 32.11 38.30 -53.60
C LYS EA 45 30.83 37.47 -53.45
N LEU EA 46 30.56 36.59 -54.41
CA LEU EA 46 29.35 35.78 -54.37
C LEU EA 46 29.42 34.74 -53.26
N VAL EA 47 28.37 34.68 -52.44
CA VAL EA 47 28.29 33.73 -51.34
C VAL EA 47 27.21 32.69 -51.60
N ILE EA 48 26.01 33.16 -51.90
CA ILE EA 48 24.86 32.30 -52.09
C ILE EA 48 23.99 32.84 -53.23
N TYR EA 49 23.40 31.95 -54.02
CA TYR EA 49 22.42 32.34 -55.02
C TYR EA 49 21.19 31.44 -54.92
N ALA EA 50 20.14 31.78 -55.66
CA ALA EA 50 18.85 31.08 -55.59
C ALA EA 50 18.41 30.93 -54.14
N ALA EA 51 18.72 31.94 -53.34
CA ALA EA 51 18.30 32.07 -51.94
C ALA EA 51 19.05 31.14 -51.00
N SER EA 52 19.29 29.90 -51.40
CA SER EA 52 19.80 28.89 -50.48
C SER EA 52 20.92 28.02 -51.04
N THR EA 53 21.32 28.25 -52.28
CA THR EA 53 22.31 27.39 -52.91
C THR EA 53 23.69 28.03 -52.85
N LEU EA 54 24.63 27.32 -52.23
CA LEU EA 54 26.00 27.82 -52.11
C LEU EA 54 26.78 27.76 -53.41
N GLN EA 55 27.55 28.81 -53.68
CA GLN EA 55 28.52 28.81 -54.78
C GLN EA 55 29.72 27.93 -54.45
N SER EA 56 30.26 27.25 -55.46
CA SER EA 56 31.37 26.33 -55.25
C SER EA 56 32.56 27.09 -54.63
N GLY EA 57 33.22 26.44 -53.67
CA GLY EA 57 34.35 27.04 -52.98
C GLY EA 57 33.95 27.74 -51.69
N VAL EA 58 32.67 28.04 -51.55
CA VAL EA 58 32.17 28.71 -50.34
C VAL EA 58 32.13 27.71 -49.18
N PRO EA 59 32.66 28.09 -48.00
CA PRO EA 59 32.72 27.12 -46.90
C PRO EA 59 31.35 26.69 -46.37
N SER EA 60 31.27 25.47 -45.84
CA SER EA 60 30.00 24.86 -45.44
C SER EA 60 29.33 25.55 -44.25
N ARG EA 61 30.09 26.38 -43.53
CA ARG EA 61 29.56 27.08 -42.37
C ARG EA 61 28.54 28.16 -42.77
N PHE EA 62 28.51 28.49 -44.06
CA PHE EA 62 27.48 29.38 -44.61
C PHE EA 62 26.23 28.62 -45.06
N SER EA 63 25.08 29.23 -44.81
CA SER EA 63 23.81 28.73 -45.34
C SER EA 63 22.82 29.87 -45.49
N GLY EA 64 21.77 29.63 -46.28
CA GLY EA 64 20.72 30.61 -46.49
C GLY EA 64 19.37 29.99 -46.74
N SER EA 65 18.31 30.69 -46.33
CA SER EA 65 16.93 30.25 -46.56
C SER EA 65 16.02 31.45 -46.75
N GLY EA 66 14.78 31.18 -47.17
CA GLY EA 66 13.80 32.23 -47.40
C GLY EA 66 13.16 32.17 -48.78
N SER EA 67 12.01 32.81 -48.90
CA SER EA 67 11.30 32.92 -50.17
C SER EA 67 10.17 33.95 -50.08
N GLY EA 68 9.95 34.71 -51.15
CA GLY EA 68 8.97 35.77 -51.16
C GLY EA 68 9.55 37.13 -50.82
N THR EA 69 9.46 37.51 -49.54
CA THR EA 69 9.83 38.85 -49.11
C THR EA 69 10.80 38.82 -47.95
N GLU EA 70 10.95 37.65 -47.32
CA GLU EA 70 11.84 37.49 -46.17
C GLU EA 70 12.92 36.45 -46.49
N PHE EA 71 14.17 36.86 -46.36
CA PHE EA 71 15.32 36.00 -46.66
C PHE EA 71 16.31 36.04 -45.51
N THR EA 72 17.16 35.03 -45.43
CA THR EA 72 18.06 34.86 -44.30
C THR EA 72 19.44 34.37 -44.75
N LEU EA 73 20.47 35.00 -44.19
CA LEU EA 73 21.84 34.49 -44.31
C LEU EA 73 22.37 34.16 -42.93
N THR EA 74 22.91 32.95 -42.77
CA THR EA 74 23.38 32.48 -41.47
C THR EA 74 24.81 31.96 -41.55
N ILE EA 75 25.61 32.34 -40.55
CA ILE EA 75 26.94 31.78 -40.36
C ILE EA 75 27.00 31.07 -39.01
N SER EA 76 27.19 29.75 -39.03
CA SER EA 76 27.05 28.92 -37.84
C SER EA 76 28.16 29.22 -36.83
N SER EA 77 29.32 29.64 -37.33
CA SER EA 77 30.46 29.94 -36.48
C SER EA 77 31.46 30.84 -37.21
N LEU EA 78 31.50 32.12 -36.82
CA LEU EA 78 32.24 33.13 -37.56
C LEU EA 78 33.74 32.93 -37.47
N GLN EA 79 34.41 33.11 -38.61
CA GLN EA 79 35.87 33.22 -38.67
C GLN EA 79 36.25 34.64 -39.09
N PRO EA 80 37.49 35.07 -38.80
CA PRO EA 80 37.95 36.44 -39.05
C PRO EA 80 37.72 36.92 -40.48
N GLU EA 81 37.80 36.00 -41.44
CA GLU EA 81 37.67 36.36 -42.85
C GLU EA 81 36.23 36.70 -43.24
N ASP EA 82 35.28 36.35 -42.38
CA ASP EA 82 33.86 36.55 -42.66
C ASP EA 82 33.44 37.99 -42.36
N PHE EA 83 34.26 38.69 -41.59
CA PHE EA 83 33.94 40.06 -41.19
C PHE EA 83 34.08 41.01 -42.36
N ALA EA 84 33.00 41.71 -42.67
CA ALA EA 84 32.87 42.44 -43.92
C ALA EA 84 31.51 43.15 -43.99
N THR EA 85 31.26 43.88 -45.06
CA THR EA 85 29.94 44.46 -45.31
C THR EA 85 29.23 43.54 -46.29
N TYR EA 86 27.98 43.17 -45.97
CA TYR EA 86 27.22 42.24 -46.81
C TYR EA 86 26.03 42.88 -47.52
N TYR EA 87 25.91 42.63 -48.84
CA TYR EA 87 24.78 43.12 -49.62
C TYR EA 87 23.99 41.92 -50.15
N CYS EA 88 22.67 42.05 -50.17
CA CYS EA 88 21.80 41.11 -50.89
C CYS EA 88 21.38 41.71 -52.23
N GLN EA 89 20.97 40.87 -53.17
CA GLN EA 89 20.59 41.36 -54.50
C GLN EA 89 19.47 40.55 -55.15
N HIS EA 90 18.49 41.27 -55.65
CA HIS EA 90 17.40 40.73 -56.47
C HIS EA 90 17.91 40.41 -57.87
N LEU EA 91 17.70 39.19 -58.34
CA LEU EA 91 18.37 38.70 -59.54
C LEU EA 91 17.66 39.13 -60.83
N ILE EA 92 16.44 39.64 -60.71
CA ILE EA 92 15.71 40.18 -61.87
C ILE EA 92 15.13 41.55 -61.52
N GLY EA 93 14.30 42.08 -62.42
CA GLY EA 93 13.72 43.40 -62.22
C GLY EA 93 14.76 44.51 -62.31
N LEU EA 94 14.83 45.34 -61.26
CA LEU EA 94 15.79 46.44 -61.21
C LEU EA 94 17.14 45.99 -60.68
N ARG EA 95 17.26 44.70 -60.35
CA ARG EA 95 18.51 44.15 -59.83
C ARG EA 95 18.99 45.00 -58.65
N SER EA 96 18.07 45.31 -57.75
CA SER EA 96 18.34 46.18 -56.61
C SER EA 96 19.01 45.47 -55.45
N PHE EA 97 19.88 46.20 -54.76
CA PHE EA 97 20.59 45.72 -53.58
C PHE EA 97 20.02 46.25 -52.26
N GLY EA 98 20.31 45.55 -51.17
CA GLY EA 98 20.08 46.08 -49.82
C GLY EA 98 21.07 47.21 -49.55
N GLN EA 99 20.93 47.90 -48.42
CA GLN EA 99 21.81 49.03 -48.12
C GLN EA 99 23.13 48.56 -47.52
N GLY EA 100 23.19 47.27 -47.19
CA GLY EA 100 24.39 46.61 -46.70
C GLY EA 100 24.38 46.49 -45.19
N THR EA 101 24.94 45.38 -44.70
CA THR EA 101 25.12 45.14 -43.26
C THR EA 101 26.58 44.91 -42.88
N LYS EA 102 27.17 45.81 -42.10
CA LYS EA 102 28.56 45.63 -41.68
C LYS EA 102 28.70 44.76 -40.44
N LEU EA 103 29.51 43.71 -40.56
CA LEU EA 103 29.74 42.75 -39.49
C LEU EA 103 31.15 42.93 -38.94
N GLU EA 104 31.29 43.46 -37.72
CA GLU EA 104 32.62 43.80 -37.18
C GLU EA 104 33.02 42.90 -36.02
N ILE EA 105 34.32 42.79 -35.77
CA ILE EA 105 34.83 41.89 -34.75
C ILE EA 105 34.76 42.52 -33.36
N LYS EA 106 34.18 41.81 -32.40
CA LYS EA 106 34.12 42.31 -31.03
C LYS EA 106 35.43 41.95 -30.33
N ARG EA 107 35.91 42.84 -29.46
CA ARG EA 107 37.08 42.54 -28.65
C ARG EA 107 37.13 43.42 -27.40
N THR EA 108 38.15 43.23 -26.58
CA THR EA 108 38.28 43.95 -25.30
C THR EA 108 38.53 45.44 -25.50
N VAL EA 109 38.07 46.25 -24.56
CA VAL EA 109 38.37 47.67 -24.57
C VAL EA 109 39.88 47.87 -24.57
N ALA EA 110 40.34 48.82 -25.38
CA ALA EA 110 41.77 49.12 -25.51
C ALA EA 110 41.99 50.62 -25.64
N ALA EA 111 42.74 51.19 -24.70
CA ALA EA 111 42.98 52.62 -24.68
C ALA EA 111 43.90 53.03 -25.82
N PRO EA 112 43.70 54.23 -26.38
CA PRO EA 112 44.58 54.71 -27.44
C PRO EA 112 45.93 55.17 -26.91
N SER EA 113 46.97 54.98 -27.70
CA SER EA 113 48.25 55.64 -27.47
C SER EA 113 48.18 56.97 -28.18
N VAL EA 114 48.50 58.04 -27.47
CA VAL EA 114 48.32 59.39 -27.99
C VAL EA 114 49.66 60.01 -28.31
N PHE EA 115 49.75 60.57 -29.51
CA PHE EA 115 50.95 61.25 -29.97
C PHE EA 115 50.59 62.60 -30.56
N ILE EA 116 51.42 63.61 -30.31
CA ILE EA 116 51.23 64.90 -30.94
C ILE EA 116 52.46 65.20 -31.77
N PHE EA 117 52.25 65.81 -32.93
CA PHE EA 117 53.34 66.12 -33.86
C PHE EA 117 53.27 67.59 -34.25
N PRO EA 118 54.33 68.37 -33.95
CA PRO EA 118 54.27 69.76 -34.44
C PRO EA 118 54.48 69.83 -35.94
N PRO EA 119 54.12 70.96 -36.56
CA PRO EA 119 54.35 71.14 -38.00
C PRO EA 119 55.85 71.19 -38.29
N SER EA 120 56.26 70.72 -39.46
CA SER EA 120 57.66 70.80 -39.86
C SER EA 120 58.02 72.23 -40.26
N ASP EA 121 59.30 72.58 -40.11
CA ASP EA 121 59.80 73.87 -40.56
C ASP EA 121 59.62 74.00 -42.06
N GLU EA 122 59.72 72.88 -42.76
CA GLU EA 122 59.57 72.83 -44.20
C GLU EA 122 58.20 73.31 -44.64
N GLN EA 123 57.17 72.89 -43.92
CA GLN EA 123 55.79 73.24 -44.26
C GLN EA 123 55.48 74.71 -43.96
N LEU EA 124 56.14 75.29 -42.95
CA LEU EA 124 55.90 76.69 -42.58
C LEU EA 124 56.39 77.69 -43.62
N LYS EA 125 57.42 77.33 -44.38
CA LYS EA 125 57.88 78.18 -45.48
C LYS EA 125 56.75 78.37 -46.49
N SER EA 126 55.86 77.40 -46.57
CA SER EA 126 54.85 77.34 -47.61
C SER EA 126 53.62 78.16 -47.24
N GLY EA 127 53.45 78.43 -45.95
CA GLY EA 127 52.36 79.29 -45.49
C GLY EA 127 51.30 78.58 -44.66
N THR EA 128 51.51 77.31 -44.35
CA THR EA 128 50.55 76.53 -43.58
C THR EA 128 51.22 75.66 -42.52
N ALA EA 129 50.53 75.46 -41.41
CA ALA EA 129 51.03 74.64 -40.31
C ALA EA 129 50.00 73.55 -39.97
N SER EA 130 50.41 72.30 -40.05
CA SER EA 130 49.55 71.17 -39.69
C SER EA 130 49.99 70.48 -38.40
N VAL EA 131 49.10 70.43 -37.43
CA VAL EA 131 49.32 69.68 -36.19
C VAL EA 131 48.50 68.38 -36.22
N VAL EA 132 49.17 67.26 -36.00
CA VAL EA 132 48.52 65.95 -36.10
C VAL EA 132 48.48 65.27 -34.74
N CYS EA 133 47.31 64.74 -34.39
CA CYS EA 133 47.13 64.00 -33.15
C CYS EA 133 46.76 62.57 -33.53
N LEU EA 134 47.53 61.61 -33.06
CA LEU EA 134 47.34 60.20 -33.40
C LEU EA 134 46.87 59.38 -32.22
N LEU EA 135 45.77 58.65 -32.43
CA LEU EA 135 45.32 57.63 -31.48
C LEU EA 135 45.59 56.28 -32.12
N ASN EA 136 46.43 55.49 -31.46
CA ASN EA 136 46.91 54.23 -32.04
C ASN EA 136 46.34 53.02 -31.32
N ASN EA 137 45.79 52.08 -32.10
CA ASN EA 137 45.40 50.77 -31.60
C ASN EA 137 44.45 50.85 -30.41
N PHE EA 138 43.22 51.28 -30.64
CA PHE EA 138 42.22 51.39 -29.57
C PHE EA 138 40.92 50.70 -29.95
N TYR EA 139 40.11 50.42 -28.93
CA TYR EA 139 38.77 49.87 -29.11
C TYR EA 139 37.93 50.21 -27.89
N PRO EA 140 36.64 50.54 -28.05
CA PRO EA 140 35.85 50.63 -29.29
C PRO EA 140 36.20 51.83 -30.17
N ARG EA 141 35.46 51.99 -31.26
CA ARG EA 141 35.77 52.97 -32.29
C ARG EA 141 35.51 54.40 -31.82
N GLU EA 142 34.53 54.57 -30.92
CA GLU EA 142 34.12 55.91 -30.51
C GLU EA 142 35.16 56.61 -29.63
N ALA EA 143 35.55 57.81 -30.05
CA ALA EA 143 36.48 58.63 -29.29
C ALA EA 143 36.21 60.10 -29.56
N LYS EA 144 36.44 60.96 -28.56
CA LYS EA 144 36.31 62.40 -28.72
C LYS EA 144 37.67 63.07 -28.72
N VAL EA 145 37.94 63.88 -29.73
CA VAL EA 145 39.20 64.60 -29.83
C VAL EA 145 38.95 66.10 -29.90
N GLN EA 146 39.55 66.83 -28.95
CA GLN EA 146 39.40 68.28 -28.86
C GLN EA 146 40.76 68.94 -28.97
N TRP EA 147 40.84 69.96 -29.82
CA TRP EA 147 42.07 70.74 -29.95
C TRP EA 147 41.97 71.97 -29.05
N LYS EA 148 43.10 72.31 -28.43
CA LYS EA 148 43.20 73.49 -27.58
C LYS EA 148 44.46 74.29 -27.88
N VAL EA 149 44.27 75.57 -28.17
CA VAL EA 149 45.38 76.48 -28.43
C VAL EA 149 45.38 77.59 -27.39
N ASP EA 150 46.47 77.65 -26.62
CA ASP EA 150 46.53 78.51 -25.43
C ASP EA 150 45.28 78.33 -24.58
N ASN EA 151 44.88 77.08 -24.35
CA ASN EA 151 43.70 76.74 -23.57
C ASN EA 151 42.43 77.36 -24.16
N ALA EA 152 41.97 76.80 -25.27
CA ALA EA 152 40.78 77.29 -25.94
C ALA EA 152 40.30 76.30 -27.00
N LEU EA 153 39.10 75.76 -26.80
CA LEU EA 153 38.56 74.74 -27.70
C LEU EA 153 38.32 75.31 -29.10
N GLN EA 154 38.91 74.65 -30.10
CA GLN EA 154 38.74 75.05 -31.49
C GLN EA 154 37.41 74.54 -32.04
N SER EA 155 37.09 74.93 -33.27
CA SER EA 155 35.83 74.53 -33.88
C SER EA 155 35.81 74.78 -35.38
N GLY EA 156 35.40 73.76 -36.14
CA GLY EA 156 35.21 73.89 -37.57
C GLY EA 156 36.48 74.03 -38.39
N ASN EA 157 37.63 73.87 -37.74
CA ASN EA 157 38.91 73.98 -38.44
C ASN EA 157 39.80 72.75 -38.23
N SER EA 158 39.17 71.60 -38.02
CA SER EA 158 39.89 70.34 -37.87
C SER EA 158 39.14 69.23 -38.60
N GLN EA 159 39.88 68.24 -39.09
CA GLN EA 159 39.25 67.08 -39.71
C GLN EA 159 39.84 65.78 -39.16
N GLU EA 160 38.99 64.78 -39.00
CA GLU EA 160 39.40 63.48 -38.51
C GLU EA 160 39.31 62.43 -39.61
N SER EA 161 40.11 61.38 -39.51
CA SER EA 161 39.98 60.24 -40.40
C SER EA 161 40.25 58.96 -39.62
N VAL EA 162 39.40 57.94 -39.80
CA VAL EA 162 39.54 56.69 -39.05
C VAL EA 162 39.67 55.47 -39.96
N THR EA 163 40.59 54.59 -39.60
CA THR EA 163 40.81 53.33 -40.31
C THR EA 163 39.79 52.25 -39.99
N GLU EA 164 39.69 51.26 -40.87
CA GLU EA 164 38.96 50.03 -40.60
C GLU EA 164 39.68 49.22 -39.52
N GLN EA 165 38.95 48.32 -38.87
CA GLN EA 165 39.55 47.42 -37.89
C GLN EA 165 40.76 46.67 -38.43
N ASP EA 166 41.84 46.66 -37.65
CA ASP EA 166 43.02 45.88 -37.99
C ASP EA 166 42.62 44.41 -38.05
N SER EA 167 43.11 43.71 -39.05
CA SER EA 167 42.68 42.33 -39.30
C SER EA 167 43.20 41.35 -38.23
N LYS EA 168 44.16 41.78 -37.42
CA LYS EA 168 44.71 40.91 -36.38
C LYS EA 168 44.23 41.20 -34.96
N ASP EA 169 44.41 42.44 -34.49
CA ASP EA 169 44.09 42.78 -33.10
C ASP EA 169 42.74 43.48 -32.99
N SER EA 170 42.13 43.79 -34.13
CA SER EA 170 40.76 44.30 -34.15
C SER EA 170 40.61 45.67 -33.50
N THR EA 171 41.70 46.44 -33.50
CA THR EA 171 41.70 47.79 -32.97
C THR EA 171 41.53 48.83 -34.08
N TYR EA 172 41.37 50.08 -33.68
CA TYR EA 172 41.26 51.21 -34.61
C TYR EA 172 42.41 52.18 -34.43
N SER EA 173 42.68 52.96 -35.47
CA SER EA 173 43.56 54.11 -35.36
C SER EA 173 42.86 55.34 -35.90
N LEU EA 174 43.24 56.50 -35.39
CA LEU EA 174 42.58 57.75 -35.72
C LEU EA 174 43.57 58.91 -35.77
N SER EA 175 43.45 59.74 -36.80
CA SER EA 175 44.24 60.96 -36.90
C SER EA 175 43.29 62.14 -36.87
N SER EA 176 43.69 63.20 -36.16
CA SER EA 176 42.98 64.47 -36.20
C SER EA 176 43.95 65.55 -36.63
N THR EA 177 43.57 66.29 -37.68
CA THR EA 177 44.46 67.32 -38.22
C THR EA 177 43.86 68.71 -38.06
N LEU EA 178 44.56 69.55 -37.31
CA LEU EA 178 44.19 70.94 -37.13
C LEU EA 178 44.94 71.76 -38.18
N THR EA 179 44.23 72.52 -38.99
CA THR EA 179 44.88 73.32 -40.03
C THR EA 179 44.76 74.81 -39.74
N LEU EA 180 45.90 75.48 -39.66
CA LEU EA 180 45.97 76.92 -39.44
C LEU EA 180 46.84 77.58 -40.51
N SER EA 181 46.69 78.89 -40.67
CA SER EA 181 47.61 79.67 -41.49
C SER EA 181 48.95 79.84 -40.78
N LYS EA 182 49.99 80.18 -41.54
CA LYS EA 182 51.32 80.39 -40.98
C LYS EA 182 51.31 81.50 -39.94
N ALA EA 183 50.61 82.60 -40.24
CA ALA EA 183 50.54 83.75 -39.35
C ALA EA 183 49.88 83.39 -38.03
N ASP EA 184 48.76 82.69 -38.13
CA ASP EA 184 47.99 82.27 -36.96
C ASP EA 184 48.77 81.34 -36.04
N TYR EA 185 49.42 80.34 -36.62
CA TYR EA 185 50.22 79.39 -35.84
C TYR EA 185 51.31 80.08 -35.02
N GLU EA 186 52.01 81.02 -35.65
CA GLU EA 186 53.18 81.65 -35.03
C GLU EA 186 52.86 82.76 -34.01
N LYS EA 187 51.59 83.09 -33.85
CA LYS EA 187 51.17 84.07 -32.84
C LYS EA 187 50.68 83.42 -31.54
N HIS EA 188 50.75 82.10 -31.46
CA HIS EA 188 50.33 81.38 -30.26
C HIS EA 188 51.45 80.45 -29.77
N LYS EA 189 51.36 80.03 -28.51
CA LYS EA 189 52.44 79.28 -27.87
C LYS EA 189 52.10 77.82 -27.58
N VAL EA 190 50.97 77.58 -26.92
CA VAL EA 190 50.62 76.23 -26.45
C VAL EA 190 49.65 75.55 -27.40
N TYR EA 191 50.00 74.33 -27.82
CA TYR EA 191 49.16 73.51 -28.68
C TYR EA 191 48.86 72.15 -28.04
N ALA EA 192 47.58 71.81 -27.92
CA ALA EA 192 47.16 70.61 -27.18
C ALA EA 192 46.02 69.89 -27.90
N CYS EA 193 46.06 68.56 -27.90
CA CYS EA 193 44.91 67.75 -28.29
C CYS EA 193 44.47 66.89 -27.10
N GLU EA 194 43.17 66.90 -26.83
CA GLU EA 194 42.60 66.19 -25.68
C GLU EA 194 41.72 65.02 -26.14
N VAL EA 195 42.04 63.83 -25.64
CA VAL EA 195 41.37 62.61 -26.06
C VAL EA 195 40.54 62.00 -24.95
N THR EA 196 39.26 61.75 -25.23
CA THR EA 196 38.36 61.08 -24.29
C THR EA 196 38.00 59.72 -24.90
N HIS EA 197 38.17 58.67 -24.12
CA HIS EA 197 37.90 57.31 -24.62
C HIS EA 197 37.61 56.37 -23.46
N GLN EA 198 36.78 55.37 -23.71
CA GLN EA 198 36.29 54.46 -22.66
C GLN EA 198 37.40 53.71 -21.93
N GLY EA 199 38.56 53.60 -22.57
CA GLY EA 199 39.68 52.86 -22.01
C GLY EA 199 40.56 53.71 -21.12
N LEU EA 200 40.29 55.01 -21.10
CA LEU EA 200 41.07 55.95 -20.29
C LEU EA 200 40.34 56.31 -19.00
N SER EA 201 41.08 56.36 -17.90
CA SER EA 201 40.52 56.73 -16.60
C SER EA 201 40.05 58.18 -16.62
N SER EA 202 40.74 59.00 -17.40
CA SER EA 202 40.35 60.39 -17.60
C SER EA 202 40.94 60.90 -18.92
N PRO EA 203 40.43 62.04 -19.43
CA PRO EA 203 40.95 62.61 -20.68
C PRO EA 203 42.47 62.79 -20.65
N VAL EA 204 43.15 62.41 -21.74
CA VAL EA 204 44.60 62.54 -21.82
C VAL EA 204 44.97 63.69 -22.76
N THR EA 205 45.94 64.49 -22.35
CA THR EA 205 46.38 65.66 -23.10
C THR EA 205 47.86 65.61 -23.42
N LYS EA 206 48.19 65.73 -24.70
CA LYS EA 206 49.57 65.85 -25.16
C LYS EA 206 49.77 67.25 -25.74
N SER EA 207 50.88 67.90 -25.39
CA SER EA 207 51.12 69.26 -25.87
C SER EA 207 52.60 69.61 -26.02
N PHE EA 208 52.85 70.75 -26.68
CA PHE EA 208 54.19 71.29 -26.83
C PHE EA 208 54.15 72.81 -26.93
N ASN EA 209 55.29 73.46 -26.69
CA ASN EA 209 55.42 74.90 -26.88
C ASN EA 209 56.23 75.18 -28.14
N ARG EA 210 55.70 76.06 -29.00
CA ARG EA 210 56.40 76.43 -30.23
C ARG EA 210 57.80 76.96 -29.94
N GLN FA 1 41.56 30.51 -64.05
CA GLN FA 1 40.96 31.63 -63.28
C GLN FA 1 40.80 32.87 -64.16
N VAL FA 2 39.94 33.79 -63.75
CA VAL FA 2 39.51 34.90 -64.60
C VAL FA 2 39.72 36.22 -63.86
N GLN FA 3 40.28 37.20 -64.55
CA GLN FA 3 40.51 38.52 -63.99
C GLN FA 3 39.82 39.58 -64.85
N LEU FA 4 39.05 40.46 -64.22
CA LEU FA 4 38.51 41.65 -64.88
C LEU FA 4 39.27 42.94 -64.54
N GLN FA 5 39.84 43.58 -65.55
CA GLN FA 5 40.56 44.85 -65.39
C GLN FA 5 39.85 46.02 -66.08
N GLN FA 6 39.75 47.14 -65.37
CA GLN FA 6 39.08 48.36 -65.89
C GLN FA 6 40.04 49.51 -66.13
N TRP FA 7 39.72 50.36 -67.10
CA TRP FA 7 40.46 51.60 -67.31
C TRP FA 7 39.50 52.65 -67.88
N GLY FA 8 39.99 53.90 -67.99
CA GLY FA 8 39.14 55.02 -68.36
C GLY FA 8 39.35 56.19 -67.42
N ALA FA 9 39.02 57.39 -67.88
CA ALA FA 9 39.28 58.60 -67.11
C ALA FA 9 38.28 58.76 -65.96
N GLY FA 10 38.74 59.34 -64.86
CA GLY FA 10 37.97 59.39 -63.62
C GLY FA 10 37.49 60.77 -63.19
N LEU FA 11 37.78 61.80 -63.99
CA LEU FA 11 37.48 63.18 -63.61
C LEU FA 11 36.72 63.82 -64.76
N LEU FA 12 35.40 63.70 -64.68
CA LEU FA 12 34.47 64.38 -65.58
C LEU FA 12 33.77 65.62 -65.04
N LYS FA 13 33.34 66.48 -65.94
CA LYS FA 13 32.62 67.70 -65.60
C LYS FA 13 31.23 67.54 -66.20
N PRO FA 14 30.27 68.37 -65.77
CA PRO FA 14 28.88 68.23 -66.26
C PRO FA 14 28.76 68.23 -67.78
N SER FA 15 27.82 67.45 -68.29
CA SER FA 15 27.48 67.40 -69.71
C SER FA 15 28.47 66.58 -70.57
N GLU FA 16 29.57 66.13 -69.98
CA GLU FA 16 30.51 65.29 -70.71
C GLU FA 16 30.06 63.83 -70.72
N THR FA 17 30.83 62.97 -71.38
CA THR FA 17 30.51 61.55 -71.47
C THR FA 17 31.50 60.68 -70.69
N LEU FA 18 30.99 59.83 -69.81
CA LEU FA 18 31.80 58.83 -69.15
C LEU FA 18 32.04 57.63 -70.08
N SER FA 19 33.30 57.26 -70.27
CA SER FA 19 33.64 56.16 -71.17
C SER FA 19 34.66 55.23 -70.52
N LEU FA 20 34.17 54.11 -69.99
CA LEU FA 20 35.02 53.13 -69.32
C LEU FA 20 35.08 51.84 -70.12
N THR FA 21 36.18 51.11 -69.96
CA THR FA 21 36.36 49.84 -70.64
C THR FA 21 36.83 48.81 -69.63
N CYS FA 22 36.39 47.57 -69.83
CA CYS FA 22 36.70 46.46 -68.94
C CYS FA 22 37.28 45.33 -69.78
N GLY FA 23 38.53 44.94 -69.52
CA GLY FA 23 39.14 43.84 -70.23
C GLY FA 23 39.04 42.53 -69.47
N VAL FA 24 38.75 41.47 -70.24
CA VAL FA 24 38.60 40.12 -69.70
C VAL FA 24 39.74 39.18 -70.09
N TYR FA 25 40.35 38.57 -69.07
CA TYR FA 25 41.49 37.67 -69.27
C TYR FA 25 41.20 36.35 -68.56
N GLY FA 26 41.56 35.25 -69.23
CA GLY FA 26 41.29 33.92 -68.74
C GLY FA 26 40.00 33.33 -69.29
N GLU FA 27 39.29 34.13 -70.09
CA GLU FA 27 38.02 33.71 -70.65
C GLU FA 27 37.65 34.58 -71.86
N SER FA 28 36.87 34.02 -72.77
CA SER FA 28 36.48 34.72 -73.99
C SER FA 28 35.35 35.73 -73.69
N LEU FA 29 34.26 35.67 -74.45
CA LEU FA 29 33.10 36.54 -74.22
C LEU FA 29 31.79 35.86 -74.62
N OAS FA 30 31.86 34.97 -75.59
CA OAS FA 30 30.70 34.21 -76.01
CB OAS FA 30 30.87 33.36 -77.30
OG OAS FA 30 31.11 34.29 -78.36
C OAS FA 30 30.24 33.23 -74.95
O OAS FA 30 30.97 32.74 -74.08
C2A OAS FA 30 31.14 32.62 -80.04
C1A OAS FA 30 30.66 33.96 -79.61
OAC OAS FA 30 30.10 34.83 -80.28
N GLY FA 31 28.95 32.92 -75.03
CA GLY FA 31 28.30 32.08 -74.05
C GLY FA 31 28.13 32.69 -72.67
N HIS FA 32 28.47 33.97 -72.52
CA HIS FA 32 28.33 34.64 -71.23
C HIS FA 32 27.86 36.08 -71.36
N TYR FA 33 27.11 36.54 -70.36
CA TYR FA 33 26.67 37.93 -70.29
C TYR FA 33 27.68 38.75 -69.49
N TRP FA 34 27.67 40.06 -69.69
CA TRP FA 34 28.69 40.94 -69.13
C TRP FA 34 28.06 42.28 -68.75
N SER FA 35 28.30 42.72 -67.51
CA SER FA 35 27.42 43.68 -66.84
C SER FA 35 28.18 44.85 -66.21
N TRP FA 36 27.46 45.95 -65.99
CA TRP FA 36 27.98 47.11 -65.25
C TRP FA 36 27.12 47.50 -64.05
N VAL FA 37 27.80 47.91 -62.98
CA VAL FA 37 27.16 48.27 -61.72
C VAL FA 37 27.90 49.45 -61.09
N ARG FA 38 27.17 50.43 -60.57
CA ARG FA 38 27.81 51.61 -59.98
C ARG FA 38 27.34 51.79 -58.54
N GLN FA 39 28.10 52.56 -57.77
CA GLN FA 39 27.86 52.73 -56.34
C GLN FA 39 28.13 54.18 -55.91
N PRO FA 40 27.08 55.01 -55.81
CA PRO FA 40 27.28 56.38 -55.32
C PRO FA 40 27.82 56.40 -53.89
N PRO FA 41 28.49 57.51 -53.50
CA PRO FA 41 29.06 57.62 -52.15
C PRO FA 41 28.05 57.38 -51.03
N GLY FA 42 28.29 56.39 -50.19
CA GLY FA 42 27.44 56.13 -49.03
C GLY FA 42 26.09 55.51 -49.35
N LYS FA 43 25.92 55.02 -50.57
CA LYS FA 43 24.66 54.40 -51.00
C LYS FA 43 24.86 52.99 -51.53
N ARG FA 44 23.76 52.37 -51.95
CA ARG FA 44 23.73 50.97 -52.33
C ARG FA 44 24.19 50.77 -53.78
N LEU FA 45 24.46 49.52 -54.14
CA LEU FA 45 24.83 49.18 -55.51
C LEU FA 45 23.61 49.34 -56.40
N GLU FA 46 23.83 49.78 -57.63
CA GLU FA 46 22.74 49.98 -58.59
C GLU FA 46 23.12 49.42 -59.95
N TRP FA 47 22.30 48.48 -60.41
CA TRP FA 47 22.46 47.86 -61.73
C TRP FA 47 22.24 48.80 -62.91
N ILE FA 48 23.18 48.76 -63.86
CA ILE FA 48 23.12 49.59 -65.06
C ILE FA 48 22.64 48.83 -66.30
N GLY FA 49 23.14 47.61 -66.49
CA GLY FA 49 22.74 46.80 -67.64
C GLY FA 49 23.64 45.60 -67.92
N GLU FA 50 23.49 45.01 -69.11
CA GLU FA 50 24.29 43.85 -69.50
C GLU FA 50 24.07 43.45 -70.97
N ILE FA 51 24.88 42.49 -71.46
CA ILE FA 51 24.83 42.08 -72.87
C ILE FA 51 25.65 40.80 -73.13
N LYS FA 52 25.28 40.08 -74.20
CA LYS FA 52 25.99 38.88 -74.64
C LYS FA 52 26.42 38.98 -76.11
N HIS FA 53 25.48 39.32 -76.97
CA HIS FA 53 25.70 39.38 -78.41
C HIS FA 53 25.24 40.72 -78.97
N ASN FA 54 26.02 41.27 -79.89
CA ASN FA 54 25.73 42.58 -80.47
C ASN FA 54 24.35 42.66 -81.11
N GLY FA 55 23.63 43.74 -80.82
CA GLY FA 55 22.30 43.97 -81.36
C GLY FA 55 21.19 43.73 -80.34
N SER FA 56 21.57 43.59 -79.08
CA SER FA 56 20.59 43.33 -78.02
C SER FA 56 21.17 43.56 -76.62
N PRO FA 57 21.08 44.81 -76.12
CA PRO FA 57 21.49 45.12 -74.75
C PRO FA 57 20.35 44.92 -73.76
N ASN FA 58 20.53 45.40 -72.53
CA ASN FA 58 19.48 45.34 -71.51
C ASN FA 58 19.84 46.25 -70.34
N TYR FA 59 19.27 47.45 -70.32
CA TYR FA 59 19.66 48.48 -69.37
C TYR FA 59 18.68 48.68 -68.23
N HIS FA 60 19.08 49.51 -67.27
CA HIS FA 60 18.20 49.95 -66.19
C HIS FA 60 17.14 50.89 -66.76
N PRO FA 61 15.95 50.95 -66.12
CA PRO FA 61 14.92 51.83 -66.69
C PRO FA 61 15.24 53.32 -66.66
N SER FA 62 15.77 53.81 -65.56
CA SER FA 62 15.95 55.25 -65.37
C SER FA 62 17.15 55.83 -66.12
N LEU FA 63 17.73 55.05 -67.04
CA LEU FA 63 18.98 55.44 -67.68
C LEU FA 63 19.05 55.07 -69.16
N LYS FA 64 18.06 54.33 -69.64
CA LYS FA 64 18.17 53.65 -70.94
C LYS FA 64 18.42 54.58 -72.13
N SER FA 65 17.76 55.74 -72.15
CA SER FA 65 17.81 56.63 -73.30
C SER FA 65 19.22 57.10 -73.65
N ARG FA 66 20.15 56.98 -72.69
CA ARG FA 66 21.48 57.56 -72.84
C ARG FA 66 22.64 56.66 -72.41
N VAL FA 67 22.33 55.48 -71.87
CA VAL FA 67 23.35 54.44 -71.68
C VAL FA 67 23.46 53.50 -72.87
N THR FA 68 24.70 53.18 -73.22
CA THR FA 68 25.00 52.23 -74.29
C THR FA 68 26.04 51.21 -73.82
N ILE FA 69 25.71 49.93 -73.93
CA ILE FA 69 26.67 48.86 -73.68
C ILE FA 69 26.98 48.18 -75.01
N SER FA 70 28.26 47.88 -75.20
CA SER FA 70 28.82 47.48 -76.50
C SER FA 70 29.92 46.46 -76.26
N LEU FA 71 29.92 45.38 -77.03
CA LEU FA 71 31.07 44.47 -77.05
C LEU FA 71 31.99 44.62 -78.26
N ASP FA 72 33.27 44.82 -77.94
CA ASP FA 72 34.35 44.74 -78.91
C ASP FA 72 34.93 43.33 -78.85
N MET FA 73 34.23 42.41 -79.52
CA MET FA 73 34.48 40.97 -79.39
C MET FA 73 35.86 40.55 -79.88
N SER FA 74 36.40 41.28 -80.85
CA SER FA 74 37.72 40.97 -81.41
C SER FA 74 38.85 41.21 -80.40
N LYS FA 75 38.58 42.05 -79.40
CA LYS FA 75 39.56 42.39 -78.37
C LYS FA 75 39.23 41.80 -77.00
N ASN FA 76 38.10 41.09 -76.91
CA ASN FA 76 37.60 40.56 -75.63
C ASN FA 76 37.43 41.67 -74.60
N GLN FA 77 36.72 42.72 -75.01
CA GLN FA 77 36.42 43.86 -74.15
C GLN FA 77 34.94 44.20 -74.25
N PHE FA 78 34.43 44.87 -73.23
CA PHE FA 78 33.09 45.43 -73.30
C PHE FA 78 33.13 46.79 -72.63
N SER FA 79 32.17 47.64 -72.96
CA SER FA 79 32.26 49.05 -72.63
C SER FA 79 30.98 49.65 -72.08
N LEU FA 80 31.15 50.76 -71.37
CA LEU FA 80 30.03 51.51 -70.84
C LEU FA 80 30.17 52.94 -71.30
N ASN FA 81 29.11 53.48 -71.89
CA ASN FA 81 29.04 54.89 -72.24
C ASN FA 81 27.93 55.56 -71.44
N LEU FA 82 28.22 56.72 -70.87
CA LEU FA 82 27.19 57.49 -70.17
C LEU FA 82 27.26 58.97 -70.53
N THR FA 83 26.28 59.45 -71.27
CA THR FA 83 26.30 60.82 -71.80
C THR FA 83 25.69 61.79 -70.81
N SER FA 84 26.00 63.08 -70.98
CA SER FA 84 25.43 64.15 -70.17
C SER FA 84 25.43 63.83 -68.67
N VAL FA 85 26.62 63.59 -68.11
CA VAL FA 85 26.70 63.25 -66.70
C VAL FA 85 26.43 64.47 -65.83
N THR FA 86 25.80 64.21 -64.68
CA THR FA 86 25.60 65.22 -63.65
C THR FA 86 26.24 64.74 -62.35
N ALA FA 87 26.12 65.54 -61.31
CA ALA FA 87 26.68 65.19 -60.00
C ALA FA 87 26.11 63.85 -59.54
N ALA FA 88 24.90 63.53 -59.99
CA ALA FA 88 24.21 62.33 -59.56
C ALA FA 88 24.84 61.07 -60.16
N ASP FA 89 25.75 61.26 -61.12
CA ASP FA 89 26.45 60.12 -61.70
C ASP FA 89 27.77 59.88 -60.98
N THR FA 90 28.01 60.63 -59.91
CA THR FA 90 29.19 60.44 -59.08
C THR FA 90 29.06 59.10 -58.37
N ALA FA 91 30.05 58.23 -58.54
CA ALA FA 91 29.96 56.87 -58.03
C ALA FA 91 31.22 56.07 -58.31
N VAL FA 92 31.34 54.92 -57.64
CA VAL FA 92 32.32 53.91 -58.01
C VAL FA 92 31.67 52.97 -59.02
N TYR FA 93 32.32 52.79 -60.17
CA TYR FA 93 31.79 51.90 -61.22
C TYR FA 93 32.51 50.57 -61.28
N PHE FA 94 31.74 49.48 -61.23
CA PHE FA 94 32.26 48.13 -61.29
C PHE FA 94 31.81 47.43 -62.57
N CYS FA 95 32.66 46.55 -63.12
CA CYS FA 95 32.21 45.61 -64.14
C CYS FA 95 32.10 44.24 -63.50
N ALA FA 96 31.32 43.35 -64.10
CA ALA FA 96 31.09 42.02 -63.54
C ALA FA 96 30.55 41.07 -64.60
N ARG FA 97 30.91 39.80 -64.48
CA ARG FA 97 30.47 38.77 -65.41
C ARG FA 97 29.17 38.13 -64.95
N ARG FA 98 28.38 37.65 -65.91
CA ARG FA 98 27.19 36.87 -65.61
C ARG FA 98 27.06 35.74 -66.63
N SER FA 99 27.08 34.50 -66.15
CA SER FA 99 26.98 33.34 -67.04
C SER FA 99 25.52 33.01 -67.35
N ASN FA 100 25.30 31.96 -68.14
CA ASN FA 100 23.95 31.53 -68.49
C ASN FA 100 23.21 30.92 -67.32
N TRP FA 101 21.93 30.65 -67.52
CA TRP FA 101 21.11 30.00 -66.51
C TRP FA 101 21.73 28.66 -66.13
N PRO FA 102 21.69 28.29 -64.83
CA PRO FA 102 21.12 28.98 -63.67
C PRO FA 102 22.13 29.84 -62.91
N TYR FA 103 23.38 29.87 -63.37
CA TYR FA 103 24.42 30.65 -62.72
C TYR FA 103 24.21 32.14 -63.03
N LEU FA 104 23.18 32.71 -62.42
CA LEU FA 104 22.77 34.08 -62.70
C LEU FA 104 23.48 35.18 -61.87
N PRO FA 105 24.07 34.83 -60.70
CA PRO FA 105 24.67 35.95 -59.96
C PRO FA 105 25.94 36.52 -60.59
N PHE FA 106 26.34 37.71 -60.15
CA PHE FA 106 27.52 38.39 -60.67
C PHE FA 106 28.80 37.80 -60.09
N ASP FA 107 29.68 37.34 -60.97
CA ASP FA 107 30.96 36.74 -60.58
C ASP FA 107 31.75 36.35 -61.82
N PRO FA 108 33.00 36.82 -61.94
CA PRO FA 108 33.77 37.68 -61.04
C PRO FA 108 33.43 39.17 -61.17
N TRP FA 109 34.18 39.99 -60.44
CA TRP FA 109 33.97 41.44 -60.43
C TRP FA 109 35.31 42.10 -60.79
N GLY FA 110 35.27 43.38 -61.10
CA GLY FA 110 36.48 44.12 -61.41
C GLY FA 110 37.11 44.67 -60.15
N GLN FA 111 38.14 45.50 -60.30
CA GLN FA 111 38.77 46.15 -59.16
C GLN FA 111 38.01 47.43 -58.83
N GLY FA 112 37.49 48.07 -59.87
CA GLY FA 112 36.73 49.29 -59.73
C GLY FA 112 37.40 50.50 -60.36
N THR FA 113 36.55 51.45 -60.65
CA THR FA 113 36.85 52.72 -61.30
C THR FA 113 36.03 53.73 -60.54
N LEU FA 114 36.69 54.77 -60.03
CA LEU FA 114 36.01 55.80 -59.26
C LEU FA 114 36.12 57.08 -60.05
N VAL FA 115 34.92 57.59 -60.31
CA VAL FA 115 34.68 58.78 -61.09
C VAL FA 115 34.00 59.85 -60.24
N THR FA 116 34.67 60.99 -60.18
CA THR FA 116 34.17 62.17 -59.47
C THR FA 116 33.77 63.23 -60.48
N VAL FA 117 32.66 63.91 -60.21
CA VAL FA 117 32.22 65.02 -61.04
C VAL FA 117 32.37 66.33 -60.26
N SER FA 118 33.27 67.18 -60.72
CA SER FA 118 33.60 68.43 -60.05
C SER FA 118 34.35 69.37 -60.98
N SER FA 119 34.28 70.66 -60.71
CA SER FA 119 35.03 71.65 -61.47
C SER FA 119 36.46 71.86 -60.95
N ALA FA 120 36.76 71.31 -59.79
CA ALA FA 120 38.08 71.47 -59.17
C ALA FA 120 39.17 71.04 -60.13
N SER FA 121 40.27 71.80 -60.17
CA SER FA 121 41.36 71.52 -61.08
C SER FA 121 42.28 70.44 -60.53
N THR FA 122 42.92 69.70 -61.44
CA THR FA 122 43.86 68.66 -61.06
C THR FA 122 45.04 69.24 -60.30
N LYS FA 123 45.41 68.60 -59.19
CA LYS FA 123 46.58 69.01 -58.42
C LYS FA 123 47.26 67.80 -57.78
N GLY FA 124 48.58 67.78 -57.82
CA GLY FA 124 49.35 66.73 -57.19
C GLY FA 124 49.47 66.98 -55.70
N PRO FA 125 49.67 65.91 -54.91
CA PRO FA 125 49.74 66.12 -53.46
C PRO FA 125 51.10 66.69 -53.04
N SER FA 126 51.12 67.54 -52.02
CA SER FA 126 52.35 67.87 -51.34
C SER FA 126 52.57 66.86 -50.21
N VAL FA 127 53.79 66.35 -50.11
CA VAL FA 127 54.13 65.39 -49.06
C VAL FA 127 55.10 66.03 -48.07
N PHE FA 128 54.69 66.05 -46.80
CA PHE FA 128 55.49 66.63 -45.74
C PHE FA 128 55.81 65.51 -44.76
N PRO FA 129 56.98 65.58 -44.11
CA PRO FA 129 57.28 64.50 -43.16
C PRO FA 129 56.57 64.66 -41.81
N LEU FA 130 56.16 63.54 -41.23
CA LEU FA 130 55.73 63.51 -39.83
C LEU FA 130 56.79 62.79 -39.01
N ALA FA 131 57.73 63.55 -38.47
CA ALA FA 131 58.95 62.98 -37.91
C ALA FA 131 58.70 62.35 -36.55
N PRO FA 132 59.34 61.21 -36.27
CA PRO FA 132 59.27 60.66 -34.91
C PRO FA 132 60.12 61.48 -33.94
N SER FA 133 59.73 61.52 -32.67
CA SER FA 133 60.46 62.30 -31.68
C SER FA 133 60.39 61.66 -30.30
N SER FA 134 61.08 62.26 -29.34
CA SER FA 134 61.23 61.70 -28.00
C SER FA 134 60.07 62.04 -27.08
N LYS FA 135 59.25 63.00 -27.47
CA LYS FA 135 57.88 63.10 -26.92
C LYS FA 135 56.85 62.32 -27.75
N SER FA 136 57.33 61.31 -28.46
CA SER FA 136 56.53 60.59 -29.47
C SER FA 136 57.02 59.13 -29.56
N THR FA 137 57.97 58.80 -28.69
CA THR FA 137 58.43 57.43 -28.46
C THR FA 137 57.60 56.81 -27.33
N SER FA 138 56.40 56.34 -27.64
CA SER FA 138 55.57 55.73 -26.63
C SER FA 138 56.12 54.38 -26.17
N GLY FA 139 56.97 54.44 -25.15
CA GLY FA 139 57.54 53.26 -24.55
C GLY FA 139 58.29 52.26 -25.43
N GLY FA 140 59.22 52.76 -26.24
CA GLY FA 140 60.02 51.90 -27.09
C GLY FA 140 59.32 51.55 -28.40
N THR FA 141 58.20 52.22 -28.65
CA THR FA 141 57.50 52.11 -29.92
C THR FA 141 57.45 53.54 -30.43
N ALA FA 142 58.04 53.79 -31.60
CA ALA FA 142 57.95 55.10 -32.20
C ALA FA 142 56.85 55.13 -33.24
N ALA FA 143 56.32 56.31 -33.51
CA ALA FA 143 55.35 56.48 -34.57
C ALA FA 143 55.85 57.52 -35.55
N LEU FA 144 55.59 57.26 -36.83
CA LEU FA 144 55.96 58.18 -37.89
C LEU FA 144 54.95 58.02 -39.01
N GLY FA 145 55.00 58.90 -39.98
CA GLY FA 145 54.03 58.86 -41.06
C GLY FA 145 54.30 59.87 -42.15
N CYS FA 146 53.32 60.05 -43.02
CA CYS FA 146 53.39 61.02 -44.09
C CYS FA 146 52.04 61.71 -44.22
N LEU FA 147 52.06 63.04 -44.27
CA LEU FA 147 50.84 63.80 -44.51
C LEU FA 147 50.74 64.12 -46.00
N VAL FA 148 49.68 63.60 -46.63
CA VAL FA 148 49.47 63.82 -48.05
C VAL FA 148 48.33 64.80 -48.21
N LYS FA 149 48.67 66.04 -48.56
CA LYS FA 149 47.76 67.16 -48.41
C LYS FA 149 47.50 67.87 -49.73
N ASP FA 150 46.29 68.38 -49.90
CA ASP FA 150 45.95 69.27 -51.00
C ASP FA 150 46.11 68.62 -52.38
N TYR FA 151 45.38 67.54 -52.64
CA TYR FA 151 45.37 66.90 -53.96
C TYR FA 151 43.97 66.72 -54.50
N PHE FA 152 43.87 66.56 -55.80
CA PHE FA 152 42.58 66.36 -56.47
C PHE FA 152 42.77 65.81 -57.88
N PRO FA 153 41.96 64.82 -58.28
CA PRO FA 153 40.91 64.12 -57.55
C PRO FA 153 41.41 62.87 -56.83
N GLU FA 154 40.54 62.22 -56.06
CA GLU FA 154 40.88 60.96 -55.44
C GLU FA 154 40.97 59.86 -56.50
N PRO FA 155 41.62 58.74 -56.17
CA PRO FA 155 42.38 58.44 -54.95
C PRO FA 155 43.88 58.48 -55.19
N VAL FA 156 44.68 58.58 -54.14
CA VAL FA 156 46.09 58.22 -54.26
C VAL FA 156 46.29 56.93 -53.48
N THR FA 157 47.50 56.36 -53.54
CA THR FA 157 47.92 55.31 -52.61
C THR FA 157 49.14 55.67 -51.78
N VAL FA 158 49.28 55.06 -50.60
CA VAL FA 158 50.51 55.21 -49.84
C VAL FA 158 51.20 53.83 -49.88
N SER FA 159 52.52 53.88 -49.90
CA SER FA 159 53.44 52.76 -49.92
C SER FA 159 54.60 52.99 -48.94
N TRP FA 160 54.94 52.00 -48.12
CA TRP FA 160 56.12 52.13 -47.26
C TRP FA 160 57.15 51.04 -47.48
N ASN FA 161 58.33 51.53 -47.83
CA ASN FA 161 59.53 50.76 -48.13
C ASN FA 161 59.33 49.95 -49.40
N SER FA 162 58.76 50.60 -50.41
CA SER FA 162 58.42 49.94 -51.66
C SER FA 162 57.63 48.69 -51.31
N GLY FA 163 56.66 48.88 -50.43
CA GLY FA 163 55.74 47.84 -50.00
C GLY FA 163 56.47 46.68 -49.35
N ALA FA 164 57.30 47.03 -48.37
CA ALA FA 164 57.88 46.04 -47.46
C ALA FA 164 57.14 46.13 -46.13
N LEU FA 165 57.20 47.31 -45.50
CA LEU FA 165 56.74 47.49 -44.14
C LEU FA 165 55.22 47.52 -44.13
N THR FA 166 54.60 46.33 -44.16
CA THR FA 166 53.16 46.23 -44.33
C THR FA 166 52.39 46.24 -43.01
N SER FA 167 53.06 45.86 -41.93
CA SER FA 167 52.42 45.77 -40.62
C SER FA 167 52.39 47.12 -39.92
N GLY FA 168 51.24 47.43 -39.32
CA GLY FA 168 51.09 48.64 -38.54
C GLY FA 168 50.93 49.91 -39.34
N VAL FA 169 51.11 49.84 -40.66
CA VAL FA 169 50.83 50.99 -41.51
C VAL FA 169 49.32 51.17 -41.57
N HIS FA 170 48.80 52.26 -41.00
CA HIS FA 170 47.37 52.52 -41.10
C HIS FA 170 46.96 53.63 -42.07
N THR FA 171 46.41 53.24 -43.21
CA THR FA 171 46.07 54.18 -44.28
C THR FA 171 44.86 55.01 -43.85
N PHE FA 172 45.03 56.22 -43.32
CA PHE FA 172 43.84 57.00 -42.92
C PHE FA 172 43.05 57.43 -44.17
N PRO FA 173 41.73 57.14 -44.21
CA PRO FA 173 40.92 57.57 -45.36
C PRO FA 173 40.97 59.07 -45.65
N ALA FA 174 40.63 59.50 -46.87
CA ALA FA 174 40.89 60.89 -47.22
C ALA FA 174 39.81 61.84 -46.72
N VAL FA 175 40.28 62.99 -46.20
CA VAL FA 175 39.44 64.10 -45.77
C VAL FA 175 39.28 65.24 -46.79
N LEU FA 176 38.08 65.50 -47.30
CA LEU FA 176 37.94 66.60 -48.27
C LEU FA 176 37.90 67.92 -47.51
N GLN FA 177 38.97 68.71 -47.62
CA GLN FA 177 39.05 70.00 -46.93
C GLN FA 177 38.06 71.01 -47.50
N SER FA 178 37.91 72.15 -46.82
CA SER FA 178 37.01 73.20 -47.27
C SER FA 178 37.56 73.93 -48.50
N SER FA 179 38.80 73.63 -48.86
CA SER FA 179 39.45 74.24 -50.01
C SER FA 179 39.11 73.53 -51.33
N GLY FA 180 38.42 72.40 -51.22
CA GLY FA 180 38.03 71.63 -52.39
C GLY FA 180 39.02 70.51 -52.71
N LEU FA 181 40.23 70.64 -52.19
CA LEU FA 181 41.27 69.63 -52.37
C LEU FA 181 41.18 68.56 -51.29
N TYR FA 182 41.58 67.35 -51.64
CA TYR FA 182 41.55 66.23 -50.70
C TYR FA 182 42.84 66.18 -49.89
N SER FA 183 42.78 65.52 -48.75
CA SER FA 183 43.94 65.37 -47.88
C SER FA 183 43.85 64.06 -47.10
N LEU FA 184 45.01 63.55 -46.71
CA LEU FA 184 45.11 62.19 -46.19
C LEU FA 184 46.44 62.00 -45.46
N SER FA 185 46.43 61.15 -44.44
CA SER FA 185 47.66 60.79 -43.76
C SER FA 185 47.85 59.28 -43.70
N SER FA 186 49.09 58.85 -43.78
CA SER FA 186 49.47 57.46 -43.57
C SER FA 186 50.51 57.38 -42.47
N VAL FA 187 50.29 56.54 -41.46
CA VAL FA 187 51.23 56.46 -40.34
C VAL FA 187 51.68 55.02 -40.17
N VAL FA 188 52.76 54.83 -39.42
CA VAL FA 188 53.28 53.50 -39.13
C VAL FA 188 54.01 53.52 -37.80
N THR FA 189 53.84 52.47 -37.00
CA THR FA 189 54.58 52.32 -35.76
C THR FA 189 55.73 51.33 -35.88
N VAL FA 190 56.91 51.73 -35.42
CA VAL FA 190 58.11 50.90 -35.52
C VAL FA 190 58.87 50.91 -34.20
N PRO FA 191 59.80 49.95 -34.00
CA PRO FA 191 60.64 49.97 -32.80
C PRO FA 191 61.55 51.19 -32.73
N SER FA 192 61.70 51.79 -31.56
CA SER FA 192 62.55 52.96 -31.40
C SER FA 192 64.02 52.66 -31.72
N SER FA 193 64.49 51.50 -31.27
CA SER FA 193 65.90 51.14 -31.42
C SER FA 193 66.34 51.13 -32.87
N SER FA 194 65.39 50.90 -33.78
CA SER FA 194 65.70 50.79 -35.19
C SER FA 194 65.85 52.16 -35.84
N LEU FA 195 65.44 53.20 -35.13
CA LEU FA 195 65.39 54.56 -35.69
C LEU FA 195 66.76 55.08 -36.16
N GLY FA 196 67.84 54.46 -35.69
CA GLY FA 196 69.16 54.81 -36.17
C GLY FA 196 69.81 53.69 -36.96
N THR FA 197 69.05 52.62 -37.18
CA THR FA 197 69.53 51.43 -37.87
C THR FA 197 68.43 50.97 -38.83
N GLN FA 198 67.62 51.94 -39.26
CA GLN FA 198 66.50 51.68 -40.15
C GLN FA 198 66.18 52.95 -40.93
N THR FA 199 65.85 52.75 -42.19
CA THR FA 199 65.47 53.82 -43.11
C THR FA 199 64.14 53.54 -43.79
N TYR FA 200 63.15 54.41 -43.60
CA TYR FA 200 61.87 54.17 -44.23
C TYR FA 200 61.48 55.35 -45.08
N ILE FA 201 61.20 55.01 -46.33
CA ILE FA 201 60.66 55.90 -47.35
C ILE FA 201 59.14 55.86 -47.44
N CYS FA 202 58.52 57.03 -47.49
CA CYS FA 202 57.08 57.16 -47.65
C CYS FA 202 56.85 57.57 -49.10
N ASN FA 203 56.03 56.81 -49.83
CA ASN FA 203 55.85 57.00 -51.26
C ASN FA 203 54.36 57.19 -51.56
N VAL FA 204 54.09 58.27 -52.30
CA VAL FA 204 52.75 58.67 -52.71
C VAL FA 204 52.65 58.88 -54.20
N ASN FA 205 51.63 58.26 -54.81
CA ASN FA 205 51.33 58.43 -56.22
C ASN FA 205 49.92 58.92 -56.53
N HIS FA 206 49.88 59.98 -57.34
CA HIS FA 206 48.63 60.58 -57.81
C HIS FA 206 48.63 60.59 -59.33
N LYS FA 207 47.93 59.63 -59.91
CA LYS FA 207 47.97 59.37 -61.35
C LYS FA 207 47.38 60.49 -62.23
N PRO FA 208 46.27 61.11 -61.79
CA PRO FA 208 45.68 62.20 -62.59
C PRO FA 208 46.65 63.33 -62.98
N SER FA 209 47.77 63.44 -62.28
CA SER FA 209 48.84 64.38 -62.65
C SER FA 209 50.19 63.65 -62.69
N ASN FA 210 50.15 62.33 -62.56
CA ASN FA 210 51.37 61.51 -62.67
C ASN FA 210 52.39 61.86 -61.58
N THR FA 211 51.91 62.50 -60.53
CA THR FA 211 52.78 62.96 -59.44
C THR FA 211 53.25 61.86 -58.49
N LYS FA 212 54.53 61.49 -58.56
CA LYS FA 212 55.07 60.47 -57.66
C LYS FA 212 56.06 61.22 -56.77
N VAL FA 213 55.83 61.12 -55.47
CA VAL FA 213 56.67 61.69 -54.43
C VAL FA 213 57.15 60.80 -53.31
N ASP FA 214 58.46 60.66 -53.09
CA ASP FA 214 58.89 59.79 -52.01
C ASP FA 214 59.76 60.72 -51.18
N LYS FA 215 59.48 60.73 -49.88
CA LYS FA 215 60.30 61.36 -48.85
C LYS FA 215 60.84 60.49 -47.73
N LYS FA 216 62.16 60.45 -47.54
CA LYS FA 216 62.71 59.66 -46.44
C LYS FA 216 62.46 60.48 -45.18
N VAL FA 217 61.59 60.01 -44.29
CA VAL FA 217 61.40 60.75 -43.04
C VAL FA 217 62.64 60.60 -42.16
N GLU FA 218 63.05 61.70 -41.55
CA GLU FA 218 64.26 61.76 -40.73
C GLU FA 218 63.97 62.06 -39.26
N PRO FA 219 64.17 61.09 -38.35
CA PRO FA 219 63.82 61.35 -36.95
C PRO FA 219 64.49 62.62 -36.41
N LYS FA 220 63.83 63.31 -35.48
CA LYS FA 220 64.38 64.52 -34.89
C LYS FA 220 64.00 64.65 -33.42
C1 NAG GA . -6.76 31.43 47.20
C2 NAG GA . -6.57 30.15 46.37
C3 NAG GA . -5.08 29.75 46.34
C4 NAG GA . -4.22 30.93 45.93
C5 NAG GA . -4.52 32.12 46.83
C6 NAG GA . -3.74 33.36 46.45
C7 NAG GA . -8.27 28.38 46.20
C8 NAG GA . -9.01 27.30 46.93
N2 NAG GA . -7.37 29.07 46.91
O3 NAG GA . -4.91 28.68 45.43
O4 NAG GA . -2.84 30.60 46.04
O5 NAG GA . -5.91 32.44 46.72
O6 NAG GA . -4.54 34.26 45.68
O7 NAG GA . -8.48 28.63 45.01
C1 NAG HA . -14.29 39.42 65.49
C2 NAG HA . -13.64 40.60 66.23
C3 NAG HA . -13.40 40.23 67.70
C4 NAG HA . -14.68 39.73 68.34
C5 NAG HA . -15.26 38.60 67.51
C6 NAG HA . -16.60 38.11 68.02
C7 NAG HA . -12.26 42.14 64.90
C8 NAG HA . -10.91 42.38 64.30
N2 NAG HA . -12.39 40.99 65.59
O3 NAG HA . -12.93 41.38 68.40
O4 NAG HA . -14.43 39.27 69.66
O5 NAG HA . -15.48 39.04 66.17
O6 NAG HA . -17.47 37.74 66.96
O7 NAG HA . -13.18 42.92 64.77
C1 NAG IA . -12.62 10.67 59.14
C2 NAG IA . -13.34 9.45 58.56
C3 NAG IA . -14.13 8.72 59.65
C4 NAG IA . -13.22 8.41 60.83
C5 NAG IA . -12.53 9.67 61.32
C6 NAG IA . -11.54 9.41 62.43
C7 NAG IA . -13.87 9.68 56.18
C8 NAG IA . -12.51 9.11 55.92
N2 NAG IA . -14.21 9.82 57.46
O3 NAG IA . -14.67 7.52 59.12
O4 NAG IA . -13.99 7.84 61.89
O5 NAG IA . -11.80 10.26 60.24
O6 NAG IA . -11.62 8.07 62.89
O7 NAG IA . -14.63 10.00 55.27
C1 NAG JA . -40.06 29.29 58.98
C2 NAG JA . -41.46 29.63 58.46
C3 NAG JA . -42.46 29.60 59.62
C4 NAG JA . -42.39 28.27 60.35
C5 NAG JA . -40.95 27.96 60.77
C6 NAG JA . -40.78 26.60 61.37
C7 NAG JA . -41.82 31.07 56.51
C8 NAG JA . -42.19 29.82 55.78
N2 NAG JA . -41.48 30.92 57.80
O3 NAG JA . -43.78 29.81 59.11
O4 NAG JA . -43.21 28.30 61.51
O5 NAG JA . -40.08 28.02 59.62
O6 NAG JA . -41.04 25.57 60.42
O7 NAG JA . -41.83 32.17 55.97
C1 NAG KA . -5.70 -18.86 48.36
C2 NAG KA . -6.45 -17.63 47.82
C3 NAG KA . -7.51 -17.18 48.83
C4 NAG KA . -8.42 -18.35 49.21
C5 NAG KA . -7.58 -19.54 49.68
C6 NAG KA . -8.41 -20.77 49.96
C7 NAG KA . -5.80 -15.59 46.65
C8 NAG KA . -4.73 -14.56 46.47
N2 NAG KA . -5.53 -16.56 47.52
O3 NAG KA . -8.29 -16.14 48.26
O4 NAG KA . -9.30 -17.96 50.25
O5 NAG KA . -6.64 -19.90 48.67
O6 NAG KA . -7.86 -21.92 49.33
O7 NAG KA . -6.86 -15.54 46.03
C1 NAG LA . 13.24 -26.61 55.67
C2 NAG LA . 13.09 -27.47 56.93
C3 NAG LA . 14.32 -27.26 57.81
C4 NAG LA . 15.58 -27.66 57.06
C5 NAG LA . 15.68 -26.92 55.73
C6 NAG LA . 16.73 -27.55 54.84
C7 NAG LA . 11.51 -27.96 58.72
C8 NAG LA . 10.24 -27.57 59.40
N2 NAG LA . 11.88 -27.20 57.68
O3 NAG LA . 14.22 -28.02 59.01
O4 NAG LA . 16.71 -27.36 57.85
O5 NAG LA . 14.45 -26.97 54.98
O6 NAG LA . 17.79 -28.10 55.60
O7 NAG LA . 12.18 -28.91 59.10
C1 NAG MA . -22.68 20.77 -35.19
C2 NAG MA . -22.94 22.17 -35.72
C3 NAG MA . -24.16 22.79 -35.03
C4 NAG MA . -25.36 21.84 -35.10
C5 NAG MA . -24.97 20.44 -34.63
C6 NAG MA . -26.09 19.44 -34.83
C7 NAG MA . -21.74 24.34 -35.70
C8 NAG MA . -20.42 25.00 -35.45
N2 NAG MA . -21.76 23.01 -35.53
O3 NAG MA . -24.52 24.03 -35.64
O4 NAG MA . -26.40 22.34 -34.28
O5 NAG MA . -23.85 19.97 -35.37
O6 NAG MA . -26.73 19.64 -36.08
O7 NAG MA . -22.73 24.97 -36.04
C1 NAG NA . -10.48 11.41 -21.39
C2 NAG NA . -11.14 10.16 -20.79
C3 NAG NA . -11.01 10.15 -19.27
C4 NAG NA . -9.56 10.34 -18.85
C5 NAG NA . -8.99 11.60 -19.51
C6 NAG NA . -7.53 11.80 -19.22
C7 NAG NA . -13.29 8.99 -20.99
C8 NAG NA . -14.72 9.09 -21.46
N2 NAG NA . -12.54 10.08 -21.19
O3 NAG NA . -11.50 8.92 -18.74
O4 NAG NA . -9.46 10.46 -17.44
O5 NAG NA . -9.13 11.50 -20.94
O6 NAG NA . -6.89 12.48 -20.30
O7 NAG NA . -12.86 7.99 -20.44
C1 NAG OA . 13.32 22.48 -35.61
C2 NAG OA . 14.37 21.60 -36.28
C3 NAG OA . 15.70 21.72 -35.55
C4 NAG OA . 16.11 23.18 -35.42
C5 NAG OA . 14.99 23.99 -34.79
C6 NAG OA . 15.28 25.47 -34.73
C7 NAG OA . 14.19 19.41 -37.38
C8 NAG OA . 14.97 20.02 -38.51
N2 NAG OA . 13.93 20.21 -36.35
O3 NAG OA . 16.70 20.98 -36.25
O4 NAG OA . 17.28 23.28 -34.61
O5 NAG OA . 13.79 23.83 -35.56
O6 NAG OA . 14.56 26.17 -35.73
O7 NAG OA . 13.81 18.24 -37.40
C1 NAG PA . -21.05 15.90 -30.06
C2 NAG PA . -21.87 15.45 -31.27
C3 NAG PA . -22.91 14.40 -30.85
C4 NAG PA . -22.27 13.29 -30.03
C5 NAG PA . -21.49 13.90 -28.88
C6 NAG PA . -20.78 12.89 -28.03
C7 NAG PA . -23.20 16.49 -33.05
C8 NAG PA . -23.82 17.76 -33.54
N2 NAG PA . -22.53 16.58 -31.90
O3 NAG PA . -23.52 13.85 -32.02
O4 NAG PA . -23.28 12.43 -29.51
O5 NAG PA . -20.49 14.78 -29.42
O6 NAG PA . -21.26 12.93 -26.68
O7 NAG PA . -23.32 15.43 -33.65
C1 NAG QA . 86.84 -8.23 -22.38
C2 NAG QA . 87.90 -9.09 -21.68
C3 NAG QA . 87.96 -10.47 -22.32
C4 NAG QA . 86.59 -11.11 -22.36
C5 NAG QA . 85.59 -10.16 -23.04
C6 NAG QA . 84.17 -10.67 -23.01
C7 NAG QA . 90.13 -8.59 -20.78
C8 NAG QA . 91.41 -7.84 -20.99
N2 NAG QA . 89.20 -8.44 -21.73
O3 NAG QA . 88.85 -11.29 -21.57
O4 NAG QA . 86.63 -12.33 -23.08
O5 NAG QA . 85.59 -8.90 -22.35
O6 NAG QA . 83.38 -9.93 -22.08
O7 NAG QA . 89.93 -9.29 -19.79
C1 NAG RA . 109.90 -6.28 -31.14
C2 NAG RA . 111.25 -6.92 -30.82
C3 NAG RA . 112.38 -6.13 -31.47
C4 NAG RA . 112.12 -5.94 -32.96
C5 NAG RA . 110.74 -5.32 -33.17
C6 NAG RA . 110.37 -5.19 -34.62
C7 NAG RA . 111.07 -8.06 -28.66
C8 NAG RA . 111.36 -7.98 -27.19
N2 NAG RA . 111.44 -7.01 -29.38
O3 NAG RA . 113.59 -6.85 -31.30
O4 NAG RA . 113.10 -5.08 -33.52
O5 NAG RA . 109.74 -6.15 -32.56
O6 NAG RA . 110.68 -6.37 -35.35
O7 NAG RA . 110.54 -9.05 -29.16
C1 NAG SA . -48.24 14.80 7.39
C2 NAG SA . -47.03 13.96 7.80
C3 NAG SA . -47.21 12.51 7.35
C4 NAG SA . -48.54 11.96 7.85
C5 NAG SA . -49.68 12.88 7.45
C6 NAG SA . -51.01 12.46 8.03
C7 NAG SA . -44.59 14.23 7.76
C8 NAG SA . -43.43 14.90 7.08
N2 NAG SA . -45.80 14.51 7.26
O3 NAG SA . -46.14 11.71 7.85
O4 NAG SA . -48.76 10.66 7.32
O5 NAG SA . -49.43 14.21 7.91
O6 NAG SA . -51.18 12.98 9.34
O7 NAG SA . -44.44 13.49 8.72
C1 NAG TA . -2.71 -2.03 -6.82
C2 NAG TA . -3.27 -0.92 -5.94
C3 NAG TA . -3.44 0.36 -6.76
C4 NAG TA . -2.15 0.72 -7.50
C5 NAG TA . -1.67 -0.49 -8.30
C6 NAG TA . -0.34 -0.25 -8.99
C7 NAG TA . -4.99 -0.82 -4.18
C8 NAG TA . -6.30 -1.35 -3.71
N2 NAG TA . -4.53 -1.31 -5.34
O3 NAG TA . -3.81 1.43 -5.90
O4 NAG TA . -2.38 1.80 -8.39
O5 NAG TA . -1.49 -1.61 -7.43
O6 NAG TA . 0.64 -1.19 -8.59
O7 NAG TA . -4.36 0.02 -3.54
C1 NAG UA . -4.69 -17.63 -19.95
C2 NAG UA . -3.85 -17.82 -21.22
C3 NAG UA . -4.76 -18.19 -22.41
C4 NAG UA . -5.64 -19.37 -22.06
C5 NAG UA . -6.41 -19.09 -20.78
C6 NAG UA . -7.23 -20.25 -20.31
C7 NAG UA . -1.76 -16.66 -21.80
C8 NAG UA . -1.13 -15.33 -22.08
N2 NAG UA . -3.07 -16.63 -21.52
O3 NAG UA . -3.96 -18.48 -23.54
O4 NAG UA . -6.56 -19.63 -23.12
O5 NAG UA . -5.49 -18.79 -19.72
O6 NAG UA . -7.57 -20.14 -18.93
O7 NAG UA . -1.13 -17.71 -21.84
C1 NAG VA . -4.55 -81.23 46.47
C2 NAG VA . -3.97 -82.45 45.76
C3 NAG VA . -2.67 -82.87 46.43
C4 NAG VA . -1.70 -81.70 46.52
C5 NAG VA . -2.39 -80.51 47.19
C6 NAG VA . -1.52 -79.27 47.21
C7 NAG VA . -5.02 -84.41 44.73
C8 NAG VA . -6.06 -85.47 44.87
N2 NAG VA . -4.93 -83.55 45.74
O3 NAG VA . -2.08 -83.93 45.68
O4 NAG VA . -0.55 -82.06 47.28
O5 NAG VA . -3.58 -80.19 46.48
O6 NAG VA . -2.14 -78.20 46.49
O7 NAG VA . -4.30 -84.33 43.74
C1 NAG WA . -20.46 -74.76 59.84
C2 NAG WA . -21.53 -75.54 60.64
C3 NAG WA . -21.55 -75.04 62.07
C4 NAG WA . -20.16 -75.18 62.70
C5 NAG WA . -19.12 -74.45 61.84
C6 NAG WA . -17.71 -74.67 62.32
C7 NAG WA . -23.50 -76.51 59.55
C8 NAG WA . -24.90 -76.29 59.08
N2 NAG WA . -22.87 -75.45 60.06
O3 NAG WA . -22.52 -75.76 62.84
O4 NAG WA . -20.16 -74.62 64.00
O5 NAG WA . -19.18 -74.93 60.49
O6 NAG WA . -16.80 -73.90 61.54
O7 NAG WA . -22.95 -77.60 59.43
C1 NAG XA . -11.54 -102.67 54.57
C2 NAG XA . -11.52 -102.89 56.08
C3 NAG XA . -12.47 -104.04 56.45
C4 NAG XA . -13.86 -103.79 55.88
C5 NAG XA . -13.77 -103.51 54.38
C6 NAG XA . -15.10 -103.12 53.78
C7 NAG XA . -9.68 -102.73 57.70
C8 NAG XA . -10.61 -101.89 58.52
N2 NAG XA . -10.18 -103.18 56.54
O3 NAG XA . -12.54 -104.13 57.87
O4 NAG XA . -14.67 -104.93 56.10
O5 NAG XA . -12.88 -102.42 54.15
O6 NAG XA . -15.32 -101.72 53.89
O7 NAG XA . -8.54 -102.97 58.06
C1 NAG YA . 3.71 39.03 -85.77
C2 NAG YA . 2.79 39.85 -84.88
C3 NAG YA . 2.70 41.29 -85.38
C4 NAG YA . 4.10 41.88 -85.57
C5 NAG YA . 4.93 40.96 -86.45
C6 NAG YA . 6.36 41.44 -86.62
C7 NAG YA . 0.53 39.60 -83.93
C8 NAG YA . -0.77 38.86 -84.02
N2 NAG YA . 1.47 39.25 -84.81
O3 NAG YA . 1.98 42.09 -84.44
O4 NAG YA . 4.01 43.17 -86.16
O5 NAG YA . 4.98 39.66 -85.86
O6 NAG YA . 6.84 42.04 -85.43
O7 NAG YA . 0.72 40.49 -83.10
#